data_7M8V
#
_entry.id   7M8V
#
_cell.length_a   123.946
_cell.length_b   126.423
_cell.length_c   174.928
_cell.angle_alpha   82.807
_cell.angle_beta   70.033
_cell.angle_gamma   79.369
#
_symmetry.space_group_name_H-M   'P 1'
#
loop_
_entity.id
_entity.type
_entity.pdbx_description
1 polymer 'Cytochrome P450 11B2, mitochondrial'
2 non-polymer 4-[(4R,5R)-6,7-dihydro-5H-pyrrolo[1,2-c]imidazol-5-yl]-3-fluorobenzonitrile
3 non-polymer 'PROTOPORPHYRIN IX CONTAINING FE'
4 water water
#
_entity_poly.entity_id   1
_entity_poly.type   'polypeptide(L)'
_entity_poly.pdbx_seq_one_letter_code
;MAKKTSSAPRTVLPFEAMPQHPGNRWLRLLQIWREQGYEHLHLEMHQTFQELGPIFRYNLGGPRMVCVMLPEDVEKLQQV
DSLHPCRMILEPWVAYRQHRGHKCGVFLLNGPEWRFNRLRLNPDVLSPKAVQRFLPMVDAVARDFSQALKKKVLQNARGS
LTLDVQPSIFHYTIEASNLALFGERLGLVGHSPSSASLNFLHALEVMFKSTVQLMFMPRSLSRWISPKVWKEHFEAWDCI
FQYGDNCIQKIYQELAFNRPQHYTGIVAELLLKAELSLEAIKANSMELTAGSVDTTAFPLLMTLFELARNPDVQQILRQE
SLAAAASISEHPQKATTELPLLRAALKETLRLYPVGLFLERVVSSDLVLQNYHIPAGTLVQVFLYSLGRNAALFPRPERY
NPQRWLDIRGSGRNFHHVPFGFGMRQCLGRRLAEAEMLLLLHHVLKHFLVETLTQEDIKMVYSFILRPGTSPLLTFRAIN
HHHH
;
_entity_poly.pdbx_strand_id   A,B,C,D,E,F,G,H,I,J,K,L
#
loop_
_chem_comp.id
_chem_comp.type
_chem_comp.name
_chem_comp.formula
HEM non-polymer 'PROTOPORPHYRIN IX CONTAINING FE' 'C34 H32 Fe N4 O4'
YSY non-polymer 4-[(4R,5R)-6,7-dihydro-5H-pyrrolo[1,2-c]imidazol-5-yl]-3-fluorobenzonitrile 'C13 H10 F N3'
#
# COMPACT_ATOMS: atom_id res chain seq x y z
N PRO A 9 -19.59 17.17 -54.36
CA PRO A 9 -20.56 16.11 -54.69
C PRO A 9 -21.74 16.07 -53.71
N ARG A 10 -21.89 17.15 -52.95
CA ARG A 10 -22.91 17.35 -51.92
C ARG A 10 -22.82 18.79 -51.42
N THR A 11 -21.58 19.19 -51.10
CA THR A 11 -21.14 20.49 -50.60
C THR A 11 -21.39 20.60 -49.10
N VAL A 12 -20.31 20.82 -48.35
CA VAL A 12 -20.33 21.00 -46.91
C VAL A 12 -19.66 22.34 -46.62
N LEU A 13 -20.26 23.11 -45.74
CA LEU A 13 -19.74 24.42 -45.36
C LEU A 13 -19.18 24.41 -43.96
N PRO A 14 -18.30 25.35 -43.63
CA PRO A 14 -17.77 25.42 -42.27
C PRO A 14 -18.88 25.69 -41.26
N PHE A 15 -18.71 25.16 -40.05
CA PHE A 15 -19.68 25.47 -39.01
C PHE A 15 -19.65 26.95 -38.67
N GLU A 16 -18.47 27.57 -38.74
CA GLU A 16 -18.34 28.97 -38.36
C GLU A 16 -18.97 29.91 -39.36
N ALA A 17 -19.38 29.41 -40.54
CA ALA A 17 -20.08 30.22 -41.53
C ALA A 17 -21.60 30.13 -41.39
N MET A 18 -22.09 29.90 -40.18
CA MET A 18 -23.52 29.78 -39.93
C MET A 18 -24.12 31.16 -39.64
N PRO A 19 -25.34 31.44 -40.11
CA PRO A 19 -26.02 32.66 -39.68
C PRO A 19 -26.16 32.67 -38.16
N GLN A 20 -25.79 33.79 -37.55
CA GLN A 20 -25.70 33.89 -36.10
C GLN A 20 -26.81 34.78 -35.57
N HIS A 21 -27.46 34.33 -34.50
CA HIS A 21 -28.50 35.13 -33.86
C HIS A 21 -27.87 36.41 -33.30
N PRO A 22 -28.45 37.58 -33.56
CA PRO A 22 -27.80 38.83 -33.12
C PRO A 22 -27.72 39.00 -31.61
N GLY A 23 -28.60 38.35 -30.85
CA GLY A 23 -28.68 38.59 -29.42
C GLY A 23 -27.37 38.31 -28.70
N ASN A 24 -27.32 38.79 -27.46
CA ASN A 24 -26.20 38.57 -26.56
C ASN A 24 -26.67 37.68 -25.42
N ARG A 25 -25.98 36.55 -25.23
CA ARG A 25 -26.40 35.57 -24.23
C ARG A 25 -26.69 36.23 -22.89
N TRP A 26 -25.73 37.00 -22.37
CA TRP A 26 -25.82 37.49 -21.01
C TRP A 26 -27.02 38.40 -20.82
N LEU A 27 -27.32 39.25 -21.82
CA LEU A 27 -28.43 40.18 -21.68
C LEU A 27 -29.76 39.45 -21.63
N ARG A 28 -29.92 38.39 -22.43
CA ARG A 28 -31.17 37.62 -22.38
C ARG A 28 -31.33 36.92 -21.04
N LEU A 29 -30.22 36.52 -20.40
CA LEU A 29 -30.31 35.95 -19.07
C LEU A 29 -30.77 37.01 -18.07
N LEU A 30 -30.31 38.24 -18.23
CA LEU A 30 -30.76 39.33 -17.38
C LEU A 30 -32.16 39.78 -17.74
N GLN A 31 -32.56 39.62 -19.01
CA GLN A 31 -33.95 39.91 -19.36
C GLN A 31 -34.88 38.90 -18.68
N ILE A 32 -34.49 37.63 -18.67
CA ILE A 32 -35.31 36.62 -18.00
C ILE A 32 -35.36 36.87 -16.50
N TRP A 33 -34.22 37.24 -15.91
CA TRP A 33 -34.23 37.64 -14.50
C TRP A 33 -35.29 38.70 -14.25
N ARG A 34 -35.30 39.73 -15.10
CA ARG A 34 -36.20 40.88 -14.90
C ARG A 34 -37.64 40.50 -15.18
N GLU A 35 -37.89 39.89 -16.34
CA GLU A 35 -39.25 39.55 -16.75
C GLU A 35 -39.77 38.28 -16.08
N GLN A 36 -38.93 37.57 -15.31
CA GLN A 36 -39.34 36.32 -14.67
C GLN A 36 -39.92 35.34 -15.68
N GLY A 37 -39.31 35.28 -16.86
CA GLY A 37 -39.77 34.35 -17.88
C GLY A 37 -39.30 34.78 -19.26
N TYR A 38 -39.84 34.08 -20.25
CA TYR A 38 -39.44 34.24 -21.65
C TYR A 38 -40.66 33.98 -22.53
N GLU A 39 -41.80 34.58 -22.17
CA GLU A 39 -43.08 34.20 -22.76
C GLU A 39 -43.08 34.29 -24.28
N HIS A 40 -42.36 35.25 -24.84
CA HIS A 40 -42.40 35.52 -26.27
C HIS A 40 -41.32 34.77 -27.05
N LEU A 41 -40.78 33.69 -26.47
CA LEU A 41 -39.66 32.99 -27.10
C LEU A 41 -40.03 32.46 -28.48
N HIS A 42 -41.17 31.78 -28.59
CA HIS A 42 -41.56 31.22 -29.88
C HIS A 42 -41.62 32.28 -30.95
N LEU A 43 -41.96 33.52 -30.60
CA LEU A 43 -42.04 34.59 -31.59
C LEU A 43 -40.65 35.12 -31.94
N GLU A 44 -39.77 35.29 -30.95
CA GLU A 44 -38.43 35.77 -31.25
C GLU A 44 -37.67 34.78 -32.14
N MET A 45 -37.95 33.49 -32.00
CA MET A 45 -37.32 32.50 -32.85
C MET A 45 -37.93 32.50 -34.24
N HIS A 46 -39.27 32.46 -34.31
CA HIS A 46 -39.94 32.54 -35.59
C HIS A 46 -39.42 33.72 -36.41
N GLN A 47 -39.27 34.88 -35.76
CA GLN A 47 -38.76 36.05 -36.46
C GLN A 47 -37.34 35.78 -36.96
N THR A 48 -36.46 35.33 -36.07
CA THR A 48 -35.07 35.09 -36.46
C THR A 48 -35.00 34.16 -37.66
N PHE A 49 -35.76 33.06 -37.64
CA PHE A 49 -35.78 32.16 -38.79
C PHE A 49 -36.15 32.90 -40.06
N GLN A 50 -37.10 33.84 -39.95
CA GLN A 50 -37.51 34.62 -41.13
C GLN A 50 -36.42 35.55 -41.60
N GLU A 51 -35.48 35.93 -40.73
CA GLU A 51 -34.39 36.82 -41.12
C GLU A 51 -33.14 36.07 -41.60
N LEU A 52 -32.87 34.88 -41.06
CA LEU A 52 -31.59 34.21 -41.26
C LEU A 52 -31.65 32.90 -42.03
N GLY A 53 -32.83 32.30 -42.19
CA GLY A 53 -32.95 31.07 -42.92
C GLY A 53 -33.32 29.90 -42.03
N PRO A 54 -33.31 28.68 -42.58
CA PRO A 54 -33.80 27.53 -41.81
C PRO A 54 -32.73 26.92 -40.91
N ILE A 55 -31.75 27.71 -40.50
CA ILE A 55 -30.70 27.24 -39.63
C ILE A 55 -29.87 28.43 -39.14
N PHE A 56 -29.53 28.44 -37.85
CA PHE A 56 -28.73 29.53 -37.30
C PHE A 56 -28.18 29.15 -35.93
N ARG A 57 -27.04 29.73 -35.59
CA ARG A 57 -26.39 29.54 -34.30
C ARG A 57 -27.06 30.37 -33.23
N TYR A 58 -27.00 29.90 -31.99
CA TYR A 58 -27.64 30.60 -30.89
C TYR A 58 -27.05 30.19 -29.56
N ASN A 59 -25.90 30.77 -29.18
CA ASN A 59 -25.27 30.47 -27.89
C ASN A 59 -26.08 31.13 -26.78
N LEU A 60 -27.17 30.50 -26.40
CA LEU A 60 -28.02 30.98 -25.31
C LEU A 60 -27.56 30.44 -23.96
N ARG A 64 -22.41 25.33 -28.13
CA ARG A 64 -22.74 24.98 -29.51
C ARG A 64 -24.21 24.59 -29.65
N MET A 65 -25.05 25.58 -29.96
CA MET A 65 -26.46 25.35 -30.19
C MET A 65 -26.83 25.77 -31.62
N VAL A 66 -27.64 24.94 -32.27
CA VAL A 66 -28.10 25.16 -33.63
C VAL A 66 -29.61 24.97 -33.67
N CYS A 67 -30.31 25.91 -34.30
CA CYS A 67 -31.77 25.89 -34.37
C CYS A 67 -32.20 25.63 -35.80
N VAL A 68 -32.92 24.52 -36.02
CA VAL A 68 -33.40 24.18 -37.36
C VAL A 68 -34.93 24.18 -37.35
N MET A 69 -35.53 23.94 -38.53
CA MET A 69 -36.99 24.00 -38.63
C MET A 69 -37.58 23.12 -39.72
N LEU A 70 -36.79 22.34 -40.46
CA LEU A 70 -37.31 21.60 -41.59
C LEU A 70 -37.37 20.10 -41.30
N PRO A 71 -38.39 19.39 -41.79
CA PRO A 71 -38.36 17.92 -41.68
C PRO A 71 -37.13 17.32 -42.30
N GLU A 72 -36.61 17.98 -43.35
CA GLU A 72 -35.28 17.67 -43.90
C GLU A 72 -34.31 17.32 -42.78
N ASP A 73 -34.30 18.13 -41.72
CA ASP A 73 -33.30 18.03 -40.67
C ASP A 73 -33.66 17.02 -39.59
N VAL A 74 -34.94 16.86 -39.27
CA VAL A 74 -35.33 15.85 -38.30
C VAL A 74 -34.87 14.46 -38.76
N GLU A 75 -35.12 14.15 -40.03
CA GLU A 75 -34.71 12.86 -40.57
C GLU A 75 -33.22 12.64 -40.36
N LYS A 76 -32.41 13.65 -40.66
CA LYS A 76 -30.96 13.52 -40.44
C LYS A 76 -30.65 13.33 -38.97
N LEU A 77 -31.44 13.94 -38.09
CA LEU A 77 -31.18 13.85 -36.66
C LEU A 77 -31.51 12.48 -36.11
N GLN A 78 -32.54 11.82 -36.65
CA GLN A 78 -32.82 10.45 -36.28
C GLN A 78 -31.78 9.49 -36.85
N GLN A 79 -31.25 9.79 -38.04
CA GLN A 79 -30.18 8.97 -38.58
C GLN A 79 -28.96 8.97 -37.67
N VAL A 80 -28.73 10.08 -36.97
CA VAL A 80 -27.60 10.17 -36.05
C VAL A 80 -27.94 9.69 -34.64
N ASP A 81 -29.21 9.43 -34.35
CA ASP A 81 -29.57 8.87 -33.05
C ASP A 81 -28.80 7.59 -32.81
N SER A 82 -27.98 7.59 -31.77
CA SER A 82 -27.21 6.40 -31.40
C SER A 82 -28.16 5.38 -30.78
N LEU A 83 -27.60 4.32 -30.21
CA LEU A 83 -28.40 3.42 -29.38
C LEU A 83 -28.89 4.10 -28.11
N HIS A 84 -28.29 5.24 -27.75
CA HIS A 84 -28.68 6.02 -26.58
C HIS A 84 -28.83 7.48 -26.99
N PRO A 85 -29.95 7.83 -27.63
CA PRO A 85 -30.19 9.25 -27.93
C PRO A 85 -30.06 10.10 -26.68
N CYS A 86 -29.62 11.34 -26.85
CA CYS A 86 -29.27 12.19 -25.73
C CYS A 86 -29.95 13.55 -25.87
N ARG A 87 -30.84 13.86 -24.94
CA ARG A 87 -31.31 15.23 -24.75
C ARG A 87 -30.44 15.90 -23.69
N MET A 88 -30.59 17.21 -23.58
CA MET A 88 -29.84 17.92 -22.56
C MET A 88 -30.42 17.68 -21.19
N ILE A 89 -29.53 17.50 -20.22
CA ILE A 89 -29.95 17.41 -18.83
C ILE A 89 -30.71 18.68 -18.47
N LEU A 90 -31.82 18.52 -17.76
CA LEU A 90 -32.66 19.63 -17.33
C LEU A 90 -32.39 19.82 -15.84
N GLU A 91 -31.32 20.56 -15.54
CA GLU A 91 -30.78 20.63 -14.19
C GLU A 91 -31.82 21.00 -13.13
N PRO A 92 -32.65 22.02 -13.31
CA PRO A 92 -33.66 22.31 -12.28
C PRO A 92 -34.49 21.11 -11.89
N TRP A 93 -34.79 20.22 -12.83
CA TRP A 93 -35.56 19.02 -12.50
C TRP A 93 -34.68 17.96 -11.85
N VAL A 94 -33.49 17.73 -12.41
CA VAL A 94 -32.59 16.73 -11.85
C VAL A 94 -32.17 17.12 -10.44
N ALA A 95 -31.93 18.42 -10.23
CA ALA A 95 -31.51 18.88 -8.91
C ALA A 95 -32.47 18.38 -7.84
N TYR A 96 -33.77 18.56 -8.06
CA TYR A 96 -34.74 18.10 -7.06
C TYR A 96 -34.65 16.60 -6.87
N ARG A 97 -34.53 15.84 -7.96
CA ARG A 97 -34.51 14.39 -7.83
C ARG A 97 -33.41 13.95 -6.86
N GLN A 98 -32.23 14.56 -6.96
CA GLN A 98 -31.11 14.14 -6.12
C GLN A 98 -31.08 14.87 -4.78
N HIS A 99 -31.66 16.05 -4.68
CA HIS A 99 -31.80 16.69 -3.37
C HIS A 99 -32.59 15.80 -2.42
N ARG A 100 -33.62 15.13 -2.93
CA ARG A 100 -34.43 14.21 -2.13
C ARG A 100 -34.05 12.75 -2.32
N GLY A 101 -32.92 12.48 -2.99
CA GLY A 101 -32.46 11.12 -3.17
C GLY A 101 -33.44 10.24 -3.93
N HIS A 102 -33.94 10.75 -5.05
CA HIS A 102 -34.86 10.02 -5.90
C HIS A 102 -34.17 9.63 -7.20
N LYS A 103 -34.66 8.56 -7.82
CA LYS A 103 -34.21 8.19 -9.14
C LYS A 103 -34.96 8.97 -10.19
N CYS A 104 -34.30 9.20 -11.33
CA CYS A 104 -34.89 9.94 -12.44
C CYS A 104 -35.61 9.00 -13.39
N GLY A 105 -36.69 9.50 -13.98
CA GLY A 105 -37.46 8.74 -14.94
C GLY A 105 -36.91 8.87 -16.36
N VAL A 106 -37.63 8.27 -17.29
CA VAL A 106 -37.17 8.25 -18.68
C VAL A 106 -37.04 9.65 -19.24
N PHE A 107 -37.87 10.59 -18.80
CA PHE A 107 -37.82 11.95 -19.33
C PHE A 107 -36.50 12.64 -19.00
N LEU A 108 -35.85 12.26 -17.90
CA LEU A 108 -34.68 12.96 -17.38
C LEU A 108 -33.40 12.13 -17.45
N LEU A 109 -33.47 10.91 -17.95
CA LEU A 109 -32.30 10.04 -17.99
C LEU A 109 -31.58 10.17 -19.34
N ASN A 110 -30.43 9.51 -19.42
CA ASN A 110 -29.63 9.47 -20.64
C ASN A 110 -28.79 8.20 -20.63
N GLY A 111 -28.32 7.81 -21.81
CA GLY A 111 -27.37 6.74 -21.91
C GLY A 111 -27.97 5.38 -21.58
N PRO A 112 -27.15 4.47 -21.03
CA PRO A 112 -27.63 3.09 -20.84
C PRO A 112 -28.79 2.98 -19.86
N GLU A 113 -28.80 3.78 -18.79
CA GLU A 113 -29.89 3.69 -17.83
C GLU A 113 -31.22 4.06 -18.47
N TRP A 114 -31.22 5.07 -19.34
CA TRP A 114 -32.45 5.41 -20.04
C TRP A 114 -32.96 4.23 -20.86
N ARG A 115 -32.09 3.63 -21.68
CA ARG A 115 -32.52 2.51 -22.49
C ARG A 115 -33.10 1.40 -21.64
N PHE A 116 -32.56 1.19 -20.43
CA PHE A 116 -33.06 0.13 -19.57
C PHE A 116 -34.49 0.42 -19.12
N ASN A 117 -34.74 1.64 -18.63
CA ASN A 117 -36.10 2.00 -18.22
C ASN A 117 -37.05 1.99 -19.41
N ARG A 118 -36.60 2.50 -20.56
CA ARG A 118 -37.50 2.70 -21.68
C ARG A 118 -38.05 1.38 -22.19
N LEU A 119 -37.20 0.36 -22.29
CA LEU A 119 -37.63 -0.91 -22.86
C LEU A 119 -38.57 -1.69 -21.93
N ARG A 120 -38.59 -1.36 -20.64
CA ARG A 120 -39.50 -1.98 -19.71
C ARG A 120 -40.78 -1.19 -19.51
N LEU A 121 -40.88 -0.03 -20.14
CA LEU A 121 -42.09 0.81 -20.09
C LEU A 121 -42.89 0.76 -21.37
N ASN A 122 -42.24 0.65 -22.52
CA ASN A 122 -42.96 0.63 -23.79
C ASN A 122 -44.10 -0.38 -23.84
N PRO A 123 -43.93 -1.63 -23.38
CA PRO A 123 -45.02 -2.61 -23.55
C PRO A 123 -46.31 -2.23 -22.86
N ASP A 124 -46.25 -1.65 -21.66
CA ASP A 124 -47.42 -1.39 -20.85
C ASP A 124 -47.91 0.05 -20.93
N VAL A 125 -47.22 0.92 -21.67
CA VAL A 125 -47.54 2.34 -21.70
C VAL A 125 -47.87 2.79 -23.11
N LEU A 126 -47.27 2.16 -24.10
CA LEU A 126 -47.27 2.67 -25.47
C LEU A 126 -47.68 1.65 -26.53
N SER A 127 -47.56 0.35 -26.25
CA SER A 127 -47.81 -0.65 -27.28
C SER A 127 -49.30 -0.68 -27.65
N PRO A 128 -49.62 -1.10 -28.87
CA PRO A 128 -51.03 -1.22 -29.24
C PRO A 128 -51.81 -2.16 -28.36
N LYS A 129 -51.15 -3.19 -27.79
CA LYS A 129 -51.86 -4.13 -26.94
C LYS A 129 -52.25 -3.50 -25.61
N ALA A 130 -51.43 -2.59 -25.10
CA ALA A 130 -51.78 -1.89 -23.86
C ALA A 130 -52.87 -0.85 -24.12
N VAL A 131 -52.82 -0.19 -25.28
CA VAL A 131 -53.85 0.79 -25.59
C VAL A 131 -55.22 0.14 -25.61
N GLN A 132 -55.30 -1.10 -26.10
CA GLN A 132 -56.59 -1.78 -26.15
C GLN A 132 -57.16 -2.03 -24.76
N ARG A 133 -56.32 -2.07 -23.73
CA ARG A 133 -56.79 -2.34 -22.38
C ARG A 133 -57.21 -1.07 -21.66
N PHE A 134 -56.43 0.01 -21.74
CA PHE A 134 -56.79 1.22 -21.02
C PHE A 134 -57.67 2.17 -21.81
N LEU A 135 -57.80 1.97 -23.13
CA LEU A 135 -58.64 2.87 -23.92
C LEU A 135 -60.10 2.80 -23.51
N PRO A 136 -60.71 1.63 -23.26
CA PRO A 136 -62.09 1.63 -22.76
C PRO A 136 -62.25 2.41 -21.47
N MET A 137 -61.23 2.42 -20.61
CA MET A 137 -61.32 3.14 -19.35
C MET A 137 -61.36 4.64 -19.59
N VAL A 138 -60.58 5.14 -20.56
CA VAL A 138 -60.64 6.54 -20.93
C VAL A 138 -62.03 6.88 -21.47
N ASP A 139 -62.64 5.96 -22.22
CA ASP A 139 -63.93 6.24 -22.83
C ASP A 139 -64.99 6.51 -21.77
N ALA A 140 -65.00 5.74 -20.68
CA ALA A 140 -65.96 5.96 -19.61
C ALA A 140 -65.87 7.40 -19.11
N VAL A 141 -64.66 7.89 -18.90
CA VAL A 141 -64.48 9.25 -18.42
C VAL A 141 -65.00 10.26 -19.44
N ALA A 142 -64.69 10.04 -20.72
CA ALA A 142 -65.16 10.96 -21.74
C ALA A 142 -66.68 10.98 -21.80
N ARG A 143 -67.31 9.80 -21.67
CA ARG A 143 -68.77 9.75 -21.65
C ARG A 143 -69.34 10.47 -20.44
N ASP A 144 -68.69 10.30 -19.28
CA ASP A 144 -69.13 11.03 -18.09
C ASP A 144 -68.96 12.53 -18.26
N PHE A 145 -67.93 12.96 -19.00
CA PHE A 145 -67.73 14.39 -19.21
C PHE A 145 -68.89 14.98 -20.00
N SER A 146 -69.30 14.32 -21.08
CA SER A 146 -70.39 14.84 -21.90
C SER A 146 -71.74 14.64 -21.21
N GLN A 147 -71.93 13.49 -20.56
CA GLN A 147 -73.17 13.27 -19.81
C GLN A 147 -73.35 14.32 -18.74
N ALA A 148 -72.28 14.65 -18.02
CA ALA A 148 -72.34 15.71 -17.03
C ALA A 148 -72.63 17.05 -17.69
N LEU A 149 -71.98 17.33 -18.81
CA LEU A 149 -72.19 18.60 -19.50
C LEU A 149 -73.59 18.71 -20.07
N LYS A 150 -74.13 17.59 -20.57
CA LYS A 150 -75.47 17.62 -21.14
C LYS A 150 -76.53 17.89 -20.08
N LYS A 151 -76.34 17.35 -18.87
CA LYS A 151 -77.29 17.60 -17.79
C LYS A 151 -77.36 19.08 -17.47
N LYS A 152 -76.20 19.74 -17.35
CA LYS A 152 -76.20 21.17 -17.02
C LYS A 152 -76.73 21.99 -18.18
N VAL A 153 -76.56 21.52 -19.41
CA VAL A 153 -76.95 22.31 -20.58
C VAL A 153 -78.47 22.33 -20.72
N LEU A 154 -79.10 21.16 -20.61
CA LEU A 154 -80.55 21.07 -20.78
C LEU A 154 -81.32 21.68 -19.62
N GLN A 155 -80.65 22.22 -18.61
CA GLN A 155 -81.30 22.95 -17.54
C GLN A 155 -81.52 24.41 -17.87
N ASN A 156 -80.91 24.92 -18.93
CA ASN A 156 -81.04 26.30 -19.33
C ASN A 156 -82.08 26.44 -20.44
N ALA A 157 -82.71 27.62 -20.50
CA ALA A 157 -83.83 27.82 -21.41
C ALA A 157 -83.43 27.57 -22.87
N ARG A 158 -82.26 28.07 -23.26
CA ARG A 158 -81.78 27.91 -24.63
C ARG A 158 -80.99 26.62 -24.82
N GLY A 159 -81.15 25.65 -23.92
CA GLY A 159 -80.45 24.39 -24.04
C GLY A 159 -79.01 24.55 -24.48
N SER A 160 -78.27 25.39 -23.77
CA SER A 160 -76.86 25.60 -24.09
C SER A 160 -76.18 26.20 -22.87
N LEU A 161 -74.90 25.89 -22.71
CA LEU A 161 -74.07 26.41 -21.62
C LEU A 161 -72.85 27.10 -22.21
N THR A 162 -72.62 28.34 -21.81
CA THR A 162 -71.46 29.12 -22.25
C THR A 162 -70.52 29.29 -21.06
N LEU A 163 -69.25 28.99 -21.26
CA LEU A 163 -68.33 28.95 -20.14
C LEU A 163 -66.89 28.96 -20.64
N ASP A 164 -65.97 29.02 -19.67
CA ASP A 164 -64.55 28.75 -19.89
C ASP A 164 -64.30 27.29 -19.50
N VAL A 165 -64.00 26.45 -20.49
CA VAL A 165 -63.89 25.02 -20.25
C VAL A 165 -62.52 24.58 -19.74
N GLN A 166 -61.55 25.48 -19.68
CA GLN A 166 -60.20 25.08 -19.29
C GLN A 166 -60.19 24.36 -17.93
N PRO A 167 -60.89 24.82 -16.89
CA PRO A 167 -60.95 24.03 -15.66
C PRO A 167 -61.51 22.63 -15.88
N SER A 168 -62.69 22.51 -16.48
CA SER A 168 -63.31 21.19 -16.63
C SER A 168 -62.42 20.27 -17.47
N ILE A 169 -61.79 20.81 -18.52
CA ILE A 169 -60.93 19.99 -19.36
C ILE A 169 -59.70 19.52 -18.59
N PHE A 170 -59.08 20.43 -17.83
CA PHE A 170 -57.90 20.04 -17.06
C PHE A 170 -58.24 18.98 -16.04
N HIS A 171 -59.42 19.06 -15.42
CA HIS A 171 -59.86 18.03 -14.49
C HIS A 171 -60.33 16.77 -15.22
N TYR A 172 -60.67 16.88 -16.50
CA TYR A 172 -60.93 15.68 -17.28
C TYR A 172 -59.64 14.89 -17.51
N THR A 173 -58.54 15.60 -17.79
CA THR A 173 -57.29 14.90 -18.08
C THR A 173 -56.68 14.31 -16.82
N ILE A 174 -56.92 14.93 -15.67
CA ILE A 174 -56.48 14.33 -14.40
C ILE A 174 -57.26 13.05 -14.14
N GLU A 175 -58.57 13.06 -14.41
CA GLU A 175 -59.40 11.88 -14.22
C GLU A 175 -58.92 10.73 -15.10
N ALA A 176 -58.95 10.94 -16.42
CA ALA A 176 -58.57 9.89 -17.36
C ALA A 176 -57.16 9.38 -17.07
N SER A 177 -56.21 10.29 -16.82
CA SER A 177 -54.84 9.86 -16.57
C SER A 177 -54.74 8.99 -15.33
N ASN A 178 -55.42 9.38 -14.24
CA ASN A 178 -55.35 8.58 -13.03
C ASN A 178 -56.04 7.23 -13.22
N LEU A 179 -57.12 7.20 -13.99
CA LEU A 179 -57.82 5.93 -14.21
C LEU A 179 -56.98 4.99 -15.07
N ALA A 180 -56.33 5.51 -16.10
CA ALA A 180 -55.54 4.66 -16.98
C ALA A 180 -54.21 4.26 -16.33
N LEU A 181 -53.65 5.12 -15.48
CA LEU A 181 -52.38 4.80 -14.84
C LEU A 181 -52.57 3.87 -13.65
N PHE A 182 -53.46 4.25 -12.73
CA PHE A 182 -53.62 3.55 -11.46
C PHE A 182 -54.93 2.80 -11.33
N GLY A 183 -55.86 2.98 -12.26
CA GLY A 183 -57.15 2.30 -12.13
C GLY A 183 -58.01 2.82 -11.01
N GLU A 184 -57.70 4.00 -10.49
CA GLU A 184 -58.50 4.66 -9.47
C GLU A 184 -59.36 5.74 -10.13
N ARG A 185 -60.54 5.93 -9.56
CA ARG A 185 -61.50 6.91 -10.08
C ARG A 185 -61.71 7.99 -9.03
N LEU A 186 -61.27 9.21 -9.34
CA LEU A 186 -61.41 10.36 -8.46
C LEU A 186 -62.60 11.20 -8.91
N GLY A 187 -63.46 11.57 -7.97
CA GLY A 187 -64.69 12.27 -8.34
C GLY A 187 -64.46 13.69 -8.84
N LEU A 188 -63.88 13.82 -10.03
CA LEU A 188 -63.53 15.14 -10.57
C LEU A 188 -64.33 15.54 -11.80
N VAL A 189 -64.80 14.59 -12.59
CA VAL A 189 -65.63 14.89 -13.76
C VAL A 189 -67.09 14.85 -13.35
N GLY A 190 -67.81 15.93 -13.62
CA GLY A 190 -69.18 16.07 -13.17
C GLY A 190 -69.33 16.61 -11.77
N HIS A 191 -68.23 16.89 -11.07
CA HIS A 191 -68.28 17.38 -9.69
C HIS A 191 -67.20 18.42 -9.49
N SER A 192 -67.34 19.19 -8.40
CA SER A 192 -66.47 20.33 -8.18
C SER A 192 -65.03 19.87 -7.94
N PRO A 193 -64.05 20.71 -8.26
CA PRO A 193 -62.65 20.34 -8.01
C PRO A 193 -62.33 20.22 -6.53
N SER A 194 -61.49 19.25 -6.20
CA SER A 194 -61.00 19.07 -4.85
C SER A 194 -59.76 19.92 -4.60
N SER A 195 -59.51 20.24 -3.34
CA SER A 195 -58.33 21.01 -3.02
C SER A 195 -57.07 20.26 -3.40
N ALA A 196 -57.11 18.92 -3.37
CA ALA A 196 -55.95 18.13 -3.76
C ALA A 196 -55.59 18.35 -5.22
N SER A 197 -56.60 18.41 -6.09
CA SER A 197 -56.35 18.63 -7.51
C SER A 197 -55.97 20.08 -7.79
N LEU A 198 -56.64 21.03 -7.15
CA LEU A 198 -56.31 22.44 -7.38
C LEU A 198 -54.89 22.76 -6.93
N ASN A 199 -54.44 22.12 -5.84
CA ASN A 199 -53.07 22.30 -5.38
C ASN A 199 -52.08 21.60 -6.32
N PHE A 200 -52.48 20.47 -6.90
CA PHE A 200 -51.63 19.79 -7.86
C PHE A 200 -51.48 20.60 -9.14
N LEU A 201 -52.58 21.20 -9.62
CA LEU A 201 -52.51 22.00 -10.83
C LEU A 201 -51.71 23.28 -10.61
N HIS A 202 -51.82 23.88 -9.42
CA HIS A 202 -51.07 25.09 -9.15
C HIS A 202 -49.59 24.79 -9.01
N ALA A 203 -49.24 23.65 -8.44
CA ALA A 203 -47.83 23.28 -8.36
C ALA A 203 -47.23 23.10 -9.74
N LEU A 204 -47.98 22.46 -10.65
CA LEU A 204 -47.51 22.30 -12.02
C LEU A 204 -47.32 23.66 -12.69
N GLU A 205 -48.27 24.57 -12.50
CA GLU A 205 -48.14 25.91 -13.05
C GLU A 205 -46.84 26.56 -12.58
N VAL A 206 -46.57 26.49 -11.28
CA VAL A 206 -45.37 27.12 -10.73
C VAL A 206 -44.12 26.34 -11.14
N MET A 207 -44.23 25.01 -11.19
CA MET A 207 -43.08 24.21 -11.62
C MET A 207 -42.67 24.57 -13.04
N PHE A 208 -43.63 24.85 -13.92
CA PHE A 208 -43.29 25.27 -15.28
C PHE A 208 -42.70 26.67 -15.28
N LYS A 209 -43.34 27.62 -14.60
CA LYS A 209 -42.82 28.99 -14.54
C LYS A 209 -41.38 28.99 -14.05
N SER A 210 -41.17 28.49 -12.83
CA SER A 210 -39.84 28.53 -12.22
C SER A 210 -38.80 27.78 -13.06
N THR A 211 -39.22 26.80 -13.87
CA THR A 211 -38.27 26.10 -14.72
C THR A 211 -37.61 27.05 -15.72
N VAL A 212 -38.41 27.91 -16.36
CA VAL A 212 -37.85 28.83 -17.35
C VAL A 212 -36.90 29.82 -16.67
N GLN A 213 -37.21 30.21 -15.43
CA GLN A 213 -36.38 31.16 -14.72
C GLN A 213 -35.00 30.60 -14.39
N LEU A 214 -34.87 29.27 -14.33
CA LEU A 214 -33.64 28.64 -13.90
C LEU A 214 -32.91 27.86 -14.97
N MET A 215 -33.57 27.48 -16.08
CA MET A 215 -32.99 26.57 -17.04
C MET A 215 -32.04 27.25 -18.04
N PHE A 216 -31.95 28.58 -18.04
CA PHE A 216 -31.16 29.29 -19.03
C PHE A 216 -29.86 29.88 -18.47
N MET A 217 -29.54 29.61 -17.20
CA MET A 217 -28.30 30.05 -16.59
C MET A 217 -27.78 28.94 -15.69
N PRO A 218 -26.47 28.70 -15.66
CA PRO A 218 -25.94 27.59 -14.87
C PRO A 218 -26.20 27.79 -13.39
N ARG A 219 -26.18 26.68 -12.64
CA ARG A 219 -26.49 26.76 -11.22
C ARG A 219 -25.47 27.60 -10.45
N SER A 220 -24.30 27.86 -11.03
CA SER A 220 -23.32 28.68 -10.34
C SER A 220 -23.75 30.14 -10.24
N LEU A 221 -24.67 30.58 -11.11
CA LEU A 221 -25.21 31.93 -11.06
C LEU A 221 -26.58 31.97 -10.42
N SER A 222 -27.54 31.19 -10.93
CA SER A 222 -28.88 31.16 -10.36
C SER A 222 -28.86 30.84 -8.86
N ARG A 223 -27.78 30.25 -8.36
CA ARG A 223 -27.70 29.93 -6.93
C ARG A 223 -27.87 31.18 -6.08
N TRP A 224 -27.20 32.26 -6.44
CA TRP A 224 -27.18 33.48 -5.62
C TRP A 224 -27.96 34.63 -6.22
N ILE A 225 -28.13 34.67 -7.55
CA ILE A 225 -28.90 35.75 -8.16
C ILE A 225 -30.39 35.49 -8.03
N SER A 226 -30.82 34.23 -8.04
CA SER A 226 -32.24 33.87 -7.93
C SER A 226 -32.40 32.66 -7.02
N PRO A 227 -32.06 32.80 -5.74
CA PRO A 227 -32.24 31.68 -4.81
C PRO A 227 -33.69 31.52 -4.38
N LYS A 228 -34.43 32.62 -4.37
CA LYS A 228 -35.85 32.54 -4.04
C LYS A 228 -36.59 31.65 -5.03
N VAL A 229 -36.18 31.67 -6.31
CA VAL A 229 -36.82 30.85 -7.32
C VAL A 229 -36.54 29.37 -7.10
N TRP A 230 -35.29 29.04 -6.73
CA TRP A 230 -34.96 27.65 -6.43
C TRP A 230 -35.85 27.11 -5.32
N LYS A 231 -36.06 27.91 -4.27
CA LYS A 231 -36.99 27.51 -3.22
C LYS A 231 -38.39 27.32 -3.79
N GLU A 232 -38.88 28.35 -4.49
CA GLU A 232 -40.17 28.28 -5.18
C GLU A 232 -40.28 27.03 -6.02
N HIS A 233 -39.19 26.63 -6.66
CA HIS A 233 -39.19 25.49 -7.57
C HIS A 233 -39.30 24.18 -6.81
N PHE A 234 -38.46 23.99 -5.79
CA PHE A 234 -38.47 22.75 -5.03
C PHE A 234 -39.77 22.58 -4.26
N GLU A 235 -40.35 23.68 -3.76
CA GLU A 235 -41.63 23.58 -3.09
C GLU A 235 -42.68 23.01 -4.03
N ALA A 236 -42.73 23.52 -5.26
CA ALA A 236 -43.71 23.01 -6.24
C ALA A 236 -43.53 21.52 -6.45
N TRP A 237 -42.29 21.08 -6.68
CA TRP A 237 -42.05 19.65 -6.86
C TRP A 237 -42.55 18.86 -5.65
N ASP A 238 -42.22 19.32 -4.44
CA ASP A 238 -42.68 18.62 -3.25
C ASP A 238 -44.19 18.40 -3.30
N CYS A 239 -44.93 19.44 -3.66
CA CYS A 239 -46.38 19.29 -3.81
C CYS A 239 -46.73 18.29 -4.90
N ILE A 240 -45.89 18.20 -5.93
CA ILE A 240 -46.15 17.28 -7.03
C ILE A 240 -45.80 15.85 -6.62
N PHE A 241 -44.61 15.65 -6.06
CA PHE A 241 -44.24 14.33 -5.58
C PHE A 241 -45.18 13.86 -4.47
N GLN A 242 -45.78 14.79 -3.73
CA GLN A 242 -46.79 14.42 -2.76
C GLN A 242 -47.99 13.79 -3.43
N TYR A 243 -48.55 14.49 -4.42
CA TYR A 243 -49.73 13.95 -5.10
C TYR A 243 -49.41 12.65 -5.80
N GLY A 244 -48.27 12.59 -6.49
CA GLY A 244 -47.92 11.37 -7.20
C GLY A 244 -47.68 10.20 -6.25
N ASP A 245 -47.00 10.45 -5.14
CA ASP A 245 -46.62 9.34 -4.26
C ASP A 245 -47.83 8.79 -3.51
N ASN A 246 -48.84 9.62 -3.24
CA ASN A 246 -50.05 9.09 -2.65
C ASN A 246 -50.77 8.15 -3.60
N CYS A 247 -50.68 8.39 -4.91
CA CYS A 247 -51.20 7.43 -5.87
C CYS A 247 -50.41 6.13 -5.83
N ILE A 248 -49.08 6.23 -5.69
CA ILE A 248 -48.23 5.05 -5.64
C ILE A 248 -48.53 4.22 -4.40
N GLN A 249 -48.50 4.85 -3.22
CA GLN A 249 -48.64 4.10 -1.98
C GLN A 249 -49.99 3.38 -1.91
N LYS A 250 -51.02 3.90 -2.57
CA LYS A 250 -52.31 3.23 -2.56
C LYS A 250 -52.27 1.95 -3.39
N ILE A 251 -51.75 2.03 -4.61
CA ILE A 251 -51.79 0.88 -5.51
C ILE A 251 -50.77 -0.18 -5.10
N TYR A 252 -49.67 0.23 -4.48
CA TYR A 252 -48.68 -0.74 -4.02
C TYR A 252 -49.26 -1.61 -2.93
N GLN A 253 -49.90 -0.99 -1.94
CA GLN A 253 -50.52 -1.75 -0.85
C GLN A 253 -51.71 -2.56 -1.35
N GLU A 254 -52.45 -2.05 -2.33
CA GLU A 254 -53.61 -2.79 -2.83
C GLU A 254 -53.19 -4.03 -3.60
N LEU A 255 -52.03 -3.99 -4.27
CA LEU A 255 -51.58 -5.15 -5.03
C LEU A 255 -50.89 -6.19 -4.15
N ALA A 256 -50.18 -5.75 -3.11
CA ALA A 256 -49.51 -6.68 -2.23
C ALA A 256 -50.47 -7.67 -1.57
N PHE A 257 -51.75 -7.33 -1.48
CA PHE A 257 -52.73 -8.20 -0.85
C PHE A 257 -53.60 -8.96 -1.84
N ASN A 258 -53.60 -8.56 -3.12
CA ASN A 258 -54.33 -9.31 -4.14
C ASN A 258 -53.80 -8.91 -5.51
N ARG A 259 -53.31 -9.90 -6.26
CA ARG A 259 -52.87 -9.68 -7.63
C ARG A 259 -54.07 -9.90 -8.54
N PRO A 260 -54.68 -8.85 -9.08
CA PRO A 260 -55.91 -9.01 -9.83
C PRO A 260 -55.67 -9.73 -11.15
N GLN A 261 -56.77 -10.28 -11.69
CA GLN A 261 -56.71 -11.02 -12.95
C GLN A 261 -57.16 -10.18 -14.14
N HIS A 262 -57.87 -9.08 -13.92
CA HIS A 262 -58.29 -8.19 -14.99
C HIS A 262 -57.39 -6.96 -15.03
N TYR A 263 -57.58 -6.14 -16.06
CA TYR A 263 -56.76 -4.94 -16.22
C TYR A 263 -57.21 -3.88 -15.24
N THR A 264 -56.25 -3.32 -14.50
CA THR A 264 -56.52 -2.32 -13.47
C THR A 264 -55.59 -1.12 -13.61
N GLY A 265 -55.04 -0.89 -14.80
CA GLY A 265 -54.22 0.27 -15.05
C GLY A 265 -52.83 -0.11 -15.53
N ILE A 266 -52.07 0.92 -15.89
CA ILE A 266 -50.72 0.74 -16.41
C ILE A 266 -49.76 0.42 -15.29
N VAL A 267 -49.67 1.31 -14.29
CA VAL A 267 -48.75 1.09 -13.17
C VAL A 267 -49.03 -0.25 -12.51
N ALA A 268 -50.27 -0.73 -12.57
CA ALA A 268 -50.56 -2.07 -12.08
C ALA A 268 -49.67 -3.10 -12.76
N GLU A 269 -49.64 -3.10 -14.09
CA GLU A 269 -48.82 -4.07 -14.82
C GLU A 269 -47.34 -3.89 -14.51
N LEU A 270 -46.87 -2.64 -14.42
CA LEU A 270 -45.45 -2.41 -14.16
C LEU A 270 -45.02 -3.01 -12.84
N LEU A 271 -45.89 -2.93 -11.82
CA LEU A 271 -45.56 -3.51 -10.51
C LEU A 271 -45.65 -5.03 -10.56
N LEU A 272 -46.70 -5.58 -11.17
CA LEU A 272 -46.84 -7.03 -11.27
C LEU A 272 -45.65 -7.65 -12.00
N LYS A 273 -45.26 -7.05 -13.14
CA LYS A 273 -44.10 -7.57 -13.88
C LYS A 273 -42.84 -7.49 -13.04
N ALA A 274 -42.61 -6.37 -12.37
CA ALA A 274 -41.46 -6.18 -11.50
C ALA A 274 -40.14 -6.32 -12.27
N GLU A 275 -40.15 -5.97 -13.56
CA GLU A 275 -38.90 -5.89 -14.30
C GLU A 275 -38.07 -4.69 -13.87
N LEU A 276 -38.69 -3.68 -13.27
CA LEU A 276 -38.02 -2.49 -12.82
C LEU A 276 -38.06 -2.42 -11.29
N SER A 277 -36.97 -1.96 -10.70
CA SER A 277 -36.92 -1.81 -9.25
C SER A 277 -38.06 -0.93 -8.79
N LEU A 278 -38.39 -1.02 -7.49
CA LEU A 278 -39.49 -0.22 -6.97
C LEU A 278 -39.22 1.27 -7.15
N GLU A 279 -37.97 1.70 -6.91
CA GLU A 279 -37.67 3.12 -7.03
C GLU A 279 -37.72 3.60 -8.47
N ALA A 280 -37.41 2.73 -9.43
CA ALA A 280 -37.49 3.08 -10.84
C ALA A 280 -38.89 2.94 -11.41
N ILE A 281 -39.82 2.36 -10.66
CA ILE A 281 -41.22 2.44 -11.02
C ILE A 281 -41.85 3.70 -10.44
N LYS A 282 -41.54 4.00 -9.17
CA LYS A 282 -41.98 5.26 -8.58
C LYS A 282 -41.50 6.44 -9.42
N ALA A 283 -40.25 6.37 -9.89
CA ALA A 283 -39.68 7.47 -10.66
C ALA A 283 -40.50 7.73 -11.92
N ASN A 284 -40.66 6.70 -12.76
CA ASN A 284 -41.43 6.86 -13.98
C ASN A 284 -42.91 7.06 -13.69
N SER A 285 -43.40 6.52 -12.57
CA SER A 285 -44.79 6.78 -12.21
C SER A 285 -45.01 8.23 -11.82
N MET A 286 -43.98 8.91 -11.31
CA MET A 286 -44.08 10.34 -11.08
C MET A 286 -44.17 11.09 -12.40
N GLU A 287 -43.27 10.77 -13.34
CA GLU A 287 -43.22 11.52 -14.58
C GLU A 287 -44.49 11.32 -15.41
N LEU A 288 -45.14 10.16 -15.27
CA LEU A 288 -46.38 9.93 -16.01
C LEU A 288 -47.56 10.64 -15.35
N THR A 289 -47.57 10.69 -14.01
CA THR A 289 -48.63 11.44 -13.33
C THR A 289 -48.49 12.94 -13.55
N ALA A 290 -47.25 13.43 -13.63
CA ALA A 290 -46.99 14.86 -13.69
C ALA A 290 -47.07 15.42 -15.11
N GLY A 291 -46.66 14.65 -16.11
CA GLY A 291 -46.62 15.17 -17.47
C GLY A 291 -47.78 14.74 -18.33
N SER A 292 -48.90 14.38 -17.70
CA SER A 292 -50.08 13.91 -18.41
C SER A 292 -51.26 14.87 -18.29
N VAL A 293 -51.05 16.07 -17.74
CA VAL A 293 -52.15 17.00 -17.49
C VAL A 293 -52.09 18.15 -18.49
N ASP A 294 -51.09 19.03 -18.34
CA ASP A 294 -51.03 20.23 -19.17
C ASP A 294 -50.79 19.88 -20.63
N THR A 295 -49.82 18.99 -20.90
CA THR A 295 -49.47 18.71 -22.29
C THR A 295 -50.63 18.14 -23.08
N THR A 296 -51.56 17.45 -22.42
CA THR A 296 -52.70 16.87 -23.10
C THR A 296 -53.88 17.83 -23.16
N ALA A 297 -54.09 18.61 -22.09
CA ALA A 297 -55.30 19.41 -21.99
C ALA A 297 -55.28 20.62 -22.93
N PHE A 298 -54.11 21.17 -23.22
CA PHE A 298 -54.07 22.41 -23.98
C PHE A 298 -54.39 22.18 -25.46
N PRO A 299 -53.88 21.11 -26.07
CA PRO A 299 -54.35 20.78 -27.43
C PRO A 299 -55.84 20.48 -27.48
N LEU A 300 -56.41 19.92 -26.41
CA LEU A 300 -57.86 19.76 -26.35
C LEU A 300 -58.56 21.10 -26.45
N LEU A 301 -58.14 22.08 -25.65
CA LEU A 301 -58.77 23.39 -25.66
C LEU A 301 -58.63 24.07 -27.02
N MET A 302 -57.45 23.99 -27.63
CA MET A 302 -57.24 24.62 -28.93
C MET A 302 -58.04 23.91 -30.02
N THR A 303 -58.14 22.58 -29.94
CA THR A 303 -59.00 21.86 -30.88
C THR A 303 -60.44 22.33 -30.77
N LEU A 304 -60.97 22.42 -29.55
CA LEU A 304 -62.31 22.97 -29.36
C LEU A 304 -62.38 24.39 -29.93
N PHE A 305 -61.40 25.22 -29.61
CA PHE A 305 -61.39 26.60 -30.11
C PHE A 305 -61.43 26.61 -31.63
N GLU A 306 -60.50 25.90 -32.27
CA GLU A 306 -60.43 25.93 -33.73
C GLU A 306 -61.69 25.38 -34.38
N LEU A 307 -62.36 24.42 -33.73
CA LEU A 307 -63.62 23.92 -34.29
C LEU A 307 -64.72 24.98 -34.18
N ALA A 308 -64.73 25.74 -33.08
CA ALA A 308 -65.72 26.80 -32.95
C ALA A 308 -65.48 27.91 -33.99
N ARG A 309 -64.22 28.12 -34.39
CA ARG A 309 -63.92 29.11 -35.41
C ARG A 309 -64.26 28.62 -36.80
N ASN A 310 -64.25 27.30 -37.02
CA ASN A 310 -64.51 26.70 -38.32
C ASN A 310 -65.65 25.70 -38.21
N PRO A 311 -66.88 26.18 -38.06
CA PRO A 311 -68.01 25.24 -38.00
C PRO A 311 -68.12 24.36 -39.22
N ASP A 312 -67.63 24.83 -40.37
CA ASP A 312 -67.62 24.00 -41.57
C ASP A 312 -66.82 22.73 -41.34
N VAL A 313 -65.63 22.86 -40.74
CA VAL A 313 -64.84 21.69 -40.38
C VAL A 313 -65.51 20.89 -39.26
N GLN A 314 -66.14 21.60 -38.32
CA GLN A 314 -66.75 20.91 -37.18
C GLN A 314 -67.80 19.92 -37.63
N GLN A 315 -68.78 20.39 -38.43
CA GLN A 315 -69.86 19.50 -38.86
C GLN A 315 -69.31 18.30 -39.62
N ILE A 316 -68.24 18.49 -40.40
CA ILE A 316 -67.62 17.35 -41.06
C ILE A 316 -67.16 16.32 -40.02
N LEU A 317 -66.60 16.80 -38.90
CA LEU A 317 -66.16 15.89 -37.85
C LEU A 317 -67.34 15.28 -37.11
N ARG A 318 -68.41 16.05 -36.92
CA ARG A 318 -69.58 15.52 -36.24
C ARG A 318 -70.23 14.41 -37.05
N GLN A 319 -70.32 14.59 -38.38
CA GLN A 319 -70.88 13.55 -39.23
C GLN A 319 -70.09 12.25 -39.07
N GLU A 320 -68.78 12.32 -39.24
CA GLU A 320 -67.94 11.14 -39.02
C GLU A 320 -68.24 10.51 -37.67
N SER A 321 -68.25 11.33 -36.61
CA SER A 321 -68.39 10.79 -35.27
C SER A 321 -69.80 10.29 -34.98
N LEU A 322 -70.80 10.80 -35.69
CA LEU A 322 -72.16 10.28 -35.53
C LEU A 322 -72.35 8.96 -36.28
N ALA A 323 -71.67 8.80 -37.41
CA ALA A 323 -71.77 7.54 -38.16
C ALA A 323 -71.17 6.40 -37.36
N ALA A 324 -69.88 6.49 -37.04
CA ALA A 324 -69.19 5.47 -36.25
C ALA A 324 -69.57 5.50 -34.77
N ALA A 325 -70.63 6.21 -34.36
CA ALA A 325 -70.97 6.25 -32.94
C ALA A 325 -71.36 4.87 -32.43
N ALA A 326 -72.12 4.11 -33.22
CA ALA A 326 -72.60 2.81 -32.75
C ALA A 326 -71.46 1.82 -32.63
N SER A 327 -70.64 1.70 -33.66
CA SER A 327 -69.54 0.73 -33.62
C SER A 327 -68.50 1.09 -32.58
N ILE A 328 -68.47 2.34 -32.12
CA ILE A 328 -67.54 2.72 -31.06
C ILE A 328 -68.12 2.40 -29.69
N SER A 329 -69.44 2.53 -29.54
CA SER A 329 -70.07 2.12 -28.29
C SER A 329 -70.00 0.62 -28.08
N GLU A 330 -69.93 -0.15 -29.18
CA GLU A 330 -69.71 -1.59 -29.07
C GLU A 330 -68.30 -1.88 -28.60
N HIS A 331 -67.30 -1.26 -29.25
CA HIS A 331 -65.89 -1.46 -28.91
C HIS A 331 -65.18 -0.11 -29.06
N PRO A 332 -64.90 0.58 -27.95
CA PRO A 332 -64.23 1.88 -28.06
C PRO A 332 -62.87 1.83 -28.72
N GLN A 333 -62.24 0.66 -28.80
CA GLN A 333 -60.93 0.59 -29.45
C GLN A 333 -61.00 1.05 -30.90
N LYS A 334 -62.16 0.91 -31.53
CA LYS A 334 -62.32 1.29 -32.93
C LYS A 334 -62.16 2.78 -33.15
N ALA A 335 -62.18 3.60 -32.10
CA ALA A 335 -62.07 5.04 -32.30
C ALA A 335 -60.77 5.41 -32.98
N THR A 336 -59.69 4.66 -32.72
CA THR A 336 -58.41 4.97 -33.34
C THR A 336 -58.38 4.71 -34.84
N THR A 337 -59.39 4.00 -35.38
CA THR A 337 -59.41 3.63 -36.78
C THR A 337 -60.68 4.07 -37.52
N GLU A 338 -61.74 4.44 -36.80
CA GLU A 338 -62.99 4.87 -37.41
C GLU A 338 -63.12 6.39 -37.48
N LEU A 339 -62.25 7.14 -36.82
CA LEU A 339 -62.31 8.60 -36.78
C LEU A 339 -61.01 9.15 -37.35
N PRO A 340 -60.74 8.94 -38.64
CA PRO A 340 -59.54 9.54 -39.22
C PRO A 340 -59.58 11.05 -39.27
N LEU A 341 -60.74 11.63 -39.59
CA LEU A 341 -60.82 13.09 -39.67
C LEU A 341 -60.48 13.72 -38.32
N LEU A 342 -60.98 13.14 -37.24
CA LEU A 342 -60.71 13.70 -35.92
C LEU A 342 -59.24 13.52 -35.53
N ARG A 343 -58.64 12.39 -35.93
CA ARG A 343 -57.20 12.25 -35.74
C ARG A 343 -56.43 13.26 -36.57
N ALA A 344 -56.96 13.62 -37.74
CA ALA A 344 -56.32 14.65 -38.55
C ALA A 344 -56.45 16.01 -37.90
N ALA A 345 -57.64 16.32 -37.36
CA ALA A 345 -57.82 17.56 -36.62
C ALA A 345 -56.78 17.70 -35.51
N LEU A 346 -56.53 16.61 -34.77
CA LEU A 346 -55.54 16.67 -33.70
C LEU A 346 -54.15 16.94 -34.26
N LYS A 347 -53.80 16.28 -35.38
CA LYS A 347 -52.53 16.58 -36.04
C LYS A 347 -52.43 18.05 -36.40
N GLU A 348 -53.56 18.67 -36.76
CA GLU A 348 -53.57 20.06 -37.16
C GLU A 348 -53.38 21.00 -35.97
N THR A 349 -54.11 20.74 -34.87
CA THR A 349 -53.96 21.54 -33.67
C THR A 349 -52.50 21.59 -33.23
N LEU A 350 -51.87 20.42 -33.11
CA LEU A 350 -50.47 20.36 -32.68
C LEU A 350 -49.52 21.01 -33.66
N ARG A 351 -49.90 21.10 -34.94
CA ARG A 351 -49.06 21.79 -35.90
C ARG A 351 -49.00 23.28 -35.60
N LEU A 352 -50.14 23.88 -35.28
CA LEU A 352 -50.20 25.29 -34.99
C LEU A 352 -49.89 25.61 -33.54
N TYR A 353 -50.33 24.74 -32.61
CA TYR A 353 -50.20 24.97 -31.18
C TYR A 353 -49.42 23.82 -30.55
N PRO A 354 -48.15 23.67 -30.91
CA PRO A 354 -47.35 22.56 -30.38
C PRO A 354 -46.95 22.76 -28.92
N VAL A 355 -47.67 22.12 -27.98
CA VAL A 355 -47.33 22.27 -26.56
C VAL A 355 -45.85 21.99 -26.34
N GLY A 356 -45.33 20.98 -27.02
CA GLY A 356 -43.89 20.80 -27.07
C GLY A 356 -43.30 21.72 -28.10
N LEU A 357 -42.63 22.79 -27.67
CA LEU A 357 -42.15 23.78 -28.63
C LEU A 357 -41.06 23.20 -29.51
N PHE A 358 -40.05 22.56 -28.92
CA PHE A 358 -38.90 22.11 -29.68
C PHE A 358 -38.46 20.73 -29.21
N LEU A 359 -37.71 20.06 -30.10
CA LEU A 359 -37.10 18.78 -29.84
C LEU A 359 -35.60 18.98 -29.69
N GLU A 360 -35.01 18.31 -28.70
CA GLU A 360 -33.60 18.48 -28.37
C GLU A 360 -32.81 17.22 -28.70
N ARG A 361 -31.62 17.41 -29.24
CA ARG A 361 -30.68 16.31 -29.42
C ARG A 361 -29.27 16.86 -29.29
N VAL A 362 -28.48 16.24 -28.43
CA VAL A 362 -27.04 16.48 -28.35
C VAL A 362 -26.41 15.44 -29.25
N VAL A 363 -26.13 15.83 -30.51
CA VAL A 363 -25.68 14.86 -31.49
C VAL A 363 -24.41 14.17 -31.00
N SER A 364 -24.42 12.83 -31.04
CA SER A 364 -23.29 12.02 -30.64
C SER A 364 -22.28 11.80 -31.76
N SER A 365 -22.48 12.44 -32.91
CA SER A 365 -21.61 12.22 -34.07
C SER A 365 -21.80 13.40 -35.03
N ASP A 366 -20.72 13.72 -35.75
CA ASP A 366 -20.78 14.77 -36.77
C ASP A 366 -21.95 14.52 -37.73
N LEU A 367 -22.43 15.59 -38.36
CA LEU A 367 -23.51 15.49 -39.34
C LEU A 367 -23.51 16.78 -40.15
N VAL A 368 -24.37 16.82 -41.16
CA VAL A 368 -24.50 17.97 -42.04
C VAL A 368 -25.97 18.40 -42.07
N LEU A 369 -26.22 19.65 -41.72
CA LEU A 369 -27.55 20.25 -41.81
C LEU A 369 -27.49 21.51 -42.67
N GLN A 370 -28.45 21.66 -43.58
CA GLN A 370 -28.47 22.80 -44.49
C GLN A 370 -27.10 23.04 -45.08
N ASN A 371 -26.45 21.96 -45.51
CA ASN A 371 -25.11 22.02 -46.07
C ASN A 371 -24.17 22.81 -45.15
N TYR A 372 -24.26 22.52 -43.85
CA TYR A 372 -23.31 23.03 -42.87
C TYR A 372 -22.77 21.85 -42.06
N HIS A 373 -21.52 21.98 -41.63
CA HIS A 373 -20.90 20.96 -40.78
C HIS A 373 -21.32 21.19 -39.33
N ILE A 374 -21.87 20.15 -38.71
CA ILE A 374 -22.29 20.18 -37.32
C ILE A 374 -21.37 19.24 -36.54
N PRO A 375 -20.54 19.76 -35.63
CA PRO A 375 -19.68 18.86 -34.84
C PRO A 375 -20.50 18.08 -33.82
N ALA A 376 -19.90 16.99 -33.34
CA ALA A 376 -20.52 16.20 -32.28
C ALA A 376 -20.51 16.98 -30.97
N GLY A 377 -21.35 16.53 -30.03
CA GLY A 377 -21.58 17.27 -28.82
C GLY A 377 -22.38 18.55 -28.98
N THR A 378 -22.78 18.87 -30.20
CA THR A 378 -23.55 20.07 -30.47
C THR A 378 -25.02 19.86 -30.10
N LEU A 379 -25.62 20.87 -29.48
CA LEU A 379 -27.05 20.85 -29.22
C LEU A 379 -27.79 21.30 -30.48
N VAL A 380 -28.77 20.51 -30.90
CA VAL A 380 -29.57 20.80 -32.09
C VAL A 380 -31.03 20.84 -31.67
N GLN A 381 -31.66 22.00 -31.84
CA GLN A 381 -33.06 22.21 -31.48
C GLN A 381 -33.89 22.35 -32.75
N VAL A 382 -34.96 21.57 -32.84
CA VAL A 382 -35.95 21.71 -33.91
C VAL A 382 -37.09 22.55 -33.35
N PHE A 383 -37.38 23.65 -34.02
CA PHE A 383 -38.36 24.63 -33.56
C PHE A 383 -39.67 24.38 -34.28
N LEU A 384 -40.59 23.66 -33.64
CA LEU A 384 -41.78 23.16 -34.31
C LEU A 384 -42.79 24.25 -34.64
N TYR A 385 -42.75 25.38 -33.94
CA TYR A 385 -43.69 26.45 -34.23
C TYR A 385 -43.50 26.96 -35.65
N SER A 386 -42.24 27.09 -36.09
CA SER A 386 -41.96 27.54 -37.45
C SER A 386 -41.98 26.39 -38.45
N LEU A 387 -41.62 25.18 -38.02
CA LEU A 387 -41.72 24.02 -38.90
C LEU A 387 -43.14 23.84 -39.42
N GLY A 388 -44.12 23.98 -38.53
CA GLY A 388 -45.51 23.84 -38.90
C GLY A 388 -46.11 25.02 -39.60
N ARG A 389 -45.37 26.12 -39.74
CA ARG A 389 -45.87 27.33 -40.40
C ARG A 389 -45.09 27.64 -41.67
N ASN A 390 -44.27 26.71 -42.16
CA ASN A 390 -43.48 26.91 -43.36
C ASN A 390 -44.36 26.63 -44.57
N ALA A 391 -44.84 27.68 -45.22
CA ALA A 391 -45.75 27.53 -46.35
C ALA A 391 -45.21 26.59 -47.41
N ALA A 392 -43.89 26.54 -47.58
CA ALA A 392 -43.30 25.66 -48.57
C ALA A 392 -43.75 24.21 -48.36
N LEU A 393 -43.83 23.77 -47.10
CA LEU A 393 -44.20 22.41 -46.77
C LEU A 393 -45.67 22.25 -46.40
N PHE A 394 -46.35 23.33 -46.04
CA PHE A 394 -47.76 23.30 -45.64
C PHE A 394 -48.47 24.42 -46.38
N PRO A 395 -49.04 24.13 -47.55
CA PRO A 395 -49.75 25.17 -48.32
C PRO A 395 -50.86 25.82 -47.50
N ARG A 396 -50.82 27.15 -47.44
CA ARG A 396 -51.74 27.92 -46.61
C ARG A 396 -51.64 27.44 -45.17
N PRO A 397 -50.49 27.66 -44.52
CA PRO A 397 -50.34 27.21 -43.13
C PRO A 397 -51.18 28.00 -42.15
N GLU A 398 -51.65 29.18 -42.54
CA GLU A 398 -52.53 29.99 -41.69
C GLU A 398 -53.89 29.33 -41.45
N ARG A 399 -54.23 28.29 -42.20
CA ARG A 399 -55.58 27.74 -42.22
C ARG A 399 -55.65 26.43 -41.44
N TYR A 400 -56.72 26.29 -40.66
CA TYR A 400 -57.00 25.04 -39.94
C TYR A 400 -57.67 24.08 -40.91
N ASN A 401 -56.86 23.23 -41.55
CA ASN A 401 -57.32 22.32 -42.60
C ASN A 401 -56.98 20.88 -42.24
N PRO A 402 -57.87 20.19 -41.52
CA PRO A 402 -57.55 18.80 -41.14
C PRO A 402 -57.34 17.87 -42.32
N GLN A 403 -58.03 18.09 -43.44
CA GLN A 403 -57.95 17.15 -44.56
C GLN A 403 -56.56 17.09 -45.19
N ARG A 404 -55.65 17.98 -44.83
CA ARG A 404 -54.31 17.96 -45.40
C ARG A 404 -53.49 16.78 -44.91
N TRP A 405 -53.93 16.08 -43.85
CA TRP A 405 -53.23 14.92 -43.35
C TRP A 405 -53.80 13.62 -43.86
N LEU A 406 -54.97 13.64 -44.49
CA LEU A 406 -55.62 12.41 -44.91
C LEU A 406 -54.99 11.81 -46.15
N ASP A 407 -54.41 12.63 -47.02
CA ASP A 407 -53.77 12.06 -48.20
C ASP A 407 -52.75 11.01 -47.77
N ILE A 408 -51.84 11.41 -46.88
CA ILE A 408 -50.86 10.57 -46.20
C ILE A 408 -50.03 11.51 -45.30
N ARG A 413 -43.98 12.81 -47.20
CA ARG A 413 -44.65 13.42 -46.06
C ARG A 413 -44.65 12.49 -44.84
N ASN A 414 -43.47 12.31 -44.25
CA ASN A 414 -43.28 11.41 -43.12
C ASN A 414 -42.80 12.13 -41.86
N PHE A 415 -41.84 13.05 -42.00
CA PHE A 415 -41.31 13.80 -40.88
C PHE A 415 -42.00 15.15 -40.69
N HIS A 416 -43.15 15.36 -41.35
CA HIS A 416 -43.90 16.61 -41.18
C HIS A 416 -44.71 16.64 -39.90
N HIS A 417 -45.00 15.48 -39.31
CA HIS A 417 -45.78 15.39 -38.09
C HIS A 417 -44.88 14.81 -37.01
N VAL A 418 -44.21 15.70 -36.26
CA VAL A 418 -43.33 15.27 -35.18
C VAL A 418 -43.59 16.10 -33.92
N PRO A 419 -44.84 16.29 -33.49
CA PRO A 419 -45.07 16.97 -32.21
C PRO A 419 -44.72 16.12 -31.00
N PHE A 420 -44.55 14.81 -31.17
CA PHE A 420 -44.23 13.89 -30.10
C PHE A 420 -42.79 13.42 -30.15
N GLY A 421 -41.97 14.01 -31.01
CA GLY A 421 -40.59 13.58 -31.13
C GLY A 421 -40.41 12.51 -32.19
N PHE A 422 -39.34 11.73 -32.02
CA PHE A 422 -38.94 10.78 -33.04
C PHE A 422 -37.95 9.78 -32.45
N GLY A 423 -37.78 8.66 -33.15
CA GLY A 423 -36.83 7.66 -32.70
C GLY A 423 -37.35 6.89 -31.49
N MET A 424 -36.41 6.23 -30.82
CA MET A 424 -36.75 5.49 -29.61
C MET A 424 -37.17 6.43 -28.48
N ARG A 425 -36.70 7.67 -28.52
CA ARG A 425 -37.02 8.66 -27.51
C ARG A 425 -38.43 9.22 -27.61
N GLN A 426 -39.11 8.99 -28.74
CA GLN A 426 -40.43 9.55 -28.99
C GLN A 426 -41.31 9.43 -27.76
N CYS A 427 -42.26 10.34 -27.61
CA CYS A 427 -43.10 10.42 -26.42
C CYS A 427 -43.56 9.05 -25.95
N LEU A 428 -43.50 8.84 -24.63
CA LEU A 428 -43.92 7.57 -24.06
C LEU A 428 -45.43 7.51 -23.87
N GLY A 429 -46.04 8.62 -23.50
CA GLY A 429 -47.47 8.72 -23.35
C GLY A 429 -48.20 9.11 -24.61
N ARG A 430 -47.52 9.07 -25.76
CA ARG A 430 -48.11 9.51 -27.02
C ARG A 430 -49.52 8.97 -27.21
N ARG A 431 -49.71 7.66 -27.02
CA ARG A 431 -50.99 7.06 -27.37
C ARG A 431 -52.03 7.25 -26.28
N LEU A 432 -51.61 7.39 -25.02
CA LEU A 432 -52.57 7.78 -23.98
C LEU A 432 -53.10 9.18 -24.23
N ALA A 433 -52.24 10.10 -24.63
CA ALA A 433 -52.69 11.46 -24.93
C ALA A 433 -53.68 11.45 -26.10
N GLU A 434 -53.32 10.76 -27.18
CA GLU A 434 -54.20 10.71 -28.35
C GLU A 434 -55.58 10.16 -27.98
N ALA A 435 -55.61 9.15 -27.11
CA ALA A 435 -56.90 8.55 -26.78
C ALA A 435 -57.74 9.48 -25.91
N GLU A 436 -57.11 10.18 -24.96
CA GLU A 436 -57.85 11.14 -24.15
C GLU A 436 -58.42 12.26 -25.01
N MET A 437 -57.58 12.85 -25.87
CA MET A 437 -58.04 13.92 -26.74
C MET A 437 -59.13 13.43 -27.69
N LEU A 438 -58.87 12.31 -28.36
CA LEU A 438 -59.80 11.81 -29.37
C LEU A 438 -61.14 11.44 -28.75
N LEU A 439 -61.12 10.72 -27.64
CA LEU A 439 -62.38 10.23 -27.07
C LEU A 439 -63.22 11.34 -26.46
N LEU A 440 -62.59 12.40 -25.95
CA LEU A 440 -63.37 13.52 -25.42
C LEU A 440 -64.03 14.30 -26.54
N LEU A 441 -63.31 14.54 -27.63
CA LEU A 441 -63.89 15.26 -28.76
C LEU A 441 -64.97 14.44 -29.46
N HIS A 442 -64.84 13.12 -29.46
CA HIS A 442 -65.84 12.30 -30.14
C HIS A 442 -67.20 12.38 -29.47
N HIS A 443 -67.22 12.41 -28.14
CA HIS A 443 -68.48 12.43 -27.41
C HIS A 443 -69.06 13.82 -27.27
N VAL A 444 -68.24 14.86 -27.41
CA VAL A 444 -68.77 16.22 -27.42
C VAL A 444 -69.35 16.56 -28.78
N LEU A 445 -68.73 16.07 -29.86
CA LEU A 445 -69.24 16.37 -31.20
C LEU A 445 -70.60 15.74 -31.45
N LYS A 446 -70.84 14.54 -30.93
CA LYS A 446 -72.10 13.85 -31.20
C LYS A 446 -73.23 14.28 -30.28
N HIS A 447 -72.99 15.26 -29.40
CA HIS A 447 -74.04 15.75 -28.52
C HIS A 447 -74.17 17.27 -28.48
N PHE A 448 -73.16 18.01 -28.93
CA PHE A 448 -73.16 19.46 -28.78
C PHE A 448 -72.68 20.14 -30.06
N LEU A 449 -72.96 21.44 -30.13
CA LEU A 449 -72.33 22.35 -31.08
C LEU A 449 -71.46 23.31 -30.30
N VAL A 450 -70.24 23.55 -30.77
CA VAL A 450 -69.30 24.42 -30.10
C VAL A 450 -69.20 25.71 -30.90
N GLU A 451 -69.63 26.81 -30.29
CA GLU A 451 -69.76 28.09 -30.97
C GLU A 451 -69.06 29.18 -30.17
N THR A 452 -68.59 30.21 -30.86
CA THR A 452 -67.97 31.34 -30.17
C THR A 452 -68.02 32.58 -31.05
N LEU A 453 -68.11 33.74 -30.40
CA LEU A 453 -67.87 35.02 -31.07
C LEU A 453 -66.38 35.35 -31.12
N THR A 454 -65.62 34.91 -30.12
CA THR A 454 -64.19 35.17 -30.08
C THR A 454 -63.51 34.50 -31.27
N GLN A 455 -63.21 35.28 -32.30
CA GLN A 455 -62.58 34.76 -33.51
C GLN A 455 -61.20 35.35 -33.76
N GLU A 456 -60.70 36.20 -32.86
CA GLU A 456 -59.31 36.63 -32.96
C GLU A 456 -58.38 35.52 -32.52
N ASP A 457 -57.23 35.41 -33.18
CA ASP A 457 -56.25 34.41 -32.79
C ASP A 457 -55.90 34.54 -31.31
N ILE A 458 -55.69 33.41 -30.66
CA ILE A 458 -55.26 33.38 -29.27
C ILE A 458 -53.75 33.52 -29.23
N LYS A 459 -53.26 34.46 -28.43
CA LYS A 459 -51.82 34.61 -28.25
C LYS A 459 -51.28 33.44 -27.44
N MET A 460 -50.13 32.93 -27.85
CA MET A 460 -49.49 31.80 -27.18
C MET A 460 -48.38 32.29 -26.27
N VAL A 461 -48.19 31.56 -25.17
CA VAL A 461 -47.21 31.90 -24.15
C VAL A 461 -46.26 30.73 -23.97
N TYR A 462 -44.98 31.03 -23.75
CA TYR A 462 -43.99 30.01 -23.44
C TYR A 462 -43.71 30.02 -21.94
N SER A 463 -44.17 28.98 -21.24
CA SER A 463 -43.75 28.68 -19.87
C SER A 463 -43.31 27.21 -19.85
N PHE A 464 -42.21 26.94 -20.57
CA PHE A 464 -41.65 25.60 -20.77
C PHE A 464 -42.46 24.82 -21.81
N ILE A 465 -43.78 24.96 -21.79
CA ILE A 465 -44.63 24.45 -22.85
C ILE A 465 -45.27 25.65 -23.54
N LEU A 466 -45.71 25.43 -24.77
CA LEU A 466 -46.44 26.44 -25.53
C LEU A 466 -47.91 26.28 -25.22
N ARG A 467 -48.49 27.29 -24.56
CA ARG A 467 -49.86 27.21 -24.08
C ARG A 467 -50.58 28.52 -24.35
N PRO A 468 -51.91 28.49 -24.45
CA PRO A 468 -52.65 29.72 -24.78
C PRO A 468 -52.70 30.67 -23.59
N GLY A 469 -52.34 31.93 -23.84
CA GLY A 469 -52.38 32.93 -22.79
C GLY A 469 -53.77 33.30 -22.35
N THR A 470 -54.79 32.95 -23.13
CA THR A 470 -56.16 33.25 -22.79
C THR A 470 -57.04 32.08 -23.18
N SER A 471 -58.16 31.92 -22.47
CA SER A 471 -59.10 30.85 -22.73
C SER A 471 -60.40 31.45 -23.23
N PRO A 472 -60.88 31.08 -24.41
CA PRO A 472 -62.05 31.76 -24.99
C PRO A 472 -63.34 31.29 -24.35
N LEU A 473 -64.38 32.10 -24.54
CA LEU A 473 -65.72 31.73 -24.12
C LEU A 473 -66.35 30.83 -25.16
N LEU A 474 -66.68 29.60 -24.77
CA LEU A 474 -67.23 28.60 -25.67
C LEU A 474 -68.67 28.29 -25.27
N THR A 475 -69.54 28.24 -26.27
CA THR A 475 -70.93 27.84 -26.09
C THR A 475 -71.10 26.39 -26.51
N PHE A 476 -71.82 25.62 -25.69
CA PHE A 476 -72.12 24.22 -25.98
C PHE A 476 -73.65 24.12 -26.10
N ARG A 477 -74.12 23.99 -27.33
CA ARG A 477 -75.55 23.87 -27.63
C ARG A 477 -75.87 22.43 -27.97
N ALA A 478 -76.93 21.90 -27.39
CA ALA A 478 -77.22 20.47 -27.47
C ALA A 478 -78.13 20.16 -28.64
N ILE A 479 -78.05 18.92 -29.12
CA ILE A 479 -78.82 18.46 -30.27
C ILE A 479 -80.00 17.63 -29.82
N THR B 11 -10.80 30.61 -61.50
CA THR B 11 -11.69 29.46 -61.39
C THR B 11 -11.06 28.33 -60.58
N VAL B 12 -11.87 27.33 -60.26
CA VAL B 12 -11.48 26.24 -59.36
C VAL B 12 -11.73 24.93 -60.07
N LEU B 13 -10.67 24.15 -60.27
CA LEU B 13 -10.77 22.91 -61.02
C LEU B 13 -11.35 21.81 -60.15
N PRO B 14 -11.94 20.78 -60.76
CA PRO B 14 -12.52 19.68 -59.97
C PRO B 14 -11.43 18.88 -59.25
N PHE B 15 -11.89 17.98 -58.40
CA PHE B 15 -10.98 17.09 -57.69
C PHE B 15 -10.40 16.03 -58.63
N GLU B 16 -11.23 15.49 -59.53
CA GLU B 16 -10.79 14.41 -60.41
C GLU B 16 -9.69 14.85 -61.36
N ALA B 17 -9.46 16.15 -61.51
CA ALA B 17 -8.42 16.69 -62.38
C ALA B 17 -7.09 16.87 -61.66
N MET B 18 -6.83 16.08 -60.62
CA MET B 18 -5.60 16.19 -59.85
C MET B 18 -4.55 15.24 -60.40
N PRO B 19 -3.27 15.61 -60.33
CA PRO B 19 -2.22 14.64 -60.64
C PRO B 19 -2.33 13.44 -59.71
N GLN B 20 -2.16 12.25 -60.28
CA GLN B 20 -2.41 10.99 -59.59
C GLN B 20 -1.10 10.24 -59.36
N HIS B 21 -0.91 9.75 -58.14
CA HIS B 21 0.25 8.95 -57.81
C HIS B 21 0.18 7.64 -58.59
N PRO B 22 1.14 7.33 -59.47
CA PRO B 22 1.00 6.11 -60.28
C PRO B 22 0.94 4.85 -59.46
N GLY B 23 1.39 4.89 -58.20
CA GLY B 23 1.49 3.68 -57.42
C GLY B 23 0.13 3.06 -57.15
N ASN B 24 0.07 1.74 -57.30
CA ASN B 24 -1.14 0.98 -57.02
C ASN B 24 -1.19 0.69 -55.52
N ARG B 25 -2.26 1.16 -54.87
CA ARG B 25 -2.39 1.03 -53.42
C ARG B 25 -2.08 -0.39 -52.94
N TRP B 26 -2.55 -1.41 -53.68
CA TRP B 26 -2.42 -2.78 -53.20
C TRP B 26 -0.99 -3.29 -53.33
N LEU B 27 -0.35 -3.06 -54.48
CA LEU B 27 1.03 -3.49 -54.63
C LEU B 27 1.91 -2.92 -53.53
N ARG B 28 1.61 -1.71 -53.05
CA ARG B 28 2.38 -1.14 -51.96
C ARG B 28 1.95 -1.64 -50.59
N LEU B 29 0.89 -2.44 -50.52
CA LEU B 29 0.61 -3.18 -49.27
C LEU B 29 1.40 -4.47 -49.24
N LEU B 30 1.46 -5.18 -50.37
CA LEU B 30 2.25 -6.39 -50.43
C LEU B 30 3.73 -6.08 -50.38
N GLN B 31 4.16 -4.98 -51.01
CA GLN B 31 5.54 -4.54 -50.88
C GLN B 31 5.93 -4.40 -49.41
N ILE B 32 4.98 -3.93 -48.58
CA ILE B 32 5.24 -3.81 -47.15
C ILE B 32 5.21 -5.17 -46.47
N TRP B 33 4.32 -6.06 -46.92
CA TRP B 33 4.32 -7.42 -46.40
C TRP B 33 5.66 -8.10 -46.65
N ARG B 34 6.24 -7.90 -47.84
CA ARG B 34 7.50 -8.53 -48.18
C ARG B 34 8.66 -7.88 -47.42
N GLU B 35 8.86 -6.58 -47.64
CA GLU B 35 9.98 -5.86 -47.04
C GLU B 35 9.84 -5.68 -45.54
N GLN B 36 8.69 -5.99 -44.97
CA GLN B 36 8.44 -5.77 -43.54
C GLN B 36 8.69 -4.31 -43.16
N GLY B 37 8.32 -3.40 -44.06
CA GLY B 37 8.50 -1.99 -43.79
C GLY B 37 8.36 -1.16 -45.06
N TYR B 38 8.52 0.14 -44.87
CA TYR B 38 8.41 1.13 -45.95
C TYR B 38 9.50 2.18 -45.76
N GLU B 39 10.74 1.71 -45.58
CA GLU B 39 11.81 2.60 -45.13
C GLU B 39 12.06 3.75 -46.09
N HIS B 40 11.85 3.54 -47.39
CA HIS B 40 12.17 4.53 -48.41
C HIS B 40 11.01 5.48 -48.70
N LEU B 41 10.02 5.56 -47.81
CA LEU B 41 8.81 6.30 -48.11
C LEU B 41 9.10 7.76 -48.41
N HIS B 42 9.85 8.43 -47.54
CA HIS B 42 10.09 9.85 -47.72
C HIS B 42 10.68 10.14 -49.10
N LEU B 43 11.50 9.22 -49.61
CA LEU B 43 12.10 9.44 -50.93
C LEU B 43 11.08 9.21 -52.04
N GLU B 44 10.23 8.19 -51.89
CA GLU B 44 9.22 7.91 -52.92
C GLU B 44 8.25 9.07 -53.06
N MET B 45 7.98 9.80 -51.98
CA MET B 45 7.08 10.95 -52.09
C MET B 45 7.81 12.18 -52.60
N HIS B 46 9.01 12.44 -52.09
CA HIS B 46 9.80 13.56 -52.59
C HIS B 46 9.95 13.48 -54.11
N GLN B 47 10.16 12.28 -54.63
CA GLN B 47 10.25 12.12 -56.08
C GLN B 47 8.93 12.43 -56.76
N THR B 48 7.83 11.89 -56.21
CA THR B 48 6.52 12.15 -56.80
C THR B 48 6.22 13.64 -56.83
N PHE B 49 6.55 14.36 -55.77
CA PHE B 49 6.34 15.81 -55.77
C PHE B 49 7.14 16.48 -56.87
N GLN B 50 8.32 15.93 -57.20
CA GLN B 50 9.14 16.53 -58.24
C GLN B 50 8.57 16.27 -59.62
N GLU B 51 7.93 15.13 -59.83
CA GLU B 51 7.38 14.82 -61.14
C GLU B 51 6.03 15.50 -61.39
N LEU B 52 5.19 15.57 -60.35
CA LEU B 52 3.79 15.95 -60.52
C LEU B 52 3.46 17.35 -60.03
N GLY B 53 4.34 17.99 -59.27
CA GLY B 53 4.06 19.31 -58.76
C GLY B 53 3.82 19.32 -57.26
N PRO B 54 3.26 20.42 -56.74
CA PRO B 54 3.11 20.54 -55.29
C PRO B 54 1.80 19.99 -54.74
N ILE B 55 1.18 19.04 -55.44
CA ILE B 55 -0.05 18.42 -54.97
C ILE B 55 -0.40 17.23 -55.84
N PHE B 56 -1.00 16.20 -55.26
CA PHE B 56 -1.42 15.03 -56.02
C PHE B 56 -2.31 14.15 -55.17
N ARG B 57 -3.14 13.36 -55.85
CA ARG B 57 -4.00 12.38 -55.21
C ARG B 57 -3.20 11.12 -54.87
N TYR B 58 -3.75 10.34 -53.96
CA TYR B 58 -3.40 8.93 -53.79
C TYR B 58 -4.73 8.18 -53.86
N ASN B 59 -4.82 7.20 -54.75
CA ASN B 59 -6.08 6.47 -54.90
C ASN B 59 -6.24 5.44 -53.78
N LEU B 60 -7.41 5.47 -53.13
CA LEU B 60 -7.70 4.62 -51.97
C LEU B 60 -8.87 3.68 -52.26
N PRO B 63 -11.87 6.10 -50.63
CA PRO B 63 -11.65 7.40 -49.98
C PRO B 63 -10.77 8.35 -50.77
N ARG B 64 -10.54 9.54 -50.21
CA ARG B 64 -9.76 10.59 -50.85
C ARG B 64 -8.56 10.93 -49.99
N MET B 65 -7.36 10.71 -50.53
CA MET B 65 -6.14 11.22 -49.95
C MET B 65 -5.58 12.28 -50.87
N VAL B 66 -4.99 13.31 -50.26
CA VAL B 66 -4.33 14.39 -50.98
C VAL B 66 -3.01 14.67 -50.29
N CYS B 67 -1.97 14.91 -51.08
CA CYS B 67 -0.63 15.15 -50.57
C CYS B 67 -0.16 16.51 -51.05
N VAL B 68 0.24 17.36 -50.10
CA VAL B 68 0.68 18.73 -50.39
C VAL B 68 2.03 18.95 -49.73
N MET B 69 2.66 20.09 -50.03
CA MET B 69 3.95 20.37 -49.43
C MET B 69 4.26 21.86 -49.31
N LEU B 70 3.29 22.76 -49.43
CA LEU B 70 3.58 24.18 -49.37
C LEU B 70 2.93 24.81 -48.13
N PRO B 71 3.61 25.73 -47.45
CA PRO B 71 2.94 26.45 -46.35
C PRO B 71 1.67 27.15 -46.79
N GLU B 72 1.63 27.59 -48.05
CA GLU B 72 0.37 28.00 -48.67
C GLU B 72 -0.79 27.13 -48.20
N ASP B 73 -0.59 25.81 -48.21
CA ASP B 73 -1.68 24.89 -47.91
C ASP B 73 -1.87 24.71 -46.41
N VAL B 74 -0.78 24.59 -45.65
CA VAL B 74 -0.92 24.47 -44.20
C VAL B 74 -1.84 25.56 -43.68
N GLU B 75 -1.57 26.81 -44.09
CA GLU B 75 -2.39 27.93 -43.66
C GLU B 75 -3.87 27.65 -43.91
N LYS B 76 -4.21 27.27 -45.14
CA LYS B 76 -5.61 27.00 -45.45
C LYS B 76 -6.13 25.84 -44.63
N LEU B 77 -5.28 24.88 -44.27
CA LEU B 77 -5.74 23.72 -43.53
C LEU B 77 -6.10 24.08 -42.09
N GLN B 78 -5.38 25.02 -41.49
CA GLN B 78 -5.72 25.46 -40.14
C GLN B 78 -7.00 26.29 -40.14
N GLN B 79 -7.24 27.07 -41.20
CA GLN B 79 -8.50 27.80 -41.31
C GLN B 79 -9.69 26.84 -41.26
N VAL B 80 -9.55 25.66 -41.89
CA VAL B 80 -10.64 24.69 -41.91
C VAL B 80 -10.71 23.87 -40.64
N ASP B 81 -9.68 23.89 -39.79
CA ASP B 81 -9.77 23.24 -38.48
C ASP B 81 -11.03 23.70 -37.76
N SER B 82 -11.92 22.76 -37.46
CA SER B 82 -13.15 23.10 -36.75
C SER B 82 -12.88 23.08 -35.25
N LEU B 83 -13.93 22.97 -34.44
CA LEU B 83 -13.75 22.81 -33.01
C LEU B 83 -12.89 21.60 -32.70
N HIS B 84 -13.12 20.51 -33.41
CA HIS B 84 -12.39 19.27 -33.20
C HIS B 84 -11.70 18.89 -34.49
N PRO B 85 -10.47 19.36 -34.73
CA PRO B 85 -9.72 18.85 -35.87
C PRO B 85 -9.53 17.35 -35.76
N CYS B 86 -9.43 16.70 -36.91
CA CYS B 86 -9.50 15.25 -37.00
C CYS B 86 -8.26 14.73 -37.71
N ARG B 87 -7.46 13.94 -37.00
CA ARG B 87 -6.48 13.09 -37.64
C ARG B 87 -7.07 11.70 -37.85
N MET B 88 -6.40 10.90 -38.68
CA MET B 88 -6.91 9.57 -38.97
C MET B 88 -6.65 8.64 -37.79
N ILE B 89 -7.68 7.84 -37.46
CA ILE B 89 -7.53 6.87 -36.39
C ILE B 89 -6.40 5.92 -36.73
N LEU B 90 -5.46 5.77 -35.80
CA LEU B 90 -4.32 4.86 -35.95
C LEU B 90 -4.73 3.51 -35.36
N GLU B 91 -5.26 2.65 -36.22
CA GLU B 91 -5.89 1.43 -35.73
C GLU B 91 -4.98 0.53 -34.90
N PRO B 92 -3.71 0.32 -35.27
CA PRO B 92 -2.86 -0.55 -34.43
C PRO B 92 -2.76 -0.08 -32.98
N TRP B 93 -2.62 1.23 -32.77
CA TRP B 93 -2.50 1.75 -31.41
C TRP B 93 -3.83 1.71 -30.68
N VAL B 94 -4.91 2.12 -31.35
CA VAL B 94 -6.21 2.12 -30.68
C VAL B 94 -6.65 0.70 -30.38
N ALA B 95 -6.25 -0.26 -31.22
CA ALA B 95 -6.66 -1.65 -31.00
C ALA B 95 -6.12 -2.18 -29.68
N TYR B 96 -4.89 -1.81 -29.32
CA TYR B 96 -4.35 -2.24 -28.04
C TYR B 96 -5.06 -1.54 -26.89
N ARG B 97 -5.35 -0.25 -27.03
CA ARG B 97 -6.04 0.49 -25.98
C ARG B 97 -7.35 -0.21 -25.61
N GLN B 98 -8.08 -0.72 -26.59
CA GLN B 98 -9.38 -1.33 -26.32
C GLN B 98 -9.30 -2.84 -26.14
N HIS B 99 -8.20 -3.47 -26.54
CA HIS B 99 -8.00 -4.87 -26.15
C HIS B 99 -7.69 -5.00 -24.67
N ARG B 100 -7.12 -3.96 -24.07
CA ARG B 100 -6.75 -3.97 -22.66
C ARG B 100 -7.65 -3.07 -21.82
N GLY B 101 -8.83 -2.73 -22.32
CA GLY B 101 -9.76 -1.89 -21.59
C GLY B 101 -9.13 -0.62 -21.02
N HIS B 102 -8.47 0.15 -21.87
CA HIS B 102 -7.85 1.40 -21.50
C HIS B 102 -8.51 2.54 -22.25
N LYS B 103 -8.29 3.76 -21.76
CA LYS B 103 -8.72 4.96 -22.44
C LYS B 103 -7.58 5.49 -23.30
N CYS B 104 -7.94 6.06 -24.45
CA CYS B 104 -6.95 6.66 -25.32
C CYS B 104 -6.56 8.03 -24.79
N GLY B 105 -5.35 8.46 -25.14
CA GLY B 105 -4.88 9.78 -24.81
C GLY B 105 -5.14 10.77 -25.93
N VAL B 106 -4.62 11.97 -25.76
CA VAL B 106 -4.85 13.04 -26.73
C VAL B 106 -4.33 12.65 -28.11
N PHE B 107 -3.28 11.84 -28.18
CA PHE B 107 -2.69 11.51 -29.49
C PHE B 107 -3.58 10.59 -30.30
N LEU B 108 -4.50 9.86 -29.66
CA LEU B 108 -5.35 8.89 -30.35
C LEU B 108 -6.83 9.27 -30.32
N LEU B 109 -7.18 10.37 -29.67
CA LEU B 109 -8.58 10.78 -29.54
C LEU B 109 -8.98 11.72 -30.67
N ASN B 110 -10.30 11.86 -30.86
CA ASN B 110 -10.87 12.79 -31.81
C ASN B 110 -12.16 13.34 -31.22
N GLY B 111 -12.65 14.43 -31.81
CA GLY B 111 -13.95 14.96 -31.46
C GLY B 111 -14.00 15.55 -30.06
N PRO B 112 -15.17 15.47 -29.42
CA PRO B 112 -15.33 16.15 -28.12
C PRO B 112 -14.42 15.60 -27.05
N GLU B 113 -14.25 14.28 -26.97
CA GLU B 113 -13.39 13.70 -25.94
C GLU B 113 -11.96 14.25 -26.06
N TRP B 114 -11.49 14.46 -27.29
CA TRP B 114 -10.16 15.04 -27.47
C TRP B 114 -10.08 16.43 -26.87
N ARG B 115 -11.07 17.27 -27.16
CA ARG B 115 -11.02 18.65 -26.67
C ARG B 115 -11.08 18.68 -25.15
N PHE B 116 -11.83 17.76 -24.55
CA PHE B 116 -11.89 17.70 -23.09
C PHE B 116 -10.52 17.42 -22.50
N ASN B 117 -9.85 16.37 -22.99
CA ASN B 117 -8.52 16.04 -22.49
C ASN B 117 -7.54 17.15 -22.80
N ARG B 118 -7.65 17.77 -23.97
CA ARG B 118 -6.61 18.72 -24.39
C ARG B 118 -6.63 19.96 -23.52
N LEU B 119 -7.80 20.49 -23.20
CA LEU B 119 -7.89 21.75 -22.46
C LEU B 119 -7.48 21.60 -21.00
N ARG B 120 -7.37 20.37 -20.50
CA ARG B 120 -6.89 20.13 -19.15
C ARG B 120 -5.43 19.71 -19.10
N LEU B 121 -4.82 19.43 -20.25
CA LEU B 121 -3.40 19.12 -20.33
C LEU B 121 -2.53 20.33 -20.65
N ASN B 122 -3.01 21.22 -21.52
CA ASN B 122 -2.22 22.38 -21.91
C ASN B 122 -1.65 23.16 -20.73
N PRO B 123 -2.43 23.52 -19.71
CA PRO B 123 -1.88 24.37 -18.64
C PRO B 123 -0.62 23.82 -18.01
N ASP B 124 -0.55 22.51 -17.79
CA ASP B 124 0.53 21.89 -17.03
C ASP B 124 1.60 21.24 -17.89
N VAL B 125 1.40 21.20 -19.21
CA VAL B 125 2.32 20.49 -20.10
C VAL B 125 2.96 21.47 -21.07
N LEU B 126 2.21 22.49 -21.48
CA LEU B 126 2.59 23.33 -22.59
C LEU B 126 2.65 24.82 -22.26
N SER B 127 1.96 25.30 -21.24
CA SER B 127 1.90 26.73 -20.99
C SER B 127 3.26 27.27 -20.58
N PRO B 128 3.55 28.54 -20.89
CA PRO B 128 4.83 29.13 -20.45
C PRO B 128 5.01 29.09 -18.95
N LYS B 129 3.92 28.96 -18.19
CA LYS B 129 4.05 28.87 -16.74
C LYS B 129 4.58 27.51 -16.33
N ALA B 130 4.06 26.44 -16.93
CA ALA B 130 4.56 25.11 -16.62
C ALA B 130 6.03 24.97 -17.03
N VAL B 131 6.41 25.60 -18.14
CA VAL B 131 7.80 25.49 -18.59
C VAL B 131 8.74 26.13 -17.59
N GLN B 132 8.38 27.30 -17.06
CA GLN B 132 9.22 27.93 -16.05
C GLN B 132 9.42 27.04 -14.84
N ARG B 133 8.56 26.03 -14.65
CA ARG B 133 8.64 25.18 -13.46
C ARG B 133 9.46 23.91 -13.70
N PHE B 134 9.33 23.29 -14.89
CA PHE B 134 10.08 22.07 -15.16
C PHE B 134 11.36 22.31 -15.96
N LEU B 135 11.60 23.54 -16.42
CA LEU B 135 12.80 23.80 -17.22
C LEU B 135 14.04 23.70 -16.34
N PRO B 136 14.04 24.25 -15.13
CA PRO B 136 15.22 24.08 -14.26
C PRO B 136 15.56 22.62 -14.01
N MET B 137 14.54 21.77 -13.85
CA MET B 137 14.79 20.35 -13.65
C MET B 137 15.48 19.75 -14.86
N VAL B 138 15.06 20.14 -16.08
CA VAL B 138 15.73 19.66 -17.28
C VAL B 138 17.15 20.19 -17.34
N ASP B 139 17.41 21.38 -16.81
CA ASP B 139 18.75 21.93 -16.83
C ASP B 139 19.70 21.08 -15.99
N ALA B 140 19.23 20.58 -14.84
CA ALA B 140 20.07 19.72 -14.02
C ALA B 140 20.53 18.50 -14.82
N VAL B 141 19.61 17.85 -15.53
CA VAL B 141 19.96 16.66 -16.29
C VAL B 141 20.96 17.00 -17.39
N ALA B 142 20.83 18.19 -17.98
CA ALA B 142 21.74 18.57 -19.05
C ALA B 142 23.14 18.87 -18.52
N ARG B 143 23.24 19.41 -17.31
CA ARG B 143 24.55 19.67 -16.73
C ARG B 143 25.24 18.38 -16.31
N ASP B 144 24.48 17.42 -15.78
CA ASP B 144 25.05 16.13 -15.42
C ASP B 144 25.53 15.36 -16.64
N PHE B 145 24.91 15.60 -17.80
CA PHE B 145 25.35 14.92 -19.02
C PHE B 145 26.71 15.44 -19.46
N SER B 146 26.93 16.75 -19.38
CA SER B 146 28.23 17.31 -19.74
C SER B 146 29.26 17.07 -18.64
N GLN B 147 28.85 17.16 -17.38
CA GLN B 147 29.74 16.84 -16.27
C GLN B 147 30.26 15.42 -16.41
N ALA B 148 29.36 14.48 -16.70
CA ALA B 148 29.78 13.09 -16.84
C ALA B 148 30.64 12.89 -18.07
N LEU B 149 30.33 13.61 -19.16
CA LEU B 149 31.11 13.46 -20.38
C LEU B 149 32.50 14.09 -20.22
N LYS B 150 32.58 15.22 -19.51
CA LYS B 150 33.87 15.87 -19.34
C LYS B 150 34.81 15.03 -18.48
N LYS B 151 34.28 14.38 -17.44
CA LYS B 151 35.11 13.50 -16.62
C LYS B 151 35.75 12.40 -17.46
N LYS B 152 34.93 11.66 -18.22
CA LYS B 152 35.47 10.61 -19.09
C LYS B 152 36.44 11.18 -20.11
N VAL B 153 36.23 12.43 -20.53
CA VAL B 153 37.02 13.00 -21.61
C VAL B 153 38.42 13.36 -21.14
N LEU B 154 38.52 13.96 -19.96
CA LEU B 154 39.82 14.37 -19.45
C LEU B 154 40.66 13.19 -18.97
N GLN B 155 40.10 11.99 -18.93
CA GLN B 155 40.88 10.81 -18.59
C GLN B 155 41.73 10.31 -19.75
N ASN B 156 41.56 10.86 -20.95
CA ASN B 156 42.28 10.40 -22.13
C ASN B 156 43.42 11.37 -22.45
N ALA B 157 44.48 10.82 -23.06
CA ALA B 157 45.69 11.61 -23.26
C ALA B 157 45.41 12.85 -24.09
N ARG B 158 44.59 12.70 -25.11
CA ARG B 158 44.26 13.83 -25.99
C ARG B 158 43.10 14.67 -25.49
N GLY B 159 42.68 14.46 -24.25
CA GLY B 159 41.56 15.17 -23.67
C GLY B 159 40.34 15.20 -24.57
N SER B 160 39.95 14.03 -25.07
CA SER B 160 38.82 13.92 -25.96
C SER B 160 38.33 12.49 -25.97
N LEU B 161 37.03 12.33 -26.24
CA LEU B 161 36.39 11.02 -26.29
C LEU B 161 35.63 10.90 -27.60
N THR B 162 35.95 9.87 -28.38
CA THR B 162 35.25 9.57 -29.62
C THR B 162 34.32 8.39 -29.39
N LEU B 163 33.08 8.52 -29.87
CA LEU B 163 32.10 7.48 -29.59
C LEU B 163 30.87 7.68 -30.46
N ASP B 164 29.96 6.72 -30.36
CA ASP B 164 28.60 6.83 -30.88
C ASP B 164 27.72 7.29 -29.72
N VAL B 165 27.24 8.53 -29.81
CA VAL B 165 26.49 9.13 -28.69
C VAL B 165 25.03 8.73 -28.64
N GLN B 166 24.52 8.05 -29.68
CA GLN B 166 23.10 7.72 -29.72
C GLN B 166 22.59 7.11 -28.42
N PRO B 167 23.24 6.10 -27.84
CA PRO B 167 22.73 5.57 -26.56
C PRO B 167 22.68 6.61 -25.45
N SER B 168 23.76 7.37 -25.25
CA SER B 168 23.77 8.32 -24.14
C SER B 168 22.71 9.39 -24.32
N ILE B 169 22.47 9.81 -25.57
CA ILE B 169 21.44 10.81 -25.83
C ILE B 169 20.06 10.24 -25.51
N PHE B 170 19.78 9.03 -26.00
CA PHE B 170 18.50 8.40 -25.71
C PHE B 170 18.27 8.29 -24.21
N HIS B 171 19.28 7.83 -23.47
CA HIS B 171 19.12 7.74 -22.03
C HIS B 171 19.08 9.12 -21.38
N TYR B 172 19.52 10.16 -22.08
CA TYR B 172 19.33 11.52 -21.57
C TYR B 172 17.88 11.95 -21.68
N THR B 173 17.23 11.68 -22.81
CA THR B 173 15.83 12.06 -22.96
C THR B 173 14.93 11.29 -22.01
N ILE B 174 15.30 10.05 -21.68
CA ILE B 174 14.52 9.30 -20.71
C ILE B 174 14.67 9.91 -19.33
N GLU B 175 15.86 10.40 -19.01
CA GLU B 175 16.10 11.03 -17.71
C GLU B 175 15.34 12.34 -17.60
N ALA B 176 15.57 13.25 -18.56
CA ALA B 176 14.90 14.54 -18.52
C ALA B 176 13.38 14.37 -18.54
N SER B 177 12.87 13.50 -19.40
CA SER B 177 11.42 13.33 -19.51
C SER B 177 10.84 12.79 -18.21
N ASN B 178 11.48 11.76 -17.63
CA ASN B 178 10.96 11.20 -16.39
C ASN B 178 11.02 12.19 -15.25
N LEU B 179 12.05 13.05 -15.23
CA LEU B 179 12.15 14.05 -14.17
C LEU B 179 11.10 15.14 -14.36
N ALA B 180 10.90 15.59 -15.59
CA ALA B 180 9.91 16.64 -15.83
C ALA B 180 8.50 16.13 -15.60
N LEU B 181 8.23 14.87 -15.97
CA LEU B 181 6.87 14.34 -15.87
C LEU B 181 6.54 13.89 -14.45
N PHE B 182 7.43 13.09 -13.84
CA PHE B 182 7.13 12.44 -12.56
C PHE B 182 7.97 12.96 -11.41
N GLY B 183 8.93 13.84 -11.66
CA GLY B 183 9.77 14.35 -10.60
C GLY B 183 10.77 13.36 -10.04
N GLU B 184 10.75 12.12 -10.50
CA GLU B 184 11.72 11.13 -10.06
C GLU B 184 13.02 11.30 -10.84
N ARG B 185 14.09 10.77 -10.27
CA ARG B 185 15.41 10.80 -10.89
C ARG B 185 15.96 9.40 -10.94
N LEU B 186 16.17 8.89 -12.15
CA LEU B 186 16.73 7.57 -12.39
C LEU B 186 18.22 7.72 -12.65
N GLY B 187 18.99 6.70 -12.28
CA GLY B 187 20.42 6.78 -12.42
C GLY B 187 20.90 6.42 -13.81
N LEU B 188 20.52 7.21 -14.82
CA LEU B 188 20.79 6.86 -16.21
C LEU B 188 21.79 7.76 -16.92
N VAL B 189 21.86 9.05 -16.57
CA VAL B 189 22.86 9.93 -17.15
C VAL B 189 24.13 9.83 -16.33
N GLY B 190 25.25 9.57 -17.01
CA GLY B 190 26.51 9.35 -16.34
C GLY B 190 26.72 7.96 -15.80
N HIS B 191 25.78 7.04 -16.06
CA HIS B 191 25.90 5.66 -15.60
C HIS B 191 25.42 4.74 -16.69
N SER B 192 25.76 3.46 -16.54
CA SER B 192 25.41 2.49 -17.56
C SER B 192 23.90 2.27 -17.60
N PRO B 193 23.35 1.97 -18.78
CA PRO B 193 21.90 1.76 -18.88
C PRO B 193 21.41 0.69 -17.91
N SER B 194 20.13 0.81 -17.54
CA SER B 194 19.44 -0.24 -16.82
C SER B 194 18.69 -1.14 -17.79
N SER B 195 18.38 -2.35 -17.35
CA SER B 195 17.62 -3.26 -18.19
C SER B 195 16.22 -2.73 -18.43
N ALA B 196 15.62 -2.10 -17.40
CA ALA B 196 14.28 -1.55 -17.56
C ALA B 196 14.26 -0.45 -18.62
N SER B 197 15.35 0.29 -18.79
CA SER B 197 15.40 1.29 -19.85
C SER B 197 15.67 0.65 -21.20
N LEU B 198 16.66 -0.25 -21.26
CA LEU B 198 16.97 -0.91 -22.51
C LEU B 198 15.76 -1.65 -23.07
N ASN B 199 15.03 -2.36 -22.21
CA ASN B 199 13.83 -3.05 -22.67
C ASN B 199 12.74 -2.07 -23.08
N PHE B 200 12.73 -0.88 -22.49
CA PHE B 200 11.76 0.14 -22.86
C PHE B 200 12.07 0.71 -24.24
N LEU B 201 13.35 0.96 -24.52
CA LEU B 201 13.73 1.50 -25.82
C LEU B 201 13.44 0.48 -26.92
N HIS B 202 13.89 -0.75 -26.74
CA HIS B 202 13.64 -1.79 -27.73
C HIS B 202 12.15 -1.90 -28.00
N ALA B 203 11.33 -1.91 -26.95
CA ALA B 203 9.89 -2.00 -27.12
C ALA B 203 9.36 -0.89 -28.04
N LEU B 204 9.80 0.34 -27.81
CA LEU B 204 9.44 1.45 -28.70
C LEU B 204 9.90 1.15 -30.13
N GLU B 205 11.14 0.66 -30.28
CA GLU B 205 11.66 0.32 -31.58
C GLU B 205 10.73 -0.65 -32.31
N VAL B 206 10.29 -1.69 -31.60
CA VAL B 206 9.42 -2.68 -32.22
C VAL B 206 8.00 -2.13 -32.39
N MET B 207 7.56 -1.28 -31.46
CA MET B 207 6.24 -0.69 -31.61
C MET B 207 6.16 0.19 -32.85
N PHE B 208 7.26 0.85 -33.21
CA PHE B 208 7.26 1.67 -34.42
C PHE B 208 7.34 0.80 -35.67
N LYS B 209 8.30 -0.12 -35.71
CA LYS B 209 8.42 -1.03 -36.84
C LYS B 209 7.09 -1.70 -37.16
N SER B 210 6.51 -2.38 -36.16
CA SER B 210 5.27 -3.11 -36.37
C SER B 210 4.12 -2.19 -36.79
N THR B 211 4.14 -0.94 -36.33
CA THR B 211 3.07 -0.01 -36.70
C THR B 211 2.99 0.17 -38.20
N VAL B 212 4.14 0.35 -38.85
CA VAL B 212 4.17 0.57 -40.29
C VAL B 212 3.62 -0.66 -41.03
N GLN B 213 3.96 -1.85 -40.53
CA GLN B 213 3.49 -3.06 -41.18
C GLN B 213 1.97 -3.17 -41.15
N LEU B 214 1.32 -2.58 -40.15
CA LEU B 214 -0.12 -2.71 -39.97
C LEU B 214 -0.93 -1.45 -40.29
N MET B 215 -0.28 -0.30 -40.45
CA MET B 215 -1.01 0.94 -40.62
C MET B 215 -1.38 1.24 -42.06
N PHE B 216 -1.08 0.35 -43.00
CA PHE B 216 -1.39 0.57 -44.41
C PHE B 216 -2.38 -0.44 -44.96
N MET B 217 -3.00 -1.24 -44.10
CA MET B 217 -4.06 -2.16 -44.51
C MET B 217 -5.10 -2.23 -43.40
N PRO B 218 -6.38 -2.40 -43.76
CA PRO B 218 -7.42 -2.56 -42.73
C PRO B 218 -7.15 -3.78 -41.87
N ARG B 219 -7.74 -3.79 -40.68
CA ARG B 219 -7.55 -4.93 -39.80
C ARG B 219 -8.17 -6.21 -40.38
N SER B 220 -9.14 -6.08 -41.29
CA SER B 220 -9.77 -7.27 -41.86
C SER B 220 -8.81 -8.08 -42.73
N LEU B 221 -7.71 -7.47 -43.19
CA LEU B 221 -6.67 -8.19 -43.91
C LEU B 221 -5.48 -8.53 -43.01
N SER B 222 -4.90 -7.54 -42.35
CA SER B 222 -3.79 -7.80 -41.45
C SER B 222 -4.11 -8.87 -40.42
N ARG B 223 -5.40 -9.11 -40.15
CA ARG B 223 -5.80 -10.13 -39.18
C ARG B 223 -5.21 -11.48 -39.54
N TRP B 224 -5.28 -11.87 -40.81
CA TRP B 224 -4.88 -13.20 -41.24
C TRP B 224 -3.61 -13.21 -42.09
N ILE B 225 -3.27 -12.09 -42.74
CA ILE B 225 -2.04 -12.03 -43.53
C ILE B 225 -0.83 -11.68 -42.68
N SER B 226 -1.03 -11.09 -41.50
CA SER B 226 0.10 -10.72 -40.64
C SER B 226 -0.27 -10.83 -39.17
N PRO B 227 -0.87 -11.94 -38.74
CA PRO B 227 -1.24 -12.06 -37.32
C PRO B 227 -0.03 -12.13 -36.41
N LYS B 228 1.08 -12.66 -36.91
CA LYS B 228 2.32 -12.68 -36.13
C LYS B 228 2.73 -11.27 -35.75
N VAL B 229 2.47 -10.30 -36.63
CA VAL B 229 2.84 -8.92 -36.35
C VAL B 229 1.91 -8.32 -35.30
N TRP B 230 0.63 -8.69 -35.33
CA TRP B 230 -0.31 -8.24 -34.30
C TRP B 230 0.17 -8.68 -32.92
N LYS B 231 0.52 -9.96 -32.78
CA LYS B 231 1.11 -10.43 -31.54
C LYS B 231 2.38 -9.65 -31.22
N GLU B 232 3.26 -9.52 -32.22
CA GLU B 232 4.48 -8.75 -32.06
C GLU B 232 4.19 -7.33 -31.59
N HIS B 233 3.13 -6.72 -32.12
CA HIS B 233 2.79 -5.34 -31.80
C HIS B 233 2.27 -5.22 -30.37
N PHE B 234 1.29 -6.06 -30.01
CA PHE B 234 0.73 -5.97 -28.66
C PHE B 234 1.76 -6.34 -27.61
N GLU B 235 2.67 -7.26 -27.90
CA GLU B 235 3.73 -7.57 -26.93
C GLU B 235 4.55 -6.32 -26.60
N ALA B 236 4.83 -5.49 -27.61
CA ALA B 236 5.57 -4.27 -27.38
C ALA B 236 4.78 -3.31 -26.50
N TRP B 237 3.51 -3.08 -26.84
CA TRP B 237 2.70 -2.17 -26.04
C TRP B 237 2.53 -2.67 -24.62
N ASP B 238 2.56 -3.99 -24.41
CA ASP B 238 2.56 -4.52 -23.05
C ASP B 238 3.80 -4.06 -22.30
N CYS B 239 4.98 -4.21 -22.92
CA CYS B 239 6.21 -3.82 -22.25
C CYS B 239 6.29 -2.31 -22.03
N ILE B 240 5.71 -1.52 -22.93
CA ILE B 240 5.73 -0.06 -22.78
C ILE B 240 4.75 0.36 -21.69
N PHE B 241 3.53 -0.18 -21.71
CA PHE B 241 2.56 0.12 -20.67
C PHE B 241 3.08 -0.32 -19.30
N GLN B 242 3.97 -1.32 -19.27
CA GLN B 242 4.53 -1.78 -18.01
C GLN B 242 5.50 -0.76 -17.43
N TYR B 243 6.47 -0.30 -18.23
CA TYR B 243 7.38 0.73 -17.78
C TYR B 243 6.62 1.98 -17.33
N GLY B 244 5.60 2.37 -18.10
CA GLY B 244 4.91 3.60 -17.80
C GLY B 244 3.98 3.50 -16.60
N ASP B 245 3.27 2.37 -16.48
CA ASP B 245 2.36 2.22 -15.35
C ASP B 245 3.10 2.06 -14.04
N ASN B 246 4.37 1.61 -14.07
CA ASN B 246 5.18 1.67 -12.86
C ASN B 246 5.41 3.10 -12.43
N CYS B 247 5.75 3.98 -13.38
CA CYS B 247 5.94 5.39 -13.05
C CYS B 247 4.67 5.98 -12.45
N ILE B 248 3.50 5.61 -12.99
CA ILE B 248 2.25 6.16 -12.49
C ILE B 248 1.98 5.69 -11.07
N GLN B 249 2.09 4.38 -10.83
CA GLN B 249 1.73 3.84 -9.52
C GLN B 249 2.66 4.36 -8.42
N LYS B 250 3.88 4.74 -8.78
CA LYS B 250 4.79 5.31 -7.79
C LYS B 250 4.34 6.70 -7.36
N ILE B 251 4.04 7.57 -8.33
CA ILE B 251 3.66 8.94 -8.00
C ILE B 251 2.25 8.98 -7.41
N TYR B 252 1.36 8.09 -7.83
CA TYR B 252 0.00 8.11 -7.31
C TYR B 252 -0.03 7.79 -5.82
N GLN B 253 0.80 6.84 -5.40
CA GLN B 253 0.87 6.51 -3.98
C GLN B 253 1.59 7.61 -3.21
N GLU B 254 2.71 8.10 -3.75
CA GLU B 254 3.47 9.11 -3.04
C GLU B 254 2.61 10.35 -2.74
N LEU B 255 1.66 10.68 -3.62
CA LEU B 255 0.83 11.86 -3.42
C LEU B 255 -0.39 11.58 -2.55
N ALA B 256 -0.89 10.35 -2.52
CA ALA B 256 -2.02 10.03 -1.67
C ALA B 256 -1.70 10.21 -0.19
N PHE B 257 -0.42 10.20 0.17
CA PHE B 257 0.01 10.37 1.55
C PHE B 257 0.62 11.72 1.84
N ASN B 258 0.93 12.52 0.81
CA ASN B 258 1.44 13.87 1.04
C ASN B 258 1.31 14.65 -0.26
N ARG B 259 0.58 15.77 -0.20
CA ARG B 259 0.48 16.67 -1.34
C ARG B 259 1.58 17.72 -1.21
N PRO B 260 2.59 17.73 -2.08
CA PRO B 260 3.71 18.66 -1.89
C PRO B 260 3.31 20.10 -2.15
N GLN B 261 4.08 21.00 -1.54
CA GLN B 261 3.88 22.44 -1.72
C GLN B 261 4.79 23.03 -2.79
N HIS B 262 5.77 22.28 -3.28
CA HIS B 262 6.65 22.73 -4.35
C HIS B 262 6.40 21.88 -5.59
N TYR B 263 7.05 22.28 -6.70
CA TYR B 263 6.84 21.60 -7.97
C TYR B 263 7.56 20.26 -7.96
N THR B 264 6.84 19.20 -8.36
CA THR B 264 7.39 17.85 -8.38
C THR B 264 7.00 17.11 -9.65
N GLY B 265 6.86 17.82 -10.76
CA GLY B 265 6.63 17.22 -12.05
C GLY B 265 5.27 17.58 -12.63
N ILE B 266 5.13 17.26 -13.92
CA ILE B 266 3.91 17.58 -14.66
C ILE B 266 2.77 16.70 -14.21
N VAL B 267 2.97 15.38 -14.20
CA VAL B 267 1.90 14.46 -13.83
C VAL B 267 1.44 14.71 -12.39
N ALA B 268 2.34 15.23 -11.55
CA ALA B 268 1.93 15.64 -10.22
C ALA B 268 0.78 16.64 -10.30
N GLU B 269 0.96 17.71 -11.08
CA GLU B 269 -0.04 18.76 -11.15
C GLU B 269 -1.37 18.23 -11.70
N LEU B 270 -1.31 17.35 -12.70
CA LEU B 270 -2.54 16.80 -13.26
C LEU B 270 -3.32 16.01 -12.22
N LEU B 271 -2.60 15.28 -11.35
CA LEU B 271 -3.27 14.49 -10.33
C LEU B 271 -3.85 15.37 -9.22
N LEU B 272 -3.10 16.38 -8.79
CA LEU B 272 -3.57 17.27 -7.73
C LEU B 272 -4.82 18.02 -8.18
N LYS B 273 -4.81 18.55 -9.41
CA LYS B 273 -5.98 19.27 -9.91
C LYS B 273 -7.19 18.35 -10.03
N ALA B 274 -6.97 17.11 -10.46
CA ALA B 274 -8.03 16.12 -10.57
C ALA B 274 -9.14 16.58 -11.51
N GLU B 275 -8.80 17.43 -12.50
CA GLU B 275 -9.78 17.83 -13.50
C GLU B 275 -10.12 16.69 -14.44
N LEU B 276 -9.16 15.81 -14.71
CA LEU B 276 -9.38 14.61 -15.51
C LEU B 276 -9.53 13.41 -14.58
N SER B 277 -10.35 12.45 -15.00
CA SER B 277 -10.47 11.22 -14.24
C SER B 277 -9.09 10.58 -14.08
N LEU B 278 -9.02 9.56 -13.22
CA LEU B 278 -7.77 8.84 -13.07
C LEU B 278 -7.40 8.10 -14.36
N GLU B 279 -8.38 7.46 -14.99
CA GLU B 279 -8.08 6.68 -16.19
C GLU B 279 -7.59 7.57 -17.32
N ALA B 280 -8.08 8.82 -17.39
CA ALA B 280 -7.64 9.72 -18.45
C ALA B 280 -6.28 10.35 -18.15
N ILE B 281 -5.85 10.35 -16.89
CA ILE B 281 -4.51 10.85 -16.58
C ILE B 281 -3.46 9.80 -16.89
N LYS B 282 -3.74 8.54 -16.53
CA LYS B 282 -2.83 7.46 -16.90
C LYS B 282 -2.66 7.39 -18.41
N ALA B 283 -3.77 7.50 -19.15
CA ALA B 283 -3.72 7.43 -20.61
C ALA B 283 -2.78 8.48 -21.18
N ASN B 284 -2.99 9.74 -20.80
CA ASN B 284 -2.13 10.80 -21.32
C ASN B 284 -0.72 10.67 -20.75
N SER B 285 -0.59 10.27 -19.49
CA SER B 285 0.72 10.05 -18.91
C SER B 285 1.50 8.99 -19.70
N MET B 286 0.81 7.96 -20.18
CA MET B 286 1.47 6.98 -21.04
C MET B 286 2.02 7.65 -22.29
N GLU B 287 1.19 8.40 -22.99
CA GLU B 287 1.60 8.98 -24.28
C GLU B 287 2.71 9.98 -24.10
N LEU B 288 2.72 10.70 -22.97
CA LEU B 288 3.84 11.59 -22.68
C LEU B 288 5.10 10.79 -22.39
N THR B 289 4.98 9.70 -21.63
CA THR B 289 6.15 8.87 -21.33
C THR B 289 6.65 8.14 -22.57
N ALA B 290 5.75 7.60 -23.39
CA ALA B 290 6.15 6.81 -24.53
C ALA B 290 6.67 7.68 -25.67
N GLY B 291 6.07 8.85 -25.87
CA GLY B 291 6.41 9.68 -27.01
C GLY B 291 7.38 10.79 -26.68
N SER B 292 8.13 10.64 -25.59
CA SER B 292 9.10 11.65 -25.17
C SER B 292 10.53 11.21 -25.37
N VAL B 293 10.76 10.09 -26.04
CA VAL B 293 12.09 9.51 -26.13
C VAL B 293 12.64 9.63 -27.54
N ASP B 294 12.02 8.94 -28.50
CA ASP B 294 12.58 8.88 -29.85
C ASP B 294 12.43 10.22 -30.58
N THR B 295 11.25 10.84 -30.48
CA THR B 295 11.02 12.06 -31.23
C THR B 295 11.94 13.19 -30.77
N THR B 296 12.34 13.18 -29.49
CA THR B 296 13.23 14.22 -29.00
C THR B 296 14.69 13.92 -29.30
N ALA B 297 15.08 12.65 -29.24
CA ALA B 297 16.50 12.30 -29.26
C ALA B 297 17.10 12.35 -30.65
N PHE B 298 16.32 12.02 -31.69
CA PHE B 298 16.91 12.01 -33.03
C PHE B 298 17.27 13.40 -33.49
N PRO B 299 16.39 14.42 -33.41
CA PRO B 299 16.83 15.78 -33.73
C PRO B 299 18.10 16.17 -32.99
N LEU B 300 18.21 15.83 -31.70
CA LEU B 300 19.43 16.11 -30.95
C LEU B 300 20.66 15.55 -31.66
N LEU B 301 20.61 14.27 -32.04
CA LEU B 301 21.74 13.67 -32.73
C LEU B 301 22.03 14.39 -34.04
N MET B 302 21.00 14.58 -34.87
CA MET B 302 21.21 15.23 -36.15
C MET B 302 21.72 16.66 -35.98
N THR B 303 21.34 17.32 -34.89
CA THR B 303 21.91 18.64 -34.60
C THR B 303 23.40 18.51 -34.28
N LEU B 304 23.76 17.56 -33.41
CA LEU B 304 25.16 17.31 -33.12
C LEU B 304 25.93 16.97 -34.39
N PHE B 305 25.35 16.12 -35.24
CA PHE B 305 26.00 15.74 -36.49
C PHE B 305 26.24 16.95 -37.38
N GLU B 306 25.21 17.79 -37.55
CA GLU B 306 25.33 18.92 -38.46
C GLU B 306 26.27 19.98 -37.91
N LEU B 307 26.32 20.15 -36.59
CA LEU B 307 27.31 21.07 -36.03
C LEU B 307 28.72 20.54 -36.19
N ALA B 308 28.88 19.22 -36.36
CA ALA B 308 30.20 18.66 -36.61
C ALA B 308 30.62 18.83 -38.07
N ARG B 309 29.67 18.78 -38.99
CA ARG B 309 29.97 19.01 -40.40
C ARG B 309 30.17 20.49 -40.73
N ASN B 310 29.65 21.39 -39.89
CA ASN B 310 29.75 22.83 -40.10
C ASN B 310 30.38 23.44 -38.86
N PRO B 311 31.69 23.35 -38.71
CA PRO B 311 32.34 24.01 -37.56
C PRO B 311 32.12 25.51 -37.53
N ASP B 312 32.05 26.15 -38.69
CA ASP B 312 31.71 27.57 -38.75
C ASP B 312 30.42 27.83 -37.97
N VAL B 313 29.35 27.10 -38.28
CA VAL B 313 28.08 27.29 -37.59
C VAL B 313 28.17 26.85 -36.14
N GLN B 314 29.06 25.90 -35.83
CA GLN B 314 29.22 25.47 -34.45
C GLN B 314 29.79 26.58 -33.58
N GLN B 315 30.90 27.17 -34.01
CA GLN B 315 31.54 28.20 -33.18
C GLN B 315 30.60 29.38 -32.93
N ILE B 316 29.81 29.75 -33.94
CA ILE B 316 28.85 30.84 -33.77
C ILE B 316 27.90 30.53 -32.63
N LEU B 317 27.35 29.31 -32.62
CA LEU B 317 26.47 28.91 -31.52
C LEU B 317 27.22 28.87 -30.19
N ARG B 318 28.49 28.45 -30.21
CA ARG B 318 29.26 28.37 -28.98
C ARG B 318 29.52 29.76 -28.40
N GLN B 319 29.85 30.73 -29.26
CA GLN B 319 30.01 32.10 -28.78
C GLN B 319 28.73 32.57 -28.09
N GLU B 320 27.59 32.39 -28.74
CA GLU B 320 26.31 32.74 -28.14
C GLU B 320 26.15 32.08 -26.77
N SER B 321 26.34 30.76 -26.71
CA SER B 321 26.09 30.04 -25.48
C SER B 321 27.07 30.38 -24.39
N LEU B 322 28.31 30.74 -24.75
CA LEU B 322 29.28 31.13 -23.73
C LEU B 322 28.95 32.52 -23.16
N ALA B 323 28.47 33.43 -24.01
CA ALA B 323 28.15 34.78 -23.56
C ALA B 323 27.06 34.76 -22.51
N ALA B 324 25.92 34.14 -22.82
CA ALA B 324 24.80 34.05 -21.91
C ALA B 324 25.00 32.96 -20.85
N ALA B 325 26.19 32.37 -20.75
CA ALA B 325 26.41 31.27 -19.83
C ALA B 325 26.08 31.68 -18.40
N ALA B 326 26.55 32.85 -17.98
CA ALA B 326 26.36 33.27 -16.59
C ALA B 326 24.88 33.50 -16.28
N SER B 327 24.15 34.15 -17.18
CA SER B 327 22.76 34.47 -16.92
C SER B 327 21.87 33.23 -16.96
N ILE B 328 22.32 32.16 -17.60
CA ILE B 328 21.54 30.92 -17.64
C ILE B 328 21.79 30.06 -16.41
N SER B 329 23.00 30.13 -15.83
CA SER B 329 23.26 29.42 -14.59
C SER B 329 22.49 30.03 -13.43
N GLU B 330 22.27 31.35 -13.46
CA GLU B 330 21.44 31.99 -12.46
C GLU B 330 19.99 31.56 -12.61
N HIS B 331 19.42 31.79 -13.79
CA HIS B 331 18.04 31.41 -14.11
C HIS B 331 18.04 30.64 -15.42
N PRO B 332 17.89 29.31 -15.39
CA PRO B 332 17.88 28.55 -16.65
C PRO B 332 16.74 28.91 -17.57
N GLN B 333 15.63 29.45 -17.04
CA GLN B 333 14.51 29.82 -17.91
C GLN B 333 14.96 30.75 -19.03
N LYS B 334 16.02 31.53 -18.80
CA LYS B 334 16.51 32.48 -19.80
C LYS B 334 17.10 31.80 -21.03
N ALA B 335 17.24 30.47 -21.02
CA ALA B 335 17.81 29.79 -22.18
C ALA B 335 16.88 29.84 -23.38
N THR B 336 15.57 29.96 -23.15
CA THR B 336 14.62 30.01 -24.25
C THR B 336 14.69 31.33 -25.01
N THR B 337 15.17 32.40 -24.38
CA THR B 337 15.21 33.73 -24.97
C THR B 337 16.62 34.20 -25.28
N GLU B 338 17.60 33.87 -24.45
CA GLU B 338 18.96 34.32 -24.65
C GLU B 338 19.70 33.55 -25.73
N LEU B 339 19.14 32.46 -26.25
CA LEU B 339 19.80 31.60 -27.24
C LEU B 339 18.94 31.53 -28.49
N PRO B 340 18.90 32.61 -29.28
CA PRO B 340 18.10 32.59 -30.52
C PRO B 340 18.74 31.82 -31.66
N LEU B 341 20.07 31.86 -31.78
CA LEU B 341 20.73 31.12 -32.85
C LEU B 341 20.57 29.61 -32.63
N LEU B 342 20.73 29.16 -31.39
CA LEU B 342 20.58 27.72 -31.11
C LEU B 342 19.15 27.27 -31.36
N ARG B 343 18.16 28.08 -30.95
CA ARG B 343 16.77 27.77 -31.30
C ARG B 343 16.58 27.72 -32.81
N ALA B 344 17.32 28.55 -33.55
CA ALA B 344 17.25 28.50 -35.01
C ALA B 344 17.92 27.23 -35.54
N ALA B 345 19.08 26.88 -34.98
CA ALA B 345 19.70 25.61 -35.32
C ALA B 345 18.71 24.46 -35.21
N LEU B 346 17.85 24.50 -34.19
CA LEU B 346 16.84 23.45 -34.03
C LEU B 346 15.77 23.53 -35.11
N LYS B 347 15.35 24.75 -35.46
CA LYS B 347 14.42 24.89 -36.58
C LYS B 347 15.01 24.30 -37.85
N GLU B 348 16.34 24.41 -38.01
CA GLU B 348 17.00 23.93 -39.22
C GLU B 348 17.13 22.42 -39.24
N THR B 349 17.44 21.81 -38.10
CA THR B 349 17.53 20.36 -38.03
C THR B 349 16.19 19.71 -38.35
N LEU B 350 15.11 20.24 -37.77
CA LEU B 350 13.79 19.70 -38.03
C LEU B 350 13.32 19.98 -39.46
N ARG B 351 13.86 21.00 -40.10
CA ARG B 351 13.57 21.23 -41.52
C ARG B 351 14.11 20.07 -42.35
N LEU B 352 15.38 19.72 -42.16
CA LEU B 352 16.01 18.70 -42.98
C LEU B 352 15.68 17.29 -42.51
N TYR B 353 15.41 17.10 -41.22
CA TYR B 353 15.29 15.78 -40.62
C TYR B 353 14.06 15.72 -39.73
N PRO B 354 12.87 15.94 -40.30
CA PRO B 354 11.65 16.00 -39.47
C PRO B 354 11.20 14.66 -38.93
N VAL B 355 11.40 14.41 -37.63
CA VAL B 355 11.02 13.13 -37.04
C VAL B 355 9.54 12.85 -37.30
N GLY B 356 8.70 13.88 -37.27
CA GLY B 356 7.34 13.74 -37.74
C GLY B 356 7.30 13.98 -39.23
N LEU B 357 7.02 12.94 -40.03
CA LEU B 357 7.15 13.08 -41.47
C LEU B 357 6.03 13.92 -42.06
N PHE B 358 4.80 13.72 -41.60
CA PHE B 358 3.68 14.41 -42.22
C PHE B 358 2.60 14.74 -41.19
N LEU B 359 1.76 15.71 -41.55
CA LEU B 359 0.65 16.17 -40.76
C LEU B 359 -0.64 15.72 -41.42
N GLU B 360 -1.55 15.13 -40.65
CA GLU B 360 -2.80 14.59 -41.15
C GLU B 360 -3.96 15.48 -40.75
N ARG B 361 -4.93 15.64 -41.66
CA ARG B 361 -6.18 16.29 -41.32
C ARG B 361 -7.28 15.73 -42.22
N VAL B 362 -8.29 15.12 -41.61
CA VAL B 362 -9.51 14.73 -42.32
C VAL B 362 -10.41 15.96 -42.29
N VAL B 363 -10.32 16.76 -43.35
CA VAL B 363 -11.02 18.04 -43.39
C VAL B 363 -12.52 17.83 -43.21
N SER B 364 -13.11 18.62 -42.32
CA SER B 364 -14.54 18.57 -42.03
C SER B 364 -15.38 19.39 -42.99
N SER B 365 -14.76 20.19 -43.86
CA SER B 365 -15.45 21.11 -44.73
C SER B 365 -14.74 21.14 -46.08
N ASP B 366 -15.50 21.50 -47.11
CA ASP B 366 -14.89 21.73 -48.42
C ASP B 366 -13.86 22.85 -48.32
N LEU B 367 -12.84 22.78 -49.19
CA LEU B 367 -11.81 23.80 -49.24
C LEU B 367 -11.15 23.71 -50.61
N VAL B 368 -10.16 24.57 -50.84
CA VAL B 368 -9.46 24.65 -52.11
C VAL B 368 -7.96 24.70 -51.85
N LEU B 369 -7.22 23.78 -52.46
CA LEU B 369 -5.77 23.74 -52.40
C LEU B 369 -5.21 23.67 -53.81
N GLN B 370 -4.32 24.60 -54.15
CA GLN B 370 -3.75 24.67 -55.50
C GLN B 370 -4.84 24.76 -56.57
N ASN B 371 -5.84 25.60 -56.31
CA ASN B 371 -6.94 25.84 -57.25
C ASN B 371 -7.69 24.56 -57.60
N TYR B 372 -7.70 23.60 -56.69
CA TYR B 372 -8.48 22.38 -56.82
C TYR B 372 -9.51 22.32 -55.71
N HIS B 373 -10.68 21.76 -56.02
CA HIS B 373 -11.73 21.59 -55.02
C HIS B 373 -11.45 20.35 -54.17
N ILE B 374 -11.49 20.51 -52.85
CA ILE B 374 -11.23 19.43 -51.91
C ILE B 374 -12.54 19.16 -51.15
N PRO B 375 -13.20 18.04 -51.38
CA PRO B 375 -14.43 17.74 -50.63
C PRO B 375 -14.15 17.57 -49.16
N ALA B 376 -15.21 17.66 -48.36
CA ALA B 376 -15.11 17.34 -46.95
C ALA B 376 -14.91 15.83 -46.77
N GLY B 377 -14.26 15.47 -45.66
CA GLY B 377 -13.96 14.08 -45.39
C GLY B 377 -12.74 13.54 -46.09
N THR B 378 -11.95 14.41 -46.72
CA THR B 378 -10.76 14.00 -47.47
C THR B 378 -9.53 14.05 -46.58
N LEU B 379 -8.73 12.98 -46.62
CA LEU B 379 -7.46 12.98 -45.91
C LEU B 379 -6.46 13.88 -46.64
N VAL B 380 -5.86 14.81 -45.90
CA VAL B 380 -4.87 15.73 -46.45
C VAL B 380 -3.59 15.57 -45.65
N GLN B 381 -2.50 15.20 -46.33
CA GLN B 381 -1.21 14.93 -45.72
C GLN B 381 -0.20 15.97 -46.17
N VAL B 382 0.38 16.71 -45.21
CA VAL B 382 1.43 17.67 -45.49
C VAL B 382 2.76 16.96 -45.32
N PHE B 383 3.43 16.67 -46.43
CA PHE B 383 4.68 15.93 -46.44
C PHE B 383 5.82 16.92 -46.17
N LEU B 384 6.36 16.89 -44.94
CA LEU B 384 7.29 17.92 -44.50
C LEU B 384 8.68 17.76 -45.09
N TYR B 385 9.12 16.54 -45.38
CA TYR B 385 10.45 16.33 -45.94
C TYR B 385 10.64 17.17 -47.19
N SER B 386 9.63 17.23 -48.04
CA SER B 386 9.73 18.02 -49.26
C SER B 386 9.46 19.49 -49.00
N LEU B 387 8.53 19.80 -48.09
CA LEU B 387 8.25 21.18 -47.75
C LEU B 387 9.52 21.93 -47.37
N GLY B 388 10.38 21.29 -46.56
CA GLY B 388 11.62 21.89 -46.12
C GLY B 388 12.75 21.86 -47.11
N ARG B 389 12.56 21.22 -48.27
CA ARG B 389 13.59 21.13 -49.29
C ARG B 389 13.23 21.88 -50.57
N ASN B 390 12.16 22.68 -50.53
CA ASN B 390 11.75 23.49 -51.67
C ASN B 390 12.67 24.70 -51.78
N ALA B 391 13.42 24.78 -52.88
CA ALA B 391 14.36 25.88 -53.06
C ALA B 391 13.65 27.21 -53.19
N ALA B 392 12.39 27.20 -53.66
CA ALA B 392 11.65 28.45 -53.79
C ALA B 392 11.54 29.16 -52.45
N LEU B 393 11.09 28.44 -51.42
CA LEU B 393 10.85 29.04 -50.12
C LEU B 393 12.10 29.08 -49.24
N PHE B 394 13.06 28.18 -49.47
CA PHE B 394 14.30 28.11 -48.70
C PHE B 394 15.47 28.15 -49.67
N PRO B 395 16.02 29.33 -49.94
CA PRO B 395 17.18 29.41 -50.83
C PRO B 395 18.32 28.54 -50.33
N ARG B 396 18.89 27.76 -51.24
CA ARG B 396 19.97 26.84 -50.90
C ARG B 396 19.48 25.88 -49.80
N PRO B 397 18.46 25.07 -50.11
CA PRO B 397 17.93 24.16 -49.07
C PRO B 397 18.88 23.05 -48.68
N GLU B 398 19.87 22.74 -49.52
CA GLU B 398 20.87 21.74 -49.16
C GLU B 398 21.67 22.14 -47.92
N ARG B 399 21.71 23.43 -47.59
CA ARG B 399 22.68 23.99 -46.66
C ARG B 399 22.10 24.09 -45.25
N TYR B 400 22.91 23.79 -44.25
CA TYR B 400 22.56 23.95 -42.85
C TYR B 400 22.87 25.39 -42.48
N ASN B 401 21.85 26.25 -42.49
CA ASN B 401 22.01 27.69 -42.30
C ASN B 401 21.03 28.15 -41.23
N PRO B 402 21.42 28.11 -39.95
CA PRO B 402 20.47 28.52 -38.90
C PRO B 402 20.01 29.96 -39.00
N GLN B 403 20.82 30.84 -39.62
CA GLN B 403 20.49 32.26 -39.61
C GLN B 403 19.31 32.59 -40.50
N ARG B 404 18.94 31.73 -41.44
CA ARG B 404 17.81 32.02 -42.30
C ARG B 404 16.52 32.24 -41.52
N TRP B 405 16.47 31.78 -40.28
CA TRP B 405 15.27 31.92 -39.47
C TRP B 405 15.20 33.23 -38.73
N LEU B 406 16.20 34.10 -38.89
CA LEU B 406 16.24 35.34 -38.14
C LEU B 406 15.94 36.56 -39.00
N ASP B 407 15.16 36.36 -40.07
CA ASP B 407 14.71 37.45 -40.94
C ASP B 407 13.22 37.73 -40.74
N ARG B 413 6.71 34.12 -43.83
CA ARG B 413 7.52 33.15 -43.12
C ARG B 413 6.85 32.76 -41.78
N ASN B 414 5.57 32.41 -41.82
CA ASN B 414 4.86 32.01 -40.62
C ASN B 414 4.63 30.51 -40.56
N PHE B 415 4.25 29.88 -41.67
CA PHE B 415 4.02 28.45 -41.74
C PHE B 415 5.19 27.71 -42.36
N HIS B 416 6.39 28.30 -42.32
CA HIS B 416 7.58 27.63 -42.82
C HIS B 416 8.15 26.63 -41.82
N HIS B 417 7.90 26.86 -40.52
CA HIS B 417 8.39 26.00 -39.44
C HIS B 417 7.17 25.40 -38.76
N VAL B 418 6.74 24.25 -39.26
CA VAL B 418 5.60 23.54 -38.67
C VAL B 418 5.96 22.08 -38.39
N PRO B 419 7.13 21.79 -37.81
CA PRO B 419 7.45 20.39 -37.51
C PRO B 419 6.62 19.81 -36.38
N PHE B 420 6.01 20.65 -35.54
CA PHE B 420 5.23 20.20 -34.40
C PHE B 420 3.73 20.24 -34.65
N GLY B 421 3.30 20.56 -35.86
CA GLY B 421 1.90 20.69 -36.17
C GLY B 421 1.44 22.14 -36.20
N PHE B 422 0.13 22.31 -36.03
CA PHE B 422 -0.46 23.65 -36.07
C PHE B 422 -1.79 23.64 -35.36
N GLY B 423 -2.18 24.83 -34.88
CA GLY B 423 -3.50 24.96 -34.29
C GLY B 423 -3.61 24.34 -32.91
N MET B 424 -4.85 24.13 -32.49
CA MET B 424 -5.11 23.50 -31.20
C MET B 424 -4.46 22.12 -31.11
N ARG B 425 -4.38 21.42 -32.24
CA ARG B 425 -3.83 20.08 -32.27
C ARG B 425 -2.30 20.07 -32.25
N GLN B 426 -1.66 21.23 -32.28
CA GLN B 426 -0.19 21.27 -32.27
C GLN B 426 0.36 20.41 -31.15
N CYS B 427 1.58 19.93 -31.34
CA CYS B 427 2.24 19.06 -30.38
C CYS B 427 2.01 19.53 -28.95
N LEU B 428 1.84 18.56 -28.05
CA LEU B 428 1.64 18.85 -26.64
C LEU B 428 2.95 18.92 -25.88
N GLY B 429 3.96 18.16 -26.32
CA GLY B 429 5.27 18.21 -25.70
C GLY B 429 6.24 19.06 -26.47
N ARG B 430 5.71 20.01 -27.25
CA ARG B 430 6.56 20.89 -28.05
C ARG B 430 7.61 21.56 -27.17
N ARG B 431 7.18 22.21 -26.09
CA ARG B 431 8.11 23.00 -25.30
C ARG B 431 8.95 22.14 -24.35
N LEU B 432 8.49 20.93 -24.00
CA LEU B 432 9.36 20.03 -23.27
C LEU B 432 10.45 19.47 -24.16
N ALA B 433 10.16 19.26 -25.44
CA ALA B 433 11.19 18.80 -26.37
C ALA B 433 12.19 19.90 -26.68
N GLU B 434 11.71 21.12 -26.92
CA GLU B 434 12.62 22.24 -27.15
C GLU B 434 13.51 22.47 -25.94
N ALA B 435 12.98 22.24 -24.73
CA ALA B 435 13.78 22.47 -23.53
C ALA B 435 14.88 21.43 -23.38
N GLU B 436 14.57 20.17 -23.67
CA GLU B 436 15.58 19.12 -23.55
C GLU B 436 16.64 19.26 -24.63
N MET B 437 16.22 19.56 -25.86
CA MET B 437 17.19 19.70 -26.95
C MET B 437 18.06 20.93 -26.76
N LEU B 438 17.47 22.05 -26.36
CA LEU B 438 18.22 23.29 -26.24
C LEU B 438 19.19 23.24 -25.08
N LEU B 439 18.71 22.83 -23.89
CA LEU B 439 19.56 22.86 -22.71
C LEU B 439 20.75 21.91 -22.83
N LEU B 440 20.58 20.77 -23.50
CA LEU B 440 21.71 19.86 -23.70
C LEU B 440 22.75 20.50 -24.61
N LEU B 441 22.34 20.92 -25.81
CA LEU B 441 23.28 21.53 -26.75
C LEU B 441 23.96 22.75 -26.16
N HIS B 442 23.29 23.45 -25.23
CA HIS B 442 23.91 24.61 -24.61
C HIS B 442 25.14 24.21 -23.79
N HIS B 443 24.96 23.22 -22.90
CA HIS B 443 26.04 22.83 -22.00
C HIS B 443 27.13 22.04 -22.69
N VAL B 444 26.83 21.40 -23.83
CA VAL B 444 27.87 20.72 -24.59
C VAL B 444 28.73 21.73 -25.34
N LEU B 445 28.10 22.77 -25.90
CA LEU B 445 28.83 23.73 -26.70
C LEU B 445 29.83 24.51 -25.85
N LYS B 446 29.47 24.84 -24.61
CA LYS B 446 30.35 25.64 -23.77
C LYS B 446 31.45 24.82 -23.11
N HIS B 447 31.55 23.53 -23.43
CA HIS B 447 32.58 22.68 -22.84
C HIS B 447 33.31 21.79 -23.84
N PHE B 448 32.74 21.53 -25.02
CA PHE B 448 33.33 20.57 -25.94
C PHE B 448 33.32 21.12 -27.36
N LEU B 449 34.19 20.55 -28.17
CA LEU B 449 34.18 20.75 -29.62
C LEU B 449 33.72 19.44 -30.26
N VAL B 450 32.68 19.50 -31.06
CA VAL B 450 32.15 18.33 -31.74
C VAL B 450 32.75 18.31 -33.14
N GLU B 451 33.50 17.25 -33.43
CA GLU B 451 34.18 17.08 -34.71
C GLU B 451 33.79 15.75 -35.31
N THR B 452 34.08 15.57 -36.59
CA THR B 452 33.83 14.28 -37.22
C THR B 452 34.49 14.24 -38.59
N LEU B 453 34.91 13.04 -38.99
CA LEU B 453 35.34 12.80 -40.36
C LEU B 453 34.19 12.40 -41.26
N THR B 454 33.20 11.70 -40.73
CA THR B 454 32.02 11.33 -41.50
C THR B 454 31.31 12.59 -41.98
N GLN B 455 31.48 12.92 -43.26
CA GLN B 455 30.87 14.10 -43.84
C GLN B 455 29.88 13.79 -44.95
N GLU B 456 29.75 12.52 -45.34
CA GLU B 456 28.71 12.12 -46.27
C GLU B 456 27.35 12.19 -45.58
N ASP B 457 26.35 12.68 -46.30
CA ASP B 457 25.01 12.75 -45.75
C ASP B 457 24.60 11.40 -45.17
N ILE B 458 23.82 11.44 -44.09
CA ILE B 458 23.28 10.24 -43.46
C ILE B 458 21.98 9.87 -44.14
N LYS B 459 21.81 8.60 -44.46
CA LYS B 459 20.55 8.14 -45.02
C LYS B 459 19.49 8.08 -43.92
N MET B 460 18.33 8.67 -44.19
CA MET B 460 17.23 8.61 -43.26
C MET B 460 16.35 7.39 -43.56
N VAL B 461 15.59 6.99 -42.54
CA VAL B 461 14.73 5.81 -42.63
C VAL B 461 13.38 6.16 -42.01
N TYR B 462 12.32 5.58 -42.58
CA TYR B 462 10.96 5.78 -42.08
C TYR B 462 10.52 4.55 -41.33
N SER B 463 10.38 4.67 -40.01
CA SER B 463 9.70 3.68 -39.18
C SER B 463 8.66 4.41 -38.33
N PHE B 464 7.64 4.95 -39.01
CA PHE B 464 6.61 5.80 -38.42
C PHE B 464 7.14 7.20 -38.15
N ILE B 465 8.38 7.30 -37.67
CA ILE B 465 9.09 8.56 -37.57
C ILE B 465 10.29 8.51 -38.51
N LEU B 466 10.73 9.68 -38.95
CA LEU B 466 11.90 9.78 -39.83
C LEU B 466 13.13 9.85 -38.94
N ARG B 467 13.97 8.82 -39.01
CA ARG B 467 15.15 8.72 -38.17
C ARG B 467 16.37 8.32 -38.99
N PRO B 468 17.56 8.67 -38.54
CA PRO B 468 18.77 8.29 -39.28
C PRO B 468 19.02 6.79 -39.17
N GLY B 469 19.31 6.17 -40.31
CA GLY B 469 19.60 4.75 -40.33
C GLY B 469 20.97 4.37 -39.82
N THR B 470 21.86 5.35 -39.66
CA THR B 470 23.21 5.09 -39.17
C THR B 470 23.60 6.23 -38.24
N SER B 471 24.41 5.90 -37.23
CA SER B 471 24.85 6.90 -36.27
C SER B 471 26.32 7.22 -36.48
N PRO B 472 26.69 8.48 -36.60
CA PRO B 472 28.09 8.82 -36.89
C PRO B 472 28.97 8.79 -35.65
N LEU B 473 30.27 8.72 -35.90
CA LEU B 473 31.28 8.72 -34.84
C LEU B 473 31.66 10.16 -34.54
N LEU B 474 31.29 10.63 -33.35
CA LEU B 474 31.49 12.03 -32.97
C LEU B 474 32.60 12.11 -31.93
N THR B 475 33.53 13.04 -32.14
CA THR B 475 34.59 13.34 -31.19
C THR B 475 34.19 14.57 -30.39
N PHE B 476 34.44 14.50 -29.08
CA PHE B 476 34.15 15.60 -28.16
C PHE B 476 35.46 16.02 -27.51
N ARG B 477 36.02 17.12 -27.99
CA ARG B 477 37.29 17.66 -27.49
C ARG B 477 36.98 18.74 -26.46
N ALA B 478 37.54 18.60 -25.27
CA ALA B 478 37.24 19.53 -24.19
C ALA B 478 38.03 20.82 -24.35
N ILE B 479 37.58 21.86 -23.66
CA ILE B 479 38.19 23.18 -23.74
C ILE B 479 38.91 23.50 -22.43
N THR C 11 -8.33 -40.87 32.80
CA THR C 11 -9.36 -40.94 31.77
C THR C 11 -8.76 -40.68 30.39
N VAL C 12 -7.75 -41.48 30.03
CA VAL C 12 -7.00 -41.29 28.79
C VAL C 12 -7.70 -42.05 27.67
N LEU C 13 -7.87 -41.40 26.53
CA LEU C 13 -8.48 -42.01 25.36
C LEU C 13 -7.42 -42.71 24.51
N PRO C 14 -7.83 -43.66 23.67
CA PRO C 14 -6.87 -44.38 22.84
C PRO C 14 -6.49 -43.59 21.59
N PHE C 15 -5.43 -44.05 20.95
CA PHE C 15 -4.95 -43.37 19.74
C PHE C 15 -5.97 -43.46 18.61
N GLU C 16 -6.57 -44.64 18.42
CA GLU C 16 -7.45 -44.85 17.27
C GLU C 16 -8.71 -44.00 17.33
N ALA C 17 -9.12 -43.55 18.51
CA ALA C 17 -10.29 -42.71 18.67
C ALA C 17 -10.01 -41.25 18.38
N MET C 18 -8.93 -40.95 17.66
CA MET C 18 -8.63 -39.59 17.26
C MET C 18 -9.47 -39.20 16.05
N PRO C 19 -9.84 -37.92 15.94
CA PRO C 19 -10.41 -37.44 14.68
C PRO C 19 -9.41 -37.66 13.54
N GLN C 20 -9.93 -37.94 12.35
CA GLN C 20 -9.12 -38.32 11.21
C GLN C 20 -9.27 -37.30 10.08
N HIS C 21 -8.15 -36.91 9.50
CA HIS C 21 -8.18 -36.02 8.35
C HIS C 21 -8.82 -36.75 7.18
N PRO C 22 -9.87 -36.19 6.55
CA PRO C 22 -10.56 -36.93 5.49
C PRO C 22 -9.69 -37.22 4.28
N GLY C 23 -8.64 -36.44 4.06
CA GLY C 23 -7.85 -36.59 2.86
C GLY C 23 -7.22 -37.96 2.75
N ASN C 24 -7.11 -38.43 1.50
CA ASN C 24 -6.45 -39.69 1.19
C ASN C 24 -4.98 -39.40 0.87
N ARG C 25 -4.08 -40.11 1.55
CA ARG C 25 -2.65 -39.87 1.35
C ARG C 25 -2.27 -39.85 -0.12
N TRP C 26 -2.80 -40.78 -0.91
CA TRP C 26 -2.31 -40.99 -2.27
C TRP C 26 -2.85 -39.95 -3.25
N LEU C 27 -4.11 -39.52 -3.09
CA LEU C 27 -4.63 -38.49 -3.98
C LEU C 27 -3.89 -37.17 -3.78
N ARG C 28 -3.34 -36.93 -2.59
CA ARG C 28 -2.58 -35.71 -2.35
C ARG C 28 -1.15 -35.81 -2.88
N LEU C 29 -0.60 -37.03 -2.98
CA LEU C 29 0.68 -37.18 -3.67
C LEU C 29 0.51 -36.90 -5.17
N LEU C 30 -0.61 -37.34 -5.74
CA LEU C 30 -0.87 -37.05 -7.14
C LEU C 30 -1.29 -35.60 -7.34
N GLN C 31 -2.02 -35.03 -6.37
CA GLN C 31 -2.31 -33.61 -6.41
C GLN C 31 -1.03 -32.80 -6.51
N ILE C 32 0.02 -33.25 -5.85
CA ILE C 32 1.30 -32.54 -5.88
C ILE C 32 2.02 -32.81 -7.19
N TRP C 33 1.92 -34.03 -7.72
CA TRP C 33 2.54 -34.31 -9.01
C TRP C 33 1.97 -33.41 -10.11
N ARG C 34 0.66 -33.14 -10.04
CA ARG C 34 0.01 -32.30 -11.05
C ARG C 34 0.39 -30.84 -10.87
N GLU C 35 0.08 -30.27 -9.71
CA GLU C 35 0.27 -28.84 -9.46
C GLU C 35 1.74 -28.46 -9.28
N GLN C 36 2.64 -29.44 -9.19
CA GLN C 36 4.05 -29.17 -8.90
C GLN C 36 4.22 -28.36 -7.62
N GLY C 37 3.32 -28.57 -6.66
CA GLY C 37 3.40 -27.85 -5.41
C GLY C 37 2.18 -28.12 -4.55
N TYR C 38 2.24 -27.58 -3.34
CA TYR C 38 1.21 -27.71 -2.32
C TYR C 38 0.97 -26.35 -1.67
N GLU C 39 0.91 -25.31 -2.50
CA GLU C 39 0.97 -23.94 -1.99
C GLU C 39 -0.11 -23.62 -0.97
N HIS C 40 -1.22 -24.36 -0.96
CA HIS C 40 -2.34 -24.08 -0.07
C HIS C 40 -2.34 -24.98 1.16
N LEU C 41 -1.20 -25.58 1.50
CA LEU C 41 -1.16 -26.55 2.59
C LEU C 41 -1.58 -25.91 3.91
N HIS C 42 -1.10 -24.70 4.19
CA HIS C 42 -1.43 -24.07 5.46
C HIS C 42 -2.92 -23.85 5.60
N LEU C 43 -3.60 -23.52 4.50
CA LEU C 43 -5.04 -23.27 4.55
C LEU C 43 -5.80 -24.57 4.75
N GLU C 44 -5.45 -25.61 3.99
CA GLU C 44 -6.11 -26.90 4.17
C GLU C 44 -5.97 -27.39 5.60
N MET C 45 -4.87 -27.09 6.26
CA MET C 45 -4.68 -27.53 7.64
C MET C 45 -5.44 -26.62 8.60
N HIS C 46 -5.34 -25.31 8.42
CA HIS C 46 -6.10 -24.38 9.25
C HIS C 46 -7.59 -24.72 9.22
N GLN C 47 -8.11 -25.05 8.05
CA GLN C 47 -9.51 -25.47 7.94
C GLN C 47 -9.74 -26.76 8.73
N THR C 48 -8.94 -27.79 8.46
CA THR C 48 -9.13 -29.06 9.14
C THR C 48 -9.18 -28.87 10.65
N PHE C 49 -8.28 -28.05 11.19
CA PHE C 49 -8.31 -27.79 12.63
C PHE C 49 -9.64 -27.18 13.06
N GLN C 50 -10.25 -26.36 12.21
CA GLN C 50 -11.53 -25.76 12.56
C GLN C 50 -12.65 -26.79 12.56
N GLU C 51 -12.56 -27.81 11.73
CA GLU C 51 -13.62 -28.81 11.66
C GLU C 51 -13.48 -29.88 12.74
N LEU C 52 -12.25 -30.29 13.05
CA LEU C 52 -12.00 -31.47 13.86
C LEU C 52 -11.46 -31.19 15.25
N GLY C 53 -11.05 -29.96 15.55
CA GLY C 53 -10.55 -29.62 16.87
C GLY C 53 -9.06 -29.32 16.86
N PRO C 54 -8.48 -29.24 18.07
CA PRO C 54 -7.05 -28.88 18.17
C PRO C 54 -6.10 -30.06 18.04
N ILE C 55 -6.58 -31.17 17.49
CA ILE C 55 -5.76 -32.36 17.32
C ILE C 55 -6.46 -33.27 16.33
N PHE C 56 -5.67 -33.95 15.48
CA PHE C 56 -6.23 -34.96 14.60
C PHE C 56 -5.13 -35.87 14.10
N ARG C 57 -5.56 -37.00 13.55
CA ARG C 57 -4.68 -37.99 12.95
C ARG C 57 -4.54 -37.71 11.46
N TYR C 58 -3.35 -38.01 10.93
CA TYR C 58 -3.16 -38.12 9.50
C TYR C 58 -2.67 -39.52 9.19
N ASN C 59 -3.34 -40.21 8.27
CA ASN C 59 -3.01 -41.59 7.97
C ASN C 59 -1.97 -41.64 6.87
N LEU C 60 -0.83 -42.26 7.19
CA LEU C 60 0.30 -42.38 6.29
C LEU C 60 0.44 -43.80 5.77
N GLY C 61 -0.68 -44.49 5.62
CA GLY C 61 -0.64 -45.93 5.41
C GLY C 61 -0.52 -46.63 6.74
N GLY C 62 0.69 -46.69 7.28
CA GLY C 62 0.92 -47.31 8.56
C GLY C 62 1.37 -46.33 9.63
N PRO C 63 2.51 -45.66 9.41
CA PRO C 63 3.06 -44.78 10.45
C PRO C 63 2.06 -43.75 10.95
N ARG C 64 2.23 -43.38 12.22
CA ARG C 64 1.33 -42.46 12.89
C ARG C 64 1.79 -41.02 12.70
N MET C 65 0.87 -40.15 12.30
CA MET C 65 1.12 -38.72 12.27
C MET C 65 0.00 -38.01 13.01
N VAL C 66 0.38 -37.04 13.83
CA VAL C 66 -0.57 -36.26 14.63
C VAL C 66 -0.23 -34.79 14.46
N CYS C 67 -1.26 -33.95 14.40
CA CYS C 67 -1.11 -32.52 14.18
C CYS C 67 -1.82 -31.79 15.31
N VAL C 68 -1.10 -30.88 15.96
CA VAL C 68 -1.60 -30.13 17.11
C VAL C 68 -1.43 -28.65 16.84
N MET C 69 -1.98 -27.82 17.75
CA MET C 69 -1.92 -26.38 17.55
C MET C 69 -1.91 -25.57 18.84
N LEU C 70 -1.75 -26.20 20.02
CA LEU C 70 -1.87 -25.48 21.27
C LEU C 70 -0.55 -25.47 22.04
N PRO C 71 -0.20 -24.35 22.67
CA PRO C 71 1.00 -24.37 23.53
C PRO C 71 0.95 -25.47 24.58
N GLU C 72 -0.24 -25.74 25.10
CA GLU C 72 -0.51 -26.92 25.92
C GLU C 72 0.31 -28.10 25.46
N ASP C 73 0.37 -28.31 24.14
CA ASP C 73 0.98 -29.50 23.56
C ASP C 73 2.45 -29.34 23.24
N VAL C 74 2.90 -28.12 22.88
CA VAL C 74 4.33 -27.90 22.71
C VAL C 74 5.06 -28.16 24.02
N GLU C 75 4.47 -27.72 25.13
CA GLU C 75 5.09 -27.94 26.44
C GLU C 75 5.28 -29.43 26.71
N LYS C 76 4.25 -30.23 26.42
CA LYS C 76 4.36 -31.68 26.62
C LYS C 76 5.36 -32.30 25.67
N LEU C 77 5.53 -31.71 24.48
CA LEU C 77 6.46 -32.25 23.51
C LEU C 77 7.90 -32.00 23.93
N GLN C 78 8.16 -30.92 24.67
CA GLN C 78 9.50 -30.67 25.19
C GLN C 78 9.81 -31.55 26.39
N GLN C 79 8.80 -31.85 27.21
CA GLN C 79 9.01 -32.79 28.31
C GLN C 79 9.48 -34.14 27.81
N VAL C 80 9.05 -34.54 26.60
CA VAL C 80 9.42 -35.84 26.05
C VAL C 80 10.68 -35.77 25.19
N ASP C 81 11.19 -34.58 24.88
CA ASP C 81 12.47 -34.47 24.21
C ASP C 81 13.52 -35.25 24.97
N SER C 82 14.07 -36.28 24.34
CA SER C 82 15.13 -37.05 24.96
C SER C 82 16.41 -36.20 25.01
N LEU C 83 17.52 -36.83 25.35
CA LEU C 83 18.82 -36.19 25.19
C LEU C 83 19.14 -35.95 23.71
N HIS C 84 18.50 -36.71 22.82
CA HIS C 84 18.65 -36.56 21.37
C HIS C 84 17.26 -36.39 20.77
N PRO C 85 16.73 -35.17 20.76
CA PRO C 85 15.49 -34.92 20.02
C PRO C 85 15.66 -35.33 18.57
N CYS C 86 14.56 -35.77 17.96
CA CYS C 86 14.61 -36.42 16.66
C CYS C 86 13.54 -35.83 15.75
N ARG C 87 13.96 -35.09 14.73
CA ARG C 87 13.07 -34.67 13.66
C ARG C 87 13.12 -35.70 12.54
N MET C 88 12.18 -35.57 11.60
CA MET C 88 12.11 -36.51 10.49
C MET C 88 13.24 -36.25 9.51
N ILE C 89 13.81 -37.34 8.99
CA ILE C 89 14.85 -37.22 7.96
C ILE C 89 14.25 -36.62 6.70
N LEU C 90 14.86 -35.56 6.21
CA LEU C 90 14.40 -34.87 4.99
C LEU C 90 15.16 -35.48 3.83
N GLU C 91 14.61 -36.56 3.27
CA GLU C 91 15.38 -37.38 2.33
C GLU C 91 15.91 -36.60 1.13
N PRO C 92 15.14 -35.71 0.50
CA PRO C 92 15.70 -34.98 -0.65
C PRO C 92 16.99 -34.24 -0.34
N TRP C 93 17.08 -33.60 0.84
CA TRP C 93 18.31 -32.90 1.21
C TRP C 93 19.41 -33.88 1.57
N VAL C 94 19.07 -34.92 2.36
CA VAL C 94 20.08 -35.89 2.77
C VAL C 94 20.61 -36.65 1.56
N ALA C 95 19.75 -36.91 0.58
CA ALA C 95 20.18 -37.65 -0.59
C ALA C 95 21.28 -36.91 -1.35
N TYR C 96 21.24 -35.58 -1.35
CA TYR C 96 22.32 -34.83 -1.99
C TYR C 96 23.60 -34.87 -1.16
N ARG C 97 23.48 -34.88 0.16
CA ARG C 97 24.66 -34.92 1.02
C ARG C 97 25.44 -36.21 0.78
N GLN C 98 24.73 -37.33 0.66
CA GLN C 98 25.40 -38.62 0.47
C GLN C 98 25.69 -38.92 -0.99
N HIS C 99 25.02 -38.24 -1.92
CA HIS C 99 25.37 -38.37 -3.33
C HIS C 99 26.75 -37.81 -3.61
N ARG C 100 27.12 -36.71 -2.95
CA ARG C 100 28.39 -36.03 -3.17
C ARG C 100 29.42 -36.35 -2.10
N GLY C 101 29.09 -37.22 -1.15
CA GLY C 101 30.04 -37.58 -0.10
C GLY C 101 30.34 -36.45 0.87
N HIS C 102 29.29 -35.82 1.39
CA HIS C 102 29.40 -34.72 2.34
C HIS C 102 28.77 -35.12 3.67
N LYS C 103 29.23 -34.49 4.73
CA LYS C 103 28.63 -34.68 6.04
C LYS C 103 27.44 -33.76 6.20
N CYS C 104 26.42 -34.25 6.92
CA CYS C 104 25.22 -33.47 7.15
C CYS C 104 25.41 -32.55 8.34
N GLY C 105 24.81 -31.36 8.27
CA GLY C 105 24.86 -30.42 9.36
C GLY C 105 23.77 -30.67 10.38
N VAL C 106 23.75 -29.82 11.40
CA VAL C 106 22.81 -29.99 12.51
C VAL C 106 21.37 -30.07 12.03
N PHE C 107 21.04 -29.37 10.95
CA PHE C 107 19.66 -29.32 10.49
C PHE C 107 19.17 -30.68 9.97
N LEU C 108 20.10 -31.55 9.59
CA LEU C 108 19.74 -32.83 8.98
C LEU C 108 20.20 -34.03 9.80
N LEU C 109 20.86 -33.83 10.93
CA LEU C 109 21.36 -34.93 11.73
C LEU C 109 20.35 -35.33 12.81
N ASN C 110 20.64 -36.45 13.47
CA ASN C 110 19.84 -36.91 14.59
C ASN C 110 20.73 -37.74 15.51
N GLY C 111 20.23 -38.00 16.71
CA GLY C 111 20.90 -38.89 17.64
C GLY C 111 22.24 -38.34 18.09
N PRO C 112 23.19 -39.24 18.39
CA PRO C 112 24.47 -38.78 18.95
C PRO C 112 25.23 -37.82 18.05
N GLU C 113 25.22 -38.06 16.73
CA GLU C 113 25.98 -37.17 15.85
C GLU C 113 25.40 -35.77 15.82
N TRP C 114 24.09 -35.63 16.02
CA TRP C 114 23.50 -34.29 16.13
C TRP C 114 23.99 -33.60 17.40
N ARG C 115 23.96 -34.29 18.53
CA ARG C 115 24.40 -33.67 19.77
C ARG C 115 25.84 -33.21 19.66
N PHE C 116 26.71 -34.05 19.10
CA PHE C 116 28.13 -33.71 19.04
C PHE C 116 28.36 -32.41 18.28
N ASN C 117 27.68 -32.22 17.16
CA ASN C 117 27.83 -30.99 16.39
C ASN C 117 27.22 -29.81 17.12
N ARG C 118 26.00 -29.99 17.66
CA ARG C 118 25.27 -28.87 18.23
C ARG C 118 26.01 -28.26 19.41
N LEU C 119 26.64 -29.10 20.24
CA LEU C 119 27.30 -28.58 21.43
C LEU C 119 28.55 -27.75 21.10
N ARG C 120 29.12 -27.94 19.92
CA ARG C 120 30.28 -27.18 19.51
C ARG C 120 29.92 -25.99 18.62
N LEU C 121 28.64 -25.77 18.36
CA LEU C 121 28.18 -24.62 17.61
C LEU C 121 27.50 -23.56 18.48
N ASN C 122 26.77 -23.97 19.52
CA ASN C 122 26.09 -23.02 20.39
C ASN C 122 26.98 -21.91 20.91
N PRO C 123 28.21 -22.15 21.37
CA PRO C 123 29.00 -21.07 21.96
C PRO C 123 29.28 -19.92 21.00
N ASP C 124 29.45 -20.21 19.71
CA ASP C 124 29.92 -19.21 18.75
C ASP C 124 28.85 -18.75 17.78
N VAL C 125 27.65 -19.32 17.84
CA VAL C 125 26.58 -19.00 16.88
C VAL C 125 25.38 -18.42 17.60
N LEU C 126 25.16 -18.85 18.85
CA LEU C 126 23.90 -18.59 19.52
C LEU C 126 24.10 -17.97 20.90
N SER C 127 25.19 -18.31 21.58
CA SER C 127 25.37 -17.84 22.95
C SER C 127 25.42 -16.31 22.99
N PRO C 128 24.92 -15.70 24.06
CA PRO C 128 24.98 -14.23 24.15
C PRO C 128 26.38 -13.67 23.98
N LYS C 129 27.40 -14.43 24.34
CA LYS C 129 28.77 -13.93 24.22
C LYS C 129 29.19 -13.81 22.76
N ALA C 130 28.61 -14.63 21.89
CA ALA C 130 28.88 -14.50 20.45
C ALA C 130 28.04 -13.38 19.84
N VAL C 131 26.79 -13.23 20.27
CA VAL C 131 25.96 -12.14 19.76
C VAL C 131 26.62 -10.80 20.03
N GLN C 132 27.24 -10.64 21.21
CA GLN C 132 27.89 -9.38 21.53
C GLN C 132 29.02 -9.04 20.58
N ARG C 133 29.56 -10.04 19.86
CA ARG C 133 30.67 -9.79 18.97
C ARG C 133 30.23 -9.51 17.53
N PHE C 134 29.25 -10.25 17.00
CA PHE C 134 28.84 -10.08 15.61
C PHE C 134 27.66 -9.12 15.45
N LEU C 135 27.11 -8.59 16.53
CA LEU C 135 25.97 -7.68 16.43
C LEU C 135 26.42 -6.30 15.94
N PRO C 136 27.55 -5.77 16.40
CA PRO C 136 28.03 -4.52 15.82
C PRO C 136 28.30 -4.61 14.34
N MET C 137 28.70 -5.78 13.85
CA MET C 137 28.95 -5.94 12.41
C MET C 137 27.66 -5.85 11.63
N VAL C 138 26.60 -6.52 12.10
CA VAL C 138 25.30 -6.42 11.46
C VAL C 138 24.77 -5.00 11.52
N ASP C 139 25.23 -4.20 12.48
CA ASP C 139 24.79 -2.81 12.57
C ASP C 139 25.40 -1.96 11.46
N ALA C 140 26.64 -2.25 11.07
CA ALA C 140 27.22 -1.54 9.94
C ALA C 140 26.41 -1.76 8.68
N VAL C 141 25.95 -2.99 8.45
CA VAL C 141 25.17 -3.29 7.25
C VAL C 141 23.81 -2.62 7.33
N ALA C 142 23.24 -2.54 8.53
CA ALA C 142 21.91 -1.95 8.68
C ALA C 142 21.95 -0.43 8.54
N ARG C 143 23.08 0.19 8.88
CA ARG C 143 23.22 1.63 8.66
C ARG C 143 23.45 1.94 7.19
N ASP C 144 24.32 1.16 6.53
CA ASP C 144 24.55 1.36 5.10
C ASP C 144 23.26 1.20 4.32
N PHE C 145 22.42 0.24 4.69
CA PHE C 145 21.15 0.06 4.01
C PHE C 145 20.31 1.33 4.08
N SER C 146 20.21 1.95 5.26
CA SER C 146 19.44 3.17 5.39
C SER C 146 20.18 4.37 4.78
N GLN C 147 21.51 4.39 4.90
CA GLN C 147 22.28 5.46 4.26
C GLN C 147 22.11 5.41 2.74
N ALA C 148 22.18 4.21 2.16
CA ALA C 148 22.01 4.09 0.71
C ALA C 148 20.59 4.39 0.28
N LEU C 149 19.62 3.99 1.10
CA LEU C 149 18.22 4.29 0.79
C LEU C 149 17.93 5.78 0.92
N LYS C 150 18.60 6.46 1.84
CA LYS C 150 18.37 7.89 2.02
C LYS C 150 18.98 8.69 0.88
N LYS C 151 20.12 8.25 0.34
CA LYS C 151 20.74 8.97 -0.76
C LYS C 151 19.88 8.94 -2.01
N LYS C 152 19.19 7.83 -2.26
CA LYS C 152 18.29 7.75 -3.40
C LYS C 152 16.99 8.52 -3.14
N VAL C 153 16.46 8.41 -1.92
CA VAL C 153 15.19 9.06 -1.60
C VAL C 153 15.29 10.57 -1.83
N LEU C 154 16.34 11.18 -1.30
CA LEU C 154 16.49 12.64 -1.42
C LEU C 154 16.91 13.09 -2.82
N GLN C 155 16.90 12.19 -3.82
CA GLN C 155 17.11 12.58 -5.20
C GLN C 155 15.80 12.80 -5.96
N ASN C 156 14.66 12.50 -5.34
CA ASN C 156 13.36 12.70 -5.95
C ASN C 156 12.72 13.98 -5.41
N ALA C 157 11.81 14.54 -6.21
CA ALA C 157 11.20 15.82 -5.86
C ALA C 157 10.43 15.72 -4.55
N ARG C 158 9.79 14.58 -4.33
CA ARG C 158 8.99 14.37 -3.14
C ARG C 158 9.75 13.80 -1.96
N GLY C 159 11.08 13.72 -2.06
CA GLY C 159 11.88 13.15 -0.97
C GLY C 159 11.39 11.81 -0.50
N SER C 160 10.95 10.96 -1.43
CA SER C 160 10.47 9.63 -1.09
C SER C 160 10.72 8.71 -2.27
N LEU C 161 10.88 7.43 -1.96
CA LEU C 161 11.09 6.40 -2.99
C LEU C 161 10.05 5.31 -2.81
N THR C 162 9.26 5.07 -3.85
CA THR C 162 8.31 3.98 -3.87
C THR C 162 8.87 2.83 -4.69
N LEU C 163 8.87 1.63 -4.12
CA LEU C 163 9.51 0.50 -4.79
C LEU C 163 9.01 -0.79 -4.19
N ASP C 164 9.45 -1.90 -4.80
CA ASP C 164 9.32 -3.24 -4.24
C ASP C 164 10.63 -3.53 -3.53
N VAL C 165 10.58 -3.65 -2.20
CA VAL C 165 11.81 -3.80 -1.42
C VAL C 165 12.32 -5.23 -1.33
N GLN C 166 11.52 -6.22 -1.75
CA GLN C 166 11.92 -7.61 -1.57
C GLN C 166 13.34 -7.89 -2.04
N PRO C 167 13.75 -7.49 -3.25
CA PRO C 167 15.15 -7.75 -3.64
C PRO C 167 16.16 -7.10 -2.72
N SER C 168 15.98 -5.81 -2.39
CA SER C 168 16.96 -5.12 -1.56
C SER C 168 17.06 -5.75 -0.17
N ILE C 169 15.91 -6.14 0.40
CA ILE C 169 15.93 -6.81 1.70
C ILE C 169 16.66 -8.14 1.60
N PHE C 170 16.39 -8.91 0.53
CA PHE C 170 17.08 -10.18 0.37
C PHE C 170 18.58 -9.99 0.25
N HIS C 171 19.01 -8.92 -0.43
CA HIS C 171 20.44 -8.66 -0.52
C HIS C 171 20.99 -7.98 0.71
N TYR C 172 20.12 -7.61 1.66
CA TYR C 172 20.58 -7.17 2.97
C TYR C 172 20.89 -8.37 3.85
N THR C 173 20.04 -9.40 3.84
CA THR C 173 20.31 -10.58 4.66
C THR C 173 21.48 -11.39 4.11
N ILE C 174 21.74 -11.31 2.80
CA ILE C 174 22.94 -11.97 2.27
C ILE C 174 24.19 -11.27 2.79
N GLU C 175 24.17 -9.93 2.81
CA GLU C 175 25.29 -9.17 3.32
C GLU C 175 25.49 -9.42 4.81
N ALA C 176 24.46 -9.12 5.61
CA ALA C 176 24.60 -9.26 7.05
C ALA C 176 25.01 -10.68 7.42
N SER C 177 24.39 -11.69 6.81
CA SER C 177 24.74 -13.07 7.15
C SER C 177 26.17 -13.38 6.77
N ASN C 178 26.60 -12.96 5.57
CA ASN C 178 27.97 -13.26 5.18
C ASN C 178 28.95 -12.54 6.09
N LEU C 179 28.62 -11.32 6.52
CA LEU C 179 29.55 -10.57 7.38
C LEU C 179 29.64 -11.18 8.76
N ALA C 180 28.51 -11.60 9.33
CA ALA C 180 28.53 -12.19 10.65
C ALA C 180 29.16 -13.59 10.63
N LEU C 181 29.09 -14.27 9.48
CA LEU C 181 29.58 -15.64 9.38
C LEU C 181 31.06 -15.70 9.01
N PHE C 182 31.46 -14.97 7.97
CA PHE C 182 32.81 -15.08 7.43
C PHE C 182 33.64 -13.81 7.56
N GLY C 183 33.08 -12.72 8.06
CA GLY C 183 33.81 -11.48 8.19
C GLY C 183 34.09 -10.78 6.89
N GLU C 184 33.60 -11.30 5.76
CA GLU C 184 33.79 -10.67 4.46
C GLU C 184 32.66 -9.69 4.20
N ARG C 185 32.96 -8.67 3.40
CA ARG C 185 31.98 -7.65 3.01
C ARG C 185 31.82 -7.69 1.50
N LEU C 186 30.63 -8.07 1.04
CA LEU C 186 30.30 -8.12 -0.38
C LEU C 186 29.52 -6.87 -0.75
N GLY C 187 29.79 -6.33 -1.93
CA GLY C 187 29.16 -5.07 -2.32
C GLY C 187 27.72 -5.21 -2.77
N LEU C 188 26.84 -5.69 -1.89
CA LEU C 188 25.46 -5.95 -2.26
C LEU C 188 24.46 -4.96 -1.70
N VAL C 189 24.78 -4.26 -0.63
CA VAL C 189 23.92 -3.21 -0.07
C VAL C 189 24.40 -1.87 -0.59
N GLY C 190 23.48 -1.12 -1.19
CA GLY C 190 23.83 0.13 -1.84
C GLY C 190 24.33 0.01 -3.26
N HIS C 191 24.44 -1.21 -3.78
CA HIS C 191 24.90 -1.44 -5.14
C HIS C 191 24.10 -2.56 -5.77
N SER C 192 24.23 -2.69 -7.09
CA SER C 192 23.40 -3.64 -7.82
C SER C 192 23.74 -5.07 -7.41
N PRO C 193 22.76 -5.98 -7.47
CA PRO C 193 23.05 -7.38 -7.20
C PRO C 193 24.11 -7.92 -8.14
N SER C 194 24.93 -8.82 -7.61
CA SER C 194 25.90 -9.54 -8.43
C SER C 194 25.29 -10.83 -8.97
N SER C 195 25.80 -11.28 -10.10
CA SER C 195 25.26 -12.50 -10.71
C SER C 195 25.36 -13.66 -9.74
N ALA C 196 26.38 -13.68 -8.88
CA ALA C 196 26.53 -14.77 -7.91
C ALA C 196 25.43 -14.75 -6.86
N SER C 197 24.92 -13.56 -6.50
CA SER C 197 23.84 -13.49 -5.52
C SER C 197 22.48 -13.79 -6.15
N LEU C 198 22.29 -13.46 -7.42
CA LEU C 198 21.03 -13.76 -8.07
C LEU C 198 20.92 -15.25 -8.38
N ASN C 199 21.96 -15.82 -8.99
CA ASN C 199 22.00 -17.26 -9.19
C ASN C 199 21.82 -17.99 -7.87
N PHE C 200 22.47 -17.50 -6.82
CA PHE C 200 22.31 -18.09 -5.49
C PHE C 200 20.86 -17.96 -5.01
N LEU C 201 20.28 -16.77 -5.14
CA LEU C 201 18.89 -16.59 -4.77
C LEU C 201 17.97 -17.47 -5.61
N HIS C 202 18.23 -17.55 -6.92
CA HIS C 202 17.42 -18.39 -7.78
C HIS C 202 17.52 -19.85 -7.37
N ALA C 203 18.73 -20.33 -7.09
CA ALA C 203 18.91 -21.72 -6.69
C ALA C 203 18.10 -22.05 -5.45
N LEU C 204 18.12 -21.16 -4.45
CA LEU C 204 17.34 -21.42 -3.24
C LEU C 204 15.86 -21.54 -3.55
N GLU C 205 15.34 -20.67 -4.43
CA GLU C 205 13.93 -20.75 -4.79
C GLU C 205 13.60 -22.12 -5.38
N VAL C 206 14.46 -22.62 -6.27
CA VAL C 206 14.23 -23.93 -6.87
C VAL C 206 14.34 -25.03 -5.82
N MET C 207 15.42 -24.98 -5.02
CA MET C 207 15.64 -25.98 -3.99
C MET C 207 14.43 -26.12 -3.08
N PHE C 208 13.83 -25.00 -2.69
CA PHE C 208 12.60 -25.05 -1.91
C PHE C 208 11.47 -25.67 -2.73
N LYS C 209 11.22 -25.12 -3.92
CA LYS C 209 10.14 -25.62 -4.77
C LYS C 209 10.27 -27.13 -4.98
N SER C 210 11.45 -27.58 -5.39
CA SER C 210 11.64 -29.00 -5.67
C SER C 210 11.54 -29.85 -4.40
N THR C 211 11.81 -29.27 -3.23
CA THR C 211 11.74 -30.05 -2.00
C THR C 211 10.31 -30.50 -1.73
N VAL C 212 9.33 -29.63 -1.99
CA VAL C 212 7.93 -30.01 -1.75
C VAL C 212 7.50 -31.10 -2.72
N GLN C 213 8.05 -31.10 -3.93
CA GLN C 213 7.66 -32.09 -4.94
C GLN C 213 8.19 -33.48 -4.65
N LEU C 214 9.15 -33.63 -3.73
CA LEU C 214 9.77 -34.91 -3.44
C LEU C 214 9.61 -35.39 -2.01
N MET C 215 9.27 -34.51 -1.07
CA MET C 215 9.29 -34.86 0.34
C MET C 215 8.03 -35.58 0.81
N PHE C 216 6.98 -35.62 -0.01
CA PHE C 216 5.73 -36.24 0.39
C PHE C 216 5.53 -37.63 -0.19
N MET C 217 6.57 -38.20 -0.80
CA MET C 217 6.48 -39.53 -1.37
C MET C 217 7.84 -40.21 -1.26
N PRO C 218 7.89 -41.49 -0.89
CA PRO C 218 9.18 -42.15 -0.72
C PRO C 218 10.00 -42.07 -2.00
N ARG C 219 11.32 -42.19 -1.85
CA ARG C 219 12.18 -42.12 -3.01
C ARG C 219 11.90 -43.27 -3.97
N SER C 220 11.37 -44.40 -3.47
CA SER C 220 11.07 -45.52 -4.36
C SER C 220 10.07 -45.12 -5.44
N LEU C 221 9.18 -44.16 -5.15
CA LEU C 221 8.22 -43.68 -6.12
C LEU C 221 8.74 -42.47 -6.89
N SER C 222 9.18 -41.44 -6.17
CA SER C 222 9.70 -40.24 -6.83
C SER C 222 10.84 -40.56 -7.79
N ARG C 223 11.51 -41.71 -7.60
CA ARG C 223 12.60 -42.09 -8.49
C ARG C 223 12.16 -42.08 -9.95
N TRP C 224 11.01 -42.68 -10.25
CA TRP C 224 10.57 -42.87 -11.62
C TRP C 224 9.37 -42.04 -12.02
N ILE C 225 8.56 -41.57 -11.06
CA ILE C 225 7.45 -40.70 -11.41
C ILE C 225 7.87 -39.24 -11.51
N SER C 226 8.98 -38.84 -10.88
CA SER C 226 9.51 -37.49 -11.01
C SER C 226 11.03 -37.49 -11.01
N PRO C 227 11.66 -38.16 -11.99
CA PRO C 227 13.12 -38.09 -12.08
C PRO C 227 13.63 -36.77 -12.60
N LYS C 228 12.79 -36.00 -13.28
CA LYS C 228 13.18 -34.67 -13.73
C LYS C 228 13.31 -33.70 -12.57
N VAL C 229 12.61 -33.98 -11.47
CA VAL C 229 12.65 -33.09 -10.31
C VAL C 229 13.88 -33.37 -9.46
N TRP C 230 14.26 -34.64 -9.32
CA TRP C 230 15.52 -34.95 -8.63
C TRP C 230 16.69 -34.26 -9.30
N LYS C 231 16.77 -34.36 -10.64
CA LYS C 231 17.82 -33.64 -11.36
C LYS C 231 17.70 -32.13 -11.13
N GLU C 232 16.47 -31.62 -11.12
CA GLU C 232 16.25 -30.20 -10.85
C GLU C 232 16.66 -29.85 -9.42
N HIS C 233 16.42 -30.76 -8.47
CA HIS C 233 16.79 -30.54 -7.09
C HIS C 233 18.30 -30.50 -6.92
N PHE C 234 18.99 -31.54 -7.40
CA PHE C 234 20.43 -31.62 -7.23
C PHE C 234 21.16 -30.50 -7.95
N GLU C 235 20.65 -30.06 -9.10
CA GLU C 235 21.26 -28.91 -9.78
C GLU C 235 21.19 -27.66 -8.91
N ALA C 236 20.13 -27.52 -8.11
CA ALA C 236 20.02 -26.39 -7.21
C ALA C 236 21.02 -26.49 -6.07
N TRP C 237 21.08 -27.66 -5.42
CA TRP C 237 22.05 -27.84 -4.34
C TRP C 237 23.47 -27.67 -4.85
N ASP C 238 23.75 -28.07 -6.09
CA ASP C 238 25.10 -27.89 -6.62
C ASP C 238 25.46 -26.41 -6.71
N CYS C 239 24.53 -25.57 -7.17
CA CYS C 239 24.80 -24.14 -7.21
C CYS C 239 24.88 -23.56 -5.80
N ILE C 240 24.05 -24.05 -4.88
CA ILE C 240 24.11 -23.58 -3.50
C ILE C 240 25.45 -23.94 -2.87
N PHE C 241 25.83 -25.22 -2.96
CA PHE C 241 27.11 -25.66 -2.43
C PHE C 241 28.27 -24.98 -3.14
N GLN C 242 28.05 -24.43 -4.33
CA GLN C 242 29.11 -23.68 -4.99
C GLN C 242 29.33 -22.34 -4.29
N TYR C 243 28.26 -21.57 -4.11
CA TYR C 243 28.37 -20.26 -3.46
C TYR C 243 28.97 -20.41 -2.06
N GLY C 244 28.46 -21.38 -1.29
CA GLY C 244 28.92 -21.52 0.08
C GLY C 244 30.37 -21.96 0.17
N ASP C 245 30.77 -22.94 -0.64
CA ASP C 245 32.12 -23.47 -0.54
C ASP C 245 33.18 -22.47 -1.01
N ASN C 246 32.80 -21.48 -1.82
CA ASN C 246 33.74 -20.41 -2.11
C ASN C 246 33.98 -19.53 -0.89
N CYS C 247 32.94 -19.32 -0.06
CA CYS C 247 33.12 -18.58 1.18
C CYS C 247 34.02 -19.34 2.15
N ILE C 248 33.87 -20.67 2.19
CA ILE C 248 34.69 -21.49 3.08
C ILE C 248 36.14 -21.48 2.63
N GLN C 249 36.39 -21.74 1.35
CA GLN C 249 37.77 -21.85 0.89
C GLN C 249 38.52 -20.54 1.02
N LYS C 250 37.82 -19.41 1.02
CA LYS C 250 38.48 -18.12 1.22
C LYS C 250 38.93 -17.96 2.67
N ILE C 251 38.02 -18.20 3.62
CA ILE C 251 38.36 -18.00 5.02
C ILE C 251 39.37 -19.05 5.50
N TYR C 252 39.26 -20.28 5.00
CA TYR C 252 40.18 -21.32 5.44
C TYR C 252 41.61 -21.02 5.04
N GLN C 253 41.80 -20.39 3.87
CA GLN C 253 43.15 -20.02 3.46
C GLN C 253 43.63 -18.78 4.20
N GLU C 254 42.73 -17.83 4.45
CA GLU C 254 43.12 -16.61 5.14
C GLU C 254 43.59 -16.91 6.56
N LEU C 255 42.98 -17.90 7.22
CA LEU C 255 43.33 -18.21 8.60
C LEU C 255 44.56 -19.08 8.70
N ALA C 256 44.81 -19.93 7.70
CA ALA C 256 45.99 -20.77 7.74
C ALA C 256 47.27 -19.96 7.75
N PHE C 257 47.21 -18.69 7.32
CA PHE C 257 48.38 -17.84 7.24
C PHE C 257 48.42 -16.75 8.30
N ASN C 258 47.27 -16.40 8.90
CA ASN C 258 47.27 -15.46 10.02
C ASN C 258 46.05 -15.71 10.88
N ARG C 259 46.28 -16.08 12.15
CA ARG C 259 45.20 -16.28 13.10
C ARG C 259 44.88 -14.93 13.74
N PRO C 260 43.74 -14.32 13.44
CA PRO C 260 43.48 -12.98 13.98
C PRO C 260 43.20 -13.01 15.48
N GLN C 261 43.58 -11.93 16.14
CA GLN C 261 43.29 -11.75 17.55
C GLN C 261 41.90 -11.19 17.80
N HIS C 262 41.41 -10.34 16.89
CA HIS C 262 40.11 -9.71 17.02
C HIS C 262 39.03 -10.59 16.38
N TYR C 263 37.78 -10.16 16.46
CA TYR C 263 36.67 -10.94 15.95
C TYR C 263 36.53 -10.75 14.45
N THR C 264 36.45 -11.87 13.72
CA THR C 264 36.38 -11.83 12.27
C THR C 264 35.29 -12.76 11.75
N GLY C 265 34.25 -12.97 12.54
CA GLY C 265 33.10 -13.74 12.11
C GLY C 265 32.95 -15.03 12.89
N ILE C 266 31.79 -15.65 12.68
CA ILE C 266 31.44 -16.87 13.40
C ILE C 266 32.31 -18.03 12.94
N VAL C 267 32.28 -18.35 11.65
CA VAL C 267 33.04 -19.48 11.14
C VAL C 267 34.52 -19.36 11.50
N ALA C 268 35.04 -18.14 11.60
CA ALA C 268 36.41 -17.95 12.02
C ALA C 268 36.66 -18.63 13.36
N GLU C 269 35.78 -18.41 14.35
CA GLU C 269 35.98 -19.01 15.65
C GLU C 269 35.90 -20.53 15.59
N LEU C 270 34.94 -21.06 14.83
CA LEU C 270 34.84 -22.52 14.69
C LEU C 270 36.14 -23.12 14.20
N LEU C 271 36.78 -22.48 13.22
CA LEU C 271 38.02 -23.00 12.67
C LEU C 271 39.18 -22.85 13.65
N LEU C 272 39.27 -21.70 14.31
CA LEU C 272 40.34 -21.51 15.29
C LEU C 272 40.23 -22.52 16.40
N LYS C 273 39.02 -22.73 16.94
CA LYS C 273 38.84 -23.71 17.99
C LYS C 273 39.17 -25.11 17.51
N ALA C 274 38.72 -25.47 16.31
CA ALA C 274 38.98 -26.79 15.73
C ALA C 274 38.42 -27.91 16.60
N GLU C 275 37.32 -27.65 17.29
CA GLU C 275 36.67 -28.72 18.05
C GLU C 275 35.94 -29.69 17.12
N LEU C 276 35.52 -29.21 15.94
CA LEU C 276 34.87 -30.01 14.92
C LEU C 276 35.84 -30.30 13.79
N SER C 277 35.68 -31.47 13.18
CA SER C 277 36.48 -31.80 12.00
C SER C 277 36.22 -30.76 10.90
N LEU C 278 37.15 -30.70 9.95
CA LEU C 278 36.99 -29.74 8.84
C LEU C 278 35.72 -30.02 8.07
N GLU C 279 35.44 -31.29 7.77
CA GLU C 279 34.25 -31.63 7.00
C GLU C 279 32.97 -31.30 7.77
N ALA C 280 32.98 -31.42 9.09
CA ALA C 280 31.81 -31.06 9.88
C ALA C 280 31.64 -29.56 10.02
N ILE C 281 32.73 -28.78 9.91
CA ILE C 281 32.60 -27.33 9.87
C ILE C 281 32.06 -26.89 8.52
N LYS C 282 32.52 -27.53 7.44
CA LYS C 282 31.97 -27.22 6.12
C LYS C 282 30.48 -27.52 6.05
N ALA C 283 30.07 -28.65 6.65
CA ALA C 283 28.66 -29.04 6.60
C ALA C 283 27.78 -27.98 7.25
N ASN C 284 28.11 -27.59 8.48
CA ASN C 284 27.26 -26.62 9.17
C ASN C 284 27.45 -25.21 8.62
N SER C 285 28.64 -24.90 8.13
CA SER C 285 28.84 -23.60 7.49
C SER C 285 27.91 -23.44 6.29
N MET C 286 27.69 -24.52 5.53
CA MET C 286 26.72 -24.48 4.44
C MET C 286 25.32 -24.13 4.96
N GLU C 287 24.81 -24.93 5.91
CA GLU C 287 23.45 -24.74 6.38
C GLU C 287 23.23 -23.34 6.93
N LEU C 288 24.27 -22.74 7.50
CA LEU C 288 24.14 -21.37 7.98
C LEU C 288 24.17 -20.37 6.85
N THR C 289 24.96 -20.65 5.80
CA THR C 289 24.98 -19.77 4.63
C THR C 289 23.68 -19.89 3.83
N ALA C 290 23.15 -21.11 3.71
CA ALA C 290 21.97 -21.32 2.89
C ALA C 290 20.69 -20.94 3.62
N GLY C 291 20.61 -21.21 4.92
CA GLY C 291 19.42 -21.00 5.70
C GLY C 291 19.29 -19.63 6.33
N SER C 292 20.20 -18.71 6.03
CA SER C 292 20.21 -17.40 6.66
C SER C 292 19.66 -16.30 5.76
N VAL C 293 18.86 -16.66 4.75
CA VAL C 293 18.45 -15.69 3.73
C VAL C 293 16.94 -15.60 3.65
N ASP C 294 16.29 -16.64 3.12
CA ASP C 294 14.84 -16.61 2.94
C ASP C 294 14.13 -16.51 4.29
N THR C 295 14.53 -17.36 5.25
CA THR C 295 13.88 -17.36 6.55
C THR C 295 13.93 -15.99 7.21
N THR C 296 15.05 -15.28 7.05
CA THR C 296 15.21 -13.99 7.70
C THR C 296 14.50 -12.87 6.95
N ALA C 297 14.57 -12.89 5.61
CA ALA C 297 14.18 -11.73 4.82
C ALA C 297 12.67 -11.58 4.70
N PHE C 298 11.92 -12.68 4.79
CA PHE C 298 10.47 -12.59 4.60
C PHE C 298 9.80 -11.99 5.83
N PRO C 299 10.11 -12.45 7.04
CA PRO C 299 9.58 -11.76 8.22
C PRO C 299 9.85 -10.26 8.19
N LEU C 300 11.04 -9.86 7.74
CA LEU C 300 11.34 -8.44 7.59
C LEU C 300 10.32 -7.76 6.68
N LEU C 301 10.00 -8.39 5.53
CA LEU C 301 9.07 -7.80 4.59
C LEU C 301 7.68 -7.68 5.20
N MET C 302 7.17 -8.77 5.77
CA MET C 302 5.84 -8.72 6.39
C MET C 302 5.79 -7.68 7.50
N THR C 303 6.89 -7.50 8.24
CA THR C 303 6.92 -6.46 9.27
C THR C 303 6.84 -5.07 8.67
N LEU C 304 7.62 -4.81 7.63
CA LEU C 304 7.48 -3.56 6.90
C LEU C 304 6.06 -3.41 6.35
N PHE C 305 5.50 -4.47 5.80
CA PHE C 305 4.13 -4.42 5.29
C PHE C 305 3.17 -4.06 6.41
N GLU C 306 3.23 -4.79 7.53
CA GLU C 306 2.27 -4.55 8.62
C GLU C 306 2.44 -3.17 9.21
N LEU C 307 3.68 -2.68 9.32
CA LEU C 307 3.88 -1.34 9.85
C LEU C 307 3.34 -0.27 8.89
N ALA C 308 3.27 -0.59 7.60
CA ALA C 308 2.70 0.35 6.64
C ALA C 308 1.18 0.37 6.69
N ARG C 309 0.56 -0.75 7.10
CA ARG C 309 -0.89 -0.79 7.31
C ARG C 309 -1.31 -0.17 8.63
N ASN C 310 -0.40 -0.13 9.62
CA ASN C 310 -0.70 0.34 10.96
C ASN C 310 0.26 1.48 11.31
N PRO C 311 0.05 2.67 10.73
CA PRO C 311 0.93 3.80 11.07
C PRO C 311 0.98 4.11 12.56
N ASP C 312 -0.16 3.94 13.25
CA ASP C 312 -0.20 4.13 14.70
C ASP C 312 0.88 3.29 15.37
N VAL C 313 0.86 1.98 15.12
CA VAL C 313 1.89 1.10 15.69
C VAL C 313 3.26 1.51 15.22
N GLN C 314 3.37 1.94 13.96
CA GLN C 314 4.67 2.36 13.43
C GLN C 314 5.22 3.53 14.23
N GLN C 315 4.41 4.59 14.38
CA GLN C 315 4.88 5.79 15.09
C GLN C 315 5.29 5.45 16.51
N ILE C 316 4.56 4.54 17.17
CA ILE C 316 4.95 4.10 18.50
C ILE C 316 6.34 3.49 18.48
N LEU C 317 6.58 2.59 17.52
CA LEU C 317 7.90 1.99 17.39
C LEU C 317 8.95 3.02 17.04
N ARG C 318 8.57 4.05 16.29
CA ARG C 318 9.53 5.09 15.89
C ARG C 318 9.96 5.92 17.10
N GLN C 319 9.01 6.26 17.98
CA GLN C 319 9.36 6.99 19.20
C GLN C 319 10.35 6.21 20.03
N GLU C 320 10.12 4.90 20.20
CA GLU C 320 11.05 4.07 20.95
C GLU C 320 12.44 4.13 20.33
N SER C 321 12.54 3.93 19.02
CA SER C 321 13.85 3.83 18.37
C SER C 321 14.55 5.19 18.32
N LEU C 322 13.80 6.28 18.16
CA LEU C 322 14.42 7.61 18.21
C LEU C 322 14.94 7.92 19.60
N ALA C 323 14.21 7.48 20.64
CA ALA C 323 14.63 7.71 22.02
C ALA C 323 15.96 7.02 22.31
N ALA C 324 16.05 5.73 22.01
CA ALA C 324 17.26 4.96 22.27
C ALA C 324 18.28 5.07 21.14
N ALA C 325 18.12 6.03 20.24
CA ALA C 325 19.02 6.12 19.09
C ALA C 325 20.44 6.39 19.52
N ALA C 326 20.65 7.32 20.45
CA ALA C 326 21.99 7.74 20.82
C ALA C 326 22.72 6.66 21.60
N SER C 327 22.03 5.98 22.52
CA SER C 327 22.66 4.91 23.28
C SER C 327 22.96 3.69 22.42
N ILE C 328 22.23 3.51 21.32
CA ILE C 328 22.52 2.41 20.42
C ILE C 328 23.68 2.76 19.48
N SER C 329 23.82 4.03 19.11
CA SER C 329 24.97 4.44 18.31
C SER C 329 26.26 4.29 19.10
N GLU C 330 26.19 4.34 20.43
CA GLU C 330 27.37 4.12 21.27
C GLU C 330 27.71 2.63 21.33
N HIS C 331 26.72 1.81 21.69
CA HIS C 331 26.93 0.37 21.85
C HIS C 331 25.75 -0.36 21.21
N PRO C 332 25.90 -0.80 19.96
CA PRO C 332 24.75 -1.43 19.27
C PRO C 332 24.17 -2.61 20.03
N GLN C 333 24.94 -3.23 20.92
CA GLN C 333 24.45 -4.38 21.67
C GLN C 333 23.21 -4.04 22.47
N LYS C 334 23.05 -2.77 22.86
CA LYS C 334 21.89 -2.37 23.62
C LYS C 334 20.59 -2.47 22.82
N ALA C 335 20.68 -2.65 21.51
CA ALA C 335 19.47 -2.71 20.69
C ALA C 335 18.58 -3.88 21.06
N THR C 336 19.13 -4.93 21.66
CA THR C 336 18.34 -6.09 22.06
C THR C 336 17.54 -5.85 23.34
N THR C 337 17.89 -4.84 24.12
CA THR C 337 17.25 -4.55 25.39
C THR C 337 16.50 -3.22 25.41
N GLU C 338 16.93 -2.24 24.63
CA GLU C 338 16.31 -0.92 24.61
C GLU C 338 15.12 -0.83 23.66
N LEU C 339 14.89 -1.85 22.83
CA LEU C 339 13.80 -1.84 21.86
C LEU C 339 12.83 -2.98 22.16
N PRO C 340 12.17 -2.95 23.32
CA PRO C 340 11.23 -4.03 23.65
C PRO C 340 10.00 -4.04 22.77
N LEU C 341 9.52 -2.89 22.30
CA LEU C 341 8.36 -2.88 21.42
C LEU C 341 8.70 -3.45 20.05
N LEU C 342 9.86 -3.06 19.49
CA LEU C 342 10.25 -3.60 18.19
C LEU C 342 10.48 -5.10 18.26
N ARG C 343 11.07 -5.58 19.37
CA ARG C 343 11.15 -7.03 19.57
C ARG C 343 9.77 -7.64 19.67
N ALA C 344 8.79 -6.89 20.17
CA ALA C 344 7.43 -7.39 20.22
C ALA C 344 6.77 -7.39 18.85
N ALA C 345 7.09 -6.40 18.02
CA ALA C 345 6.58 -6.39 16.66
C ALA C 345 7.04 -7.63 15.90
N LEU C 346 8.31 -8.02 16.07
CA LEU C 346 8.81 -9.22 15.40
C LEU C 346 8.09 -10.46 15.88
N LYS C 347 7.85 -10.56 17.19
CA LYS C 347 7.03 -11.66 17.71
C LYS C 347 5.65 -11.68 17.06
N GLU C 348 5.11 -10.48 16.78
CA GLU C 348 3.78 -10.40 16.19
C GLU C 348 3.79 -10.78 14.72
N THR C 349 4.87 -10.45 14.01
CA THR C 349 4.97 -10.83 12.61
C THR C 349 5.04 -12.34 12.46
N LEU C 350 5.96 -12.98 13.19
CA LEU C 350 6.08 -14.43 13.10
C LEU C 350 4.81 -15.13 13.55
N ARG C 351 4.03 -14.49 14.43
CA ARG C 351 2.77 -15.09 14.86
C ARG C 351 1.79 -15.24 13.70
N LEU C 352 1.68 -14.21 12.87
CA LEU C 352 0.80 -14.25 11.71
C LEU C 352 1.47 -14.84 10.48
N TYR C 353 2.78 -14.66 10.33
CA TYR C 353 3.51 -15.05 9.13
C TYR C 353 4.71 -15.89 9.53
N PRO C 354 4.47 -17.10 10.06
CA PRO C 354 5.58 -17.97 10.45
C PRO C 354 6.26 -18.64 9.27
N VAL C 355 7.44 -18.14 8.86
CA VAL C 355 8.17 -18.77 7.75
C VAL C 355 8.38 -20.24 8.03
N GLY C 356 8.71 -20.59 9.27
CA GLY C 356 8.74 -21.99 9.65
C GLY C 356 7.33 -22.44 9.98
N LEU C 357 6.69 -23.15 9.04
CA LEU C 357 5.27 -23.44 9.20
C LEU C 357 5.01 -24.28 10.45
N PHE C 358 5.68 -25.43 10.56
CA PHE C 358 5.40 -26.37 11.63
C PHE C 358 6.70 -26.85 12.28
N LEU C 359 6.53 -27.43 13.47
CA LEU C 359 7.61 -28.05 14.22
C LEU C 359 7.39 -29.55 14.22
N GLU C 360 8.46 -30.32 14.02
CA GLU C 360 8.39 -31.77 13.91
C GLU C 360 9.08 -32.42 15.10
N ARG C 361 8.54 -33.55 15.56
CA ARG C 361 9.19 -34.36 16.58
C ARG C 361 8.72 -35.80 16.44
N VAL C 362 9.67 -36.72 16.27
CA VAL C 362 9.37 -38.16 16.28
C VAL C 362 9.55 -38.61 17.73
N VAL C 363 8.48 -38.49 18.52
CA VAL C 363 8.56 -38.77 19.94
C VAL C 363 9.23 -40.13 20.17
N SER C 364 10.11 -40.17 21.17
CA SER C 364 10.83 -41.38 21.54
C SER C 364 10.16 -42.13 22.69
N SER C 365 8.99 -41.67 23.15
CA SER C 365 8.33 -42.27 24.29
C SER C 365 6.84 -41.97 24.21
N ASP C 366 6.03 -42.83 24.83
CA ASP C 366 4.60 -42.58 24.89
C ASP C 366 4.30 -41.31 25.67
N LEU C 367 3.23 -40.63 25.29
CA LEU C 367 2.81 -39.39 25.92
C LEU C 367 1.31 -39.24 25.72
N VAL C 368 0.76 -38.14 26.21
CA VAL C 368 -0.67 -37.86 26.10
C VAL C 368 -0.86 -36.42 25.63
N LEU C 369 -1.62 -36.25 24.55
CA LEU C 369 -1.97 -34.96 23.99
C LEU C 369 -3.48 -34.88 23.86
N GLN C 370 -4.09 -33.84 24.42
CA GLN C 370 -5.54 -33.67 24.38
C GLN C 370 -6.26 -34.91 24.93
N ASN C 371 -5.67 -35.55 25.93
CA ASN C 371 -6.23 -36.73 26.57
C ASN C 371 -6.29 -37.93 25.63
N TYR C 372 -5.39 -37.98 24.65
CA TYR C 372 -5.26 -39.11 23.75
C TYR C 372 -3.90 -39.77 23.95
N HIS C 373 -3.85 -41.09 23.85
CA HIS C 373 -2.59 -41.81 23.97
C HIS C 373 -1.83 -41.71 22.65
N ILE C 374 -0.59 -41.24 22.73
CA ILE C 374 0.30 -41.11 21.57
C ILE C 374 1.41 -42.14 21.73
N PRO C 375 1.44 -43.20 20.93
CA PRO C 375 2.53 -44.19 21.04
C PRO C 375 3.85 -43.57 20.64
N ALA C 376 4.93 -44.22 21.09
CA ALA C 376 6.26 -43.80 20.67
C ALA C 376 6.42 -44.03 19.17
N GLY C 377 7.45 -43.39 18.60
CA GLY C 377 7.69 -43.46 17.18
C GLY C 377 6.71 -42.68 16.33
N THR C 378 5.78 -41.96 16.96
CA THR C 378 4.78 -41.20 16.23
C THR C 378 5.33 -39.84 15.82
N LEU C 379 4.91 -39.38 14.64
CA LEU C 379 5.26 -38.04 14.18
C LEU C 379 4.24 -37.04 14.70
N VAL C 380 4.71 -36.00 15.37
CA VAL C 380 3.87 -34.97 15.94
C VAL C 380 4.27 -33.65 15.29
N GLN C 381 3.33 -33.02 14.59
CA GLN C 381 3.56 -31.74 13.93
C GLN C 381 2.77 -30.65 14.66
N VAL C 382 3.48 -29.64 15.15
CA VAL C 382 2.84 -28.44 15.69
C VAL C 382 2.66 -27.47 14.53
N PHE C 383 1.43 -27.19 14.17
CA PHE C 383 1.10 -26.34 13.02
C PHE C 383 0.97 -24.92 13.54
N LEU C 384 2.00 -24.09 13.30
CA LEU C 384 2.07 -22.79 13.95
C LEU C 384 1.08 -21.79 13.35
N TYR C 385 0.74 -21.93 12.07
CA TYR C 385 -0.15 -20.95 11.45
C TYR C 385 -1.47 -20.84 12.21
N SER C 386 -1.98 -21.97 12.70
CA SER C 386 -3.23 -21.99 13.45
C SER C 386 -3.02 -21.71 14.93
N LEU C 387 -1.88 -22.08 15.49
CA LEU C 387 -1.60 -21.80 16.89
C LEU C 387 -1.66 -20.31 17.16
N GLY C 388 -1.21 -19.49 16.21
CA GLY C 388 -1.20 -18.05 16.36
C GLY C 388 -2.47 -17.35 15.92
N ARG C 389 -3.47 -18.11 15.46
CA ARG C 389 -4.76 -17.54 15.09
C ARG C 389 -5.90 -18.11 15.95
N ASN C 390 -5.57 -18.61 17.13
CA ASN C 390 -6.54 -19.13 18.08
C ASN C 390 -6.98 -18.00 18.99
N ALA C 391 -8.20 -17.50 18.77
CA ALA C 391 -8.69 -16.36 19.55
C ALA C 391 -8.67 -16.65 21.04
N ALA C 392 -8.80 -17.91 21.44
CA ALA C 392 -8.78 -18.27 22.85
C ALA C 392 -7.49 -17.78 23.51
N LEU C 393 -6.35 -18.02 22.87
CA LEU C 393 -5.05 -17.67 23.44
C LEU C 393 -4.57 -16.29 23.03
N PHE C 394 -5.02 -15.79 21.88
CA PHE C 394 -4.59 -14.49 21.36
C PHE C 394 -5.83 -13.66 21.08
N PRO C 395 -6.29 -12.88 22.05
CA PRO C 395 -7.47 -12.03 21.83
C PRO C 395 -7.31 -11.19 20.57
N ARG C 396 -8.33 -11.22 19.73
CA ARG C 396 -8.33 -10.53 18.44
C ARG C 396 -7.09 -10.94 17.63
N PRO C 397 -6.98 -12.22 17.25
CA PRO C 397 -5.78 -12.66 16.53
C PRO C 397 -5.63 -12.03 15.17
N GLU C 398 -6.71 -11.46 14.63
CA GLU C 398 -6.63 -10.74 13.36
C GLU C 398 -5.75 -9.51 13.46
N ARG C 399 -5.53 -9.00 14.67
CA ARG C 399 -4.96 -7.68 14.87
C ARG C 399 -3.46 -7.77 15.08
N TYR C 400 -2.73 -6.83 14.46
CA TYR C 400 -1.28 -6.72 14.62
C TYR C 400 -1.02 -5.81 15.81
N ASN C 401 -0.93 -6.42 16.99
CA ASN C 401 -0.81 -5.70 18.26
C ASN C 401 0.49 -6.09 18.95
N PRO C 402 1.58 -5.35 18.72
CA PRO C 402 2.85 -5.73 19.37
C PRO C 402 2.82 -5.64 20.89
N GLN C 403 1.85 -4.93 21.48
CA GLN C 403 1.86 -4.74 22.93
C GLN C 403 1.35 -5.96 23.70
N ARG C 404 0.79 -6.96 23.02
CA ARG C 404 0.28 -8.14 23.70
C ARG C 404 1.37 -9.07 24.18
N TRP C 405 2.63 -8.77 23.93
CA TRP C 405 3.75 -9.59 24.38
C TRP C 405 4.48 -8.99 25.57
N LEU C 406 4.18 -7.75 25.94
CA LEU C 406 4.99 -7.00 26.88
C LEU C 406 4.57 -7.22 28.34
N ASP C 407 3.33 -7.62 28.60
CA ASP C 407 2.92 -7.87 29.98
C ASP C 407 3.83 -8.91 30.63
N ILE C 408 3.87 -10.11 30.07
CA ILE C 408 4.77 -11.17 30.55
C ILE C 408 4.77 -12.32 29.56
N ARG C 413 2.22 -19.03 29.61
CA ARG C 413 2.35 -18.12 28.47
C ARG C 413 3.74 -18.22 27.84
N ASN C 414 4.53 -19.19 28.31
CA ASN C 414 5.91 -19.31 27.86
C ASN C 414 6.02 -20.03 26.53
N PHE C 415 4.98 -20.75 26.11
CA PHE C 415 4.99 -21.50 24.86
C PHE C 415 4.06 -20.89 23.82
N HIS C 416 3.75 -19.61 23.95
CA HIS C 416 2.96 -18.91 22.94
C HIS C 416 3.81 -18.37 21.80
N HIS C 417 5.11 -18.17 22.03
CA HIS C 417 6.06 -17.72 21.01
C HIS C 417 7.08 -18.83 20.82
N VAL C 418 6.86 -19.68 19.82
CA VAL C 418 7.80 -20.77 19.50
C VAL C 418 8.11 -20.81 18.01
N PRO C 419 8.16 -19.68 17.30
CA PRO C 419 8.38 -19.74 15.85
C PRO C 419 9.75 -20.30 15.49
N PHE C 420 10.67 -20.38 16.46
CA PHE C 420 12.00 -20.90 16.24
C PHE C 420 12.17 -22.32 16.75
N GLY C 421 11.11 -22.94 17.27
CA GLY C 421 11.21 -24.24 17.88
C GLY C 421 11.32 -24.16 19.39
N PHE C 422 11.92 -25.20 19.97
CA PHE C 422 12.03 -25.32 21.42
C PHE C 422 13.10 -26.33 21.76
N GLY C 423 13.50 -26.32 23.03
CA GLY C 423 14.46 -27.29 23.52
C GLY C 423 15.88 -27.04 23.01
N MET C 424 16.71 -28.07 23.17
CA MET C 424 18.07 -28.02 22.65
C MET C 424 18.09 -27.96 21.13
N ARG C 425 17.02 -28.41 20.48
CA ARG C 425 16.91 -28.33 19.03
C ARG C 425 16.52 -26.95 18.54
N GLN C 426 16.21 -26.02 19.45
CA GLN C 426 15.76 -24.70 19.04
C GLN C 426 16.73 -24.08 18.04
N CYS C 427 16.16 -23.39 17.05
CA CYS C 427 16.89 -22.72 15.98
C CYS C 427 18.29 -22.25 16.37
N LEU C 428 19.29 -22.66 15.58
CA LEU C 428 20.67 -22.31 15.88
C LEU C 428 21.00 -20.88 15.48
N GLY C 429 20.29 -20.32 14.49
CA GLY C 429 20.53 -18.96 14.07
C GLY C 429 19.51 -17.99 14.61
N ARG C 430 18.85 -18.41 15.70
CA ARG C 430 17.76 -17.62 16.27
C ARG C 430 18.18 -16.18 16.51
N ARG C 431 19.35 -15.98 17.11
CA ARG C 431 19.73 -14.64 17.55
C ARG C 431 20.40 -13.85 16.42
N LEU C 432 21.04 -14.52 15.47
CA LEU C 432 21.55 -13.82 14.29
C LEU C 432 20.40 -13.29 13.44
N ALA C 433 19.28 -14.02 13.40
CA ALA C 433 18.12 -13.56 12.64
C ALA C 433 17.46 -12.38 13.35
N GLU C 434 17.27 -12.48 14.67
CA GLU C 434 16.71 -11.36 15.41
C GLU C 434 17.53 -10.09 15.21
N ALA C 435 18.85 -10.21 15.25
CA ALA C 435 19.70 -9.04 15.10
C ALA C 435 19.49 -8.39 13.73
N GLU C 436 19.54 -9.19 12.66
CA GLU C 436 19.36 -8.66 11.31
C GLU C 436 18.01 -7.99 11.17
N MET C 437 16.95 -8.64 11.65
CA MET C 437 15.63 -8.05 11.56
C MET C 437 15.52 -6.80 12.41
N LEU C 438 16.10 -6.83 13.61
CA LEU C 438 15.89 -5.75 14.57
C LEU C 438 16.67 -4.50 14.18
N LEU C 439 17.94 -4.67 13.81
CA LEU C 439 18.78 -3.51 13.51
C LEU C 439 18.32 -2.80 12.23
N LEU C 440 17.86 -3.56 11.25
CA LEU C 440 17.33 -2.94 10.04
C LEU C 440 16.12 -2.08 10.36
N LEU C 441 15.11 -2.69 11.01
CA LEU C 441 13.90 -1.94 11.33
C LEU C 441 14.21 -0.73 12.20
N HIS C 442 15.22 -0.82 13.05
CA HIS C 442 15.56 0.32 13.91
C HIS C 442 16.00 1.51 13.07
N HIS C 443 17.01 1.31 12.22
CA HIS C 443 17.56 2.41 11.46
C HIS C 443 16.60 2.90 10.38
N VAL C 444 15.65 2.08 9.95
CA VAL C 444 14.67 2.53 8.99
C VAL C 444 13.61 3.40 9.67
N LEU C 445 13.21 3.02 10.89
CA LEU C 445 12.15 3.76 11.57
C LEU C 445 12.62 5.16 11.95
N LYS C 446 13.89 5.33 12.31
CA LYS C 446 14.38 6.64 12.73
C LYS C 446 14.77 7.52 11.56
N HIS C 447 14.47 7.12 10.33
CA HIS C 447 14.79 7.95 9.16
C HIS C 447 13.68 8.03 8.12
N PHE C 448 12.70 7.13 8.11
CA PHE C 448 11.70 7.12 7.06
C PHE C 448 10.32 6.87 7.64
N LEU C 449 9.31 7.10 6.79
CA LEU C 449 7.94 6.69 7.03
C LEU C 449 7.56 5.67 5.98
N VAL C 450 7.04 4.53 6.40
CA VAL C 450 6.70 3.44 5.50
C VAL C 450 5.19 3.48 5.29
N GLU C 451 4.78 3.70 4.04
CA GLU C 451 3.37 3.89 3.70
C GLU C 451 3.01 2.96 2.54
N THR C 452 1.71 2.70 2.39
CA THR C 452 1.25 1.85 1.30
C THR C 452 -0.27 1.95 1.17
N LEU C 453 -0.74 2.03 -0.08
CA LEU C 453 -2.18 1.93 -0.32
C LEU C 453 -2.66 0.48 -0.31
N THR C 454 -1.78 -0.46 -0.63
CA THR C 454 -2.13 -1.88 -0.56
C THR C 454 -2.40 -2.26 0.88
N GLN C 455 -3.67 -2.28 1.28
CA GLN C 455 -4.05 -2.66 2.64
C GLN C 455 -4.77 -4.00 2.69
N GLU C 456 -5.05 -4.62 1.56
CA GLU C 456 -5.61 -5.96 1.55
C GLU C 456 -4.55 -6.97 2.00
N ASP C 457 -4.99 -7.96 2.77
CA ASP C 457 -4.09 -9.00 3.24
C ASP C 457 -3.30 -9.59 2.08
N ILE C 458 -2.08 -10.02 2.36
CA ILE C 458 -1.23 -10.67 1.36
C ILE C 458 -1.40 -12.17 1.48
N LYS C 459 -1.70 -12.82 0.36
CA LYS C 459 -1.87 -14.26 0.36
C LYS C 459 -0.52 -14.94 0.58
N MET C 460 -0.50 -15.93 1.48
CA MET C 460 0.71 -16.67 1.79
C MET C 460 0.79 -17.94 0.95
N VAL C 461 2.02 -18.38 0.69
CA VAL C 461 2.29 -19.54 -0.14
C VAL C 461 3.23 -20.48 0.61
N TYR C 462 3.01 -21.78 0.48
CA TYR C 462 3.88 -22.79 1.05
C TYR C 462 4.79 -23.35 -0.05
N SER C 463 6.09 -23.08 0.07
CA SER C 463 7.12 -23.77 -0.70
C SER C 463 8.23 -24.20 0.26
N PHE C 464 7.84 -25.07 1.20
CA PHE C 464 8.69 -25.54 2.30
C PHE C 464 8.82 -24.48 3.40
N ILE C 465 8.62 -23.22 3.05
CA ILE C 465 8.50 -22.15 4.03
C ILE C 465 7.29 -21.30 3.67
N LEU C 466 6.68 -20.70 4.68
CA LEU C 466 5.49 -19.88 4.47
C LEU C 466 5.91 -18.46 4.11
N ARG C 467 5.80 -18.12 2.82
CA ARG C 467 6.28 -16.86 2.29
C ARG C 467 5.17 -16.12 1.56
N PRO C 468 5.27 -14.79 1.49
CA PRO C 468 4.23 -14.03 0.76
C PRO C 468 4.28 -14.32 -0.74
N GLY C 469 3.09 -14.51 -1.32
CA GLY C 469 3.01 -14.76 -2.75
C GLY C 469 3.10 -13.51 -3.59
N THR C 470 2.90 -12.35 -2.99
CA THR C 470 3.01 -11.06 -3.67
C THR C 470 3.81 -10.11 -2.79
N SER C 471 4.48 -9.15 -3.42
CA SER C 471 5.28 -8.18 -2.70
C SER C 471 4.67 -6.80 -2.86
N PRO C 472 4.27 -6.11 -1.79
CA PRO C 472 3.54 -4.85 -1.94
C PRO C 472 4.46 -3.71 -2.35
N LEU C 473 3.83 -2.61 -2.74
CA LEU C 473 4.54 -1.39 -3.14
C LEU C 473 4.68 -0.50 -1.91
N LEU C 474 5.88 -0.44 -1.36
CA LEU C 474 6.15 0.36 -0.16
C LEU C 474 6.80 1.67 -0.55
N THR C 475 6.33 2.75 0.06
CA THR C 475 6.93 4.06 -0.07
C THR C 475 7.78 4.35 1.15
N PHE C 476 8.91 5.00 0.94
CA PHE C 476 9.82 5.38 2.02
C PHE C 476 9.99 6.89 1.96
N ARG C 477 9.25 7.60 2.80
CA ARG C 477 9.30 9.05 2.88
C ARG C 477 10.24 9.44 4.02
N ALA C 478 11.20 10.30 3.71
CA ALA C 478 12.25 10.61 4.66
C ALA C 478 11.80 11.69 5.64
N ILE C 479 12.55 11.81 6.74
CA ILE C 479 12.31 12.84 7.74
C ILE C 479 13.50 13.80 7.72
N THR D 11 -47.87 -5.26 60.00
CA THR D 11 -48.31 -5.84 58.72
C THR D 11 -48.65 -4.72 57.74
N VAL D 12 -49.27 -3.66 58.25
CA VAL D 12 -49.52 -2.46 57.45
C VAL D 12 -48.32 -1.53 57.58
N LEU D 13 -47.93 -0.93 56.47
CA LEU D 13 -46.76 -0.07 56.44
C LEU D 13 -47.18 1.39 56.32
N PRO D 14 -46.39 2.31 56.86
CA PRO D 14 -46.76 3.73 56.78
C PRO D 14 -46.79 4.22 55.34
N PHE D 15 -47.30 5.44 55.19
CA PHE D 15 -47.32 6.05 53.85
C PHE D 15 -45.93 6.49 53.43
N GLU D 16 -45.15 7.03 54.37
CA GLU D 16 -43.83 7.56 54.04
C GLU D 16 -42.85 6.48 53.58
N ALA D 17 -43.21 5.21 53.68
CA ALA D 17 -42.36 4.10 53.27
C ALA D 17 -42.67 3.60 51.87
N MET D 18 -43.30 4.42 51.04
CA MET D 18 -43.64 4.04 49.69
C MET D 18 -42.44 4.26 48.76
N PRO D 19 -42.39 3.54 47.64
CA PRO D 19 -41.44 3.91 46.58
C PRO D 19 -41.80 5.26 45.99
N GLN D 20 -40.81 6.14 45.87
CA GLN D 20 -41.01 7.51 45.44
C GLN D 20 -40.60 7.68 43.98
N HIS D 21 -41.35 8.49 43.25
CA HIS D 21 -41.00 8.83 41.87
C HIS D 21 -39.82 9.80 41.89
N PRO D 22 -38.70 9.48 41.23
CA PRO D 22 -37.53 10.37 41.33
C PRO D 22 -37.79 11.76 40.79
N GLY D 23 -38.83 11.92 39.98
CA GLY D 23 -39.04 13.19 39.30
C GLY D 23 -39.32 14.31 40.28
N ASN D 24 -38.81 15.49 39.95
CA ASN D 24 -39.07 16.71 40.71
C ASN D 24 -40.26 17.41 40.09
N ARG D 25 -41.31 17.60 40.89
CA ARG D 25 -42.56 18.16 40.37
C ARG D 25 -42.32 19.43 39.57
N TRP D 26 -41.42 20.30 40.03
CA TRP D 26 -41.24 21.59 39.40
C TRP D 26 -40.60 21.46 38.03
N LEU D 27 -39.51 20.70 37.93
CA LEU D 27 -38.86 20.53 36.63
C LEU D 27 -39.85 20.02 35.59
N ARG D 28 -40.77 19.14 35.98
CA ARG D 28 -41.76 18.62 35.06
C ARG D 28 -42.86 19.62 34.76
N LEU D 29 -42.92 20.74 35.47
CA LEU D 29 -43.78 21.84 35.05
C LEU D 29 -43.06 22.71 34.01
N LEU D 30 -41.77 22.95 34.21
CA LEU D 30 -41.00 23.69 33.22
C LEU D 30 -40.78 22.86 31.96
N GLN D 31 -40.55 21.56 32.13
CA GLN D 31 -40.51 20.67 30.97
C GLN D 31 -41.75 20.86 30.10
N ILE D 32 -42.92 20.95 30.73
CA ILE D 32 -44.16 21.14 29.98
C ILE D 32 -44.24 22.53 29.39
N TRP D 33 -43.72 23.54 30.12
CA TRP D 33 -43.67 24.88 29.57
C TRP D 33 -42.86 24.92 28.28
N ARG D 34 -41.74 24.21 28.24
CA ARG D 34 -40.86 24.21 27.07
C ARG D 34 -41.48 23.42 25.93
N GLU D 35 -41.72 22.13 26.14
CA GLU D 35 -42.22 21.24 25.10
C GLU D 35 -43.66 21.54 24.69
N GLN D 36 -44.37 22.36 25.47
CA GLN D 36 -45.78 22.64 25.20
C GLN D 36 -46.61 21.36 25.20
N GLY D 37 -46.33 20.48 26.14
CA GLY D 37 -47.05 19.22 26.24
C GLY D 37 -46.30 18.23 27.11
N TYR D 38 -46.93 17.08 27.28
CA TYR D 38 -46.40 15.97 28.08
C TYR D 38 -46.67 14.67 27.35
N GLU D 39 -46.36 14.65 26.05
CA GLU D 39 -46.85 13.58 25.19
C GLU D 39 -46.40 12.19 25.64
N HIS D 40 -45.21 12.09 26.24
CA HIS D 40 -44.64 10.80 26.62
C HIS D 40 -45.05 10.35 28.01
N LEU D 41 -46.07 10.96 28.60
CA LEU D 41 -46.40 10.68 30.00
C LEU D 41 -46.63 9.19 30.22
N HIS D 42 -47.45 8.56 29.39
CA HIS D 42 -47.77 7.15 29.59
C HIS D 42 -46.50 6.31 29.64
N LEU D 43 -45.49 6.65 28.85
CA LEU D 43 -44.25 5.88 28.84
C LEU D 43 -43.43 6.16 30.09
N GLU D 44 -43.47 7.39 30.61
CA GLU D 44 -42.70 7.72 31.81
C GLU D 44 -43.28 7.05 33.04
N MET D 45 -44.59 6.84 33.07
CA MET D 45 -45.20 6.13 34.20
C MET D 45 -45.01 4.63 34.06
N HIS D 46 -45.22 4.09 32.85
CA HIS D 46 -44.97 2.67 32.61
C HIS D 46 -43.57 2.28 33.06
N GLN D 47 -42.58 3.11 32.73
CA GLN D 47 -41.21 2.83 33.14
C GLN D 47 -41.08 2.86 34.66
N THR D 48 -41.65 3.88 35.29
CA THR D 48 -41.56 3.99 36.74
C THR D 48 -42.21 2.79 37.42
N PHE D 49 -43.35 2.34 36.90
CA PHE D 49 -43.98 1.14 37.46
C PHE D 49 -43.06 -0.06 37.35
N GLN D 50 -42.24 -0.12 36.31
CA GLN D 50 -41.35 -1.26 36.12
C GLN D 50 -40.19 -1.24 37.09
N GLU D 51 -39.71 -0.05 37.47
CA GLU D 51 -38.58 0.04 38.38
C GLU D 51 -39.00 -0.10 39.83
N LEU D 52 -40.13 0.50 40.22
CA LEU D 52 -40.50 0.65 41.62
C LEU D 52 -41.56 -0.33 42.10
N GLY D 53 -42.25 -1.04 41.19
CA GLY D 53 -43.29 -1.95 41.58
C GLY D 53 -44.68 -1.46 41.20
N PRO D 54 -45.71 -2.06 41.78
CA PRO D 54 -47.09 -1.72 41.37
C PRO D 54 -47.71 -0.58 42.17
N ILE D 55 -46.89 0.26 42.81
CA ILE D 55 -47.40 1.40 43.57
C ILE D 55 -46.25 2.33 43.93
N PHE D 56 -46.49 3.63 43.85
CA PHE D 56 -45.44 4.61 44.17
C PHE D 56 -46.06 5.98 44.39
N ARG D 57 -45.42 6.76 45.26
CA ARG D 57 -45.80 8.13 45.53
C ARG D 57 -45.37 9.06 44.39
N TYR D 58 -45.95 10.26 44.41
CA TYR D 58 -45.46 11.38 43.63
C TYR D 58 -45.56 12.60 44.53
N ASN D 59 -44.46 13.34 44.68
CA ASN D 59 -44.40 14.43 45.64
C ASN D 59 -45.07 15.67 45.05
N LEU D 60 -46.26 15.99 45.56
CA LEU D 60 -46.98 17.19 45.17
C LEU D 60 -46.59 18.41 46.01
N GLY D 61 -45.52 18.30 46.79
CA GLY D 61 -45.21 19.29 47.80
C GLY D 61 -45.54 18.73 49.17
N GLY D 62 -46.70 19.10 49.69
CA GLY D 62 -47.27 18.46 50.85
C GLY D 62 -48.39 17.47 50.54
N PRO D 63 -49.23 17.74 49.53
CA PRO D 63 -50.34 16.82 49.24
C PRO D 63 -49.83 15.44 48.81
N ARG D 64 -50.79 14.52 48.64
CA ARG D 64 -50.48 13.11 48.45
C ARG D 64 -51.13 12.59 47.18
N MET D 65 -50.30 12.15 46.23
CA MET D 65 -50.76 11.41 45.07
C MET D 65 -50.14 10.03 45.13
N VAL D 66 -50.90 9.02 44.68
CA VAL D 66 -50.47 7.63 44.72
C VAL D 66 -50.87 6.97 43.40
N CYS D 67 -49.91 6.31 42.76
CA CYS D 67 -50.12 5.71 41.45
C CYS D 67 -50.12 4.19 41.61
N VAL D 68 -51.18 3.55 41.10
CA VAL D 68 -51.35 2.11 41.19
C VAL D 68 -51.69 1.58 39.79
N MET D 69 -51.79 0.26 39.68
CA MET D 69 -52.00 -0.34 38.36
C MET D 69 -52.66 -1.71 38.40
N LEU D 70 -53.03 -2.21 39.59
CA LEU D 70 -53.57 -3.55 39.65
C LEU D 70 -55.07 -3.52 39.89
N PRO D 71 -55.84 -4.42 39.26
CA PRO D 71 -57.28 -4.50 39.59
C PRO D 71 -57.51 -4.70 41.07
N GLU D 72 -56.63 -5.44 41.73
CA GLU D 72 -56.57 -5.52 43.19
C GLU D 72 -56.98 -4.20 43.84
N ASP D 73 -56.45 -3.09 43.32
CA ASP D 73 -56.63 -1.79 43.95
C ASP D 73 -57.88 -1.06 43.49
N VAL D 74 -58.29 -1.22 42.22
CA VAL D 74 -59.53 -0.60 41.77
C VAL D 74 -60.68 -1.10 42.64
N GLU D 75 -60.70 -2.39 42.96
CA GLU D 75 -61.74 -2.94 43.82
C GLU D 75 -61.77 -2.23 45.17
N LYS D 76 -60.60 -2.09 45.81
CA LYS D 76 -60.55 -1.38 47.08
C LYS D 76 -60.96 0.08 46.91
N LEU D 77 -60.67 0.67 45.76
CA LEU D 77 -61.03 2.07 45.54
C LEU D 77 -62.54 2.24 45.39
N GLN D 78 -63.22 1.22 44.88
CA GLN D 78 -64.67 1.29 44.76
C GLN D 78 -65.35 1.12 46.12
N GLN D 79 -64.84 0.20 46.95
CA GLN D 79 -65.40 0.05 48.29
C GLN D 79 -65.40 1.39 49.02
N VAL D 80 -64.35 2.19 48.84
CA VAL D 80 -64.23 3.45 49.56
C VAL D 80 -65.09 4.55 48.96
N ASP D 81 -65.58 4.40 47.72
CA ASP D 81 -66.48 5.38 47.14
C ASP D 81 -67.63 5.69 48.08
N SER D 82 -67.77 6.96 48.46
CA SER D 82 -68.83 7.36 49.37
C SER D 82 -70.10 7.65 48.56
N LEU D 83 -71.06 8.32 49.18
CA LEU D 83 -72.23 8.75 48.42
C LEU D 83 -71.82 9.68 47.28
N HIS D 84 -70.75 10.46 47.49
CA HIS D 84 -70.26 11.42 46.51
C HIS D 84 -68.80 11.13 46.18
N PRO D 85 -68.54 10.21 45.25
CA PRO D 85 -67.14 9.98 44.82
C PRO D 85 -66.54 11.25 44.24
N CYS D 86 -65.25 11.44 44.47
CA CYS D 86 -64.59 12.71 44.21
C CYS D 86 -63.43 12.50 43.25
N ARG D 87 -63.51 13.13 42.08
CA ARG D 87 -62.36 13.34 41.21
C ARG D 87 -61.79 14.73 41.45
N MET D 88 -60.56 14.94 40.99
CA MET D 88 -59.93 16.23 41.18
C MET D 88 -60.54 17.27 40.25
N ILE D 89 -60.79 18.46 40.80
CA ILE D 89 -61.28 19.56 39.98
C ILE D 89 -60.30 19.83 38.86
N LEU D 90 -60.82 20.00 37.65
CA LEU D 90 -60.03 20.26 36.46
C LEU D 90 -60.11 21.76 36.18
N GLU D 91 -59.21 22.52 36.80
CA GLU D 91 -59.36 23.97 36.84
C GLU D 91 -59.47 24.62 35.46
N PRO D 92 -58.70 24.23 34.45
CA PRO D 92 -58.83 24.91 33.15
C PRO D 92 -60.24 24.87 32.59
N TRP D 93 -60.93 23.73 32.72
CA TRP D 93 -62.30 23.62 32.21
C TRP D 93 -63.29 24.33 33.10
N VAL D 94 -63.15 24.19 34.43
CA VAL D 94 -64.08 24.84 35.34
C VAL D 94 -63.92 26.35 35.28
N ALA D 95 -62.72 26.83 34.96
CA ALA D 95 -62.51 28.28 34.89
C ALA D 95 -63.33 28.89 33.77
N TYR D 96 -63.51 28.17 32.67
CA TYR D 96 -64.32 28.70 31.58
C TYR D 96 -65.79 28.67 31.94
N ARG D 97 -66.25 27.59 32.58
CA ARG D 97 -67.65 27.52 33.00
C ARG D 97 -68.02 28.75 33.82
N GLN D 98 -67.15 29.16 34.75
CA GLN D 98 -67.46 30.27 35.64
C GLN D 98 -67.02 31.63 35.10
N HIS D 99 -66.11 31.65 34.13
CA HIS D 99 -65.84 32.91 33.44
C HIS D 99 -67.03 33.34 32.57
N ARG D 100 -67.82 32.37 32.10
CA ARG D 100 -68.96 32.62 31.23
C ARG D 100 -70.29 32.39 31.94
N GLY D 101 -70.31 32.40 33.26
CA GLY D 101 -71.54 32.21 34.00
C GLY D 101 -72.36 31.02 33.55
N HIS D 102 -71.72 29.86 33.46
CA HIS D 102 -72.37 28.60 33.09
C HIS D 102 -72.32 27.65 34.27
N LYS D 103 -73.18 26.63 34.23
CA LYS D 103 -73.14 25.56 35.20
C LYS D 103 -72.28 24.42 34.68
N CYS D 104 -71.61 23.74 35.59
CA CYS D 104 -70.81 22.57 35.24
C CYS D 104 -71.73 21.37 35.06
N GLY D 105 -71.24 20.39 34.29
CA GLY D 105 -71.93 19.13 34.11
C GLY D 105 -71.35 18.04 34.99
N VAL D 106 -71.87 16.83 34.79
CA VAL D 106 -71.48 15.69 35.62
C VAL D 106 -69.98 15.41 35.52
N PHE D 107 -69.33 15.81 34.42
CA PHE D 107 -67.90 15.52 34.29
C PHE D 107 -67.06 16.42 35.19
N LEU D 108 -67.54 17.61 35.50
CA LEU D 108 -66.78 18.58 36.29
C LEU D 108 -67.40 18.86 37.65
N LEU D 109 -68.47 18.17 38.03
CA LEU D 109 -69.12 18.38 39.32
C LEU D 109 -68.64 17.35 40.33
N ASN D 110 -68.78 17.71 41.60
CA ASN D 110 -68.47 16.83 42.72
C ASN D 110 -69.56 16.98 43.77
N GLY D 111 -69.60 16.04 44.71
CA GLY D 111 -70.46 16.19 45.86
C GLY D 111 -71.93 16.10 45.52
N PRO D 112 -72.78 16.75 46.33
CA PRO D 112 -74.23 16.59 46.13
C PRO D 112 -74.71 17.02 44.75
N GLU D 113 -74.27 18.20 44.28
CA GLU D 113 -74.73 18.69 42.98
C GLU D 113 -74.44 17.68 41.89
N TRP D 114 -73.34 16.92 42.01
CA TRP D 114 -73.08 15.86 41.06
C TRP D 114 -74.14 14.77 41.17
N ARG D 115 -74.37 14.26 42.38
CA ARG D 115 -75.30 13.16 42.54
C ARG D 115 -76.70 13.53 42.05
N PHE D 116 -77.06 14.81 42.17
CA PHE D 116 -78.35 15.24 41.65
C PHE D 116 -78.38 15.15 40.12
N ASN D 117 -77.39 15.74 39.46
CA ASN D 117 -77.35 15.68 38.00
C ASN D 117 -77.26 14.25 37.50
N ARG D 118 -76.48 13.42 38.19
CA ARG D 118 -76.18 12.09 37.68
C ARG D 118 -77.41 11.17 37.71
N LEU D 119 -78.24 11.30 38.74
CA LEU D 119 -79.38 10.40 38.87
C LEU D 119 -80.53 10.76 37.92
N ARG D 120 -80.55 11.98 37.41
CA ARG D 120 -81.53 12.38 36.41
C ARG D 120 -81.04 12.16 34.98
N LEU D 121 -79.75 11.87 34.80
CA LEU D 121 -79.19 11.58 33.49
C LEU D 121 -79.11 10.11 33.18
N ASN D 122 -78.92 9.26 34.19
CA ASN D 122 -78.80 7.82 33.94
C ASN D 122 -79.97 7.23 33.16
N PRO D 123 -81.23 7.54 33.49
CA PRO D 123 -82.33 6.86 32.79
C PRO D 123 -82.32 7.06 31.29
N ASP D 124 -82.07 8.29 30.83
CA ASP D 124 -82.20 8.63 29.42
C ASP D 124 -80.89 8.48 28.64
N VAL D 125 -79.78 8.21 29.31
CA VAL D 125 -78.47 8.27 28.67
C VAL D 125 -77.78 6.91 28.72
N LEU D 126 -78.03 6.14 29.78
CA LEU D 126 -77.22 4.96 30.08
C LEU D 126 -78.03 3.72 30.36
N SER D 127 -79.28 3.83 30.79
CA SER D 127 -80.06 2.65 31.14
C SER D 127 -80.32 1.79 29.90
N PRO D 128 -80.48 0.47 30.08
CA PRO D 128 -80.73 -0.39 28.92
C PRO D 128 -81.96 0.02 28.13
N LYS D 129 -82.91 0.71 28.77
CA LYS D 129 -84.12 1.12 28.07
C LYS D 129 -83.82 2.23 27.07
N ALA D 130 -83.04 3.22 27.48
CA ALA D 130 -82.67 4.29 26.57
C ALA D 130 -81.86 3.76 25.40
N VAL D 131 -81.01 2.77 25.65
CA VAL D 131 -80.18 2.20 24.58
C VAL D 131 -81.06 1.55 23.52
N GLN D 132 -82.07 0.80 23.95
CA GLN D 132 -82.98 0.20 22.99
C GLN D 132 -83.65 1.25 22.12
N ARG D 133 -83.72 2.50 22.57
CA ARG D 133 -84.36 3.56 21.82
C ARG D 133 -83.43 4.23 20.82
N PHE D 134 -82.21 4.58 21.24
CA PHE D 134 -81.29 5.28 20.34
C PHE D 134 -80.37 4.34 19.55
N LEU D 135 -80.25 3.07 19.95
CA LEU D 135 -79.38 2.17 19.22
C LEU D 135 -79.83 1.99 17.78
N PRO D 136 -81.12 1.85 17.47
CA PRO D 136 -81.51 1.78 16.05
C PRO D 136 -81.11 3.01 15.26
N MET D 137 -81.14 4.20 15.90
CA MET D 137 -80.69 5.40 15.20
C MET D 137 -79.21 5.31 14.87
N VAL D 138 -78.39 4.87 15.81
CA VAL D 138 -76.97 4.68 15.54
C VAL D 138 -76.75 3.65 14.46
N ASP D 139 -77.67 2.68 14.32
CA ASP D 139 -77.53 1.67 13.28
C ASP D 139 -77.67 2.30 11.89
N ALA D 140 -78.55 3.29 11.76
CA ALA D 140 -78.71 3.96 10.47
C ALA D 140 -77.40 4.59 10.01
N VAL D 141 -76.79 5.40 10.87
CA VAL D 141 -75.55 6.08 10.51
C VAL D 141 -74.47 5.06 10.16
N ALA D 142 -74.44 3.93 10.87
CA ALA D 142 -73.43 2.92 10.59
C ALA D 142 -73.66 2.27 9.23
N ARG D 143 -74.92 2.10 8.81
CA ARG D 143 -75.18 1.54 7.50
C ARG D 143 -74.86 2.55 6.40
N ASP D 144 -75.22 3.82 6.60
CA ASP D 144 -74.87 4.86 5.64
C ASP D 144 -73.36 5.00 5.51
N PHE D 145 -72.61 4.65 6.56
CA PHE D 145 -71.16 4.72 6.48
C PHE D 145 -70.61 3.64 5.55
N SER D 146 -71.13 2.41 5.66
CA SER D 146 -70.65 1.35 4.79
C SER D 146 -71.22 1.47 3.37
N GLN D 147 -72.50 1.84 3.26
CA GLN D 147 -73.07 2.05 1.93
C GLN D 147 -72.26 3.08 1.15
N ALA D 148 -71.95 4.21 1.78
CA ALA D 148 -71.17 5.24 1.10
C ALA D 148 -69.78 4.74 0.75
N LEU D 149 -69.15 4.00 1.66
CA LEU D 149 -67.81 3.47 1.39
C LEU D 149 -67.86 2.43 0.29
N LYS D 150 -68.89 1.59 0.27
CA LYS D 150 -68.99 0.58 -0.77
C LYS D 150 -69.18 1.21 -2.14
N LYS D 151 -69.89 2.34 -2.21
CA LYS D 151 -70.07 3.02 -3.49
C LYS D 151 -68.75 3.56 -4.02
N LYS D 152 -67.96 4.19 -3.16
CA LYS D 152 -66.67 4.71 -3.60
C LYS D 152 -65.69 3.59 -3.93
N VAL D 153 -65.82 2.45 -3.26
CA VAL D 153 -64.88 1.35 -3.45
C VAL D 153 -65.11 0.66 -4.78
N LEU D 154 -66.37 0.32 -5.07
CA LEU D 154 -66.67 -0.38 -6.31
C LEU D 154 -66.46 0.49 -7.54
N GLN D 155 -66.14 1.77 -7.38
CA GLN D 155 -65.78 2.60 -8.52
C GLN D 155 -64.35 2.39 -8.97
N ASN D 156 -63.54 1.66 -8.22
CA ASN D 156 -62.14 1.44 -8.54
C ASN D 156 -61.94 0.05 -9.13
N ALA D 157 -60.96 -0.05 -10.03
CA ALA D 157 -60.75 -1.29 -10.78
C ALA D 157 -60.64 -2.49 -9.86
N ARG D 158 -59.82 -2.37 -8.82
CA ARG D 158 -59.61 -3.45 -7.87
C ARG D 158 -60.71 -3.53 -6.81
N GLY D 159 -61.83 -2.85 -7.02
CA GLY D 159 -62.91 -2.88 -6.05
C GLY D 159 -62.44 -2.66 -4.63
N SER D 160 -61.52 -1.72 -4.44
CA SER D 160 -60.97 -1.45 -3.11
C SER D 160 -60.57 0.01 -3.02
N LEU D 161 -60.59 0.54 -1.80
CA LEU D 161 -60.22 1.92 -1.55
C LEU D 161 -59.19 1.96 -0.42
N THR D 162 -58.08 2.63 -0.65
CA THR D 162 -57.04 2.83 0.35
C THR D 162 -57.01 4.30 0.74
N LEU D 163 -56.96 4.58 2.04
CA LEU D 163 -57.08 5.94 2.52
C LEU D 163 -56.73 6.01 4.00
N ASP D 164 -56.70 7.23 4.52
CA ASP D 164 -56.65 7.48 5.95
C ASP D 164 -58.09 7.68 6.42
N VAL D 165 -58.59 6.72 7.22
CA VAL D 165 -60.00 6.76 7.64
C VAL D 165 -60.25 7.65 8.84
N GLN D 166 -59.21 8.23 9.44
CA GLN D 166 -59.41 9.03 10.64
C GLN D 166 -60.41 10.16 10.42
N PRO D 167 -60.33 10.95 9.33
CA PRO D 167 -61.36 11.98 9.13
C PRO D 167 -62.76 11.41 8.99
N SER D 168 -62.94 10.36 8.18
CA SER D 168 -64.28 9.81 8.00
C SER D 168 -64.81 9.18 9.29
N ILE D 169 -63.94 8.56 10.08
CA ILE D 169 -64.37 7.98 11.34
C ILE D 169 -64.79 9.06 12.33
N PHE D 170 -64.00 10.14 12.42
CA PHE D 170 -64.37 11.23 13.31
C PHE D 170 -65.73 11.81 12.93
N HIS D 171 -65.96 12.02 11.63
CA HIS D 171 -67.24 12.57 11.22
C HIS D 171 -68.36 11.55 11.36
N TYR D 172 -68.03 10.25 11.41
CA TYR D 172 -69.05 9.27 11.73
C TYR D 172 -69.53 9.42 13.16
N THR D 173 -68.60 9.59 14.12
CA THR D 173 -69.00 9.70 15.52
C THR D 173 -69.72 11.01 15.79
N ILE D 174 -69.42 12.06 15.03
CA ILE D 174 -70.19 13.30 15.17
C ILE D 174 -71.62 13.07 14.70
N GLU D 175 -71.79 12.38 13.58
CA GLU D 175 -73.12 12.09 13.07
C GLU D 175 -73.92 11.25 14.07
N ALA D 176 -73.38 10.08 14.42
CA ALA D 176 -74.09 9.19 15.32
C ALA D 176 -74.42 9.88 16.63
N SER D 177 -73.48 10.64 17.18
CA SER D 177 -73.72 11.28 18.46
C SER D 177 -74.80 12.36 18.35
N ASN D 178 -74.73 13.20 17.32
CA ASN D 178 -75.74 14.25 17.18
C ASN D 178 -77.12 13.66 16.92
N LEU D 179 -77.18 12.47 16.31
CA LEU D 179 -78.48 11.84 16.08
C LEU D 179 -79.01 11.22 17.37
N ALA D 180 -78.14 10.55 18.13
CA ALA D 180 -78.60 9.94 19.37
C ALA D 180 -78.93 10.98 20.44
N LEU D 181 -78.28 12.14 20.40
CA LEU D 181 -78.48 13.15 21.42
C LEU D 181 -79.63 14.10 21.06
N PHE D 182 -79.68 14.58 19.82
CA PHE D 182 -80.62 15.61 19.43
C PHE D 182 -81.62 15.17 18.37
N GLY D 183 -81.49 13.96 17.82
CA GLY D 183 -82.41 13.50 16.80
C GLY D 183 -82.27 14.16 15.45
N GLU D 184 -81.38 15.13 15.31
CA GLU D 184 -81.11 15.75 14.02
C GLU D 184 -80.17 14.86 13.21
N ARG D 185 -80.15 15.10 11.90
CA ARG D 185 -79.25 14.39 11.00
C ARG D 185 -78.49 15.42 10.17
N LEU D 186 -77.17 15.44 10.34
CA LEU D 186 -76.28 16.34 9.61
C LEU D 186 -75.68 15.59 8.42
N GLY D 187 -75.54 16.28 7.29
CA GLY D 187 -75.06 15.62 6.10
C GLY D 187 -73.56 15.35 6.11
N LEU D 188 -73.09 14.56 7.08
CA LEU D 188 -71.66 14.36 7.29
C LEU D 188 -71.16 12.97 6.94
N VAL D 189 -72.00 11.95 7.01
CA VAL D 189 -71.59 10.60 6.61
C VAL D 189 -71.97 10.41 5.15
N GLY D 190 -70.96 10.13 4.31
CA GLY D 190 -71.16 10.00 2.89
C GLY D 190 -70.95 11.28 2.11
N HIS D 191 -70.63 12.38 2.79
CA HIS D 191 -70.43 13.66 2.13
C HIS D 191 -69.19 14.34 2.72
N SER D 192 -68.79 15.44 2.09
CA SER D 192 -67.58 16.13 2.52
C SER D 192 -67.83 16.85 3.83
N PRO D 193 -66.79 17.01 4.66
CA PRO D 193 -66.96 17.72 5.94
C PRO D 193 -67.51 19.12 5.73
N SER D 194 -68.22 19.61 6.73
CA SER D 194 -68.66 20.99 6.76
C SER D 194 -67.67 21.83 7.57
N SER D 195 -67.63 23.12 7.27
CA SER D 195 -66.76 24.01 8.02
C SER D 195 -67.13 23.99 9.50
N ALA D 196 -68.42 23.86 9.80
CA ALA D 196 -68.85 23.83 11.20
C ALA D 196 -68.26 22.62 11.93
N SER D 197 -68.15 21.48 11.23
CA SER D 197 -67.58 20.29 11.86
C SER D 197 -66.07 20.42 12.02
N LEU D 198 -65.38 20.83 10.95
CA LEU D 198 -63.93 20.97 11.00
C LEU D 198 -63.52 21.97 12.08
N ASN D 199 -64.26 23.07 12.20
CA ASN D 199 -63.95 24.04 13.25
C ASN D 199 -64.25 23.48 14.63
N PHE D 200 -65.21 22.56 14.73
CA PHE D 200 -65.51 21.93 16.01
C PHE D 200 -64.46 20.89 16.36
N LEU D 201 -63.95 20.17 15.35
CA LEU D 201 -62.90 19.19 15.59
C LEU D 201 -61.60 19.86 16.00
N HIS D 202 -61.18 20.86 15.23
CA HIS D 202 -59.98 21.63 15.58
C HIS D 202 -60.08 22.18 16.99
N ALA D 203 -61.22 22.80 17.31
CA ALA D 203 -61.42 23.37 18.63
C ALA D 203 -61.15 22.34 19.73
N LEU D 204 -61.70 21.13 19.58
CA LEU D 204 -61.43 20.07 20.54
C LEU D 204 -59.95 19.75 20.61
N GLU D 205 -59.27 19.73 19.46
CA GLU D 205 -57.85 19.42 19.43
C GLU D 205 -57.04 20.41 20.26
N VAL D 206 -57.37 21.69 20.16
CA VAL D 206 -56.63 22.72 20.89
C VAL D 206 -57.01 22.70 22.36
N MET D 207 -58.28 22.43 22.65
CA MET D 207 -58.71 22.34 24.04
C MET D 207 -57.95 21.25 24.77
N PHE D 208 -57.75 20.11 24.12
CA PHE D 208 -57.01 19.02 24.77
C PHE D 208 -55.55 19.38 24.95
N LYS D 209 -54.89 19.85 23.89
CA LYS D 209 -53.51 20.31 23.99
C LYS D 209 -53.36 21.33 25.11
N SER D 210 -54.15 22.41 25.06
CA SER D 210 -54.00 23.49 26.02
C SER D 210 -54.35 23.05 27.43
N THR D 211 -55.19 22.02 27.58
CA THR D 211 -55.54 21.54 28.92
C THR D 211 -54.32 20.97 29.63
N VAL D 212 -53.49 20.22 28.91
CA VAL D 212 -52.30 19.65 29.53
C VAL D 212 -51.33 20.75 29.94
N GLN D 213 -51.15 21.75 29.07
CA GLN D 213 -50.27 22.86 29.40
C GLN D 213 -50.66 23.52 30.72
N LEU D 214 -51.95 23.50 31.07
CA LEU D 214 -52.46 24.24 32.21
C LEU D 214 -52.88 23.38 33.40
N MET D 215 -53.03 22.08 33.22
CA MET D 215 -53.56 21.23 34.28
C MET D 215 -52.49 20.74 35.25
N PHE D 216 -51.21 21.05 35.03
CA PHE D 216 -50.14 20.59 35.89
C PHE D 216 -49.50 21.72 36.69
N MET D 217 -50.12 22.90 36.72
CA MET D 217 -49.63 23.97 37.56
C MET D 217 -50.81 24.83 38.01
N PRO D 218 -50.80 25.31 39.25
CA PRO D 218 -51.92 26.09 39.76
C PRO D 218 -52.16 27.33 38.90
N ARG D 219 -53.36 27.89 39.03
CA ARG D 219 -53.68 29.08 38.24
C ARG D 219 -52.87 30.29 38.70
N SER D 220 -52.35 30.28 39.93
CA SER D 220 -51.54 31.41 40.40
C SER D 220 -50.24 31.54 39.63
N LEU D 221 -49.73 30.45 39.04
CA LEU D 221 -48.54 30.50 38.20
C LEU D 221 -48.90 30.58 36.72
N SER D 222 -49.68 29.61 36.22
CA SER D 222 -50.07 29.62 34.82
C SER D 222 -50.66 30.96 34.39
N ARG D 223 -51.13 31.76 35.36
CA ARG D 223 -51.66 33.08 35.05
C ARG D 223 -50.64 33.92 34.30
N TRP D 224 -49.41 33.99 34.81
CA TRP D 224 -48.41 34.89 34.27
C TRP D 224 -47.30 34.21 33.48
N ILE D 225 -47.08 32.91 33.69
CA ILE D 225 -46.06 32.19 32.93
C ILE D 225 -46.59 31.71 31.59
N SER D 226 -47.92 31.57 31.44
CA SER D 226 -48.51 31.06 30.21
C SER D 226 -49.87 31.70 29.95
N PRO D 227 -49.98 33.03 29.96
CA PRO D 227 -51.29 33.64 29.73
C PRO D 227 -51.76 33.46 28.29
N LYS D 228 -50.84 33.35 27.35
CA LYS D 228 -51.22 33.15 25.95
C LYS D 228 -52.02 31.87 25.79
N VAL D 229 -51.72 30.87 26.62
CA VAL D 229 -52.43 29.59 26.54
C VAL D 229 -53.83 29.71 27.11
N TRP D 230 -53.99 30.45 28.21
CA TRP D 230 -55.33 30.66 28.76
C TRP D 230 -56.25 31.27 27.72
N LYS D 231 -55.77 32.27 26.98
CA LYS D 231 -56.56 32.81 25.88
C LYS D 231 -56.79 31.74 24.82
N GLU D 232 -55.74 31.04 24.43
CA GLU D 232 -55.86 29.91 23.51
C GLU D 232 -56.89 28.91 24.00
N HIS D 233 -56.90 28.64 25.31
CA HIS D 233 -57.82 27.66 25.89
C HIS D 233 -59.26 28.16 25.81
N PHE D 234 -59.51 29.37 26.28
CA PHE D 234 -60.88 29.89 26.32
C PHE D 234 -61.44 30.09 24.92
N GLU D 235 -60.61 30.46 23.94
CA GLU D 235 -61.09 30.57 22.56
C GLU D 235 -61.59 29.23 22.05
N ALA D 236 -60.91 28.15 22.40
CA ALA D 236 -61.36 26.83 22.00
C ALA D 236 -62.71 26.51 22.64
N TRP D 237 -62.85 26.76 23.94
CA TRP D 237 -64.13 26.51 24.58
C TRP D 237 -65.21 27.44 24.04
N ASP D 238 -64.83 28.63 23.56
CA ASP D 238 -65.81 29.51 22.93
C ASP D 238 -66.38 28.88 21.65
N CYS D 239 -65.52 28.23 20.85
CA CYS D 239 -66.00 27.60 19.64
C CYS D 239 -66.80 26.33 19.94
N ILE D 240 -66.41 25.59 20.98
CA ILE D 240 -67.10 24.35 21.32
C ILE D 240 -68.49 24.66 21.89
N PHE D 241 -68.57 25.63 22.81
CA PHE D 241 -69.86 26.03 23.34
C PHE D 241 -70.76 26.62 22.27
N GLN D 242 -70.18 27.16 21.20
CA GLN D 242 -70.98 27.66 20.08
C GLN D 242 -71.65 26.52 19.33
N TYR D 243 -70.85 25.57 18.83
CA TYR D 243 -71.42 24.45 18.10
C TYR D 243 -72.50 23.74 18.92
N GLY D 244 -72.28 23.60 20.23
CA GLY D 244 -73.21 22.84 21.05
C GLY D 244 -74.42 23.62 21.49
N ASP D 245 -74.30 24.93 21.66
CA ASP D 245 -75.46 25.75 21.99
C ASP D 245 -76.35 26.00 20.78
N ASN D 246 -75.81 25.85 19.56
CA ASN D 246 -76.67 25.82 18.39
C ASN D 246 -77.57 24.59 18.42
N CYS D 247 -76.98 23.41 18.71
CA CYS D 247 -77.78 22.19 18.79
C CYS D 247 -78.88 22.32 19.84
N ILE D 248 -78.56 22.92 20.98
CA ILE D 248 -79.55 23.09 22.05
C ILE D 248 -80.68 24.00 21.58
N GLN D 249 -80.33 25.16 21.04
CA GLN D 249 -81.34 26.16 20.70
C GLN D 249 -82.26 25.67 19.59
N LYS D 250 -81.82 24.73 18.76
CA LYS D 250 -82.70 24.19 17.73
C LYS D 250 -83.71 23.21 18.32
N ILE D 251 -83.27 22.33 19.22
CA ILE D 251 -84.16 21.34 19.80
C ILE D 251 -85.09 21.98 20.84
N TYR D 252 -84.63 23.04 21.52
CA TYR D 252 -85.48 23.68 22.51
C TYR D 252 -86.64 24.41 21.88
N GLN D 253 -86.45 24.96 20.68
CA GLN D 253 -87.54 25.62 19.98
C GLN D 253 -88.46 24.60 19.33
N GLU D 254 -87.89 23.54 18.75
CA GLU D 254 -88.72 22.54 18.08
C GLU D 254 -89.67 21.86 19.07
N LEU D 255 -89.25 21.70 20.33
CA LEU D 255 -90.08 21.03 21.32
C LEU D 255 -91.08 21.95 21.99
N ALA D 256 -90.79 23.25 22.05
CA ALA D 256 -91.73 24.19 22.65
C ALA D 256 -93.00 24.33 21.84
N PHE D 257 -92.97 23.99 20.55
CA PHE D 257 -94.14 24.07 19.69
C PHE D 257 -94.80 22.71 19.44
N ASN D 258 -94.14 21.61 19.82
CA ASN D 258 -94.73 20.28 19.68
C ASN D 258 -93.92 19.30 20.49
N ARG D 259 -94.59 18.54 21.37
CA ARG D 259 -93.96 17.50 22.15
C ARG D 259 -94.16 16.17 21.46
N PRO D 260 -93.14 15.59 20.81
CA PRO D 260 -93.37 14.40 20.00
C PRO D 260 -93.83 13.22 20.82
N GLN D 261 -94.52 12.28 20.16
CA GLN D 261 -94.98 11.05 20.76
C GLN D 261 -94.05 9.87 20.53
N HIS D 262 -92.98 10.06 19.74
CA HIS D 262 -92.00 9.02 19.47
C HIS D 262 -90.64 9.49 19.96
N TYR D 263 -89.68 8.58 19.93
CA TYR D 263 -88.33 8.89 20.39
C TYR D 263 -87.62 9.79 19.39
N THR D 264 -87.05 10.89 19.88
CA THR D 264 -86.39 11.87 19.01
C THR D 264 -85.05 12.32 19.60
N GLY D 265 -84.38 11.46 20.34
CA GLY D 265 -83.07 11.76 20.89
C GLY D 265 -83.07 11.74 22.40
N ILE D 266 -81.86 11.76 22.94
CA ILE D 266 -81.65 11.70 24.38
C ILE D 266 -82.01 13.03 25.03
N VAL D 267 -81.41 14.12 24.56
CA VAL D 267 -81.68 15.43 25.12
C VAL D 267 -83.17 15.75 25.04
N ALA D 268 -83.86 15.20 24.04
CA ALA D 268 -85.32 15.37 23.97
C ALA D 268 -85.97 14.92 25.27
N GLU D 269 -85.64 13.70 25.73
CA GLU D 269 -86.27 13.17 26.94
C GLU D 269 -85.94 14.01 28.16
N LEU D 270 -84.70 14.49 28.27
CA LEU D 270 -84.33 15.29 29.43
C LEU D 270 -85.14 16.58 29.51
N LEU D 271 -85.40 17.21 28.35
CA LEU D 271 -86.17 18.45 28.34
C LEU D 271 -87.64 18.20 28.63
N LEU D 272 -88.20 17.12 28.07
CA LEU D 272 -89.60 16.79 28.32
C LEU D 272 -89.84 16.46 29.78
N LYS D 273 -88.96 15.64 30.37
CA LYS D 273 -89.08 15.33 31.80
C LYS D 273 -88.92 16.59 32.65
N ALA D 274 -87.95 17.44 32.29
CA ALA D 274 -87.74 18.72 32.98
C ALA D 274 -87.41 18.51 34.46
N GLU D 275 -86.86 17.35 34.82
CA GLU D 275 -86.43 17.12 36.19
C GLU D 275 -85.24 18.03 36.54
N LEU D 276 -84.37 18.30 35.57
CA LEU D 276 -83.25 19.21 35.74
C LEU D 276 -83.61 20.59 35.19
N SER D 277 -83.06 21.63 35.81
CA SER D 277 -83.27 22.97 35.29
C SER D 277 -82.76 23.05 33.85
N LEU D 278 -83.09 24.16 33.19
CA LEU D 278 -82.61 24.36 31.82
C LEU D 278 -81.09 24.53 31.80
N GLU D 279 -80.55 25.35 32.69
CA GLU D 279 -79.11 25.59 32.69
C GLU D 279 -78.34 24.30 32.95
N ALA D 280 -78.91 23.39 33.74
CA ALA D 280 -78.25 22.12 34.00
C ALA D 280 -78.40 21.15 32.84
N ILE D 281 -79.45 21.28 32.03
CA ILE D 281 -79.59 20.44 30.85
C ILE D 281 -78.66 20.92 29.74
N LYS D 282 -78.48 22.23 29.61
CA LYS D 282 -77.50 22.74 28.67
C LYS D 282 -76.09 22.33 29.06
N ALA D 283 -75.78 22.41 30.35
CA ALA D 283 -74.44 22.06 30.82
C ALA D 283 -74.10 20.62 30.45
N ASN D 284 -75.00 19.68 30.75
CA ASN D 284 -74.72 18.28 30.46
C ASN D 284 -74.82 17.98 28.97
N SER D 285 -75.74 18.64 28.26
CA SER D 285 -75.79 18.48 26.81
C SER D 285 -74.46 18.87 26.18
N MET D 286 -73.84 19.97 26.65
CA MET D 286 -72.52 20.35 26.18
C MET D 286 -71.52 19.21 26.36
N GLU D 287 -71.34 18.77 27.62
CA GLU D 287 -70.36 17.73 27.90
C GLU D 287 -70.61 16.49 27.07
N LEU D 288 -71.88 16.16 26.83
CA LEU D 288 -72.19 15.02 25.98
C LEU D 288 -71.82 15.29 24.54
N THR D 289 -72.08 16.50 24.05
CA THR D 289 -71.73 16.85 22.67
C THR D 289 -70.22 16.96 22.49
N ALA D 290 -69.53 17.53 23.48
CA ALA D 290 -68.10 17.79 23.34
C ALA D 290 -67.26 16.55 23.66
N GLY D 291 -67.78 15.63 24.45
CA GLY D 291 -67.04 14.45 24.84
C GLY D 291 -67.39 13.21 24.07
N SER D 292 -68.24 13.30 23.06
CA SER D 292 -68.73 12.13 22.33
C SER D 292 -68.01 11.92 21.00
N VAL D 293 -66.80 12.47 20.84
CA VAL D 293 -66.15 12.48 19.54
C VAL D 293 -64.78 11.82 19.60
N ASP D 294 -63.81 12.49 20.23
CA ASP D 294 -62.44 11.97 20.22
C ASP D 294 -62.33 10.64 20.95
N THR D 295 -63.02 10.51 22.08
CA THR D 295 -62.88 9.30 22.89
C THR D 295 -63.46 8.08 22.20
N THR D 296 -64.49 8.27 21.38
CA THR D 296 -65.12 7.15 20.68
C THR D 296 -64.42 6.80 19.37
N ALA D 297 -63.77 7.78 18.73
CA ALA D 297 -63.24 7.57 17.40
C ALA D 297 -61.85 6.95 17.41
N PHE D 298 -61.06 7.20 18.44
CA PHE D 298 -59.71 6.68 18.47
C PHE D 298 -59.71 5.17 18.74
N PRO D 299 -60.52 4.68 19.68
CA PRO D 299 -60.66 3.21 19.79
C PRO D 299 -61.11 2.58 18.49
N LEU D 300 -62.04 3.21 17.77
CA LEU D 300 -62.49 2.69 16.49
C LEU D 300 -61.32 2.52 15.52
N LEU D 301 -60.45 3.53 15.43
CA LEU D 301 -59.32 3.45 14.51
C LEU D 301 -58.35 2.35 14.93
N MET D 302 -58.01 2.31 16.22
CA MET D 302 -57.07 1.30 16.70
C MET D 302 -57.65 -0.11 16.57
N THR D 303 -58.97 -0.25 16.63
CA THR D 303 -59.59 -1.52 16.33
C THR D 303 -59.40 -1.87 14.86
N LEU D 304 -59.84 -0.98 13.97
CA LEU D 304 -59.62 -1.19 12.54
C LEU D 304 -58.16 -1.48 12.25
N PHE D 305 -57.25 -0.74 12.87
CA PHE D 305 -55.83 -1.01 12.70
C PHE D 305 -55.49 -2.43 13.13
N GLU D 306 -55.85 -2.78 14.36
CA GLU D 306 -55.46 -4.10 14.88
C GLU D 306 -56.11 -5.23 14.11
N LEU D 307 -57.34 -5.04 13.61
CA LEU D 307 -57.94 -6.04 12.75
C LEU D 307 -57.22 -6.14 11.41
N ALA D 308 -56.50 -5.09 11.02
CA ALA D 308 -55.72 -5.15 9.79
C ALA D 308 -54.39 -5.86 10.00
N ARG D 309 -53.83 -5.78 11.21
CA ARG D 309 -52.61 -6.50 11.53
C ARG D 309 -52.86 -7.96 11.85
N ASN D 310 -54.10 -8.33 12.19
CA ASN D 310 -54.46 -9.69 12.57
C ASN D 310 -55.62 -10.15 11.69
N PRO D 311 -55.34 -10.55 10.44
CA PRO D 311 -56.42 -11.04 9.59
C PRO D 311 -57.11 -12.28 10.15
N ASP D 312 -56.37 -13.14 10.83
CA ASP D 312 -56.97 -14.27 11.53
C ASP D 312 -58.09 -13.79 12.46
N VAL D 313 -57.76 -12.85 13.36
CA VAL D 313 -58.77 -12.32 14.28
C VAL D 313 -59.87 -11.60 13.51
N GLN D 314 -59.52 -10.97 12.39
CA GLN D 314 -60.54 -10.28 11.61
C GLN D 314 -61.60 -11.26 11.11
N GLN D 315 -61.17 -12.32 10.43
CA GLN D 315 -62.13 -13.25 9.84
C GLN D 315 -63.03 -13.88 10.89
N ILE D 316 -62.49 -14.15 12.08
CA ILE D 316 -63.31 -14.72 13.15
C ILE D 316 -64.46 -13.77 13.50
N LEU D 317 -64.16 -12.47 13.59
CA LEU D 317 -65.20 -11.48 13.83
C LEU D 317 -66.13 -11.34 12.64
N ARG D 318 -65.61 -11.50 11.42
CA ARG D 318 -66.46 -11.42 10.24
C ARG D 318 -67.41 -12.60 10.16
N GLN D 319 -66.93 -13.81 10.47
CA GLN D 319 -67.82 -14.96 10.54
C GLN D 319 -68.96 -14.70 11.50
N GLU D 320 -68.63 -14.25 12.72
CA GLU D 320 -69.66 -13.90 13.69
C GLU D 320 -70.66 -12.91 13.10
N SER D 321 -70.18 -11.75 12.66
CA SER D 321 -71.07 -10.68 12.25
C SER D 321 -71.88 -11.06 11.02
N LEU D 322 -71.32 -11.88 10.12
CA LEU D 322 -72.10 -12.35 8.97
C LEU D 322 -73.22 -13.29 9.41
N ALA D 323 -72.95 -14.14 10.40
CA ALA D 323 -73.97 -15.07 10.89
C ALA D 323 -75.18 -14.31 11.44
N ALA D 324 -74.94 -13.44 12.41
CA ALA D 324 -76.01 -12.66 13.04
C ALA D 324 -76.46 -11.48 12.18
N ALA D 325 -76.08 -11.43 10.90
CA ALA D 325 -76.41 -10.28 10.07
C ALA D 325 -77.92 -10.11 9.94
N ALA D 326 -78.64 -11.21 9.68
CA ALA D 326 -80.07 -11.12 9.40
C ALA D 326 -80.85 -10.76 10.65
N SER D 327 -80.47 -11.32 11.81
CA SER D 327 -81.20 -11.01 13.04
C SER D 327 -80.90 -9.60 13.55
N ILE D 328 -79.85 -8.95 13.06
CA ILE D 328 -79.56 -7.58 13.44
C ILE D 328 -80.24 -6.58 12.52
N SER D 329 -80.49 -6.95 11.26
CA SER D 329 -81.25 -6.07 10.37
C SER D 329 -82.70 -5.99 10.79
N GLU D 330 -83.22 -7.06 11.41
CA GLU D 330 -84.59 -7.01 11.92
C GLU D 330 -84.67 -6.11 13.16
N HIS D 331 -83.82 -6.40 14.15
CA HIS D 331 -83.81 -5.64 15.41
C HIS D 331 -82.37 -5.32 15.77
N PRO D 332 -81.89 -4.10 15.48
CA PRO D 332 -80.49 -3.78 15.76
C PRO D 332 -80.11 -3.92 17.23
N GLN D 333 -81.08 -3.84 18.15
CA GLN D 333 -80.75 -3.97 19.56
C GLN D 333 -80.01 -5.27 19.85
N LYS D 334 -80.18 -6.29 19.02
CA LYS D 334 -79.55 -7.59 19.24
C LYS D 334 -78.05 -7.56 19.04
N ALA D 335 -77.49 -6.44 18.56
CA ALA D 335 -76.05 -6.37 18.33
C ALA D 335 -75.26 -6.36 19.64
N THR D 336 -75.86 -5.92 20.74
CA THR D 336 -75.16 -5.93 22.02
C THR D 336 -74.98 -7.33 22.58
N THR D 337 -75.73 -8.30 22.07
CA THR D 337 -75.72 -9.66 22.59
C THR D 337 -75.28 -10.70 21.58
N GLU D 338 -75.60 -10.52 20.29
CA GLU D 338 -75.27 -11.51 19.28
C GLU D 338 -73.84 -11.41 18.78
N LEU D 339 -73.08 -10.40 19.21
CA LEU D 339 -71.70 -10.20 18.77
C LEU D 339 -70.78 -10.18 19.99
N PRO D 340 -70.63 -11.32 20.66
CA PRO D 340 -69.76 -11.35 21.85
C PRO D 340 -68.28 -11.21 21.55
N LEU D 341 -67.81 -11.74 20.39
CA LEU D 341 -66.40 -11.60 20.05
C LEU D 341 -66.05 -10.15 19.72
N LEU D 342 -66.92 -9.46 18.98
CA LEU D 342 -66.66 -8.07 18.65
C LEU D 342 -66.63 -7.20 19.91
N ARG D 343 -67.59 -7.39 20.81
CA ARG D 343 -67.52 -6.72 22.10
C ARG D 343 -66.22 -7.03 22.82
N ALA D 344 -65.71 -8.26 22.65
CA ALA D 344 -64.41 -8.58 23.23
C ALA D 344 -63.29 -7.84 22.52
N ALA D 345 -63.35 -7.79 21.19
CA ALA D 345 -62.36 -7.01 20.43
C ALA D 345 -62.30 -5.58 20.96
N LEU D 346 -63.43 -5.01 21.36
CA LEU D 346 -63.44 -3.66 21.89
C LEU D 346 -62.79 -3.61 23.28
N LYS D 347 -63.01 -4.65 24.10
CA LYS D 347 -62.33 -4.72 25.38
C LYS D 347 -60.82 -4.77 25.19
N GLU D 348 -60.39 -5.51 24.16
CA GLU D 348 -58.97 -5.67 23.85
C GLU D 348 -58.32 -4.38 23.39
N THR D 349 -59.01 -3.64 22.52
CA THR D 349 -58.48 -2.38 22.02
C THR D 349 -58.31 -1.37 23.15
N LEU D 350 -59.30 -1.26 24.03
CA LEU D 350 -59.22 -0.34 25.16
C LEU D 350 -58.20 -0.78 26.19
N ARG D 351 -57.86 -2.07 26.22
CA ARG D 351 -56.81 -2.54 27.13
C ARG D 351 -55.44 -2.03 26.69
N LEU D 352 -55.14 -2.11 25.39
CA LEU D 352 -53.85 -1.67 24.88
C LEU D 352 -53.80 -0.18 24.62
N TYR D 353 -54.93 0.43 24.24
CA TYR D 353 -54.97 1.82 23.78
C TYR D 353 -56.04 2.60 24.54
N PRO D 354 -55.93 2.65 25.87
CA PRO D 354 -56.99 3.30 26.66
C PRO D 354 -57.03 4.82 26.48
N VAL D 355 -57.99 5.31 25.70
CA VAL D 355 -58.12 6.76 25.49
C VAL D 355 -58.17 7.48 26.83
N GLY D 356 -58.87 6.90 27.81
CA GLY D 356 -58.80 7.40 29.16
C GLY D 356 -57.60 6.82 29.86
N LEU D 357 -56.53 7.60 30.00
CA LEU D 357 -55.29 7.05 30.53
C LEU D 357 -55.48 6.54 31.95
N PHE D 358 -56.01 7.39 32.84
CA PHE D 358 -56.06 7.05 34.25
C PHE D 358 -57.41 7.43 34.84
N LEU D 359 -57.71 6.78 35.96
CA LEU D 359 -58.89 7.05 36.77
C LEU D 359 -58.46 7.77 38.04
N GLU D 360 -59.21 8.80 38.44
CA GLU D 360 -58.85 9.64 39.58
C GLU D 360 -59.85 9.46 40.71
N ARG D 361 -59.34 9.44 41.94
CA ARG D 361 -60.20 9.43 43.12
C ARG D 361 -59.47 10.08 44.28
N VAL D 362 -60.06 11.15 44.82
CA VAL D 362 -59.59 11.72 46.08
C VAL D 362 -60.38 10.99 47.16
N VAL D 363 -59.75 9.95 47.73
CA VAL D 363 -60.44 9.11 48.71
C VAL D 363 -60.96 9.94 49.86
N SER D 364 -62.15 9.60 50.34
CA SER D 364 -62.78 10.27 51.46
C SER D 364 -62.48 9.61 52.80
N SER D 365 -61.79 8.47 52.78
CA SER D 365 -61.52 7.68 53.98
C SER D 365 -60.13 7.09 53.87
N ASP D 366 -59.54 6.77 55.02
CA ASP D 366 -58.30 6.02 55.03
C ASP D 366 -58.54 4.61 54.48
N LEU D 367 -57.53 4.08 53.80
CA LEU D 367 -57.61 2.76 53.19
C LEU D 367 -56.21 2.18 53.09
N VAL D 368 -56.12 0.98 52.51
CA VAL D 368 -54.86 0.25 52.39
C VAL D 368 -54.73 -0.31 50.98
N LEU D 369 -53.64 0.04 50.29
CA LEU D 369 -53.30 -0.50 48.98
C LEU D 369 -51.87 -1.03 49.03
N GLN D 370 -51.67 -2.25 48.55
CA GLN D 370 -50.36 -2.90 48.59
C GLN D 370 -49.76 -2.83 50.00
N ASN D 371 -50.60 -3.05 51.01
CA ASN D 371 -50.19 -3.10 52.41
C ASN D 371 -49.57 -1.81 52.89
N TYR D 372 -49.89 -0.69 52.26
CA TYR D 372 -49.49 0.63 52.70
C TYR D 372 -50.71 1.39 53.20
N HIS D 373 -50.54 2.17 54.27
CA HIS D 373 -51.62 3.01 54.76
C HIS D 373 -51.81 4.20 53.85
N ILE D 374 -53.04 4.42 53.41
CA ILE D 374 -53.40 5.55 52.55
C ILE D 374 -54.32 6.46 53.36
N PRO D 375 -53.90 7.68 53.67
CA PRO D 375 -54.79 8.59 54.41
C PRO D 375 -55.95 9.06 53.57
N ALA D 376 -56.96 9.61 54.25
CA ALA D 376 -58.05 10.28 53.57
C ALA D 376 -57.53 11.57 52.93
N GLY D 377 -58.18 11.97 51.84
CA GLY D 377 -57.77 13.16 51.11
C GLY D 377 -56.68 12.94 50.09
N THR D 378 -56.22 11.71 49.90
CA THR D 378 -55.12 11.40 49.00
C THR D 378 -55.63 11.14 47.59
N LEU D 379 -55.04 11.83 46.62
CA LEU D 379 -55.35 11.54 45.22
C LEU D 379 -54.79 10.16 44.85
N VAL D 380 -55.59 9.37 44.14
CA VAL D 380 -55.20 8.03 43.72
C VAL D 380 -55.48 7.90 42.22
N GLN D 381 -54.44 7.55 41.47
CA GLN D 381 -54.51 7.47 40.01
C GLN D 381 -54.27 6.03 39.58
N VAL D 382 -55.27 5.41 38.96
CA VAL D 382 -55.12 4.09 38.36
C VAL D 382 -54.60 4.30 36.95
N PHE D 383 -53.35 3.91 36.71
CA PHE D 383 -52.71 4.10 35.40
C PHE D 383 -53.03 2.88 34.54
N LEU D 384 -53.98 3.04 33.61
CA LEU D 384 -54.53 1.91 32.87
C LEU D 384 -53.64 1.41 31.74
N TYR D 385 -52.65 2.20 31.33
CA TYR D 385 -51.72 1.71 30.29
C TYR D 385 -50.89 0.55 30.82
N SER D 386 -50.44 0.63 32.07
CA SER D 386 -49.66 -0.44 32.68
C SER D 386 -50.54 -1.56 33.22
N LEU D 387 -51.72 -1.23 33.74
CA LEU D 387 -52.65 -2.25 34.20
C LEU D 387 -52.91 -3.27 33.10
N GLY D 388 -53.21 -2.79 31.89
CA GLY D 388 -53.52 -3.64 30.77
C GLY D 388 -52.34 -4.32 30.11
N ARG D 389 -51.12 -4.01 30.53
CA ARG D 389 -49.92 -4.63 29.99
C ARG D 389 -49.19 -5.50 31.00
N ASN D 390 -49.75 -5.66 32.20
CA ASN D 390 -49.20 -6.54 33.22
C ASN D 390 -49.35 -7.99 32.77
N ALA D 391 -48.24 -8.66 32.47
CA ALA D 391 -48.30 -10.03 31.97
C ALA D 391 -48.87 -10.98 33.02
N ALA D 392 -48.72 -10.65 34.31
CA ALA D 392 -49.22 -11.54 35.35
C ALA D 392 -50.73 -11.75 35.20
N LEU D 393 -51.48 -10.67 34.95
CA LEU D 393 -52.93 -10.75 34.85
C LEU D 393 -53.41 -11.02 33.44
N PHE D 394 -52.63 -10.63 32.43
CA PHE D 394 -52.98 -10.85 31.03
C PHE D 394 -51.86 -11.61 30.35
N PRO D 395 -51.95 -12.94 30.25
CA PRO D 395 -50.89 -13.71 29.58
C PRO D 395 -50.68 -13.25 28.15
N ARG D 396 -49.41 -13.00 27.80
CA ARG D 396 -49.04 -12.49 26.48
C ARG D 396 -49.74 -11.16 26.24
N PRO D 397 -49.41 -10.13 27.02
CA PRO D 397 -50.08 -8.83 26.86
C PRO D 397 -49.74 -8.14 25.55
N GLU D 398 -48.63 -8.49 24.91
CA GLU D 398 -48.28 -7.93 23.62
C GLU D 398 -49.33 -8.26 22.55
N ARG D 399 -50.08 -9.34 22.75
CA ARG D 399 -50.90 -9.93 21.70
C ARG D 399 -52.31 -9.35 21.71
N TYR D 400 -52.87 -9.16 20.52
CA TYR D 400 -54.26 -8.75 20.36
C TYR D 400 -55.10 -10.01 20.30
N ASN D 401 -55.66 -10.41 21.43
CA ASN D 401 -56.38 -11.67 21.58
C ASN D 401 -57.76 -11.38 22.15
N PRO D 402 -58.79 -11.25 21.31
CA PRO D 402 -60.12 -10.95 21.84
C PRO D 402 -60.74 -12.09 22.65
N GLN D 403 -60.36 -13.34 22.39
CA GLN D 403 -60.97 -14.46 23.09
C GLN D 403 -60.57 -14.53 24.54
N ARG D 404 -59.55 -13.81 24.93
CA ARG D 404 -59.12 -13.86 26.30
C ARG D 404 -60.08 -13.28 27.28
N TRP D 405 -61.10 -12.61 26.80
CA TRP D 405 -62.17 -12.09 27.64
C TRP D 405 -63.34 -13.06 27.74
N LEU D 406 -63.16 -14.29 27.29
CA LEU D 406 -64.24 -15.27 27.23
C LEU D 406 -63.87 -16.57 27.94
N ARG D 413 -62.58 -13.31 36.85
CA ARG D 413 -62.09 -12.04 36.31
C ARG D 413 -63.21 -11.00 36.37
N ASN D 414 -62.92 -9.86 36.99
CA ASN D 414 -63.97 -8.93 37.38
C ASN D 414 -63.58 -7.47 37.14
N PHE D 415 -62.48 -7.04 37.75
CA PHE D 415 -62.01 -5.66 37.64
C PHE D 415 -60.88 -5.49 36.63
N HIS D 416 -60.74 -6.43 35.70
CA HIS D 416 -59.69 -6.34 34.69
C HIS D 416 -60.06 -5.39 33.56
N HIS D 417 -61.36 -5.16 33.32
CA HIS D 417 -61.85 -4.26 32.27
C HIS D 417 -62.47 -3.06 32.96
N VAL D 418 -61.69 -1.99 33.10
CA VAL D 418 -62.20 -0.76 33.71
C VAL D 418 -61.81 0.47 32.90
N PRO D 419 -61.86 0.42 31.56
CA PRO D 419 -61.50 1.63 30.79
C PRO D 419 -62.50 2.75 30.97
N PHE D 420 -63.75 2.44 31.31
CA PHE D 420 -64.78 3.46 31.49
C PHE D 420 -64.93 3.89 32.94
N GLY D 421 -64.04 3.43 33.82
CA GLY D 421 -64.14 3.75 35.23
C GLY D 421 -64.86 2.70 36.03
N PHE D 422 -65.56 3.11 37.08
CA PHE D 422 -66.22 2.17 37.99
C PHE D 422 -67.18 2.94 38.89
N GLY D 423 -68.11 2.20 39.48
CA GLY D 423 -68.99 2.79 40.45
C GLY D 423 -70.03 3.74 39.84
N MET D 424 -70.68 4.48 40.72
CA MET D 424 -71.70 5.44 40.28
C MET D 424 -71.11 6.46 39.32
N ARG D 425 -69.80 6.73 39.43
CA ARG D 425 -69.14 7.72 38.58
C ARG D 425 -68.83 7.20 37.19
N GLN D 426 -68.94 5.88 36.96
CA GLN D 426 -68.55 5.29 35.69
C GLN D 426 -69.11 6.09 34.52
N CYS D 427 -68.43 5.98 33.37
CA CYS D 427 -68.76 6.76 32.18
C CYS D 427 -70.26 6.82 31.94
N LEU D 428 -70.76 8.03 31.67
CA LEU D 428 -72.17 8.23 31.37
C LEU D 428 -72.50 7.88 29.93
N GLY D 429 -71.55 8.03 29.02
CA GLY D 429 -71.77 7.70 27.63
C GLY D 429 -71.21 6.33 27.27
N ARG D 430 -70.98 5.49 28.28
CA ARG D 430 -70.41 4.16 28.04
C ARG D 430 -71.17 3.41 26.96
N ARG D 431 -72.49 3.27 27.14
CA ARG D 431 -73.27 2.44 26.23
C ARG D 431 -73.57 3.12 24.90
N LEU D 432 -73.48 4.46 24.84
CA LEU D 432 -73.56 5.12 23.55
C LEU D 432 -72.26 4.93 22.77
N ALA D 433 -71.13 4.93 23.46
CA ALA D 433 -69.86 4.67 22.79
C ALA D 433 -69.80 3.24 22.28
N GLU D 434 -70.18 2.27 23.12
CA GLU D 434 -70.16 0.87 22.70
C GLU D 434 -71.07 0.65 21.50
N ALA D 435 -72.21 1.34 21.46
CA ALA D 435 -73.15 1.16 20.35
C ALA D 435 -72.59 1.74 19.06
N GLU D 436 -71.83 2.82 19.15
CA GLU D 436 -71.24 3.43 17.95
C GLU D 436 -70.06 2.61 17.46
N MET D 437 -69.18 2.18 18.38
CA MET D 437 -68.04 1.37 17.98
C MET D 437 -68.47 0.01 17.46
N LEU D 438 -69.49 -0.59 18.08
CA LEU D 438 -69.88 -1.95 17.74
C LEU D 438 -70.66 -2.00 16.44
N LEU D 439 -71.52 -1.01 16.19
CA LEU D 439 -72.37 -1.03 15.00
C LEU D 439 -71.60 -0.65 13.74
N LEU D 440 -70.57 0.19 13.85
CA LEU D 440 -69.74 0.50 12.69
C LEU D 440 -68.91 -0.71 12.26
N LEU D 441 -68.19 -1.31 13.21
CA LEU D 441 -67.34 -2.45 12.90
C LEU D 441 -68.15 -3.63 12.39
N HIS D 442 -69.42 -3.73 12.80
CA HIS D 442 -70.25 -4.83 12.33
C HIS D 442 -70.55 -4.69 10.84
N HIS D 443 -70.93 -3.49 10.40
CA HIS D 443 -71.31 -3.29 9.01
C HIS D 443 -70.10 -3.17 8.08
N VAL D 444 -68.93 -2.80 8.61
CA VAL D 444 -67.73 -2.82 7.80
C VAL D 444 -67.25 -4.26 7.59
N LEU D 445 -67.33 -5.09 8.62
CA LEU D 445 -66.80 -6.44 8.52
C LEU D 445 -67.61 -7.30 7.56
N LYS D 446 -68.92 -7.09 7.48
CA LYS D 446 -69.74 -7.92 6.61
C LYS D 446 -69.73 -7.46 5.16
N HIS D 447 -68.99 -6.39 4.84
CA HIS D 447 -68.90 -5.90 3.47
C HIS D 447 -67.47 -5.74 2.96
N PHE D 448 -66.49 -5.56 3.83
CA PHE D 448 -65.14 -5.23 3.41
C PHE D 448 -64.12 -6.10 4.11
N LEU D 449 -62.93 -6.14 3.53
CA LEU D 449 -61.73 -6.64 4.18
C LEU D 449 -60.84 -5.45 4.49
N VAL D 450 -60.28 -5.43 5.69
CA VAL D 450 -59.38 -4.36 6.11
C VAL D 450 -57.95 -4.91 6.08
N GLU D 451 -57.09 -4.26 5.32
CA GLU D 451 -55.73 -4.71 5.09
C GLU D 451 -54.77 -3.53 5.28
N THR D 452 -53.52 -3.85 5.58
CA THR D 452 -52.53 -2.79 5.74
C THR D 452 -51.13 -3.39 5.70
N LEU D 453 -50.21 -2.69 5.02
CA LEU D 453 -48.79 -3.03 5.09
C LEU D 453 -48.14 -2.47 6.35
N THR D 454 -48.63 -1.33 6.84
CA THR D 454 -48.13 -0.76 8.09
C THR D 454 -48.38 -1.75 9.22
N GLN D 455 -47.34 -2.47 9.64
CA GLN D 455 -47.44 -3.45 10.70
C GLN D 455 -46.63 -3.07 11.94
N GLU D 456 -45.77 -2.06 11.85
CA GLU D 456 -45.08 -1.56 13.02
C GLU D 456 -46.09 -0.97 14.00
N ASP D 457 -45.83 -1.15 15.29
CA ASP D 457 -46.68 -0.56 16.32
C ASP D 457 -46.80 0.94 16.12
N ILE D 458 -48.00 1.47 16.35
CA ILE D 458 -48.25 2.90 16.26
C ILE D 458 -47.89 3.53 17.60
N LYS D 459 -47.16 4.65 17.55
CA LYS D 459 -46.81 5.37 18.77
C LYS D 459 -48.01 6.16 19.28
N MET D 460 -48.23 6.10 20.59
CA MET D 460 -49.34 6.79 21.23
C MET D 460 -48.86 8.07 21.89
N VAL D 461 -49.74 9.06 21.95
CA VAL D 461 -49.43 10.38 22.46
C VAL D 461 -50.45 10.75 23.53
N TYR D 462 -49.99 11.49 24.55
CA TYR D 462 -50.88 11.99 25.60
C TYR D 462 -51.18 13.46 25.34
N SER D 463 -52.44 13.76 25.01
CA SER D 463 -52.96 15.12 24.99
C SER D 463 -54.28 15.11 25.78
N PHE D 464 -54.16 14.87 27.08
CA PHE D 464 -55.28 14.68 28.00
C PHE D 464 -55.90 13.30 27.80
N ILE D 465 -56.06 12.87 26.56
CA ILE D 465 -56.42 11.49 26.24
C ILE D 465 -55.21 10.83 25.59
N LEU D 466 -55.24 9.50 25.56
CA LEU D 466 -54.22 8.72 24.88
C LEU D 466 -54.70 8.40 23.46
N ARG D 467 -53.99 8.92 22.47
CA ARG D 467 -54.43 8.83 21.08
C ARG D 467 -53.24 8.51 20.19
N PRO D 468 -53.48 7.92 19.03
CA PRO D 468 -52.37 7.59 18.13
C PRO D 468 -51.78 8.84 17.51
N GLY D 469 -50.44 8.86 17.44
CA GLY D 469 -49.74 9.97 16.83
C GLY D 469 -49.66 9.92 15.32
N THR D 470 -50.04 8.80 14.72
CA THR D 470 -50.03 8.66 13.28
C THR D 470 -51.21 7.78 12.87
N SER D 471 -51.73 8.02 11.67
CA SER D 471 -52.87 7.29 11.17
C SER D 471 -52.43 6.34 10.06
N PRO D 472 -52.72 5.05 10.15
CA PRO D 472 -52.23 4.13 9.13
C PRO D 472 -53.09 4.14 7.88
N LEU D 473 -52.45 3.79 6.77
CA LEU D 473 -53.15 3.66 5.50
C LEU D 473 -53.89 2.34 5.50
N LEU D 474 -55.21 2.39 5.52
CA LEU D 474 -56.05 1.19 5.59
C LEU D 474 -56.74 0.97 4.25
N THR D 475 -56.63 -0.26 3.73
CA THR D 475 -57.33 -0.65 2.51
C THR D 475 -58.65 -1.32 2.88
N PHE D 476 -59.68 -1.07 2.06
CA PHE D 476 -61.00 -1.65 2.25
C PHE D 476 -61.39 -2.36 0.96
N ARG D 477 -61.16 -3.67 0.93
CA ARG D 477 -61.47 -4.50 -0.23
C ARG D 477 -62.86 -5.09 -0.07
N ALA D 478 -63.71 -4.92 -1.08
CA ALA D 478 -65.10 -5.30 -0.95
C ALA D 478 -65.30 -6.79 -1.24
N ILE D 479 -66.42 -7.32 -0.76
CA ILE D 479 -66.77 -8.71 -0.97
C ILE D 479 -67.92 -8.83 -1.97
N THR E 11 83.27 -31.82 -36.89
CA THR E 11 82.71 -33.15 -37.12
C THR E 11 81.21 -33.09 -37.43
N VAL E 12 80.86 -33.39 -38.68
CA VAL E 12 79.49 -33.29 -39.17
C VAL E 12 78.96 -34.69 -39.48
N LEU E 13 77.72 -34.93 -39.12
CA LEU E 13 77.03 -36.19 -39.42
C LEU E 13 75.97 -35.99 -40.48
N PRO E 14 75.48 -37.07 -41.08
CA PRO E 14 74.40 -36.94 -42.06
C PRO E 14 73.11 -36.48 -41.39
N PHE E 15 72.31 -35.73 -42.14
CA PHE E 15 70.99 -35.36 -41.64
C PHE E 15 70.14 -36.60 -41.43
N GLU E 16 70.25 -37.58 -42.33
CA GLU E 16 69.42 -38.78 -42.25
C GLU E 16 69.78 -39.67 -41.07
N ALA E 17 70.84 -39.34 -40.33
CA ALA E 17 71.23 -40.08 -39.13
C ALA E 17 70.75 -39.41 -37.86
N MET E 18 69.68 -38.63 -37.95
CA MET E 18 69.13 -37.92 -36.79
C MET E 18 68.18 -38.82 -36.02
N PRO E 19 68.15 -38.73 -34.69
CA PRO E 19 67.09 -39.41 -33.94
C PRO E 19 65.72 -38.95 -34.42
N GLN E 20 64.84 -39.92 -34.67
CA GLN E 20 63.55 -39.65 -35.29
C GLN E 20 62.43 -39.86 -34.28
N HIS E 21 61.53 -38.89 -34.19
CA HIS E 21 60.38 -39.03 -33.32
C HIS E 21 59.54 -40.22 -33.77
N PRO E 22 59.21 -41.16 -32.87
CA PRO E 22 58.51 -42.37 -33.32
C PRO E 22 57.12 -42.12 -33.87
N GLY E 23 56.49 -40.98 -33.55
CA GLY E 23 55.11 -40.77 -33.91
C GLY E 23 54.90 -40.75 -35.42
N ASN E 24 53.66 -41.00 -35.81
CA ASN E 24 53.23 -40.97 -37.20
C ASN E 24 52.42 -39.70 -37.44
N ARG E 25 52.87 -38.87 -38.39
CA ARG E 25 52.23 -37.58 -38.62
C ARG E 25 50.72 -37.71 -38.70
N TRP E 26 50.23 -38.65 -39.50
CA TRP E 26 48.80 -38.69 -39.82
C TRP E 26 47.94 -39.03 -38.60
N LEU E 27 48.44 -39.87 -37.69
CA LEU E 27 47.65 -40.22 -36.52
C LEU E 27 47.53 -39.03 -35.56
N ARG E 28 48.60 -38.24 -35.41
CA ARG E 28 48.53 -37.08 -34.53
C ARG E 28 47.63 -36.00 -35.12
N LEU E 29 47.50 -35.94 -36.44
CA LEU E 29 46.51 -35.05 -37.04
C LEU E 29 45.11 -35.50 -36.68
N LEU E 30 44.88 -36.82 -36.64
CA LEU E 30 43.59 -37.36 -36.25
C LEU E 30 43.40 -37.34 -34.73
N GLN E 31 44.48 -37.54 -33.96
CA GLN E 31 44.41 -37.32 -32.52
C GLN E 31 43.93 -35.90 -32.23
N ILE E 32 44.38 -34.92 -33.02
CA ILE E 32 43.98 -33.54 -32.80
C ILE E 32 42.55 -33.32 -33.26
N TRP E 33 42.18 -33.90 -34.40
CA TRP E 33 40.79 -33.82 -34.85
C TRP E 33 39.85 -34.29 -33.75
N ARG E 34 40.19 -35.40 -33.09
CA ARG E 34 39.34 -35.97 -32.06
C ARG E 34 39.38 -35.12 -30.79
N GLU E 35 40.58 -34.85 -30.29
CA GLU E 35 40.73 -34.11 -29.04
C GLU E 35 40.44 -32.62 -29.18
N GLN E 36 40.24 -32.12 -30.40
CA GLN E 36 40.05 -30.69 -30.64
C GLN E 36 41.19 -29.88 -30.02
N GLY E 37 42.40 -30.42 -30.06
CA GLY E 37 43.54 -29.69 -29.55
C GLY E 37 44.75 -30.58 -29.42
N TYR E 38 45.75 -30.05 -28.72
CA TYR E 38 47.01 -30.74 -28.50
C TYR E 38 47.59 -30.24 -27.18
N GLU E 39 46.76 -30.22 -26.14
CA GLU E 39 47.09 -29.50 -24.91
C GLU E 39 48.36 -30.04 -24.25
N HIS E 40 48.69 -31.31 -24.46
CA HIS E 40 49.83 -31.95 -23.82
C HIS E 40 51.08 -31.93 -24.69
N LEU E 41 51.18 -30.97 -25.62
CA LEU E 41 52.30 -30.97 -26.56
C LEU E 41 53.63 -30.77 -25.85
N HIS E 42 53.72 -29.78 -24.97
CA HIS E 42 54.97 -29.51 -24.28
C HIS E 42 55.47 -30.74 -23.53
N LEU E 43 54.57 -31.56 -23.00
CA LEU E 43 54.98 -32.75 -22.26
C LEU E 43 55.45 -33.86 -23.19
N GLU E 44 54.77 -34.05 -24.32
CA GLU E 44 55.21 -35.08 -25.26
C GLU E 44 56.58 -34.76 -25.85
N MET E 45 56.87 -33.47 -26.06
CA MET E 45 58.19 -33.10 -26.53
C MET E 45 59.24 -33.27 -25.43
N HIS E 46 58.94 -32.76 -24.23
CA HIS E 46 59.90 -32.90 -23.12
C HIS E 46 60.29 -34.36 -22.92
N GLN E 47 59.35 -35.28 -23.11
CA GLN E 47 59.65 -36.69 -22.99
C GLN E 47 60.56 -37.16 -24.13
N THR E 48 60.19 -36.81 -25.37
CA THR E 48 61.01 -37.23 -26.51
C THR E 48 62.44 -36.75 -26.37
N PHE E 49 62.63 -35.49 -25.94
CA PHE E 49 63.99 -35.00 -25.72
C PHE E 49 64.73 -35.87 -24.72
N GLN E 50 64.02 -36.36 -23.69
CA GLN E 50 64.67 -37.18 -22.67
C GLN E 50 65.04 -38.56 -23.21
N GLU E 51 64.33 -39.05 -24.22
CA GLU E 51 64.60 -40.37 -24.77
C GLU E 51 65.60 -40.35 -25.92
N LEU E 52 65.66 -39.24 -26.67
CA LEU E 52 66.42 -39.20 -27.92
C LEU E 52 67.59 -38.23 -27.91
N GLY E 53 67.66 -37.32 -26.95
CA GLY E 53 68.77 -36.38 -26.88
C GLY E 53 68.33 -34.96 -27.19
N PRO E 54 69.29 -34.03 -27.28
CA PRO E 54 68.92 -32.62 -27.45
C PRO E 54 68.63 -32.23 -28.89
N ILE E 55 68.29 -33.21 -29.72
CA ILE E 55 67.98 -32.95 -31.13
C ILE E 55 67.31 -34.18 -31.71
N PHE E 56 66.29 -33.96 -32.54
CA PHE E 56 65.59 -35.07 -33.20
C PHE E 56 64.69 -34.51 -34.30
N ARG E 57 64.43 -35.35 -35.31
CA ARG E 57 63.56 -35.04 -36.43
C ARG E 57 62.10 -35.25 -36.03
N TYR E 58 61.20 -34.54 -36.73
CA TYR E 58 59.77 -34.59 -36.38
C TYR E 58 58.97 -34.04 -37.55
N ASN E 59 58.59 -34.92 -38.48
CA ASN E 59 57.73 -34.52 -39.59
C ASN E 59 56.29 -34.47 -39.09
N LEU E 60 55.91 -33.33 -38.52
CA LEU E 60 54.54 -33.13 -38.03
C LEU E 60 53.68 -32.42 -39.06
N ARG E 64 60.05 -31.38 -43.15
CA ARG E 64 61.40 -31.25 -42.62
C ARG E 64 61.43 -30.35 -41.40
N MET E 65 61.49 -30.94 -40.21
CA MET E 65 61.49 -30.18 -38.98
C MET E 65 62.49 -30.80 -38.00
N VAL E 66 63.19 -29.94 -37.27
CA VAL E 66 64.18 -30.35 -36.28
C VAL E 66 63.90 -29.63 -34.98
N CYS E 67 63.99 -30.35 -33.86
CA CYS E 67 63.65 -29.83 -32.55
C CYS E 67 64.92 -29.81 -31.70
N VAL E 68 65.25 -28.64 -31.16
CA VAL E 68 66.45 -28.47 -30.34
C VAL E 68 66.05 -27.80 -29.03
N MET E 69 66.97 -27.82 -28.07
CA MET E 69 66.68 -27.34 -26.73
C MET E 69 67.84 -26.64 -26.03
N LEU E 70 68.98 -26.45 -26.69
CA LEU E 70 70.15 -25.90 -26.01
C LEU E 70 70.46 -24.49 -26.47
N PRO E 71 70.92 -23.60 -25.58
CA PRO E 71 71.42 -22.31 -26.06
C PRO E 71 72.56 -22.45 -27.04
N GLU E 72 73.33 -23.55 -26.93
CA GLU E 72 74.29 -23.93 -27.95
C GLU E 72 73.73 -23.68 -29.34
N ASP E 73 72.47 -24.09 -29.54
CA ASP E 73 71.86 -24.09 -30.86
C ASP E 73 71.22 -22.74 -31.21
N VAL E 74 70.62 -22.06 -30.24
CA VAL E 74 70.01 -20.77 -30.53
C VAL E 74 71.04 -19.83 -31.14
N GLU E 75 72.24 -19.78 -30.56
CA GLU E 75 73.28 -18.90 -31.09
C GLU E 75 73.55 -19.20 -32.56
N LYS E 76 73.78 -20.47 -32.89
CA LYS E 76 74.02 -20.84 -34.28
C LYS E 76 72.86 -20.38 -35.16
N LEU E 77 71.63 -20.47 -34.65
CA LEU E 77 70.47 -20.10 -35.44
C LEU E 77 70.44 -18.60 -35.72
N GLN E 78 70.93 -17.78 -34.78
CA GLN E 78 71.07 -16.35 -35.05
C GLN E 78 72.22 -16.10 -36.02
N GLN E 79 73.31 -16.87 -35.91
CA GLN E 79 74.39 -16.74 -36.88
C GLN E 79 73.89 -16.97 -38.29
N VAL E 80 72.82 -17.76 -38.45
CA VAL E 80 72.27 -18.07 -39.77
C VAL E 80 71.13 -17.15 -40.15
N ASP E 81 70.60 -16.34 -39.22
CA ASP E 81 69.58 -15.37 -39.57
C ASP E 81 70.07 -14.49 -40.70
N SER E 82 69.35 -14.50 -41.81
CA SER E 82 69.72 -13.69 -42.96
C SER E 82 69.40 -12.23 -42.66
N LEU E 83 69.45 -11.39 -43.69
CA LEU E 83 68.88 -10.05 -43.58
C LEU E 83 67.36 -10.08 -43.52
N HIS E 84 66.76 -11.24 -43.78
CA HIS E 84 65.30 -11.43 -43.71
C HIS E 84 65.03 -12.74 -42.99
N PRO E 85 65.16 -12.76 -41.66
CA PRO E 85 64.81 -13.97 -40.91
C PRO E 85 63.39 -14.41 -41.23
N CYS E 86 63.17 -15.71 -41.21
CA CYS E 86 61.95 -16.30 -41.75
C CYS E 86 61.36 -17.29 -40.74
N ARG E 87 60.21 -16.94 -40.18
CA ARG E 87 59.39 -17.90 -39.47
C ARG E 87 58.38 -18.53 -40.43
N MET E 88 57.80 -19.65 -40.01
CA MET E 88 56.81 -20.31 -40.85
C MET E 88 55.55 -19.46 -40.98
N ILE E 89 54.97 -19.48 -42.17
CA ILE E 89 53.68 -18.82 -42.36
C ILE E 89 52.63 -19.53 -41.52
N LEU E 90 51.80 -18.74 -40.83
CA LEU E 90 50.74 -19.26 -39.99
C LEU E 90 49.44 -19.16 -40.78
N GLU E 91 49.18 -20.17 -41.60
CA GLU E 91 48.11 -20.10 -42.61
C GLU E 91 46.75 -19.71 -42.04
N PRO E 92 46.28 -20.30 -40.93
CA PRO E 92 44.98 -19.86 -40.39
C PRO E 92 44.91 -18.37 -40.15
N TRP E 93 46.00 -17.75 -39.67
CA TRP E 93 45.96 -16.32 -39.40
C TRP E 93 46.03 -15.51 -40.69
N VAL E 94 46.84 -15.97 -41.66
CA VAL E 94 46.98 -15.24 -42.92
C VAL E 94 45.72 -15.39 -43.77
N ALA E 95 45.13 -16.58 -43.78
CA ALA E 95 43.91 -16.79 -44.55
C ALA E 95 42.88 -15.72 -44.22
N TYR E 96 42.74 -15.38 -42.94
CA TYR E 96 41.80 -14.34 -42.56
C TYR E 96 42.23 -12.98 -43.12
N ARG E 97 43.52 -12.65 -43.00
CA ARG E 97 43.98 -11.34 -43.45
C ARG E 97 43.61 -11.13 -44.91
N GLN E 98 43.79 -12.15 -45.75
CA GLN E 98 43.53 -12.00 -47.18
C GLN E 98 42.09 -12.32 -47.55
N HIS E 99 41.35 -13.05 -46.72
CA HIS E 99 39.92 -13.19 -46.95
C HIS E 99 39.24 -11.84 -46.89
N ARG E 100 39.66 -10.96 -45.98
CA ARG E 100 39.08 -9.63 -45.80
C ARG E 100 39.93 -8.54 -46.45
N GLY E 101 40.86 -8.92 -47.32
CA GLY E 101 41.69 -7.93 -48.00
C GLY E 101 42.42 -7.00 -47.05
N HIS E 102 43.06 -7.57 -46.04
CA HIS E 102 43.85 -6.83 -45.09
C HIS E 102 45.33 -7.12 -45.31
N LYS E 103 46.16 -6.18 -44.86
CA LYS E 103 47.60 -6.37 -44.88
C LYS E 103 48.03 -7.06 -43.59
N CYS E 104 49.13 -7.81 -43.67
CA CYS E 104 49.68 -8.51 -42.52
C CYS E 104 50.64 -7.60 -41.77
N GLY E 105 50.77 -7.85 -40.46
CA GLY E 105 51.72 -7.15 -39.64
C GLY E 105 53.04 -7.92 -39.50
N VAL E 106 53.94 -7.33 -38.72
CA VAL E 106 55.28 -7.89 -38.58
C VAL E 106 55.23 -9.32 -38.09
N PHE E 107 54.21 -9.68 -37.32
CA PHE E 107 54.16 -11.05 -36.79
C PHE E 107 53.95 -12.08 -37.89
N LEU E 108 53.22 -11.71 -38.95
CA LEU E 108 52.85 -12.64 -40.00
C LEU E 108 53.58 -12.40 -41.32
N LEU E 109 54.49 -11.42 -41.36
CA LEU E 109 55.20 -11.10 -42.58
C LEU E 109 56.52 -11.85 -42.66
N ASN E 110 57.15 -11.78 -43.83
CA ASN E 110 58.45 -12.38 -44.08
C ASN E 110 59.15 -11.58 -45.18
N GLY E 111 60.44 -11.82 -45.32
CA GLY E 111 61.19 -11.24 -46.41
C GLY E 111 61.27 -9.73 -46.35
N PRO E 112 61.38 -9.07 -47.51
CA PRO E 112 61.61 -7.62 -47.50
C PRO E 112 60.47 -6.83 -46.87
N GLU E 113 59.22 -7.25 -47.10
CA GLU E 113 58.10 -6.51 -46.54
C GLU E 113 58.14 -6.51 -45.03
N TRP E 114 58.61 -7.60 -44.42
CA TRP E 114 58.79 -7.61 -42.98
C TRP E 114 59.82 -6.58 -42.55
N ARG E 115 61.01 -6.62 -43.15
CA ARG E 115 62.07 -5.70 -42.76
C ARG E 115 61.62 -4.25 -42.89
N PHE E 116 60.77 -3.95 -43.88
CA PHE E 116 60.30 -2.58 -44.05
C PHE E 116 59.44 -2.15 -42.87
N ASN E 117 58.48 -2.99 -42.48
CA ASN E 117 57.63 -2.66 -41.34
C ASN E 117 58.44 -2.62 -40.05
N ARG E 118 59.31 -3.62 -39.84
CA ARG E 118 59.98 -3.74 -38.56
C ARG E 118 60.80 -2.51 -38.23
N LEU E 119 61.47 -1.94 -39.23
CA LEU E 119 62.38 -0.81 -38.98
C LEU E 119 61.64 0.50 -38.76
N ARG E 120 60.37 0.58 -39.11
CA ARG E 120 59.56 1.75 -38.81
C ARG E 120 58.71 1.58 -37.56
N LEU E 121 58.79 0.41 -36.90
CA LEU E 121 58.11 0.15 -35.64
C LEU E 121 59.05 0.18 -34.44
N ASN E 122 60.24 -0.39 -34.57
CA ASN E 122 61.21 -0.42 -33.47
C ASN E 122 61.34 0.89 -32.71
N PRO E 123 61.48 2.06 -33.36
CA PRO E 123 61.73 3.29 -32.60
C PRO E 123 60.62 3.64 -31.63
N ASP E 124 59.35 3.49 -32.04
CA ASP E 124 58.22 3.93 -31.23
C ASP E 124 57.71 2.84 -30.29
N VAL E 125 58.14 1.60 -30.46
CA VAL E 125 57.53 0.46 -29.79
C VAL E 125 58.52 -0.22 -28.85
N LEU E 126 59.81 -0.16 -29.20
CA LEU E 126 60.83 -0.98 -28.54
C LEU E 126 62.06 -0.21 -28.09
N SER E 127 62.31 0.99 -28.61
CA SER E 127 63.54 1.69 -28.28
C SER E 127 63.50 2.22 -26.84
N PRO E 128 64.66 2.35 -26.19
CA PRO E 128 64.66 2.90 -24.82
C PRO E 128 64.07 4.29 -24.74
N LYS E 129 64.07 5.06 -25.82
CA LYS E 129 63.51 6.41 -25.77
C LYS E 129 61.99 6.36 -25.76
N ALA E 130 61.40 5.40 -26.49
CA ALA E 130 59.95 5.24 -26.45
C ALA E 130 59.50 4.72 -25.09
N VAL E 131 60.24 3.76 -24.52
CA VAL E 131 59.87 3.22 -23.22
C VAL E 131 59.79 4.33 -22.18
N GLN E 132 60.71 5.27 -22.22
CA GLN E 132 60.68 6.37 -21.26
C GLN E 132 59.37 7.16 -21.36
N ARG E 133 58.74 7.16 -22.54
CA ARG E 133 57.54 7.96 -22.75
C ARG E 133 56.28 7.25 -22.30
N PHE E 134 56.14 5.94 -22.60
CA PHE E 134 54.91 5.24 -22.24
C PHE E 134 55.00 4.51 -20.91
N LEU E 135 56.20 4.34 -20.36
CA LEU E 135 56.31 3.68 -19.06
C LEU E 135 55.61 4.45 -17.95
N PRO E 136 55.69 5.78 -17.88
CA PRO E 136 54.91 6.50 -16.86
C PRO E 136 53.42 6.26 -16.99
N MET E 137 52.93 5.99 -18.21
CA MET E 137 51.50 5.74 -18.39
C MET E 137 51.12 4.39 -17.83
N VAL E 138 51.98 3.38 -17.99
CA VAL E 138 51.73 2.08 -17.39
C VAL E 138 51.73 2.16 -15.88
N ASP E 139 52.64 2.96 -15.31
CA ASP E 139 52.72 3.10 -13.87
C ASP E 139 51.38 3.54 -13.28
N ALA E 140 50.74 4.51 -13.92
CA ALA E 140 49.44 4.98 -13.42
C ALA E 140 48.46 3.82 -13.31
N VAL E 141 48.45 2.93 -14.30
CA VAL E 141 47.53 1.80 -14.27
C VAL E 141 47.94 0.81 -13.19
N ALA E 142 49.24 0.51 -13.09
CA ALA E 142 49.71 -0.43 -12.06
C ALA E 142 49.40 0.11 -10.67
N ARG E 143 49.49 1.42 -10.48
CA ARG E 143 49.12 2.00 -9.19
C ARG E 143 47.62 1.88 -8.95
N ASP E 144 46.82 2.27 -9.94
CA ASP E 144 45.36 2.15 -9.81
C ASP E 144 44.95 0.71 -9.52
N PHE E 145 45.69 -0.26 -10.04
CA PHE E 145 45.37 -1.66 -9.75
C PHE E 145 45.48 -1.94 -8.25
N SER E 146 46.60 -1.53 -7.64
CA SER E 146 46.81 -1.80 -6.22
C SER E 146 45.89 -0.94 -5.35
N GLN E 147 45.74 0.34 -5.70
CA GLN E 147 44.83 1.20 -4.94
C GLN E 147 43.43 0.60 -4.90
N ALA E 148 42.98 0.02 -6.01
CA ALA E 148 41.64 -0.57 -6.04
C ALA E 148 41.58 -1.85 -5.21
N LEU E 149 42.62 -2.68 -5.29
CA LEU E 149 42.67 -3.89 -4.47
C LEU E 149 42.71 -3.55 -2.99
N LYS E 150 43.48 -2.51 -2.61
CA LYS E 150 43.58 -2.15 -1.21
C LYS E 150 42.26 -1.62 -0.66
N LYS E 151 41.49 -0.90 -1.48
CA LYS E 151 40.20 -0.40 -1.03
C LYS E 151 39.24 -1.55 -0.71
N LYS E 152 39.28 -2.60 -1.51
CA LYS E 152 38.43 -3.76 -1.24
C LYS E 152 38.98 -4.59 -0.09
N VAL E 153 40.30 -4.66 0.05
CA VAL E 153 40.89 -5.50 1.08
C VAL E 153 40.55 -4.95 2.46
N LEU E 154 40.79 -3.66 2.68
CA LEU E 154 40.58 -3.06 4.00
C LEU E 154 39.10 -2.98 4.37
N GLN E 155 38.20 -3.44 3.51
CA GLN E 155 36.80 -3.56 3.86
C GLN E 155 36.47 -4.88 4.53
N ASN E 156 37.41 -5.82 4.59
CA ASN E 156 37.18 -7.11 5.23
C ASN E 156 37.85 -7.14 6.60
N ALA E 157 37.28 -7.97 7.49
CA ALA E 157 37.74 -7.98 8.87
C ALA E 157 39.23 -8.30 8.96
N ARG E 158 39.70 -9.27 8.18
CA ARG E 158 41.08 -9.71 8.25
C ARG E 158 42.00 -8.93 7.31
N GLY E 159 41.61 -7.72 6.92
CA GLY E 159 42.42 -6.89 6.07
C GLY E 159 43.08 -7.66 4.95
N SER E 160 42.32 -8.55 4.31
CA SER E 160 42.84 -9.37 3.23
C SER E 160 41.69 -9.78 2.32
N LEU E 161 42.04 -10.05 1.05
CA LEU E 161 41.07 -10.45 0.03
C LEU E 161 41.58 -11.69 -0.68
N THR E 162 40.80 -12.76 -0.67
CA THR E 162 41.16 -14.01 -1.33
C THR E 162 40.28 -14.20 -2.55
N LEU E 163 40.90 -14.48 -3.70
CA LEU E 163 40.15 -14.51 -4.94
C LEU E 163 40.97 -15.24 -6.01
N ASP E 164 40.37 -15.33 -7.20
CA ASP E 164 41.05 -15.73 -8.43
C ASP E 164 41.39 -14.47 -9.20
N VAL E 165 42.69 -14.19 -9.36
CA VAL E 165 43.10 -12.90 -9.90
C VAL E 165 43.23 -12.89 -11.42
N GLN E 166 43.10 -14.03 -12.09
CA GLN E 166 43.27 -14.06 -13.54
C GLN E 166 42.40 -13.04 -14.26
N PRO E 167 41.11 -12.90 -13.96
CA PRO E 167 40.33 -11.82 -14.60
C PRO E 167 40.90 -10.43 -14.35
N SER E 168 41.08 -10.06 -13.08
CA SER E 168 41.59 -8.73 -12.77
C SER E 168 42.96 -8.47 -13.41
N ILE E 169 43.75 -9.52 -13.58
CA ILE E 169 45.07 -9.36 -14.19
C ILE E 169 44.95 -9.17 -15.71
N PHE E 170 44.06 -9.94 -16.34
CA PHE E 170 43.86 -9.80 -17.79
C PHE E 170 43.34 -8.41 -18.13
N HIS E 171 42.35 -7.93 -17.38
CA HIS E 171 41.85 -6.59 -17.59
C HIS E 171 42.89 -5.53 -17.24
N TYR E 172 43.84 -5.86 -16.36
CA TYR E 172 44.96 -4.95 -16.13
C TYR E 172 45.81 -4.84 -17.39
N THR E 173 46.14 -5.98 -18.02
CA THR E 173 46.96 -5.94 -19.23
C THR E 173 46.22 -5.25 -20.37
N ILE E 174 44.89 -5.39 -20.43
CA ILE E 174 44.13 -4.68 -21.45
C ILE E 174 44.20 -3.18 -21.22
N GLU E 175 44.05 -2.76 -19.96
CA GLU E 175 44.12 -1.33 -19.64
C GLU E 175 45.48 -0.75 -20.00
N ALA E 176 46.54 -1.33 -19.45
CA ALA E 176 47.88 -0.80 -19.67
C ALA E 176 48.24 -0.83 -21.15
N SER E 177 47.80 -1.86 -21.87
CA SER E 177 48.15 -1.95 -23.29
C SER E 177 47.39 -0.92 -24.12
N ASN E 178 46.14 -0.64 -23.77
CA ASN E 178 45.39 0.36 -24.53
C ASN E 178 45.91 1.75 -24.23
N LEU E 179 46.33 2.01 -22.99
CA LEU E 179 46.84 3.32 -22.65
C LEU E 179 48.19 3.57 -23.31
N ALA E 180 49.05 2.55 -23.34
CA ALA E 180 50.37 2.73 -23.92
C ALA E 180 50.31 2.81 -25.43
N LEU E 181 49.35 2.14 -26.04
CA LEU E 181 49.24 2.11 -27.51
C LEU E 181 48.45 3.30 -28.04
N PHE E 182 47.27 3.56 -27.48
CA PHE E 182 46.36 4.57 -28.02
C PHE E 182 46.19 5.78 -27.11
N GLY E 183 46.69 5.72 -25.87
CA GLY E 183 46.53 6.84 -24.98
C GLY E 183 45.14 7.02 -24.43
N GLU E 184 44.24 6.07 -24.69
CA GLU E 184 42.89 6.08 -24.17
C GLU E 184 42.85 5.29 -22.87
N ARG E 185 42.02 5.73 -21.94
CA ARG E 185 41.87 5.09 -20.65
C ARG E 185 40.47 4.51 -20.54
N LEU E 186 40.37 3.19 -20.55
CA LEU E 186 39.11 2.49 -20.39
C LEU E 186 38.87 2.17 -18.92
N GLY E 187 37.61 2.10 -18.54
CA GLY E 187 37.29 1.93 -17.12
C GLY E 187 37.29 0.50 -16.65
N LEU E 188 38.42 -0.19 -16.78
CA LEU E 188 38.47 -1.63 -16.51
C LEU E 188 39.18 -2.00 -15.23
N VAL E 189 40.14 -1.21 -14.76
CA VAL E 189 40.82 -1.47 -13.51
C VAL E 189 40.11 -0.71 -12.40
N GLY E 190 39.75 -1.43 -11.33
CA GLY E 190 38.96 -0.87 -10.27
C GLY E 190 37.47 -0.95 -10.51
N HIS E 191 37.03 -1.45 -11.66
CA HIS E 191 35.62 -1.51 -12.01
C HIS E 191 35.34 -2.84 -12.71
N SER E 192 34.06 -3.15 -12.86
CA SER E 192 33.66 -4.44 -13.41
C SER E 192 34.02 -4.52 -14.89
N PRO E 193 34.20 -5.73 -15.41
CA PRO E 193 34.47 -5.88 -16.85
C PRO E 193 33.29 -5.43 -17.69
N SER E 194 33.60 -4.76 -18.80
CA SER E 194 32.61 -4.37 -19.77
C SER E 194 32.36 -5.50 -20.76
N SER E 195 31.18 -5.49 -21.37
CA SER E 195 30.86 -6.53 -22.35
C SER E 195 31.85 -6.51 -23.51
N ALA E 196 32.30 -5.31 -23.91
CA ALA E 196 33.25 -5.20 -25.00
C ALA E 196 34.54 -5.96 -24.69
N SER E 197 34.97 -5.94 -23.43
CA SER E 197 36.22 -6.58 -23.06
C SER E 197 36.04 -8.09 -22.85
N LEU E 198 34.89 -8.50 -22.31
CA LEU E 198 34.66 -9.93 -22.14
C LEU E 198 34.48 -10.63 -23.47
N ASN E 199 33.94 -9.93 -24.48
CA ASN E 199 33.86 -10.48 -25.83
C ASN E 199 35.23 -10.51 -26.50
N PHE E 200 36.07 -9.51 -26.20
CA PHE E 200 37.42 -9.50 -26.77
C PHE E 200 38.25 -10.64 -26.21
N LEU E 201 38.18 -10.87 -24.90
CA LEU E 201 38.95 -11.94 -24.29
C LEU E 201 38.47 -13.31 -24.74
N HIS E 202 37.15 -13.48 -24.89
CA HIS E 202 36.62 -14.76 -25.35
C HIS E 202 37.00 -15.01 -26.80
N ALA E 203 37.03 -13.96 -27.62
CA ALA E 203 37.45 -14.14 -29.00
C ALA E 203 38.91 -14.61 -29.08
N LEU E 204 39.78 -14.04 -28.24
CA LEU E 204 41.17 -14.49 -28.21
C LEU E 204 41.26 -15.95 -27.79
N GLU E 205 40.47 -16.35 -26.79
CA GLU E 205 40.47 -17.74 -26.35
C GLU E 205 40.11 -18.67 -27.51
N VAL E 206 39.05 -18.33 -28.25
CA VAL E 206 38.63 -19.17 -29.36
C VAL E 206 39.63 -19.09 -30.50
N MET E 207 40.23 -17.91 -30.70
CA MET E 207 41.22 -17.77 -31.77
C MET E 207 42.43 -18.67 -31.50
N PHE E 208 42.91 -18.70 -30.26
CA PHE E 208 44.00 -19.60 -29.91
C PHE E 208 43.58 -21.05 -30.08
N LYS E 209 42.45 -21.43 -29.48
CA LYS E 209 41.99 -22.82 -29.55
C LYS E 209 41.93 -23.29 -31.01
N SER E 210 41.12 -22.62 -31.82
CA SER E 210 40.92 -23.03 -33.20
C SER E 210 42.20 -22.98 -34.01
N THR E 211 43.17 -22.15 -33.62
CA THR E 211 44.45 -22.13 -34.32
C THR E 211 45.12 -23.49 -34.27
N VAL E 212 45.16 -24.12 -33.09
CA VAL E 212 45.78 -25.43 -32.96
C VAL E 212 45.06 -26.45 -33.82
N GLN E 213 43.73 -26.38 -33.85
CA GLN E 213 42.95 -27.36 -34.59
C GLN E 213 43.23 -27.30 -36.08
N LEU E 214 43.68 -26.16 -36.59
CA LEU E 214 43.88 -25.96 -38.02
C LEU E 214 45.34 -25.91 -38.44
N MET E 215 46.26 -25.53 -37.55
CA MET E 215 47.62 -25.18 -37.94
C MET E 215 48.48 -26.39 -38.29
N PHE E 216 48.07 -27.60 -37.93
CA PHE E 216 48.92 -28.78 -38.09
C PHE E 216 48.55 -29.63 -39.30
N MET E 217 47.65 -29.15 -40.16
CA MET E 217 47.29 -29.87 -41.37
C MET E 217 47.05 -28.84 -42.48
N PRO E 218 47.39 -29.17 -43.72
CA PRO E 218 47.27 -28.20 -44.80
C PRO E 218 45.81 -27.87 -45.09
N ARG E 219 45.60 -26.67 -45.64
CA ARG E 219 44.24 -26.22 -45.88
C ARG E 219 43.49 -27.13 -46.85
N SER E 220 44.22 -27.88 -47.69
CA SER E 220 43.55 -28.81 -48.61
C SER E 220 42.80 -29.90 -47.87
N LEU E 221 43.14 -30.17 -46.61
CA LEU E 221 42.46 -31.17 -45.79
C LEU E 221 41.50 -30.52 -44.80
N SER E 222 42.00 -29.62 -43.95
CA SER E 222 41.14 -28.96 -42.97
C SER E 222 39.93 -28.29 -43.64
N ARG E 223 40.00 -28.04 -44.94
CA ARG E 223 38.88 -27.41 -45.64
C ARG E 223 37.59 -28.20 -45.46
N TRP E 224 37.66 -29.52 -45.62
CA TRP E 224 36.49 -30.37 -45.64
C TRP E 224 36.37 -31.29 -44.44
N ILE E 225 37.46 -31.52 -43.70
CA ILE E 225 37.40 -32.34 -42.49
C ILE E 225 37.03 -31.51 -41.27
N SER E 226 37.38 -30.23 -41.25
CA SER E 226 37.09 -29.35 -40.12
C SER E 226 36.61 -28.00 -40.61
N PRO E 227 35.60 -27.95 -41.49
CA PRO E 227 35.14 -26.63 -41.96
C PRO E 227 34.44 -25.83 -40.89
N LYS E 228 33.80 -26.49 -39.92
CA LYS E 228 33.16 -25.77 -38.83
C LYS E 228 34.19 -24.99 -38.02
N VAL E 229 35.41 -25.50 -37.92
CA VAL E 229 36.45 -24.83 -37.15
C VAL E 229 36.96 -23.59 -37.88
N TRP E 230 37.06 -23.66 -39.21
CA TRP E 230 37.44 -22.48 -39.97
C TRP E 230 36.44 -21.35 -39.75
N LYS E 231 35.14 -21.65 -39.82
CA LYS E 231 34.13 -20.65 -39.54
C LYS E 231 34.31 -20.10 -38.12
N GLU E 232 34.40 -21.00 -37.14
CA GLU E 232 34.72 -20.63 -35.77
C GLU E 232 35.93 -19.72 -35.70
N HIS E 233 36.98 -20.07 -36.45
CA HIS E 233 38.25 -19.33 -36.37
C HIS E 233 38.11 -17.93 -36.96
N PHE E 234 37.39 -17.81 -38.09
CA PHE E 234 37.24 -16.50 -38.72
C PHE E 234 36.31 -15.60 -37.92
N GLU E 235 35.25 -16.17 -37.33
CA GLU E 235 34.36 -15.37 -36.49
C GLU E 235 35.15 -14.71 -35.36
N ALA E 236 35.98 -15.49 -34.66
CA ALA E 236 36.83 -14.91 -33.62
C ALA E 236 37.59 -13.71 -34.16
N TRP E 237 38.32 -13.89 -35.26
CA TRP E 237 39.08 -12.78 -35.83
C TRP E 237 38.19 -11.58 -36.12
N ASP E 238 36.97 -11.83 -36.62
CA ASP E 238 36.06 -10.71 -36.88
C ASP E 238 35.78 -9.94 -35.59
N CYS E 239 35.59 -10.66 -34.48
CA CYS E 239 35.38 -9.98 -33.20
C CYS E 239 36.64 -9.27 -32.72
N ILE E 240 37.80 -9.82 -33.08
CA ILE E 240 39.06 -9.20 -32.67
C ILE E 240 39.36 -7.96 -33.50
N PHE E 241 39.28 -8.10 -34.83
CA PHE E 241 39.47 -6.94 -35.70
C PHE E 241 38.40 -5.88 -35.46
N GLN E 242 37.25 -6.27 -34.93
CA GLN E 242 36.25 -5.29 -34.55
C GLN E 242 36.75 -4.45 -33.38
N TYR E 243 37.32 -5.10 -32.37
CA TYR E 243 37.78 -4.37 -31.19
C TYR E 243 38.98 -3.50 -31.52
N GLY E 244 39.94 -4.04 -32.27
CA GLY E 244 41.12 -3.26 -32.60
C GLY E 244 40.83 -2.12 -33.55
N ASP E 245 39.84 -2.28 -34.43
CA ASP E 245 39.57 -1.24 -35.40
C ASP E 245 38.76 -0.08 -34.82
N ASN E 246 38.00 -0.32 -33.75
CA ASN E 246 37.36 0.79 -33.06
C ASN E 246 38.41 1.66 -32.38
N CYS E 247 39.46 1.05 -31.84
CA CYS E 247 40.57 1.83 -31.30
C CYS E 247 41.21 2.68 -32.40
N ILE E 248 41.44 2.09 -33.57
CA ILE E 248 42.12 2.81 -34.65
C ILE E 248 41.28 3.97 -35.15
N GLN E 249 39.97 3.75 -35.32
CA GLN E 249 39.13 4.81 -35.88
C GLN E 249 39.00 5.98 -34.91
N LYS E 250 39.05 5.73 -33.60
CA LYS E 250 38.99 6.81 -32.63
C LYS E 250 40.24 7.68 -32.69
N ILE E 251 41.42 7.06 -32.67
CA ILE E 251 42.66 7.82 -32.62
C ILE E 251 42.93 8.50 -33.95
N TYR E 252 42.52 7.87 -35.06
CA TYR E 252 42.76 8.48 -36.37
C TYR E 252 41.94 9.74 -36.54
N GLN E 253 40.69 9.74 -36.08
CA GLN E 253 39.86 10.93 -36.17
C GLN E 253 40.29 11.98 -35.15
N GLU E 254 40.84 11.56 -34.02
CA GLU E 254 41.26 12.52 -32.99
C GLU E 254 42.53 13.23 -33.41
N LEU E 255 43.45 12.53 -34.09
CA LEU E 255 44.67 13.18 -34.56
C LEU E 255 44.40 14.04 -35.79
N ALA E 256 43.46 13.62 -36.65
CA ALA E 256 43.16 14.37 -37.86
C ALA E 256 42.61 15.76 -37.58
N PHE E 257 42.22 16.06 -36.34
CA PHE E 257 41.76 17.39 -35.97
C PHE E 257 42.71 18.11 -35.02
N ASN E 258 43.68 17.42 -34.43
CA ASN E 258 44.67 18.06 -33.58
C ASN E 258 45.87 17.15 -33.43
N ARG E 259 47.04 17.63 -33.84
CA ARG E 259 48.29 16.91 -33.61
C ARG E 259 48.83 17.35 -32.26
N PRO E 260 48.77 16.52 -31.22
CA PRO E 260 49.21 16.97 -29.90
C PRO E 260 50.72 17.19 -29.85
N GLN E 261 51.14 17.93 -28.82
CA GLN E 261 52.55 18.19 -28.59
C GLN E 261 53.16 17.29 -27.53
N HIS E 262 52.34 16.62 -26.72
CA HIS E 262 52.81 15.69 -25.71
C HIS E 262 52.58 14.26 -26.16
N TYR E 263 53.20 13.33 -25.43
CA TYR E 263 53.07 11.91 -25.77
C TYR E 263 51.65 11.43 -25.47
N THR E 264 51.03 10.80 -26.47
CA THR E 264 49.66 10.31 -26.36
C THR E 264 49.56 8.87 -26.86
N GLY E 265 50.63 8.10 -26.69
CA GLY E 265 50.63 6.69 -27.04
C GLY E 265 51.57 6.37 -28.19
N ILE E 266 51.75 5.06 -28.40
CA ILE E 266 52.63 4.59 -29.46
C ILE E 266 52.01 4.83 -30.83
N VAL E 267 50.84 4.22 -31.08
CA VAL E 267 50.19 4.38 -32.37
C VAL E 267 50.08 5.86 -32.75
N ALA E 268 49.89 6.72 -31.77
CA ALA E 268 49.91 8.16 -32.04
C ALA E 268 51.15 8.53 -32.85
N GLU E 269 52.34 8.12 -32.37
CA GLU E 269 53.57 8.47 -33.07
C GLU E 269 53.64 7.84 -34.45
N LEU E 270 53.17 6.60 -34.58
CA LEU E 270 53.21 5.93 -35.89
C LEU E 270 52.35 6.66 -36.91
N LEU E 271 51.22 7.22 -36.46
CA LEU E 271 50.37 7.97 -37.37
C LEU E 271 50.99 9.32 -37.70
N LEU E 272 51.51 10.02 -36.69
CA LEU E 272 52.16 11.31 -36.94
C LEU E 272 53.33 11.15 -37.90
N LYS E 273 54.24 10.21 -37.61
CA LYS E 273 55.38 10.00 -38.49
C LYS E 273 54.94 9.70 -39.92
N ALA E 274 53.91 8.87 -40.07
CA ALA E 274 53.38 8.50 -41.38
C ALA E 274 54.43 7.87 -42.28
N GLU E 275 55.48 7.30 -41.69
CA GLU E 275 56.45 6.55 -42.49
C GLU E 275 55.84 5.29 -43.10
N LEU E 276 54.79 4.75 -42.48
CA LEU E 276 54.11 3.57 -42.98
C LEU E 276 52.73 3.95 -43.52
N SER E 277 52.27 3.16 -44.49
CA SER E 277 50.94 3.39 -45.04
C SER E 277 49.89 3.18 -43.97
N LEU E 278 48.69 3.71 -44.22
CA LEU E 278 47.61 3.56 -43.25
C LEU E 278 47.25 2.10 -43.04
N GLU E 279 47.22 1.32 -44.12
CA GLU E 279 46.82 -0.09 -44.00
C GLU E 279 47.88 -0.91 -43.29
N ALA E 280 49.15 -0.49 -43.35
CA ALA E 280 50.20 -1.19 -42.61
C ALA E 280 50.26 -0.75 -41.16
N ILE E 281 49.81 0.47 -40.87
CA ILE E 281 49.68 0.87 -39.47
C ILE E 281 48.51 0.17 -38.82
N LYS E 282 47.36 0.10 -39.51
CA LYS E 282 46.24 -0.67 -39.01
C LYS E 282 46.63 -2.14 -38.82
N ALA E 283 47.41 -2.68 -39.75
CA ALA E 283 47.81 -4.09 -39.66
C ALA E 283 48.61 -4.34 -38.39
N ASN E 284 49.64 -3.53 -38.15
CA ASN E 284 50.46 -3.72 -36.97
C ASN E 284 49.75 -3.26 -35.71
N SER E 285 48.86 -2.26 -35.83
CA SER E 285 48.09 -1.86 -34.68
C SER E 285 47.19 -2.98 -34.20
N MET E 286 46.70 -3.83 -35.12
CA MET E 286 45.92 -4.99 -34.71
C MET E 286 46.79 -5.98 -33.95
N GLU E 287 47.93 -6.37 -34.53
CA GLU E 287 48.78 -7.39 -33.91
C GLU E 287 49.25 -6.96 -32.52
N LEU E 288 49.44 -5.65 -32.30
CA LEU E 288 49.87 -5.17 -30.99
C LEU E 288 48.70 -5.15 -30.01
N THR E 289 47.51 -4.80 -30.48
CA THR E 289 46.35 -4.81 -29.60
C THR E 289 45.93 -6.24 -29.24
N ALA E 290 46.16 -7.20 -30.14
CA ALA E 290 45.71 -8.57 -29.92
C ALA E 290 46.75 -9.42 -29.21
N GLY E 291 48.04 -9.14 -29.40
CA GLY E 291 49.08 -9.95 -28.80
C GLY E 291 49.65 -9.37 -27.52
N SER E 292 48.94 -8.43 -26.91
CA SER E 292 49.41 -7.77 -25.70
C SER E 292 48.65 -8.18 -24.45
N VAL E 293 47.74 -9.16 -24.56
CA VAL E 293 46.88 -9.52 -23.45
C VAL E 293 47.31 -10.85 -22.85
N ASP E 294 47.05 -11.95 -23.56
CA ASP E 294 47.32 -13.27 -22.99
C ASP E 294 48.81 -13.48 -22.72
N THR E 295 49.67 -13.04 -23.65
CA THR E 295 51.10 -13.31 -23.50
C THR E 295 51.69 -12.60 -22.30
N THR E 296 51.16 -11.43 -21.95
CA THR E 296 51.68 -10.69 -20.80
C THR E 296 51.05 -11.14 -19.50
N ALA E 297 49.78 -11.52 -19.51
CA ALA E 297 49.04 -11.74 -18.27
C ALA E 297 49.33 -13.08 -17.63
N PHE E 298 49.74 -14.07 -18.40
CA PHE E 298 49.93 -15.40 -17.83
C PHE E 298 51.23 -15.47 -17.05
N PRO E 299 52.33 -14.91 -17.56
CA PRO E 299 53.54 -14.81 -16.73
C PRO E 299 53.29 -14.00 -15.47
N LEU E 300 52.47 -12.95 -15.54
CA LEU E 300 52.11 -12.22 -14.33
C LEU E 300 51.47 -13.15 -13.30
N LEU E 301 50.47 -13.94 -13.72
CA LEU E 301 49.83 -14.89 -12.82
C LEU E 301 50.82 -15.88 -12.26
N MET E 302 51.67 -16.46 -13.12
CA MET E 302 52.61 -17.48 -12.66
C MET E 302 53.68 -16.89 -11.75
N THR E 303 54.02 -15.61 -11.91
CA THR E 303 54.93 -14.97 -10.97
C THR E 303 54.24 -14.78 -9.62
N LEU E 304 53.01 -14.28 -9.64
CA LEU E 304 52.24 -14.19 -8.39
C LEU E 304 52.14 -15.56 -7.74
N PHE E 305 51.86 -16.60 -8.52
CA PHE E 305 51.75 -17.94 -7.97
C PHE E 305 53.06 -18.38 -7.32
N GLU E 306 54.18 -18.23 -8.04
CA GLU E 306 55.44 -18.71 -7.51
C GLU E 306 55.90 -17.90 -6.30
N LEU E 307 55.59 -16.60 -6.26
CA LEU E 307 55.93 -15.82 -5.08
C LEU E 307 55.12 -16.28 -3.87
N ALA E 308 53.89 -16.74 -4.08
CA ALA E 308 53.11 -17.26 -2.97
C ALA E 308 53.65 -18.59 -2.47
N ARG E 309 54.31 -19.36 -3.34
CA ARG E 309 54.91 -20.62 -2.95
C ARG E 309 56.30 -20.47 -2.35
N ASN E 310 56.95 -19.33 -2.58
CA ASN E 310 58.30 -19.07 -2.06
C ASN E 310 58.30 -17.72 -1.34
N PRO E 311 57.65 -17.64 -0.17
CA PRO E 311 57.63 -16.37 0.56
C PRO E 311 59.02 -15.88 0.93
N ASP E 312 59.98 -16.79 1.12
CA ASP E 312 61.37 -16.36 1.30
C ASP E 312 61.81 -15.48 0.14
N VAL E 313 61.55 -15.92 -1.09
CA VAL E 313 61.89 -15.12 -2.26
C VAL E 313 61.05 -13.84 -2.31
N GLN E 314 59.79 -13.94 -1.90
CA GLN E 314 58.90 -12.78 -2.00
C GLN E 314 59.43 -11.62 -1.16
N GLN E 315 59.70 -11.86 0.13
CA GLN E 315 60.13 -10.77 1.00
C GLN E 315 61.44 -10.16 0.52
N ILE E 316 62.32 -10.94 -0.09
CA ILE E 316 63.53 -10.37 -0.68
C ILE E 316 63.16 -9.33 -1.74
N LEU E 317 62.21 -9.68 -2.61
CA LEU E 317 61.73 -8.74 -3.62
C LEU E 317 61.03 -7.55 -2.97
N ARG E 318 60.24 -7.81 -1.92
CA ARG E 318 59.55 -6.72 -1.24
C ARG E 318 60.54 -5.75 -0.60
N GLN E 319 61.64 -6.27 -0.05
CA GLN E 319 62.65 -5.39 0.52
C GLN E 319 63.27 -4.51 -0.55
N GLU E 320 63.60 -5.09 -1.70
CA GLU E 320 64.11 -4.29 -2.82
C GLU E 320 63.10 -3.22 -3.22
N SER E 321 61.84 -3.63 -3.43
CA SER E 321 60.86 -2.70 -3.96
C SER E 321 60.49 -1.61 -2.95
N LEU E 322 60.49 -1.94 -1.65
CA LEU E 322 60.22 -0.91 -0.65
C LEU E 322 61.38 0.08 -0.56
N ALA E 323 62.61 -0.38 -0.83
CA ALA E 323 63.76 0.51 -0.77
C ALA E 323 63.71 1.55 -1.88
N ALA E 324 63.68 1.09 -3.12
CA ALA E 324 63.58 1.99 -4.27
C ALA E 324 62.18 2.58 -4.45
N ALA E 325 61.28 2.46 -3.47
CA ALA E 325 59.93 2.97 -3.66
C ALA E 325 59.92 4.46 -3.89
N ALA E 326 60.75 5.20 -3.15
CA ALA E 326 60.74 6.65 -3.26
C ALA E 326 61.29 7.10 -4.59
N SER E 327 62.45 6.55 -4.99
CA SER E 327 63.06 6.98 -6.25
C SER E 327 62.24 6.57 -7.46
N ILE E 328 61.35 5.59 -7.34
CA ILE E 328 60.48 5.20 -8.44
C ILE E 328 59.24 6.08 -8.51
N SER E 329 58.71 6.50 -7.36
CA SER E 329 57.60 7.45 -7.38
C SER E 329 58.05 8.78 -7.98
N GLU E 330 59.32 9.14 -7.81
CA GLU E 330 59.82 10.37 -8.42
C GLU E 330 59.93 10.21 -9.93
N HIS E 331 60.48 9.10 -10.40
CA HIS E 331 60.64 8.82 -11.83
C HIS E 331 60.44 7.33 -12.06
N PRO E 332 59.27 6.92 -12.57
CA PRO E 332 59.04 5.48 -12.76
C PRO E 332 60.03 4.82 -13.70
N GLN E 333 60.65 5.57 -14.61
CA GLN E 333 61.59 4.96 -15.55
C GLN E 333 62.69 4.19 -14.83
N LYS E 334 63.01 4.60 -13.59
CA LYS E 334 64.08 3.93 -12.85
C LYS E 334 63.73 2.49 -12.50
N ALA E 335 62.45 2.14 -12.45
CA ALA E 335 62.06 0.78 -12.10
C ALA E 335 62.82 -0.26 -12.92
N THR E 336 63.24 0.11 -14.14
CA THR E 336 63.95 -0.82 -15.00
C THR E 336 65.38 -1.09 -14.51
N THR E 337 65.93 -0.22 -13.67
CA THR E 337 67.31 -0.34 -13.22
C THR E 337 67.46 -0.49 -11.72
N GLU E 338 66.45 -0.12 -10.93
CA GLU E 338 66.53 -0.22 -9.48
C GLU E 338 65.95 -1.53 -8.95
N LEU E 339 65.31 -2.33 -9.80
CA LEU E 339 64.67 -3.58 -9.40
C LEU E 339 65.28 -4.76 -10.15
N PRO E 340 66.59 -5.00 -9.98
CA PRO E 340 67.21 -6.13 -10.69
C PRO E 340 66.72 -7.49 -10.23
N LEU E 341 66.39 -7.64 -8.94
CA LEU E 341 65.85 -8.91 -8.48
C LEU E 341 64.50 -9.19 -9.15
N LEU E 342 63.59 -8.21 -9.13
CA LEU E 342 62.27 -8.41 -9.73
C LEU E 342 62.40 -8.73 -11.21
N ARG E 343 63.32 -8.05 -11.90
CA ARG E 343 63.60 -8.41 -13.29
C ARG E 343 64.13 -9.83 -13.39
N ALA E 344 64.90 -10.27 -12.39
CA ALA E 344 65.37 -11.65 -12.38
C ALA E 344 64.23 -12.62 -12.14
N ALA E 345 63.28 -12.24 -11.28
CA ALA E 345 62.13 -13.10 -11.04
C ALA E 345 61.33 -13.33 -12.32
N LEU E 346 61.15 -12.27 -13.11
CA LEU E 346 60.44 -12.43 -14.38
C LEU E 346 61.19 -13.37 -15.32
N LYS E 347 62.51 -13.23 -15.40
CA LYS E 347 63.32 -14.17 -16.16
C LYS E 347 63.08 -15.60 -15.69
N GLU E 348 62.80 -15.78 -14.40
CA GLU E 348 62.63 -17.11 -13.83
C GLU E 348 61.26 -17.69 -14.15
N THR E 349 60.20 -16.87 -14.07
CA THR E 349 58.87 -17.35 -14.42
C THR E 349 58.82 -17.82 -15.86
N LEU E 350 59.31 -16.99 -16.79
CA LEU E 350 59.30 -17.36 -18.20
C LEU E 350 60.19 -18.55 -18.51
N ARG E 351 61.15 -18.86 -17.62
CA ARG E 351 61.97 -20.04 -17.81
C ARG E 351 61.16 -21.30 -17.58
N LEU E 352 60.33 -21.31 -16.54
CA LEU E 352 59.51 -22.46 -16.19
C LEU E 352 58.15 -22.44 -16.89
N TYR E 353 57.62 -21.25 -17.17
CA TYR E 353 56.31 -21.09 -17.79
C TYR E 353 56.47 -20.18 -19.00
N PRO E 354 57.10 -20.69 -20.07
CA PRO E 354 57.27 -19.87 -21.27
C PRO E 354 56.01 -19.82 -22.13
N VAL E 355 55.24 -18.73 -22.03
CA VAL E 355 54.03 -18.60 -22.85
C VAL E 355 54.35 -18.87 -24.32
N GLY E 356 55.48 -18.34 -24.78
CA GLY E 356 55.95 -18.71 -26.10
C GLY E 356 56.67 -20.04 -26.01
N LEU E 357 55.99 -21.13 -26.38
CA LEU E 357 56.58 -22.45 -26.19
C LEU E 357 57.89 -22.57 -26.93
N PHE E 358 57.87 -22.35 -28.24
CA PHE E 358 59.04 -22.58 -29.07
C PHE E 358 59.28 -21.40 -30.01
N LEU E 359 60.52 -21.29 -30.45
CA LEU E 359 60.93 -20.37 -31.48
C LEU E 359 61.08 -21.11 -32.80
N GLU E 360 60.77 -20.43 -33.90
CA GLU E 360 60.82 -21.03 -35.23
C GLU E 360 61.82 -20.28 -36.10
N ARG E 361 62.52 -21.02 -36.95
CA ARG E 361 63.33 -20.43 -38.01
C ARG E 361 63.37 -21.42 -39.17
N VAL E 362 62.95 -20.96 -40.35
CA VAL E 362 63.19 -21.68 -41.59
C VAL E 362 64.59 -21.25 -42.03
N VAL E 363 65.59 -22.05 -41.66
CA VAL E 363 66.97 -21.66 -41.92
C VAL E 363 67.14 -21.36 -43.40
N SER E 364 67.74 -20.21 -43.69
CA SER E 364 68.00 -19.77 -45.05
C SER E 364 69.33 -20.26 -45.60
N SER E 365 70.04 -21.11 -44.84
CA SER E 365 71.37 -21.57 -45.24
C SER E 365 71.67 -22.85 -44.49
N ASP E 366 72.51 -23.70 -45.10
CA ASP E 366 73.00 -24.89 -44.42
C ASP E 366 73.61 -24.50 -43.08
N LEU E 367 73.67 -25.46 -42.15
CA LEU E 367 74.27 -25.22 -40.84
C LEU E 367 74.45 -26.58 -40.18
N VAL E 368 75.08 -26.57 -39.01
CA VAL E 368 75.34 -27.79 -38.25
C VAL E 368 74.86 -27.59 -36.82
N LEU E 369 73.94 -28.45 -36.38
CA LEU E 369 73.47 -28.47 -35.00
C LEU E 369 73.76 -29.84 -34.40
N GLN E 370 74.26 -29.86 -33.16
CA GLN E 370 74.59 -31.10 -32.48
C GLN E 370 75.36 -32.03 -33.41
N ASN E 371 76.34 -31.47 -34.11
CA ASN E 371 77.18 -32.24 -35.02
C ASN E 371 76.31 -33.02 -36.02
N TYR E 372 75.26 -32.36 -36.51
CA TYR E 372 74.42 -32.90 -37.57
C TYR E 372 74.28 -31.85 -38.67
N HIS E 373 74.19 -32.31 -39.92
CA HIS E 373 74.04 -31.42 -41.05
C HIS E 373 72.59 -31.00 -41.18
N ILE E 374 72.33 -29.70 -41.14
CA ILE E 374 70.98 -29.16 -41.29
C ILE E 374 70.88 -28.45 -42.64
N PRO E 375 70.32 -29.07 -43.67
CA PRO E 375 70.19 -28.38 -44.95
C PRO E 375 69.27 -27.18 -44.83
N ALA E 376 69.35 -26.30 -45.83
CA ALA E 376 68.53 -25.10 -45.82
C ALA E 376 67.07 -25.44 -46.01
N GLY E 377 66.22 -24.43 -45.80
CA GLY E 377 64.79 -24.62 -45.93
C GLY E 377 64.21 -25.52 -44.86
N THR E 378 65.02 -25.90 -43.88
CA THR E 378 64.57 -26.74 -42.79
C THR E 378 63.92 -25.89 -41.71
N LEU E 379 62.85 -26.42 -41.11
CA LEU E 379 62.21 -25.77 -39.98
C LEU E 379 62.89 -26.25 -38.70
N VAL E 380 63.46 -25.31 -37.95
CA VAL E 380 64.16 -25.61 -36.70
C VAL E 380 63.38 -24.98 -35.56
N GLN E 381 62.85 -25.82 -34.67
CA GLN E 381 62.06 -25.38 -33.52
C GLN E 381 62.90 -25.51 -32.26
N VAL E 382 63.06 -24.41 -31.54
CA VAL E 382 63.72 -24.41 -30.24
C VAL E 382 62.62 -24.54 -29.19
N PHE E 383 62.68 -25.62 -28.41
CA PHE E 383 61.63 -25.97 -27.47
C PHE E 383 62.02 -25.46 -26.09
N LEU E 384 61.48 -24.28 -25.72
CA LEU E 384 61.97 -23.57 -24.54
C LEU E 384 61.62 -24.29 -23.24
N TYR E 385 60.50 -25.02 -23.20
CA TYR E 385 60.11 -25.70 -21.98
C TYR E 385 61.23 -26.62 -21.49
N SER E 386 61.79 -27.43 -22.39
CA SER E 386 62.89 -28.31 -22.00
C SER E 386 64.20 -27.57 -21.86
N LEU E 387 64.41 -26.52 -22.66
CA LEU E 387 65.62 -25.72 -22.53
C LEU E 387 65.76 -25.15 -21.12
N GLY E 388 64.65 -24.70 -20.55
CA GLY E 388 64.65 -24.12 -19.22
C GLY E 388 64.60 -25.11 -18.08
N ARG E 389 64.55 -26.40 -18.38
CA ARG E 389 64.53 -27.44 -17.37
C ARG E 389 65.74 -28.36 -17.47
N ASN E 390 66.69 -28.08 -18.36
CA ASN E 390 67.91 -28.86 -18.48
C ASN E 390 68.81 -28.56 -17.29
N ALA E 391 68.95 -29.55 -16.39
CA ALA E 391 69.72 -29.34 -15.18
C ALA E 391 71.16 -28.93 -15.49
N ALA E 392 71.73 -29.50 -16.56
CA ALA E 392 73.12 -29.20 -16.91
C ALA E 392 73.37 -27.69 -16.95
N LEU E 393 72.41 -26.94 -17.50
CA LEU E 393 72.55 -25.49 -17.67
C LEU E 393 71.93 -24.70 -16.53
N PHE E 394 70.87 -25.20 -15.91
CA PHE E 394 70.18 -24.54 -14.80
C PHE E 394 70.24 -25.46 -13.59
N PRO E 395 71.23 -25.30 -12.72
CA PRO E 395 71.30 -26.14 -11.51
C PRO E 395 70.02 -26.04 -10.67
N ARG E 396 69.47 -27.21 -10.33
CA ARG E 396 68.20 -27.30 -9.62
C ARG E 396 67.13 -26.55 -10.41
N PRO E 397 66.80 -27.03 -11.62
CA PRO E 397 65.78 -26.34 -12.43
C PRO E 397 64.39 -26.42 -11.84
N GLU E 398 64.13 -27.41 -10.98
CA GLU E 398 62.84 -27.49 -10.31
C GLU E 398 62.57 -26.25 -9.46
N ARG E 399 63.61 -25.53 -9.06
CA ARG E 399 63.52 -24.50 -8.02
C ARG E 399 63.30 -23.13 -8.62
N TYR E 400 62.44 -22.33 -7.96
CA TYR E 400 62.21 -20.95 -8.35
C TYR E 400 63.24 -20.08 -7.65
N ASN E 401 64.38 -19.87 -8.31
CA ASN E 401 65.53 -19.15 -7.74
C ASN E 401 65.85 -17.95 -8.62
N PRO E 402 65.27 -16.78 -8.33
CA PRO E 402 65.57 -15.61 -9.18
C PRO E 402 67.02 -15.17 -9.15
N GLN E 403 67.74 -15.39 -8.04
CA GLN E 403 69.11 -14.90 -7.94
C GLN E 403 70.08 -15.60 -8.87
N ARG E 404 69.65 -16.68 -9.55
CA ARG E 404 70.55 -17.36 -10.47
C ARG E 404 70.88 -16.52 -11.70
N TRP E 405 70.14 -15.44 -11.93
CA TRP E 405 70.38 -14.58 -13.08
C TRP E 405 71.25 -13.36 -12.75
N LEU E 406 71.38 -13.01 -11.47
CA LEU E 406 72.08 -11.77 -11.12
C LEU E 406 73.57 -11.87 -11.36
N ASP E 407 74.12 -13.08 -11.31
CA ASP E 407 75.55 -13.28 -11.50
C ASP E 407 75.85 -13.79 -12.90
N ARG E 413 76.73 -17.36 -20.58
CA ARG E 413 75.35 -17.24 -20.14
C ARG E 413 74.66 -16.06 -20.84
N ASN E 414 74.59 -16.13 -22.15
CA ASN E 414 73.98 -15.09 -22.98
C ASN E 414 72.72 -15.56 -23.68
N PHE E 415 72.73 -16.79 -24.21
CA PHE E 415 71.58 -17.36 -24.89
C PHE E 415 70.74 -18.22 -23.96
N HIS E 416 70.85 -18.01 -22.65
CA HIS E 416 70.09 -18.76 -21.68
C HIS E 416 68.70 -18.16 -21.42
N HIS E 417 68.50 -16.91 -21.81
CA HIS E 417 67.22 -16.21 -21.62
C HIS E 417 66.75 -15.74 -23.00
N VAL E 418 65.97 -16.58 -23.67
CA VAL E 418 65.46 -16.25 -24.99
C VAL E 418 63.96 -16.52 -25.05
N PRO E 419 63.18 -16.10 -24.02
CA PRO E 419 61.73 -16.30 -24.11
C PRO E 419 61.06 -15.36 -25.08
N PHE E 420 61.73 -14.26 -25.46
CA PHE E 420 61.20 -13.29 -26.40
C PHE E 420 61.73 -13.48 -27.81
N GLY E 421 62.61 -14.45 -28.02
CA GLY E 421 63.24 -14.64 -29.31
C GLY E 421 64.63 -14.05 -29.37
N PHE E 422 65.11 -13.85 -30.59
CA PHE E 422 66.50 -13.43 -30.79
C PHE E 422 66.65 -12.76 -32.15
N GLY E 423 67.65 -11.90 -32.24
CA GLY E 423 67.95 -11.27 -33.51
C GLY E 423 67.11 -10.05 -33.77
N MET E 424 66.92 -9.73 -35.06
CA MET E 424 66.04 -8.63 -35.43
C MET E 424 64.57 -9.01 -35.25
N ARG E 425 64.26 -10.30 -35.34
CA ARG E 425 62.89 -10.78 -35.18
C ARG E 425 62.43 -10.83 -33.72
N GLN E 426 63.34 -10.57 -32.77
CA GLN E 426 62.98 -10.65 -31.36
C GLN E 426 61.72 -9.83 -31.09
N CYS E 427 60.98 -10.26 -30.09
CA CYS E 427 59.68 -9.68 -29.76
C CYS E 427 59.66 -8.17 -29.94
N LEU E 428 58.61 -7.68 -30.61
CA LEU E 428 58.46 -6.25 -30.81
C LEU E 428 57.91 -5.57 -29.55
N GLY E 429 57.00 -6.23 -28.85
CA GLY E 429 56.46 -5.68 -27.63
C GLY E 429 57.17 -6.24 -26.40
N ARG E 430 58.45 -6.58 -26.57
CA ARG E 430 59.23 -7.12 -25.46
C ARG E 430 59.19 -6.18 -24.27
N ARG E 431 59.53 -4.90 -24.48
CA ARG E 431 59.71 -4.00 -23.36
C ARG E 431 58.39 -3.51 -22.79
N LEU E 432 57.34 -3.41 -23.62
CA LEU E 432 56.02 -3.12 -23.08
C LEU E 432 55.56 -4.21 -22.14
N ALA E 433 55.76 -5.48 -22.54
CA ALA E 433 55.39 -6.59 -21.66
C ALA E 433 56.17 -6.54 -20.36
N GLU E 434 57.49 -6.28 -20.45
CA GLU E 434 58.32 -6.25 -19.25
C GLU E 434 57.87 -5.16 -18.28
N ALA E 435 57.55 -3.97 -18.80
CA ALA E 435 57.13 -2.90 -17.91
C ALA E 435 55.81 -3.22 -17.23
N GLU E 436 54.80 -3.62 -18.00
CA GLU E 436 53.51 -3.99 -17.43
C GLU E 436 53.68 -5.00 -16.31
N MET E 437 54.44 -6.07 -16.57
CA MET E 437 54.66 -7.10 -15.56
C MET E 437 55.44 -6.55 -14.36
N LEU E 438 56.51 -5.80 -14.64
CA LEU E 438 57.39 -5.34 -13.57
C LEU E 438 56.70 -4.34 -12.65
N LEU E 439 55.97 -3.38 -13.24
CA LEU E 439 55.36 -2.33 -12.42
C LEU E 439 54.22 -2.88 -11.57
N LEU E 440 53.41 -3.79 -12.11
CA LEU E 440 52.33 -4.36 -11.32
C LEU E 440 52.87 -5.09 -10.10
N LEU E 441 53.91 -5.90 -10.29
CA LEU E 441 54.48 -6.63 -9.17
C LEU E 441 55.12 -5.68 -8.17
N HIS E 442 55.79 -4.63 -8.64
CA HIS E 442 56.41 -3.68 -7.73
C HIS E 442 55.38 -3.07 -6.78
N HIS E 443 54.26 -2.59 -7.33
CA HIS E 443 53.26 -1.91 -6.51
C HIS E 443 52.41 -2.89 -5.71
N VAL E 444 52.42 -4.17 -6.05
CA VAL E 444 51.71 -5.14 -5.23
C VAL E 444 52.60 -5.63 -4.08
N LEU E 445 53.90 -5.72 -4.30
CA LEU E 445 54.79 -6.19 -3.25
C LEU E 445 54.86 -5.20 -2.10
N LYS E 446 54.87 -3.91 -2.38
CA LYS E 446 55.07 -2.91 -1.34
C LYS E 446 53.80 -2.62 -0.55
N HIS E 447 52.70 -3.33 -0.80
CA HIS E 447 51.46 -3.06 -0.09
C HIS E 447 50.79 -4.32 0.44
N PHE E 448 51.05 -5.47 -0.18
CA PHE E 448 50.36 -6.71 0.14
C PHE E 448 51.35 -7.84 0.39
N LEU E 449 50.83 -8.90 1.00
CA LEU E 449 51.49 -10.20 1.08
C LEU E 449 50.65 -11.17 0.26
N VAL E 450 51.32 -11.99 -0.55
CA VAL E 450 50.65 -12.97 -1.39
C VAL E 450 50.88 -14.35 -0.77
N GLU E 451 49.79 -15.05 -0.50
CA GLU E 451 49.81 -16.30 0.24
C GLU E 451 48.86 -17.29 -0.43
N THR E 452 49.16 -18.58 -0.28
CA THR E 452 48.31 -19.60 -0.86
C THR E 452 48.55 -20.94 -0.19
N LEU E 453 47.48 -21.73 -0.04
CA LEU E 453 47.60 -23.12 0.38
C LEU E 453 47.90 -24.03 -0.81
N THR E 454 47.38 -23.70 -1.99
CA THR E 454 47.68 -24.46 -3.20
C THR E 454 49.18 -24.41 -3.46
N GLN E 455 49.89 -25.49 -3.16
CA GLN E 455 51.31 -25.58 -3.41
C GLN E 455 51.67 -26.66 -4.42
N GLU E 456 50.72 -27.47 -4.86
CA GLU E 456 50.96 -28.41 -5.94
C GLU E 456 51.18 -27.67 -7.25
N ASP E 457 52.16 -28.11 -8.02
CA ASP E 457 52.46 -27.47 -9.30
C ASP E 457 51.20 -27.34 -10.14
N ILE E 458 51.11 -26.22 -10.86
CA ILE E 458 49.98 -25.99 -11.76
C ILE E 458 50.26 -26.67 -13.10
N LYS E 459 49.29 -27.44 -13.58
CA LYS E 459 49.46 -28.10 -14.87
C LYS E 459 49.33 -27.08 -15.99
N MET E 460 50.27 -27.14 -16.93
CA MET E 460 50.25 -26.24 -18.08
C MET E 460 49.48 -26.86 -19.23
N VAL E 461 48.98 -26.01 -20.11
CA VAL E 461 48.17 -26.42 -21.25
C VAL E 461 48.68 -25.68 -22.48
N TYR E 462 48.70 -26.36 -23.62
CA TYR E 462 49.10 -25.76 -24.88
C TYR E 462 47.85 -25.45 -25.71
N SER E 463 47.56 -24.16 -25.87
CA SER E 463 46.58 -23.68 -26.84
C SER E 463 47.27 -22.56 -27.63
N PHE E 464 48.25 -22.94 -28.44
CA PHE E 464 49.10 -22.01 -29.19
C PHE E 464 50.14 -21.39 -28.27
N ILE E 465 49.69 -20.84 -27.15
CA ILE E 465 50.59 -20.39 -26.10
C ILE E 465 50.56 -21.42 -24.98
N LEU E 466 51.56 -21.33 -24.10
CA LEU E 466 51.65 -22.22 -22.93
C LEU E 466 51.10 -21.45 -21.73
N ARG E 467 49.94 -21.89 -21.24
CA ARG E 467 49.20 -21.17 -20.21
C ARG E 467 48.75 -22.14 -19.13
N PRO E 468 48.54 -21.63 -17.91
CA PRO E 468 48.10 -22.52 -16.82
C PRO E 468 46.66 -22.94 -17.02
N GLY E 469 46.41 -24.26 -16.96
CA GLY E 469 45.06 -24.76 -17.09
C GLY E 469 44.17 -24.45 -15.92
N THR E 470 44.76 -24.17 -14.76
CA THR E 470 44.00 -23.83 -13.56
C THR E 470 44.59 -22.59 -12.92
N SER E 471 43.73 -21.77 -12.31
CA SER E 471 44.17 -20.54 -11.65
C SER E 471 44.05 -20.72 -10.15
N PRO E 472 45.11 -20.50 -9.39
CA PRO E 472 45.06 -20.79 -7.95
C PRO E 472 44.35 -19.69 -7.18
N LEU E 473 43.91 -20.05 -5.98
CA LEU E 473 43.31 -19.09 -5.07
C LEU E 473 44.43 -18.34 -4.34
N LEU E 474 44.49 -17.03 -4.55
CA LEU E 474 45.53 -16.20 -3.97
C LEU E 474 44.92 -15.25 -2.94
N THR E 475 45.61 -15.10 -1.82
CA THR E 475 45.24 -14.16 -0.78
C THR E 475 46.13 -12.93 -0.85
N PHE E 476 45.55 -11.78 -0.59
CA PHE E 476 46.26 -10.50 -0.58
C PHE E 476 46.02 -9.86 0.80
N ARG E 477 47.03 -9.94 1.67
CA ARG E 477 46.96 -9.39 3.01
C ARG E 477 47.73 -8.08 3.07
N ALA E 478 47.07 -7.02 3.51
CA ALA E 478 47.66 -5.69 3.44
C ALA E 478 48.64 -5.47 4.59
N ILE E 479 49.52 -4.47 4.38
CA ILE E 479 50.51 -4.10 5.39
C ILE E 479 50.11 -2.79 6.06
N THR F 11 -13.32 35.10 71.29
CA THR F 11 -12.40 35.57 72.33
C THR F 11 -11.21 34.62 72.45
N VAL F 12 -10.22 34.80 71.58
CA VAL F 12 -9.05 33.93 71.50
C VAL F 12 -7.88 34.62 72.19
N LEU F 13 -7.16 33.85 73.01
CA LEU F 13 -6.05 34.38 73.79
C LEU F 13 -4.79 34.44 72.95
N PRO F 14 -3.78 35.17 73.40
CA PRO F 14 -2.50 35.20 72.68
C PRO F 14 -1.63 33.99 73.01
N PHE F 15 -0.57 33.83 72.22
CA PHE F 15 0.33 32.71 72.42
C PHE F 15 1.16 32.88 73.69
N GLU F 16 1.56 34.12 74.00
CA GLU F 16 2.43 34.35 75.14
C GLU F 16 1.73 34.14 76.48
N ALA F 17 0.40 34.05 76.48
CA ALA F 17 -0.37 33.79 77.70
C ALA F 17 -0.55 32.30 77.96
N MET F 18 0.29 31.46 77.36
CA MET F 18 0.21 30.02 77.55
C MET F 18 0.93 29.63 78.84
N PRO F 19 0.45 28.61 79.54
CA PRO F 19 1.22 28.07 80.66
C PRO F 19 2.58 27.61 80.17
N GLN F 20 3.61 27.88 80.96
CA GLN F 20 4.99 27.61 80.57
C GLN F 20 5.56 26.48 81.40
N HIS F 21 6.30 25.59 80.75
CA HIS F 21 6.97 24.51 81.46
C HIS F 21 8.14 25.09 82.26
N PRO F 22 8.21 24.86 83.56
CA PRO F 22 9.27 25.49 84.36
C PRO F 22 10.67 25.09 83.93
N GLY F 23 10.82 23.93 83.31
CA GLY F 23 12.15 23.42 83.02
C GLY F 23 12.95 24.38 82.14
N ASN F 24 14.24 24.43 82.41
CA ASN F 24 15.19 25.22 81.61
C ASN F 24 15.77 24.30 80.54
N ARG F 25 15.64 24.72 79.27
CA ARG F 25 16.11 23.89 78.17
C ARG F 25 17.52 23.36 78.40
N TRP F 26 18.43 24.24 78.82
CA TRP F 26 19.85 23.88 78.85
C TRP F 26 20.16 22.89 79.97
N LEU F 27 19.54 23.05 81.14
CA LEU F 27 19.80 22.13 82.23
C LEU F 27 19.33 20.71 81.89
N ARG F 28 18.31 20.58 81.04
CA ARG F 28 17.86 19.27 80.61
C ARG F 28 18.77 18.66 79.55
N LEU F 29 19.49 19.49 78.79
CA LEU F 29 20.48 18.96 77.87
C LEU F 29 21.69 18.41 78.62
N LEU F 30 22.03 19.04 79.75
CA LEU F 30 23.10 18.50 80.59
C LEU F 30 22.63 17.31 81.40
N GLN F 31 21.38 17.35 81.87
CA GLN F 31 20.79 16.17 82.50
C GLN F 31 20.91 14.96 81.58
N ILE F 32 20.71 15.17 80.28
CA ILE F 32 20.81 14.06 79.34
C ILE F 32 22.27 13.67 79.11
N TRP F 33 23.17 14.67 79.02
CA TRP F 33 24.58 14.35 78.88
C TRP F 33 25.09 13.52 80.05
N ARG F 34 24.56 13.74 81.24
CA ARG F 34 24.98 13.01 82.43
C ARG F 34 24.40 11.61 82.45
N GLU F 35 23.07 11.50 82.44
CA GLU F 35 22.39 10.23 82.60
C GLU F 35 22.46 9.36 81.34
N GLN F 36 22.88 9.91 80.20
CA GLN F 36 22.92 9.19 78.93
C GLN F 36 21.52 8.73 78.51
N GLY F 37 20.50 9.48 78.91
CA GLY F 37 19.14 9.13 78.57
C GLY F 37 18.15 10.03 79.30
N TYR F 38 16.91 9.90 78.89
CA TYR F 38 15.78 10.67 79.41
C TYR F 38 14.63 9.72 79.71
N GLU F 39 14.95 8.61 80.38
CA GLU F 39 14.00 7.51 80.50
C GLU F 39 12.69 7.93 81.14
N HIS F 40 12.70 8.97 81.98
CA HIS F 40 11.52 9.39 82.71
C HIS F 40 10.75 10.51 82.01
N LEU F 41 10.96 10.69 80.70
CA LEU F 41 10.33 11.80 80.01
C LEU F 41 8.81 11.71 80.08
N HIS F 42 8.26 10.50 79.89
CA HIS F 42 6.80 10.37 79.87
C HIS F 42 6.18 10.78 81.20
N LEU F 43 6.87 10.49 82.32
CA LEU F 43 6.33 10.86 83.62
C LEU F 43 6.45 12.35 83.87
N GLU F 44 7.59 12.95 83.50
CA GLU F 44 7.78 14.38 83.68
C GLU F 44 6.75 15.18 82.88
N MET F 45 6.30 14.67 81.73
CA MET F 45 5.29 15.36 80.96
C MET F 45 3.89 15.11 81.52
N HIS F 46 3.60 13.86 81.90
CA HIS F 46 2.30 13.56 82.50
C HIS F 46 2.07 14.40 83.74
N GLN F 47 3.12 14.63 84.53
CA GLN F 47 2.99 15.53 85.67
C GLN F 47 2.69 16.95 85.22
N THR F 48 3.49 17.45 84.27
CA THR F 48 3.31 18.84 83.82
C THR F 48 1.88 19.08 83.37
N PHE F 49 1.29 18.15 82.63
CA PHE F 49 -0.10 18.32 82.20
C PHE F 49 -1.05 18.39 83.40
N GLN F 50 -0.73 17.71 84.49
CA GLN F 50 -1.57 17.73 85.67
C GLN F 50 -1.43 19.03 86.45
N GLU F 51 -0.33 19.76 86.29
CA GLU F 51 -0.13 21.03 86.98
C GLU F 51 -0.52 22.24 86.15
N LEU F 52 -0.45 22.15 84.82
CA LEU F 52 -0.64 23.31 83.95
C LEU F 52 -1.81 23.16 82.98
N GLY F 53 -2.51 22.03 82.98
CA GLY F 53 -3.68 21.88 82.14
C GLY F 53 -3.40 21.07 80.88
N PRO F 54 -4.31 21.15 79.91
CA PRO F 54 -4.18 20.33 78.70
C PRO F 54 -3.39 21.00 77.58
N ILE F 55 -2.56 21.99 77.91
CA ILE F 55 -1.77 22.71 76.92
C ILE F 55 -0.72 23.56 77.62
N PHE F 56 0.47 23.67 77.03
CA PHE F 56 1.52 24.49 77.61
C PHE F 56 2.68 24.64 76.62
N ARG F 57 3.51 25.64 76.86
CA ARG F 57 4.72 25.90 76.08
C ARG F 57 5.91 25.16 76.69
N TYR F 58 6.97 25.03 75.89
CA TYR F 58 8.27 24.55 76.38
C TYR F 58 9.35 25.29 75.59
N ASN F 59 9.57 26.55 75.98
CA ASN F 59 10.46 27.45 75.27
C ASN F 59 11.79 26.78 74.89
N LEU F 60 12.26 27.12 73.69
CA LEU F 60 13.58 26.71 73.21
C LEU F 60 14.58 27.83 73.46
N ARG F 64 9.03 27.98 68.81
CA ARG F 64 7.85 27.70 69.62
C ARG F 64 7.54 26.21 69.67
N MET F 65 7.28 25.70 70.87
CA MET F 65 6.82 24.33 71.03
C MET F 65 5.59 24.31 71.94
N VAL F 66 4.58 23.56 71.53
CA VAL F 66 3.33 23.46 72.26
C VAL F 66 3.00 21.98 72.45
N CYS F 67 2.65 21.60 73.67
CA CYS F 67 2.33 20.21 74.00
C CYS F 67 0.86 20.13 74.40
N VAL F 68 0.12 19.26 73.73
CA VAL F 68 -1.31 19.09 73.96
C VAL F 68 -1.59 17.63 74.32
N MET F 69 -2.85 17.32 74.63
CA MET F 69 -3.17 15.96 75.04
C MET F 69 -4.62 15.56 74.74
N LEU F 70 -5.41 16.40 74.08
CA LEU F 70 -6.82 16.09 73.90
C LEU F 70 -7.12 15.72 72.45
N PRO F 71 -8.00 14.74 72.21
CA PRO F 71 -8.48 14.52 70.84
C PRO F 71 -9.05 15.79 70.22
N GLU F 72 -9.67 16.64 71.04
CA GLU F 72 -10.09 17.97 70.64
C GLU F 72 -9.06 18.62 69.72
N ASP F 73 -7.78 18.50 70.09
CA ASP F 73 -6.71 19.20 69.38
C ASP F 73 -6.10 18.39 68.25
N VAL F 74 -6.10 17.05 68.36
CA VAL F 74 -5.65 16.24 67.23
C VAL F 74 -6.52 16.51 66.01
N GLU F 75 -7.83 16.63 66.22
CA GLU F 75 -8.74 16.93 65.12
C GLU F 75 -8.37 18.24 64.45
N LYS F 76 -8.16 19.30 65.25
CA LYS F 76 -7.74 20.57 64.67
C LYS F 76 -6.39 20.45 63.97
N LEU F 77 -5.50 19.61 64.50
CA LEU F 77 -4.18 19.46 63.90
C LEU F 77 -4.27 18.78 62.54
N GLN F 78 -5.22 17.85 62.37
CA GLN F 78 -5.40 17.26 61.05
C GLN F 78 -6.03 18.25 60.07
N GLN F 79 -6.92 19.12 60.56
CA GLN F 79 -7.48 20.15 59.70
C GLN F 79 -6.39 21.03 59.11
N VAL F 80 -5.31 21.27 59.87
CA VAL F 80 -4.22 22.11 59.39
C VAL F 80 -3.16 21.32 58.62
N ASP F 81 -3.32 20.01 58.47
CA ASP F 81 -2.39 19.23 57.66
C ASP F 81 -2.50 19.67 56.21
N SER F 82 -1.41 20.21 55.66
CA SER F 82 -1.43 20.73 54.30
C SER F 82 -1.38 19.56 53.32
N LEU F 83 -1.18 19.84 52.03
CA LEU F 83 -0.94 18.76 51.09
C LEU F 83 0.32 18.00 51.48
N HIS F 84 1.29 18.69 52.06
CA HIS F 84 2.52 18.09 52.58
C HIS F 84 2.60 18.35 54.07
N PRO F 85 2.07 17.45 54.90
CA PRO F 85 2.30 17.54 56.36
C PRO F 85 3.80 17.48 56.64
N CYS F 86 4.17 18.04 57.80
CA CYS F 86 5.58 18.25 58.12
C CYS F 86 5.84 17.86 59.57
N ARG F 87 6.65 16.82 59.77
CA ARG F 87 7.20 16.52 61.07
C ARG F 87 8.61 17.13 61.19
N MET F 88 9.13 17.12 62.41
CA MET F 88 10.46 17.69 62.64
C MET F 88 11.54 16.80 62.05
N ILE F 89 12.55 17.42 61.45
CA ILE F 89 13.69 16.66 60.93
C ILE F 89 14.41 16.00 62.09
N LEU F 90 14.68 14.71 61.95
CA LEU F 90 15.36 13.92 62.98
C LEU F 90 16.84 13.86 62.59
N GLU F 91 17.58 14.91 62.97
CA GLU F 91 18.94 15.11 62.45
C GLU F 91 19.86 13.92 62.64
N PRO F 92 19.92 13.28 63.82
CA PRO F 92 20.82 12.12 63.96
C PRO F 92 20.59 11.06 62.91
N TRP F 93 19.32 10.75 62.60
CA TRP F 93 19.02 9.77 61.57
C TRP F 93 19.37 10.31 60.19
N VAL F 94 19.03 11.58 59.91
CA VAL F 94 19.26 12.13 58.59
C VAL F 94 20.75 12.34 58.33
N ALA F 95 21.52 12.64 59.38
CA ALA F 95 22.95 12.81 59.21
C ALA F 95 23.59 11.54 58.65
N TYR F 96 23.11 10.37 59.09
CA TYR F 96 23.63 9.12 58.58
C TYR F 96 23.27 8.93 57.11
N ARG F 97 22.00 9.11 56.77
CA ARG F 97 21.57 8.93 55.39
C ARG F 97 22.47 9.72 54.43
N GLN F 98 22.81 10.95 54.79
CA GLN F 98 23.62 11.80 53.91
C GLN F 98 25.11 11.61 54.14
N HIS F 99 25.51 11.06 55.28
CA HIS F 99 26.90 10.69 55.46
C HIS F 99 27.32 9.56 54.53
N ARG F 100 26.39 8.66 54.20
CA ARG F 100 26.65 7.53 53.32
C ARG F 100 26.05 7.70 51.94
N GLY F 101 25.52 8.88 51.62
CA GLY F 101 24.92 9.13 50.32
C GLY F 101 23.75 8.20 50.02
N HIS F 102 22.77 8.18 50.92
CA HIS F 102 21.55 7.41 50.74
C HIS F 102 20.36 8.35 50.71
N LYS F 103 19.29 7.91 50.05
CA LYS F 103 18.04 8.65 50.08
C LYS F 103 17.29 8.34 51.37
N CYS F 104 16.55 9.32 51.85
CA CYS F 104 15.69 9.14 53.01
C CYS F 104 14.41 8.44 52.60
N GLY F 105 13.76 7.79 53.57
CA GLY F 105 12.47 7.18 53.36
C GLY F 105 11.34 8.08 53.83
N VAL F 106 10.12 7.56 53.67
CA VAL F 106 8.92 8.33 54.04
C VAL F 106 8.99 8.82 55.48
N PHE F 107 9.61 8.05 56.36
CA PHE F 107 9.66 8.44 57.78
C PHE F 107 10.50 9.69 57.99
N LEU F 108 11.47 9.93 57.11
CA LEU F 108 12.40 11.04 57.27
C LEU F 108 12.24 12.14 56.23
N LEU F 109 11.26 12.02 55.34
CA LEU F 109 11.06 12.98 54.26
C LEU F 109 9.97 13.99 54.61
N ASN F 110 9.98 15.10 53.89
CA ASN F 110 8.98 16.14 54.04
C ASN F 110 8.65 16.72 52.67
N GLY F 111 7.59 17.52 52.63
CA GLY F 111 7.27 18.28 51.44
C GLY F 111 6.96 17.40 50.24
N PRO F 112 7.24 17.90 49.04
CA PRO F 112 6.85 17.16 47.83
C PRO F 112 7.49 15.79 47.72
N GLU F 113 8.78 15.66 48.08
CA GLU F 113 9.44 14.37 47.98
C GLU F 113 8.76 13.32 48.86
N TRP F 114 8.29 13.73 50.04
CA TRP F 114 7.55 12.80 50.89
C TRP F 114 6.30 12.31 50.19
N ARG F 115 5.53 13.23 49.60
CA ARG F 115 4.27 12.84 48.98
C ARG F 115 4.49 11.89 47.81
N PHE F 116 5.52 12.16 47.00
CA PHE F 116 5.79 11.30 45.85
C PHE F 116 6.06 9.87 46.29
N ASN F 117 6.83 9.70 47.37
CA ASN F 117 7.12 8.36 47.86
C ASN F 117 5.89 7.74 48.51
N ARG F 118 5.19 8.50 49.36
CA ARG F 118 4.10 7.92 50.12
C ARG F 118 2.99 7.40 49.21
N LEU F 119 2.75 8.08 48.09
CA LEU F 119 1.66 7.67 47.19
C LEU F 119 2.00 6.42 46.39
N ARG F 120 3.28 6.09 46.24
CA ARG F 120 3.68 4.87 45.57
C ARG F 120 3.90 3.72 46.55
N LEU F 121 3.66 3.93 47.83
CA LEU F 121 3.79 2.89 48.85
C LEU F 121 2.45 2.43 49.40
N ASN F 122 1.49 3.33 49.59
CA ASN F 122 0.21 2.95 50.18
C ASN F 122 -0.43 1.73 49.53
N PRO F 123 -0.45 1.58 48.20
CA PRO F 123 -1.19 0.44 47.63
C PRO F 123 -0.67 -0.91 48.08
N ASP F 124 0.65 -1.11 48.11
CA ASP F 124 1.24 -2.41 48.37
C ASP F 124 1.57 -2.65 49.84
N VAL F 125 1.52 -1.61 50.67
CA VAL F 125 1.88 -1.72 52.07
C VAL F 125 0.68 -1.62 53.01
N LEU F 126 -0.32 -0.81 52.66
CA LEU F 126 -1.33 -0.37 53.61
C LEU F 126 -2.75 -0.64 53.11
N SER F 127 -2.91 -0.71 51.80
CA SER F 127 -4.25 -0.86 51.22
C SER F 127 -4.86 -2.20 51.62
N PRO F 128 -6.18 -2.27 51.77
CA PRO F 128 -6.81 -3.56 52.10
C PRO F 128 -6.58 -4.63 51.06
N LYS F 129 -6.25 -4.27 49.83
CA LYS F 129 -5.95 -5.27 48.81
C LYS F 129 -4.59 -5.90 49.04
N ALA F 130 -3.64 -5.15 49.62
CA ALA F 130 -2.35 -5.72 49.95
C ALA F 130 -2.43 -6.56 51.22
N VAL F 131 -3.20 -6.10 52.22
CA VAL F 131 -3.35 -6.88 53.45
C VAL F 131 -3.87 -8.27 53.13
N GLN F 132 -4.83 -8.37 52.20
CA GLN F 132 -5.38 -9.67 51.84
C GLN F 132 -4.33 -10.62 51.28
N ARG F 133 -3.21 -10.09 50.78
CA ARG F 133 -2.19 -10.93 50.18
C ARG F 133 -1.13 -11.37 51.19
N PHE F 134 -0.68 -10.47 52.06
CA PHE F 134 0.37 -10.83 53.01
C PHE F 134 -0.16 -11.29 54.36
N LEU F 135 -1.46 -11.18 54.61
CA LEU F 135 -2.00 -11.59 55.90
C LEU F 135 -1.91 -13.10 56.04
N PRO F 136 -2.25 -13.88 55.00
CA PRO F 136 -2.08 -15.34 55.12
C PRO F 136 -0.65 -15.74 55.47
N MET F 137 0.34 -15.03 54.92
CA MET F 137 1.73 -15.35 55.22
C MET F 137 2.04 -15.11 56.70
N VAL F 138 1.53 -14.02 57.26
CA VAL F 138 1.73 -13.76 58.68
C VAL F 138 1.02 -14.80 59.54
N ASP F 139 0.00 -15.48 58.99
CA ASP F 139 -0.67 -16.52 59.75
C ASP F 139 0.21 -17.76 59.89
N ALA F 140 0.95 -18.11 58.84
CA ALA F 140 1.86 -19.25 58.93
C ALA F 140 2.87 -19.05 60.05
N VAL F 141 3.42 -17.85 60.17
CA VAL F 141 4.38 -17.57 61.22
C VAL F 141 3.71 -17.65 62.60
N ALA F 142 2.48 -17.13 62.70
CA ALA F 142 1.79 -17.13 63.98
C ALA F 142 1.35 -18.53 64.39
N ARG F 143 1.09 -19.41 63.41
CA ARG F 143 0.80 -20.80 63.75
C ARG F 143 2.06 -21.55 64.15
N ASP F 144 3.15 -21.35 63.41
CA ASP F 144 4.43 -21.96 63.76
C ASP F 144 4.87 -21.52 65.15
N PHE F 145 4.60 -20.27 65.52
CA PHE F 145 4.97 -19.80 66.86
C PHE F 145 4.26 -20.63 67.92
N SER F 146 2.96 -20.86 67.76
CA SER F 146 2.21 -21.59 68.77
C SER F 146 2.46 -23.08 68.69
N GLN F 147 2.64 -23.62 67.48
CA GLN F 147 2.98 -25.03 67.34
C GLN F 147 4.28 -25.34 68.07
N ALA F 148 5.28 -24.47 67.92
CA ALA F 148 6.56 -24.69 68.59
C ALA F 148 6.43 -24.58 70.09
N LEU F 149 5.67 -23.59 70.57
CA LEU F 149 5.49 -23.43 72.00
C LEU F 149 4.74 -24.62 72.59
N LYS F 150 3.76 -25.15 71.86
CA LYS F 150 3.01 -26.30 72.38
C LYS F 150 3.89 -27.54 72.45
N LYS F 151 4.81 -27.72 71.51
CA LYS F 151 5.70 -28.87 71.55
C LYS F 151 6.59 -28.84 72.78
N LYS F 152 7.08 -27.66 73.14
CA LYS F 152 7.92 -27.55 74.33
C LYS F 152 7.10 -27.66 75.61
N VAL F 153 5.89 -27.09 75.60
CA VAL F 153 5.06 -27.06 76.80
C VAL F 153 4.70 -28.48 77.23
N LEU F 154 4.26 -29.31 76.28
CA LEU F 154 3.82 -30.66 76.60
C LEU F 154 4.97 -31.58 76.97
N GLN F 155 6.22 -31.11 76.94
CA GLN F 155 7.35 -31.90 77.39
C GLN F 155 7.55 -31.83 78.89
N ASN F 156 6.88 -30.91 79.57
CA ASN F 156 7.00 -30.77 81.02
C ASN F 156 5.88 -31.52 81.72
N ALA F 157 6.11 -31.82 83.00
CA ALA F 157 5.16 -32.63 83.75
C ALA F 157 3.84 -31.91 83.98
N ARG F 158 3.88 -30.59 84.13
CA ARG F 158 2.69 -29.80 84.38
C ARG F 158 2.14 -29.16 83.11
N GLY F 159 2.48 -29.71 81.94
CA GLY F 159 1.96 -29.22 80.68
C GLY F 159 1.91 -27.71 80.59
N SER F 160 2.98 -27.06 81.05
CA SER F 160 3.07 -25.62 80.99
C SER F 160 4.54 -25.22 80.93
N LEU F 161 4.80 -24.06 80.32
CA LEU F 161 6.13 -23.49 80.23
C LEU F 161 6.13 -22.07 80.76
N THR F 162 7.04 -21.79 81.70
CA THR F 162 7.20 -20.46 82.28
C THR F 162 8.51 -19.87 81.78
N LEU F 163 8.45 -18.66 81.25
CA LEU F 163 9.62 -18.06 80.63
C LEU F 163 9.44 -16.56 80.49
N ASP F 164 10.53 -15.91 80.09
CA ASP F 164 10.47 -14.55 79.54
C ASP F 164 10.27 -14.69 78.03
N VAL F 165 9.14 -14.15 77.54
CA VAL F 165 8.81 -14.30 76.13
C VAL F 165 9.41 -13.20 75.26
N GLN F 166 9.88 -12.10 75.84
CA GLN F 166 10.36 -10.98 75.04
C GLN F 166 11.28 -11.41 73.91
N PRO F 167 12.31 -12.23 74.14
CA PRO F 167 13.12 -12.68 72.99
C PRO F 167 12.31 -13.39 71.93
N SER F 168 11.54 -14.41 72.32
CA SER F 168 10.79 -15.18 71.32
C SER F 168 9.80 -14.30 70.57
N ILE F 169 9.16 -13.36 71.26
CA ILE F 169 8.26 -12.43 70.58
C ILE F 169 9.03 -11.59 69.58
N PHE F 170 10.18 -11.06 70.02
CA PHE F 170 10.97 -10.22 69.13
C PHE F 170 11.41 -10.99 67.88
N HIS F 171 11.71 -12.28 68.03
CA HIS F 171 12.04 -13.09 66.86
C HIS F 171 10.80 -13.57 66.11
N TYR F 172 9.61 -13.30 66.65
CA TYR F 172 8.40 -13.52 65.87
C TYR F 172 8.14 -12.36 64.92
N THR F 173 8.32 -11.12 65.40
CA THR F 173 8.09 -9.95 64.55
C THR F 173 9.17 -9.77 63.51
N ILE F 174 10.36 -10.35 63.71
CA ILE F 174 11.35 -10.34 62.63
C ILE F 174 10.97 -11.32 61.54
N GLU F 175 10.50 -12.51 61.93
CA GLU F 175 10.05 -13.50 60.97
C GLU F 175 8.85 -13.00 60.18
N ALA F 176 7.77 -12.65 60.88
CA ALA F 176 6.57 -12.17 60.22
C ALA F 176 6.89 -10.97 59.32
N SER F 177 7.69 -10.03 59.82
CA SER F 177 7.99 -8.85 59.02
C SER F 177 8.80 -9.20 57.79
N ASN F 178 9.85 -10.01 57.94
CA ASN F 178 10.67 -10.35 56.78
C ASN F 178 9.86 -11.14 55.76
N LEU F 179 8.98 -12.03 56.23
CA LEU F 179 8.16 -12.80 55.30
C LEU F 179 7.21 -11.89 54.54
N ALA F 180 6.50 -11.02 55.25
CA ALA F 180 5.54 -10.16 54.59
C ALA F 180 6.22 -9.11 53.72
N LEU F 181 7.47 -8.76 54.03
CA LEU F 181 8.18 -7.74 53.28
C LEU F 181 8.91 -8.31 52.07
N PHE F 182 9.65 -9.40 52.25
CA PHE F 182 10.50 -9.94 51.19
C PHE F 182 10.07 -11.31 50.70
N GLY F 183 9.14 -11.97 51.37
CA GLY F 183 8.78 -13.33 51.02
C GLY F 183 9.77 -14.37 51.47
N GLU F 184 10.81 -13.99 52.19
CA GLU F 184 11.81 -14.92 52.70
C GLU F 184 11.43 -15.40 54.10
N ARG F 185 11.83 -16.63 54.41
CA ARG F 185 11.52 -17.26 55.68
C ARG F 185 12.84 -17.60 56.37
N LEU F 186 13.11 -16.94 57.49
CA LEU F 186 14.31 -17.18 58.29
C LEU F 186 13.96 -18.12 59.43
N GLY F 187 14.87 -19.04 59.74
CA GLY F 187 14.56 -20.05 60.74
C GLY F 187 14.59 -19.57 62.17
N LEU F 188 13.79 -18.56 62.51
CA LEU F 188 13.88 -17.92 63.82
C LEU F 188 12.75 -18.30 64.77
N VAL F 189 11.59 -18.72 64.26
CA VAL F 189 10.49 -19.15 65.10
C VAL F 189 10.53 -20.66 65.23
N GLY F 190 10.58 -21.14 66.47
CA GLY F 190 10.77 -22.54 66.74
C GLY F 190 12.21 -22.98 66.80
N HIS F 191 13.16 -22.06 66.60
CA HIS F 191 14.57 -22.39 66.60
C HIS F 191 15.35 -21.25 67.26
N SER F 192 16.58 -21.57 67.67
CA SER F 192 17.38 -20.61 68.41
C SER F 192 17.64 -19.37 67.55
N PRO F 193 17.88 -18.22 68.18
CA PRO F 193 18.25 -17.04 67.41
C PRO F 193 19.56 -17.22 66.66
N SER F 194 19.67 -16.56 65.53
CA SER F 194 20.93 -16.48 64.81
C SER F 194 21.72 -15.28 65.28
N SER F 195 23.02 -15.29 64.99
CA SER F 195 23.84 -14.12 65.34
C SER F 195 23.38 -12.89 64.58
N ALA F 196 22.98 -13.08 63.32
CA ALA F 196 22.53 -11.95 62.51
C ALA F 196 21.37 -11.22 63.17
N SER F 197 20.42 -11.95 63.74
CA SER F 197 19.26 -11.31 64.35
C SER F 197 19.61 -10.64 65.67
N LEU F 198 20.44 -11.30 66.49
CA LEU F 198 20.80 -10.72 67.77
C LEU F 198 21.59 -9.43 67.58
N ASN F 199 22.59 -9.45 66.68
CA ASN F 199 23.32 -8.24 66.37
C ASN F 199 22.38 -7.18 65.80
N PHE F 200 21.40 -7.61 65.00
CA PHE F 200 20.40 -6.67 64.49
C PHE F 200 19.58 -6.09 65.64
N LEU F 201 19.09 -6.95 66.53
CA LEU F 201 18.33 -6.47 67.68
C LEU F 201 19.18 -5.53 68.53
N HIS F 202 20.41 -5.94 68.86
CA HIS F 202 21.28 -5.08 69.64
C HIS F 202 21.51 -3.74 68.97
N ALA F 203 21.72 -3.75 67.65
CA ALA F 203 21.96 -2.50 66.93
C ALA F 203 20.81 -1.52 67.11
N LEU F 204 19.57 -2.00 66.95
CA LEU F 204 18.41 -1.15 67.17
C LEU F 204 18.41 -0.59 68.59
N GLU F 205 18.72 -1.42 69.58
CA GLU F 205 18.72 -0.95 70.96
C GLU F 205 19.70 0.20 71.15
N VAL F 206 20.88 0.10 70.54
CA VAL F 206 21.85 1.18 70.61
C VAL F 206 21.39 2.38 69.80
N MET F 207 20.89 2.14 68.58
CA MET F 207 20.40 3.23 67.75
C MET F 207 19.35 4.06 68.48
N PHE F 208 18.35 3.39 69.06
CA PHE F 208 17.35 4.11 69.85
C PHE F 208 18.03 4.89 70.98
N LYS F 209 18.80 4.20 71.82
CA LYS F 209 19.46 4.85 72.95
C LYS F 209 20.22 6.09 72.50
N SER F 210 21.12 5.92 71.51
CA SER F 210 21.96 7.03 71.08
C SER F 210 21.17 8.13 70.40
N THR F 211 19.94 7.86 69.95
CA THR F 211 19.14 8.93 69.34
C THR F 211 18.68 9.93 70.39
N VAL F 212 18.30 9.46 71.57
CA VAL F 212 17.87 10.36 72.64
C VAL F 212 19.02 11.24 73.09
N GLN F 213 20.25 10.71 73.07
CA GLN F 213 21.40 11.48 73.53
C GLN F 213 21.77 12.60 72.56
N LEU F 214 21.30 12.54 71.31
CA LEU F 214 21.70 13.51 70.30
C LEU F 214 20.56 14.38 69.77
N MET F 215 19.30 13.96 69.96
CA MET F 215 18.18 14.66 69.34
C MET F 215 17.75 15.91 70.09
N PHE F 216 18.26 16.14 71.30
CA PHE F 216 17.82 17.25 72.12
C PHE F 216 18.82 18.39 72.16
N MET F 217 19.85 18.35 71.33
CA MET F 217 20.79 19.46 71.24
C MET F 217 21.26 19.56 69.79
N PRO F 218 21.40 20.78 69.26
CA PRO F 218 21.80 20.92 67.86
C PRO F 218 23.14 20.23 67.61
N ARG F 219 23.36 19.84 66.36
CA ARG F 219 24.60 19.14 66.04
C ARG F 219 25.81 20.01 66.33
N SER F 220 25.66 21.34 66.30
CA SER F 220 26.79 22.21 66.58
C SER F 220 27.36 21.95 67.97
N LEU F 221 26.53 21.51 68.92
CA LEU F 221 27.00 21.20 70.27
C LEU F 221 27.39 19.73 70.40
N SER F 222 26.45 18.83 70.08
CA SER F 222 26.74 17.39 70.19
C SER F 222 27.99 17.00 69.41
N ARG F 223 28.42 17.83 68.45
CA ARG F 223 29.62 17.51 67.67
C ARG F 223 30.83 17.28 68.57
N TRP F 224 30.98 18.10 69.62
CA TRP F 224 32.19 18.08 70.44
C TRP F 224 31.95 17.75 71.91
N ILE F 225 30.72 17.92 72.42
CA ILE F 225 30.45 17.51 73.79
C ILE F 225 30.17 16.01 73.88
N SER F 226 29.68 15.39 72.80
CA SER F 226 29.36 13.96 72.79
C SER F 226 29.72 13.37 71.43
N PRO F 227 30.97 13.48 71.01
CA PRO F 227 31.36 12.86 69.73
C PRO F 227 31.46 11.35 69.82
N LYS F 228 31.65 10.80 71.01
CA LYS F 228 31.67 9.36 71.17
C LYS F 228 30.29 8.74 70.94
N VAL F 229 29.24 9.55 71.01
CA VAL F 229 27.88 9.05 70.76
C VAL F 229 27.54 9.07 69.28
N TRP F 230 28.05 10.06 68.54
CA TRP F 230 27.85 10.05 67.09
C TRP F 230 28.51 8.82 66.46
N LYS F 231 29.71 8.48 66.92
CA LYS F 231 30.35 7.26 66.43
C LYS F 231 29.56 6.04 66.84
N GLU F 232 29.03 6.04 68.07
CA GLU F 232 28.19 4.94 68.53
C GLU F 232 26.90 4.86 67.72
N HIS F 233 26.33 6.02 67.39
CA HIS F 233 25.10 6.06 66.61
C HIS F 233 25.32 5.49 65.22
N PHE F 234 26.29 6.06 64.48
CA PHE F 234 26.52 5.63 63.11
C PHE F 234 26.92 4.16 63.03
N GLU F 235 27.64 3.65 64.03
CA GLU F 235 27.96 2.23 64.03
C GLU F 235 26.70 1.39 64.14
N ALA F 236 25.71 1.88 64.89
CA ALA F 236 24.45 1.15 64.98
C ALA F 236 23.73 1.14 63.64
N TRP F 237 23.70 2.28 62.95
CA TRP F 237 23.06 2.32 61.65
C TRP F 237 23.80 1.43 60.65
N ASP F 238 25.14 1.43 60.69
CA ASP F 238 25.89 0.61 59.75
C ASP F 238 25.50 -0.86 59.87
N CYS F 239 25.32 -1.36 61.09
CA CYS F 239 24.89 -2.73 61.26
C CYS F 239 23.45 -2.92 60.82
N ILE F 240 22.59 -1.91 61.05
CA ILE F 240 21.21 -2.00 60.61
C ILE F 240 21.12 -2.05 59.09
N PHE F 241 21.78 -1.09 58.42
CA PHE F 241 21.76 -1.04 56.96
C PHE F 241 22.38 -2.28 56.36
N GLN F 242 23.30 -2.92 57.08
CA GLN F 242 23.87 -4.17 56.58
C GLN F 242 22.82 -5.28 56.57
N TYR F 243 22.06 -5.40 57.65
CA TYR F 243 21.02 -6.43 57.70
C TYR F 243 19.97 -6.21 56.62
N GLY F 244 19.50 -4.96 56.48
CA GLY F 244 18.46 -4.68 55.52
C GLY F 244 18.93 -4.81 54.08
N ASP F 245 20.14 -4.34 53.79
CA ASP F 245 20.64 -4.40 52.42
C ASP F 245 20.86 -5.84 51.96
N ASN F 246 21.27 -6.73 52.86
CA ASN F 246 21.33 -8.14 52.50
C ASN F 246 19.96 -8.65 52.07
N CYS F 247 18.90 -8.20 52.73
CA CYS F 247 17.56 -8.56 52.30
C CYS F 247 17.24 -7.98 50.93
N ILE F 248 17.70 -6.75 50.67
CA ILE F 248 17.43 -6.11 49.39
C ILE F 248 18.18 -6.83 48.27
N GLN F 249 19.49 -7.01 48.43
CA GLN F 249 20.29 -7.58 47.36
C GLN F 249 19.85 -9.01 47.02
N LYS F 250 19.27 -9.72 47.98
CA LYS F 250 18.76 -11.06 47.69
C LYS F 250 17.54 -10.99 46.77
N ILE F 251 16.55 -10.15 47.13
CA ILE F 251 15.32 -10.10 46.38
C ILE F 251 15.53 -9.42 45.04
N TYR F 252 16.42 -8.43 44.97
CA TYR F 252 16.65 -7.74 43.70
C TYR F 252 17.23 -8.68 42.67
N GLN F 253 18.10 -9.60 43.10
CA GLN F 253 18.68 -10.56 42.17
C GLN F 253 17.72 -11.71 41.86
N GLU F 254 16.86 -12.08 42.81
CA GLU F 254 15.92 -13.16 42.56
C GLU F 254 14.85 -12.74 41.56
N LEU F 255 14.47 -11.46 41.54
CA LEU F 255 13.46 -10.99 40.60
C LEU F 255 14.06 -10.68 39.23
N ALA F 256 15.32 -10.24 39.18
CA ALA F 256 15.96 -9.98 37.90
C ALA F 256 15.97 -11.21 37.00
N PHE F 257 15.83 -12.40 37.58
CA PHE F 257 15.88 -13.64 36.81
C PHE F 257 14.54 -14.32 36.65
N ASN F 258 13.54 -13.95 37.45
CA ASN F 258 12.21 -14.53 37.29
C ASN F 258 11.20 -13.65 38.01
N ARG F 259 10.31 -13.02 37.24
CA ARG F 259 9.22 -12.22 37.76
C ARG F 259 8.06 -13.15 38.13
N PRO F 260 7.81 -13.40 39.41
CA PRO F 260 6.79 -14.39 39.78
C PRO F 260 5.39 -13.93 39.44
N GLN F 261 4.50 -14.91 39.30
CA GLN F 261 3.09 -14.65 39.02
C GLN F 261 2.23 -14.65 40.29
N HIS F 262 2.76 -15.12 41.42
CA HIS F 262 2.04 -15.13 42.68
C HIS F 262 2.69 -14.17 43.67
N TYR F 263 2.01 -13.96 44.79
CA TYR F 263 2.45 -12.99 45.79
C TYR F 263 3.68 -13.50 46.53
N THR F 264 4.72 -12.68 46.59
CA THR F 264 5.96 -13.04 47.25
C THR F 264 6.45 -11.93 48.18
N GLY F 265 5.56 -11.07 48.64
CA GLY F 265 5.90 -10.05 49.60
C GLY F 265 5.56 -8.65 49.12
N ILE F 266 5.82 -7.69 50.00
CA ILE F 266 5.52 -6.30 49.71
C ILE F 266 6.61 -5.67 48.84
N VAL F 267 7.87 -5.82 49.24
CA VAL F 267 8.96 -5.27 48.46
C VAL F 267 9.00 -5.88 47.06
N ALA F 268 8.47 -7.09 46.89
CA ALA F 268 8.36 -7.66 45.56
C ALA F 268 7.53 -6.76 44.65
N GLU F 269 6.33 -6.36 45.11
CA GLU F 269 5.45 -5.56 44.28
C GLU F 269 6.08 -4.21 43.93
N LEU F 270 6.70 -3.56 44.91
CA LEU F 270 7.33 -2.27 44.65
C LEU F 270 8.34 -2.37 43.51
N LEU F 271 9.19 -3.40 43.55
CA LEU F 271 10.21 -3.56 42.52
C LEU F 271 9.60 -3.92 41.18
N LEU F 272 8.52 -4.70 41.18
CA LEU F 272 7.87 -5.07 39.93
C LEU F 272 7.18 -3.86 39.30
N LYS F 273 6.59 -3.00 40.12
CA LYS F 273 5.94 -1.80 39.59
C LYS F 273 6.96 -0.79 39.09
N ALA F 274 8.10 -0.68 39.77
CA ALA F 274 9.16 0.24 39.37
C ALA F 274 8.65 1.68 39.24
N GLU F 275 7.61 2.01 40.02
CA GLU F 275 7.18 3.39 40.07
C GLU F 275 8.20 4.26 40.78
N LEU F 276 8.92 3.68 41.75
CA LEU F 276 9.96 4.38 42.50
C LEU F 276 11.34 3.95 42.02
N SER F 277 12.27 4.89 42.02
CA SER F 277 13.65 4.57 41.67
C SER F 277 14.18 3.47 42.60
N LEU F 278 15.26 2.82 42.16
CA LEU F 278 15.86 1.76 42.96
C LEU F 278 16.32 2.28 44.30
N GLU F 279 16.97 3.44 44.31
CA GLU F 279 17.47 4.00 45.57
C GLU F 279 16.32 4.34 46.51
N ALA F 280 15.20 4.80 45.97
CA ALA F 280 14.07 5.15 46.82
C ALA F 280 13.36 3.90 47.35
N ILE F 281 13.45 2.79 46.64
CA ILE F 281 12.90 1.54 47.16
C ILE F 281 13.79 0.98 48.25
N LYS F 282 15.12 1.07 48.06
CA LYS F 282 16.03 0.66 49.14
C LYS F 282 15.81 1.50 50.39
N ALA F 283 15.54 2.80 50.21
CA ALA F 283 15.39 3.68 51.36
C ALA F 283 14.17 3.31 52.19
N ASN F 284 13.02 3.14 51.54
CA ASN F 284 11.82 2.79 52.28
C ASN F 284 11.85 1.33 52.73
N SER F 285 12.49 0.45 51.96
CA SER F 285 12.66 -0.93 52.41
C SER F 285 13.45 -0.98 53.72
N MET F 286 14.46 -0.12 53.85
CA MET F 286 15.19 -0.04 55.12
C MET F 286 14.24 0.33 56.25
N GLU F 287 13.48 1.42 56.08
CA GLU F 287 12.63 1.90 57.16
C GLU F 287 11.59 0.87 57.56
N LEU F 288 11.13 0.05 56.62
CA LEU F 288 10.17 -0.99 56.96
C LEU F 288 10.84 -2.19 57.63
N THR F 289 12.09 -2.49 57.27
CA THR F 289 12.80 -3.59 57.93
C THR F 289 13.22 -3.20 59.34
N ALA F 290 13.66 -1.96 59.53
CA ALA F 290 14.16 -1.53 60.83
C ALA F 290 13.02 -1.20 61.79
N GLY F 291 11.94 -0.61 61.29
CA GLY F 291 10.87 -0.13 62.16
C GLY F 291 9.67 -1.05 62.19
N SER F 292 9.90 -2.34 62.00
CA SER F 292 8.84 -3.35 62.09
C SER F 292 9.11 -4.36 63.18
N VAL F 293 9.88 -4.00 64.19
CA VAL F 293 10.35 -4.96 65.19
C VAL F 293 9.99 -4.48 66.58
N ASP F 294 10.62 -3.40 67.03
CA ASP F 294 10.41 -2.94 68.40
C ASP F 294 9.00 -2.39 68.59
N THR F 295 8.55 -1.56 67.65
CA THR F 295 7.22 -0.96 67.77
C THR F 295 6.12 -2.01 67.75
N THR F 296 6.33 -3.10 67.00
CA THR F 296 5.29 -4.13 66.91
C THR F 296 5.36 -5.13 68.06
N ALA F 297 6.53 -5.34 68.65
CA ALA F 297 6.72 -6.44 69.59
C ALA F 297 6.46 -6.05 71.03
N PHE F 298 6.61 -4.78 71.38
CA PHE F 298 6.40 -4.35 72.76
C PHE F 298 4.90 -4.29 73.08
N PRO F 299 4.07 -3.74 72.19
CA PRO F 299 2.62 -3.87 72.41
C PRO F 299 2.19 -5.32 72.57
N LEU F 300 2.75 -6.22 71.75
CA LEU F 300 2.45 -7.65 71.91
C LEU F 300 2.76 -8.11 73.33
N LEU F 301 3.91 -7.72 73.87
CA LEU F 301 4.30 -8.15 75.21
C LEU F 301 3.35 -7.61 76.27
N MET F 302 3.08 -6.31 76.22
CA MET F 302 2.20 -5.71 77.22
C MET F 302 0.81 -6.31 77.17
N THR F 303 0.32 -6.67 75.99
CA THR F 303 -0.98 -7.33 75.90
C THR F 303 -0.94 -8.69 76.59
N LEU F 304 0.06 -9.51 76.28
CA LEU F 304 0.23 -10.77 77.00
C LEU F 304 0.30 -10.51 78.50
N PHE F 305 0.96 -9.43 78.90
CA PHE F 305 1.04 -9.08 80.31
C PHE F 305 -0.34 -8.72 80.86
N GLU F 306 -1.03 -7.80 80.19
CA GLU F 306 -2.33 -7.34 80.69
C GLU F 306 -3.34 -8.47 80.69
N LEU F 307 -3.31 -9.35 79.68
CA LEU F 307 -4.19 -10.50 79.68
C LEU F 307 -3.87 -11.47 80.81
N ALA F 308 -2.64 -11.47 81.30
CA ALA F 308 -2.28 -12.32 82.42
C ALA F 308 -2.70 -11.73 83.76
N ARG F 309 -2.93 -10.43 83.82
CA ARG F 309 -3.43 -9.78 85.03
C ARG F 309 -4.95 -9.81 85.12
N ASN F 310 -5.64 -10.00 84.00
CA ASN F 310 -7.10 -9.93 83.94
C ASN F 310 -7.61 -11.19 83.26
N PRO F 311 -7.51 -12.35 83.93
CA PRO F 311 -7.99 -13.59 83.30
C PRO F 311 -9.44 -13.52 82.85
N ASP F 312 -10.28 -12.77 83.57
CA ASP F 312 -11.66 -12.55 83.12
C ASP F 312 -11.68 -12.04 81.68
N VAL F 313 -10.92 -10.98 81.40
CA VAL F 313 -10.87 -10.46 80.04
C VAL F 313 -10.22 -11.46 79.11
N GLN F 314 -9.27 -12.26 79.61
CA GLN F 314 -8.59 -13.21 78.74
C GLN F 314 -9.55 -14.30 78.27
N GLN F 315 -10.30 -14.91 79.19
CA GLN F 315 -11.25 -15.94 78.81
C GLN F 315 -12.28 -15.40 77.81
N ILE F 316 -12.67 -14.13 77.97
CA ILE F 316 -13.62 -13.54 77.03
C ILE F 316 -13.03 -13.51 75.62
N LEU F 317 -11.77 -13.11 75.50
CA LEU F 317 -11.10 -13.09 74.20
C LEU F 317 -10.91 -14.51 73.66
N ARG F 318 -10.63 -15.47 74.55
CA ARG F 318 -10.41 -16.84 74.12
C ARG F 318 -11.68 -17.45 73.53
N GLN F 319 -12.84 -17.15 74.13
CA GLN F 319 -14.11 -17.63 73.59
C GLN F 319 -14.34 -17.13 72.18
N GLU F 320 -14.14 -15.84 71.97
CA GLU F 320 -14.29 -15.27 70.63
C GLU F 320 -13.41 -16.01 69.63
N SER F 321 -12.13 -16.14 69.95
CA SER F 321 -11.18 -16.72 68.99
C SER F 321 -11.41 -18.20 68.79
N LEU F 322 -11.97 -18.90 69.79
CA LEU F 322 -12.32 -20.30 69.60
C LEU F 322 -13.54 -20.47 68.71
N ALA F 323 -14.49 -19.54 68.81
CA ALA F 323 -15.69 -19.59 67.97
C ALA F 323 -15.33 -19.40 66.50
N ALA F 324 -14.64 -18.31 66.18
CA ALA F 324 -14.22 -18.03 64.82
C ALA F 324 -12.99 -18.80 64.40
N ALA F 325 -12.53 -19.75 65.22
CA ALA F 325 -11.32 -20.49 64.89
C ALA F 325 -11.47 -21.19 63.54
N ALA F 326 -12.59 -21.86 63.32
CA ALA F 326 -12.74 -22.65 62.11
C ALA F 326 -12.85 -21.76 60.88
N SER F 327 -13.53 -20.62 60.99
CA SER F 327 -13.67 -19.73 59.86
C SER F 327 -12.37 -18.98 59.54
N ILE F 328 -11.49 -18.82 60.52
CA ILE F 328 -10.21 -18.15 60.26
C ILE F 328 -9.22 -19.13 59.64
N SER F 329 -9.26 -20.40 60.04
CA SER F 329 -8.39 -21.38 59.41
C SER F 329 -8.69 -21.53 57.92
N GLU F 330 -9.96 -21.32 57.53
CA GLU F 330 -10.32 -21.37 56.12
C GLU F 330 -9.76 -20.15 55.38
N HIS F 331 -9.97 -18.96 55.95
CA HIS F 331 -9.53 -17.71 55.33
C HIS F 331 -8.99 -16.80 56.42
N PRO F 332 -7.66 -16.81 56.64
CA PRO F 332 -7.10 -16.00 57.73
C PRO F 332 -7.48 -14.53 57.64
N GLN F 333 -7.86 -14.08 56.44
CA GLN F 333 -8.27 -12.69 56.27
C GLN F 333 -9.44 -12.34 57.19
N LYS F 334 -10.28 -13.32 57.51
CA LYS F 334 -11.43 -13.06 58.38
C LYS F 334 -11.02 -12.68 59.80
N ALA F 335 -9.76 -12.87 60.18
CA ALA F 335 -9.33 -12.52 61.53
C ALA F 335 -9.45 -11.04 61.80
N THR F 336 -9.46 -10.20 60.77
CA THR F 336 -9.62 -8.77 60.98
C THR F 336 -11.04 -8.37 61.34
N THR F 337 -12.02 -9.18 60.95
CA THR F 337 -13.43 -8.84 61.14
C THR F 337 -14.15 -9.75 62.12
N GLU F 338 -13.69 -10.98 62.30
CA GLU F 338 -14.33 -11.93 63.20
C GLU F 338 -13.83 -11.83 64.64
N LEU F 339 -12.80 -11.03 64.90
CA LEU F 339 -12.22 -10.87 66.23
C LEU F 339 -12.29 -9.39 66.63
N PRO F 340 -13.51 -8.87 66.83
CA PRO F 340 -13.62 -7.45 67.23
C PRO F 340 -13.15 -7.18 68.65
N LEU F 341 -13.30 -8.13 69.58
CA LEU F 341 -12.83 -7.90 70.94
C LEU F 341 -11.30 -7.86 70.98
N LEU F 342 -10.64 -8.78 70.28
CA LEU F 342 -9.17 -8.81 70.28
C LEU F 342 -8.61 -7.55 69.65
N ARG F 343 -9.26 -7.03 68.60
CA ARG F 343 -8.87 -5.73 68.07
C ARG F 343 -9.10 -4.63 69.10
N ALA F 344 -10.09 -4.80 69.98
CA ALA F 344 -10.30 -3.82 71.04
C ALA F 344 -9.23 -3.94 72.12
N ALA F 345 -8.74 -5.15 72.36
CA ALA F 345 -7.66 -5.32 73.32
C ALA F 345 -6.42 -4.54 72.88
N LEU F 346 -6.03 -4.69 71.62
CA LEU F 346 -4.86 -3.97 71.11
C LEU F 346 -5.04 -2.46 71.27
N LYS F 347 -6.23 -1.95 70.95
CA LYS F 347 -6.51 -0.53 71.19
C LYS F 347 -6.30 -0.18 72.66
N GLU F 348 -6.65 -1.10 73.57
CA GLU F 348 -6.52 -0.83 75.00
C GLU F 348 -5.07 -0.87 75.44
N THR F 349 -4.27 -1.76 74.84
CA THR F 349 -2.85 -1.81 75.16
C THR F 349 -2.14 -0.56 74.68
N LEU F 350 -2.35 -0.19 73.42
CA LEU F 350 -1.74 1.03 72.91
C LEU F 350 -2.22 2.27 73.65
N ARG F 351 -3.38 2.20 74.30
CA ARG F 351 -3.89 3.34 75.05
C ARG F 351 -3.04 3.60 76.30
N LEU F 352 -2.71 2.54 77.03
CA LEU F 352 -1.89 2.66 78.23
C LEU F 352 -0.40 2.66 77.91
N TYR F 353 0.02 1.86 76.93
CA TYR F 353 1.43 1.65 76.62
C TYR F 353 1.68 2.01 75.16
N PRO F 354 1.62 3.30 74.83
CA PRO F 354 1.84 3.74 73.44
C PRO F 354 3.32 3.78 73.08
N VAL F 355 3.76 2.81 72.26
CA VAL F 355 5.16 2.78 71.86
C VAL F 355 5.56 4.08 71.18
N GLY F 356 4.68 4.63 70.36
CA GLY F 356 4.89 5.97 69.83
C GLY F 356 4.43 6.99 70.86
N LEU F 357 5.38 7.62 71.56
CA LEU F 357 4.99 8.45 72.69
C LEU F 357 4.15 9.64 72.26
N PHE F 358 4.59 10.35 71.21
CA PHE F 358 3.93 11.58 70.83
C PHE F 358 3.92 11.72 69.31
N LEU F 359 2.96 12.50 68.83
CA LEU F 359 2.80 12.83 67.42
C LEU F 359 3.27 14.26 67.21
N GLU F 360 4.08 14.47 66.17
CA GLU F 360 4.65 15.78 65.89
C GLU F 360 4.01 16.38 64.65
N ARG F 361 3.89 17.71 64.65
CA ARG F 361 3.50 18.46 63.47
C ARG F 361 4.09 19.86 63.56
N VAL F 362 4.74 20.30 62.48
CA VAL F 362 5.15 21.70 62.34
C VAL F 362 4.05 22.36 61.52
N VAL F 363 3.09 22.95 62.23
CA VAL F 363 1.91 23.48 61.57
C VAL F 363 2.32 24.48 60.49
N SER F 364 1.67 24.37 59.34
CA SER F 364 1.94 25.24 58.20
C SER F 364 0.96 26.41 58.11
N SER F 365 0.19 26.66 59.17
CA SER F 365 -0.84 27.69 59.15
C SER F 365 -1.28 27.96 60.59
N ASP F 366 -1.68 29.21 60.84
CA ASP F 366 -2.19 29.57 62.16
C ASP F 366 -3.38 28.69 62.52
N LEU F 367 -3.57 28.51 63.83
CA LEU F 367 -4.69 27.71 64.33
C LEU F 367 -4.94 28.11 65.78
N VAL F 368 -5.98 27.51 66.38
CA VAL F 368 -6.36 27.80 67.75
C VAL F 368 -6.52 26.47 68.49
N LEU F 369 -5.81 26.34 69.61
CA LEU F 369 -5.89 25.16 70.47
C LEU F 369 -6.14 25.63 71.89
N GLN F 370 -7.19 25.12 72.52
CA GLN F 370 -7.57 25.53 73.86
C GLN F 370 -7.72 27.05 73.95
N ASN F 371 -8.30 27.64 72.90
CA ASN F 371 -8.56 29.07 72.84
C ASN F 371 -7.26 29.89 72.90
N TYR F 372 -6.16 29.32 72.41
CA TYR F 372 -4.88 30.01 72.34
C TYR F 372 -4.45 30.11 70.88
N HIS F 373 -3.87 31.26 70.53
CA HIS F 373 -3.38 31.49 69.18
C HIS F 373 -2.07 30.74 68.98
N ILE F 374 -2.05 29.83 68.00
CA ILE F 374 -0.86 29.05 67.67
C ILE F 374 -0.32 29.57 66.34
N PRO F 375 0.85 30.21 66.32
CA PRO F 375 1.40 30.70 65.05
C PRO F 375 1.87 29.57 64.15
N ALA F 376 2.03 29.89 62.87
CA ALA F 376 2.59 28.95 61.93
C ALA F 376 4.07 28.72 62.21
N GLY F 377 4.58 27.60 61.72
CA GLY F 377 5.95 27.23 62.03
C GLY F 377 6.16 26.76 63.45
N THR F 378 5.08 26.52 64.19
CA THR F 378 5.17 26.04 65.57
C THR F 378 5.15 24.52 65.60
N LEU F 379 5.94 23.96 66.51
CA LEU F 379 5.90 22.51 66.75
C LEU F 379 4.79 22.20 67.73
N VAL F 380 3.98 21.19 67.40
CA VAL F 380 2.84 20.78 68.21
C VAL F 380 2.97 19.28 68.48
N GLN F 381 3.18 18.92 69.75
CA GLN F 381 3.35 17.54 70.17
C GLN F 381 2.11 17.05 70.89
N VAL F 382 1.56 15.92 70.44
CA VAL F 382 0.43 15.28 71.09
C VAL F 382 1.00 14.18 71.98
N PHE F 383 0.95 14.38 73.30
CA PHE F 383 1.54 13.46 74.27
C PHE F 383 0.53 12.36 74.55
N LEU F 384 0.73 11.19 73.92
CA LEU F 384 -0.27 10.14 73.93
C LEU F 384 -0.33 9.37 75.24
N TYR F 385 0.70 9.46 76.08
CA TYR F 385 0.65 8.78 77.37
C TYR F 385 -0.40 9.41 78.27
N SER F 386 -0.55 10.73 78.23
CA SER F 386 -1.56 11.42 79.01
C SER F 386 -2.92 11.37 78.34
N LEU F 387 -2.94 11.48 77.01
CA LEU F 387 -4.21 11.44 76.28
C LEU F 387 -5.00 10.19 76.61
N GLY F 388 -4.32 9.07 76.81
CA GLY F 388 -4.96 7.82 77.13
C GLY F 388 -5.19 7.56 78.60
N ARG F 389 -4.80 8.51 79.47
CA ARG F 389 -5.03 8.39 80.90
C ARG F 389 -5.92 9.50 81.43
N ASN F 390 -6.66 10.17 80.54
CA ASN F 390 -7.59 11.24 80.91
C ASN F 390 -8.92 10.61 81.30
N ALA F 391 -9.20 10.59 82.61
CA ALA F 391 -10.43 9.96 83.08
C ALA F 391 -11.67 10.59 82.45
N ALA F 392 -11.60 11.88 82.11
CA ALA F 392 -12.74 12.55 81.49
C ALA F 392 -13.17 11.84 80.21
N LEU F 393 -12.21 11.58 79.32
CA LEU F 393 -12.50 10.93 78.04
C LEU F 393 -12.53 9.41 78.14
N PHE F 394 -11.87 8.84 79.14
CA PHE F 394 -11.78 7.40 79.32
C PHE F 394 -12.16 7.08 80.76
N PRO F 395 -13.40 6.69 81.02
CA PRO F 395 -13.79 6.35 82.39
C PRO F 395 -12.92 5.24 82.95
N ARG F 396 -12.47 5.42 84.19
CA ARG F 396 -11.58 4.47 84.87
C ARG F 396 -10.37 4.17 83.97
N PRO F 397 -9.54 5.17 83.66
CA PRO F 397 -8.41 4.93 82.75
C PRO F 397 -7.37 3.98 83.32
N GLU F 398 -7.40 3.73 84.62
CA GLU F 398 -6.52 2.75 85.24
C GLU F 398 -6.83 1.33 84.79
N ARG F 399 -8.04 1.10 84.29
CA ARG F 399 -8.53 -0.25 84.05
C ARG F 399 -8.22 -0.70 82.63
N TYR F 400 -7.91 -1.98 82.48
CA TYR F 400 -7.70 -2.58 81.16
C TYR F 400 -9.03 -3.11 80.67
N ASN F 401 -9.80 -2.25 80.03
CA ASN F 401 -11.17 -2.56 79.60
C ASN F 401 -11.28 -2.53 78.09
N PRO F 402 -11.23 -3.68 77.41
CA PRO F 402 -11.34 -3.66 75.94
C PRO F 402 -12.73 -3.33 75.42
N GLN F 403 -13.79 -3.49 76.22
CA GLN F 403 -15.15 -3.30 75.71
C GLN F 403 -15.56 -1.82 75.64
N ARG F 404 -14.71 -0.89 76.08
CA ARG F 404 -15.04 0.52 75.93
C ARG F 404 -14.82 1.05 74.53
N TRP F 405 -14.25 0.24 73.64
CA TRP F 405 -14.09 0.60 72.24
C TRP F 405 -15.24 0.10 71.38
N LEU F 406 -16.18 -0.63 71.97
CA LEU F 406 -17.35 -1.15 71.29
C LEU F 406 -18.57 -0.27 71.52
N ASP F 407 -18.36 0.97 71.95
CA ASP F 407 -19.43 1.92 72.19
C ASP F 407 -18.87 3.35 72.30
N ARG F 413 -15.69 10.91 68.72
CA ARG F 413 -15.01 9.79 69.35
C ARG F 413 -14.03 9.13 68.37
N ASN F 414 -13.72 9.82 67.27
CA ASN F 414 -12.84 9.27 66.24
C ASN F 414 -11.37 9.57 66.47
N PHE F 415 -11.05 10.49 67.37
CA PHE F 415 -9.66 10.84 67.66
C PHE F 415 -9.24 10.40 69.05
N HIS F 416 -9.97 9.45 69.65
CA HIS F 416 -9.55 8.83 70.89
C HIS F 416 -8.51 7.75 70.68
N HIS F 417 -8.43 7.18 69.48
CA HIS F 417 -7.50 6.11 69.14
C HIS F 417 -6.62 6.62 68.01
N VAL F 418 -5.50 7.25 68.37
CA VAL F 418 -4.55 7.77 67.39
C VAL F 418 -3.13 7.33 67.72
N PRO F 419 -2.90 6.06 68.11
CA PRO F 419 -1.52 5.64 68.41
C PRO F 419 -0.66 5.53 67.16
N PHE F 420 -1.28 5.45 65.98
CA PHE F 420 -0.58 5.35 64.72
C PHE F 420 -0.46 6.68 64.00
N GLY F 421 -0.92 7.77 64.62
CA GLY F 421 -0.94 9.05 63.97
C GLY F 421 -2.27 9.36 63.31
N PHE F 422 -2.23 10.21 62.30
CA PHE F 422 -3.43 10.66 61.64
C PHE F 422 -3.08 11.24 60.27
N GLY F 423 -4.09 11.35 59.42
CA GLY F 423 -3.92 11.98 58.13
C GLY F 423 -3.16 11.10 57.15
N MET F 424 -2.72 11.76 56.07
CA MET F 424 -1.93 11.07 55.05
C MET F 424 -0.60 10.56 55.61
N ARG F 425 -0.15 11.11 56.74
CA ARG F 425 1.09 10.71 57.39
C ARG F 425 0.91 9.52 58.32
N GLN F 426 -0.31 9.05 58.52
CA GLN F 426 -0.56 7.96 59.45
C GLN F 426 0.38 6.80 59.14
N CYS F 427 0.66 6.00 60.18
CA CYS F 427 1.58 4.87 60.08
C CYS F 427 1.43 4.12 58.76
N LEU F 428 2.56 3.95 58.07
CA LEU F 428 2.57 3.19 56.83
C LEU F 428 2.48 1.69 57.07
N GLY F 429 2.96 1.23 58.22
CA GLY F 429 2.88 -0.18 58.55
C GLY F 429 1.78 -0.47 59.55
N ARG F 430 0.78 0.41 59.59
CA ARG F 430 -0.31 0.26 60.56
C ARG F 430 -0.92 -1.13 60.49
N ARG F 431 -1.27 -1.58 59.29
CA ARG F 431 -2.05 -2.81 59.16
C ARG F 431 -1.17 -4.06 59.22
N LEU F 432 0.11 -3.94 58.86
CA LEU F 432 1.02 -5.07 59.04
C LEU F 432 1.24 -5.35 60.52
N ALA F 433 1.39 -4.30 61.33
CA ALA F 433 1.55 -4.48 62.76
C ALA F 433 0.30 -5.08 63.38
N GLU F 434 -0.87 -4.53 63.02
CA GLU F 434 -2.13 -5.07 63.54
C GLU F 434 -2.27 -6.54 63.17
N ALA F 435 -1.82 -6.92 61.97
CA ALA F 435 -1.89 -8.33 61.59
C ALA F 435 -1.00 -9.19 62.45
N GLU F 436 0.27 -8.78 62.62
CA GLU F 436 1.21 -9.55 63.42
C GLU F 436 0.73 -9.68 64.86
N MET F 437 0.29 -8.57 65.45
CA MET F 437 -0.21 -8.61 66.82
C MET F 437 -1.46 -9.47 66.92
N LEU F 438 -2.37 -9.33 65.95
CA LEU F 438 -3.69 -9.95 66.09
C LEU F 438 -3.63 -11.45 65.86
N LEU F 439 -2.87 -11.89 64.85
CA LEU F 439 -2.83 -13.32 64.54
C LEU F 439 -2.06 -14.09 65.59
N LEU F 440 -1.06 -13.48 66.23
CA LEU F 440 -0.32 -14.15 67.28
C LEU F 440 -1.21 -14.37 68.51
N LEU F 441 -1.91 -13.33 68.95
CA LEU F 441 -2.78 -13.46 70.11
C LEU F 441 -3.94 -14.40 69.83
N HIS F 442 -4.34 -14.52 68.56
CA HIS F 442 -5.45 -15.43 68.24
C HIS F 442 -5.03 -16.88 68.45
N HIS F 443 -3.91 -17.29 67.86
CA HIS F 443 -3.49 -18.68 67.95
C HIS F 443 -2.96 -19.03 69.33
N VAL F 444 -2.53 -18.04 70.11
CA VAL F 444 -2.10 -18.32 71.47
C VAL F 444 -3.30 -18.49 72.41
N LEU F 445 -4.38 -17.74 72.17
CA LEU F 445 -5.54 -17.81 73.05
C LEU F 445 -6.28 -19.13 72.89
N LYS F 446 -6.37 -19.66 71.67
CA LYS F 446 -7.09 -20.91 71.43
C LYS F 446 -6.26 -22.14 71.78
N HIS F 447 -5.10 -21.97 72.42
CA HIS F 447 -4.24 -23.11 72.74
C HIS F 447 -3.62 -23.05 74.13
N PHE F 448 -3.56 -21.91 74.80
CA PHE F 448 -2.88 -21.79 76.08
C PHE F 448 -3.71 -20.95 77.04
N LEU F 449 -3.25 -20.92 78.29
CA LEU F 449 -3.68 -19.96 79.29
C LEU F 449 -2.44 -19.19 79.73
N VAL F 450 -2.56 -17.86 79.76
CA VAL F 450 -1.44 -17.00 80.14
C VAL F 450 -1.65 -16.52 81.56
N GLU F 451 -0.75 -16.93 82.46
CA GLU F 451 -0.84 -16.67 83.89
C GLU F 451 0.43 -15.99 84.37
N THR F 452 0.32 -15.24 85.46
CA THR F 452 1.50 -14.59 86.03
C THR F 452 1.20 -14.17 87.46
N LEU F 453 2.21 -14.28 88.33
CA LEU F 453 2.11 -13.73 89.67
C LEU F 453 2.48 -12.26 89.73
N THR F 454 3.39 -11.82 88.85
CA THR F 454 3.75 -10.41 88.79
C THR F 454 2.55 -9.58 88.37
N GLN F 455 1.83 -9.02 89.35
CA GLN F 455 0.67 -8.19 89.10
C GLN F 455 0.93 -6.71 89.33
N GLU F 456 2.11 -6.35 89.81
CA GLU F 456 2.48 -4.95 89.94
C GLU F 456 2.73 -4.33 88.58
N ASP F 457 2.39 -3.06 88.46
CA ASP F 457 2.56 -2.35 87.18
C ASP F 457 4.01 -2.41 86.74
N ILE F 458 4.22 -2.51 85.43
CA ILE F 458 5.55 -2.51 84.84
C ILE F 458 5.96 -1.07 84.56
N LYS F 459 7.15 -0.69 85.04
CA LYS F 459 7.63 0.65 84.78
C LYS F 459 8.06 0.80 83.33
N MET F 460 7.56 1.86 82.68
CA MET F 460 7.89 2.12 81.29
C MET F 460 9.12 3.02 81.20
N VAL F 461 9.87 2.85 80.11
CA VAL F 461 11.11 3.57 79.88
C VAL F 461 11.05 4.22 78.50
N TYR F 462 11.48 5.48 78.42
CA TYR F 462 11.56 6.19 77.14
C TYR F 462 12.98 6.09 76.61
N SER F 463 13.14 5.42 75.47
CA SER F 463 14.36 5.44 74.67
C SER F 463 13.94 5.62 73.21
N PHE F 464 13.36 6.79 72.93
CA PHE F 464 12.80 7.16 71.63
C PHE F 464 11.41 6.55 71.45
N ILE F 465 11.23 5.31 71.92
CA ILE F 465 9.93 4.68 72.00
C ILE F 465 9.63 4.37 73.46
N LEU F 466 8.36 4.30 73.80
CA LEU F 466 7.95 3.91 75.15
C LEU F 466 7.91 2.39 75.22
N ARG F 467 8.78 1.80 76.04
CA ARG F 467 8.93 0.37 76.12
C ARG F 467 9.08 -0.06 77.57
N PRO F 468 8.66 -1.28 77.91
CA PRO F 468 8.78 -1.73 79.30
C PRO F 468 10.23 -1.84 79.72
N GLY F 469 10.51 -1.40 80.95
CA GLY F 469 11.84 -1.52 81.50
C GLY F 469 12.16 -2.90 82.05
N THR F 470 11.13 -3.69 82.33
CA THR F 470 11.29 -5.07 82.78
C THR F 470 10.36 -5.96 81.99
N SER F 471 10.64 -7.26 82.01
CA SER F 471 9.84 -8.24 81.30
C SER F 471 9.30 -9.26 82.30
N PRO F 472 8.00 -9.47 82.39
CA PRO F 472 7.46 -10.35 83.42
C PRO F 472 7.65 -11.81 83.07
N LEU F 473 7.48 -12.65 84.09
CA LEU F 473 7.55 -14.10 83.93
C LEU F 473 6.15 -14.63 83.63
N LEU F 474 5.94 -15.07 82.40
CA LEU F 474 4.64 -15.52 81.94
C LEU F 474 4.61 -17.04 81.82
N THR F 475 3.59 -17.65 82.42
CA THR F 475 3.34 -19.07 82.28
C THR F 475 2.41 -19.31 81.10
N PHE F 476 2.64 -20.39 80.38
CA PHE F 476 1.78 -20.81 79.26
C PHE F 476 1.31 -22.23 79.55
N ARG F 477 0.11 -22.35 80.10
CA ARG F 477 -0.51 -23.64 80.43
C ARG F 477 -1.43 -24.03 79.28
N ALA F 478 -1.20 -25.21 78.71
CA ALA F 478 -1.88 -25.62 77.49
C ALA F 478 -3.26 -26.19 77.81
N ILE F 479 -4.08 -26.31 76.77
CA ILE F 479 -5.42 -26.87 76.90
C ILE F 479 -5.49 -28.21 76.16
N VAL G 12 66.17 -62.42 -61.48
CA VAL G 12 65.38 -62.19 -60.27
C VAL G 12 65.83 -60.92 -59.58
N LEU G 13 64.99 -59.91 -59.62
CA LEU G 13 65.26 -58.62 -59.01
C LEU G 13 64.72 -58.58 -57.58
N PRO G 14 65.15 -57.63 -56.77
CA PRO G 14 64.70 -57.58 -55.38
C PRO G 14 63.37 -56.84 -55.23
N PHE G 15 62.65 -57.20 -54.17
CA PHE G 15 61.31 -56.66 -53.95
C PHE G 15 61.32 -55.14 -54.03
N GLU G 16 62.30 -54.49 -53.43
CA GLU G 16 62.30 -53.03 -53.32
C GLU G 16 62.44 -52.34 -54.68
N ALA G 17 62.80 -53.07 -55.73
CA ALA G 17 62.94 -52.50 -57.08
C ALA G 17 61.67 -52.61 -57.90
N MET G 18 60.52 -52.68 -57.26
CA MET G 18 59.24 -52.76 -57.94
C MET G 18 58.73 -51.36 -58.25
N PRO G 19 57.96 -51.19 -59.33
CA PRO G 19 57.25 -49.93 -59.51
C PRO G 19 56.28 -49.69 -58.36
N GLN G 20 56.17 -48.43 -57.95
CA GLN G 20 55.41 -48.06 -56.77
C GLN G 20 54.23 -47.19 -57.16
N HIS G 21 53.05 -47.50 -56.64
CA HIS G 21 51.86 -46.71 -56.87
C HIS G 21 52.04 -45.34 -56.21
N PRO G 22 51.94 -44.24 -56.96
CA PRO G 22 52.24 -42.92 -56.37
C PRO G 22 51.37 -42.56 -55.18
N GLY G 23 50.23 -43.22 -55.01
CA GLY G 23 49.26 -42.77 -54.03
C GLY G 23 49.73 -42.99 -52.60
N ASN G 24 49.35 -42.05 -51.74
CA ASN G 24 49.64 -42.11 -50.31
C ASN G 24 48.47 -42.81 -49.62
N ARG G 25 48.78 -43.87 -48.86
CA ARG G 25 47.74 -44.64 -48.18
C ARG G 25 46.76 -43.73 -47.44
N TRP G 26 47.28 -42.85 -46.58
CA TRP G 26 46.41 -42.09 -45.69
C TRP G 26 45.47 -41.17 -46.43
N LEU G 27 45.95 -40.51 -47.49
CA LEU G 27 45.10 -39.59 -48.24
C LEU G 27 44.00 -40.32 -49.01
N ARG G 28 44.17 -41.61 -49.28
CA ARG G 28 43.10 -42.39 -49.89
C ARG G 28 42.12 -42.92 -48.85
N LEU G 29 42.57 -43.13 -47.61
CA LEU G 29 41.63 -43.42 -46.53
C LEU G 29 40.75 -42.22 -46.25
N LEU G 30 41.33 -41.02 -46.29
CA LEU G 30 40.53 -39.81 -46.12
C LEU G 30 39.67 -39.57 -47.35
N GLN G 31 40.20 -39.87 -48.55
CA GLN G 31 39.39 -39.80 -49.76
C GLN G 31 38.14 -40.66 -49.64
N ILE G 32 38.24 -41.78 -48.92
CA ILE G 32 37.06 -42.62 -48.72
C ILE G 32 36.16 -42.07 -47.62
N TRP G 33 36.76 -41.56 -46.54
CA TRP G 33 35.94 -40.95 -45.49
C TRP G 33 35.10 -39.80 -46.04
N ARG G 34 35.62 -39.09 -47.05
CA ARG G 34 34.90 -37.97 -47.64
C ARG G 34 33.85 -38.46 -48.64
N GLU G 35 34.27 -39.29 -49.59
CA GLU G 35 33.40 -39.77 -50.66
C GLU G 35 32.53 -40.95 -50.24
N GLN G 36 32.66 -41.42 -49.00
CA GLN G 36 31.88 -42.56 -48.51
C GLN G 36 31.96 -43.75 -49.46
N GLY G 37 33.07 -43.87 -50.17
CA GLY G 37 33.23 -44.98 -51.09
C GLY G 37 34.47 -44.85 -51.94
N TYR G 38 34.61 -45.78 -52.88
CA TYR G 38 35.76 -45.85 -53.77
C TYR G 38 35.29 -46.31 -55.14
N GLU G 39 34.22 -45.70 -55.64
CA GLU G 39 33.54 -46.22 -56.82
C GLU G 39 34.47 -46.32 -58.02
N HIS G 40 35.43 -45.41 -58.14
CA HIS G 40 36.34 -45.39 -59.28
C HIS G 40 37.60 -46.21 -59.04
N LEU G 41 37.55 -47.19 -58.14
CA LEU G 41 38.75 -47.96 -57.83
C LEU G 41 39.24 -48.74 -59.05
N HIS G 42 38.31 -49.35 -59.80
CA HIS G 42 38.71 -50.16 -60.95
C HIS G 42 39.43 -49.32 -62.00
N LEU G 43 39.08 -48.05 -62.13
CA LEU G 43 39.73 -47.21 -63.14
C LEU G 43 41.08 -46.71 -62.67
N GLU G 44 41.18 -46.30 -61.39
CA GLU G 44 42.46 -45.83 -60.87
C GLU G 44 43.53 -46.92 -60.99
N MET G 45 43.15 -48.18 -60.76
CA MET G 45 44.11 -49.27 -60.87
C MET G 45 44.43 -49.59 -62.33
N HIS G 46 43.41 -49.58 -63.19
CA HIS G 46 43.65 -49.80 -64.62
C HIS G 46 44.65 -48.79 -65.15
N GLN G 47 44.47 -47.51 -64.80
CA GLN G 47 45.44 -46.49 -65.20
C GLN G 47 46.83 -46.84 -64.68
N THR G 48 46.93 -47.13 -63.37
CA THR G 48 48.23 -47.43 -62.78
C THR G 48 48.93 -48.57 -63.51
N PHE G 49 48.18 -49.60 -63.92
CA PHE G 49 48.79 -50.69 -64.67
C PHE G 49 49.33 -50.19 -66.00
N GLN G 50 48.60 -49.29 -66.67
CA GLN G 50 49.05 -48.74 -67.93
C GLN G 50 50.28 -47.86 -67.77
N GLU G 51 50.54 -47.34 -66.56
CA GLU G 51 51.68 -46.47 -66.33
C GLU G 51 52.91 -47.24 -65.87
N LEU G 52 52.73 -48.26 -65.02
CA LEU G 52 53.83 -48.91 -64.34
C LEU G 52 54.07 -50.35 -64.78
N GLY G 53 53.26 -50.88 -65.71
CA GLY G 53 53.46 -52.22 -66.21
C GLY G 53 52.47 -53.21 -65.64
N PRO G 54 52.79 -54.51 -65.75
CA PRO G 54 51.89 -55.55 -65.27
C PRO G 54 52.11 -55.96 -63.82
N ILE G 55 52.79 -55.11 -63.04
CA ILE G 55 53.04 -55.40 -61.63
C ILE G 55 53.52 -54.13 -60.94
N PHE G 56 53.08 -53.91 -59.70
CA PHE G 56 53.53 -52.75 -58.93
C PHE G 56 53.18 -52.95 -57.46
N ARG G 57 53.89 -52.21 -56.60
CA ARG G 57 53.65 -52.21 -55.17
C ARG G 57 52.56 -51.22 -54.77
N TYR G 58 51.95 -51.48 -53.63
CA TYR G 58 51.13 -50.51 -52.92
C TYR G 58 51.74 -50.34 -51.54
N ASN G 59 51.70 -49.13 -51.01
CA ASN G 59 52.40 -48.80 -49.78
C ASN G 59 51.45 -48.92 -48.59
N LEU G 60 51.70 -49.92 -47.74
CA LEU G 60 50.98 -50.06 -46.48
C LEU G 60 51.86 -49.65 -45.31
N PRO G 63 53.96 -53.18 -44.35
CA PRO G 63 53.49 -54.45 -44.92
C PRO G 63 53.72 -54.51 -46.43
N ARG G 64 53.21 -55.56 -47.08
CA ARG G 64 53.50 -55.81 -48.48
C ARG G 64 52.24 -56.17 -49.26
N MET G 65 51.84 -55.29 -50.19
CA MET G 65 50.81 -55.59 -51.18
C MET G 65 51.43 -55.50 -52.57
N VAL G 66 50.99 -56.39 -53.46
CA VAL G 66 51.45 -56.42 -54.85
C VAL G 66 50.25 -56.64 -55.75
N CYS G 67 50.18 -55.88 -56.84
CA CYS G 67 49.07 -55.96 -57.79
C CYS G 67 49.60 -56.47 -59.12
N VAL G 68 48.95 -57.50 -59.66
CA VAL G 68 49.33 -58.11 -60.93
C VAL G 68 48.10 -58.17 -61.83
N MET G 69 48.33 -58.50 -63.10
CA MET G 69 47.25 -58.53 -64.08
C MET G 69 47.39 -59.60 -65.14
N LEU G 70 48.39 -60.48 -65.08
CA LEU G 70 48.62 -61.45 -66.13
C LEU G 70 48.28 -62.86 -65.65
N PRO G 71 47.62 -63.67 -66.48
CA PRO G 71 47.45 -65.08 -66.11
C PRO G 71 48.76 -65.78 -65.81
N GLU G 72 49.85 -65.37 -66.47
CA GLU G 72 51.21 -65.74 -66.11
C GLU G 72 51.36 -65.85 -64.59
N ASP G 73 50.79 -64.87 -63.87
CA ASP G 73 50.98 -64.76 -62.43
C ASP G 73 49.94 -65.56 -61.64
N VAL G 74 48.73 -65.70 -62.16
CA VAL G 74 47.72 -66.51 -61.45
C VAL G 74 48.17 -67.96 -61.39
N GLU G 75 48.87 -68.43 -62.42
CA GLU G 75 49.38 -69.80 -62.40
C GLU G 75 50.40 -69.96 -61.28
N LYS G 76 51.37 -69.05 -61.19
CA LYS G 76 52.35 -69.12 -60.11
C LYS G 76 51.67 -69.06 -58.75
N LEU G 77 50.61 -68.25 -58.63
CA LEU G 77 49.97 -68.05 -57.34
C LEU G 77 49.26 -69.31 -56.85
N GLN G 78 48.71 -70.10 -57.78
CA GLN G 78 48.14 -71.40 -57.39
C GLN G 78 49.26 -72.38 -57.03
N GLN G 79 50.37 -72.35 -57.77
CA GLN G 79 51.49 -73.21 -57.44
C GLN G 79 51.89 -73.05 -55.97
N VAL G 80 51.84 -71.82 -55.48
CA VAL G 80 52.21 -71.56 -54.09
C VAL G 80 51.08 -71.86 -53.12
N ASP G 81 49.84 -71.97 -53.60
CA ASP G 81 48.72 -72.28 -52.72
C ASP G 81 49.07 -73.47 -51.83
N SER G 82 49.08 -73.24 -50.54
CA SER G 82 49.36 -74.31 -49.59
C SER G 82 48.15 -75.24 -49.53
N LEU G 83 48.17 -76.19 -48.60
CA LEU G 83 46.99 -76.99 -48.32
C LEU G 83 45.88 -76.15 -47.71
N HIS G 84 46.21 -74.95 -47.22
CA HIS G 84 45.24 -74.01 -46.65
C HIS G 84 45.47 -72.65 -47.30
N PRO G 85 44.99 -72.45 -48.53
CA PRO G 85 45.13 -71.13 -49.16
C PRO G 85 44.49 -70.05 -48.30
N CYS G 86 45.12 -68.87 -48.30
CA CYS G 86 44.80 -67.82 -47.34
C CYS G 86 44.39 -66.55 -48.07
N ARG G 87 43.17 -66.10 -47.81
CA ARG G 87 42.73 -64.76 -48.19
C ARG G 87 42.79 -63.85 -46.97
N MET G 88 42.74 -62.53 -47.22
CA MET G 88 42.81 -61.57 -46.13
C MET G 88 41.52 -61.56 -45.33
N ILE G 89 41.65 -61.62 -44.01
CA ILE G 89 40.48 -61.48 -43.14
C ILE G 89 39.75 -60.19 -43.48
N LEU G 90 38.44 -60.29 -43.65
CA LEU G 90 37.58 -59.15 -43.94
C LEU G 90 36.94 -58.72 -42.61
N GLU G 91 37.62 -57.83 -41.89
CA GLU G 91 37.25 -57.54 -40.52
C GLU G 91 35.80 -57.10 -40.37
N PRO G 92 35.29 -56.18 -41.19
CA PRO G 92 33.89 -55.74 -41.00
C PRO G 92 32.89 -56.89 -40.99
N TRP G 93 33.08 -57.90 -41.84
CA TRP G 93 32.18 -59.04 -41.82
C TRP G 93 32.46 -59.93 -40.61
N VAL G 94 33.73 -60.19 -40.31
CA VAL G 94 34.06 -61.05 -39.18
C VAL G 94 33.64 -60.38 -37.87
N ALA G 95 33.76 -59.05 -37.80
CA ALA G 95 33.39 -58.35 -36.57
C ALA G 95 31.95 -58.66 -36.18
N TYR G 96 31.06 -58.74 -37.16
CA TYR G 96 29.66 -59.04 -36.86
C TYR G 96 29.49 -60.47 -36.38
N ARG G 97 30.13 -61.42 -37.07
CA ARG G 97 29.97 -62.83 -36.72
C ARG G 97 30.28 -63.05 -35.24
N GLN G 98 31.33 -62.43 -34.73
CA GLN G 98 31.73 -62.61 -33.34
C GLN G 98 30.99 -61.68 -32.39
N HIS G 99 30.44 -60.57 -32.90
CA HIS G 99 29.61 -59.72 -32.06
C HIS G 99 28.31 -60.42 -31.67
N ARG G 100 27.78 -61.28 -32.55
CA ARG G 100 26.57 -62.04 -32.27
C ARG G 100 26.87 -63.49 -31.89
N GLY G 101 28.13 -63.87 -31.80
CA GLY G 101 28.48 -65.24 -31.44
C GLY G 101 28.08 -66.25 -32.48
N HIS G 102 28.47 -66.02 -33.73
CA HIS G 102 28.20 -66.92 -34.83
C HIS G 102 29.51 -67.45 -35.41
N LYS G 103 29.44 -68.65 -35.96
CA LYS G 103 30.59 -69.20 -36.66
C LYS G 103 30.70 -68.61 -38.06
N CYS G 104 31.93 -68.43 -38.51
CA CYS G 104 32.16 -67.91 -39.84
C CYS G 104 32.05 -69.03 -40.86
N GLY G 105 31.60 -68.66 -42.07
CA GLY G 105 31.50 -69.61 -43.16
C GLY G 105 32.79 -69.69 -43.96
N VAL G 106 32.73 -70.49 -45.02
CA VAL G 106 33.91 -70.74 -45.84
C VAL G 106 34.50 -69.42 -46.35
N PHE G 107 33.66 -68.50 -46.81
CA PHE G 107 34.13 -67.26 -47.41
C PHE G 107 35.01 -66.46 -46.46
N LEU G 108 34.84 -66.64 -45.15
CA LEU G 108 35.56 -65.85 -44.16
C LEU G 108 36.54 -66.67 -43.34
N LEU G 109 36.63 -67.97 -43.56
CA LEU G 109 37.50 -68.82 -42.77
C LEU G 109 38.88 -68.93 -43.42
N ASN G 110 39.86 -69.33 -42.60
CA ASN G 110 41.22 -69.55 -43.06
C ASN G 110 41.82 -70.73 -42.29
N GLY G 111 42.86 -71.32 -42.87
CA GLY G 111 43.60 -72.36 -42.21
C GLY G 111 42.83 -73.66 -42.12
N PRO G 112 43.08 -74.43 -41.05
CA PRO G 112 42.45 -75.77 -40.97
C PRO G 112 40.94 -75.71 -40.93
N GLU G 113 40.36 -74.75 -40.20
CA GLU G 113 38.90 -74.69 -40.11
C GLU G 113 38.26 -74.48 -41.47
N TRP G 114 38.92 -73.74 -42.36
CA TRP G 114 38.40 -73.57 -43.71
C TRP G 114 38.33 -74.92 -44.43
N ARG G 115 39.45 -75.64 -44.46
CA ARG G 115 39.50 -76.89 -45.19
C ARG G 115 38.43 -77.86 -44.70
N PHE G 116 38.20 -77.90 -43.39
CA PHE G 116 37.18 -78.79 -42.84
C PHE G 116 35.81 -78.47 -43.42
N ASN G 117 35.41 -77.19 -43.37
CA ASN G 117 34.12 -76.81 -43.92
C ASN G 117 34.08 -77.04 -45.43
N ARG G 118 35.13 -76.63 -46.13
CA ARG G 118 35.10 -76.67 -47.59
C ARG G 118 34.92 -78.10 -48.12
N LEU G 119 35.56 -79.08 -47.45
CA LEU G 119 35.52 -80.44 -47.98
C LEU G 119 34.16 -81.09 -47.76
N ARG G 120 33.42 -80.65 -46.75
CA ARG G 120 32.07 -81.15 -46.51
C ARG G 120 31.00 -80.38 -47.29
N LEU G 121 31.40 -79.32 -48.01
CA LEU G 121 30.48 -78.54 -48.80
C LEU G 121 30.58 -78.82 -50.30
N ASN G 122 31.77 -79.15 -50.78
CA ASN G 122 31.96 -79.43 -52.20
C ASN G 122 31.00 -80.49 -52.74
N PRO G 123 30.77 -81.61 -52.06
CA PRO G 123 29.92 -82.66 -52.66
C PRO G 123 28.54 -82.18 -53.07
N ASP G 124 27.83 -81.48 -52.18
CA ASP G 124 26.43 -81.16 -52.38
C ASP G 124 26.19 -79.82 -53.04
N VAL G 125 27.22 -78.99 -53.19
CA VAL G 125 27.08 -77.64 -53.69
C VAL G 125 27.70 -77.47 -55.07
N LEU G 126 28.80 -78.17 -55.34
CA LEU G 126 29.64 -77.87 -56.49
C LEU G 126 29.87 -79.09 -57.39
N SER G 127 29.78 -80.30 -56.83
CA SER G 127 30.09 -81.48 -57.62
C SER G 127 29.12 -81.63 -58.79
N PRO G 128 29.57 -82.21 -59.92
CA PRO G 128 28.64 -82.41 -61.04
C PRO G 128 27.43 -83.24 -60.67
N LYS G 129 27.56 -84.11 -59.67
CA LYS G 129 26.42 -84.93 -59.25
C LYS G 129 25.36 -84.05 -58.57
N ALA G 130 25.80 -83.08 -57.78
CA ALA G 130 24.85 -82.18 -57.12
C ALA G 130 24.23 -81.21 -58.12
N VAL G 131 24.98 -80.83 -59.16
CA VAL G 131 24.41 -79.95 -60.19
C VAL G 131 23.28 -80.67 -60.91
N GLN G 132 23.52 -81.93 -61.30
CA GLN G 132 22.47 -82.70 -61.97
C GLN G 132 21.18 -82.75 -61.18
N ARG G 133 21.25 -82.55 -59.86
CA ARG G 133 20.07 -82.63 -59.01
C ARG G 133 19.34 -81.30 -58.93
N PHE G 134 20.05 -80.20 -58.66
CA PHE G 134 19.39 -78.91 -58.51
C PHE G 134 19.26 -78.13 -59.81
N LEU G 135 19.83 -78.62 -60.89
CA LEU G 135 19.74 -77.89 -62.16
C LEU G 135 18.32 -77.97 -62.72
N PRO G 136 17.66 -79.13 -62.68
CA PRO G 136 16.26 -79.16 -63.13
C PRO G 136 15.38 -78.19 -62.37
N MET G 137 15.68 -77.97 -61.09
CA MET G 137 14.88 -77.03 -60.29
C MET G 137 15.09 -75.60 -60.76
N VAL G 138 16.33 -75.24 -61.10
CA VAL G 138 16.59 -73.91 -61.64
C VAL G 138 15.88 -73.74 -62.98
N ASP G 139 15.78 -74.80 -63.77
CA ASP G 139 15.12 -74.71 -65.07
C ASP G 139 13.69 -74.21 -64.92
N ALA G 140 12.93 -74.82 -63.99
CA ALA G 140 11.56 -74.39 -63.76
C ALA G 140 11.49 -72.88 -63.54
N VAL G 141 12.27 -72.38 -62.57
CA VAL G 141 12.28 -70.95 -62.30
C VAL G 141 12.60 -70.17 -63.56
N ALA G 142 13.53 -70.68 -64.37
CA ALA G 142 13.90 -69.97 -65.59
C ALA G 142 12.80 -70.04 -66.64
N ARG G 143 12.03 -71.12 -66.65
CA ARG G 143 10.90 -71.22 -67.58
C ARG G 143 9.75 -70.32 -67.13
N ASP G 144 9.47 -70.30 -65.83
CA ASP G 144 8.43 -69.41 -65.32
C ASP G 144 8.76 -67.95 -65.61
N PHE G 145 10.03 -67.59 -65.61
CA PHE G 145 10.42 -66.22 -65.90
C PHE G 145 9.98 -65.81 -67.30
N SER G 146 10.18 -66.70 -68.29
CA SER G 146 9.84 -66.37 -69.66
C SER G 146 8.35 -66.50 -69.91
N GLN G 147 7.71 -67.53 -69.37
CA GLN G 147 6.26 -67.64 -69.46
C GLN G 147 5.59 -66.36 -68.95
N ALA G 148 6.05 -65.87 -67.80
CA ALA G 148 5.48 -64.66 -67.22
C ALA G 148 5.76 -63.45 -68.11
N LEU G 149 6.99 -63.31 -68.57
CA LEU G 149 7.33 -62.19 -69.45
C LEU G 149 6.50 -62.24 -70.73
N LYS G 150 6.30 -63.44 -71.28
CA LYS G 150 5.60 -63.54 -72.56
C LYS G 150 4.13 -63.18 -72.41
N LYS G 151 3.52 -63.53 -71.27
CA LYS G 151 2.12 -63.16 -71.04
C LYS G 151 1.97 -61.64 -71.04
N LYS G 152 2.86 -60.93 -70.35
CA LYS G 152 2.80 -59.47 -70.35
C LYS G 152 3.15 -58.90 -71.72
N VAL G 153 4.06 -59.56 -72.44
CA VAL G 153 4.48 -59.04 -73.74
C VAL G 153 3.35 -59.11 -74.74
N LEU G 154 2.60 -60.20 -74.73
CA LEU G 154 1.53 -60.42 -75.70
C LEU G 154 0.24 -59.69 -75.35
N GLN G 155 0.25 -58.87 -74.29
CA GLN G 155 -0.85 -57.98 -74.00
C GLN G 155 -0.71 -56.62 -74.67
N ASN G 156 0.47 -56.31 -75.21
CA ASN G 156 0.74 -55.03 -75.84
C ASN G 156 0.59 -55.14 -77.35
N ALA G 157 0.17 -54.03 -77.98
CA ALA G 157 -0.16 -54.05 -79.40
C ALA G 157 1.03 -54.50 -80.24
N ARG G 158 2.21 -53.99 -79.93
CA ARG G 158 3.43 -54.36 -80.65
C ARG G 158 4.12 -55.59 -80.04
N GLY G 159 3.35 -56.50 -79.45
CA GLY G 159 3.85 -57.74 -78.90
C GLY G 159 5.25 -57.63 -78.32
N SER G 160 5.48 -56.61 -77.51
CA SER G 160 6.80 -56.37 -76.95
C SER G 160 6.63 -55.55 -75.67
N LEU G 161 7.64 -55.63 -74.82
CA LEU G 161 7.64 -54.92 -73.54
C LEU G 161 9.01 -54.29 -73.33
N THR G 162 9.03 -52.97 -73.17
CA THR G 162 10.24 -52.24 -72.86
C THR G 162 10.27 -51.92 -71.37
N LEU G 163 11.40 -52.17 -70.73
CA LEU G 163 11.47 -52.00 -69.28
C LEU G 163 12.93 -51.99 -68.83
N ASP G 164 13.11 -51.75 -67.54
CA ASP G 164 14.36 -51.98 -66.83
C ASP G 164 14.22 -53.33 -66.14
N VAL G 165 15.04 -54.31 -66.55
CA VAL G 165 14.87 -55.67 -66.03
C VAL G 165 15.60 -55.92 -64.72
N GLN G 166 16.42 -54.99 -64.25
CA GLN G 166 17.19 -55.25 -63.04
C GLN G 166 16.32 -55.73 -61.89
N PRO G 167 15.12 -55.18 -61.66
CA PRO G 167 14.29 -55.73 -60.57
C PRO G 167 13.85 -57.16 -60.81
N SER G 168 13.35 -57.48 -62.00
CA SER G 168 12.89 -58.84 -62.27
C SER G 168 14.05 -59.84 -62.24
N ILE G 169 15.22 -59.44 -62.72
CA ILE G 169 16.38 -60.32 -62.73
C ILE G 169 16.79 -60.65 -61.29
N PHE G 170 16.84 -59.64 -60.43
CA PHE G 170 17.31 -59.86 -59.06
C PHE G 170 16.38 -60.80 -58.30
N HIS G 171 15.07 -60.70 -58.54
CA HIS G 171 14.13 -61.59 -57.87
C HIS G 171 14.13 -62.99 -58.48
N TYR G 172 14.54 -63.11 -59.74
CA TYR G 172 14.77 -64.44 -60.32
C TYR G 172 15.88 -65.17 -59.57
N THR G 173 17.00 -64.50 -59.34
CA THR G 173 18.10 -65.14 -58.64
C THR G 173 17.73 -65.48 -57.21
N ILE G 174 16.97 -64.60 -56.55
CA ILE G 174 16.45 -64.92 -55.22
C ILE G 174 15.60 -66.19 -55.30
N GLU G 175 14.73 -66.25 -56.29
CA GLU G 175 13.91 -67.45 -56.50
C GLU G 175 14.78 -68.67 -56.73
N ALA G 176 15.57 -68.64 -57.82
CA ALA G 176 16.38 -69.80 -58.19
C ALA G 176 17.30 -70.22 -57.04
N SER G 177 17.96 -69.25 -56.41
CA SER G 177 18.85 -69.56 -55.30
C SER G 177 18.08 -70.21 -54.16
N ASN G 178 16.98 -69.60 -53.73
CA ASN G 178 16.22 -70.15 -52.62
C ASN G 178 15.65 -71.52 -52.96
N LEU G 179 15.36 -71.77 -54.24
CA LEU G 179 14.86 -73.08 -54.64
C LEU G 179 15.97 -74.12 -54.61
N ALA G 180 17.16 -73.75 -55.08
CA ALA G 180 18.25 -74.71 -55.14
C ALA G 180 18.83 -74.99 -53.77
N LEU G 181 18.78 -74.00 -52.86
CA LEU G 181 19.40 -74.16 -51.55
C LEU G 181 18.47 -74.88 -50.57
N PHE G 182 17.22 -74.43 -50.47
CA PHE G 182 16.31 -74.90 -49.44
C PHE G 182 15.14 -75.71 -49.98
N GLY G 183 14.85 -75.64 -51.27
CA GLY G 183 13.71 -76.35 -51.82
C GLY G 183 12.37 -75.65 -51.63
N GLU G 184 12.38 -74.39 -51.25
CA GLU G 184 11.16 -73.61 -51.11
C GLU G 184 10.98 -72.74 -52.34
N ARG G 185 9.72 -72.46 -52.67
CA ARG G 185 9.35 -71.64 -53.82
C ARG G 185 8.65 -70.40 -53.30
N LEU G 186 9.28 -69.25 -53.47
CA LEU G 186 8.72 -67.97 -53.09
C LEU G 186 8.10 -67.30 -54.32
N GLY G 187 6.93 -66.73 -54.16
CA GLY G 187 6.22 -66.21 -55.30
C GLY G 187 6.79 -64.92 -55.86
N LEU G 188 8.07 -64.92 -56.23
CA LEU G 188 8.76 -63.70 -56.64
C LEU G 188 8.93 -63.56 -58.15
N VAL G 189 8.76 -64.63 -58.91
CA VAL G 189 8.86 -64.58 -60.36
C VAL G 189 7.45 -64.60 -60.94
N GLY G 190 7.13 -63.61 -61.76
CA GLY G 190 5.79 -63.44 -62.29
C GLY G 190 4.84 -62.71 -61.37
N HIS G 191 5.28 -62.32 -60.17
CA HIS G 191 4.46 -61.58 -59.22
C HIS G 191 5.29 -60.47 -58.61
N SER G 192 4.60 -59.54 -57.96
CA SER G 192 5.28 -58.36 -57.44
C SER G 192 6.26 -58.77 -56.34
N PRO G 193 7.30 -57.95 -56.12
CA PRO G 193 8.23 -58.23 -55.02
C PRO G 193 7.56 -58.13 -53.66
N SER G 194 7.95 -59.00 -52.75
CA SER G 194 7.49 -58.96 -51.38
C SER G 194 8.35 -58.00 -50.56
N SER G 195 7.77 -57.52 -49.45
CA SER G 195 8.54 -56.64 -48.58
C SER G 195 9.76 -57.36 -48.01
N ALA G 196 9.64 -58.67 -47.76
CA ALA G 196 10.77 -59.42 -47.24
C ALA G 196 11.94 -59.44 -48.22
N SER G 197 11.66 -59.45 -49.52
CA SER G 197 12.73 -59.52 -50.51
C SER G 197 13.33 -58.15 -50.79
N LEU G 198 12.50 -57.10 -50.85
CA LEU G 198 13.02 -55.76 -51.08
C LEU G 198 13.89 -55.31 -49.90
N ASN G 199 13.47 -55.64 -48.68
CA ASN G 199 14.30 -55.33 -47.53
C ASN G 199 15.60 -56.14 -47.54
N PHE G 200 15.54 -57.38 -48.04
CA PHE G 200 16.76 -58.17 -48.17
C PHE G 200 17.70 -57.55 -49.18
N LEU G 201 17.18 -57.19 -50.36
CA LEU G 201 18.03 -56.56 -51.37
C LEU G 201 18.61 -55.25 -50.87
N HIS G 202 17.81 -54.45 -50.17
CA HIS G 202 18.31 -53.17 -49.66
C HIS G 202 19.37 -53.37 -48.59
N ALA G 203 19.23 -54.41 -47.78
CA ALA G 203 20.25 -54.70 -46.77
C ALA G 203 21.57 -55.06 -47.44
N LEU G 204 21.51 -55.88 -48.49
CA LEU G 204 22.73 -56.23 -49.21
C LEU G 204 23.41 -55.00 -49.77
N GLU G 205 22.62 -54.07 -50.33
CA GLU G 205 23.19 -52.86 -50.91
C GLU G 205 23.96 -52.07 -49.86
N VAL G 206 23.37 -51.89 -48.68
CA VAL G 206 24.03 -51.11 -47.63
C VAL G 206 25.23 -51.87 -47.07
N MET G 207 25.14 -53.19 -46.98
CA MET G 207 26.27 -53.98 -46.49
C MET G 207 27.47 -53.84 -47.41
N PHE G 208 27.23 -53.84 -48.73
CA PHE G 208 28.33 -53.64 -49.68
C PHE G 208 28.91 -52.23 -49.55
N LYS G 209 28.04 -51.21 -49.60
CA LYS G 209 28.50 -49.84 -49.46
C LYS G 209 29.32 -49.66 -48.18
N SER G 210 28.73 -50.03 -47.04
CA SER G 210 29.39 -49.80 -45.76
C SER G 210 30.69 -50.60 -45.64
N THR G 211 30.79 -51.73 -46.35
CA THR G 211 32.01 -52.52 -46.29
C THR G 211 33.20 -51.74 -46.83
N VAL G 212 33.02 -51.07 -47.97
CA VAL G 212 34.10 -50.27 -48.54
C VAL G 212 34.54 -49.18 -47.57
N GLN G 213 33.59 -48.59 -46.85
CA GLN G 213 33.91 -47.49 -45.95
C GLN G 213 34.70 -47.94 -44.73
N LEU G 214 34.70 -49.24 -44.42
CA LEU G 214 35.37 -49.75 -43.24
C LEU G 214 36.55 -50.67 -43.52
N MET G 215 36.61 -51.30 -44.69
CA MET G 215 37.64 -52.29 -44.98
C MET G 215 39.00 -51.67 -45.28
N PHE G 216 39.07 -50.36 -45.49
CA PHE G 216 40.32 -49.72 -45.90
C PHE G 216 40.99 -48.95 -44.76
N MET G 217 40.54 -49.14 -43.52
CA MET G 217 41.24 -48.56 -42.37
C MET G 217 41.04 -49.47 -41.17
N PRO G 218 42.06 -49.68 -40.34
CA PRO G 218 41.93 -50.62 -39.23
C PRO G 218 40.80 -50.21 -38.29
N ARG G 219 40.32 -51.18 -37.52
CA ARG G 219 39.21 -50.89 -36.62
C ARG G 219 39.61 -49.89 -35.54
N SER G 220 40.91 -49.74 -35.26
CA SER G 220 41.33 -48.78 -34.26
C SER G 220 41.00 -47.36 -34.68
N LEU G 221 40.90 -47.09 -35.99
CA LEU G 221 40.53 -45.78 -36.50
C LEU G 221 39.04 -45.68 -36.80
N SER G 222 38.50 -46.60 -37.61
CA SER G 222 37.09 -46.55 -37.96
C SER G 222 36.19 -46.59 -36.71
N ARG G 223 36.70 -47.07 -35.58
CA ARG G 223 35.90 -47.13 -34.37
C ARG G 223 35.32 -45.77 -34.02
N TRP G 224 36.15 -44.73 -34.07
CA TRP G 224 35.75 -43.40 -33.63
C TRP G 224 35.64 -42.38 -34.75
N ILE G 225 36.32 -42.57 -35.88
CA ILE G 225 36.17 -41.62 -36.98
C ILE G 225 34.86 -41.87 -37.74
N SER G 226 34.34 -43.11 -37.73
CA SER G 226 33.15 -43.45 -38.49
C SER G 226 32.32 -44.48 -37.73
N PRO G 227 31.92 -44.18 -36.50
CA PRO G 227 31.08 -45.14 -35.76
C PRO G 227 29.66 -45.23 -36.28
N LYS G 228 29.19 -44.19 -36.96
CA LYS G 228 27.85 -44.25 -37.54
C LYS G 228 27.76 -45.31 -38.63
N VAL G 229 28.88 -45.58 -39.30
CA VAL G 229 28.90 -46.59 -40.36
C VAL G 229 28.89 -47.99 -39.76
N TRP G 230 29.70 -48.22 -38.73
CA TRP G 230 29.66 -49.51 -38.03
C TRP G 230 28.23 -49.85 -37.62
N LYS G 231 27.52 -48.88 -37.06
CA LYS G 231 26.11 -49.11 -36.71
C LYS G 231 25.29 -49.33 -37.97
N GLU G 232 25.55 -48.55 -39.02
CA GLU G 232 24.89 -48.78 -40.30
C GLU G 232 25.18 -50.17 -40.83
N HIS G 233 26.42 -50.65 -40.62
CA HIS G 233 26.84 -51.91 -41.19
C HIS G 233 26.19 -53.09 -40.48
N PHE G 234 26.32 -53.16 -39.15
CA PHE G 234 25.75 -54.27 -38.41
C PHE G 234 24.24 -54.34 -38.56
N GLU G 235 23.56 -53.20 -38.74
CA GLU G 235 22.13 -53.22 -38.97
C GLU G 235 21.79 -53.89 -40.29
N ALA G 236 22.65 -53.71 -41.30
CA ALA G 236 22.44 -54.41 -42.57
C ALA G 236 22.57 -55.92 -42.38
N TRP G 237 23.61 -56.35 -41.67
CA TRP G 237 23.78 -57.78 -41.43
C TRP G 237 22.62 -58.35 -40.61
N ASP G 238 22.16 -57.59 -39.60
CA ASP G 238 21.00 -58.04 -38.82
C ASP G 238 19.82 -58.34 -39.73
N CYS G 239 19.58 -57.52 -40.74
CA CYS G 239 18.49 -57.75 -41.68
C CYS G 239 18.82 -58.83 -42.69
N ILE G 240 20.09 -59.14 -42.89
CA ILE G 240 20.47 -60.25 -43.75
C ILE G 240 20.40 -61.57 -42.98
N PHE G 241 21.01 -61.60 -41.79
CA PHE G 241 20.94 -62.80 -40.96
C PHE G 241 19.50 -63.14 -40.59
N GLN G 242 18.63 -62.14 -40.52
CA GLN G 242 17.21 -62.40 -40.30
C GLN G 242 16.62 -63.18 -41.46
N TYR G 243 16.77 -62.66 -42.67
CA TYR G 243 16.18 -63.34 -43.84
C TYR G 243 16.78 -64.72 -44.03
N GLY G 244 18.06 -64.90 -43.68
CA GLY G 244 18.68 -66.19 -43.87
C GLY G 244 18.33 -67.20 -42.80
N ASP G 245 18.09 -66.73 -41.57
CA ASP G 245 17.81 -67.66 -40.49
C ASP G 245 16.36 -68.12 -40.50
N ASN G 246 15.45 -67.33 -41.06
CA ASN G 246 14.09 -67.81 -41.28
C ASN G 246 14.10 -69.00 -42.24
N CYS G 247 14.91 -68.93 -43.30
CA CYS G 247 15.03 -70.05 -44.23
C CYS G 247 15.57 -71.30 -43.53
N ILE G 248 16.59 -71.13 -42.68
CA ILE G 248 17.15 -72.27 -41.97
C ILE G 248 16.11 -72.87 -41.03
N GLN G 249 15.47 -72.03 -40.23
CA GLN G 249 14.56 -72.55 -39.21
C GLN G 249 13.38 -73.30 -39.84
N LYS G 250 12.98 -72.91 -41.05
CA LYS G 250 11.90 -73.63 -41.73
C LYS G 250 12.36 -75.03 -42.15
N ILE G 251 13.52 -75.12 -42.81
CA ILE G 251 13.95 -76.42 -43.32
C ILE G 251 14.43 -77.32 -42.19
N TYR G 252 15.00 -76.76 -41.12
CA TYR G 252 15.44 -77.59 -40.01
C TYR G 252 14.27 -78.31 -39.36
N GLN G 253 13.19 -77.58 -39.10
CA GLN G 253 12.00 -78.18 -38.52
C GLN G 253 11.36 -79.18 -39.49
N GLU G 254 11.30 -78.83 -40.77
CA GLU G 254 10.68 -79.72 -41.75
C GLU G 254 11.43 -81.04 -41.86
N LEU G 255 12.76 -81.02 -41.66
CA LEU G 255 13.52 -82.26 -41.76
C LEU G 255 13.50 -83.06 -40.46
N ALA G 256 13.42 -82.39 -39.31
CA ALA G 256 13.37 -83.10 -38.05
C ALA G 256 12.17 -84.03 -37.96
N PHE G 257 11.11 -83.75 -38.71
CA PHE G 257 9.88 -84.54 -38.66
C PHE G 257 9.72 -85.49 -39.84
N ASN G 258 10.51 -85.35 -40.89
CA ASN G 258 10.48 -86.30 -41.99
C ASN G 258 11.73 -86.13 -42.84
N ARG G 259 12.43 -87.24 -43.09
CA ARG G 259 13.61 -87.22 -43.94
C ARG G 259 13.22 -87.62 -45.36
N PRO G 260 13.21 -86.70 -46.32
CA PRO G 260 12.70 -87.04 -47.65
C PRO G 260 13.59 -88.03 -48.39
N GLN G 261 12.96 -88.79 -49.28
CA GLN G 261 13.68 -89.74 -50.11
C GLN G 261 14.16 -89.13 -51.41
N HIS G 262 13.59 -88.00 -51.82
CA HIS G 262 13.98 -87.32 -53.04
C HIS G 262 14.78 -86.06 -52.71
N TYR G 263 15.29 -85.41 -53.76
CA TYR G 263 16.12 -84.23 -53.56
C TYR G 263 15.25 -83.05 -53.17
N THR G 264 15.63 -82.38 -52.08
CA THR G 264 14.89 -81.22 -51.58
C THR G 264 15.84 -80.07 -51.28
N GLY G 265 16.89 -79.94 -52.08
CA GLY G 265 17.76 -78.80 -52.02
C GLY G 265 19.15 -79.15 -51.50
N ILE G 266 20.04 -78.15 -51.60
CA ILE G 266 21.42 -78.32 -51.18
C ILE G 266 21.51 -78.37 -49.66
N VAL G 267 20.92 -77.40 -48.97
CA VAL G 267 20.99 -77.38 -47.52
C VAL G 267 20.27 -78.59 -46.94
N ALA G 268 19.30 -79.13 -47.66
CA ALA G 268 18.68 -80.38 -47.24
C ALA G 268 19.74 -81.46 -47.04
N GLU G 269 20.57 -81.67 -48.08
CA GLU G 269 21.57 -82.73 -48.01
C GLU G 269 22.58 -82.47 -46.89
N LEU G 270 22.99 -81.20 -46.71
CA LEU G 270 23.97 -80.90 -45.67
C LEU G 270 23.43 -81.24 -44.29
N LEU G 271 22.14 -80.95 -44.05
CA LEU G 271 21.56 -81.25 -42.74
C LEU G 271 21.44 -82.75 -42.52
N LEU G 272 20.96 -83.47 -43.54
CA LEU G 272 20.86 -84.93 -43.43
C LEU G 272 22.22 -85.55 -43.11
N LYS G 273 23.22 -85.26 -43.94
CA LYS G 273 24.53 -85.87 -43.77
C LYS G 273 25.09 -85.61 -42.38
N ALA G 274 24.87 -84.41 -41.86
CA ALA G 274 25.30 -84.04 -40.50
C ALA G 274 26.80 -84.24 -40.31
N GLU G 275 27.58 -84.07 -41.38
CA GLU G 275 29.03 -84.09 -41.27
C GLU G 275 29.59 -82.81 -40.66
N LEU G 276 28.81 -81.74 -40.68
CA LEU G 276 29.18 -80.46 -40.07
C LEU G 276 28.24 -80.16 -38.91
N SER G 277 28.75 -79.41 -37.94
CA SER G 277 27.93 -79.01 -36.82
C SER G 277 26.77 -78.15 -37.31
N LEU G 278 25.72 -78.06 -36.48
CA LEU G 278 24.58 -77.22 -36.84
C LEU G 278 25.02 -75.77 -37.01
N GLU G 279 25.86 -75.28 -36.11
CA GLU G 279 26.32 -73.89 -36.20
C GLU G 279 27.16 -73.65 -37.45
N ALA G 280 27.92 -74.66 -37.88
CA ALA G 280 28.69 -74.53 -39.11
C ALA G 280 27.82 -74.64 -40.35
N ILE G 281 26.67 -75.33 -40.25
CA ILE G 281 25.76 -75.37 -41.38
C ILE G 281 24.99 -74.06 -41.48
N LYS G 282 24.63 -73.46 -40.35
CA LYS G 282 23.96 -72.16 -40.39
C LYS G 282 24.89 -71.09 -40.95
N ALA G 283 26.17 -71.15 -40.57
CA ALA G 283 27.12 -70.14 -41.06
C ALA G 283 27.23 -70.20 -42.58
N ASN G 284 27.47 -71.40 -43.12
CA ASN G 284 27.65 -71.51 -44.57
C ASN G 284 26.34 -71.38 -45.32
N SER G 285 25.22 -71.73 -44.69
CA SER G 285 23.93 -71.48 -45.32
C SER G 285 23.68 -69.98 -45.48
N MET G 286 24.13 -69.18 -44.50
CA MET G 286 24.03 -67.74 -44.61
C MET G 286 24.79 -67.23 -45.83
N GLU G 287 26.07 -67.59 -45.94
CA GLU G 287 26.90 -67.09 -47.03
C GLU G 287 26.36 -67.52 -48.39
N LEU G 288 25.75 -68.70 -48.47
CA LEU G 288 25.16 -69.12 -49.73
C LEU G 288 23.91 -68.31 -50.04
N THR G 289 23.11 -68.00 -49.01
CA THR G 289 21.88 -67.23 -49.22
C THR G 289 22.17 -65.76 -49.49
N ALA G 290 23.23 -65.21 -48.89
CA ALA G 290 23.55 -63.81 -49.06
C ALA G 290 24.34 -63.55 -50.33
N GLY G 291 25.32 -64.38 -50.63
CA GLY G 291 26.18 -64.18 -51.77
C GLY G 291 25.66 -64.75 -53.07
N SER G 292 24.38 -65.11 -53.15
CA SER G 292 23.82 -65.73 -54.34
C SER G 292 22.91 -64.80 -55.14
N VAL G 293 22.95 -63.50 -54.87
CA VAL G 293 21.97 -62.58 -55.45
C VAL G 293 22.66 -61.57 -56.34
N ASP G 294 23.51 -60.73 -55.74
CA ASP G 294 24.12 -59.63 -56.50
C ASP G 294 25.15 -60.14 -57.48
N THR G 295 26.03 -61.05 -57.04
CA THR G 295 27.10 -61.55 -57.90
C THR G 295 26.55 -62.27 -59.12
N THR G 296 25.42 -62.96 -58.98
CA THR G 296 24.84 -63.69 -60.10
C THR G 296 23.95 -62.83 -60.98
N ALA G 297 23.35 -61.78 -60.43
CA ALA G 297 22.37 -61.00 -61.15
C ALA G 297 22.96 -59.91 -62.02
N PHE G 298 24.16 -59.44 -61.72
CA PHE G 298 24.74 -58.35 -62.49
C PHE G 298 25.34 -58.88 -63.80
N PRO G 299 26.05 -60.00 -63.78
CA PRO G 299 26.46 -60.60 -65.06
C PRO G 299 25.29 -60.89 -65.98
N LEU G 300 24.12 -61.27 -65.43
CA LEU G 300 22.94 -61.52 -66.24
C LEU G 300 22.49 -60.27 -66.96
N LEU G 301 22.40 -59.15 -66.24
CA LEU G 301 22.02 -57.88 -66.87
C LEU G 301 23.02 -57.49 -67.94
N MET G 302 24.32 -57.55 -67.61
CA MET G 302 25.33 -57.16 -68.58
C MET G 302 25.30 -58.07 -69.81
N THR G 303 25.09 -59.36 -69.62
CA THR G 303 24.92 -60.25 -70.77
C THR G 303 23.74 -59.79 -71.62
N LEU G 304 22.61 -59.48 -70.98
CA LEU G 304 21.45 -59.01 -71.73
C LEU G 304 21.74 -57.69 -72.42
N PHE G 305 22.49 -56.81 -71.76
CA PHE G 305 22.85 -55.53 -72.38
C PHE G 305 23.76 -55.76 -73.59
N GLU G 306 24.82 -56.54 -73.42
CA GLU G 306 25.75 -56.78 -74.53
C GLU G 306 25.05 -57.47 -75.69
N LEU G 307 24.12 -58.39 -75.40
CA LEU G 307 23.39 -59.06 -76.47
C LEU G 307 22.51 -58.07 -77.23
N ALA G 308 22.00 -57.04 -76.56
CA ALA G 308 21.18 -56.05 -77.24
C ALA G 308 22.00 -55.08 -78.07
N ARG G 309 23.29 -54.90 -77.74
CA ARG G 309 24.18 -54.06 -78.55
C ARG G 309 24.74 -54.79 -79.75
N ASN G 310 24.82 -56.13 -79.70
CA ASN G 310 25.31 -56.96 -80.79
C ASN G 310 24.20 -57.93 -81.19
N PRO G 311 23.20 -57.47 -81.94
CA PRO G 311 22.17 -58.41 -82.42
C PRO G 311 22.73 -59.56 -83.24
N ASP G 312 23.81 -59.31 -84.01
CA ASP G 312 24.47 -60.38 -84.74
C ASP G 312 24.87 -61.53 -83.81
N VAL G 313 25.59 -61.22 -82.73
CA VAL G 313 25.99 -62.25 -81.78
C VAL G 313 24.77 -62.89 -81.14
N GLN G 314 23.71 -62.11 -80.92
CA GLN G 314 22.50 -62.65 -80.31
C GLN G 314 21.90 -63.76 -81.17
N GLN G 315 21.67 -63.47 -82.45
CA GLN G 315 21.00 -64.45 -83.30
C GLN G 315 21.80 -65.74 -83.38
N ILE G 316 23.14 -65.64 -83.43
CA ILE G 316 23.96 -66.83 -83.41
C ILE G 316 23.66 -67.65 -82.15
N LEU G 317 23.54 -66.98 -81.01
CA LEU G 317 23.18 -67.67 -79.78
C LEU G 317 21.74 -68.18 -79.82
N ARG G 318 20.84 -67.45 -80.48
CA ARG G 318 19.45 -67.88 -80.58
C ARG G 318 19.31 -69.08 -81.51
N GLN G 319 20.16 -69.17 -82.53
CA GLN G 319 20.16 -70.34 -83.40
C GLN G 319 20.62 -71.58 -82.64
N GLU G 320 21.69 -71.45 -81.86
CA GLU G 320 22.17 -72.58 -81.07
C GLU G 320 21.12 -73.05 -80.07
N SER G 321 20.45 -72.12 -79.40
CA SER G 321 19.53 -72.49 -78.34
C SER G 321 18.20 -73.00 -78.89
N LEU G 322 17.77 -72.51 -80.05
CA LEU G 322 16.55 -73.05 -80.67
C LEU G 322 16.77 -74.49 -81.13
N ALA G 323 18.01 -74.84 -81.49
CA ALA G 323 18.29 -76.20 -81.95
C ALA G 323 18.24 -77.20 -80.80
N ALA G 324 19.04 -76.96 -79.77
CA ALA G 324 19.07 -77.85 -78.61
C ALA G 324 17.85 -77.69 -77.71
N ALA G 325 16.84 -76.94 -78.12
CA ALA G 325 15.68 -76.70 -77.26
C ALA G 325 15.00 -78.01 -76.88
N ALA G 326 14.79 -78.89 -77.86
CA ALA G 326 14.01 -80.09 -77.60
C ALA G 326 14.76 -81.06 -76.69
N SER G 327 16.08 -81.18 -76.87
CA SER G 327 16.85 -82.07 -76.02
C SER G 327 17.00 -81.55 -74.61
N ILE G 328 16.89 -80.23 -74.42
CA ILE G 328 17.03 -79.65 -73.09
C ILE G 328 15.73 -79.78 -72.30
N SER G 329 14.59 -79.61 -72.97
CA SER G 329 13.31 -79.82 -72.29
C SER G 329 13.22 -81.25 -71.76
N GLU G 330 13.64 -82.22 -72.57
CA GLU G 330 13.69 -83.60 -72.09
C GLU G 330 14.57 -83.71 -70.85
N HIS G 331 15.79 -83.20 -70.93
CA HIS G 331 16.72 -83.24 -69.81
C HIS G 331 17.45 -81.90 -69.74
N PRO G 332 17.09 -81.04 -68.79
CA PRO G 332 17.77 -79.73 -68.70
C PRO G 332 19.26 -79.84 -68.42
N GLN G 333 19.74 -80.96 -67.86
CA GLN G 333 21.16 -81.09 -67.58
C GLN G 333 22.00 -80.95 -68.83
N LYS G 334 21.42 -81.18 -70.01
CA LYS G 334 22.16 -81.06 -71.26
C LYS G 334 22.50 -79.62 -71.61
N ALA G 335 21.88 -78.64 -70.95
CA ALA G 335 22.17 -77.25 -71.26
C ALA G 335 23.61 -76.86 -70.94
N THR G 336 24.27 -77.58 -70.02
CA THR G 336 25.66 -77.28 -69.69
C THR G 336 26.61 -77.70 -70.80
N THR G 337 26.19 -78.60 -71.70
CA THR G 337 27.04 -79.11 -72.77
C THR G 337 26.53 -78.75 -74.15
N GLU G 338 25.22 -78.74 -74.37
CA GLU G 338 24.67 -78.45 -75.68
C GLU G 338 24.76 -76.97 -76.05
N LEU G 339 25.06 -76.08 -75.10
CA LEU G 339 25.11 -74.64 -75.31
C LEU G 339 26.53 -74.16 -75.03
N PRO G 340 27.48 -74.40 -75.94
CA PRO G 340 28.86 -73.94 -75.71
C PRO G 340 29.07 -72.47 -76.05
N LEU G 341 28.33 -71.93 -77.03
CA LEU G 341 28.45 -70.52 -77.33
C LEU G 341 27.94 -69.66 -76.19
N LEU G 342 26.78 -70.00 -75.63
CA LEU G 342 26.22 -69.24 -74.53
C LEU G 342 27.17 -69.25 -73.34
N ARG G 343 27.66 -70.43 -72.97
CA ARG G 343 28.69 -70.50 -71.94
C ARG G 343 29.87 -69.60 -72.27
N ALA G 344 30.13 -69.38 -73.56
CA ALA G 344 31.21 -68.46 -73.95
C ALA G 344 30.77 -67.01 -73.87
N ALA G 345 29.49 -66.72 -74.12
CA ALA G 345 28.99 -65.36 -73.90
C ALA G 345 29.08 -64.99 -72.42
N LEU G 346 28.89 -65.96 -71.52
CA LEU G 346 29.04 -65.67 -70.09
C LEU G 346 30.50 -65.46 -69.73
N LYS G 347 31.40 -66.26 -70.29
CA LYS G 347 32.83 -66.02 -70.10
C LYS G 347 33.18 -64.60 -70.53
N GLU G 348 32.55 -64.13 -71.62
CA GLU G 348 32.89 -62.82 -72.18
C GLU G 348 32.34 -61.68 -71.33
N THR G 349 31.13 -61.86 -70.77
CA THR G 349 30.56 -60.83 -69.90
C THR G 349 31.41 -60.66 -68.65
N LEU G 350 31.80 -61.77 -68.02
CA LEU G 350 32.63 -61.70 -66.82
C LEU G 350 34.03 -61.17 -67.10
N ARG G 351 34.48 -61.27 -68.34
CA ARG G 351 35.80 -60.73 -68.68
C ARG G 351 35.80 -59.21 -68.63
N LEU G 352 34.78 -58.58 -69.22
CA LEU G 352 34.66 -57.13 -69.23
C LEU G 352 34.12 -56.59 -67.91
N TYR G 353 33.22 -57.33 -67.26
CA TYR G 353 32.47 -56.85 -66.11
C TYR G 353 32.61 -57.81 -64.93
N PRO G 354 33.82 -58.01 -64.44
CA PRO G 354 34.02 -58.98 -63.35
C PRO G 354 33.49 -58.49 -62.01
N VAL G 355 32.31 -58.97 -61.61
CA VAL G 355 31.73 -58.58 -60.33
C VAL G 355 32.75 -58.77 -59.21
N GLY G 356 33.49 -59.87 -59.24
CA GLY G 356 34.61 -60.03 -58.34
C GLY G 356 35.80 -59.30 -58.92
N LEU G 357 36.15 -58.14 -58.34
CA LEU G 357 37.15 -57.30 -58.99
C LEU G 357 38.53 -57.92 -58.93
N PHE G 358 38.91 -58.48 -57.79
CA PHE G 358 40.26 -58.99 -57.64
C PHE G 358 40.28 -60.22 -56.74
N LEU G 359 41.21 -61.12 -57.05
CA LEU G 359 41.49 -62.29 -56.23
C LEU G 359 42.60 -61.94 -55.25
N GLU G 360 42.48 -62.43 -54.02
CA GLU G 360 43.41 -62.13 -52.96
C GLU G 360 44.12 -63.40 -52.49
N ARG G 361 45.41 -63.28 -52.22
CA ARG G 361 46.17 -64.38 -51.64
C ARG G 361 47.29 -63.78 -50.78
N VAL G 362 47.35 -64.19 -49.51
CA VAL G 362 48.49 -63.87 -48.65
C VAL G 362 49.45 -65.05 -48.77
N VAL G 363 50.44 -64.90 -49.66
CA VAL G 363 51.31 -66.02 -50.00
C VAL G 363 51.99 -66.56 -48.76
N SER G 364 52.00 -67.89 -48.63
CA SER G 364 52.63 -68.57 -47.51
C SER G 364 54.06 -68.99 -47.80
N SER G 365 54.61 -68.59 -48.94
CA SER G 365 55.95 -68.99 -49.34
C SER G 365 56.50 -67.97 -50.32
N ASP G 366 57.82 -67.87 -50.37
CA ASP G 366 58.45 -66.98 -51.34
C ASP G 366 58.15 -67.45 -52.76
N LEU G 367 58.12 -66.50 -53.69
CA LEU G 367 57.80 -66.76 -55.08
C LEU G 367 58.33 -65.61 -55.93
N VAL G 368 58.29 -65.80 -57.25
CA VAL G 368 58.79 -64.80 -58.18
C VAL G 368 57.71 -64.50 -59.21
N LEU G 369 57.36 -63.21 -59.33
CA LEU G 369 56.41 -62.72 -60.32
C LEU G 369 57.10 -61.64 -61.14
N GLN G 370 57.01 -61.75 -62.47
CA GLN G 370 57.62 -60.77 -63.37
C GLN G 370 59.09 -60.56 -63.05
N ASN G 371 59.77 -61.61 -62.59
CA ASN G 371 61.19 -61.59 -62.25
C ASN G 371 61.48 -60.73 -61.02
N TYR G 372 60.53 -60.63 -60.10
CA TYR G 372 60.71 -59.91 -58.85
C TYR G 372 60.52 -60.87 -57.69
N HIS G 373 61.35 -60.73 -56.65
CA HIS G 373 61.23 -61.56 -55.47
C HIS G 373 60.04 -61.10 -54.63
N ILE G 374 59.16 -62.04 -54.29
CA ILE G 374 57.99 -61.78 -53.47
C ILE G 374 58.18 -62.51 -52.14
N PRO G 375 58.33 -61.81 -51.02
CA PRO G 375 58.48 -62.49 -49.73
C PRO G 375 57.19 -63.16 -49.30
N ALA G 376 57.32 -64.06 -48.31
CA ALA G 376 56.15 -64.69 -47.72
C ALA G 376 55.39 -63.67 -46.88
N GLY G 377 54.12 -63.98 -46.63
CA GLY G 377 53.25 -63.06 -45.91
C GLY G 377 52.82 -61.85 -46.71
N THR G 378 53.17 -61.81 -48.00
CA THR G 378 52.81 -60.68 -48.84
C THR G 378 51.39 -60.86 -49.41
N LEU G 379 50.66 -59.75 -49.50
CA LEU G 379 49.37 -59.75 -50.16
C LEU G 379 49.58 -59.62 -51.67
N VAL G 380 48.87 -60.44 -52.43
CA VAL G 380 48.94 -60.43 -53.89
C VAL G 380 47.53 -60.34 -54.43
N GLN G 381 47.22 -59.26 -55.14
CA GLN G 381 45.91 -59.01 -55.70
C GLN G 381 45.98 -59.17 -57.22
N VAL G 382 45.14 -60.04 -57.77
CA VAL G 382 44.99 -60.17 -59.21
C VAL G 382 43.83 -59.29 -59.62
N PHE G 383 44.11 -58.24 -60.38
CA PHE G 383 43.11 -57.24 -60.78
C PHE G 383 42.51 -57.67 -62.11
N LEU G 384 41.30 -58.25 -62.06
CA LEU G 384 40.73 -58.90 -63.23
C LEU G 384 40.24 -57.91 -64.27
N TYR G 385 39.92 -56.68 -63.87
CA TYR G 385 39.39 -55.72 -64.84
C TYR G 385 40.40 -55.42 -65.93
N SER G 386 41.67 -55.39 -65.54
CA SER G 386 42.80 -55.13 -66.43
C SER G 386 43.22 -56.41 -67.15
N LEU G 387 43.28 -57.50 -66.40
CA LEU G 387 43.65 -58.80 -66.95
C LEU G 387 42.82 -59.13 -68.18
N GLY G 388 41.53 -58.81 -68.14
CA GLY G 388 40.63 -59.10 -69.25
C GLY G 388 40.65 -58.09 -70.37
N ARG G 389 41.36 -56.97 -70.20
CA ARG G 389 41.46 -55.94 -71.22
C ARG G 389 42.86 -55.84 -71.82
N ASN G 390 43.69 -56.85 -71.61
CA ASN G 390 45.05 -56.90 -72.14
C ASN G 390 45.00 -57.35 -73.59
N ALA G 391 45.17 -56.41 -74.51
CA ALA G 391 45.02 -56.72 -75.92
C ALA G 391 46.02 -57.78 -76.38
N ALA G 392 47.18 -57.86 -75.73
CA ALA G 392 48.11 -58.95 -76.04
C ALA G 392 47.42 -60.30 -75.94
N LEU G 393 46.72 -60.52 -74.82
CA LEU G 393 46.09 -61.82 -74.57
C LEU G 393 44.71 -61.94 -75.22
N PHE G 394 43.96 -60.85 -75.32
CA PHE G 394 42.59 -60.86 -75.83
C PHE G 394 42.48 -59.90 -77.00
N PRO G 395 42.86 -60.32 -78.20
CA PRO G 395 42.78 -59.44 -79.37
C PRO G 395 41.45 -58.72 -79.46
N ARG G 396 41.50 -57.40 -79.70
CA ARG G 396 40.33 -56.53 -79.74
C ARG G 396 39.55 -56.67 -78.42
N PRO G 397 40.17 -56.32 -77.28
CA PRO G 397 39.48 -56.50 -75.99
C PRO G 397 38.32 -55.56 -75.79
N GLU G 398 38.17 -54.56 -76.66
CA GLU G 398 37.03 -53.66 -76.59
C GLU G 398 35.73 -54.31 -77.04
N ARG G 399 35.83 -55.42 -77.78
CA ARG G 399 34.70 -56.03 -78.47
C ARG G 399 34.10 -57.15 -77.63
N TYR G 400 32.80 -57.40 -77.83
CA TYR G 400 32.10 -58.52 -77.20
C TYR G 400 32.06 -59.65 -78.22
N ASN G 401 32.93 -60.64 -78.04
CA ASN G 401 33.16 -61.68 -79.05
C ASN G 401 33.20 -63.04 -78.36
N PRO G 402 32.04 -63.71 -78.22
CA PRO G 402 32.04 -64.99 -77.50
C PRO G 402 32.82 -66.11 -78.19
N GLN G 403 32.98 -66.08 -79.52
CA GLN G 403 33.67 -67.18 -80.21
C GLN G 403 35.15 -67.23 -79.89
N ARG G 404 35.66 -66.29 -79.09
CA ARG G 404 37.08 -66.27 -78.79
C ARG G 404 37.46 -67.25 -77.69
N TRP G 405 36.49 -67.73 -76.93
CA TRP G 405 36.72 -68.76 -75.93
C TRP G 405 36.57 -70.17 -76.49
N LEU G 406 36.27 -70.29 -77.78
CA LEU G 406 36.08 -71.57 -78.43
C LEU G 406 37.37 -72.07 -79.11
N ASP G 407 38.49 -71.39 -78.88
CA ASP G 407 39.78 -71.84 -79.39
C ASP G 407 40.91 -71.31 -78.51
N ARG G 413 45.63 -70.35 -72.97
CA ARG G 413 44.25 -70.04 -72.61
C ARG G 413 43.75 -70.95 -71.50
N ASN G 414 44.54 -71.16 -70.46
CA ASN G 414 44.09 -71.97 -69.34
C ASN G 414 43.83 -71.16 -68.08
N PHE G 415 44.51 -70.03 -67.89
CA PHE G 415 44.23 -69.12 -66.80
C PHE G 415 43.67 -67.80 -67.31
N HIS G 416 43.11 -67.80 -68.53
CA HIS G 416 42.46 -66.61 -69.06
C HIS G 416 41.09 -66.38 -68.43
N HIS G 417 40.43 -67.43 -67.96
CA HIS G 417 39.09 -67.37 -67.38
C HIS G 417 39.19 -67.76 -65.91
N VAL G 418 39.39 -66.77 -65.05
CA VAL G 418 39.46 -67.02 -63.60
C VAL G 418 38.53 -66.05 -62.85
N PRO G 419 37.35 -65.72 -63.36
CA PRO G 419 36.47 -64.81 -62.61
C PRO G 419 35.90 -65.43 -61.35
N PHE G 420 36.02 -66.75 -61.20
CA PHE G 420 35.56 -67.45 -60.01
C PHE G 420 36.71 -67.84 -59.10
N GLY G 421 37.93 -67.40 -59.40
CA GLY G 421 39.08 -67.76 -58.60
C GLY G 421 39.80 -68.97 -59.17
N PHE G 422 40.56 -69.62 -58.29
CA PHE G 422 41.41 -70.73 -58.69
C PHE G 422 41.75 -71.56 -57.46
N GLY G 423 42.08 -72.84 -57.70
CA GLY G 423 42.51 -73.71 -56.64
C GLY G 423 41.35 -74.24 -55.80
N MET G 424 41.72 -74.89 -54.70
CA MET G 424 40.72 -75.41 -53.77
C MET G 424 39.83 -74.31 -53.22
N ARG G 425 40.27 -73.05 -53.28
CA ARG G 425 39.48 -71.93 -52.82
C ARG G 425 38.47 -71.43 -53.86
N GLN G 426 38.53 -71.95 -55.09
CA GLN G 426 37.67 -71.44 -56.14
C GLN G 426 36.22 -71.40 -55.67
N CYS G 427 35.45 -70.49 -56.28
CA CYS G 427 34.07 -70.23 -55.90
C CYS G 427 33.32 -71.51 -55.55
N LEU G 428 32.55 -71.45 -54.47
CA LEU G 428 31.75 -72.58 -54.03
C LEU G 428 30.40 -72.64 -54.75
N GLY G 429 29.90 -71.50 -55.24
CA GLY G 429 28.65 -71.47 -55.96
C GLY G 429 28.86 -71.28 -57.44
N ARG G 430 30.06 -71.64 -57.93
CA ARG G 430 30.37 -71.45 -59.34
C ARG G 430 29.31 -72.05 -60.24
N ARG G 431 28.98 -73.32 -60.03
CA ARG G 431 28.09 -74.02 -60.95
C ARG G 431 26.63 -73.69 -60.69
N LEU G 432 26.27 -73.32 -59.46
CA LEU G 432 24.92 -72.80 -59.23
C LEU G 432 24.71 -71.49 -59.99
N ALA G 433 25.70 -70.59 -59.93
CA ALA G 433 25.58 -69.32 -60.64
C ALA G 433 25.58 -69.52 -62.15
N GLU G 434 26.42 -70.43 -62.65
CA GLU G 434 26.44 -70.70 -64.09
C GLU G 434 25.10 -71.24 -64.55
N ALA G 435 24.46 -72.10 -63.75
CA ALA G 435 23.19 -72.68 -64.14
C ALA G 435 22.09 -71.63 -64.21
N GLU G 436 22.03 -70.75 -63.21
CA GLU G 436 21.02 -69.69 -63.22
C GLU G 436 21.22 -68.75 -64.40
N MET G 437 22.46 -68.36 -64.66
CA MET G 437 22.74 -67.46 -65.79
C MET G 437 22.43 -68.14 -67.11
N LEU G 438 22.92 -69.37 -67.29
CA LEU G 438 22.77 -70.05 -68.56
C LEU G 438 21.32 -70.39 -68.86
N LEU G 439 20.61 -70.92 -67.86
CA LEU G 439 19.23 -71.34 -68.08
C LEU G 439 18.33 -70.15 -68.37
N LEU G 440 18.49 -69.06 -67.62
CA LEU G 440 17.66 -67.87 -67.88
C LEU G 440 17.86 -67.37 -69.30
N LEU G 441 19.11 -67.33 -69.78
CA LEU G 441 19.39 -66.80 -71.11
C LEU G 441 18.95 -67.77 -72.20
N HIS G 442 19.02 -69.07 -71.95
CA HIS G 442 18.59 -70.04 -72.94
C HIS G 442 17.13 -69.81 -73.34
N HIS G 443 16.24 -69.71 -72.34
CA HIS G 443 14.82 -69.63 -72.60
C HIS G 443 14.38 -68.25 -73.08
N VAL G 444 15.13 -67.20 -72.76
CA VAL G 444 14.79 -65.87 -73.27
C VAL G 444 15.13 -65.75 -74.75
N LEU G 445 16.18 -66.45 -75.19
CA LEU G 445 16.60 -66.33 -76.59
C LEU G 445 15.65 -67.06 -77.53
N LYS G 446 15.10 -68.21 -77.10
CA LYS G 446 14.19 -68.97 -77.94
C LYS G 446 12.76 -68.43 -77.90
N HIS G 447 12.54 -67.24 -77.32
CA HIS G 447 11.21 -66.64 -77.26
C HIS G 447 11.18 -65.15 -77.53
N PHE G 448 12.26 -64.40 -77.29
CA PHE G 448 12.25 -62.96 -77.41
C PHE G 448 13.46 -62.46 -78.18
N LEU G 449 13.32 -61.23 -78.68
CA LEU G 449 14.43 -60.45 -79.21
C LEU G 449 14.72 -59.33 -78.23
N VAL G 450 15.94 -59.28 -77.72
CA VAL G 450 16.36 -58.22 -76.82
C VAL G 450 16.98 -57.12 -77.67
N GLU G 451 16.49 -55.89 -77.49
CA GLU G 451 16.88 -54.77 -78.32
C GLU G 451 17.04 -53.52 -77.46
N THR G 452 17.83 -52.57 -77.95
CA THR G 452 18.05 -51.33 -77.21
C THR G 452 18.60 -50.26 -78.14
N LEU G 453 18.28 -49.00 -77.82
CA LEU G 453 18.97 -47.86 -78.41
C LEU G 453 20.15 -47.42 -77.57
N THR G 454 20.10 -47.63 -76.26
CA THR G 454 21.23 -47.30 -75.39
C THR G 454 22.44 -48.12 -75.80
N GLN G 455 23.33 -47.53 -76.58
CA GLN G 455 24.51 -48.22 -77.07
C GLN G 455 25.80 -47.71 -76.46
N GLU G 456 25.78 -46.55 -75.83
CA GLU G 456 26.94 -46.08 -75.07
C GLU G 456 27.28 -47.07 -73.97
N ASP G 457 28.57 -47.16 -73.64
CA ASP G 457 29.01 -48.07 -72.59
C ASP G 457 28.36 -47.69 -71.26
N ILE G 458 28.14 -48.69 -70.43
CA ILE G 458 27.61 -48.47 -69.08
C ILE G 458 28.78 -48.31 -68.12
N LYS G 459 28.78 -47.23 -67.35
CA LYS G 459 29.85 -46.99 -66.40
C LYS G 459 29.73 -47.98 -65.25
N MET G 460 30.86 -48.59 -64.88
CA MET G 460 30.87 -49.54 -63.78
C MET G 460 31.26 -48.85 -62.49
N VAL G 461 30.75 -49.40 -61.38
CA VAL G 461 30.96 -48.83 -60.05
C VAL G 461 31.51 -49.93 -59.15
N TYR G 462 32.40 -49.54 -58.24
CA TYR G 462 32.94 -50.46 -57.23
C TYR G 462 32.26 -50.18 -55.90
N SER G 463 31.49 -51.15 -55.41
CA SER G 463 31.00 -51.15 -54.03
C SER G 463 31.24 -52.55 -53.46
N PHE G 464 32.52 -52.92 -53.37
CA PHE G 464 32.98 -54.24 -52.99
C PHE G 464 32.89 -55.21 -54.17
N ILE G 465 31.84 -55.09 -54.97
CA ILE G 465 31.71 -55.82 -56.22
C ILE G 465 31.60 -54.80 -57.34
N LEU G 466 32.08 -55.18 -58.52
CA LEU G 466 31.97 -54.32 -59.70
C LEU G 466 30.59 -54.50 -60.32
N ARG G 467 29.80 -53.45 -60.35
CA ARG G 467 28.43 -53.51 -60.80
C ARG G 467 28.11 -52.29 -61.66
N PRO G 468 27.12 -52.40 -62.54
CA PRO G 468 26.79 -51.25 -63.39
C PRO G 468 26.19 -50.12 -62.57
N GLY G 469 26.63 -48.90 -62.87
CA GLY G 469 26.07 -47.74 -62.21
C GLY G 469 24.70 -47.35 -62.72
N THR G 470 24.34 -47.81 -63.92
CA THR G 470 23.05 -47.54 -64.51
C THR G 470 22.47 -48.85 -65.05
N SER G 471 21.18 -48.82 -65.38
CA SER G 471 20.49 -49.98 -65.95
C SER G 471 19.79 -49.54 -67.23
N PRO G 472 20.05 -50.19 -68.37
CA PRO G 472 19.51 -49.69 -69.65
C PRO G 472 18.08 -50.16 -69.88
N LEU G 473 17.44 -49.52 -70.87
CA LEU G 473 16.07 -49.83 -71.24
C LEU G 473 16.09 -50.93 -72.30
N LEU G 474 15.63 -52.12 -71.93
CA LEU G 474 15.67 -53.29 -72.79
C LEU G 474 14.26 -53.58 -73.30
N THR G 475 14.12 -53.68 -74.63
CA THR G 475 12.91 -54.16 -75.24
C THR G 475 12.97 -55.68 -75.38
N PHE G 476 11.81 -56.32 -75.24
CA PHE G 476 11.69 -57.77 -75.39
C PHE G 476 10.58 -58.06 -76.39
N ARG G 477 10.95 -58.19 -77.66
CA ARG G 477 10.02 -58.45 -78.75
C ARG G 477 9.86 -59.95 -78.90
N ALA G 478 8.62 -60.43 -78.81
CA ALA G 478 8.35 -61.86 -78.80
C ALA G 478 8.32 -62.44 -80.21
N ILE G 479 8.54 -63.75 -80.29
CA ILE G 479 8.51 -64.46 -81.56
C ILE G 479 7.23 -65.29 -81.68
N THR H 11 9.80 47.93 -34.81
CA THR H 11 9.20 46.61 -34.83
C THR H 11 7.84 46.65 -34.13
N VAL H 12 6.77 46.72 -34.92
CA VAL H 12 5.40 46.81 -34.43
C VAL H 12 4.74 45.45 -34.60
N LEU H 13 3.82 45.14 -33.68
CA LEU H 13 3.04 43.92 -33.73
C LEU H 13 1.55 44.26 -33.84
N PRO H 14 0.73 43.33 -34.33
CA PRO H 14 -0.71 43.61 -34.40
C PRO H 14 -1.33 43.73 -33.03
N PHE H 15 -2.29 44.65 -32.89
CA PHE H 15 -2.99 44.81 -31.62
C PHE H 15 -3.58 43.48 -31.15
N GLU H 16 -4.09 42.68 -32.08
CA GLU H 16 -4.74 41.43 -31.73
C GLU H 16 -3.79 40.38 -31.18
N ALA H 17 -2.47 40.62 -31.25
CA ALA H 17 -1.48 39.69 -30.72
C ALA H 17 -1.06 40.05 -29.30
N MET H 18 -1.91 40.69 -28.57
CA MET H 18 -1.61 41.08 -27.21
C MET H 18 -2.00 39.97 -26.23
N PRO H 19 -1.28 39.83 -25.12
CA PRO H 19 -1.76 38.94 -24.06
C PRO H 19 -3.11 39.42 -23.53
N GLN H 20 -4.03 38.48 -23.36
CA GLN H 20 -5.41 38.79 -22.99
C GLN H 20 -5.67 38.38 -21.55
N HIS H 21 -6.39 39.24 -20.82
CA HIS H 21 -6.79 38.92 -19.46
C HIS H 21 -7.83 37.81 -19.49
N PRO H 22 -7.62 36.69 -18.79
CA PRO H 22 -8.55 35.56 -18.92
C PRO H 22 -9.96 35.86 -18.44
N GLY H 23 -10.18 37.00 -17.80
CA GLY H 23 -11.47 37.25 -17.18
C GLY H 23 -12.55 37.58 -18.19
N ASN H 24 -13.76 37.12 -17.89
CA ASN H 24 -14.94 37.40 -18.70
C ASN H 24 -15.63 38.64 -18.12
N ARG H 25 -15.72 39.69 -18.94
CA ARG H 25 -16.31 40.95 -18.49
C ARG H 25 -17.59 40.75 -17.70
N TRP H 26 -18.55 40.00 -18.26
CA TRP H 26 -19.87 39.90 -17.64
C TRP H 26 -19.79 39.25 -16.26
N LEU H 27 -19.02 38.17 -16.12
CA LEU H 27 -18.92 37.50 -14.83
C LEU H 27 -18.25 38.36 -13.77
N ARG H 28 -17.48 39.37 -14.18
CA ARG H 28 -16.93 40.31 -13.22
C ARG H 28 -17.89 41.44 -12.90
N LEU H 29 -18.84 41.74 -13.80
CA LEU H 29 -19.92 42.66 -13.44
C LEU H 29 -20.87 42.02 -12.45
N LEU H 30 -21.15 40.73 -12.63
CA LEU H 30 -21.96 40.00 -11.65
C LEU H 30 -21.17 39.77 -10.37
N GLN H 31 -19.87 39.51 -10.48
CA GLN H 31 -19.03 39.43 -9.29
C GLN H 31 -19.11 40.71 -8.48
N ILE H 32 -19.31 41.86 -9.14
CA ILE H 32 -19.45 43.11 -8.42
C ILE H 32 -20.85 43.27 -7.85
N TRP H 33 -21.88 42.88 -8.62
CA TRP H 33 -23.24 42.93 -8.11
C TRP H 33 -23.37 42.11 -6.84
N ARG H 34 -22.69 40.96 -6.79
CA ARG H 34 -22.77 40.09 -5.63
C ARG H 34 -21.97 40.65 -4.46
N GLU H 35 -20.69 40.92 -4.68
CA GLU H 35 -19.79 41.37 -3.63
C GLU H 35 -19.99 42.85 -3.26
N GLN H 36 -20.80 43.58 -4.02
CA GLN H 36 -21.01 45.00 -3.78
C GLN H 36 -19.67 45.76 -3.80
N GLY H 37 -18.72 45.28 -4.57
CA GLY H 37 -17.43 45.95 -4.68
C GLY H 37 -16.42 45.13 -5.43
N TYR H 38 -15.21 45.67 -5.48
CA TYR H 38 -14.08 45.06 -6.18
C TYR H 38 -12.81 45.28 -5.36
N GLU H 39 -12.89 44.96 -4.07
CA GLU H 39 -11.82 45.36 -3.14
C GLU H 39 -10.47 44.80 -3.56
N HIS H 40 -10.44 43.58 -4.10
CA HIS H 40 -9.19 42.92 -4.47
C HIS H 40 -8.75 43.26 -5.89
N LEU H 41 -9.16 44.41 -6.43
CA LEU H 41 -8.82 44.74 -7.82
C LEU H 41 -7.32 44.90 -8.01
N HIS H 42 -6.66 45.60 -7.09
CA HIS H 42 -5.22 45.83 -7.24
C HIS H 42 -4.45 44.52 -7.28
N LEU H 43 -4.87 43.52 -6.51
CA LEU H 43 -4.16 42.25 -6.48
C LEU H 43 -4.40 41.46 -7.76
N GLU H 44 -5.66 41.38 -8.20
CA GLU H 44 -5.97 40.63 -9.41
C GLU H 44 -5.21 41.16 -10.61
N MET H 45 -4.94 42.48 -10.65
CA MET H 45 -4.17 43.04 -11.74
C MET H 45 -2.68 42.82 -11.55
N HIS H 46 -2.19 42.99 -10.31
CA HIS H 46 -0.78 42.70 -10.05
C HIS H 46 -0.44 41.28 -10.46
N GLN H 47 -1.31 40.32 -10.14
CA GLN H 47 -1.11 38.95 -10.58
C GLN H 47 -1.07 38.89 -12.11
N THR H 48 -2.12 39.41 -12.76
CA THR H 48 -2.19 39.35 -14.22
C THR H 48 -0.92 39.92 -14.87
N PHE H 49 -0.34 40.95 -14.27
CA PHE H 49 0.91 41.47 -14.82
C PHE H 49 2.05 40.47 -14.64
N GLN H 50 2.06 39.77 -13.51
CA GLN H 50 3.08 38.76 -13.26
C GLN H 50 2.89 37.54 -14.14
N GLU H 51 1.72 37.36 -14.74
CA GLU H 51 1.45 36.23 -15.62
C GLU H 51 1.67 36.55 -17.09
N LEU H 52 1.24 37.73 -17.55
CA LEU H 52 1.20 38.05 -18.97
C LEU H 52 2.21 39.10 -19.39
N GLY H 53 3.00 39.63 -18.46
CA GLY H 53 4.01 40.61 -18.78
C GLY H 53 3.60 42.02 -18.39
N PRO H 54 4.31 43.02 -18.93
CA PRO H 54 4.01 44.42 -18.62
C PRO H 54 2.92 45.05 -19.48
N ILE H 55 2.13 44.27 -20.20
CA ILE H 55 1.08 44.80 -21.06
C ILE H 55 0.12 43.66 -21.37
N PHE H 56 -1.18 43.96 -21.37
CA PHE H 56 -2.18 42.97 -21.74
C PHE H 56 -3.50 43.66 -22.06
N ARG H 57 -4.40 42.87 -22.68
CA ARG H 57 -5.64 43.33 -23.26
C ARG H 57 -6.82 43.02 -22.35
N TYR H 58 -7.80 43.92 -22.31
CA TYR H 58 -9.07 43.67 -21.64
C TYR H 58 -10.19 43.84 -22.67
N ASN H 59 -10.98 42.78 -22.87
CA ASN H 59 -11.99 42.79 -23.91
C ASN H 59 -13.26 43.48 -23.44
N LEU H 60 -13.86 44.26 -24.33
CA LEU H 60 -15.10 44.97 -24.06
C LEU H 60 -16.16 44.60 -25.10
N PRO H 63 -15.10 48.00 -27.55
CA PRO H 63 -13.95 48.91 -27.47
C PRO H 63 -12.62 48.18 -27.28
N ARG H 64 -11.58 48.94 -26.97
CA ARG H 64 -10.24 48.41 -26.79
C ARG H 64 -9.62 49.03 -25.53
N MET H 65 -8.94 48.21 -24.74
CA MET H 65 -8.34 48.68 -23.50
C MET H 65 -7.02 47.94 -23.27
N VAL H 66 -6.00 48.69 -22.83
CA VAL H 66 -4.67 48.17 -22.59
C VAL H 66 -4.22 48.56 -21.19
N CYS H 67 -3.64 47.60 -20.46
CA CYS H 67 -3.08 47.82 -19.13
C CYS H 67 -1.57 47.73 -19.20
N VAL H 68 -0.89 48.73 -18.63
CA VAL H 68 0.58 48.80 -18.64
C VAL H 68 1.07 49.06 -17.22
N MET H 69 2.39 49.04 -17.05
CA MET H 69 2.98 49.18 -15.72
C MET H 69 4.42 49.70 -15.75
N LEU H 70 4.90 50.17 -16.91
CA LEU H 70 6.27 50.65 -17.01
C LEU H 70 6.32 52.15 -17.29
N PRO H 71 7.23 52.89 -16.64
CA PRO H 71 7.39 54.31 -16.99
C PRO H 71 7.68 54.53 -18.46
N GLU H 72 8.37 53.57 -19.09
CA GLU H 72 8.55 53.50 -20.54
C GLU H 72 7.30 53.97 -21.27
N ASP H 73 6.14 53.51 -20.80
CA ASP H 73 4.87 53.76 -21.48
C ASP H 73 4.24 55.09 -21.06
N VAL H 74 4.35 55.46 -19.78
CA VAL H 74 3.80 56.74 -19.35
C VAL H 74 4.41 57.88 -20.17
N GLU H 75 5.69 57.73 -20.55
CA GLU H 75 6.32 58.74 -21.39
C GLU H 75 5.69 58.77 -22.77
N LYS H 76 5.53 57.62 -23.40
CA LYS H 76 4.86 57.58 -24.70
C LYS H 76 3.44 58.10 -24.60
N LEU H 77 2.79 57.91 -23.45
CA LEU H 77 1.40 58.35 -23.29
C LEU H 77 1.31 59.86 -23.16
N GLN H 78 2.29 60.49 -22.51
CA GLN H 78 2.32 61.95 -22.49
C GLN H 78 2.66 62.51 -23.87
N GLN H 79 3.51 61.82 -24.62
CA GLN H 79 3.85 62.27 -25.97
C GLN H 79 2.59 62.37 -26.83
N VAL H 80 1.64 61.46 -26.64
CA VAL H 80 0.41 61.47 -27.44
C VAL H 80 -0.64 62.43 -26.90
N ASP H 81 -0.48 62.90 -25.66
CA ASP H 81 -1.43 63.85 -25.10
C ASP H 81 -1.68 64.99 -26.08
N SER H 82 -2.93 65.16 -26.49
CA SER H 82 -3.28 66.22 -27.42
C SER H 82 -3.29 67.56 -26.68
N LEU H 83 -3.79 68.61 -27.34
CA LEU H 83 -3.97 69.87 -26.65
C LEU H 83 -4.96 69.71 -25.52
N HIS H 84 -6.03 68.96 -25.77
CA HIS H 84 -7.01 68.60 -24.75
C HIS H 84 -6.92 67.11 -24.49
N PRO H 85 -6.20 66.66 -23.47
CA PRO H 85 -6.21 65.23 -23.12
C PRO H 85 -7.60 64.73 -22.77
N CYS H 86 -7.71 63.42 -22.57
CA CYS H 86 -9.03 62.80 -22.42
C CYS H 86 -8.94 61.62 -21.46
N ARG H 87 -9.62 61.73 -20.33
CA ARG H 87 -9.91 60.59 -19.47
C ARG H 87 -11.34 60.11 -19.73
N MET H 88 -11.61 58.86 -19.34
CA MET H 88 -12.94 58.31 -19.55
C MET H 88 -13.96 59.06 -18.70
N ILE H 89 -15.13 59.31 -19.31
CA ILE H 89 -16.24 59.90 -18.57
C ILE H 89 -16.64 58.96 -17.44
N LEU H 90 -16.76 59.51 -16.24
CA LEU H 90 -17.19 58.77 -15.05
C LEU H 90 -18.69 59.02 -14.90
N GLU H 91 -19.49 58.15 -15.53
CA GLU H 91 -20.92 58.40 -15.63
C GLU H 91 -21.60 58.61 -14.28
N PRO H 92 -21.38 57.76 -13.27
CA PRO H 92 -22.08 57.97 -11.99
C PRO H 92 -21.93 59.38 -11.44
N TRP H 93 -20.74 59.98 -11.56
CA TRP H 93 -20.55 61.35 -11.08
C TRP H 93 -21.20 62.35 -12.02
N VAL H 94 -21.02 62.18 -13.34
CA VAL H 94 -21.58 63.11 -14.30
C VAL H 94 -23.11 63.04 -14.26
N ALA H 95 -23.66 61.85 -14.04
CA ALA H 95 -25.11 61.71 -13.95
C ALA H 95 -25.68 62.65 -12.91
N TYR H 96 -25.03 62.73 -11.74
CA TYR H 96 -25.52 63.62 -10.70
C TYR H 96 -25.42 65.09 -11.12
N ARG H 97 -24.30 65.47 -11.75
CA ARG H 97 -24.11 66.87 -12.10
C ARG H 97 -25.25 67.37 -13.00
N GLN H 98 -25.68 66.55 -13.97
CA GLN H 98 -26.74 66.96 -14.88
C GLN H 98 -28.13 66.67 -14.33
N HIS H 99 -28.27 65.74 -13.39
CA HIS H 99 -29.56 65.53 -12.74
C HIS H 99 -29.98 66.78 -11.96
N ARG H 100 -29.03 67.42 -11.28
CA ARG H 100 -29.28 68.64 -10.53
C ARG H 100 -29.00 69.91 -11.33
N GLY H 101 -28.58 69.78 -12.59
CA GLY H 101 -28.31 70.93 -13.42
C GLY H 101 -27.09 71.73 -12.99
N HIS H 102 -26.00 71.03 -12.70
CA HIS H 102 -24.74 71.66 -12.31
C HIS H 102 -23.70 71.46 -13.40
N LYS H 103 -22.71 72.33 -13.41
CA LYS H 103 -21.59 72.18 -14.33
C LYS H 103 -20.56 71.22 -13.75
N CYS H 104 -19.85 70.54 -14.64
CA CYS H 104 -18.81 69.61 -14.24
C CYS H 104 -17.50 70.36 -14.09
N GLY H 105 -16.72 69.97 -13.08
CA GLY H 105 -15.41 70.57 -12.84
C GLY H 105 -14.33 69.93 -13.69
N VAL H 106 -13.11 70.39 -13.46
CA VAL H 106 -11.97 69.91 -14.25
C VAL H 106 -11.87 68.39 -14.19
N PHE H 107 -12.09 67.80 -13.01
CA PHE H 107 -11.93 66.36 -12.87
C PHE H 107 -12.89 65.58 -13.75
N LEU H 108 -14.00 66.18 -14.15
CA LEU H 108 -15.00 65.50 -14.95
C LEU H 108 -15.19 66.09 -16.33
N LEU H 109 -14.37 67.06 -16.73
CA LEU H 109 -14.51 67.71 -18.02
C LEU H 109 -13.52 67.13 -19.02
N ASN H 110 -13.85 67.29 -20.31
CA ASN H 110 -13.01 66.84 -21.40
C ASN H 110 -13.09 67.84 -22.54
N GLY H 111 -12.05 67.83 -23.39
CA GLY H 111 -12.05 68.64 -24.57
C GLY H 111 -11.84 70.12 -24.27
N PRO H 112 -12.40 70.99 -25.11
CA PRO H 112 -12.12 72.43 -24.95
C PRO H 112 -12.61 72.99 -23.63
N GLU H 113 -13.79 72.57 -23.16
CA GLU H 113 -14.30 73.08 -21.89
C GLU H 113 -13.34 72.78 -20.75
N TRP H 114 -12.67 71.62 -20.79
CA TRP H 114 -11.68 71.32 -19.76
C TRP H 114 -10.53 72.32 -19.81
N ARG H 115 -9.94 72.50 -20.98
CA ARG H 115 -8.78 73.39 -21.10
C ARG H 115 -9.11 74.79 -20.61
N PHE H 116 -10.33 75.26 -20.86
CA PHE H 116 -10.72 76.60 -20.42
C PHE H 116 -10.68 76.71 -18.90
N ASN H 117 -11.27 75.74 -18.20
CA ASN H 117 -11.26 75.75 -16.74
C ASN H 117 -9.84 75.57 -16.21
N ARG H 118 -9.12 74.58 -16.73
CA ARG H 118 -7.83 74.21 -16.17
C ARG H 118 -6.85 75.37 -16.20
N LEU H 119 -6.89 76.18 -17.25
CA LEU H 119 -5.95 77.29 -17.38
C LEU H 119 -6.29 78.46 -16.46
N ARG H 120 -7.55 78.59 -16.07
CA ARG H 120 -7.96 79.62 -15.11
C ARG H 120 -7.85 79.15 -13.66
N LEU H 121 -7.45 77.90 -13.43
CA LEU H 121 -7.27 77.35 -12.09
C LEU H 121 -5.82 77.19 -11.70
N ASN H 122 -4.95 76.85 -12.65
CA ASN H 122 -3.53 76.68 -12.34
C ASN H 122 -2.92 77.85 -11.59
N PRO H 123 -3.14 79.10 -11.97
CA PRO H 123 -2.43 80.20 -11.30
C PRO H 123 -2.64 80.26 -9.80
N ASP H 124 -3.86 80.00 -9.32
CA ASP H 124 -4.19 80.22 -7.92
C ASP H 124 -4.21 78.95 -7.08
N VAL H 125 -4.06 77.78 -7.69
CA VAL H 125 -4.16 76.51 -7.00
C VAL H 125 -2.82 75.78 -6.97
N LEU H 126 -2.05 75.87 -8.06
CA LEU H 126 -0.91 74.99 -8.30
C LEU H 126 0.41 75.72 -8.50
N SER H 127 0.39 76.97 -8.96
CA SER H 127 1.63 77.67 -9.28
C SER H 127 2.47 77.89 -8.02
N PRO H 128 3.80 77.93 -8.16
CA PRO H 128 4.64 78.17 -6.96
C PRO H 128 4.35 79.49 -6.28
N LYS H 129 3.71 80.44 -6.96
CA LYS H 129 3.35 81.69 -6.33
C LYS H 129 2.15 81.52 -5.40
N ALA H 130 1.18 80.70 -5.83
CA ALA H 130 0.04 80.43 -4.96
C ALA H 130 0.45 79.60 -3.75
N VAL H 131 1.33 78.61 -3.97
CA VAL H 131 1.78 77.79 -2.84
C VAL H 131 2.44 78.66 -1.79
N GLN H 132 3.19 79.68 -2.21
CA GLN H 132 3.82 80.58 -1.26
C GLN H 132 2.80 81.29 -0.38
N ARG H 133 1.57 81.41 -0.84
CA ARG H 133 0.56 82.17 -0.10
C ARG H 133 -0.19 81.29 0.89
N PHE H 134 -0.65 80.11 0.48
CA PHE H 134 -1.46 79.29 1.37
C PHE H 134 -0.64 78.30 2.20
N LEU H 135 0.65 78.16 1.92
CA LEU H 135 1.48 77.22 2.66
C LEU H 135 1.65 77.68 4.11
N PRO H 136 1.87 78.98 4.37
CA PRO H 136 1.92 79.41 5.78
C PRO H 136 0.64 79.11 6.54
N MET H 137 -0.51 79.19 5.86
CA MET H 137 -1.78 78.89 6.50
C MET H 137 -1.88 77.41 6.86
N VAL H 138 -1.35 76.54 5.99
CA VAL H 138 -1.31 75.12 6.31
C VAL H 138 -0.40 74.86 7.50
N ASP H 139 0.72 75.61 7.58
CA ASP H 139 1.65 75.43 8.69
C ASP H 139 0.94 75.62 10.03
N ALA H 140 0.11 76.67 10.14
CA ALA H 140 -0.64 76.88 11.37
C ALA H 140 -1.40 75.63 11.76
N VAL H 141 -2.22 75.10 10.84
CA VAL H 141 -3.02 73.93 11.15
C VAL H 141 -2.12 72.75 11.53
N ALA H 142 -0.95 72.64 10.90
CA ALA H 142 -0.04 71.55 11.22
C ALA H 142 0.63 71.76 12.58
N ARG H 143 0.88 73.01 12.96
CA ARG H 143 1.43 73.29 14.27
C ARG H 143 0.40 73.06 15.37
N ASP H 144 -0.84 73.51 15.13
CA ASP H 144 -1.91 73.27 16.10
C ASP H 144 -2.15 71.79 16.33
N PHE H 145 -1.93 70.97 15.29
CA PHE H 145 -2.12 69.53 15.45
C PHE H 145 -1.14 68.97 16.47
N SER H 146 0.13 69.36 16.38
CA SER H 146 1.15 68.82 17.28
C SER H 146 1.03 69.42 18.68
N GLN H 147 0.71 70.72 18.78
CA GLN H 147 0.48 71.33 20.08
C GLN H 147 -0.63 70.58 20.82
N ALA H 148 -1.75 70.34 20.14
CA ALA H 148 -2.87 69.64 20.76
C ALA H 148 -2.46 68.24 21.19
N LEU H 149 -1.82 67.50 20.29
CA LEU H 149 -1.41 66.14 20.62
C LEU H 149 -0.44 66.12 21.79
N LYS H 150 0.45 67.11 21.87
CA LYS H 150 1.44 67.14 22.94
C LYS H 150 0.79 67.43 24.28
N LYS H 151 -0.22 68.30 24.30
CA LYS H 151 -0.95 68.55 25.55
C LYS H 151 -1.58 67.26 26.08
N LYS H 152 -2.19 66.47 25.20
CA LYS H 152 -2.80 65.21 25.64
C LYS H 152 -1.74 64.19 26.01
N VAL H 153 -0.59 64.22 25.34
CA VAL H 153 0.44 63.24 25.60
C VAL H 153 1.06 63.46 26.98
N LEU H 154 1.42 64.71 27.29
CA LEU H 154 2.07 65.01 28.55
C LEU H 154 1.12 64.94 29.73
N GLN H 155 -0.13 64.54 29.53
CA GLN H 155 -1.05 64.27 30.62
C GLN H 155 -0.96 62.84 31.12
N ASN H 156 -0.27 61.96 30.40
CA ASN H 156 -0.14 60.57 30.79
C ASN H 156 1.20 60.34 31.49
N ALA H 157 1.22 59.36 32.39
CA ALA H 157 2.41 59.11 33.20
C ALA H 157 3.63 58.86 32.34
N ARG H 158 3.49 58.00 31.34
CA ARG H 158 4.58 57.69 30.43
C ARG H 158 4.69 58.69 29.28
N GLY H 159 4.25 59.93 29.50
CA GLY H 159 4.31 60.99 28.50
C GLY H 159 4.17 60.48 27.08
N SER H 160 3.10 59.74 26.80
CA SER H 160 2.89 59.17 25.48
C SER H 160 1.43 58.79 25.35
N LEU H 161 0.95 58.77 24.10
CA LEU H 161 -0.45 58.48 23.81
C LEU H 161 -0.51 57.45 22.69
N THR H 162 -1.17 56.33 22.96
CA THR H 162 -1.37 55.29 21.97
C THR H 162 -2.81 55.37 21.46
N LEU H 163 -2.98 55.37 20.14
CA LEU H 163 -4.30 55.60 19.57
C LEU H 163 -4.32 55.18 18.11
N ASP H 164 -5.53 55.19 17.55
CA ASP H 164 -5.75 55.18 16.11
C ASP H 164 -5.85 56.62 15.64
N VAL H 165 -4.90 57.06 14.82
CA VAL H 165 -4.86 58.46 14.41
C VAL H 165 -5.73 58.77 13.20
N GLN H 166 -6.30 57.76 12.54
CA GLN H 166 -7.06 58.01 11.33
C GLN H 166 -8.14 59.07 11.52
N PRO H 167 -8.89 59.09 12.62
CA PRO H 167 -9.87 60.18 12.80
C PRO H 167 -9.23 61.55 12.94
N SER H 168 -8.21 61.68 13.79
CA SER H 168 -7.54 62.97 13.97
C SER H 168 -6.89 63.43 12.67
N ILE H 169 -6.31 62.51 11.91
CA ILE H 169 -5.67 62.86 10.64
C ILE H 169 -6.71 63.35 9.65
N PHE H 170 -7.82 62.62 9.51
CA PHE H 170 -8.83 63.00 8.53
C PHE H 170 -9.39 64.39 8.81
N HIS H 171 -9.49 64.79 10.08
CA HIS H 171 -9.98 66.12 10.40
C HIS H 171 -8.89 67.18 10.26
N TYR H 172 -7.62 66.78 10.25
CA TYR H 172 -6.55 67.72 9.93
C TYR H 172 -6.60 68.14 8.46
N THR H 173 -6.86 67.18 7.58
CA THR H 173 -6.92 67.51 6.15
C THR H 173 -8.16 68.34 5.84
N ILE H 174 -9.28 68.06 6.52
CA ILE H 174 -10.46 68.92 6.37
C ILE H 174 -10.11 70.34 6.79
N GLU H 175 -9.46 70.48 7.95
CA GLU H 175 -9.04 71.79 8.43
C GLU H 175 -8.11 72.47 7.44
N ALA H 176 -6.95 71.84 7.18
CA ALA H 176 -5.95 72.45 6.31
C ALA H 176 -6.53 72.74 4.94
N SER H 177 -7.39 71.86 4.42
CA SER H 177 -7.97 72.08 3.10
C SER H 177 -8.95 73.24 3.12
N ASN H 178 -9.82 73.29 4.14
CA ASN H 178 -10.80 74.36 4.21
C ASN H 178 -10.13 75.72 4.40
N LEU H 179 -9.07 75.75 5.21
CA LEU H 179 -8.35 77.00 5.45
C LEU H 179 -7.68 77.50 4.18
N ALA H 180 -7.12 76.59 3.38
CA ALA H 180 -6.41 76.99 2.18
C ALA H 180 -7.36 77.33 1.03
N LEU H 181 -8.55 76.71 1.01
CA LEU H 181 -9.49 76.95 -0.08
C LEU H 181 -10.34 78.19 0.17
N PHE H 182 -10.89 78.31 1.37
CA PHE H 182 -11.85 79.36 1.68
C PHE H 182 -11.36 80.37 2.72
N GLY H 183 -10.28 80.08 3.43
CA GLY H 183 -9.81 80.98 4.47
C GLY H 183 -10.58 80.89 5.76
N GLU H 184 -11.45 79.89 5.90
CA GLU H 184 -12.21 79.68 7.13
C GLU H 184 -11.52 78.62 7.97
N ARG H 185 -11.59 78.80 9.28
CA ARG H 185 -10.95 77.91 10.25
C ARG H 185 -12.02 77.21 11.06
N LEU H 186 -12.17 75.90 10.85
CA LEU H 186 -13.18 75.10 11.53
C LEU H 186 -12.56 74.41 12.74
N GLY H 187 -13.24 74.46 13.88
CA GLY H 187 -12.65 73.93 15.09
C GLY H 187 -12.57 72.42 15.13
N LEU H 188 -11.85 71.81 14.18
CA LEU H 188 -11.78 70.36 14.08
C LEU H 188 -10.45 69.77 14.54
N VAL H 189 -9.41 70.59 14.70
CA VAL H 189 -8.12 70.14 15.19
C VAL H 189 -7.97 70.56 16.64
N GLY H 190 -7.69 69.61 17.52
CA GLY H 190 -7.65 69.86 18.94
C GLY H 190 -8.98 69.80 19.63
N HIS H 191 -10.08 69.57 18.90
CA HIS H 191 -11.41 69.50 19.47
C HIS H 191 -12.16 68.34 18.81
N SER H 192 -13.28 67.96 19.43
CA SER H 192 -14.02 66.82 18.95
C SER H 192 -14.63 67.10 17.57
N PRO H 193 -14.78 66.06 16.73
CA PRO H 193 -15.38 66.27 15.42
C PRO H 193 -16.80 66.81 15.53
N SER H 194 -17.17 67.63 14.57
CA SER H 194 -18.53 68.15 14.47
C SER H 194 -19.39 67.19 13.65
N SER H 195 -20.71 67.29 13.86
CA SER H 195 -21.62 66.46 13.08
C SER H 195 -21.51 66.78 11.59
N ALA H 196 -21.17 68.02 11.25
CA ALA H 196 -21.06 68.39 9.84
C ALA H 196 -19.87 67.74 9.16
N SER H 197 -18.81 67.43 9.91
CA SER H 197 -17.65 66.79 9.34
C SER H 197 -17.77 65.27 9.33
N LEU H 198 -18.42 64.69 10.34
CA LEU H 198 -18.59 63.24 10.35
C LEU H 198 -19.55 62.80 9.27
N ASN H 199 -20.61 63.57 9.03
CA ASN H 199 -21.52 63.24 7.94
C ASN H 199 -20.85 63.43 6.59
N PHE H 200 -20.04 64.48 6.46
CA PHE H 200 -19.31 64.71 5.21
C PHE H 200 -18.37 63.54 4.93
N LEU H 201 -17.63 63.09 5.94
CA LEU H 201 -16.72 61.97 5.75
C LEU H 201 -17.49 60.70 5.38
N HIS H 202 -18.63 60.46 6.03
CA HIS H 202 -19.42 59.28 5.72
C HIS H 202 -19.99 59.36 4.31
N ALA H 203 -20.35 60.56 3.86
CA ALA H 203 -20.85 60.73 2.50
C ALA H 203 -19.76 60.41 1.48
N LEU H 204 -18.53 60.85 1.75
CA LEU H 204 -17.42 60.49 0.85
C LEU H 204 -17.21 58.98 0.82
N GLU H 205 -17.29 58.33 2.00
CA GLU H 205 -17.14 56.89 2.06
C GLU H 205 -18.18 56.19 1.18
N VAL H 206 -19.46 56.54 1.36
CA VAL H 206 -20.52 55.91 0.60
C VAL H 206 -20.38 56.22 -0.89
N MET H 207 -20.07 57.48 -1.21
CA MET H 207 -19.92 57.87 -2.61
C MET H 207 -18.85 57.03 -3.31
N PHE H 208 -17.71 56.82 -2.65
CA PHE H 208 -16.66 55.97 -3.22
C PHE H 208 -17.17 54.54 -3.41
N LYS H 209 -17.76 53.96 -2.36
CA LYS H 209 -18.26 52.59 -2.44
C LYS H 209 -19.24 52.44 -3.60
N SER H 210 -20.27 53.29 -3.64
CA SER H 210 -21.29 53.17 -4.67
C SER H 210 -20.72 53.39 -6.06
N THR H 211 -19.65 54.19 -6.18
CA THR H 211 -19.05 54.42 -7.48
C THR H 211 -18.57 53.11 -8.11
N VAL H 212 -17.83 52.31 -7.35
CA VAL H 212 -17.37 51.02 -7.85
C VAL H 212 -18.56 50.18 -8.30
N GLN H 213 -19.66 50.23 -7.54
CA GLN H 213 -20.82 49.39 -7.85
C GLN H 213 -21.51 49.80 -9.14
N LEU H 214 -21.30 51.02 -9.63
CA LEU H 214 -21.98 51.51 -10.82
C LEU H 214 -21.07 51.77 -12.01
N MET H 215 -19.76 51.93 -11.79
CA MET H 215 -18.86 52.35 -12.86
C MET H 215 -18.46 51.22 -13.78
N PHE H 216 -18.79 49.97 -13.47
CA PHE H 216 -18.34 48.82 -14.25
C PHE H 216 -19.47 48.21 -15.09
N MET H 217 -20.63 48.86 -15.16
CA MET H 217 -21.70 48.40 -16.04
C MET H 217 -22.43 49.63 -16.56
N PRO H 218 -22.86 49.63 -17.82
CA PRO H 218 -23.48 50.83 -18.38
C PRO H 218 -24.75 51.19 -17.60
N ARG H 219 -25.16 52.45 -17.75
CA ARG H 219 -26.36 52.88 -17.05
C ARG H 219 -27.59 52.13 -17.51
N SER H 220 -27.58 51.59 -18.74
CA SER H 220 -28.73 50.84 -19.22
C SER H 220 -29.00 49.61 -18.36
N LEU H 221 -27.97 49.02 -17.78
CA LEU H 221 -28.13 47.85 -16.93
C LEU H 221 -28.32 48.25 -15.46
N SER H 222 -27.38 49.03 -14.91
CA SER H 222 -27.46 49.42 -13.51
C SER H 222 -28.78 50.12 -13.18
N ARG H 223 -29.47 50.66 -14.18
CA ARG H 223 -30.71 51.37 -13.93
C ARG H 223 -31.72 50.50 -13.19
N TRP H 224 -31.85 49.24 -13.60
CA TRP H 224 -32.87 48.35 -13.05
C TRP H 224 -32.32 47.17 -12.28
N ILE H 225 -31.05 46.78 -12.49
CA ILE H 225 -30.48 45.70 -11.69
C ILE H 225 -30.04 46.22 -10.32
N SER H 226 -29.62 47.48 -10.24
CA SER H 226 -29.16 48.08 -8.98
C SER H 226 -29.65 49.52 -8.89
N PRO H 227 -30.96 49.72 -8.87
CA PRO H 227 -31.49 51.08 -8.67
C PRO H 227 -31.36 51.57 -7.24
N LYS H 228 -31.26 50.66 -6.27
CA LYS H 228 -31.08 51.05 -4.89
C LYS H 228 -29.72 51.70 -4.67
N VAL H 229 -28.74 51.40 -5.53
CA VAL H 229 -27.41 51.98 -5.40
C VAL H 229 -27.37 53.37 -6.02
N TRP H 230 -28.02 53.57 -7.16
CA TRP H 230 -28.13 54.91 -7.72
C TRP H 230 -28.74 55.88 -6.71
N LYS H 231 -29.75 55.42 -5.97
CA LYS H 231 -30.32 56.27 -4.92
C LYS H 231 -29.32 56.46 -3.79
N GLU H 232 -28.64 55.39 -3.40
CA GLU H 232 -27.59 55.50 -2.38
C GLU H 232 -26.48 56.44 -2.84
N HIS H 233 -26.15 56.41 -4.13
CA HIS H 233 -25.10 57.25 -4.68
C HIS H 233 -25.51 58.72 -4.64
N PHE H 234 -26.61 59.07 -5.30
CA PHE H 234 -27.03 60.46 -5.37
C PHE H 234 -27.23 61.08 -3.99
N GLU H 235 -27.71 60.28 -3.03
CA GLU H 235 -27.87 60.82 -1.68
C GLU H 235 -26.53 61.19 -1.07
N ALA H 236 -25.48 60.43 -1.37
CA ALA H 236 -24.15 60.79 -0.88
C ALA H 236 -23.67 62.09 -1.50
N TRP H 237 -23.90 62.28 -2.80
CA TRP H 237 -23.52 63.53 -3.45
C TRP H 237 -24.31 64.70 -2.88
N ASP H 238 -25.61 64.48 -2.61
CA ASP H 238 -26.42 65.54 -2.01
C ASP H 238 -25.82 66.01 -0.68
N CYS H 239 -25.34 65.07 0.13
CA CYS H 239 -24.71 65.43 1.39
C CYS H 239 -23.34 66.07 1.16
N ILE H 240 -22.69 65.74 0.05
CA ILE H 240 -21.39 66.34 -0.25
C ILE H 240 -21.57 67.74 -0.80
N PHE H 241 -22.42 67.89 -1.84
CA PHE H 241 -22.69 69.22 -2.37
C PHE H 241 -23.23 70.15 -1.30
N GLN H 242 -23.93 69.60 -0.30
CA GLN H 242 -24.42 70.42 0.81
C GLN H 242 -23.25 71.02 1.59
N TYR H 243 -22.29 70.19 1.99
CA TYR H 243 -21.16 70.70 2.75
C TYR H 243 -20.33 71.67 1.92
N GLY H 244 -20.28 71.48 0.60
CA GLY H 244 -19.46 72.32 -0.24
C GLY H 244 -20.12 73.62 -0.64
N ASP H 245 -21.45 73.63 -0.76
CA ASP H 245 -22.13 74.85 -1.13
C ASP H 245 -22.35 75.79 0.05
N ASN H 246 -22.33 75.27 1.28
CA ASN H 246 -22.30 76.16 2.43
C ASN H 246 -21.01 76.95 2.47
N CYS H 247 -19.89 76.30 2.15
CA CYS H 247 -18.60 76.99 2.09
C CYS H 247 -18.62 78.07 1.02
N ILE H 248 -19.12 77.75 -0.17
CA ILE H 248 -19.20 78.74 -1.25
C ILE H 248 -20.09 79.90 -0.84
N GLN H 249 -21.30 79.61 -0.35
CA GLN H 249 -22.25 80.68 -0.06
C GLN H 249 -21.73 81.61 1.03
N LYS H 250 -20.86 81.11 1.91
CA LYS H 250 -20.26 81.97 2.92
C LYS H 250 -19.22 82.91 2.30
N ILE H 251 -18.30 82.36 1.50
CA ILE H 251 -17.22 83.19 0.97
C ILE H 251 -17.75 84.12 -0.11
N TYR H 252 -18.80 83.74 -0.83
CA TYR H 252 -19.32 84.60 -1.89
C TYR H 252 -19.97 85.85 -1.31
N GLN H 253 -20.82 85.67 -0.30
CA GLN H 253 -21.44 86.81 0.37
C GLN H 253 -20.40 87.68 1.06
N GLU H 254 -19.41 87.06 1.70
CA GLU H 254 -18.37 87.82 2.37
C GLU H 254 -17.59 88.69 1.39
N LEU H 255 -17.36 88.18 0.17
CA LEU H 255 -16.59 88.94 -0.81
C LEU H 255 -17.43 90.01 -1.49
N ALA H 256 -18.74 89.77 -1.63
CA ALA H 256 -19.59 90.75 -2.28
C ALA H 256 -19.55 92.10 -1.56
N PHE H 257 -19.27 92.07 -0.26
CA PHE H 257 -19.33 93.28 0.55
C PHE H 257 -17.97 93.90 0.84
N ASN H 258 -16.89 93.14 0.72
CA ASN H 258 -15.55 93.69 0.97
C ASN H 258 -14.54 92.85 0.22
N ARG H 259 -13.78 93.49 -0.68
CA ARG H 259 -12.71 92.82 -1.41
C ARG H 259 -11.42 92.96 -0.61
N PRO H 260 -10.92 91.90 0.02
CA PRO H 260 -9.75 92.05 0.89
C PRO H 260 -8.50 92.39 0.09
N GLN H 261 -7.51 92.93 0.82
CA GLN H 261 -6.22 93.28 0.24
C GLN H 261 -5.17 92.21 0.44
N HIS H 262 -5.37 91.32 1.40
CA HIS H 262 -4.42 90.24 1.68
C HIS H 262 -4.98 88.93 1.14
N TYR H 263 -4.23 87.85 1.38
CA TYR H 263 -4.61 86.54 0.88
C TYR H 263 -5.65 85.90 1.79
N THR H 264 -6.78 85.52 1.22
CA THR H 264 -7.86 84.89 1.98
C THR H 264 -8.32 83.60 1.30
N GLY H 265 -7.37 82.82 0.81
CA GLY H 265 -7.65 81.49 0.30
C GLY H 265 -7.57 81.42 -1.21
N ILE H 266 -7.67 80.18 -1.69
CA ILE H 266 -7.59 79.89 -3.12
C ILE H 266 -8.87 80.33 -3.82
N VAL H 267 -10.02 79.90 -3.30
CA VAL H 267 -11.29 80.24 -3.92
C VAL H 267 -11.50 81.75 -3.89
N ALA H 268 -10.97 82.41 -2.86
CA ALA H 268 -11.02 83.88 -2.82
C ALA H 268 -10.47 84.46 -4.11
N GLU H 269 -9.24 84.08 -4.48
CA GLU H 269 -8.62 84.61 -5.69
C GLU H 269 -9.47 84.31 -6.92
N LEU H 270 -10.08 83.12 -6.97
CA LEU H 270 -10.87 82.76 -8.15
C LEU H 270 -12.11 83.65 -8.27
N LEU H 271 -12.78 83.94 -7.15
CA LEU H 271 -13.97 84.77 -7.20
C LEU H 271 -13.61 86.22 -7.53
N LEU H 272 -12.51 86.72 -6.99
CA LEU H 272 -12.08 88.08 -7.29
C LEU H 272 -11.78 88.23 -8.78
N LYS H 273 -10.88 87.38 -9.30
CA LYS H 273 -10.51 87.47 -10.71
C LYS H 273 -11.74 87.38 -11.60
N ALA H 274 -12.64 86.44 -11.31
CA ALA H 274 -13.87 86.28 -12.08
C ALA H 274 -13.61 85.95 -13.54
N GLU H 275 -12.47 85.29 -13.81
CA GLU H 275 -12.19 84.82 -15.16
C GLU H 275 -13.06 83.64 -15.55
N LEU H 276 -13.65 82.94 -14.57
CA LEU H 276 -14.62 81.89 -14.80
C LEU H 276 -15.99 82.34 -14.33
N SER H 277 -17.02 81.72 -14.90
CA SER H 277 -18.38 81.99 -14.46
C SER H 277 -18.57 81.55 -13.02
N LEU H 278 -19.61 82.08 -12.37
CA LEU H 278 -19.91 81.67 -11.00
C LEU H 278 -20.21 80.17 -10.95
N GLU H 279 -21.00 79.67 -11.90
CA GLU H 279 -21.34 78.25 -11.89
C GLU H 279 -20.11 77.38 -12.12
N ALA H 280 -19.13 77.86 -12.89
CA ALA H 280 -17.91 77.11 -13.09
C ALA H 280 -16.99 77.19 -11.87
N ILE H 281 -17.05 78.28 -11.11
CA ILE H 281 -16.27 78.36 -9.88
C ILE H 281 -16.87 77.44 -8.82
N LYS H 282 -18.20 77.34 -8.78
CA LYS H 282 -18.84 76.44 -7.83
C LYS H 282 -18.46 74.99 -8.13
N ALA H 283 -18.53 74.60 -9.40
CA ALA H 283 -18.24 73.22 -9.78
C ALA H 283 -16.84 72.81 -9.33
N ASN H 284 -15.83 73.63 -9.65
CA ASN H 284 -14.47 73.28 -9.28
C ASN H 284 -14.24 73.45 -7.78
N SER H 285 -14.91 74.41 -7.14
CA SER H 285 -14.83 74.52 -5.70
C SER H 285 -15.34 73.26 -5.03
N MET H 286 -16.38 72.63 -5.61
CA MET H 286 -16.85 71.35 -5.11
C MET H 286 -15.76 70.30 -5.21
N GLU H 287 -15.21 70.12 -6.41
CA GLU H 287 -14.22 69.07 -6.61
C GLU H 287 -12.97 69.28 -5.77
N LEU H 288 -12.64 70.54 -5.47
CA LEU H 288 -11.51 70.79 -4.56
C LEU H 288 -11.88 70.53 -3.11
N THR H 289 -13.13 70.80 -2.72
CA THR H 289 -13.56 70.56 -1.35
C THR H 289 -13.82 69.09 -1.06
N ALA H 290 -14.26 68.32 -2.05
CA ALA H 290 -14.58 66.92 -1.85
C ALA H 290 -13.36 66.03 -2.01
N GLY H 291 -12.51 66.31 -2.98
CA GLY H 291 -11.37 65.47 -3.26
C GLY H 291 -10.13 65.77 -2.45
N SER H 292 -10.22 66.66 -1.46
CA SER H 292 -9.06 67.08 -0.68
C SER H 292 -8.98 66.42 0.68
N VAL H 293 -9.71 65.32 0.89
CA VAL H 293 -9.78 64.70 2.21
C VAL H 293 -9.18 63.30 2.17
N ASP H 294 -9.85 62.37 1.50
CA ASP H 294 -9.43 60.98 1.54
C ASP H 294 -8.08 60.79 0.86
N THR H 295 -7.89 61.39 -0.31
CA THR H 295 -6.67 61.17 -1.08
C THR H 295 -5.45 61.67 -0.33
N THR H 296 -5.59 62.77 0.42
CA THR H 296 -4.45 63.34 1.14
C THR H 296 -4.20 62.64 2.46
N ALA H 297 -5.26 62.12 3.09
CA ALA H 297 -5.13 61.64 4.46
C ALA H 297 -4.59 60.22 4.54
N PHE H 298 -4.79 59.41 3.51
CA PHE H 298 -4.38 58.02 3.58
C PHE H 298 -2.87 57.90 3.42
N PRO H 299 -2.27 58.60 2.44
CA PRO H 299 -0.80 58.61 2.40
C PRO H 299 -0.18 59.05 3.72
N LEU H 300 -0.80 60.02 4.40
CA LEU H 300 -0.30 60.47 5.70
C LEU H 300 -0.27 59.32 6.70
N LEU H 301 -1.37 58.56 6.78
CA LEU H 301 -1.43 57.45 7.73
C LEU H 301 -0.42 56.37 7.38
N MET H 302 -0.27 56.06 6.10
CA MET H 302 0.67 55.02 5.71
C MET H 302 2.11 55.47 5.96
N THR H 303 2.41 56.74 5.71
CA THR H 303 3.71 57.27 6.08
C THR H 303 3.98 57.08 7.57
N LEU H 304 3.07 57.57 8.41
CA LEU H 304 3.21 57.38 9.86
C LEU H 304 3.36 55.91 10.22
N PHE H 305 2.63 55.04 9.51
CA PHE H 305 2.76 53.61 9.76
C PHE H 305 4.15 53.12 9.38
N GLU H 306 4.56 53.38 8.14
CA GLU H 306 5.88 52.93 7.71
C GLU H 306 6.98 53.51 8.59
N LEU H 307 6.82 54.77 9.02
CA LEU H 307 7.83 55.36 9.88
C LEU H 307 7.92 54.64 11.23
N ALA H 308 6.80 54.06 11.68
CA ALA H 308 6.83 53.31 12.93
C ALA H 308 7.44 51.93 12.76
N ARG H 309 7.37 51.35 11.56
CA ARG H 309 7.99 50.06 11.29
C ARG H 309 9.50 50.18 11.11
N ASN H 310 9.98 51.30 10.58
CA ASN H 310 11.40 51.55 10.35
C ASN H 310 11.83 52.73 11.20
N PRO H 311 12.12 52.50 12.49
CA PRO H 311 12.65 53.60 13.31
C PRO H 311 13.96 54.17 12.79
N ASP H 312 14.79 53.33 12.16
CA ASP H 312 16.06 53.80 11.60
C ASP H 312 15.82 54.92 10.59
N VAL H 313 14.90 54.70 9.64
CA VAL H 313 14.56 55.75 8.68
C VAL H 313 13.95 56.94 9.40
N GLN H 314 13.18 56.69 10.47
CA GLN H 314 12.52 57.78 11.18
C GLN H 314 13.53 58.78 11.70
N GLN H 315 14.47 58.30 12.53
CA GLN H 315 15.44 59.21 13.15
C GLN H 315 16.19 60.00 12.09
N ILE H 316 16.50 59.38 10.95
CA ILE H 316 17.14 60.12 9.86
C ILE H 316 16.27 61.30 9.45
N LEU H 317 14.96 61.07 9.32
CA LEU H 317 14.05 62.17 8.98
C LEU H 317 13.90 63.15 10.14
N ARG H 318 13.99 62.66 11.38
CA ARG H 318 13.90 63.56 12.52
C ARG H 318 15.14 64.46 12.61
N GLN H 319 16.31 63.90 12.31
CA GLN H 319 17.53 64.70 12.32
C GLN H 319 17.44 65.84 11.29
N GLU H 320 16.99 65.53 10.08
CA GLU H 320 16.81 66.56 9.07
C GLU H 320 15.86 67.64 9.54
N SER H 321 14.69 67.24 10.04
CA SER H 321 13.65 68.22 10.36
C SER H 321 14.06 69.06 11.57
N LEU H 322 14.69 68.43 12.57
CA LEU H 322 15.16 69.20 13.72
C LEU H 322 16.16 70.28 13.30
N ALA H 323 16.98 69.98 12.30
CA ALA H 323 18.01 70.92 11.86
C ALA H 323 17.40 72.15 11.20
N ALA H 324 16.56 71.93 10.19
CA ALA H 324 15.91 73.04 9.48
C ALA H 324 14.72 73.62 10.24
N ALA H 325 14.52 73.23 11.49
CA ALA H 325 13.36 73.70 12.23
C ALA H 325 13.33 75.23 12.30
N ALA H 326 14.44 75.83 12.73
CA ALA H 326 14.44 77.27 12.98
C ALA H 326 14.21 78.05 11.68
N SER H 327 14.76 77.58 10.57
CA SER H 327 14.58 78.30 9.31
C SER H 327 13.16 78.15 8.78
N ILE H 328 12.49 77.05 9.13
CA ILE H 328 11.12 76.84 8.66
C ILE H 328 10.15 77.65 9.51
N SER H 329 10.41 77.77 10.81
CA SER H 329 9.58 78.62 11.65
C SER H 329 9.63 80.07 11.18
N GLU H 330 10.82 80.55 10.80
CA GLU H 330 10.93 81.88 10.21
C GLU H 330 10.07 82.00 8.97
N HIS H 331 10.24 81.08 8.03
CA HIS H 331 9.50 81.09 6.78
C HIS H 331 9.10 79.64 6.46
N PRO H 332 7.84 79.26 6.68
CA PRO H 332 7.45 77.87 6.40
C PRO H 332 7.64 77.46 4.96
N GLN H 333 7.70 78.42 4.03
CA GLN H 333 7.85 78.07 2.62
C GLN H 333 9.12 77.25 2.38
N LYS H 334 10.13 77.42 3.23
CA LYS H 334 11.38 76.69 3.09
C LYS H 334 11.22 75.19 3.33
N ALA H 335 10.08 74.75 3.85
CA ALA H 335 9.88 73.33 4.09
C ALA H 335 9.88 72.54 2.77
N THR H 336 9.48 73.17 1.67
CA THR H 336 9.45 72.48 0.39
C THR H 336 10.85 72.20 -0.16
N THR H 337 11.87 72.92 0.32
CA THR H 337 13.23 72.75 -0.16
C THR H 337 14.20 72.25 0.90
N GLU H 338 13.99 72.60 2.17
CA GLU H 338 14.90 72.20 3.23
C GLU H 338 14.66 70.80 3.75
N LEU H 339 13.64 70.10 3.26
CA LEU H 339 13.29 68.75 3.73
C LEU H 339 13.21 67.80 2.55
N PRO H 340 14.35 67.53 1.89
CA PRO H 340 14.32 66.66 0.71
C PRO H 340 14.16 65.18 1.03
N LEU H 341 14.59 64.73 2.22
CA LEU H 341 14.35 63.34 2.60
C LEU H 341 12.88 63.09 2.85
N LEU H 342 12.23 63.99 3.60
CA LEU H 342 10.81 63.83 3.89
C LEU H 342 9.98 63.85 2.61
N ARG H 343 10.30 64.76 1.69
CA ARG H 343 9.70 64.70 0.37
C ARG H 343 9.95 63.34 -0.29
N ALA H 344 11.09 62.71 -0.01
CA ALA H 344 11.37 61.40 -0.55
C ALA H 344 10.58 60.32 0.19
N ALA H 345 10.45 60.45 1.51
CA ALA H 345 9.58 59.54 2.26
C ALA H 345 8.17 59.54 1.68
N LEU H 346 7.67 60.72 1.30
CA LEU H 346 6.35 60.79 0.69
C LEU H 346 6.33 60.11 -0.67
N LYS H 347 7.33 60.40 -1.50
CA LYS H 347 7.45 59.69 -2.78
C LYS H 347 7.40 58.18 -2.56
N GLU H 348 8.02 57.72 -1.48
CA GLU H 348 8.12 56.29 -1.22
C GLU H 348 6.78 55.70 -0.76
N THR H 349 5.97 56.49 -0.06
CA THR H 349 4.66 56.01 0.38
C THR H 349 3.70 55.88 -0.80
N LEU H 350 3.60 56.91 -1.62
CA LEU H 350 2.73 56.85 -2.79
C LEU H 350 3.17 55.78 -3.78
N ARG H 351 4.43 55.34 -3.71
CA ARG H 351 4.89 54.26 -4.57
C ARG H 351 4.27 52.94 -4.17
N LEU H 352 4.35 52.60 -2.88
CA LEU H 352 3.78 51.36 -2.37
C LEU H 352 2.27 51.44 -2.23
N TYR H 353 1.75 52.60 -1.82
CA TYR H 353 0.34 52.75 -1.47
C TYR H 353 -0.29 53.87 -2.29
N PRO H 354 -0.33 53.72 -3.61
CA PRO H 354 -0.88 54.80 -4.45
C PRO H 354 -2.39 54.91 -4.32
N VAL H 355 -2.87 55.93 -3.59
CA VAL H 355 -4.31 56.13 -3.46
C VAL H 355 -4.97 56.19 -4.83
N GLY H 356 -4.31 56.85 -5.78
CA GLY H 356 -4.75 56.77 -7.16
C GLY H 356 -4.21 55.49 -7.78
N LEU H 357 -5.08 54.52 -8.00
CA LEU H 357 -4.58 53.21 -8.43
C LEU H 357 -4.02 53.25 -9.84
N PHE H 358 -4.72 53.91 -10.77
CA PHE H 358 -4.30 53.92 -12.16
C PHE H 358 -4.57 55.28 -12.77
N LEU H 359 -3.81 55.58 -13.81
CA LEU H 359 -4.03 56.73 -14.66
C LEU H 359 -4.74 56.27 -15.92
N GLU H 360 -5.67 57.07 -16.41
CA GLU H 360 -6.46 56.74 -17.58
C GLU H 360 -6.15 57.74 -18.70
N ARG H 361 -6.17 57.24 -19.93
CA ARG H 361 -6.06 58.09 -21.11
C ARG H 361 -6.76 57.40 -22.27
N VAL H 362 -7.69 58.09 -22.90
CA VAL H 362 -8.29 57.64 -24.16
C VAL H 362 -7.47 58.26 -25.27
N VAL H 363 -6.53 57.48 -25.81
CA VAL H 363 -5.55 58.01 -26.76
C VAL H 363 -6.25 58.56 -27.99
N SER H 364 -5.85 59.76 -28.41
CA SER H 364 -6.42 60.42 -29.58
C SER H 364 -5.61 60.17 -30.85
N SER H 365 -4.69 59.21 -30.82
CA SER H 365 -3.80 58.97 -31.96
C SER H 365 -3.12 57.63 -31.76
N ASP H 366 -2.89 56.93 -32.87
CA ASP H 366 -2.18 55.66 -32.81
C ASP H 366 -0.84 55.85 -32.12
N LEU H 367 -0.34 54.76 -31.53
CA LEU H 367 0.94 54.77 -30.83
C LEU H 367 1.43 53.34 -30.72
N VAL H 368 2.63 53.18 -30.14
CA VAL H 368 3.24 51.87 -29.97
C VAL H 368 3.72 51.73 -28.53
N LEU H 369 3.22 50.72 -27.83
CA LEU H 369 3.66 50.36 -26.49
C LEU H 369 4.14 48.93 -26.52
N GLN H 370 5.32 48.67 -25.94
CA GLN H 370 5.89 47.32 -25.89
C GLN H 370 5.93 46.67 -27.27
N ASN H 371 6.12 47.48 -28.31
CA ASN H 371 6.16 46.99 -29.69
C ASN H 371 4.82 46.44 -30.15
N TYR H 372 3.71 47.00 -29.66
CA TYR H 372 2.38 46.64 -30.09
C TYR H 372 1.67 47.88 -30.63
N HIS H 373 0.91 47.70 -31.70
CA HIS H 373 0.16 48.81 -32.28
C HIS H 373 -1.10 49.07 -31.45
N ILE H 374 -1.27 50.31 -31.02
CA ILE H 374 -2.42 50.73 -30.21
C ILE H 374 -3.26 51.67 -31.07
N PRO H 375 -4.44 51.25 -31.53
CA PRO H 375 -5.27 52.15 -32.33
C PRO H 375 -5.74 53.35 -31.52
N ALA H 376 -6.19 54.38 -32.24
CA ALA H 376 -6.76 55.54 -31.57
C ALA H 376 -8.09 55.18 -30.93
N GLY H 377 -8.50 55.99 -29.97
CA GLY H 377 -9.71 55.73 -29.21
C GLY H 377 -9.58 54.65 -28.17
N THR H 378 -8.38 54.08 -27.99
CA THR H 378 -8.18 53.02 -27.02
C THR H 378 -8.01 53.61 -25.62
N LEU H 379 -8.60 52.93 -24.64
CA LEU H 379 -8.37 53.27 -23.24
C LEU H 379 -7.06 52.63 -22.78
N VAL H 380 -6.18 53.43 -22.20
CA VAL H 380 -4.89 52.97 -21.69
C VAL H 380 -4.85 53.30 -20.20
N GLN H 381 -4.65 52.26 -19.38
CA GLN H 381 -4.60 52.39 -17.93
C GLN H 381 -3.19 52.11 -17.44
N VAL H 382 -2.61 53.05 -16.71
CA VAL H 382 -1.31 52.85 -16.08
C VAL H 382 -1.55 52.37 -14.65
N PHE H 383 -1.30 51.08 -14.42
CA PHE H 383 -1.53 50.47 -13.11
C PHE H 383 -0.32 50.75 -12.23
N LEU H 384 -0.47 51.66 -11.27
CA LEU H 384 0.66 52.15 -10.49
C LEU H 384 1.07 51.21 -9.37
N TYR H 385 0.17 50.37 -8.89
CA TYR H 385 0.51 49.47 -7.79
C TYR H 385 1.62 48.51 -8.20
N SER H 386 1.59 48.02 -9.44
CA SER H 386 2.63 47.15 -9.95
C SER H 386 3.82 47.94 -10.50
N LEU H 387 3.56 49.10 -11.10
CA LEU H 387 4.64 49.96 -11.58
C LEU H 387 5.68 50.17 -10.47
N GLY H 388 5.22 50.46 -9.27
CA GLY H 388 6.10 50.72 -8.15
C GLY H 388 6.68 49.49 -7.49
N ARG H 389 6.21 48.30 -7.84
CA ARG H 389 6.72 47.06 -7.29
C ARG H 389 7.58 46.29 -8.29
N ASN H 390 7.93 46.92 -9.41
CA ASN H 390 8.77 46.30 -10.43
C ASN H 390 10.23 46.35 -9.94
N ALA H 391 10.74 45.21 -9.47
CA ALA H 391 12.08 45.18 -8.90
C ALA H 391 13.13 45.62 -9.91
N ALA H 392 12.86 45.48 -11.20
CA ALA H 392 13.80 45.96 -12.22
C ALA H 392 14.05 47.45 -12.07
N LEU H 393 13.00 48.24 -11.83
CA LEU H 393 13.12 49.69 -11.75
C LEU H 393 13.34 50.19 -10.33
N PHE H 394 12.94 49.42 -9.31
CA PHE H 394 13.04 49.83 -7.91
C PHE H 394 13.69 48.70 -7.11
N PRO H 395 15.02 48.68 -7.04
CA PRO H 395 15.69 47.59 -6.31
C PRO H 395 15.14 47.41 -4.90
N ARG H 396 14.81 46.16 -4.55
CA ARG H 396 14.18 45.81 -3.27
C ARG H 396 12.87 46.59 -3.11
N PRO H 397 11.89 46.38 -4.00
CA PRO H 397 10.64 47.14 -3.89
C PRO H 397 9.81 46.78 -2.67
N GLU H 398 10.16 45.71 -1.94
CA GLU H 398 9.48 45.36 -0.71
C GLU H 398 9.83 46.32 0.43
N ARG H 399 10.94 47.04 0.31
CA ARG H 399 11.52 47.82 1.40
C ARG H 399 11.03 49.27 1.34
N TYR H 400 10.97 49.91 2.50
CA TYR H 400 10.67 51.34 2.61
C TYR H 400 12.00 52.08 2.69
N ASN H 401 12.39 52.71 1.59
CA ASN H 401 13.74 53.26 1.43
C ASN H 401 13.65 54.63 0.77
N PRO H 402 13.52 55.69 1.57
CA PRO H 402 13.35 57.02 0.95
C PRO H 402 14.58 57.54 0.22
N GLN H 403 15.80 57.12 0.58
CA GLN H 403 17.00 57.64 -0.08
C GLN H 403 17.12 57.19 -1.54
N ARG H 404 16.24 56.32 -2.01
CA ARG H 404 16.32 55.85 -3.39
C ARG H 404 15.87 56.91 -4.38
N TRP H 405 15.15 57.94 -3.93
CA TRP H 405 14.68 59.00 -4.80
C TRP H 405 15.69 60.15 -4.91
N LEU H 406 16.87 60.00 -4.33
CA LEU H 406 17.87 61.05 -4.29
C LEU H 406 18.95 60.74 -5.34
N ASP H 407 18.69 61.16 -6.58
CA ASP H 407 19.69 61.20 -7.65
C ASP H 407 19.11 61.88 -8.89
N SER H 411 15.86 53.51 -13.28
CA SER H 411 17.01 53.80 -14.12
C SER H 411 17.00 55.26 -14.61
N GLY H 412 16.01 55.61 -15.42
CA GLY H 412 15.86 57.00 -15.84
C GLY H 412 15.36 57.90 -14.74
N ARG H 413 14.63 57.33 -13.78
CA ARG H 413 14.13 58.03 -12.60
C ARG H 413 13.51 59.39 -12.94
N ASN H 414 12.70 59.44 -14.00
CA ASN H 414 11.89 60.62 -14.24
C ASN H 414 10.41 60.31 -14.23
N PHE H 415 9.98 59.28 -14.96
CA PHE H 415 8.59 58.84 -14.89
C PHE H 415 8.38 57.72 -13.87
N HIS H 416 9.28 57.62 -12.87
CA HIS H 416 9.12 56.67 -11.79
C HIS H 416 8.24 57.21 -10.66
N HIS H 417 7.93 58.51 -10.68
CA HIS H 417 7.05 59.13 -9.69
C HIS H 417 5.94 59.86 -10.44
N VAL H 418 4.85 59.16 -10.71
CA VAL H 418 3.68 59.75 -11.35
C VAL H 418 2.41 59.50 -10.55
N PRO H 419 2.44 59.45 -9.21
CA PRO H 419 1.21 59.19 -8.47
C PRO H 419 0.17 60.27 -8.63
N PHE H 420 0.57 61.44 -9.14
CA PHE H 420 -0.35 62.55 -9.38
C PHE H 420 -0.73 62.69 -10.85
N GLY H 421 -0.23 61.81 -11.70
CA GLY H 421 -0.49 61.93 -13.12
C GLY H 421 0.66 62.57 -13.86
N PHE H 422 0.36 63.04 -15.07
CA PHE H 422 1.38 63.59 -15.95
C PHE H 422 0.72 64.52 -16.96
N GLY H 423 1.48 65.49 -17.44
CA GLY H 423 1.00 66.39 -18.46
C GLY H 423 0.13 67.50 -17.92
N MET H 424 -0.53 68.20 -18.85
CA MET H 424 -1.41 69.30 -18.45
C MET H 424 -2.55 68.82 -17.56
N ARG H 425 -2.90 67.54 -17.64
CA ARG H 425 -3.95 66.97 -16.80
C ARG H 425 -3.49 66.64 -15.39
N GLN H 426 -2.17 66.68 -15.12
CA GLN H 426 -1.64 66.30 -13.82
C GLN H 426 -2.46 66.91 -12.69
N CYS H 427 -2.48 66.22 -11.55
CA CYS H 427 -3.28 66.65 -10.41
C CYS H 427 -3.29 68.16 -10.25
N LEU H 428 -4.48 68.71 -9.95
CA LEU H 428 -4.60 70.15 -9.76
C LEU H 428 -4.25 70.57 -8.34
N GLY H 429 -4.43 69.68 -7.37
CA GLY H 429 -4.11 69.99 -5.99
C GLY H 429 -2.81 69.35 -5.54
N ARG H 430 -1.95 69.01 -6.50
CA ARG H 430 -0.71 68.32 -6.20
C ARG H 430 0.06 69.01 -5.08
N ARG H 431 0.24 70.32 -5.17
CA ARG H 431 1.09 71.02 -4.22
C ARG H 431 0.39 71.36 -2.92
N LEU H 432 -0.94 71.47 -2.93
CA LEU H 432 -1.68 71.60 -1.67
C LEU H 432 -1.58 70.31 -0.87
N ALA H 433 -1.68 69.16 -1.54
CA ALA H 433 -1.59 67.88 -0.84
C ALA H 433 -0.19 67.64 -0.30
N GLU H 434 0.84 68.00 -1.07
CA GLU H 434 2.21 67.85 -0.60
C GLU H 434 2.46 68.72 0.63
N ALA H 435 1.95 69.95 0.62
CA ALA H 435 2.15 70.85 1.75
C ALA H 435 1.51 70.30 3.03
N GLU H 436 0.28 69.78 2.91
CA GLU H 436 -0.40 69.24 4.08
C GLU H 436 0.33 68.01 4.63
N MET H 437 0.81 67.13 3.74
CA MET H 437 1.50 65.93 4.18
C MET H 437 2.87 66.25 4.76
N LEU H 438 3.60 67.17 4.11
CA LEU H 438 4.96 67.46 4.53
C LEU H 438 4.96 68.23 5.85
N LEU H 439 4.13 69.26 5.95
CA LEU H 439 4.13 70.10 7.14
C LEU H 439 3.67 69.31 8.37
N LEU H 440 2.63 68.49 8.22
CA LEU H 440 2.18 67.68 9.34
C LEU H 440 3.30 66.78 9.85
N LEU H 441 4.01 66.10 8.94
CA LEU H 441 5.05 65.18 9.34
C LEU H 441 6.28 65.92 9.88
N HIS H 442 6.55 67.12 9.36
CA HIS H 442 7.69 67.87 9.84
C HIS H 442 7.59 68.14 11.34
N HIS H 443 6.45 68.67 11.79
CA HIS H 443 6.29 69.07 13.17
C HIS H 443 6.08 67.89 14.12
N VAL H 444 5.60 66.75 13.61
CA VAL H 444 5.45 65.58 14.48
C VAL H 444 6.79 64.92 14.74
N LEU H 445 7.74 65.04 13.80
CA LEU H 445 9.05 64.41 13.97
C LEU H 445 9.93 65.16 14.96
N LYS H 446 9.78 66.49 15.04
CA LYS H 446 10.57 67.28 15.98
C LYS H 446 9.95 67.33 17.37
N HIS H 447 8.96 66.48 17.67
CA HIS H 447 8.32 66.48 18.97
C HIS H 447 7.95 65.10 19.50
N PHE H 448 7.73 64.10 18.64
CA PHE H 448 7.27 62.79 19.10
C PHE H 448 8.06 61.68 18.42
N LEU H 449 8.01 60.51 19.06
CA LEU H 449 8.47 59.26 18.48
C LEU H 449 7.25 58.41 18.13
N VAL H 450 7.17 57.98 16.88
CA VAL H 450 6.07 57.14 16.42
C VAL H 450 6.54 55.69 16.51
N GLU H 451 5.79 54.87 17.26
CA GLU H 451 6.18 53.48 17.50
C GLU H 451 4.96 52.57 17.33
N THR H 452 5.22 51.29 17.09
CA THR H 452 4.14 50.33 16.96
C THR H 452 4.68 48.92 17.08
N LEU H 453 3.85 48.03 17.63
CA LEU H 453 4.11 46.61 17.59
C LEU H 453 3.53 45.95 16.34
N THR H 454 2.47 46.52 15.76
CA THR H 454 1.90 45.96 14.55
C THR H 454 2.87 46.10 13.41
N GLN H 455 3.74 45.10 13.22
CA GLN H 455 4.72 45.15 12.16
C GLN H 455 4.26 44.43 10.90
N GLU H 456 3.12 43.76 10.91
CA GLU H 456 2.66 43.07 9.71
C GLU H 456 2.18 44.08 8.68
N ASP H 457 2.27 43.70 7.41
CA ASP H 457 1.79 44.56 6.35
C ASP H 457 0.31 44.81 6.51
N ILE H 458 -0.13 46.00 6.12
CA ILE H 458 -1.54 46.36 6.15
C ILE H 458 -2.15 46.03 4.80
N LYS H 459 -3.22 45.26 4.80
CA LYS H 459 -3.89 44.93 3.56
C LYS H 459 -4.57 46.16 2.97
N MET H 460 -4.44 46.35 1.67
CA MET H 460 -5.06 47.48 0.99
C MET H 460 -6.39 47.06 0.38
N VAL H 461 -7.25 48.05 0.18
CA VAL H 461 -8.60 47.85 -0.34
C VAL H 461 -8.84 48.87 -1.45
N TYR H 462 -9.60 48.46 -2.47
CA TYR H 462 -9.98 49.36 -3.56
C TYR H 462 -11.45 49.72 -3.42
N SER H 463 -11.71 50.99 -3.12
CA SER H 463 -13.05 51.57 -3.20
C SER H 463 -12.96 52.85 -4.03
N PHE H 464 -12.55 52.69 -5.28
CA PHE H 464 -12.27 53.80 -6.21
C PHE H 464 -10.87 54.36 -5.96
N ILE H 465 -10.46 54.40 -4.69
CA ILE H 465 -9.10 54.75 -4.31
C ILE H 465 -8.52 53.57 -3.54
N LEU H 466 -7.19 53.43 -3.58
CA LEU H 466 -6.49 52.39 -2.84
C LEU H 466 -6.22 52.90 -1.43
N ARG H 467 -6.90 52.33 -0.46
CA ARG H 467 -6.82 52.78 0.92
C ARG H 467 -6.62 51.59 1.85
N PRO H 468 -6.05 51.82 3.03
CA PRO H 468 -5.81 50.69 3.95
C PRO H 468 -7.11 50.16 4.53
N GLY H 469 -7.20 48.83 4.62
CA GLY H 469 -8.36 48.21 5.21
C GLY H 469 -8.39 48.25 6.73
N THR H 470 -7.24 48.48 7.35
CA THR H 470 -7.14 48.54 8.79
C THR H 470 -6.26 49.71 9.19
N SER H 471 -6.48 50.23 10.40
CA SER H 471 -5.68 51.32 10.94
C SER H 471 -4.88 50.81 12.13
N PRO H 472 -3.57 51.00 12.18
CA PRO H 472 -2.77 50.40 13.24
C PRO H 472 -2.75 51.27 14.49
N LEU H 473 -2.27 50.68 15.57
CA LEU H 473 -2.21 51.35 16.86
C LEU H 473 -0.86 52.04 17.00
N LEU H 474 -0.87 53.37 16.87
CA LEU H 474 0.36 54.16 16.87
C LEU H 474 0.56 54.83 18.23
N THR H 475 1.73 54.60 18.82
CA THR H 475 2.15 55.33 20.01
C THR H 475 2.84 56.63 19.58
N PHE H 476 2.69 57.66 20.40
CA PHE H 476 3.35 58.95 20.18
C PHE H 476 4.04 59.36 21.47
N ARG H 477 5.34 59.12 21.57
CA ARG H 477 6.12 59.39 22.76
C ARG H 477 6.83 60.72 22.59
N ALA H 478 6.60 61.65 23.51
CA ALA H 478 7.05 63.02 23.36
C ALA H 478 8.52 63.16 23.76
N ILE H 479 9.14 64.22 23.26
CA ILE H 479 10.54 64.54 23.56
C ILE H 479 10.59 65.73 24.52
N VAL I 12 -23.07 21.10 71.07
CA VAL I 12 -23.33 21.06 69.63
C VAL I 12 -24.71 20.47 69.40
N LEU I 13 -25.48 21.11 68.53
CA LEU I 13 -26.79 20.64 68.09
C LEU I 13 -26.69 20.03 66.70
N PRO I 14 -27.67 19.22 66.30
CA PRO I 14 -27.65 18.67 64.93
C PRO I 14 -27.85 19.77 63.90
N PHE I 15 -27.27 19.54 62.71
CA PHE I 15 -27.49 20.47 61.62
C PHE I 15 -28.97 20.53 61.24
N GLU I 16 -29.66 19.39 61.28
CA GLU I 16 -31.05 19.32 60.84
C GLU I 16 -32.00 20.04 61.78
N ALA I 17 -31.56 20.41 62.99
CA ALA I 17 -32.38 21.17 63.93
C ALA I 17 -32.26 22.66 63.75
N MET I 18 -31.92 23.11 62.57
CA MET I 18 -31.76 24.54 62.32
C MET I 18 -33.09 25.16 61.96
N PRO I 19 -33.30 26.44 62.28
CA PRO I 19 -34.45 27.16 61.72
C PRO I 19 -34.35 27.21 60.21
N GLN I 20 -35.48 26.98 59.53
CA GLN I 20 -35.52 26.82 58.09
C GLN I 20 -36.28 27.97 57.44
N HIS I 21 -35.71 28.51 56.37
CA HIS I 21 -36.37 29.56 55.62
C HIS I 21 -37.65 29.02 55.01
N PRO I 22 -38.81 29.63 55.25
CA PRO I 22 -40.06 29.07 54.71
C PRO I 22 -40.08 29.00 53.20
N GLY I 23 -39.29 29.82 52.52
CA GLY I 23 -39.39 29.91 51.08
C GLY I 23 -39.01 28.61 50.39
N ASN I 24 -39.69 28.36 49.27
CA ASN I 24 -39.39 27.23 48.40
C ASN I 24 -38.43 27.70 47.30
N ARG I 25 -37.30 27.00 47.16
CA ARG I 25 -36.28 27.47 46.22
C ARG I 25 -36.85 27.65 44.82
N TRP I 26 -37.73 26.75 44.38
CA TRP I 26 -38.19 26.80 42.99
C TRP I 26 -39.09 28.01 42.74
N LEU I 27 -40.03 28.28 43.65
CA LEU I 27 -40.88 29.44 43.47
C LEU I 27 -40.07 30.73 43.41
N ARG I 28 -38.94 30.78 44.12
CA ARG I 28 -38.07 31.95 44.06
C ARG I 28 -37.20 31.96 42.80
N LEU I 29 -37.12 30.85 42.06
CA LEU I 29 -36.52 30.91 40.74
C LEU I 29 -37.50 31.46 39.72
N LEU I 30 -38.76 31.03 39.79
CA LEU I 30 -39.77 31.58 38.90
C LEU I 30 -40.09 33.03 39.25
N GLN I 31 -40.07 33.37 40.54
CA GLN I 31 -40.22 34.76 40.94
C GLN I 31 -39.18 35.63 40.24
N ILE I 32 -37.96 35.10 40.07
CA ILE I 32 -36.91 35.86 39.42
C ILE I 32 -37.10 35.84 37.90
N TRP I 33 -37.62 34.76 37.34
CA TRP I 33 -37.91 34.74 35.91
C TRP I 33 -38.98 35.77 35.56
N ARG I 34 -39.94 35.96 36.45
CA ARG I 34 -41.02 36.92 36.23
C ARG I 34 -40.52 38.35 36.38
N GLU I 35 -39.99 38.67 37.56
CA GLU I 35 -39.57 40.04 37.88
C GLU I 35 -38.26 40.43 37.21
N GLN I 36 -37.54 39.49 36.61
CA GLN I 36 -36.25 39.77 35.97
C GLN I 36 -35.25 40.34 36.97
N GLY I 37 -35.29 39.82 38.19
CA GLY I 37 -34.38 40.27 39.23
C GLY I 37 -34.78 39.74 40.59
N TYR I 38 -34.17 40.31 41.61
CA TYR I 38 -34.44 39.93 42.99
C TYR I 38 -34.20 41.16 43.87
N GLU I 39 -34.71 42.32 43.44
CA GLU I 39 -34.29 43.59 43.99
C GLU I 39 -34.53 43.70 45.49
N HIS I 40 -35.46 42.93 46.05
CA HIS I 40 -35.82 43.02 47.46
C HIS I 40 -35.12 41.98 48.32
N LEU I 41 -34.05 41.37 47.80
CA LEU I 41 -33.42 40.26 48.50
C LEU I 41 -32.95 40.67 49.88
N HIS I 42 -32.34 41.85 50.01
CA HIS I 42 -31.83 42.27 51.31
C HIS I 42 -32.95 42.40 52.33
N LEU I 43 -34.14 42.83 51.90
CA LEU I 43 -35.25 42.99 52.83
C LEU I 43 -35.86 41.65 53.22
N GLU I 44 -36.00 40.74 52.24
CA GLU I 44 -36.51 39.41 52.54
C GLU I 44 -35.64 38.71 53.57
N MET I 45 -34.32 38.88 53.48
CA MET I 45 -33.42 38.22 54.41
C MET I 45 -33.40 38.93 55.76
N HIS I 46 -33.42 40.26 55.76
CA HIS I 46 -33.49 40.99 57.03
C HIS I 46 -34.74 40.61 57.81
N GLN I 47 -35.84 40.35 57.11
CA GLN I 47 -37.06 39.91 57.78
C GLN I 47 -36.89 38.50 58.33
N THR I 48 -36.36 37.58 57.51
CA THR I 48 -36.18 36.21 57.96
C THR I 48 -35.32 36.15 59.22
N PHE I 49 -34.22 36.92 59.26
CA PHE I 49 -33.37 36.92 60.45
C PHE I 49 -34.13 37.41 61.68
N GLN I 50 -35.05 38.36 61.50
CA GLN I 50 -35.82 38.87 62.62
C GLN I 50 -36.81 37.84 63.14
N GLU I 51 -37.27 36.93 62.28
CA GLU I 51 -38.24 35.91 62.69
C GLU I 51 -37.57 34.65 63.23
N LEU I 52 -36.45 34.23 62.64
CA LEU I 52 -35.85 32.93 62.94
C LEU I 52 -34.58 33.02 63.78
N GLY I 53 -33.97 34.20 63.91
CA GLY I 53 -32.77 34.35 64.69
C GLY I 53 -31.56 34.73 63.85
N PRO I 54 -30.38 34.66 64.45
CA PRO I 54 -29.16 35.06 63.74
C PRO I 54 -28.53 33.96 62.92
N ILE I 55 -29.31 32.93 62.58
CA ILE I 55 -28.83 31.82 61.76
C ILE I 55 -30.05 31.06 61.26
N PHE I 56 -29.95 30.51 60.05
CA PHE I 56 -31.02 29.66 59.56
C PHE I 56 -30.56 28.91 58.33
N ARG I 57 -31.29 27.83 58.02
CA ARG I 57 -31.03 26.97 56.89
C ARG I 57 -31.76 27.49 55.66
N TYR I 58 -31.07 27.54 54.52
CA TYR I 58 -31.72 27.61 53.23
C TYR I 58 -31.44 26.31 52.48
N ASN I 59 -32.50 25.69 51.96
CA ASN I 59 -32.40 24.37 51.38
C ASN I 59 -32.34 24.46 49.86
N LEU I 60 -31.27 23.93 49.29
CA LEU I 60 -31.20 23.72 47.85
C LEU I 60 -31.65 22.32 47.47
N GLY I 61 -32.09 21.51 48.43
CA GLY I 61 -32.39 20.12 48.16
C GLY I 61 -31.10 19.35 47.97
N GLY I 62 -30.37 19.18 49.06
CA GLY I 62 -29.04 18.63 48.99
C GLY I 62 -28.03 19.65 49.46
N PRO I 63 -27.34 20.35 48.53
CA PRO I 63 -26.37 21.39 48.92
C PRO I 63 -26.82 22.24 50.08
N ARG I 64 -25.94 22.46 51.05
CA ARG I 64 -26.31 23.13 52.29
C ARG I 64 -25.88 24.60 52.24
N MET I 65 -26.84 25.49 52.47
CA MET I 65 -26.57 26.92 52.64
C MET I 65 -27.00 27.34 54.03
N VAL I 66 -26.16 28.11 54.71
CA VAL I 66 -26.45 28.65 56.03
C VAL I 66 -26.19 30.14 55.99
N CYS I 67 -27.10 30.92 56.56
CA CYS I 67 -27.02 32.37 56.56
C CYS I 67 -26.84 32.87 57.97
N VAL I 68 -25.81 33.69 58.19
CA VAL I 68 -25.47 34.22 59.50
C VAL I 68 -25.33 35.73 59.40
N MET I 69 -25.21 36.37 60.56
CA MET I 69 -25.18 37.84 60.62
C MET I 69 -24.33 38.41 61.73
N LEU I 70 -23.61 37.60 62.51
CA LEU I 70 -22.90 38.11 63.67
C LEU I 70 -21.39 38.07 63.48
N PRO I 71 -20.65 39.06 63.98
CA PRO I 71 -19.18 38.95 63.96
C PRO I 71 -18.68 37.74 64.71
N GLU I 72 -19.45 37.25 65.68
CA GLU I 72 -19.19 35.98 66.34
C GLU I 72 -18.79 34.91 65.32
N ASP I 73 -19.46 34.91 64.18
CA ASP I 73 -19.33 33.86 63.18
C ASP I 73 -18.32 34.18 62.09
N VAL I 74 -18.13 35.45 61.75
CA VAL I 74 -17.09 35.79 60.78
C VAL I 74 -15.73 35.39 61.33
N GLU I 75 -15.54 35.49 62.65
CA GLU I 75 -14.28 35.05 63.25
C GLU I 75 -14.12 33.54 63.14
N LYS I 76 -15.17 32.78 63.44
CA LYS I 76 -15.10 31.33 63.28
C LYS I 76 -14.93 30.94 61.82
N LEU I 77 -15.45 31.76 60.90
CA LEU I 77 -15.33 31.44 59.48
C LEU I 77 -13.90 31.66 58.99
N GLN I 78 -13.23 32.69 59.51
CA GLN I 78 -11.83 32.90 59.19
C GLN I 78 -10.96 31.82 59.83
N GLN I 79 -11.30 31.41 61.05
CA GLN I 79 -10.55 30.33 61.69
C GLN I 79 -10.54 29.07 60.84
N VAL I 80 -11.59 28.86 60.04
CA VAL I 80 -11.66 27.69 59.16
C VAL I 80 -11.12 27.97 57.76
N ASP I 81 -10.77 29.22 57.46
CA ASP I 81 -10.18 29.53 56.17
C ASP I 81 -8.93 28.69 55.95
N SER I 82 -9.00 27.76 54.99
CA SER I 82 -7.84 26.93 54.67
C SER I 82 -6.75 27.81 54.07
N LEU I 83 -5.67 27.18 53.62
CA LEU I 83 -4.68 27.89 52.82
C LEU I 83 -5.26 28.34 51.50
N HIS I 84 -6.42 27.78 51.11
CA HIS I 84 -7.09 28.11 49.85
C HIS I 84 -8.56 28.35 50.14
N PRO I 85 -8.91 29.51 50.70
CA PRO I 85 -10.33 29.82 50.91
C PRO I 85 -11.09 29.74 49.60
N CYS I 86 -12.38 29.40 49.71
CA CYS I 86 -13.18 29.05 48.53
C CYS I 86 -14.53 29.73 48.59
N ARG I 87 -14.78 30.65 47.67
CA ARG I 87 -16.12 31.15 47.42
C ARG I 87 -16.79 30.29 46.35
N MET I 88 -18.10 30.48 46.19
CA MET I 88 -18.81 29.72 45.19
C MET I 88 -18.41 30.16 43.79
N ILE I 89 -18.31 29.19 42.88
CA ILE I 89 -18.14 29.52 41.48
C ILE I 89 -19.34 30.32 41.00
N LEU I 90 -19.07 31.43 40.31
CA LEU I 90 -20.11 32.29 39.74
C LEU I 90 -20.24 31.92 38.27
N GLU I 91 -21.05 30.90 38.00
CA GLU I 91 -21.04 30.29 36.67
C GLU I 91 -21.32 31.28 35.54
N PRO I 92 -22.25 32.23 35.65
CA PRO I 92 -22.45 33.18 34.55
C PRO I 92 -21.17 33.90 34.15
N TRP I 93 -20.40 34.35 35.13
CA TRP I 93 -19.14 35.05 34.84
C TRP I 93 -18.10 34.08 34.29
N VAL I 94 -17.97 32.91 34.92
CA VAL I 94 -16.98 31.93 34.47
C VAL I 94 -17.31 31.44 33.08
N ALA I 95 -18.61 31.31 32.76
CA ALA I 95 -19.01 30.81 31.45
C ALA I 95 -18.45 31.69 30.33
N TYR I 96 -18.44 33.00 30.53
CA TYR I 96 -17.91 33.89 29.50
C TYR I 96 -16.40 33.74 29.36
N ARG I 97 -15.69 33.56 30.48
CA ARG I 97 -14.24 33.42 30.43
C ARG I 97 -13.85 32.25 29.54
N GLN I 98 -14.52 31.10 29.70
CA GLN I 98 -14.16 29.92 28.94
C GLN I 98 -14.84 29.86 27.58
N HIS I 99 -15.89 30.65 27.35
CA HIS I 99 -16.47 30.76 26.01
C HIS I 99 -15.53 31.49 25.08
N ARG I 100 -14.77 32.47 25.59
CA ARG I 100 -13.85 33.26 24.80
C ARG I 100 -12.40 32.79 24.96
N GLY I 101 -12.16 31.77 25.76
CA GLY I 101 -10.81 31.26 25.95
C GLY I 101 -9.92 32.19 26.75
N HIS I 102 -10.44 32.71 27.86
CA HIS I 102 -9.71 33.59 28.74
C HIS I 102 -9.44 32.91 30.07
N LYS I 103 -8.43 33.41 30.77
CA LYS I 103 -8.14 32.96 32.13
C LYS I 103 -8.95 33.78 33.13
N CYS I 104 -9.23 33.18 34.27
CA CYS I 104 -9.99 33.84 35.31
C CYS I 104 -9.07 34.59 36.25
N GLY I 105 -9.52 35.77 36.68
CA GLY I 105 -8.79 36.53 37.67
C GLY I 105 -9.07 36.04 39.07
N VAL I 106 -8.46 36.73 40.04
CA VAL I 106 -8.54 36.28 41.42
C VAL I 106 -9.99 36.21 41.90
N PHE I 107 -10.82 37.14 41.45
CA PHE I 107 -12.21 37.17 41.93
C PHE I 107 -12.93 35.87 41.62
N LEU I 108 -12.52 35.16 40.56
CA LEU I 108 -13.24 33.99 40.07
C LEU I 108 -12.47 32.69 40.24
N LEU I 109 -11.29 32.72 40.84
CA LEU I 109 -10.46 31.53 40.99
C LEU I 109 -10.62 30.92 42.37
N ASN I 110 -10.21 29.66 42.49
CA ASN I 110 -10.26 28.92 43.74
C ASN I 110 -9.02 28.03 43.84
N GLY I 111 -8.75 27.55 45.05
CA GLY I 111 -7.72 26.57 45.27
C GLY I 111 -6.32 27.09 44.97
N PRO I 112 -5.45 26.23 44.44
CA PRO I 112 -4.05 26.64 44.24
C PRO I 112 -3.86 27.78 43.25
N GLU I 113 -4.57 27.75 42.12
CA GLU I 113 -4.38 28.78 41.11
C GLU I 113 -4.67 30.16 41.66
N TRP I 114 -5.70 30.28 42.52
CA TRP I 114 -5.99 31.55 43.17
C TRP I 114 -4.79 32.04 43.96
N ARG I 115 -4.32 31.22 44.91
CA ARG I 115 -3.22 31.63 45.78
C ARG I 115 -2.01 32.08 44.97
N PHE I 116 -1.76 31.42 43.83
CA PHE I 116 -0.65 31.82 42.98
C PHE I 116 -0.86 33.24 42.45
N ASN I 117 -2.05 33.52 41.93
CA ASN I 117 -2.31 34.87 41.41
C ASN I 117 -2.36 35.89 42.53
N ARG I 118 -2.93 35.53 43.69
CA ARG I 118 -3.15 36.51 44.74
C ARG I 118 -1.83 36.98 45.34
N LEU I 119 -0.85 36.08 45.47
CA LEU I 119 0.41 36.46 46.10
C LEU I 119 1.26 37.37 45.22
N ARG I 120 1.05 37.34 43.90
CA ARG I 120 1.76 38.21 42.98
C ARG I 120 1.02 39.50 42.68
N LEU I 121 -0.15 39.71 43.30
CA LEU I 121 -0.92 40.95 43.15
C LEU I 121 -0.91 41.80 44.40
N ASN I 122 -0.95 41.19 45.59
CA ASN I 122 -0.91 41.95 46.83
C ASN I 122 0.16 43.02 46.85
N PRO I 123 1.42 42.74 46.48
CA PRO I 123 2.46 43.77 46.64
C PRO I 123 2.17 45.05 45.86
N ASP I 124 1.73 44.95 44.62
CA ASP I 124 1.59 46.12 43.76
C ASP I 124 0.22 46.77 43.83
N VAL I 125 -0.76 46.10 44.44
CA VAL I 125 -2.14 46.55 44.43
C VAL I 125 -2.59 46.98 45.82
N LEU I 126 -2.19 46.23 46.86
CA LEU I 126 -2.79 46.35 48.19
C LEU I 126 -1.79 46.71 49.29
N SER I 127 -0.51 46.42 49.11
CA SER I 127 0.46 46.67 50.17
C SER I 127 0.60 48.17 50.43
N PRO I 128 0.97 48.57 51.66
CA PRO I 128 1.12 50.00 51.95
C PRO I 128 2.19 50.68 51.11
N LYS I 129 3.13 49.92 50.55
CA LYS I 129 4.16 50.53 49.71
C LYS I 129 3.60 50.91 48.34
N ALA I 130 2.71 50.08 47.78
CA ALA I 130 2.04 50.47 46.55
C ALA I 130 1.15 51.68 46.76
N VAL I 131 0.40 51.69 47.86
CA VAL I 131 -0.54 52.79 48.11
C VAL I 131 0.18 54.13 48.07
N GLN I 132 1.35 54.21 48.72
CA GLN I 132 2.10 55.46 48.73
C GLN I 132 2.46 55.92 47.33
N ARG I 133 2.44 55.03 46.34
CA ARG I 133 2.82 55.39 44.98
C ARG I 133 1.65 55.91 44.16
N PHE I 134 0.51 55.21 44.20
CA PHE I 134 -0.65 55.63 43.41
C PHE I 134 -1.60 56.53 44.17
N LEU I 135 -1.40 56.73 45.48
CA LEU I 135 -2.28 57.64 46.20
C LEU I 135 -2.12 59.08 45.71
N PRO I 136 -0.91 59.61 45.54
CA PRO I 136 -0.80 60.98 45.01
C PRO I 136 -1.46 61.15 43.66
N MET I 137 -1.52 60.09 42.85
CA MET I 137 -2.20 60.19 41.56
C MET I 137 -3.71 60.34 41.75
N VAL I 138 -4.30 59.56 42.66
CA VAL I 138 -5.71 59.71 42.97
C VAL I 138 -5.99 61.12 43.47
N ASP I 139 -5.05 61.72 44.21
CA ASP I 139 -5.25 63.05 44.75
C ASP I 139 -5.44 64.08 43.64
N ALA I 140 -4.71 63.91 42.53
CA ALA I 140 -4.85 64.84 41.42
C ALA I 140 -6.27 64.81 40.86
N VAL I 141 -6.83 63.62 40.68
CA VAL I 141 -8.19 63.52 40.15
C VAL I 141 -9.18 64.15 41.13
N ALA I 142 -9.01 63.86 42.43
CA ALA I 142 -9.93 64.40 43.43
C ALA I 142 -9.90 65.92 43.45
N ARG I 143 -8.70 66.50 43.35
CA ARG I 143 -8.61 67.97 43.30
C ARG I 143 -9.29 68.49 42.05
N ASP I 144 -8.96 67.90 40.89
CA ASP I 144 -9.61 68.31 39.65
C ASP I 144 -11.13 68.22 39.76
N PHE I 145 -11.64 67.25 40.52
CA PHE I 145 -13.09 67.15 40.68
C PHE I 145 -13.64 68.37 41.39
N SER I 146 -12.97 68.83 42.45
CA SER I 146 -13.44 70.00 43.19
C SER I 146 -13.16 71.29 42.42
N GLN I 147 -11.98 71.40 41.81
CA GLN I 147 -11.68 72.58 41.00
C GLN I 147 -12.69 72.74 39.88
N ALA I 148 -13.15 71.63 39.29
CA ALA I 148 -14.13 71.70 38.22
C ALA I 148 -15.51 72.05 38.75
N LEU I 149 -15.87 71.49 39.91
CA LEU I 149 -17.16 71.81 40.50
C LEU I 149 -17.21 73.25 40.98
N LYS I 150 -16.13 73.72 41.64
CA LYS I 150 -16.10 75.09 42.10
C LYS I 150 -16.19 76.08 40.94
N LYS I 151 -15.64 75.72 39.77
CA LYS I 151 -15.74 76.61 38.62
C LYS I 151 -17.19 76.71 38.13
N LYS I 152 -17.95 75.62 38.23
CA LYS I 152 -19.35 75.66 37.84
C LYS I 152 -20.23 76.23 38.94
N VAL I 153 -19.79 76.09 40.20
CA VAL I 153 -20.58 76.61 41.31
C VAL I 153 -20.57 78.14 41.32
N LEU I 154 -19.38 78.73 41.23
CA LEU I 154 -19.24 80.18 41.34
C LEU I 154 -19.74 80.92 40.10
N GLN I 155 -20.28 80.23 39.10
CA GLN I 155 -20.92 80.90 37.97
C GLN I 155 -22.38 81.23 38.25
N ASN I 156 -22.96 80.69 39.31
CA ASN I 156 -24.35 80.94 39.67
C ASN I 156 -24.44 82.05 40.70
N ALA I 157 -25.62 82.68 40.74
CA ALA I 157 -25.81 83.86 41.60
C ALA I 157 -25.64 83.50 43.06
N ARG I 158 -26.14 82.35 43.48
CA ARG I 158 -26.11 81.94 44.88
C ARG I 158 -24.86 81.14 45.23
N GLY I 159 -23.84 81.16 44.37
CA GLY I 159 -22.62 80.43 44.63
C GLY I 159 -22.88 79.02 45.09
N SER I 160 -23.73 78.32 44.33
CA SER I 160 -24.11 76.95 44.68
C SER I 160 -24.71 76.28 43.45
N LEU I 161 -24.38 75.00 43.27
CA LEU I 161 -24.90 74.20 42.18
C LEU I 161 -25.69 73.02 42.74
N THR I 162 -26.92 72.87 42.29
CA THR I 162 -27.76 71.74 42.68
C THR I 162 -27.89 70.80 41.49
N LEU I 163 -27.68 69.52 41.73
CA LEU I 163 -27.63 68.54 40.65
C LEU I 163 -27.72 67.14 41.24
N ASP I 164 -27.81 66.16 40.34
CA ASP I 164 -27.64 64.75 40.67
C ASP I 164 -26.18 64.40 40.38
N VAL I 165 -25.41 64.10 41.43
CA VAL I 165 -23.97 63.90 41.29
C VAL I 165 -23.60 62.49 40.84
N GLN I 166 -24.56 61.58 40.72
CA GLN I 166 -24.22 60.20 40.39
C GLN I 166 -23.41 60.11 39.10
N PRO I 167 -23.77 60.79 38.01
CA PRO I 167 -22.93 60.71 36.80
C PRO I 167 -21.51 61.19 37.02
N SER I 168 -21.34 62.38 37.63
CA SER I 168 -20.00 62.91 37.84
C SER I 168 -19.19 62.05 38.79
N ILE I 169 -19.84 61.43 39.78
CA ILE I 169 -19.12 60.56 40.72
C ILE I 169 -18.70 59.27 40.03
N PHE I 170 -19.56 58.72 39.17
CA PHE I 170 -19.19 57.52 38.45
C PHE I 170 -18.04 57.77 37.49
N HIS I 171 -17.97 58.98 36.92
CA HIS I 171 -16.85 59.30 36.04
C HIS I 171 -15.61 59.71 36.81
N TYR I 172 -15.76 60.14 38.07
CA TYR I 172 -14.59 60.35 38.90
C TYR I 172 -13.88 59.04 39.21
N THR I 173 -14.67 57.99 39.48
CA THR I 173 -14.07 56.69 39.81
C THR I 173 -13.44 56.03 38.59
N ILE I 174 -14.00 56.24 37.40
CA ILE I 174 -13.37 55.72 36.20
C ILE I 174 -12.05 56.44 35.94
N GLU I 175 -11.99 57.73 36.27
CA GLU I 175 -10.75 58.48 36.11
C GLU I 175 -9.68 57.99 37.06
N ALA I 176 -9.95 58.07 38.37
CA ALA I 176 -8.95 57.74 39.37
C ALA I 176 -8.46 56.30 39.24
N SER I 177 -9.33 55.39 38.80
CA SER I 177 -8.93 53.99 38.68
C SER I 177 -8.05 53.77 37.46
N ASN I 178 -8.44 54.33 36.31
CA ASN I 178 -7.61 54.20 35.12
C ASN I 178 -6.22 54.80 35.35
N LEU I 179 -6.16 55.91 36.09
CA LEU I 179 -4.87 56.53 36.38
C LEU I 179 -4.05 55.68 37.33
N ALA I 180 -4.67 55.16 38.40
CA ALA I 180 -3.94 54.34 39.35
C ALA I 180 -3.62 52.95 38.82
N LEU I 181 -4.38 52.47 37.82
CA LEU I 181 -4.13 51.16 37.24
C LEU I 181 -3.18 51.24 36.05
N PHE I 182 -3.40 52.20 35.15
CA PHE I 182 -2.67 52.27 33.90
C PHE I 182 -1.83 53.52 33.73
N GLY I 183 -1.94 54.50 34.63
CA GLY I 183 -1.20 55.73 34.45
C GLY I 183 -1.67 56.56 33.28
N GLU I 184 -2.89 56.33 32.80
CA GLU I 184 -3.50 57.11 31.72
C GLU I 184 -4.56 58.04 32.29
N ARG I 185 -4.66 59.22 31.69
CA ARG I 185 -5.56 60.27 32.17
C ARG I 185 -6.58 60.57 31.07
N LEU I 186 -7.81 60.08 31.27
CA LEU I 186 -8.91 60.31 30.34
C LEU I 186 -9.62 61.59 30.72
N GLY I 187 -10.11 62.32 29.71
CA GLY I 187 -10.69 63.62 29.98
C GLY I 187 -12.11 63.60 30.50
N LEU I 188 -12.33 62.89 31.61
CA LEU I 188 -13.69 62.67 32.11
C LEU I 188 -14.08 63.56 33.28
N VAL I 189 -13.13 63.97 34.13
CA VAL I 189 -13.41 64.86 35.24
C VAL I 189 -13.25 66.30 34.77
N GLY I 190 -14.32 67.08 34.87
CA GLY I 190 -14.33 68.42 34.37
C GLY I 190 -14.80 68.56 32.94
N HIS I 191 -15.15 67.46 32.28
CA HIS I 191 -15.63 67.49 30.90
C HIS I 191 -16.78 66.51 30.76
N SER I 192 -17.50 66.63 29.66
CA SER I 192 -18.65 65.77 29.42
C SER I 192 -18.20 64.32 29.24
N PRO I 193 -19.04 63.36 29.63
CA PRO I 193 -18.71 61.95 29.40
C PRO I 193 -18.52 61.62 27.94
N SER I 194 -17.55 60.75 27.67
CA SER I 194 -17.38 60.23 26.32
C SER I 194 -18.33 59.07 26.09
N SER I 195 -18.56 58.75 24.81
CA SER I 195 -19.38 57.60 24.50
C SER I 195 -18.74 56.31 25.03
N ALA I 196 -17.42 56.23 25.02
CA ALA I 196 -16.75 55.02 25.49
C ALA I 196 -17.03 54.76 26.96
N SER I 197 -17.14 55.83 27.77
CA SER I 197 -17.39 55.65 29.19
C SER I 197 -18.85 55.39 29.49
N LEU I 198 -19.76 55.93 28.68
CA LEU I 198 -21.18 55.67 28.90
C LEU I 198 -21.52 54.23 28.52
N ASN I 199 -21.00 53.75 27.38
CA ASN I 199 -21.21 52.36 27.01
C ASN I 199 -20.59 51.42 28.03
N PHE I 200 -19.45 51.80 28.61
CA PHE I 200 -18.83 50.98 29.64
C PHE I 200 -19.68 50.93 30.89
N LEU I 201 -20.32 52.05 31.25
CA LEU I 201 -21.17 52.07 32.44
C LEU I 201 -22.46 51.32 32.20
N HIS I 202 -23.04 51.46 31.00
CA HIS I 202 -24.25 50.70 30.69
C HIS I 202 -23.98 49.20 30.70
N ALA I 203 -22.87 48.79 30.07
CA ALA I 203 -22.54 47.37 30.02
C ALA I 203 -22.45 46.78 31.42
N LEU I 204 -21.76 47.46 32.33
CA LEU I 204 -21.72 47.01 33.72
C LEU I 204 -23.13 46.91 34.29
N GLU I 205 -23.95 47.94 34.06
CA GLU I 205 -25.31 47.93 34.57
C GLU I 205 -26.06 46.69 34.11
N VAL I 206 -25.89 46.32 32.83
CA VAL I 206 -26.56 45.12 32.31
C VAL I 206 -25.90 43.86 32.84
N MET I 207 -24.56 43.84 32.88
CA MET I 207 -23.85 42.69 33.40
C MET I 207 -24.35 42.33 34.80
N PHE I 208 -24.53 43.34 35.66
CA PHE I 208 -25.01 43.08 37.01
C PHE I 208 -26.42 42.54 36.99
N LYS I 209 -27.32 43.18 36.23
CA LYS I 209 -28.71 42.74 36.17
C LYS I 209 -28.81 41.29 35.74
N SER I 210 -28.31 40.98 34.53
CA SER I 210 -28.42 39.62 34.01
C SER I 210 -27.79 38.60 34.94
N THR I 211 -26.77 39.00 35.71
CA THR I 211 -26.14 38.06 36.63
C THR I 211 -27.17 37.53 37.63
N VAL I 212 -28.00 38.41 38.18
CA VAL I 212 -29.00 37.97 39.15
C VAL I 212 -30.00 37.05 38.48
N GLN I 213 -30.34 37.34 37.22
CA GLN I 213 -31.32 36.51 36.51
C GLN I 213 -30.80 35.10 36.26
N LEU I 214 -29.49 34.89 36.30
CA LEU I 214 -28.89 33.61 35.96
C LEU I 214 -28.21 32.91 37.12
N MET I 215 -27.74 33.65 38.13
CA MET I 215 -26.92 33.05 39.18
C MET I 215 -27.71 32.18 40.14
N PHE I 216 -29.04 32.18 40.06
CA PHE I 216 -29.87 31.45 41.03
C PHE I 216 -30.48 30.19 40.45
N MET I 217 -30.04 29.75 39.27
CA MET I 217 -30.54 28.52 38.70
C MET I 217 -29.44 27.89 37.85
N PRO I 218 -29.26 26.57 37.93
CA PRO I 218 -28.15 25.93 37.21
C PRO I 218 -28.26 26.18 35.72
N ARG I 219 -27.12 26.07 35.03
CA ARG I 219 -27.10 26.34 33.60
C ARG I 219 -27.97 25.36 32.83
N SER I 220 -28.21 24.17 33.36
CA SER I 220 -29.04 23.19 32.67
C SER I 220 -30.47 23.70 32.46
N LEU I 221 -30.90 24.69 33.25
CA LEU I 221 -32.23 25.28 33.09
C LEU I 221 -32.16 26.61 32.36
N SER I 222 -31.42 27.58 32.91
CA SER I 222 -31.31 28.90 32.27
C SER I 222 -30.91 28.79 30.81
N ARG I 223 -30.39 27.64 30.37
CA ARG I 223 -30.05 27.47 28.97
C ARG I 223 -31.26 27.70 28.07
N TRP I 224 -32.42 27.15 28.45
CA TRP I 224 -33.60 27.16 27.60
C TRP I 224 -34.77 27.97 28.15
N ILE I 225 -34.81 28.27 29.44
CA ILE I 225 -35.85 29.12 30.00
C ILE I 225 -35.53 30.60 29.88
N SER I 226 -34.26 30.98 29.77
CA SER I 226 -33.86 32.37 29.61
C SER I 226 -32.61 32.47 28.74
N PRO I 227 -32.59 31.86 27.56
CA PRO I 227 -31.40 32.00 26.71
C PRO I 227 -31.20 33.43 26.25
N LYS I 228 -32.28 34.18 26.03
CA LYS I 228 -32.15 35.59 25.68
C LYS I 228 -31.29 36.33 26.69
N VAL I 229 -31.33 35.88 27.95
CA VAL I 229 -30.55 36.54 29.00
C VAL I 229 -29.09 36.19 28.89
N TRP I 230 -28.76 34.94 28.52
CA TRP I 230 -27.37 34.57 28.30
C TRP I 230 -26.76 35.44 27.20
N LYS I 231 -27.44 35.53 26.06
CA LYS I 231 -26.96 36.41 24.99
C LYS I 231 -26.77 37.84 25.50
N GLU I 232 -27.79 38.35 26.20
CA GLU I 232 -27.70 39.68 26.79
C GLU I 232 -26.48 39.81 27.70
N HIS I 233 -26.19 38.75 28.48
CA HIS I 233 -25.09 38.79 29.44
C HIS I 233 -23.75 38.85 28.71
N PHE I 234 -23.53 37.94 27.77
CA PHE I 234 -22.24 37.88 27.07
C PHE I 234 -22.00 39.15 26.25
N GLU I 235 -23.04 39.73 25.66
CA GLU I 235 -22.86 40.98 24.95
C GLU I 235 -22.39 42.08 25.87
N ALA I 236 -22.80 42.06 27.14
CA ALA I 236 -22.30 43.04 28.09
C ALA I 236 -20.82 42.81 28.39
N TRP I 237 -20.44 41.56 28.65
CA TRP I 237 -19.04 41.26 28.87
C TRP I 237 -18.22 41.57 27.63
N ASP I 238 -18.78 41.35 26.44
CA ASP I 238 -18.06 41.69 25.21
C ASP I 238 -17.71 43.17 25.19
N CYS I 239 -18.66 44.04 25.55
CA CYS I 239 -18.36 45.46 25.57
C CYS I 239 -17.44 45.83 26.73
N ILE I 240 -17.54 45.11 27.85
CA ILE I 240 -16.64 45.36 28.98
C ILE I 240 -15.22 44.97 28.59
N PHE I 241 -15.02 43.69 28.21
CA PHE I 241 -13.71 43.22 27.79
C PHE I 241 -13.13 44.08 26.66
N GLN I 242 -13.98 44.79 25.92
CA GLN I 242 -13.47 45.68 24.89
C GLN I 242 -12.85 46.93 25.50
N TYR I 243 -13.50 47.51 26.53
CA TYR I 243 -12.96 48.70 27.17
C TYR I 243 -11.66 48.41 27.89
N GLY I 244 -11.59 47.28 28.61
CA GLY I 244 -10.42 46.98 29.42
C GLY I 244 -9.25 46.47 28.63
N ASP I 245 -9.50 45.78 27.51
CA ASP I 245 -8.42 45.30 26.66
C ASP I 245 -7.80 46.41 25.83
N ASN I 246 -8.51 47.52 25.63
CA ASN I 246 -7.88 48.69 25.02
C ASN I 246 -6.93 49.36 26.00
N CYS I 247 -7.24 49.32 27.30
CA CYS I 247 -6.31 49.82 28.29
C CYS I 247 -5.04 48.96 28.34
N ILE I 248 -5.20 47.65 28.18
CA ILE I 248 -4.06 46.74 28.23
C ILE I 248 -3.18 46.93 27.00
N GLN I 249 -3.79 46.92 25.80
CA GLN I 249 -2.99 47.00 24.59
C GLN I 249 -2.25 48.32 24.47
N LYS I 250 -2.73 49.38 25.12
CA LYS I 250 -2.01 50.65 25.10
C LYS I 250 -0.77 50.59 25.99
N ILE I 251 -0.94 50.15 27.24
CA ILE I 251 0.19 50.11 28.16
C ILE I 251 1.20 49.05 27.73
N TYR I 252 0.74 47.92 27.17
CA TYR I 252 1.67 46.86 26.79
C TYR I 252 2.59 47.32 25.65
N GLN I 253 2.04 48.07 24.69
CA GLN I 253 2.87 48.58 23.60
C GLN I 253 3.82 49.66 24.09
N GLU I 254 3.43 50.41 25.06
CA GLU I 254 4.28 51.45 25.53
C GLU I 254 5.36 50.99 26.42
N LEU I 255 5.19 49.92 27.14
CA LEU I 255 6.26 49.39 27.98
C LEU I 255 7.24 48.53 27.18
N ALA I 256 6.78 47.91 26.10
CA ALA I 256 7.70 47.14 25.26
C ALA I 256 8.75 48.01 24.62
N PHE I 257 8.49 49.31 24.46
CA PHE I 257 9.42 50.23 23.85
C PHE I 257 10.23 51.04 24.86
N ASN I 258 9.75 51.19 26.10
CA ASN I 258 10.47 51.96 27.10
C ASN I 258 10.00 51.55 28.49
N ARG I 259 10.92 51.08 29.33
CA ARG I 259 10.60 50.73 30.70
C ARG I 259 10.81 51.97 31.57
N PRO I 260 9.76 52.63 32.05
CA PRO I 260 9.95 53.89 32.78
C PRO I 260 10.64 53.66 34.11
N GLN I 261 11.24 54.74 34.62
CA GLN I 261 11.95 54.70 35.89
C GLN I 261 11.11 55.18 37.07
N HIS I 262 10.06 55.94 36.82
CA HIS I 262 9.15 56.39 37.86
C HIS I 262 7.87 55.57 37.84
N TYR I 263 7.02 55.80 38.84
CA TYR I 263 5.77 55.05 38.94
C TYR I 263 4.81 55.49 37.84
N THR I 264 4.23 54.51 37.15
CA THR I 264 3.31 54.79 36.06
C THR I 264 2.07 53.90 36.14
N GLY I 265 1.64 53.55 37.35
CA GLY I 265 0.43 52.79 37.55
C GLY I 265 0.69 51.41 38.12
N ILE I 266 -0.41 50.76 38.51
CA ILE I 266 -0.32 49.44 39.11
C ILE I 266 -0.01 48.38 38.06
N VAL I 267 -0.79 48.34 36.98
CA VAL I 267 -0.54 47.36 35.93
C VAL I 267 0.83 47.52 35.33
N ALA I 268 1.41 48.73 35.40
CA ALA I 268 2.79 48.91 34.97
C ALA I 268 3.72 47.99 35.74
N GLU I 269 3.66 48.03 37.07
CA GLU I 269 4.53 47.18 37.88
C GLU I 269 4.30 45.71 37.57
N LEU I 270 3.04 45.28 37.42
CA LEU I 270 2.77 43.87 37.20
C LEU I 270 3.37 43.38 35.88
N LEU I 271 3.42 44.24 34.86
CA LEU I 271 4.00 43.85 33.59
C LEU I 271 5.52 43.84 33.66
N LEU I 272 6.11 44.84 34.32
CA LEU I 272 7.56 44.89 34.45
C LEU I 272 8.08 43.68 35.22
N LYS I 273 7.54 43.43 36.42
CA LYS I 273 7.97 42.28 37.21
C LYS I 273 7.84 40.99 36.40
N ALA I 274 6.71 40.82 35.71
CA ALA I 274 6.47 39.66 34.87
C ALA I 274 6.44 38.37 35.69
N GLU I 275 6.01 38.45 36.95
CA GLU I 275 5.86 37.25 37.76
C GLU I 275 4.66 36.42 37.30
N LEU I 276 3.66 37.07 36.69
CA LEU I 276 2.48 36.40 36.18
C LEU I 276 2.50 36.39 34.66
N SER I 277 2.00 35.31 34.07
CA SER I 277 1.94 35.24 32.61
C SER I 277 1.12 36.40 32.07
N LEU I 278 1.30 36.68 30.77
CA LEU I 278 0.57 37.78 30.15
C LEU I 278 -0.93 37.59 30.30
N GLU I 279 -1.42 36.39 29.99
CA GLU I 279 -2.86 36.13 30.05
C GLU I 279 -3.40 36.31 31.47
N ALA I 280 -2.62 35.95 32.48
CA ALA I 280 -3.08 36.10 33.86
C ALA I 280 -3.05 37.57 34.29
N ILE I 281 -2.16 38.38 33.71
CA ILE I 281 -2.20 39.81 33.98
C ILE I 281 -3.39 40.44 33.30
N LYS I 282 -3.68 40.04 32.07
CA LYS I 282 -4.88 40.53 31.40
C LYS I 282 -6.13 40.14 32.16
N ALA I 283 -6.18 38.90 32.64
CA ALA I 283 -7.35 38.43 33.38
C ALA I 283 -7.59 39.27 34.63
N ASN I 284 -6.55 39.46 35.45
CA ASN I 284 -6.71 40.27 36.66
C ASN I 284 -6.88 41.74 36.32
N SER I 285 -6.17 42.21 35.30
CA SER I 285 -6.36 43.60 34.88
C SER I 285 -7.82 43.87 34.54
N MET I 286 -8.51 42.89 33.95
CA MET I 286 -9.94 43.05 33.68
C MET I 286 -10.71 43.22 34.97
N GLU I 287 -10.54 42.29 35.91
CA GLU I 287 -11.30 42.36 37.15
C GLU I 287 -11.07 43.67 37.88
N LEU I 288 -9.85 44.22 37.79
CA LEU I 288 -9.58 45.49 38.47
C LEU I 288 -10.23 46.65 37.75
N THR I 289 -10.23 46.64 36.41
CA THR I 289 -10.88 47.72 35.67
C THR I 289 -12.39 47.64 35.79
N ALA I 290 -12.95 46.43 35.80
CA ALA I 290 -14.40 46.27 35.82
C ALA I 290 -14.97 46.37 37.23
N GLY I 291 -14.20 45.98 38.25
CA GLY I 291 -14.68 45.99 39.60
C GLY I 291 -14.19 47.16 40.41
N SER I 292 -13.89 48.27 39.73
CA SER I 292 -13.40 49.46 40.41
C SER I 292 -14.31 50.67 40.23
N VAL I 293 -15.53 50.47 39.71
CA VAL I 293 -16.42 51.58 39.41
C VAL I 293 -17.62 51.53 40.35
N ASP I 294 -18.56 50.63 40.09
CA ASP I 294 -19.83 50.64 40.81
C ASP I 294 -19.61 50.44 42.31
N THR I 295 -18.81 49.45 42.69
CA THR I 295 -18.62 49.17 44.10
C THR I 295 -18.04 50.37 44.84
N THR I 296 -17.22 51.18 44.18
CA THR I 296 -16.59 52.32 44.83
C THR I 296 -17.45 53.58 44.79
N ALA I 297 -18.31 53.73 43.77
CA ALA I 297 -19.02 54.98 43.55
C ALA I 297 -20.34 55.08 44.30
N PHE I 298 -20.88 53.97 44.79
CA PHE I 298 -22.15 54.03 45.50
C PHE I 298 -21.94 54.40 46.96
N PRO I 299 -20.94 53.83 47.64
CA PRO I 299 -20.62 54.33 48.99
C PRO I 299 -20.32 55.81 49.00
N LEU I 300 -19.60 56.31 48.00
CA LEU I 300 -19.36 57.75 47.89
C LEU I 300 -20.67 58.53 47.91
N LEU I 301 -21.61 58.15 47.04
CA LEU I 301 -22.89 58.83 46.99
C LEU I 301 -23.61 58.74 48.33
N MET I 302 -23.67 57.53 48.90
CA MET I 302 -24.36 57.36 50.18
C MET I 302 -23.64 58.12 51.29
N THR I 303 -22.33 58.30 51.20
CA THR I 303 -21.65 59.15 52.16
C THR I 303 -22.07 60.61 52.00
N LEU I 304 -22.03 61.11 50.76
CA LEU I 304 -22.50 62.47 50.52
C LEU I 304 -23.95 62.64 50.99
N PHE I 305 -24.81 61.67 50.67
CA PHE I 305 -26.21 61.75 51.07
C PHE I 305 -26.35 61.84 52.58
N GLU I 306 -25.60 61.02 53.32
CA GLU I 306 -25.72 61.03 54.77
C GLU I 306 -25.09 62.28 55.38
N LEU I 307 -24.07 62.83 54.75
CA LEU I 307 -23.51 64.08 55.25
C LEU I 307 -24.47 65.25 55.03
N ALA I 308 -25.34 65.15 54.02
CA ALA I 308 -26.34 66.20 53.80
C ALA I 308 -27.51 66.07 54.76
N ARG I 309 -27.83 64.86 55.21
CA ARG I 309 -28.90 64.69 56.19
C ARG I 309 -28.46 65.00 57.60
N ASN I 310 -27.17 65.03 57.86
CA ASN I 310 -26.62 65.24 59.20
C ASN I 310 -25.56 66.33 59.15
N PRO I 311 -25.97 67.58 58.98
CA PRO I 311 -24.98 68.66 58.88
C PRO I 311 -24.09 68.77 60.11
N ASP I 312 -24.58 68.39 61.29
CA ASP I 312 -23.73 68.39 62.48
C ASP I 312 -22.51 67.52 62.26
N VAL I 313 -22.71 66.29 61.76
CA VAL I 313 -21.59 65.41 61.47
C VAL I 313 -20.73 65.98 60.34
N GLN I 314 -21.35 66.72 59.41
CA GLN I 314 -20.58 67.24 58.28
C GLN I 314 -19.59 68.31 58.73
N GLN I 315 -20.00 69.21 59.63
CA GLN I 315 -19.09 70.28 60.06
C GLN I 315 -17.99 69.74 60.96
N ILE I 316 -18.24 68.63 61.64
CA ILE I 316 -17.16 67.98 62.40
C ILE I 316 -16.11 67.42 61.45
N LEU I 317 -16.55 66.83 60.33
CA LEU I 317 -15.61 66.30 59.35
C LEU I 317 -14.91 67.42 58.59
N ARG I 318 -15.63 68.51 58.29
CA ARG I 318 -15.01 69.61 57.58
C ARG I 318 -13.93 70.26 58.43
N GLN I 319 -14.16 70.38 59.73
CA GLN I 319 -13.12 70.93 60.61
C GLN I 319 -11.85 70.09 60.53
N GLU I 320 -11.99 68.77 60.67
CA GLU I 320 -10.83 67.89 60.61
C GLU I 320 -10.08 68.05 59.30
N SER I 321 -10.81 68.15 58.19
CA SER I 321 -10.15 68.22 56.89
C SER I 321 -9.53 69.58 56.65
N LEU I 322 -10.20 70.66 57.07
CA LEU I 322 -9.60 71.99 56.95
C LEU I 322 -8.36 72.11 57.82
N ALA I 323 -8.33 71.39 58.96
CA ALA I 323 -7.15 71.39 59.81
C ALA I 323 -5.97 70.73 59.08
N ALA I 324 -6.10 69.45 58.75
CA ALA I 324 -5.05 68.68 58.08
C ALA I 324 -4.91 69.06 56.60
N ALA I 325 -5.53 70.14 56.13
CA ALA I 325 -5.47 70.47 54.72
C ALA I 325 -4.04 70.78 54.26
N ALA I 326 -3.27 71.46 55.12
CA ALA I 326 -1.94 71.88 54.71
C ALA I 326 -0.91 70.76 54.79
N SER I 327 -1.06 69.84 55.75
CA SER I 327 -0.16 68.69 55.81
C SER I 327 -0.47 67.66 54.74
N ILE I 328 -1.67 67.67 54.18
CA ILE I 328 -2.01 66.74 53.11
C ILE I 328 -1.60 67.27 51.74
N SER I 329 -1.64 68.59 51.53
CA SER I 329 -1.17 69.16 50.26
C SER I 329 0.33 69.00 50.12
N GLU I 330 1.08 69.04 51.22
CA GLU I 330 2.50 68.72 51.16
C GLU I 330 2.71 67.27 50.76
N HIS I 331 2.03 66.36 51.44
CA HIS I 331 2.16 64.92 51.20
C HIS I 331 0.79 64.29 51.31
N PRO I 332 0.14 63.97 50.18
CA PRO I 332 -1.20 63.38 50.24
C PRO I 332 -1.27 62.09 51.04
N GLN I 333 -0.18 61.32 51.13
CA GLN I 333 -0.21 60.05 51.84
C GLN I 333 -0.72 60.22 53.27
N LYS I 334 -0.50 61.40 53.86
CA LYS I 334 -0.97 61.64 55.22
C LYS I 334 -2.49 61.60 55.34
N ALA I 335 -3.21 61.58 54.23
CA ALA I 335 -4.68 61.56 54.29
C ALA I 335 -5.19 60.30 54.96
N THR I 336 -4.43 59.21 54.89
CA THR I 336 -4.87 57.95 55.49
C THR I 336 -4.73 57.95 57.01
N THR I 337 -3.99 58.90 57.59
CA THR I 337 -3.77 58.94 59.03
C THR I 337 -4.20 60.24 59.68
N GLU I 338 -4.21 61.35 58.94
CA GLU I 338 -4.61 62.63 59.52
C GLU I 338 -6.12 62.83 59.55
N LEU I 339 -6.89 61.95 58.90
CA LEU I 339 -8.34 62.07 58.81
C LEU I 339 -8.99 60.83 59.39
N PRO I 340 -8.87 60.62 60.71
CA PRO I 340 -9.54 59.44 61.31
C PRO I 340 -11.05 59.53 61.30
N LEU I 341 -11.63 60.73 61.43
CA LEU I 341 -13.08 60.86 61.46
C LEU I 341 -13.70 60.53 60.11
N LEU I 342 -13.06 60.96 59.02
CA LEU I 342 -13.60 60.69 57.69
C LEU I 342 -13.48 59.21 57.34
N ARG I 343 -12.41 58.54 57.79
CA ARG I 343 -12.32 57.10 57.64
C ARG I 343 -13.46 56.41 58.39
N ALA I 344 -13.81 56.92 59.57
CA ALA I 344 -14.93 56.37 60.31
C ALA I 344 -16.25 56.65 59.60
N ALA I 345 -16.34 57.78 58.89
CA ALA I 345 -17.54 58.05 58.11
C ALA I 345 -17.75 56.97 57.06
N LEU I 346 -16.68 56.54 56.40
CA LEU I 346 -16.80 55.50 55.38
C LEU I 346 -17.19 54.17 56.01
N LYS I 347 -16.61 53.85 57.18
CA LYS I 347 -17.01 52.64 57.88
C LYS I 347 -18.50 52.66 58.20
N GLU I 348 -19.02 53.83 58.57
CA GLU I 348 -20.45 53.95 58.87
C GLU I 348 -21.28 53.82 57.61
N THR I 349 -20.79 54.34 56.48
CA THR I 349 -21.53 54.22 55.22
C THR I 349 -21.59 52.77 54.77
N LEU I 350 -20.48 52.05 54.85
CA LEU I 350 -20.47 50.65 54.44
C LEU I 350 -21.23 49.77 55.43
N ARG I 351 -21.47 50.26 56.65
CA ARG I 351 -22.26 49.52 57.62
C ARG I 351 -23.74 49.50 57.22
N LEU I 352 -24.29 50.67 56.94
CA LEU I 352 -25.71 50.76 56.58
C LEU I 352 -25.95 50.36 55.13
N TYR I 353 -25.03 50.73 54.22
CA TYR I 353 -25.20 50.53 52.79
C TYR I 353 -24.05 49.69 52.25
N PRO I 354 -24.00 48.40 52.60
CA PRO I 354 -22.90 47.55 52.11
C PRO I 354 -23.09 47.11 50.66
N VAL I 355 -22.36 47.74 49.73
CA VAL I 355 -22.47 47.34 48.33
C VAL I 355 -22.26 45.84 48.18
N GLY I 356 -21.29 45.29 48.90
CA GLY I 356 -21.14 43.85 48.96
C GLY I 356 -22.12 43.28 49.97
N LEU I 357 -23.27 42.81 49.49
CA LEU I 357 -24.34 42.42 50.40
C LEU I 357 -23.89 41.31 51.34
N PHE I 358 -23.14 40.34 50.84
CA PHE I 358 -22.77 39.20 51.66
C PHE I 358 -21.40 38.69 51.28
N LEU I 359 -20.82 37.94 52.22
CA LEU I 359 -19.54 37.26 52.05
C LEU I 359 -19.83 35.77 51.91
N GLU I 360 -19.19 35.12 50.93
CA GLU I 360 -19.41 33.71 50.66
C GLU I 360 -18.21 32.90 51.13
N ARG I 361 -18.48 31.70 51.64
CA ARG I 361 -17.43 30.74 51.95
C ARG I 361 -18.02 29.34 51.85
N VAL I 362 -17.34 28.46 51.11
CA VAL I 362 -17.65 27.04 51.09
C VAL I 362 -16.67 26.38 52.06
N VAL I 363 -17.12 26.19 53.30
CA VAL I 363 -16.22 25.71 54.35
C VAL I 363 -15.60 24.39 53.91
N SER I 364 -14.31 24.23 54.22
CA SER I 364 -13.56 23.03 53.91
C SER I 364 -13.42 22.08 55.10
N SER I 365 -14.01 22.43 56.24
CA SER I 365 -13.93 21.60 57.44
C SER I 365 -15.19 21.80 58.27
N ASP I 366 -15.46 20.84 59.14
CA ASP I 366 -16.56 20.99 60.08
C ASP I 366 -16.28 22.18 61.00
N LEU I 367 -17.35 22.79 61.50
CA LEU I 367 -17.25 23.89 62.44
C LEU I 367 -18.56 23.97 63.21
N VAL I 368 -18.66 24.97 64.08
CA VAL I 368 -19.85 25.15 64.90
C VAL I 368 -20.21 26.63 64.90
N LEU I 369 -21.43 26.94 64.49
CA LEU I 369 -21.97 28.30 64.52
C LEU I 369 -23.28 28.28 65.30
N GLN I 370 -23.42 29.24 66.23
CA GLN I 370 -24.62 29.34 67.06
C GLN I 370 -24.98 27.99 67.70
N ASN I 371 -23.95 27.25 68.10
CA ASN I 371 -24.13 25.96 68.77
C ASN I 371 -24.83 24.95 67.87
N TYR I 372 -24.55 25.01 66.57
CA TYR I 372 -25.04 24.05 65.59
C TYR I 372 -23.85 23.45 64.86
N HIS I 373 -24.01 22.20 64.42
CA HIS I 373 -22.97 21.54 63.65
C HIS I 373 -23.10 21.90 62.17
N ILE I 374 -22.02 22.40 61.59
CA ILE I 374 -21.97 22.77 60.18
C ILE I 374 -21.03 21.78 59.48
N PRO I 375 -21.55 20.86 58.67
CA PRO I 375 -20.66 19.94 57.95
C PRO I 375 -19.78 20.65 56.94
N ALA I 376 -18.70 19.97 56.57
CA ALA I 376 -17.81 20.48 55.53
C ALA I 376 -18.51 20.44 54.19
N GLY I 377 -18.19 21.43 53.34
CA GLY I 377 -18.85 21.57 52.06
C GLY I 377 -20.07 22.45 52.07
N THR I 378 -20.44 23.02 53.21
CA THR I 378 -21.62 23.85 53.34
C THR I 378 -21.33 25.28 52.92
N LEU I 379 -22.30 25.91 52.26
CA LEU I 379 -22.19 27.32 51.92
C LEU I 379 -22.65 28.16 53.10
N VAL I 380 -21.83 29.13 53.49
CA VAL I 380 -22.12 30.01 54.61
C VAL I 380 -22.09 31.44 54.10
N GLN I 381 -23.22 32.14 54.20
CA GLN I 381 -23.36 33.51 53.71
C GLN I 381 -23.50 34.45 54.90
N VAL I 382 -22.55 35.36 55.06
CA VAL I 382 -22.64 36.43 56.06
C VAL I 382 -23.41 37.57 55.42
N PHE I 383 -24.61 37.82 55.93
CA PHE I 383 -25.51 38.84 55.37
C PHE I 383 -25.21 40.16 56.07
N LEU I 384 -24.50 41.05 55.36
CA LEU I 384 -23.94 42.25 55.98
C LEU I 384 -24.97 43.35 56.22
N TYR I 385 -26.10 43.32 55.52
CA TYR I 385 -27.11 44.35 55.72
C TYR I 385 -27.69 44.29 57.12
N SER I 386 -27.84 43.09 57.68
CA SER I 386 -28.39 42.90 59.02
C SER I 386 -27.31 42.98 60.11
N LEU I 387 -26.14 42.40 59.85
CA LEU I 387 -25.04 42.50 60.80
C LEU I 387 -24.82 43.95 61.23
N GLY I 388 -24.89 44.87 60.27
CA GLY I 388 -24.70 46.28 60.58
C GLY I 388 -25.89 46.96 61.19
N ARG I 389 -27.03 46.27 61.30
CA ARG I 389 -28.25 46.84 61.86
C ARG I 389 -28.66 46.14 63.16
N ASN I 390 -27.80 45.28 63.71
CA ASN I 390 -28.08 44.56 64.95
C ASN I 390 -27.82 45.51 66.12
N ALA I 391 -28.91 46.02 66.72
CA ALA I 391 -28.76 47.00 67.80
C ALA I 391 -27.96 46.47 68.97
N ALA I 392 -27.89 45.15 69.16
CA ALA I 392 -27.11 44.59 70.25
C ALA I 392 -25.63 44.95 70.13
N LEU I 393 -25.11 44.96 68.90
CA LEU I 393 -23.71 45.26 68.65
C LEU I 393 -23.45 46.72 68.29
N PHE I 394 -24.45 47.42 67.75
CA PHE I 394 -24.31 48.81 67.32
C PHE I 394 -25.43 49.61 67.96
N PRO I 395 -25.19 50.20 69.13
CA PRO I 395 -26.24 51.01 69.77
C PRO I 395 -26.79 52.07 68.84
N ARG I 396 -28.12 52.12 68.74
CA ARG I 396 -28.83 53.03 67.84
C ARG I 396 -28.33 52.83 66.41
N PRO I 397 -28.55 51.64 65.83
CA PRO I 397 -28.04 51.39 64.48
C PRO I 397 -28.74 52.22 63.41
N GLU I 398 -29.92 52.76 63.70
CA GLU I 398 -30.60 53.63 62.75
C GLU I 398 -29.79 54.88 62.44
N ARG I 399 -28.86 55.25 63.32
CA ARG I 399 -28.23 56.56 63.29
C ARG I 399 -26.90 56.51 62.55
N TYR I 400 -26.62 57.56 61.79
CA TYR I 400 -25.34 57.72 61.10
C TYR I 400 -24.36 58.34 62.07
N ASN I 401 -23.64 57.48 62.81
CA ASN I 401 -22.72 57.92 63.86
C ASN I 401 -21.30 57.51 63.51
N PRO I 402 -20.49 58.40 62.93
CA PRO I 402 -19.09 58.02 62.64
C PRO I 402 -18.25 57.80 63.87
N GLN I 403 -18.48 58.55 64.95
CA GLN I 403 -17.61 58.48 66.12
C GLN I 403 -17.67 57.12 66.80
N ARG I 404 -18.69 56.31 66.52
CA ARG I 404 -18.81 55.03 67.21
C ARG I 404 -17.62 54.13 66.95
N TRP I 405 -16.85 54.37 65.89
CA TRP I 405 -15.68 53.56 65.58
C TRP I 405 -14.42 54.10 66.26
N LEU I 406 -14.57 54.95 67.28
CA LEU I 406 -13.42 55.51 67.99
C LEU I 406 -13.56 55.31 69.50
N ARG I 413 -14.04 46.53 68.86
CA ARG I 413 -14.74 46.10 67.65
C ARG I 413 -13.78 45.45 66.66
N ASN I 414 -13.61 44.14 66.77
CA ASN I 414 -12.62 43.43 65.96
C ASN I 414 -13.18 43.00 64.61
N PHE I 415 -14.33 42.31 64.61
CA PHE I 415 -14.95 41.81 63.41
C PHE I 415 -16.24 42.56 63.07
N HIS I 416 -16.37 43.81 63.54
CA HIS I 416 -17.57 44.60 63.30
C HIS I 416 -17.56 45.31 61.96
N HIS I 417 -16.39 45.48 61.35
CA HIS I 417 -16.24 46.16 60.06
C HIS I 417 -15.59 45.17 59.10
N VAL I 418 -16.43 44.41 58.39
CA VAL I 418 -15.95 43.45 57.40
C VAL I 418 -16.63 43.67 56.06
N PRO I 419 -16.86 44.91 55.63
CA PRO I 419 -17.48 45.11 54.31
C PRO I 419 -16.58 44.68 53.17
N PHE I 420 -15.26 44.59 53.40
CA PHE I 420 -14.31 44.18 52.39
C PHE I 420 -13.97 42.69 52.46
N GLY I 421 -14.61 41.95 53.35
CA GLY I 421 -14.31 40.54 53.51
C GLY I 421 -13.38 40.30 54.68
N PHE I 422 -12.59 39.23 54.60
CA PHE I 422 -11.69 38.85 55.68
C PHE I 422 -10.72 37.81 55.18
N GLY I 423 -9.58 37.71 55.84
CA GLY I 423 -8.59 36.71 55.51
C GLY I 423 -7.82 37.03 54.26
N MET I 424 -7.08 36.03 53.78
CA MET I 424 -6.32 36.18 52.55
C MET I 424 -7.20 36.50 51.36
N ARG I 425 -8.51 36.26 51.46
CA ARG I 425 -9.44 36.56 50.38
C ARG I 425 -10.00 37.98 50.45
N GLN I 426 -9.68 38.74 51.50
CA GLN I 426 -10.21 40.09 51.64
C GLN I 426 -10.03 40.85 50.33
N CYS I 427 -10.86 41.87 50.12
CA CYS I 427 -10.82 42.67 48.90
C CYS I 427 -9.40 42.97 48.47
N LEU I 428 -9.15 42.84 47.16
CA LEU I 428 -7.84 43.20 46.61
C LEU I 428 -7.74 44.68 46.29
N GLY I 429 -8.85 45.35 46.07
CA GLY I 429 -8.83 46.78 45.84
C GLY I 429 -9.32 47.56 47.03
N ARG I 430 -9.14 46.99 48.22
CA ARG I 430 -9.61 47.64 49.44
C ARG I 430 -9.02 49.03 49.59
N ARG I 431 -7.69 49.15 49.42
CA ARG I 431 -7.01 50.41 49.69
C ARG I 431 -7.00 51.36 48.49
N LEU I 432 -7.24 50.87 47.28
CA LEU I 432 -7.49 51.78 46.18
C LEU I 432 -8.86 52.43 46.33
N ALA I 433 -9.87 51.64 46.71
CA ALA I 433 -11.20 52.18 46.93
C ALA I 433 -11.17 53.22 48.04
N GLU I 434 -10.64 52.86 49.21
CA GLU I 434 -10.64 53.78 50.35
C GLU I 434 -9.93 55.08 50.02
N ALA I 435 -8.89 55.04 49.18
CA ALA I 435 -8.19 56.26 48.83
C ALA I 435 -9.04 57.14 47.91
N GLU I 436 -9.72 56.54 46.94
CA GLU I 436 -10.56 57.31 46.02
C GLU I 436 -11.71 57.98 46.77
N MET I 437 -12.42 57.21 47.60
CA MET I 437 -13.48 57.79 48.43
C MET I 437 -12.92 58.89 49.33
N LEU I 438 -11.83 58.60 50.05
CA LEU I 438 -11.35 59.52 51.08
C LEU I 438 -10.88 60.83 50.48
N LEU I 439 -10.15 60.77 49.37
CA LEU I 439 -9.61 61.99 48.80
C LEU I 439 -10.70 62.86 48.17
N LEU I 440 -11.71 62.23 47.56
CA LEU I 440 -12.81 63.02 47.00
C LEU I 440 -13.55 63.77 48.09
N LEU I 441 -13.94 63.06 49.15
CA LEU I 441 -14.68 63.69 50.24
C LEU I 441 -13.83 64.75 50.94
N HIS I 442 -12.52 64.53 51.02
CA HIS I 442 -11.66 65.50 51.69
C HIS I 442 -11.72 66.85 51.00
N HIS I 443 -11.46 66.87 49.69
CA HIS I 443 -11.40 68.14 48.98
C HIS I 443 -12.77 68.77 48.81
N VAL I 444 -13.84 67.98 48.83
CA VAL I 444 -15.17 68.55 48.74
C VAL I 444 -15.55 69.24 50.05
N LEU I 445 -15.16 68.65 51.17
CA LEU I 445 -15.52 69.23 52.46
C LEU I 445 -14.86 70.59 52.68
N LYS I 446 -13.58 70.71 52.32
CA LYS I 446 -12.85 71.95 52.56
C LYS I 446 -13.16 73.04 51.55
N HIS I 447 -14.17 72.86 50.70
CA HIS I 447 -14.56 73.89 49.74
C HIS I 447 -16.06 74.15 49.71
N PHE I 448 -16.88 73.11 49.85
CA PHE I 448 -18.31 73.21 49.64
C PHE I 448 -19.09 72.84 50.90
N LEU I 449 -20.39 73.11 50.84
CA LEU I 449 -21.35 72.62 51.80
C LEU I 449 -22.35 71.74 51.04
N VAL I 450 -22.63 70.55 51.57
CA VAL I 450 -23.55 69.62 50.94
C VAL I 450 -24.87 69.65 51.70
N GLU I 451 -25.94 70.03 51.01
CA GLU I 451 -27.26 70.21 51.60
C GLU I 451 -28.29 69.48 50.74
N THR I 452 -29.40 69.09 51.37
CA THR I 452 -30.45 68.38 50.64
C THR I 452 -31.76 68.44 51.43
N LEU I 453 -32.85 68.72 50.73
CA LEU I 453 -34.17 68.62 51.35
C LEU I 453 -34.63 67.17 51.48
N THR I 454 -34.20 66.31 50.56
CA THR I 454 -34.55 64.89 50.61
C THR I 454 -33.98 64.23 51.86
N GLN I 455 -34.79 64.10 52.91
CA GLN I 455 -34.34 63.49 54.15
C GLN I 455 -34.94 62.11 54.39
N GLU I 456 -35.90 61.68 53.58
CA GLU I 456 -36.42 60.33 53.70
C GLU I 456 -35.36 59.32 53.27
N ASP I 457 -35.31 58.20 53.97
CA ASP I 457 -34.35 57.16 53.65
C ASP I 457 -34.40 56.84 52.16
N ILE I 458 -33.27 56.42 51.62
CA ILE I 458 -33.17 55.99 50.23
C ILE I 458 -33.39 54.48 50.19
N LYS I 459 -34.35 54.05 49.35
CA LYS I 459 -34.60 52.63 49.18
C LYS I 459 -33.45 51.99 48.42
N MET I 460 -32.94 50.88 48.95
CA MET I 460 -31.82 50.17 48.34
C MET I 460 -32.33 49.00 47.50
N VAL I 461 -31.55 48.66 46.48
CA VAL I 461 -31.90 47.62 45.52
C VAL I 461 -30.75 46.63 45.43
N TYR I 462 -31.08 45.39 45.05
CA TYR I 462 -30.10 44.33 44.84
C TYR I 462 -30.02 44.00 43.37
N SER I 463 -28.91 44.37 42.74
CA SER I 463 -28.55 43.90 41.40
C SER I 463 -27.13 43.34 41.46
N PHE I 464 -26.97 42.28 42.25
CA PHE I 464 -25.68 41.66 42.56
C PHE I 464 -24.89 42.48 43.57
N ILE I 465 -24.99 43.81 43.48
CA ILE I 465 -24.52 44.71 44.53
C ILE I 465 -25.72 45.42 45.12
N LEU I 466 -25.53 45.94 46.33
CA LEU I 466 -26.53 46.78 46.98
C LEU I 466 -26.26 48.23 46.61
N ARG I 467 -27.24 48.87 46.00
CA ARG I 467 -27.05 50.22 45.50
C ARG I 467 -28.34 51.01 45.66
N PRO I 468 -28.25 52.33 45.80
CA PRO I 468 -29.47 53.12 45.97
C PRO I 468 -30.30 53.10 44.70
N GLY I 469 -31.61 52.88 44.86
CA GLY I 469 -32.50 52.81 43.71
C GLY I 469 -32.85 54.15 43.10
N THR I 470 -32.61 55.24 43.82
CA THR I 470 -32.80 56.58 43.31
C THR I 470 -31.58 57.42 43.66
N SER I 471 -31.46 58.58 43.01
CA SER I 471 -30.36 59.48 43.29
C SER I 471 -30.92 60.81 43.80
N PRO I 472 -30.54 61.26 44.99
CA PRO I 472 -31.11 62.50 45.52
C PRO I 472 -30.51 63.72 44.83
N LEU I 473 -31.16 64.85 45.06
CA LEU I 473 -30.70 66.13 44.55
C LEU I 473 -29.83 66.77 45.62
N LEU I 474 -28.53 66.90 45.33
CA LEU I 474 -27.58 67.48 46.27
C LEU I 474 -27.18 68.88 45.84
N THR I 475 -27.09 69.78 46.82
CA THR I 475 -26.65 71.15 46.60
C THR I 475 -25.22 71.31 47.10
N PHE I 476 -24.40 72.00 46.32
CA PHE I 476 -23.00 72.25 46.68
C PHE I 476 -22.81 73.76 46.75
N ARG I 477 -22.82 74.29 47.98
CA ARG I 477 -22.62 75.71 48.23
C ARG I 477 -21.16 75.95 48.62
N ALA I 478 -20.51 76.89 47.94
CA ALA I 478 -19.09 77.12 48.14
C ALA I 478 -18.85 77.89 49.42
N ILE I 479 -17.59 77.89 49.86
CA ILE I 479 -17.15 78.64 51.02
C ILE I 479 -16.22 79.76 50.59
N VAL J 12 -41.68 -47.91 49.66
CA VAL J 12 -41.14 -49.20 50.06
C VAL J 12 -41.86 -50.33 49.34
N LEU J 13 -41.14 -51.00 48.44
CA LEU J 13 -41.71 -52.13 47.73
C LEU J 13 -41.85 -53.34 48.67
N PRO J 14 -42.71 -54.28 48.33
CA PRO J 14 -42.80 -55.51 49.12
C PRO J 14 -41.63 -56.44 48.84
N PHE J 15 -41.54 -57.51 49.63
CA PHE J 15 -40.41 -58.43 49.50
C PHE J 15 -40.52 -59.27 48.23
N GLU J 16 -41.74 -59.68 47.87
CA GLU J 16 -41.92 -60.57 46.72
C GLU J 16 -41.55 -59.90 45.41
N ALA J 17 -41.47 -58.56 45.39
CA ALA J 17 -41.14 -57.83 44.17
C ALA J 17 -39.64 -57.72 43.97
N MET J 18 -38.86 -58.67 44.53
CA MET J 18 -37.42 -58.64 44.39
C MET J 18 -37.00 -59.37 43.13
N PRO J 19 -35.91 -58.94 42.48
CA PRO J 19 -35.34 -59.75 41.39
C PRO J 19 -34.92 -61.10 41.93
N GLN J 20 -35.28 -62.15 41.19
CA GLN J 20 -35.10 -63.53 41.65
C GLN J 20 -33.99 -64.19 40.84
N HIS J 21 -33.08 -64.87 41.53
CA HIS J 21 -32.03 -65.63 40.86
C HIS J 21 -32.68 -66.76 40.05
N PRO J 22 -32.44 -66.84 38.75
CA PRO J 22 -33.15 -67.84 37.93
C PRO J 22 -32.86 -69.28 38.32
N GLY J 23 -31.85 -69.52 39.17
CA GLY J 23 -31.39 -70.88 39.43
C GLY J 23 -32.33 -71.65 40.34
N ASN J 24 -32.47 -72.94 40.05
CA ASN J 24 -33.29 -73.85 40.83
C ASN J 24 -32.45 -74.46 41.94
N ARG J 25 -32.87 -74.25 43.20
CA ARG J 25 -32.12 -74.80 44.33
C ARG J 25 -31.69 -76.24 44.09
N TRP J 26 -32.65 -77.10 43.75
CA TRP J 26 -32.38 -78.54 43.73
C TRP J 26 -31.34 -78.92 42.68
N LEU J 27 -31.44 -78.35 41.48
CA LEU J 27 -30.47 -78.67 40.43
C LEU J 27 -29.07 -78.23 40.85
N ARG J 28 -28.95 -77.20 41.70
CA ARG J 28 -27.65 -76.81 42.19
C ARG J 28 -27.18 -77.69 43.35
N LEU J 29 -28.09 -78.36 44.06
CA LEU J 29 -27.67 -79.34 45.05
C LEU J 29 -27.15 -80.61 44.38
N LEU J 30 -27.74 -80.98 43.23
CA LEU J 30 -27.20 -82.10 42.46
C LEU J 30 -25.98 -81.68 41.65
N GLN J 31 -25.93 -80.43 41.20
CA GLN J 31 -24.71 -79.91 40.60
C GLN J 31 -23.52 -80.08 41.54
N ILE J 32 -23.74 -79.87 42.84
CA ILE J 32 -22.67 -80.03 43.81
C ILE J 32 -22.42 -81.50 44.12
N TRP J 33 -23.45 -82.35 44.06
CA TRP J 33 -23.23 -83.78 44.22
C TRP J 33 -22.33 -84.31 43.11
N ARG J 34 -22.50 -83.79 41.90
CA ARG J 34 -21.74 -84.27 40.75
C ARG J 34 -20.32 -83.73 40.75
N GLU J 35 -20.18 -82.40 40.84
CA GLU J 35 -18.88 -81.74 40.78
C GLU J 35 -18.10 -81.83 42.07
N GLN J 36 -18.71 -82.28 43.16
CA GLN J 36 -18.06 -82.38 44.46
C GLN J 36 -17.54 -81.03 44.94
N GLY J 37 -18.22 -79.95 44.54
CA GLY J 37 -17.80 -78.63 44.95
C GLY J 37 -18.65 -77.57 44.26
N TYR J 38 -18.22 -76.32 44.45
CA TYR J 38 -18.92 -75.18 43.87
C TYR J 38 -17.89 -74.08 43.59
N GLU J 39 -16.81 -74.45 42.88
CA GLU J 39 -15.65 -73.57 42.78
C GLU J 39 -15.99 -72.24 42.11
N HIS J 40 -16.92 -72.25 41.16
CA HIS J 40 -17.25 -71.05 40.39
C HIS J 40 -18.38 -70.23 41.03
N LEU J 41 -18.59 -70.39 42.34
CA LEU J 41 -19.69 -69.67 42.99
C LEU J 41 -19.51 -68.17 42.90
N HIS J 42 -18.32 -67.68 43.27
CA HIS J 42 -18.10 -66.24 43.26
C HIS J 42 -18.40 -65.64 41.89
N LEU J 43 -18.09 -66.38 40.82
CA LEU J 43 -18.35 -65.88 39.47
C LEU J 43 -19.84 -65.88 39.17
N GLU J 44 -20.53 -66.98 39.50
CA GLU J 44 -21.96 -67.08 39.22
C GLU J 44 -22.74 -65.99 39.94
N MET J 45 -22.30 -65.58 41.13
CA MET J 45 -22.99 -64.51 41.84
C MET J 45 -22.63 -63.15 41.25
N HIS J 46 -21.35 -62.92 40.96
CA HIS J 46 -20.96 -61.67 40.34
C HIS J 46 -21.73 -61.42 39.04
N GLN J 47 -22.03 -62.49 38.29
CA GLN J 47 -22.82 -62.35 37.08
C GLN J 47 -24.26 -62.00 37.39
N THR J 48 -24.87 -62.71 38.34
CA THR J 48 -26.26 -62.43 38.70
C THR J 48 -26.44 -60.98 39.11
N PHE J 49 -25.55 -60.47 39.96
CA PHE J 49 -25.62 -59.06 40.33
C PHE J 49 -25.59 -58.16 39.11
N GLN J 50 -24.71 -58.46 38.15
CA GLN J 50 -24.63 -57.65 36.94
C GLN J 50 -25.92 -57.66 36.15
N GLU J 51 -26.71 -58.74 36.26
CA GLU J 51 -27.96 -58.84 35.53
C GLU J 51 -29.14 -58.26 36.30
N LEU J 52 -29.20 -58.49 37.61
CA LEU J 52 -30.39 -58.21 38.41
C LEU J 52 -30.25 -57.02 39.35
N GLY J 53 -29.09 -56.37 39.38
CA GLY J 53 -28.89 -55.21 40.22
C GLY J 53 -28.12 -55.51 41.49
N PRO J 54 -28.09 -54.56 42.43
CA PRO J 54 -27.33 -54.76 43.67
C PRO J 54 -28.07 -55.56 44.74
N ILE J 55 -29.19 -56.19 44.39
CA ILE J 55 -29.97 -56.97 45.35
C ILE J 55 -30.82 -57.95 44.56
N PHE J 56 -30.97 -59.15 45.11
CA PHE J 56 -31.85 -60.14 44.50
C PHE J 56 -32.17 -61.23 45.49
N ARG J 57 -33.30 -61.90 45.25
CA ARG J 57 -33.84 -62.93 46.11
C ARG J 57 -33.20 -64.29 45.79
N TYR J 58 -33.41 -65.24 46.70
CA TYR J 58 -33.08 -66.63 46.46
C TYR J 58 -34.17 -67.50 47.09
N ASN J 59 -34.51 -68.60 46.44
CA ASN J 59 -35.59 -69.44 46.92
C ASN J 59 -35.23 -70.12 48.23
N LEU J 60 -36.23 -70.34 49.07
CA LEU J 60 -36.01 -70.98 50.37
C LEU J 60 -35.49 -72.40 50.16
N ARG J 64 -35.69 -67.30 53.91
CA ARG J 64 -35.58 -66.33 52.83
C ARG J 64 -34.17 -65.77 52.78
N MET J 65 -33.51 -65.85 51.62
CA MET J 65 -32.15 -65.38 51.46
C MET J 65 -32.14 -64.18 50.52
N VAL J 66 -31.42 -63.13 50.92
CA VAL J 66 -31.26 -61.92 50.13
C VAL J 66 -29.77 -61.64 49.99
N CYS J 67 -29.34 -61.40 48.75
CA CYS J 67 -27.94 -61.12 48.44
C CYS J 67 -27.79 -59.65 48.10
N VAL J 68 -26.87 -58.98 48.78
CA VAL J 68 -26.59 -57.57 48.57
C VAL J 68 -25.10 -57.41 48.27
N MET J 69 -24.71 -56.17 47.93
CA MET J 69 -23.32 -55.93 47.57
C MET J 69 -22.86 -54.50 47.81
N LEU J 70 -23.61 -53.67 48.53
CA LEU J 70 -23.24 -52.28 48.72
C LEU J 70 -22.99 -51.98 50.20
N PRO J 71 -21.99 -51.16 50.52
CA PRO J 71 -21.84 -50.71 51.91
C PRO J 71 -23.09 -50.04 52.45
N GLU J 72 -23.85 -49.38 51.57
CA GLU J 72 -25.17 -48.85 51.89
C GLU J 72 -25.94 -49.80 52.78
N ASP J 73 -25.85 -51.10 52.49
CA ASP J 73 -26.60 -52.13 53.18
C ASP J 73 -25.87 -52.67 54.40
N VAL J 74 -24.55 -52.83 54.32
CA VAL J 74 -23.79 -53.25 55.49
C VAL J 74 -24.07 -52.31 56.66
N GLU J 75 -24.20 -51.01 56.36
CA GLU J 75 -24.57 -50.05 57.39
C GLU J 75 -25.93 -50.39 57.98
N LYS J 76 -26.90 -50.69 57.12
CA LYS J 76 -28.24 -51.01 57.61
C LYS J 76 -28.26 -52.34 58.36
N LEU J 77 -27.38 -53.27 58.01
CA LEU J 77 -27.36 -54.56 58.69
C LEU J 77 -26.78 -54.44 60.08
N GLN J 78 -25.75 -53.61 60.26
CA GLN J 78 -25.19 -53.40 61.59
C GLN J 78 -26.18 -52.64 62.47
N GLN J 79 -26.92 -51.70 61.90
CA GLN J 79 -27.94 -51.00 62.67
C GLN J 79 -28.97 -51.98 63.25
N VAL J 80 -29.22 -53.09 62.54
CA VAL J 80 -30.19 -54.08 63.01
C VAL J 80 -29.56 -55.15 63.88
N ASP J 81 -28.23 -55.26 63.92
CA ASP J 81 -27.56 -56.22 64.79
C ASP J 81 -28.11 -56.13 66.20
N SER J 82 -28.78 -57.18 66.66
CA SER J 82 -29.27 -57.20 68.03
C SER J 82 -28.08 -57.27 68.99
N LEU J 83 -28.38 -57.34 70.28
CA LEU J 83 -27.34 -57.62 71.26
C LEU J 83 -26.70 -58.98 71.02
N HIS J 84 -27.36 -59.84 70.23
CA HIS J 84 -26.85 -61.16 69.89
C HIS J 84 -26.98 -61.35 68.38
N PRO J 85 -26.06 -60.75 67.60
CA PRO J 85 -26.07 -60.99 66.15
C PRO J 85 -26.08 -62.47 65.85
N CYS J 86 -26.58 -62.86 64.67
CA CYS J 86 -26.84 -64.26 64.38
C CYS J 86 -26.40 -64.57 62.96
N ARG J 87 -25.36 -65.38 62.82
CA ARG J 87 -25.05 -66.02 61.55
C ARG J 87 -25.76 -67.38 61.49
N MET J 88 -25.84 -67.93 60.29
CA MET J 88 -26.51 -69.21 60.13
C MET J 88 -25.69 -70.33 60.75
N ILE J 89 -26.37 -71.29 61.35
CA ILE J 89 -25.68 -72.45 61.93
C ILE J 89 -25.03 -73.23 60.80
N LEU J 90 -23.76 -73.60 61.01
CA LEU J 90 -22.98 -74.37 60.05
C LEU J 90 -23.02 -75.83 60.51
N GLU J 91 -24.05 -76.56 60.08
CA GLU J 91 -24.30 -77.88 60.65
C GLU J 91 -23.11 -78.82 60.53
N PRO J 92 -22.41 -78.92 59.40
CA PRO J 92 -21.29 -79.87 59.31
C PRO J 92 -20.24 -79.68 60.39
N TRP J 93 -19.93 -78.42 60.74
CA TRP J 93 -18.96 -78.17 61.81
C TRP J 93 -19.55 -78.46 63.18
N VAL J 94 -20.79 -78.02 63.41
CA VAL J 94 -21.44 -78.27 64.70
C VAL J 94 -21.67 -79.76 64.90
N ALA J 95 -22.09 -80.46 63.84
CA ALA J 95 -22.33 -81.90 63.96
C ALA J 95 -21.12 -82.60 64.57
N TYR J 96 -19.92 -82.21 64.16
CA TYR J 96 -18.72 -82.81 64.73
C TYR J 96 -18.58 -82.47 66.22
N ARG J 97 -18.85 -81.22 66.58
CA ARG J 97 -18.68 -80.79 67.96
C ARG J 97 -19.52 -81.66 68.90
N GLN J 98 -20.79 -81.88 68.55
CA GLN J 98 -21.68 -82.64 69.41
C GLN J 98 -21.51 -84.15 69.24
N HIS J 99 -20.98 -84.60 68.10
CA HIS J 99 -20.67 -86.01 67.95
C HIS J 99 -19.59 -86.46 68.92
N ARG J 100 -18.64 -85.58 69.22
CA ARG J 100 -17.54 -85.88 70.13
C ARG J 100 -17.73 -85.26 71.51
N GLY J 101 -18.89 -84.68 71.78
CA GLY J 101 -19.15 -84.06 73.06
C GLY J 101 -18.20 -82.92 73.36
N HIS J 102 -18.10 -81.97 72.43
CA HIS J 102 -17.29 -80.78 72.60
C HIS J 102 -18.17 -79.53 72.59
N LYS J 103 -17.70 -78.49 73.26
CA LYS J 103 -18.37 -77.20 73.23
C LYS J 103 -17.94 -76.42 72.00
N CYS J 104 -18.88 -75.69 71.41
CA CYS J 104 -18.55 -74.88 70.25
C CYS J 104 -17.86 -73.59 70.68
N GLY J 105 -17.16 -72.98 69.72
CA GLY J 105 -16.52 -71.70 69.94
C GLY J 105 -17.33 -70.54 69.39
N VAL J 106 -16.73 -69.36 69.46
CA VAL J 106 -17.42 -68.14 69.06
C VAL J 106 -17.81 -68.18 67.59
N PHE J 107 -17.05 -68.90 66.76
CA PHE J 107 -17.36 -68.94 65.33
C PHE J 107 -18.62 -69.74 65.05
N LEU J 108 -19.03 -70.62 65.96
CA LEU J 108 -20.18 -71.50 65.75
C LEU J 108 -21.31 -71.25 66.75
N LEU J 109 -21.14 -70.31 67.68
CA LEU J 109 -22.15 -70.06 68.71
C LEU J 109 -23.06 -68.93 68.28
N ASN J 110 -24.24 -68.90 68.90
CA ASN J 110 -25.23 -67.85 68.70
C ASN J 110 -25.90 -67.54 70.02
N GLY J 111 -26.52 -66.37 70.09
CA GLY J 111 -27.31 -65.99 71.24
C GLY J 111 -26.45 -65.75 72.47
N PRO J 112 -27.05 -65.91 73.66
CA PRO J 112 -26.33 -65.53 74.89
C PRO J 112 -24.99 -66.21 75.04
N GLU J 113 -24.88 -67.49 74.68
CA GLU J 113 -23.63 -68.21 74.87
C GLU J 113 -22.52 -67.63 74.01
N TRP J 114 -22.87 -67.05 72.86
CA TRP J 114 -21.87 -66.37 72.05
C TRP J 114 -21.35 -65.11 72.76
N ARG J 115 -22.27 -64.30 73.29
CA ARG J 115 -21.87 -63.05 73.91
C ARG J 115 -21.02 -63.30 75.15
N PHE J 116 -21.34 -64.36 75.91
CA PHE J 116 -20.56 -64.67 77.10
C PHE J 116 -19.11 -65.00 76.72
N ASN J 117 -18.94 -65.86 75.72
CA ASN J 117 -17.59 -66.23 75.27
C ASN J 117 -16.87 -65.03 74.66
N ARG J 118 -17.57 -64.29 73.79
CA ARG J 118 -16.91 -63.23 73.03
C ARG J 118 -16.38 -62.12 73.93
N LEU J 119 -17.04 -61.86 75.05
CA LEU J 119 -16.62 -60.76 75.92
C LEU J 119 -15.44 -61.13 76.81
N ARG J 120 -15.15 -62.41 76.96
CA ARG J 120 -13.99 -62.87 77.71
C ARG J 120 -12.78 -63.14 76.81
N LEU J 121 -12.94 -63.01 75.50
CA LEU J 121 -11.87 -63.23 74.53
C LEU J 121 -11.30 -61.93 73.97
N ASN J 122 -12.15 -60.94 73.73
CA ASN J 122 -11.68 -59.68 73.17
C ASN J 122 -10.48 -59.09 73.90
N PRO J 123 -10.41 -59.08 75.24
CA PRO J 123 -9.26 -58.44 75.90
C PRO J 123 -7.93 -59.06 75.52
N ASP J 124 -7.86 -60.39 75.44
CA ASP J 124 -6.60 -61.10 75.24
C ASP J 124 -6.29 -61.42 73.78
N VAL J 125 -7.20 -61.13 72.86
CA VAL J 125 -7.08 -61.59 71.48
C VAL J 125 -7.10 -60.42 70.50
N LEU J 126 -7.87 -59.37 70.80
CA LEU J 126 -8.15 -58.32 69.84
C LEU J 126 -7.85 -56.92 70.34
N SER J 127 -7.77 -56.69 71.65
CA SER J 127 -7.58 -55.35 72.16
C SER J 127 -6.20 -54.82 71.80
N PRO J 128 -6.05 -53.50 71.65
CA PRO J 128 -4.72 -52.95 71.38
C PRO J 128 -3.70 -53.22 72.47
N LYS J 129 -4.15 -53.52 73.69
CA LYS J 129 -3.20 -53.87 74.74
C LYS J 129 -2.63 -55.26 74.54
N ALA J 130 -3.44 -56.18 74.01
CA ALA J 130 -2.95 -57.52 73.71
C ALA J 130 -2.08 -57.52 72.46
N VAL J 131 -2.42 -56.71 71.46
CA VAL J 131 -1.61 -56.64 70.25
C VAL J 131 -0.20 -56.18 70.58
N GLN J 132 -0.07 -55.22 71.51
CA GLN J 132 1.25 -54.75 71.90
C GLN J 132 2.10 -55.85 72.51
N ARG J 133 1.49 -56.89 73.06
CA ARG J 133 2.23 -57.96 73.72
C ARG J 133 2.68 -59.05 72.75
N PHE J 134 1.78 -59.53 71.89
CA PHE J 134 2.15 -60.60 70.96
C PHE J 134 2.76 -60.09 69.66
N LEU J 135 2.55 -58.82 69.31
CA LEU J 135 3.07 -58.32 68.04
C LEU J 135 4.59 -58.44 67.96
N PRO J 136 5.36 -58.17 69.01
CA PRO J 136 6.81 -58.44 68.92
C PRO J 136 7.11 -59.90 68.64
N MET J 137 6.40 -60.83 69.28
CA MET J 137 6.63 -62.25 69.02
C MET J 137 6.46 -62.57 67.54
N VAL J 138 5.45 -61.98 66.90
CA VAL J 138 5.25 -62.18 65.46
C VAL J 138 6.42 -61.61 64.67
N ASP J 139 7.02 -60.53 65.17
CA ASP J 139 8.19 -59.95 64.49
C ASP J 139 9.33 -60.95 64.43
N ALA J 140 9.56 -61.69 65.51
CA ALA J 140 10.64 -62.68 65.53
C ALA J 140 10.48 -63.67 64.40
N VAL J 141 9.26 -64.19 64.22
CA VAL J 141 9.02 -65.15 63.14
C VAL J 141 9.22 -64.48 61.80
N ALA J 142 8.71 -63.26 61.65
CA ALA J 142 8.82 -62.57 60.36
C ALA J 142 10.28 -62.31 60.00
N ARG J 143 11.11 -61.96 60.99
CA ARG J 143 12.53 -61.74 60.70
C ARG J 143 13.23 -63.05 60.37
N ASP J 144 12.92 -64.12 61.12
CA ASP J 144 13.51 -65.43 60.82
C ASP J 144 13.13 -65.91 59.42
N PHE J 145 11.96 -65.52 58.95
CA PHE J 145 11.55 -65.89 57.60
C PHE J 145 12.44 -65.24 56.56
N SER J 146 12.71 -63.93 56.71
CA SER J 146 13.57 -63.24 55.74
C SER J 146 15.03 -63.60 55.94
N GLN J 147 15.46 -63.87 57.19
CA GLN J 147 16.83 -64.30 57.41
C GLN J 147 17.09 -65.64 56.73
N ALA J 148 16.12 -66.55 56.80
CA ALA J 148 16.28 -67.85 56.15
C ALA J 148 16.23 -67.71 54.63
N LEU J 149 15.28 -66.94 54.12
CA LEU J 149 15.19 -66.73 52.68
C LEU J 149 16.48 -66.10 52.14
N LYS J 150 17.02 -65.10 52.84
CA LYS J 150 18.24 -64.45 52.38
C LYS J 150 19.41 -65.42 52.36
N LYS J 151 19.52 -66.29 53.37
CA LYS J 151 20.61 -67.26 53.40
C LYS J 151 20.56 -68.17 52.18
N LYS J 152 19.36 -68.59 51.77
CA LYS J 152 19.24 -69.44 50.59
C LYS J 152 19.43 -68.64 49.30
N VAL J 153 19.15 -67.34 49.34
CA VAL J 153 19.24 -66.53 48.13
C VAL J 153 20.69 -66.20 47.79
N LEU J 154 21.51 -65.92 48.79
CA LEU J 154 22.91 -65.58 48.55
C LEU J 154 23.80 -66.80 48.36
N GLN J 155 23.20 -67.99 48.20
CA GLN J 155 23.94 -69.16 47.78
C GLN J 155 23.90 -69.37 46.27
N ASN J 156 23.01 -68.68 45.57
CA ASN J 156 22.89 -68.79 44.12
C ASN J 156 23.72 -67.71 43.45
N ALA J 157 24.16 -68.00 42.23
CA ALA J 157 25.04 -67.08 41.51
C ALA J 157 24.39 -65.71 41.33
N ARG J 158 23.10 -65.70 40.95
CA ARG J 158 22.39 -64.45 40.66
C ARG J 158 21.70 -63.87 41.89
N GLY J 159 22.20 -64.18 43.09
CA GLY J 159 21.69 -63.62 44.33
C GLY J 159 20.18 -63.53 44.35
N SER J 160 19.51 -64.61 43.96
CA SER J 160 18.06 -64.62 43.90
C SER J 160 17.59 -66.07 43.91
N LEU J 161 16.42 -66.28 44.50
CA LEU J 161 15.78 -67.60 44.56
C LEU J 161 14.39 -67.49 43.95
N THR J 162 14.11 -68.36 42.97
CA THR J 162 12.80 -68.45 42.36
C THR J 162 12.12 -69.72 42.87
N LEU J 163 10.86 -69.59 43.29
CA LEU J 163 10.17 -70.72 43.89
C LEU J 163 8.68 -70.43 44.00
N ASP J 164 7.93 -71.47 44.28
CA ASP J 164 6.53 -71.36 44.69
C ASP J 164 6.53 -71.14 46.20
N VAL J 165 6.16 -69.94 46.65
CA VAL J 165 6.27 -69.61 48.06
C VAL J 165 5.09 -70.08 48.90
N GLN J 166 4.01 -70.55 48.27
CA GLN J 166 2.83 -70.95 49.04
C GLN J 166 3.19 -71.86 50.20
N PRO J 167 3.97 -72.93 50.02
CA PRO J 167 4.33 -73.76 51.18
C PRO J 167 5.04 -73.00 52.29
N SER J 168 6.06 -72.20 51.96
CA SER J 168 6.80 -71.50 53.01
C SER J 168 5.94 -70.44 53.69
N ILE J 169 4.99 -69.85 52.96
CA ILE J 169 4.10 -68.87 53.58
C ILE J 169 3.14 -69.55 54.55
N PHE J 170 2.60 -70.71 54.16
CA PHE J 170 1.67 -71.41 55.03
C PHE J 170 2.35 -71.86 56.32
N HIS J 171 3.61 -72.30 56.22
CA HIS J 171 4.34 -72.69 57.42
C HIS J 171 4.85 -71.49 58.21
N TYR J 172 4.76 -70.29 57.66
CA TYR J 172 5.04 -69.08 58.43
C TYR J 172 3.85 -68.70 59.31
N THR J 173 2.63 -68.88 58.80
CA THR J 173 1.45 -68.55 59.59
C THR J 173 1.21 -69.58 60.70
N ILE J 174 1.58 -70.84 60.46
CA ILE J 174 1.49 -71.83 61.54
C ILE J 174 2.49 -71.48 62.63
N GLU J 175 3.61 -70.88 62.24
CA GLU J 175 4.64 -70.51 63.21
C GLU J 175 4.22 -69.32 64.07
N ALA J 176 3.88 -68.21 63.40
CA ALA J 176 3.47 -67.01 64.12
C ALA J 176 2.20 -67.26 64.93
N SER J 177 1.25 -68.02 64.37
CA SER J 177 0.02 -68.29 65.09
C SER J 177 0.27 -69.14 66.33
N ASN J 178 1.08 -70.19 66.20
CA ASN J 178 1.36 -71.05 67.35
C ASN J 178 2.17 -70.31 68.41
N LEU J 179 3.03 -69.39 67.98
CA LEU J 179 3.81 -68.61 68.93
C LEU J 179 2.94 -67.59 69.65
N ALA J 180 2.16 -66.81 68.90
CA ALA J 180 1.29 -65.82 69.52
C ALA J 180 0.22 -66.48 70.38
N LEU J 181 -0.21 -67.70 70.01
CA LEU J 181 -1.30 -68.34 70.72
C LEU J 181 -0.81 -69.07 71.97
N PHE J 182 0.17 -69.95 71.81
CA PHE J 182 0.64 -70.79 72.90
C PHE J 182 2.03 -70.44 73.38
N GLY J 183 2.73 -69.52 72.73
CA GLY J 183 4.08 -69.18 73.13
C GLY J 183 5.12 -70.23 72.77
N GLU J 184 4.74 -71.26 72.03
CA GLU J 184 5.66 -72.31 71.62
C GLU J 184 6.25 -71.97 70.26
N ARG J 185 7.47 -72.47 70.03
CA ARG J 185 8.20 -72.22 68.80
C ARG J 185 8.49 -73.56 68.14
N LEU J 186 7.78 -73.84 67.03
CA LEU J 186 7.97 -75.07 66.27
C LEU J 186 8.94 -74.81 65.12
N GLY J 187 9.87 -75.74 64.92
CA GLY J 187 10.91 -75.50 63.93
C GLY J 187 10.43 -75.53 62.49
N LEU J 188 9.56 -74.60 62.09
CA LEU J 188 8.93 -74.64 60.78
C LEU J 188 9.41 -73.55 59.82
N VAL J 189 9.92 -72.44 60.32
CA VAL J 189 10.44 -71.37 59.47
C VAL J 189 11.95 -71.52 59.40
N GLY J 190 12.48 -71.66 58.19
CA GLY J 190 13.88 -71.93 57.99
C GLY J 190 14.26 -73.39 57.97
N HIS J 191 13.29 -74.29 58.14
CA HIS J 191 13.55 -75.73 58.13
C HIS J 191 12.41 -76.41 57.38
N SER J 192 12.58 -77.71 57.14
CA SER J 192 11.62 -78.43 56.32
C SER J 192 10.33 -78.70 57.10
N PRO J 193 9.20 -78.82 56.41
CA PRO J 193 7.94 -79.12 57.09
C PRO J 193 7.99 -80.44 57.83
N SER J 194 7.36 -80.47 59.00
CA SER J 194 7.17 -81.72 59.70
C SER J 194 5.94 -82.44 59.15
N SER J 195 5.86 -83.75 59.42
CA SER J 195 4.68 -84.50 59.00
C SER J 195 3.46 -84.06 59.78
N ALA J 196 3.64 -83.54 61.01
CA ALA J 196 2.50 -83.07 61.78
C ALA J 196 1.90 -81.82 61.17
N SER J 197 2.74 -80.93 60.64
CA SER J 197 2.23 -79.73 59.99
C SER J 197 1.67 -80.04 58.62
N LEU J 198 2.28 -80.97 57.90
CA LEU J 198 1.78 -81.33 56.57
C LEU J 198 0.45 -82.04 56.66
N ASN J 199 0.25 -82.87 57.69
CA ASN J 199 -1.04 -83.52 57.88
C ASN J 199 -2.09 -82.51 58.31
N PHE J 200 -1.71 -81.55 59.16
CA PHE J 200 -2.64 -80.52 59.61
C PHE J 200 -3.14 -79.67 58.45
N LEU J 201 -2.24 -79.30 57.54
CA LEU J 201 -2.64 -78.49 56.39
C LEU J 201 -3.60 -79.27 55.50
N HIS J 202 -3.26 -80.52 55.17
CA HIS J 202 -4.14 -81.33 54.36
C HIS J 202 -5.49 -81.52 55.03
N ALA J 203 -5.50 -81.78 56.34
CA ALA J 203 -6.76 -81.88 57.08
C ALA J 203 -7.61 -80.63 56.87
N LEU J 204 -6.99 -79.45 56.98
CA LEU J 204 -7.71 -78.21 56.69
C LEU J 204 -8.21 -78.21 55.25
N GLU J 205 -7.34 -78.59 54.31
CA GLU J 205 -7.73 -78.64 52.91
C GLU J 205 -8.97 -79.50 52.71
N VAL J 206 -8.99 -80.68 53.35
CA VAL J 206 -10.11 -81.60 53.20
C VAL J 206 -11.33 -81.08 53.95
N MET J 207 -11.11 -80.49 55.12
CA MET J 207 -12.23 -79.99 55.91
C MET J 207 -12.97 -78.89 55.15
N PHE J 208 -12.23 -78.04 54.44
CA PHE J 208 -12.88 -77.00 53.64
C PHE J 208 -13.69 -77.62 52.51
N LYS J 209 -13.05 -78.46 51.70
CA LYS J 209 -13.72 -79.12 50.58
C LYS J 209 -15.01 -79.79 51.03
N SER J 210 -14.90 -80.74 51.96
CA SER J 210 -16.07 -81.51 52.37
C SER J 210 -17.15 -80.64 53.00
N THR J 211 -16.80 -79.45 53.49
CA THR J 211 -17.83 -78.55 54.02
C THR J 211 -18.76 -78.08 52.90
N VAL J 212 -18.19 -77.64 51.78
CA VAL J 212 -19.02 -77.18 50.66
C VAL J 212 -19.95 -78.28 50.19
N GLN J 213 -19.48 -79.53 50.23
CA GLN J 213 -20.29 -80.65 49.78
C GLN J 213 -21.49 -80.90 50.68
N LEU J 214 -21.45 -80.43 51.94
CA LEU J 214 -22.49 -80.74 52.91
C LEU J 214 -23.30 -79.53 53.37
N MET J 215 -22.81 -78.31 53.16
CA MET J 215 -23.45 -77.14 53.73
C MET J 215 -24.61 -76.62 52.89
N PHE J 216 -24.86 -77.20 51.71
CA PHE J 216 -25.90 -76.73 50.81
C PHE J 216 -27.09 -77.68 50.72
N MET J 217 -27.21 -78.62 51.67
CA MET J 217 -28.37 -79.50 51.72
C MET J 217 -28.56 -79.97 53.16
N PRO J 218 -29.81 -80.07 53.62
CA PRO J 218 -30.04 -80.47 55.02
C PRO J 218 -29.45 -81.84 55.29
N ARG J 219 -29.12 -82.08 56.55
CA ARG J 219 -28.52 -83.37 56.91
C ARG J 219 -29.47 -84.53 56.60
N SER J 220 -30.78 -84.28 56.54
CA SER J 220 -31.72 -85.34 56.23
C SER J 220 -31.43 -85.97 54.87
N LEU J 221 -30.89 -85.18 53.93
CA LEU J 221 -30.55 -85.69 52.61
C LEU J 221 -29.08 -86.14 52.53
N SER J 222 -28.16 -85.26 52.93
CA SER J 222 -26.75 -85.63 52.86
C SER J 222 -26.43 -86.89 53.65
N ARG J 223 -27.29 -87.27 54.60
CA ARG J 223 -27.04 -88.47 55.39
C ARG J 223 -26.91 -89.70 54.51
N TRP J 224 -27.77 -89.81 53.48
CA TRP J 224 -27.82 -91.00 52.65
C TRP J 224 -27.34 -90.79 51.23
N ILE J 225 -27.40 -89.56 50.71
CA ILE J 225 -26.90 -89.32 49.36
C ILE J 225 -25.40 -89.13 49.36
N SER J 226 -24.81 -88.67 50.46
CA SER J 226 -23.38 -88.39 50.54
C SER J 226 -22.83 -88.78 51.91
N PRO J 227 -22.99 -90.05 52.31
CA PRO J 227 -22.44 -90.47 53.60
C PRO J 227 -20.94 -90.61 53.59
N LYS J 228 -20.36 -90.90 52.42
CA LYS J 228 -18.90 -91.00 52.35
C LYS J 228 -18.25 -89.66 52.66
N VAL J 229 -18.96 -88.56 52.41
CA VAL J 229 -18.40 -87.24 52.64
C VAL J 229 -18.42 -86.92 54.13
N TRP J 230 -19.49 -87.30 54.82
CA TRP J 230 -19.54 -87.09 56.28
C TRP J 230 -18.35 -87.76 56.95
N LYS J 231 -18.12 -89.04 56.65
CA LYS J 231 -16.95 -89.73 57.19
C LYS J 231 -15.68 -88.98 56.81
N GLU J 232 -15.56 -88.64 55.52
CA GLU J 232 -14.43 -87.83 55.05
C GLU J 232 -14.31 -86.54 55.87
N HIS J 233 -15.44 -85.92 56.18
CA HIS J 233 -15.43 -84.65 56.91
C HIS J 233 -14.98 -84.86 58.35
N PHE J 234 -15.60 -85.80 59.07
CA PHE J 234 -15.27 -86.01 60.46
C PHE J 234 -13.84 -86.50 60.65
N GLU J 235 -13.29 -87.22 59.66
CA GLU J 235 -11.90 -87.64 59.78
C GLU J 235 -10.97 -86.44 59.67
N ALA J 236 -11.28 -85.49 58.81
CA ALA J 236 -10.50 -84.26 58.74
C ALA J 236 -10.48 -83.57 60.10
N TRP J 237 -11.66 -83.34 60.67
CA TRP J 237 -11.73 -82.71 61.98
C TRP J 237 -10.92 -83.49 63.01
N ASP J 238 -11.09 -84.82 63.04
CA ASP J 238 -10.36 -85.64 63.98
C ASP J 238 -8.88 -85.28 64.00
N CYS J 239 -8.28 -85.10 62.81
CA CYS J 239 -6.87 -84.75 62.76
C CYS J 239 -6.63 -83.32 63.20
N ILE J 240 -7.54 -82.41 62.84
CA ILE J 240 -7.42 -81.02 63.26
C ILE J 240 -7.52 -80.91 64.78
N PHE J 241 -8.55 -81.53 65.36
CA PHE J 241 -8.67 -81.55 66.81
C PHE J 241 -7.50 -82.29 67.48
N GLN J 242 -6.80 -83.14 66.74
CA GLN J 242 -5.62 -83.78 67.31
C GLN J 242 -4.46 -82.80 67.41
N TYR J 243 -4.26 -82.00 66.36
CA TYR J 243 -3.18 -81.01 66.37
C TYR J 243 -3.47 -79.91 67.38
N GLY J 244 -4.70 -79.38 67.37
CA GLY J 244 -5.04 -78.30 68.28
C GLY J 244 -5.05 -78.73 69.73
N ASP J 245 -5.40 -80.00 70.00
CA ASP J 245 -5.44 -80.47 71.38
C ASP J 245 -4.06 -80.85 71.91
N ASN J 246 -3.10 -81.17 71.03
CA ASN J 246 -1.73 -81.35 71.51
C ASN J 246 -1.11 -80.01 71.91
N CYS J 247 -1.55 -78.92 71.28
CA CYS J 247 -1.13 -77.59 71.73
C CYS J 247 -1.69 -77.28 73.11
N ILE J 248 -2.96 -77.64 73.34
CA ILE J 248 -3.60 -77.31 74.60
C ILE J 248 -2.99 -78.11 75.75
N GLN J 249 -2.90 -79.44 75.59
CA GLN J 249 -2.43 -80.27 76.69
C GLN J 249 -1.00 -79.96 77.10
N LYS J 250 -0.22 -79.30 76.22
CA LYS J 250 1.13 -78.87 76.59
C LYS J 250 1.09 -77.64 77.48
N ILE J 251 0.37 -76.60 77.07
CA ILE J 251 0.38 -75.35 77.81
C ILE J 251 -0.30 -75.52 79.16
N TYR J 252 -1.36 -76.33 79.20
CA TYR J 252 -2.09 -76.49 80.45
C TYR J 252 -1.20 -77.08 81.54
N GLN J 253 -0.42 -78.11 81.19
CA GLN J 253 0.48 -78.70 82.17
C GLN J 253 1.60 -77.73 82.55
N GLU J 254 2.09 -76.94 81.59
CA GLU J 254 3.19 -76.02 81.86
C GLU J 254 2.76 -74.89 82.79
N LEU J 255 1.49 -74.45 82.69
CA LEU J 255 1.00 -73.43 83.61
C LEU J 255 0.57 -74.00 84.94
N ALA J 256 0.05 -75.23 84.96
CA ALA J 256 -0.35 -75.84 86.20
C ALA J 256 0.81 -76.02 87.17
N PHE J 257 2.05 -75.87 86.70
CA PHE J 257 3.22 -75.96 87.58
C PHE J 257 3.91 -74.63 87.80
N ASN J 258 3.79 -73.68 86.87
CA ASN J 258 4.45 -72.39 87.01
C ASN J 258 3.64 -71.33 86.27
N ARG J 259 3.08 -70.39 87.02
CA ARG J 259 2.38 -69.25 86.45
C ARG J 259 3.37 -68.15 86.09
N PRO J 260 3.71 -68.00 84.82
CA PRO J 260 4.78 -67.04 84.47
C PRO J 260 4.38 -65.62 84.83
N GLN J 261 5.40 -64.76 84.97
CA GLN J 261 5.21 -63.34 85.22
C GLN J 261 5.28 -62.50 83.96
N HIS J 262 5.77 -63.05 82.85
CA HIS J 262 5.87 -62.36 81.57
C HIS J 262 4.85 -62.92 80.59
N TYR J 263 4.77 -62.29 79.42
CA TYR J 263 3.80 -62.69 78.40
C TYR J 263 4.29 -63.94 77.69
N THR J 264 3.45 -64.96 77.64
CA THR J 264 3.77 -66.25 77.05
C THR J 264 2.64 -66.73 76.15
N GLY J 265 2.00 -65.80 75.44
CA GLY J 265 0.98 -66.13 74.47
C GLY J 265 -0.41 -65.75 74.93
N ILE J 266 -1.35 -65.89 73.99
CA ILE J 266 -2.73 -65.50 74.24
C ILE J 266 -3.44 -66.52 75.11
N VAL J 267 -3.42 -67.79 74.71
CA VAL J 267 -4.10 -68.82 75.49
C VAL J 267 -3.57 -68.87 76.91
N ALA J 268 -2.32 -68.44 77.11
CA ALA J 268 -1.80 -68.34 78.47
C ALA J 268 -2.67 -67.41 79.31
N GLU J 269 -3.10 -66.29 78.74
CA GLU J 269 -3.89 -65.32 79.50
C GLU J 269 -5.28 -65.87 79.81
N LEU J 270 -5.91 -66.50 78.83
CA LEU J 270 -7.26 -67.02 79.06
C LEU J 270 -7.27 -68.05 80.18
N LEU J 271 -6.24 -68.89 80.26
CA LEU J 271 -6.21 -69.90 81.29
C LEU J 271 -5.93 -69.29 82.66
N LEU J 272 -5.06 -68.28 82.73
CA LEU J 272 -4.72 -67.65 83.99
C LEU J 272 -5.91 -66.90 84.58
N LYS J 273 -6.56 -66.05 83.77
CA LYS J 273 -7.76 -65.36 84.24
C LYS J 273 -8.82 -66.35 84.71
N ALA J 274 -8.97 -67.47 83.99
CA ALA J 274 -9.96 -68.49 84.32
C ALA J 274 -11.36 -67.89 84.36
N GLU J 275 -11.64 -66.95 83.46
CA GLU J 275 -12.99 -66.42 83.32
C GLU J 275 -13.88 -67.33 82.50
N LEU J 276 -13.31 -68.22 81.70
CA LEU J 276 -14.06 -69.21 80.93
C LEU J 276 -13.72 -70.60 81.45
N SER J 277 -14.72 -71.49 81.44
CA SER J 277 -14.49 -72.87 81.85
C SER J 277 -13.39 -73.48 80.99
N LEU J 278 -12.83 -74.58 81.48
CA LEU J 278 -11.76 -75.25 80.73
C LEU J 278 -12.26 -75.68 79.35
N GLU J 279 -13.46 -76.27 79.29
CA GLU J 279 -13.97 -76.78 78.02
C GLU J 279 -14.26 -75.65 77.04
N ALA J 280 -14.61 -74.46 77.52
CA ALA J 280 -14.87 -73.34 76.63
C ALA J 280 -13.57 -72.72 76.11
N ILE J 281 -12.49 -72.84 76.88
CA ILE J 281 -11.20 -72.36 76.38
C ILE J 281 -10.65 -73.30 75.32
N LYS J 282 -10.75 -74.61 75.56
CA LYS J 282 -10.37 -75.58 74.54
C LYS J 282 -11.11 -75.30 73.23
N ALA J 283 -12.43 -75.14 73.31
CA ALA J 283 -13.23 -74.92 72.11
C ALA J 283 -12.71 -73.74 71.30
N ASN J 284 -12.53 -72.58 71.97
CA ASN J 284 -12.06 -71.40 71.27
C ASN J 284 -10.59 -71.54 70.88
N SER J 285 -9.79 -72.20 71.71
CA SER J 285 -8.41 -72.47 71.34
C SER J 285 -8.34 -73.32 70.08
N MET J 286 -9.34 -74.17 69.84
CA MET J 286 -9.38 -74.95 68.60
C MET J 286 -9.66 -74.07 67.40
N GLU J 287 -10.65 -73.17 67.52
CA GLU J 287 -11.04 -72.36 66.38
C GLU J 287 -9.97 -71.34 66.03
N LEU J 288 -9.19 -70.89 67.02
CA LEU J 288 -8.12 -69.96 66.75
C LEU J 288 -6.93 -70.65 66.08
N THR J 289 -6.65 -71.90 66.50
CA THR J 289 -5.57 -72.66 65.87
C THR J 289 -5.92 -73.05 64.44
N ALA J 290 -7.17 -73.47 64.20
CA ALA J 290 -7.55 -73.99 62.90
C ALA J 290 -7.78 -72.87 61.90
N GLY J 291 -8.38 -71.77 62.33
CA GLY J 291 -8.74 -70.70 61.43
C GLY J 291 -7.68 -69.62 61.26
N SER J 292 -6.49 -69.82 61.80
CA SER J 292 -5.43 -68.83 61.71
C SER J 292 -4.42 -69.14 60.61
N VAL J 293 -4.73 -70.09 59.72
CA VAL J 293 -3.76 -70.55 58.73
C VAL J 293 -4.16 -70.06 57.35
N ASP J 294 -5.16 -70.70 56.74
CA ASP J 294 -5.51 -70.41 55.35
C ASP J 294 -5.98 -68.97 55.21
N THR J 295 -6.90 -68.52 56.07
CA THR J 295 -7.47 -67.19 55.92
C THR J 295 -6.40 -66.11 55.94
N THR J 296 -5.29 -66.35 56.66
CA THR J 296 -4.23 -65.36 56.76
C THR J 296 -3.19 -65.51 55.65
N ALA J 297 -2.81 -66.75 55.34
CA ALA J 297 -1.70 -66.97 54.41
C ALA J 297 -2.07 -66.62 52.97
N PHE J 298 -3.32 -66.84 52.56
CA PHE J 298 -3.69 -66.65 51.16
C PHE J 298 -3.64 -65.18 50.75
N PRO J 299 -4.14 -64.25 51.58
CA PRO J 299 -3.92 -62.82 51.26
C PRO J 299 -2.45 -62.46 51.17
N LEU J 300 -1.61 -63.03 52.05
CA LEU J 300 -0.18 -62.79 51.95
C LEU J 300 0.34 -63.11 50.56
N LEU J 301 -0.11 -64.23 49.98
CA LEU J 301 0.35 -64.62 48.65
C LEU J 301 -0.17 -63.67 47.58
N MET J 302 -1.46 -63.31 47.64
CA MET J 302 -2.01 -62.41 46.64
C MET J 302 -1.39 -61.02 46.75
N THR J 303 -0.97 -60.61 47.94
CA THR J 303 -0.24 -59.36 48.07
C THR J 303 1.13 -59.47 47.42
N LEU J 304 1.90 -60.50 47.77
CA LEU J 304 3.18 -60.74 47.12
C LEU J 304 3.01 -60.86 45.62
N PHE J 305 1.90 -61.47 45.19
CA PHE J 305 1.65 -61.60 43.75
C PHE J 305 1.40 -60.24 43.10
N GLU J 306 0.51 -59.44 43.71
CA GLU J 306 0.17 -58.15 43.11
C GLU J 306 1.36 -57.19 43.12
N LEU J 307 2.17 -57.23 44.17
CA LEU J 307 3.34 -56.36 44.22
C LEU J 307 4.32 -56.70 43.11
N ALA J 308 4.39 -57.98 42.70
CA ALA J 308 5.27 -58.35 41.61
C ALA J 308 4.73 -57.94 40.25
N ARG J 309 3.41 -57.75 40.13
CA ARG J 309 2.84 -57.23 38.90
C ARG J 309 2.93 -55.71 38.83
N ASN J 310 3.01 -55.03 39.98
CA ASN J 310 3.05 -53.58 40.07
C ASN J 310 4.34 -53.15 40.76
N PRO J 311 5.48 -53.24 40.07
CA PRO J 311 6.74 -52.83 40.70
C PRO J 311 6.75 -51.36 41.10
N ASP J 312 6.10 -50.49 40.32
CA ASP J 312 5.91 -49.12 40.75
C ASP J 312 5.35 -49.08 42.17
N VAL J 313 4.31 -49.87 42.42
CA VAL J 313 3.70 -49.90 43.74
C VAL J 313 4.64 -50.53 44.76
N GLN J 314 5.46 -51.51 44.34
CA GLN J 314 6.32 -52.19 45.30
C GLN J 314 7.39 -51.25 45.86
N GLN J 315 8.04 -50.49 44.99
CA GLN J 315 9.12 -49.60 45.44
C GLN J 315 8.59 -48.54 46.39
N ILE J 316 7.40 -47.99 46.11
CA ILE J 316 6.78 -47.03 47.03
C ILE J 316 6.68 -47.62 48.43
N LEU J 317 6.18 -48.86 48.51
CA LEU J 317 6.10 -49.53 49.80
C LEU J 317 7.48 -49.79 50.38
N ARG J 318 8.43 -50.20 49.54
CA ARG J 318 9.77 -50.48 50.03
C ARG J 318 10.43 -49.22 50.59
N GLN J 319 10.19 -48.07 49.97
CA GLN J 319 10.72 -46.82 50.51
C GLN J 319 10.15 -46.54 51.89
N GLU J 320 8.84 -46.76 52.07
CA GLU J 320 8.22 -46.57 53.38
C GLU J 320 8.86 -47.50 54.40
N SER J 321 8.92 -48.80 54.10
CA SER J 321 9.42 -49.76 55.08
C SER J 321 10.88 -49.50 55.41
N LEU J 322 11.69 -49.13 54.41
CA LEU J 322 13.10 -48.84 54.67
C LEU J 322 13.24 -47.60 55.55
N ALA J 323 12.40 -46.59 55.35
CA ALA J 323 12.49 -45.37 56.14
C ALA J 323 12.18 -45.65 57.60
N ALA J 324 11.08 -46.34 57.87
CA ALA J 324 10.70 -46.67 59.24
C ALA J 324 11.36 -47.94 59.75
N ALA J 325 12.41 -48.43 59.07
CA ALA J 325 13.01 -49.70 59.46
C ALA J 325 13.73 -49.61 60.79
N ALA J 326 14.38 -48.47 61.08
CA ALA J 326 15.13 -48.34 62.32
C ALA J 326 14.24 -48.13 63.52
N SER J 327 13.11 -47.44 63.35
CA SER J 327 12.18 -47.25 64.45
C SER J 327 11.39 -48.52 64.74
N ILE J 328 11.16 -49.34 63.72
CA ILE J 328 10.43 -50.60 63.94
C ILE J 328 11.32 -51.61 64.63
N SER J 329 12.62 -51.64 64.31
CA SER J 329 13.53 -52.56 64.98
C SER J 329 13.67 -52.21 66.46
N GLU J 330 13.50 -50.94 66.82
CA GLU J 330 13.49 -50.57 68.23
C GLU J 330 12.24 -51.08 68.91
N HIS J 331 11.07 -50.72 68.39
CA HIS J 331 9.78 -51.14 68.93
C HIS J 331 8.91 -51.62 67.78
N PRO J 332 8.75 -52.95 67.62
CA PRO J 332 7.92 -53.44 66.51
C PRO J 332 6.49 -52.94 66.53
N GLN J 333 5.95 -52.59 67.71
CA GLN J 333 4.57 -52.11 67.77
C GLN J 333 4.32 -50.92 66.86
N LYS J 334 5.38 -50.20 66.47
CA LYS J 334 5.21 -49.03 65.61
C LYS J 334 4.85 -49.42 64.18
N ALA J 335 5.06 -50.67 63.79
CA ALA J 335 4.75 -51.08 62.43
C ALA J 335 3.29 -50.86 62.08
N THR J 336 2.40 -51.01 63.06
CA THR J 336 0.98 -50.83 62.82
C THR J 336 0.64 -49.40 62.43
N THR J 337 1.51 -48.44 62.76
CA THR J 337 1.25 -47.02 62.49
C THR J 337 2.22 -46.43 61.49
N GLU J 338 3.50 -46.79 61.56
CA GLU J 338 4.51 -46.21 60.68
C GLU J 338 4.38 -46.67 59.23
N LEU J 339 3.60 -47.72 58.96
CA LEU J 339 3.48 -48.31 57.62
C LEU J 339 2.05 -48.19 57.13
N PRO J 340 1.58 -46.97 56.87
CA PRO J 340 0.19 -46.82 56.39
C PRO J 340 -0.03 -47.28 54.96
N LEU J 341 0.96 -47.13 54.07
CA LEU J 341 0.81 -47.63 52.71
C LEU J 341 0.68 -49.14 52.68
N LEU J 342 1.51 -49.84 53.47
CA LEU J 342 1.44 -51.30 53.51
C LEU J 342 0.11 -51.76 54.10
N ARG J 343 -0.37 -51.09 55.15
CA ARG J 343 -1.71 -51.36 55.64
C ARG J 343 -2.75 -51.12 54.56
N ALA J 344 -2.50 -50.16 53.66
CA ALA J 344 -3.40 -49.94 52.55
C ALA J 344 -3.27 -51.04 51.51
N ALA J 345 -2.04 -51.47 51.22
CA ALA J 345 -1.84 -52.57 50.28
C ALA J 345 -2.60 -53.81 50.73
N LEU J 346 -2.72 -54.03 52.03
CA LEU J 346 -3.50 -55.15 52.53
C LEU J 346 -4.99 -54.93 52.28
N LYS J 347 -5.50 -53.73 52.62
CA LYS J 347 -6.89 -53.40 52.31
C LYS J 347 -7.20 -53.63 50.84
N GLU J 348 -6.20 -53.47 49.97
CA GLU J 348 -6.41 -53.63 48.54
C GLU J 348 -6.37 -55.10 48.11
N THR J 349 -5.54 -55.91 48.77
CA THR J 349 -5.54 -57.34 48.47
C THR J 349 -6.87 -57.97 48.85
N LEU J 350 -7.37 -57.67 50.06
CA LEU J 350 -8.63 -58.22 50.51
C LEU J 350 -9.82 -57.67 49.73
N ARG J 351 -9.67 -56.50 49.10
CA ARG J 351 -10.74 -55.96 48.27
C ARG J 351 -10.93 -56.79 47.01
N LEU J 352 -9.83 -57.18 46.36
CA LEU J 352 -9.91 -58.00 45.16
C LEU J 352 -10.05 -59.47 45.48
N TYR J 353 -9.32 -59.95 46.48
CA TYR J 353 -9.24 -61.37 46.82
C TYR J 353 -9.70 -61.59 48.26
N PRO J 354 -11.00 -61.49 48.51
CA PRO J 354 -11.52 -61.69 49.88
C PRO J 354 -11.66 -63.17 50.22
N VAL J 355 -10.80 -63.65 51.14
CA VAL J 355 -10.86 -65.05 51.54
C VAL J 355 -12.22 -65.40 52.12
N GLY J 356 -12.76 -64.52 52.96
CA GLY J 356 -14.14 -64.66 53.39
C GLY J 356 -15.08 -64.10 52.35
N LEU J 357 -15.75 -64.98 51.60
CA LEU J 357 -16.50 -64.50 50.44
C LEU J 357 -17.65 -63.60 50.86
N PHE J 358 -18.37 -63.96 51.92
CA PHE J 358 -19.55 -63.20 52.29
C PHE J 358 -19.72 -63.14 53.80
N LEU J 359 -20.47 -62.14 54.23
CA LEU J 359 -20.91 -61.99 55.60
C LEU J 359 -22.36 -62.43 55.71
N GLU J 360 -22.67 -63.20 56.74
CA GLU J 360 -24.01 -63.72 56.94
C GLU J 360 -24.66 -63.05 58.13
N ARG J 361 -25.97 -62.83 58.03
CA ARG J 361 -26.74 -62.29 59.15
C ARG J 361 -28.18 -62.77 59.01
N VAL J 362 -28.66 -63.49 60.03
CA VAL J 362 -30.08 -63.80 60.15
C VAL J 362 -30.70 -62.64 60.92
N VAL J 363 -31.27 -61.69 60.17
CA VAL J 363 -31.78 -60.47 60.78
C VAL J 363 -32.83 -60.82 61.83
N SER J 364 -32.72 -60.18 62.99
CA SER J 364 -33.66 -60.38 64.09
C SER J 364 -34.78 -59.34 64.11
N SER J 365 -34.91 -58.56 63.03
CA SER J 365 -35.89 -57.47 62.99
C SER J 365 -36.08 -57.04 61.54
N ASP J 366 -37.29 -56.59 61.23
CA ASP J 366 -37.56 -56.08 59.89
C ASP J 366 -36.61 -54.93 59.56
N LEU J 367 -36.41 -54.69 58.27
CA LEU J 367 -35.52 -53.65 57.80
C LEU J 367 -35.80 -53.41 56.31
N VAL J 368 -35.10 -52.44 55.74
CA VAL J 368 -35.29 -52.05 54.35
C VAL J 368 -33.93 -51.92 53.68
N LEU J 369 -33.72 -52.67 52.60
CA LEU J 369 -32.53 -52.58 51.77
C LEU J 369 -32.96 -52.30 50.34
N GLN J 370 -32.29 -51.35 49.69
CA GLN J 370 -32.63 -50.96 48.32
C GLN J 370 -34.12 -50.71 48.16
N ASN J 371 -34.73 -50.15 49.22
CA ASN J 371 -36.16 -49.79 49.23
C ASN J 371 -37.05 -51.02 49.14
N TYR J 372 -36.57 -52.17 49.61
CA TYR J 372 -37.35 -53.38 49.70
C TYR J 372 -37.54 -53.75 51.16
N HIS J 373 -38.74 -54.22 51.51
CA HIS J 373 -38.99 -54.68 52.86
C HIS J 373 -38.37 -56.06 53.07
N ILE J 374 -37.63 -56.21 54.15
CA ILE J 374 -36.96 -57.48 54.48
C ILE J 374 -37.56 -58.00 55.79
N PRO J 375 -38.26 -59.14 55.78
CA PRO J 375 -38.85 -59.64 57.02
C PRO J 375 -37.79 -60.18 57.98
N ALA J 376 -38.13 -60.19 59.26
CA ALA J 376 -37.26 -60.79 60.26
C ALA J 376 -37.12 -62.29 60.02
N GLY J 377 -36.00 -62.84 60.47
CA GLY J 377 -35.67 -64.22 60.18
C GLY J 377 -35.15 -64.46 58.79
N THR J 378 -34.85 -63.40 58.05
CA THR J 378 -34.30 -63.52 56.70
C THR J 378 -32.78 -63.65 56.77
N LEU J 379 -32.23 -64.52 55.93
CA LEU J 379 -30.80 -64.60 55.75
C LEU J 379 -30.36 -63.50 54.78
N VAL J 380 -29.37 -62.72 55.18
CA VAL J 380 -28.84 -61.64 54.35
C VAL J 380 -27.36 -61.90 54.15
N GLN J 381 -26.95 -62.06 52.89
CA GLN J 381 -25.56 -62.32 52.54
C GLN J 381 -24.97 -61.13 51.80
N VAL J 382 -23.85 -60.62 52.31
CA VAL J 382 -23.12 -59.53 51.66
C VAL J 382 -21.98 -60.15 50.87
N PHE J 383 -22.07 -60.07 49.55
CA PHE J 383 -21.13 -60.73 48.65
C PHE J 383 -19.97 -59.78 48.39
N LEU J 384 -18.84 -60.03 49.05
CA LEU J 384 -17.73 -59.08 49.06
C LEU J 384 -16.92 -59.07 47.77
N TYR J 385 -17.03 -60.12 46.95
CA TYR J 385 -16.29 -60.12 45.69
C TYR J 385 -16.81 -59.05 44.75
N SER J 386 -18.14 -58.87 44.70
CA SER J 386 -18.71 -57.82 43.87
C SER J 386 -18.65 -56.45 44.55
N LEU J 387 -18.80 -56.42 45.87
CA LEU J 387 -18.71 -55.16 46.59
C LEU J 387 -17.40 -54.43 46.27
N GLY J 388 -16.29 -55.17 46.24
CA GLY J 388 -15.00 -54.60 45.93
C GLY J 388 -14.72 -54.41 44.46
N ARG J 389 -15.62 -54.83 43.58
CA ARG J 389 -15.47 -54.64 42.14
C ARG J 389 -16.57 -53.74 41.57
N ASN J 390 -17.22 -52.96 42.43
CA ASN J 390 -18.19 -51.97 41.99
C ASN J 390 -17.44 -50.71 41.60
N ALA J 391 -17.40 -50.42 40.29
CA ALA J 391 -16.65 -49.25 39.83
C ALA J 391 -17.22 -47.96 40.39
N ALA J 392 -18.52 -47.93 40.68
CA ALA J 392 -19.12 -46.72 41.25
C ALA J 392 -18.41 -46.32 42.54
N LEU J 393 -18.22 -47.28 43.45
CA LEU J 393 -17.63 -47.00 44.75
C LEU J 393 -16.11 -47.04 44.74
N PHE J 394 -15.50 -47.77 43.80
CA PHE J 394 -14.05 -47.89 43.68
C PHE J 394 -13.68 -47.58 42.23
N PRO J 395 -13.32 -46.33 41.93
CA PRO J 395 -12.91 -46.00 40.56
C PRO J 395 -11.76 -46.87 40.08
N ARG J 396 -11.88 -47.36 38.86
CA ARG J 396 -10.93 -48.32 38.28
C ARG J 396 -10.73 -49.50 39.23
N PRO J 397 -11.78 -50.30 39.47
CA PRO J 397 -11.63 -51.42 40.41
C PRO J 397 -10.68 -52.49 39.89
N GLU J 398 -10.37 -52.48 38.60
CA GLU J 398 -9.45 -53.43 38.02
C GLU J 398 -8.01 -53.23 38.48
N ARG J 399 -7.71 -52.07 39.07
CA ARG J 399 -6.33 -51.67 39.37
C ARG J 399 -5.97 -51.96 40.81
N TYR J 400 -4.75 -52.43 41.04
CA TYR J 400 -4.21 -52.61 42.38
C TYR J 400 -3.64 -51.25 42.81
N ASN J 401 -4.47 -50.45 43.46
CA ASN J 401 -4.16 -49.06 43.79
C ASN J 401 -4.26 -48.88 45.31
N PRO J 402 -3.21 -49.19 46.06
CA PRO J 402 -3.27 -49.01 47.52
C PRO J 402 -3.50 -47.58 47.96
N GLN J 403 -3.00 -46.60 47.21
CA GLN J 403 -3.21 -45.20 47.57
C GLN J 403 -4.69 -44.91 47.86
N ARG J 404 -5.58 -45.57 47.13
CA ARG J 404 -6.99 -45.21 47.14
C ARG J 404 -7.62 -45.18 48.53
N TRP J 405 -6.99 -45.80 49.52
CA TRP J 405 -7.50 -45.71 50.88
C TRP J 405 -7.05 -44.43 51.58
N LEU J 406 -6.21 -43.63 50.91
CA LEU J 406 -5.72 -42.38 51.46
C LEU J 406 -6.00 -41.22 50.51
N ARG J 413 -17.19 -43.78 52.75
CA ARG J 413 -16.03 -44.65 52.62
C ARG J 413 -15.76 -45.39 53.94
N ASN J 414 -16.72 -45.35 54.87
CA ASN J 414 -16.51 -45.94 56.18
C ASN J 414 -16.92 -47.41 56.28
N PHE J 415 -17.70 -47.92 55.33
CA PHE J 415 -18.01 -49.33 55.24
C PHE J 415 -17.52 -49.91 53.91
N HIS J 416 -16.51 -49.31 53.32
CA HIS J 416 -15.92 -49.84 52.10
C HIS J 416 -14.96 -50.99 52.37
N HIS J 417 -14.50 -51.13 53.62
CA HIS J 417 -13.51 -52.13 54.01
C HIS J 417 -14.09 -52.96 55.15
N VAL J 418 -14.83 -54.00 54.80
CA VAL J 418 -15.46 -54.88 55.79
C VAL J 418 -15.10 -56.34 55.50
N PRO J 419 -13.87 -56.67 55.06
CA PRO J 419 -13.54 -58.07 54.81
C PRO J 419 -13.48 -58.92 56.08
N PHE J 420 -13.44 -58.29 57.26
CA PHE J 420 -13.41 -59.00 58.53
C PHE J 420 -14.77 -59.05 59.21
N GLY J 421 -15.83 -58.62 58.52
CA GLY J 421 -17.13 -58.50 59.16
C GLY J 421 -17.34 -57.12 59.73
N PHE J 422 -18.26 -57.06 60.70
CA PHE J 422 -18.66 -55.78 61.26
C PHE J 422 -19.34 -56.01 62.61
N GLY J 423 -19.30 -54.99 63.45
CA GLY J 423 -19.99 -55.04 64.72
C GLY J 423 -19.25 -55.86 65.77
N MET J 424 -20.01 -56.34 66.74
CA MET J 424 -19.44 -57.19 67.78
C MET J 424 -18.99 -58.54 67.24
N ARG J 425 -19.56 -58.98 66.11
CA ARG J 425 -19.20 -60.25 65.49
C ARG J 425 -17.96 -60.15 64.61
N GLN J 426 -17.41 -58.96 64.40
CA GLN J 426 -16.25 -58.77 63.55
C GLN J 426 -15.16 -59.77 63.94
N CYS J 427 -14.28 -60.08 62.99
CA CYS J 427 -13.23 -61.08 63.19
C CYS J 427 -12.54 -60.95 64.53
N LEU J 428 -12.35 -62.08 65.20
CA LEU J 428 -11.66 -62.10 66.48
C LEU J 428 -10.15 -62.09 66.29
N GLY J 429 -9.64 -62.66 65.20
CA GLY J 429 -8.23 -62.63 64.92
C GLY J 429 -7.83 -61.53 63.96
N ARG J 430 -8.72 -60.53 63.79
CA ARG J 430 -8.45 -59.44 62.86
C ARG J 430 -7.05 -58.87 63.05
N ARG J 431 -6.69 -58.52 64.29
CA ARG J 431 -5.44 -57.81 64.51
C ARG J 431 -4.24 -58.76 64.53
N LEU J 432 -4.46 -60.03 64.87
CA LEU J 432 -3.39 -61.01 64.72
C LEU J 432 -3.07 -61.24 63.25
N ALA J 433 -4.10 -61.38 62.42
CA ALA J 433 -3.87 -61.55 60.98
C ALA J 433 -3.19 -60.31 60.39
N GLU J 434 -3.64 -59.12 60.78
CA GLU J 434 -3.03 -57.89 60.28
C GLU J 434 -1.56 -57.83 60.66
N ALA J 435 -1.22 -58.21 61.89
CA ALA J 435 0.17 -58.17 62.32
C ALA J 435 1.02 -59.14 61.51
N GLU J 436 0.58 -60.39 61.39
CA GLU J 436 1.36 -61.40 60.69
C GLU J 436 1.63 -61.00 59.25
N MET J 437 0.58 -60.62 58.52
CA MET J 437 0.76 -60.19 57.14
C MET J 437 1.70 -58.99 57.07
N LEU J 438 1.39 -57.95 57.84
CA LEU J 438 2.15 -56.71 57.76
C LEU J 438 3.63 -56.95 58.04
N LEU J 439 3.93 -57.63 59.15
CA LEU J 439 5.32 -57.81 59.57
C LEU J 439 6.11 -58.63 58.54
N LEU J 440 5.49 -59.65 57.96
CA LEU J 440 6.17 -60.42 56.93
C LEU J 440 6.51 -59.55 55.73
N LEU J 441 5.51 -58.83 55.22
CA LEU J 441 5.75 -58.00 54.05
C LEU J 441 6.74 -56.88 54.34
N HIS J 442 6.75 -56.37 55.57
CA HIS J 442 7.69 -55.32 55.91
C HIS J 442 9.13 -55.81 55.73
N HIS J 443 9.47 -56.93 56.36
CA HIS J 443 10.86 -57.41 56.32
C HIS J 443 11.24 -57.98 54.96
N VAL J 444 10.28 -58.44 54.18
CA VAL J 444 10.61 -58.94 52.84
C VAL J 444 10.91 -57.77 51.89
N LEU J 445 10.25 -56.63 52.09
CA LEU J 445 10.47 -55.49 51.21
C LEU J 445 11.83 -54.85 51.44
N LYS J 446 12.29 -54.82 52.69
CA LYS J 446 13.56 -54.17 53.02
C LYS J 446 14.76 -55.10 52.84
N HIS J 447 14.59 -56.20 52.11
CA HIS J 447 15.70 -57.10 51.82
C HIS J 447 15.65 -57.70 50.42
N PHE J 448 14.50 -57.74 49.76
CA PHE J 448 14.36 -58.42 48.49
C PHE J 448 13.54 -57.59 47.51
N LEU J 449 13.66 -57.95 46.24
CA LEU J 449 12.72 -57.56 45.20
C LEU J 449 11.89 -58.76 44.81
N VAL J 450 10.60 -58.54 44.58
CA VAL J 450 9.68 -59.60 44.17
C VAL J 450 9.33 -59.35 42.71
N GLU J 451 9.67 -60.31 41.85
CA GLU J 451 9.48 -60.20 40.41
C GLU J 451 8.87 -61.47 39.88
N THR J 452 8.16 -61.35 38.75
CA THR J 452 7.55 -62.52 38.13
C THR J 452 7.25 -62.21 36.67
N LEU J 453 7.37 -63.24 35.82
CA LEU J 453 6.89 -63.12 34.45
C LEU J 453 5.40 -63.38 34.37
N THR J 454 4.87 -64.25 35.22
CA THR J 454 3.44 -64.49 35.28
C THR J 454 2.70 -63.20 35.58
N GLN J 455 2.01 -62.66 34.58
CA GLN J 455 1.25 -61.43 34.76
C GLN J 455 -0.24 -61.62 34.50
N GLU J 456 -0.68 -62.78 34.03
CA GLU J 456 -2.09 -63.04 33.86
C GLU J 456 -2.78 -63.18 35.21
N ASP J 457 -4.04 -62.73 35.27
CA ASP J 457 -4.80 -62.82 36.51
C ASP J 457 -4.84 -64.27 37.00
N ILE J 458 -4.87 -64.43 38.33
CA ILE J 458 -4.98 -65.73 38.94
C ILE J 458 -6.46 -66.04 39.14
N LYS J 459 -6.89 -67.20 38.65
CA LYS J 459 -8.27 -67.62 38.86
C LYS J 459 -8.49 -67.93 40.33
N MET J 460 -9.68 -67.59 40.83
CA MET J 460 -10.03 -67.86 42.21
C MET J 460 -11.01 -69.03 42.27
N VAL J 461 -10.93 -69.78 43.36
CA VAL J 461 -11.69 -71.00 43.56
C VAL J 461 -12.38 -70.91 44.93
N TYR J 462 -13.63 -71.36 44.98
CA TYR J 462 -14.40 -71.35 46.23
C TYR J 462 -14.40 -72.76 46.83
N SER J 463 -13.72 -72.91 47.95
CA SER J 463 -13.83 -74.10 48.80
C SER J 463 -14.08 -73.59 50.23
N PHE J 464 -15.26 -73.01 50.44
CA PHE J 464 -15.70 -72.37 51.68
C PHE J 464 -15.00 -71.02 51.87
N ILE J 465 -13.72 -70.93 51.54
CA ILE J 465 -13.03 -69.65 51.44
C ILE J 465 -12.68 -69.42 49.98
N LEU J 466 -12.43 -68.16 49.63
CA LEU J 466 -11.95 -67.80 48.30
C LEU J 466 -10.43 -67.86 48.33
N ARG J 467 -9.85 -68.70 47.50
CA ARG J 467 -8.42 -68.94 47.48
C ARG J 467 -7.95 -69.13 46.05
N PRO J 468 -6.73 -68.69 45.74
CA PRO J 468 -6.25 -68.81 44.36
C PRO J 468 -6.11 -70.26 43.94
N GLY J 469 -6.54 -70.54 42.70
CA GLY J 469 -6.44 -71.89 42.17
C GLY J 469 -5.04 -72.27 41.74
N THR J 470 -4.15 -71.30 41.57
CA THR J 470 -2.79 -71.54 41.12
C THR J 470 -1.85 -70.62 41.88
N SER J 471 -0.64 -71.14 42.18
CA SER J 471 0.38 -70.37 42.87
C SER J 471 1.45 -69.94 41.88
N PRO J 472 1.86 -68.67 41.88
CA PRO J 472 2.82 -68.20 40.86
C PRO J 472 4.27 -68.42 41.26
N LEU J 473 5.13 -68.41 40.24
CA LEU J 473 6.57 -68.52 40.42
C LEU J 473 7.10 -67.13 40.73
N LEU J 474 7.52 -66.91 41.97
CA LEU J 474 8.03 -65.61 42.41
C LEU J 474 9.55 -65.65 42.52
N THR J 475 10.19 -64.57 42.10
CA THR J 475 11.63 -64.41 42.23
C THR J 475 11.94 -63.43 43.35
N PHE J 476 12.83 -63.83 44.26
CA PHE J 476 13.24 -63.00 45.39
C PHE J 476 14.72 -62.66 45.20
N ARG J 477 14.97 -61.46 44.68
CA ARG J 477 16.33 -60.98 44.43
C ARG J 477 16.79 -60.15 45.63
N ALA J 478 18.00 -60.41 46.11
CA ALA J 478 18.48 -59.76 47.31
C ALA J 478 19.08 -58.40 46.98
N ILE J 479 19.02 -57.49 47.95
CA ILE J 479 19.54 -56.14 47.80
C ILE J 479 20.94 -56.05 48.39
N THR K 11 33.45 35.09 42.92
CA THR K 11 34.57 35.57 43.72
C THR K 11 35.29 36.71 42.99
N VAL K 12 34.81 37.95 43.21
CA VAL K 12 35.30 39.13 42.51
C VAL K 12 36.32 39.84 43.39
N LEU K 13 37.37 40.35 42.76
CA LEU K 13 38.40 41.15 43.41
C LEU K 13 38.27 42.60 42.99
N PRO K 14 38.85 43.53 43.76
CA PRO K 14 38.78 44.94 43.38
C PRO K 14 39.56 45.21 42.11
N PHE K 15 39.13 46.24 41.37
CA PHE K 15 39.86 46.63 40.17
C PHE K 15 41.27 47.10 40.51
N GLU K 16 41.41 47.87 41.58
CA GLU K 16 42.71 48.44 41.94
C GLU K 16 43.72 47.36 42.32
N ALA K 17 43.27 46.16 42.65
CA ALA K 17 44.16 45.06 42.99
C ALA K 17 44.71 44.34 41.77
N MET K 18 44.73 45.01 40.61
CA MET K 18 45.21 44.39 39.39
C MET K 18 46.72 44.53 39.26
N PRO K 19 47.41 43.54 38.72
CA PRO K 19 48.84 43.74 38.41
C PRO K 19 49.01 44.92 37.47
N GLN K 20 49.98 45.77 37.77
CA GLN K 20 50.18 47.03 37.05
C GLN K 20 51.41 46.92 36.15
N HIS K 21 51.31 47.50 34.97
CA HIS K 21 52.46 47.58 34.06
C HIS K 21 53.42 48.61 34.62
N PRO K 22 54.69 48.25 34.87
CA PRO K 22 55.60 49.22 35.52
C PRO K 22 55.82 50.48 34.71
N GLY K 23 55.51 50.46 33.42
CA GLY K 23 55.87 51.58 32.56
C GLY K 23 55.12 52.85 32.90
N ASN K 24 55.81 53.97 32.71
CA ASN K 24 55.25 55.30 32.92
C ASN K 24 54.70 55.81 31.58
N ARG K 25 53.39 56.06 31.54
CA ARG K 25 52.76 56.55 30.31
C ARG K 25 53.61 57.61 29.61
N TRP K 26 54.02 58.64 30.35
CA TRP K 26 54.63 59.81 29.73
C TRP K 26 55.98 59.47 29.10
N LEU K 27 56.81 58.69 29.78
CA LEU K 27 58.10 58.33 29.21
C LEU K 27 57.93 57.52 27.93
N ARG K 28 56.85 56.74 27.82
CA ARG K 28 56.57 56.01 26.59
C ARG K 28 55.99 56.91 25.50
N LEU K 29 55.46 58.08 25.88
CA LEU K 29 55.10 59.07 24.87
C LEU K 29 56.35 59.76 24.32
N LEU K 30 57.29 60.09 25.20
CA LEU K 30 58.55 60.67 24.75
C LEU K 30 59.41 59.62 24.04
N GLN K 31 59.35 58.37 24.50
CA GLN K 31 60.02 57.28 23.78
C GLN K 31 59.58 57.24 22.33
N ILE K 32 58.28 57.44 22.10
CA ILE K 32 57.77 57.42 20.72
C ILE K 32 58.12 58.71 19.99
N TRP K 33 58.23 59.84 20.71
CA TRP K 33 58.68 61.07 20.06
C TRP K 33 60.11 60.91 19.54
N ARG K 34 60.93 60.17 20.28
CA ARG K 34 62.33 59.98 19.91
C ARG K 34 62.47 58.96 18.78
N GLU K 35 61.91 57.77 18.97
CA GLU K 35 62.06 56.67 18.02
C GLU K 35 61.11 56.78 16.83
N GLN K 36 60.21 57.74 16.83
CA GLN K 36 59.25 57.93 15.74
C GLN K 36 58.38 56.70 15.51
N GLY K 37 58.26 55.84 16.52
CA GLY K 37 57.45 54.65 16.39
C GLY K 37 57.42 53.90 17.70
N TYR K 38 56.93 52.66 17.62
CA TYR K 38 56.84 51.79 18.78
C TYR K 38 56.95 50.34 18.29
N GLU K 39 57.93 50.09 17.43
CA GLU K 39 57.98 48.82 16.70
C GLU K 39 57.97 47.62 17.62
N HIS K 40 58.58 47.73 18.79
CA HIS K 40 58.75 46.61 19.70
C HIS K 40 57.57 46.43 20.65
N LEU K 41 56.42 47.04 20.34
CA LEU K 41 55.29 47.00 21.27
C LEU K 41 54.85 45.58 21.57
N HIS K 42 54.73 44.74 20.53
CA HIS K 42 54.26 43.38 20.73
C HIS K 42 55.19 42.60 21.66
N LEU K 43 56.51 42.85 21.58
CA LEU K 43 57.46 42.17 22.44
C LEU K 43 57.38 42.69 23.87
N GLU K 44 57.19 44.00 24.04
CA GLU K 44 57.10 44.58 25.37
C GLU K 44 55.86 44.07 26.09
N MET K 45 54.77 43.81 25.37
CA MET K 45 53.56 43.30 26.00
C MET K 45 53.66 41.81 26.26
N HIS K 46 54.19 41.04 25.30
CA HIS K 46 54.36 39.61 25.52
C HIS K 46 55.23 39.34 26.75
N GLN K 47 56.18 40.22 27.04
CA GLN K 47 57.01 40.06 28.23
C GLN K 47 56.22 40.41 29.49
N THR K 48 55.46 41.50 29.46
CA THR K 48 54.68 41.90 30.62
C THR K 48 53.72 40.80 31.05
N PHE K 49 52.99 40.23 30.09
CA PHE K 49 52.08 39.13 30.40
C PHE K 49 52.82 38.00 31.12
N GLN K 50 54.03 37.67 30.65
CA GLN K 50 54.79 36.60 31.27
C GLN K 50 55.15 36.94 32.71
N GLU K 51 55.36 38.22 33.01
CA GLU K 51 55.75 38.62 34.36
C GLU K 51 54.56 38.81 35.29
N LEU K 52 53.42 39.28 34.77
CA LEU K 52 52.32 39.72 35.60
C LEU K 52 51.07 38.84 35.50
N GLY K 53 51.01 37.93 34.54
CA GLY K 53 49.86 37.07 34.40
C GLY K 53 49.05 37.35 33.16
N PRO K 54 47.87 36.74 33.06
CA PRO K 54 47.05 36.91 31.85
C PRO K 54 46.21 38.17 31.87
N ILE K 55 46.52 39.11 32.76
CA ILE K 55 45.74 40.34 32.89
C ILE K 55 46.54 41.35 33.70
N PHE K 56 46.42 42.63 33.33
CA PHE K 56 47.11 43.69 34.06
C PHE K 56 46.53 45.04 33.66
N ARG K 57 46.87 46.04 34.45
CA ARG K 57 46.37 47.41 34.31
C ARG K 57 47.34 48.26 33.49
N TYR K 58 46.86 49.43 33.05
CA TYR K 58 47.73 50.46 32.49
C TYR K 58 47.24 51.82 32.99
N ASN K 59 47.95 52.37 33.96
CA ASN K 59 47.70 53.75 34.39
C ASN K 59 47.88 54.69 33.20
N LEU K 60 46.87 55.46 32.85
CA LEU K 60 47.02 56.30 31.70
C LEU K 60 46.37 57.66 31.84
N GLY K 61 46.51 58.25 33.00
CA GLY K 61 45.98 59.58 33.25
C GLY K 61 44.89 59.57 34.31
N GLY K 62 44.26 58.43 34.39
CA GLY K 62 43.15 58.24 35.28
C GLY K 62 42.29 57.26 34.55
N PRO K 63 42.12 57.43 33.20
CA PRO K 63 41.29 56.44 32.53
C PRO K 63 41.84 55.05 32.62
N ARG K 64 40.94 54.10 32.52
CA ARG K 64 41.28 52.71 32.77
C ARG K 64 41.52 51.97 31.45
N MET K 65 42.64 51.25 31.39
CA MET K 65 42.92 50.30 30.33
C MET K 65 43.31 48.96 30.97
N VAL K 66 42.78 47.87 30.42
CA VAL K 66 43.08 46.53 30.89
C VAL K 66 43.49 45.68 29.69
N CYS K 67 44.51 44.86 29.87
CA CYS K 67 45.06 44.03 28.81
C CYS K 67 44.89 42.56 29.17
N VAL K 68 44.27 41.80 28.28
CA VAL K 68 44.00 40.39 28.51
C VAL K 68 44.55 39.58 27.33
N MET K 69 44.61 38.25 27.51
CA MET K 69 45.19 37.40 26.48
C MET K 69 44.56 36.01 26.39
N LEU K 70 43.38 35.79 26.96
CA LEU K 70 42.78 34.46 26.96
C LEU K 70 41.44 34.46 26.25
N PRO K 71 41.09 33.38 25.54
CA PRO K 71 39.73 33.28 24.99
C PRO K 71 38.66 33.38 26.05
N GLU K 72 38.93 32.81 27.24
CA GLU K 72 38.09 32.99 28.41
C GLU K 72 37.45 34.36 28.45
N ASP K 73 38.26 35.39 28.18
CA ASP K 73 37.85 36.78 28.31
C ASP K 73 37.20 37.34 27.05
N VAL K 74 37.68 36.93 25.88
CA VAL K 74 37.00 37.33 24.65
C VAL K 74 35.54 36.91 24.71
N GLU K 75 35.28 35.71 25.20
CA GLU K 75 33.91 35.25 25.37
C GLU K 75 33.13 36.20 26.27
N LYS K 76 33.73 36.60 27.40
CA LYS K 76 33.04 37.51 28.31
C LYS K 76 32.89 38.90 27.71
N LEU K 77 33.77 39.28 26.80
CA LEU K 77 33.68 40.61 26.20
C LEU K 77 32.54 40.68 25.19
N GLN K 78 32.32 39.60 24.44
CA GLN K 78 31.19 39.56 23.52
C GLN K 78 29.86 39.48 24.27
N GLN K 79 29.85 38.84 25.43
CA GLN K 79 28.64 38.82 26.24
C GLN K 79 28.24 40.23 26.66
N VAL K 80 29.21 41.13 26.82
CA VAL K 80 28.93 42.51 27.22
C VAL K 80 28.72 43.43 26.02
N ASP K 81 29.03 42.98 24.81
CA ASP K 81 28.79 43.79 23.62
C ASP K 81 27.36 44.27 23.58
N SER K 82 27.17 45.59 23.72
CA SER K 82 25.83 46.14 23.64
C SER K 82 25.29 45.98 22.21
N LEU K 83 24.10 46.52 21.98
CA LEU K 83 23.60 46.62 20.62
C LEU K 83 24.48 47.52 19.77
N HIS K 84 25.31 48.36 20.41
CA HIS K 84 26.27 49.23 19.73
C HIS K 84 27.64 49.03 20.36
N PRO K 85 28.35 47.95 20.01
CA PRO K 85 29.72 47.78 20.51
C PRO K 85 30.55 49.01 20.20
N CYS K 86 31.56 49.25 21.04
CA CYS K 86 32.30 50.51 21.00
C CYS K 86 33.80 50.21 21.03
N ARG K 87 34.49 50.59 19.96
CA ARG K 87 35.94 50.69 19.96
C ARG K 87 36.33 52.16 20.20
N MET K 88 37.59 52.36 20.58
CA MET K 88 38.05 53.70 20.90
C MET K 88 38.15 54.55 19.64
N ILE K 89 37.80 55.83 19.78
CA ILE K 89 37.93 56.76 18.67
C ILE K 89 39.40 56.87 18.29
N LEU K 90 39.68 56.74 16.99
CA LEU K 90 41.04 56.85 16.47
C LEU K 90 41.20 58.27 15.92
N GLU K 91 41.63 59.18 16.80
CA GLU K 91 41.59 60.60 16.47
C GLU K 91 42.39 60.97 15.24
N PRO K 92 43.59 60.43 15.00
CA PRO K 92 44.33 60.83 13.78
C PRO K 92 43.57 60.58 12.50
N TRP K 93 42.79 59.48 12.43
CA TRP K 93 42.03 59.20 11.22
C TRP K 93 40.77 60.06 11.15
N VAL K 94 40.03 60.14 12.27
CA VAL K 94 38.81 60.94 12.28
C VAL K 94 39.10 62.40 12.01
N ALA K 95 40.21 62.92 12.56
CA ALA K 95 40.56 64.31 12.35
C ALA K 95 40.60 64.65 10.86
N TYR K 96 41.13 63.73 10.05
CA TYR K 96 41.18 63.96 8.62
C TYR K 96 39.79 63.99 8.01
N ARG K 97 38.93 63.05 8.41
CA ARG K 97 37.59 63.00 7.87
C ARG K 97 36.87 64.33 8.05
N GLN K 98 36.93 64.88 9.27
CA GLN K 98 36.23 66.13 9.55
C GLN K 98 37.01 67.36 9.08
N HIS K 99 38.31 67.23 8.86
CA HIS K 99 39.07 68.33 8.28
C HIS K 99 38.68 68.55 6.82
N ARG K 100 38.28 67.49 6.12
CA ARG K 100 37.87 67.58 4.73
C ARG K 100 36.36 67.50 4.56
N GLY K 101 35.60 67.45 5.64
CA GLY K 101 34.16 67.35 5.55
C GLY K 101 33.70 66.04 4.98
N HIS K 102 34.25 64.95 5.47
CA HIS K 102 33.89 63.60 5.03
C HIS K 102 33.17 62.86 6.17
N LYS K 103 32.27 61.97 5.78
CA LYS K 103 31.66 61.05 6.74
C LYS K 103 32.61 59.89 7.01
N CYS K 104 32.58 59.40 8.24
CA CYS K 104 33.40 58.25 8.60
C CYS K 104 32.69 56.97 8.17
N GLY K 105 33.49 55.93 7.94
CA GLY K 105 32.95 54.62 7.63
C GLY K 105 32.80 53.76 8.88
N VAL K 106 32.40 52.52 8.65
CA VAL K 106 32.10 51.62 9.77
C VAL K 106 33.32 51.41 10.66
N PHE K 107 34.53 51.54 10.11
CA PHE K 107 35.72 51.29 10.92
C PHE K 107 35.95 52.39 11.97
N LEU K 108 35.45 53.59 11.73
CA LEU K 108 35.65 54.72 12.62
C LEU K 108 34.39 55.16 13.35
N LEU K 109 33.25 54.53 13.07
CA LEU K 109 31.98 54.95 13.63
C LEU K 109 31.68 54.19 14.91
N ASN K 110 30.85 54.80 15.75
CA ASN K 110 30.36 54.20 16.99
C ASN K 110 28.87 54.48 17.11
N GLY K 111 28.22 53.73 18.01
CA GLY K 111 26.86 54.00 18.36
C GLY K 111 25.89 53.79 17.21
N PRO K 112 24.76 54.50 17.24
CA PRO K 112 23.69 54.20 16.26
C PRO K 112 24.13 54.33 14.81
N GLU K 113 24.94 55.33 14.49
CA GLU K 113 25.36 55.52 13.10
C GLU K 113 26.17 54.34 12.60
N TRP K 114 26.95 53.70 13.48
CA TRP K 114 27.68 52.51 13.08
C TRP K 114 26.71 51.39 12.69
N ARG K 115 25.70 51.15 13.54
CA ARG K 115 24.78 50.04 13.29
C ARG K 115 23.99 50.27 12.01
N PHE K 116 23.66 51.53 11.70
CA PHE K 116 22.95 51.80 10.45
C PHE K 116 23.80 51.43 9.24
N ASN K 117 25.06 51.88 9.23
CA ASN K 117 25.95 51.58 8.11
C ASN K 117 26.23 50.07 8.02
N ARG K 118 26.57 49.46 9.17
CA ARG K 118 26.99 48.06 9.15
C ARG K 118 25.89 47.15 8.61
N LEU K 119 24.63 47.44 8.97
CA LEU K 119 23.55 46.55 8.55
C LEU K 119 23.19 46.69 7.08
N ARG K 120 23.65 47.75 6.41
CA ARG K 120 23.47 47.88 4.97
C ARG K 120 24.71 47.47 4.18
N LEU K 121 25.78 47.06 4.86
CA LEU K 121 27.00 46.56 4.23
C LEU K 121 27.14 45.05 4.32
N ASN K 122 26.76 44.45 5.45
CA ASN K 122 26.89 43.01 5.62
C ASN K 122 26.39 42.21 4.41
N PRO K 123 25.20 42.48 3.86
CA PRO K 123 24.72 41.64 2.76
C PRO K 123 25.64 41.62 1.56
N ASP K 124 26.14 42.78 1.14
CA ASP K 124 26.90 42.89 -0.10
C ASP K 124 28.40 42.67 0.08
N VAL K 125 28.87 42.55 1.31
CA VAL K 125 30.31 42.50 1.57
C VAL K 125 30.72 41.26 2.33
N LEU K 126 29.83 40.62 3.09
CA LEU K 126 30.20 39.57 4.01
C LEU K 126 29.30 38.35 3.96
N SER K 127 28.10 38.45 3.40
CA SER K 127 27.18 37.32 3.39
C SER K 127 27.68 36.22 2.46
N PRO K 128 27.37 34.96 2.75
CA PRO K 128 27.77 33.88 1.82
C PRO K 128 27.18 34.04 0.43
N LYS K 129 26.06 34.77 0.29
CA LYS K 129 25.50 35.00 -1.02
C LYS K 129 26.33 35.99 -1.82
N ALA K 130 26.99 36.94 -1.14
CA ALA K 130 27.88 37.86 -1.82
C ALA K 130 29.22 37.22 -2.12
N VAL K 131 29.70 36.34 -1.24
CA VAL K 131 30.96 35.65 -1.49
C VAL K 131 30.86 34.80 -2.75
N GLN K 132 29.72 34.14 -2.95
CA GLN K 132 29.54 33.32 -4.14
C GLN K 132 29.57 34.14 -5.43
N ARG K 133 29.40 35.46 -5.34
CA ARG K 133 29.41 36.29 -6.53
C ARG K 133 30.80 36.83 -6.86
N PHE K 134 31.53 37.35 -5.87
CA PHE K 134 32.84 37.93 -6.15
C PHE K 134 33.97 36.91 -6.03
N LEU K 135 33.73 35.73 -5.46
CA LEU K 135 34.81 34.75 -5.35
C LEU K 135 35.31 34.27 -6.70
N PRO K 136 34.48 34.05 -7.72
CA PRO K 136 35.03 33.73 -9.04
C PRO K 136 35.91 34.83 -9.61
N MET K 137 35.55 36.10 -9.40
CA MET K 137 36.39 37.19 -9.90
C MET K 137 37.76 37.16 -9.24
N VAL K 138 37.81 36.85 -7.94
CA VAL K 138 39.10 36.73 -7.27
C VAL K 138 39.88 35.55 -7.82
N ASP K 139 39.18 34.51 -8.31
CA ASP K 139 39.86 33.37 -8.90
C ASP K 139 40.59 33.77 -10.18
N ALA K 140 39.97 34.62 -11.00
CA ALA K 140 40.60 35.06 -12.24
C ALA K 140 41.93 35.74 -11.96
N VAL K 141 41.99 36.57 -10.91
CA VAL K 141 43.23 37.25 -10.57
C VAL K 141 44.24 36.25 -10.01
N ALA K 142 43.78 35.31 -9.19
CA ALA K 142 44.70 34.33 -8.62
C ALA K 142 45.28 33.40 -9.69
N ARG K 143 44.51 33.06 -10.72
CA ARG K 143 45.05 32.25 -11.79
C ARG K 143 46.05 33.05 -12.63
N ASP K 144 45.71 34.32 -12.93
CA ASP K 144 46.63 35.17 -13.69
C ASP K 144 47.95 35.35 -12.96
N PHE K 145 47.92 35.39 -11.63
CA PHE K 145 49.15 35.54 -10.86
C PHE K 145 50.07 34.35 -11.09
N SER K 146 49.52 33.13 -11.05
CA SER K 146 50.33 31.93 -11.23
C SER K 146 50.69 31.75 -12.70
N GLN K 147 49.78 32.05 -13.62
CA GLN K 147 50.11 31.98 -15.04
C GLN K 147 51.28 32.91 -15.37
N ALA K 148 51.26 34.13 -14.84
CA ALA K 148 52.35 35.06 -15.08
C ALA K 148 53.65 34.55 -14.48
N LEU K 149 53.59 34.10 -13.22
CA LEU K 149 54.78 33.60 -12.56
C LEU K 149 55.35 32.39 -13.30
N LYS K 150 54.48 31.46 -13.70
CA LYS K 150 54.96 30.28 -14.43
C LYS K 150 55.68 30.68 -15.70
N LYS K 151 55.14 31.65 -16.45
CA LYS K 151 55.79 32.07 -17.68
C LYS K 151 57.21 32.54 -17.42
N LYS K 152 57.40 33.38 -16.39
CA LYS K 152 58.75 33.82 -16.05
C LYS K 152 59.61 32.66 -15.57
N VAL K 153 59.01 31.73 -14.83
CA VAL K 153 59.79 30.64 -14.23
C VAL K 153 60.36 29.73 -15.31
N LEU K 154 59.57 29.40 -16.32
CA LEU K 154 60.01 28.49 -17.37
C LEU K 154 60.94 29.16 -18.38
N GLN K 155 61.35 30.40 -18.12
CA GLN K 155 62.38 31.04 -18.92
C GLN K 155 63.78 30.86 -18.35
N ASN K 156 63.90 30.35 -17.13
CA ASN K 156 65.20 30.13 -16.49
C ASN K 156 65.60 28.67 -16.62
N ALA K 157 66.91 28.44 -16.75
CA ALA K 157 67.42 27.10 -17.04
C ALA K 157 66.92 26.07 -16.04
N ARG K 158 66.91 26.43 -14.74
CA ARG K 158 66.52 25.51 -13.69
C ARG K 158 65.01 25.54 -13.41
N GLY K 159 64.22 26.06 -14.35
CA GLY K 159 62.77 26.09 -14.20
C GLY K 159 62.31 26.58 -12.84
N SER K 160 62.91 27.68 -12.38
CA SER K 160 62.56 28.25 -11.08
C SER K 160 63.02 29.70 -11.06
N LEU K 161 62.25 30.52 -10.35
CA LEU K 161 62.53 31.94 -10.19
C LEU K 161 62.63 32.25 -8.70
N THR K 162 63.75 32.85 -8.29
CA THR K 162 63.98 33.24 -6.91
C THR K 162 63.87 34.75 -6.80
N LEU K 163 63.11 35.23 -5.82
CA LEU K 163 62.82 36.65 -5.72
C LEU K 163 62.25 36.98 -4.35
N ASP K 164 62.02 38.27 -4.14
CA ASP K 164 61.33 38.81 -3.01
C ASP K 164 59.92 38.98 -3.53
N VAL K 165 58.97 38.20 -3.06
CA VAL K 165 57.63 38.25 -3.62
C VAL K 165 56.79 39.41 -3.10
N GLN K 166 57.19 40.03 -1.99
CA GLN K 166 56.33 41.03 -1.35
C GLN K 166 55.76 42.03 -2.34
N PRO K 167 56.54 42.64 -3.23
CA PRO K 167 55.93 43.58 -4.20
C PRO K 167 54.84 42.94 -5.05
N SER K 168 55.11 41.76 -5.63
CA SER K 168 54.12 41.12 -6.48
C SER K 168 52.87 40.73 -5.69
N ILE K 169 53.04 40.36 -4.42
CA ILE K 169 51.89 39.99 -3.59
C ILE K 169 51.04 41.21 -3.29
N PHE K 170 51.68 42.33 -2.93
CA PHE K 170 50.92 43.54 -2.60
C PHE K 170 50.13 44.04 -3.80
N HIS K 171 50.64 43.84 -5.02
CA HIS K 171 49.92 44.25 -6.21
C HIS K 171 48.87 43.22 -6.62
N TYR K 172 48.96 42.00 -6.10
CA TYR K 172 47.89 41.02 -6.30
C TYR K 172 46.66 41.41 -5.48
N THR K 173 46.86 41.80 -4.22
CA THR K 173 45.73 42.20 -3.39
C THR K 173 45.09 43.49 -3.89
N ILE K 174 45.88 44.39 -4.47
CA ILE K 174 45.28 45.58 -5.08
C ILE K 174 44.45 45.20 -6.30
N GLU K 175 44.84 44.14 -7.01
CA GLU K 175 44.10 43.71 -8.19
C GLU K 175 42.80 43.02 -7.81
N ALA K 176 42.87 42.05 -6.90
CA ALA K 176 41.68 41.32 -6.49
C ALA K 176 40.69 42.26 -5.81
N SER K 177 41.17 43.10 -4.89
CA SER K 177 40.28 43.99 -4.16
C SER K 177 39.58 44.95 -5.11
N ASN K 178 40.32 45.55 -6.04
CA ASN K 178 39.71 46.51 -6.95
C ASN K 178 38.69 45.84 -7.87
N LEU K 179 38.95 44.60 -8.25
CA LEU K 179 38.00 43.88 -9.11
C LEU K 179 36.75 43.51 -8.32
N ALA K 180 36.93 42.90 -7.15
CA ALA K 180 35.78 42.53 -6.34
C ALA K 180 35.01 43.74 -5.85
N LEU K 181 35.67 44.89 -5.70
CA LEU K 181 35.03 46.09 -5.18
C LEU K 181 34.34 46.89 -6.27
N PHE K 182 35.04 47.14 -7.38
CA PHE K 182 34.53 48.01 -8.44
C PHE K 182 34.34 47.28 -9.76
N GLY K 183 34.67 46.00 -9.84
CA GLY K 183 34.57 45.30 -11.10
C GLY K 183 35.56 45.74 -12.16
N GLU K 184 36.51 46.60 -11.80
CA GLU K 184 37.52 47.06 -12.72
C GLU K 184 38.76 46.18 -12.64
N ARG K 185 39.46 46.08 -13.75
CA ARG K 185 40.68 45.29 -13.87
C ARG K 185 41.82 46.23 -14.22
N LEU K 186 42.82 46.32 -13.33
CA LEU K 186 43.85 47.35 -13.45
C LEU K 186 45.08 46.89 -14.22
N GLY K 187 45.38 45.60 -14.21
CA GLY K 187 46.53 45.09 -14.93
C GLY K 187 47.83 45.14 -14.18
N LEU K 188 47.80 44.99 -12.86
CA LEU K 188 49.02 44.97 -12.06
C LEU K 188 49.56 43.58 -11.81
N VAL K 189 48.83 42.54 -12.18
CA VAL K 189 49.27 41.16 -12.05
C VAL K 189 49.79 40.70 -13.40
N GLY K 190 51.09 40.41 -13.47
CA GLY K 190 51.72 40.02 -14.71
C GLY K 190 52.44 41.15 -15.43
N HIS K 191 52.32 42.38 -14.97
CA HIS K 191 52.94 43.54 -15.59
C HIS K 191 53.58 44.40 -14.50
N SER K 192 54.26 45.46 -14.92
CA SER K 192 55.01 46.27 -13.98
C SER K 192 54.09 47.19 -13.18
N PRO K 193 54.46 47.52 -11.95
CA PRO K 193 53.62 48.42 -11.15
C PRO K 193 53.50 49.80 -11.79
N SER K 194 52.33 50.39 -11.63
CA SER K 194 52.11 51.76 -12.08
C SER K 194 52.58 52.74 -11.01
N SER K 195 52.75 53.99 -11.42
CA SER K 195 53.08 55.03 -10.45
C SER K 195 51.90 55.30 -9.53
N ALA K 196 50.68 55.06 -10.02
CA ALA K 196 49.52 55.26 -9.16
C ALA K 196 49.48 54.24 -8.04
N SER K 197 49.84 52.99 -8.33
CA SER K 197 49.81 51.96 -7.29
C SER K 197 50.96 52.13 -6.31
N LEU K 198 52.16 52.42 -6.81
CA LEU K 198 53.30 52.62 -5.93
C LEU K 198 53.06 53.77 -4.97
N ASN K 199 52.55 54.89 -5.49
CA ASN K 199 52.23 56.03 -4.63
C ASN K 199 51.18 55.65 -3.59
N PHE K 200 50.19 54.84 -4.00
CA PHE K 200 49.15 54.42 -3.06
C PHE K 200 49.72 53.54 -1.95
N LEU K 201 50.58 52.59 -2.32
CA LEU K 201 51.20 51.74 -1.30
C LEU K 201 52.06 52.56 -0.36
N HIS K 202 52.82 53.51 -0.90
CA HIS K 202 53.66 54.36 -0.05
C HIS K 202 52.80 55.20 0.89
N ALA K 203 51.74 55.80 0.37
CA ALA K 203 50.82 56.55 1.21
C ALA K 203 50.34 55.70 2.39
N LEU K 204 49.95 54.46 2.11
CA LEU K 204 49.54 53.55 3.19
C LEU K 204 50.68 53.32 4.17
N GLU K 205 51.90 53.14 3.66
CA GLU K 205 53.05 52.94 4.54
C GLU K 205 53.26 54.13 5.47
N VAL K 206 53.13 55.34 4.94
CA VAL K 206 53.31 56.54 5.75
C VAL K 206 52.12 56.75 6.67
N MET K 207 50.91 56.49 6.17
CA MET K 207 49.73 56.66 7.02
C MET K 207 49.81 55.77 8.25
N PHE K 208 50.28 54.54 8.09
CA PHE K 208 50.41 53.64 9.24
C PHE K 208 51.48 54.17 10.20
N LYS K 209 52.67 54.48 9.68
CA LYS K 209 53.74 54.99 10.51
C LYS K 209 53.28 56.19 11.33
N SER K 210 52.85 57.27 10.66
CA SER K 210 52.49 58.48 11.37
C SER K 210 51.36 58.27 12.36
N THR K 211 50.52 57.25 12.16
CA THR K 211 49.44 57.01 13.11
C THR K 211 49.97 56.61 14.47
N VAL K 212 50.96 55.69 14.50
CA VAL K 212 51.55 55.30 15.77
C VAL K 212 52.14 56.51 16.47
N GLN K 213 52.70 57.45 15.71
CA GLN K 213 53.29 58.63 16.30
C GLN K 213 52.25 59.54 16.96
N LEU K 214 51.00 59.50 16.49
CA LEU K 214 49.98 60.42 16.95
C LEU K 214 48.91 59.78 17.83
N MET K 215 48.78 58.46 17.83
CA MET K 215 47.66 57.82 18.50
C MET K 215 47.89 57.61 20.00
N PHE K 216 49.10 57.86 20.50
CA PHE K 216 49.41 57.60 21.90
C PHE K 216 49.52 58.86 22.73
N MET K 217 49.13 60.01 22.19
CA MET K 217 49.11 61.26 22.94
C MET K 217 47.96 62.12 22.43
N PRO K 218 47.26 62.82 23.32
CA PRO K 218 46.11 63.62 22.88
C PRO K 218 46.52 64.69 21.88
N ARG K 219 45.54 65.13 21.09
CA ARG K 219 45.86 66.14 20.08
C ARG K 219 46.35 67.43 20.72
N SER K 220 45.91 67.73 21.94
CA SER K 220 46.37 68.95 22.61
C SER K 220 47.89 69.02 22.66
N LEU K 221 48.56 67.87 22.81
CA LEU K 221 50.01 67.83 22.84
C LEU K 221 50.61 67.67 21.45
N SER K 222 50.19 66.62 20.73
CA SER K 222 50.73 66.38 19.40
C SER K 222 50.56 67.59 18.47
N ARG K 223 49.66 68.51 18.82
CA ARG K 223 49.48 69.70 17.97
C ARG K 223 50.77 70.48 17.81
N TRP K 224 51.52 70.65 18.91
CA TRP K 224 52.71 71.49 18.90
C TRP K 224 54.01 70.73 19.10
N ILE K 225 53.97 69.54 19.70
CA ILE K 225 55.20 68.76 19.84
C ILE K 225 55.52 68.00 18.56
N SER K 226 54.52 67.67 17.75
CA SER K 226 54.72 66.92 16.51
C SER K 226 53.78 67.45 15.42
N PRO K 227 53.85 68.75 15.13
CA PRO K 227 53.01 69.28 14.04
C PRO K 227 53.45 68.80 12.67
N LYS K 228 54.74 68.49 12.52
CA LYS K 228 55.23 67.98 11.25
C LYS K 228 54.68 66.60 10.95
N VAL K 229 54.26 65.86 11.98
CA VAL K 229 53.69 64.54 11.76
C VAL K 229 52.23 64.65 11.34
N TRP K 230 51.52 65.67 11.82
CA TRP K 230 50.14 65.87 11.39
C TRP K 230 50.10 66.19 9.90
N LYS K 231 50.94 67.13 9.45
CA LYS K 231 51.02 67.42 8.02
C LYS K 231 51.37 66.15 7.25
N GLU K 232 52.44 65.47 7.66
CA GLU K 232 52.83 64.20 7.06
C GLU K 232 51.67 63.22 7.03
N HIS K 233 50.88 63.19 8.10
CA HIS K 233 49.75 62.26 8.18
C HIS K 233 48.66 62.66 7.19
N PHE K 234 48.21 63.92 7.24
CA PHE K 234 47.12 64.36 6.38
C PHE K 234 47.49 64.25 4.90
N GLU K 235 48.76 64.45 4.56
CA GLU K 235 49.17 64.32 3.17
C GLU K 235 49.03 62.88 2.70
N ALA K 236 49.40 61.91 3.54
CA ALA K 236 49.24 60.51 3.18
C ALA K 236 47.79 60.21 2.85
N TRP K 237 46.86 60.63 3.72
CA TRP K 237 45.44 60.42 3.46
C TRP K 237 45.03 61.10 2.16
N ASP K 238 45.52 62.32 1.92
CA ASP K 238 45.17 63.02 0.69
C ASP K 238 45.44 62.16 -0.53
N CYS K 239 46.55 61.43 -0.54
CA CYS K 239 46.84 60.57 -1.68
C CYS K 239 45.97 59.31 -1.66
N ILE K 240 45.66 58.78 -0.48
CA ILE K 240 44.80 57.61 -0.38
C ILE K 240 43.39 57.98 -0.83
N PHE K 241 42.85 59.08 -0.30
CA PHE K 241 41.53 59.55 -0.73
C PHE K 241 41.54 59.94 -2.20
N GLN K 242 42.69 60.26 -2.77
CA GLN K 242 42.75 60.48 -4.20
C GLN K 242 42.61 59.17 -4.96
N TYR K 243 43.27 58.11 -4.48
CA TYR K 243 43.20 56.82 -5.16
C TYR K 243 41.82 56.20 -5.02
N GLY K 244 41.24 56.24 -3.82
CA GLY K 244 39.94 55.63 -3.59
C GLY K 244 38.79 56.39 -4.18
N ASP K 245 38.95 57.71 -4.39
CA ASP K 245 37.89 58.51 -4.98
C ASP K 245 37.90 58.46 -6.50
N ASN K 246 39.04 58.16 -7.12
CA ASN K 246 39.02 57.92 -8.56
C ASN K 246 38.30 56.62 -8.88
N CYS K 247 38.37 55.62 -7.98
CA CYS K 247 37.58 54.40 -8.17
C CYS K 247 36.09 54.69 -8.05
N ILE K 248 35.72 55.60 -7.15
CA ILE K 248 34.31 55.91 -6.93
C ILE K 248 33.75 56.68 -8.12
N GLN K 249 34.44 57.74 -8.55
CA GLN K 249 33.91 58.58 -9.61
C GLN K 249 33.77 57.84 -10.93
N LYS K 250 34.55 56.78 -11.13
CA LYS K 250 34.42 55.98 -12.36
C LYS K 250 33.14 55.15 -12.32
N ILE K 251 32.98 54.33 -11.28
CA ILE K 251 31.84 53.42 -11.23
C ILE K 251 30.54 54.21 -11.19
N TYR K 252 30.50 55.30 -10.43
CA TYR K 252 29.26 56.05 -10.29
C TYR K 252 28.76 56.54 -11.65
N GLN K 253 29.68 57.07 -12.47
CA GLN K 253 29.28 57.52 -13.80
C GLN K 253 28.92 56.34 -14.70
N GLU K 254 29.62 55.21 -14.55
CA GLU K 254 29.33 54.04 -15.38
C GLU K 254 27.97 53.43 -15.05
N LEU K 255 27.52 53.55 -13.79
CA LEU K 255 26.20 53.07 -13.41
C LEU K 255 25.12 54.10 -13.68
N ALA K 256 25.45 55.39 -13.61
CA ALA K 256 24.46 56.42 -13.90
C ALA K 256 24.01 56.42 -15.35
N PHE K 257 24.64 55.61 -16.21
CA PHE K 257 24.23 55.49 -17.60
C PHE K 257 23.76 54.09 -18.00
N ASN K 258 24.12 53.05 -17.25
CA ASN K 258 23.66 51.70 -17.56
C ASN K 258 23.75 50.87 -16.28
N ARG K 259 22.60 50.45 -15.76
CA ARG K 259 22.55 49.59 -14.60
C ARG K 259 22.69 48.14 -15.05
N PRO K 260 23.81 47.48 -14.79
CA PRO K 260 24.01 46.13 -15.33
C PRO K 260 23.03 45.15 -14.71
N GLN K 261 22.83 44.04 -15.43
CA GLN K 261 22.03 42.93 -14.93
C GLN K 261 22.87 41.83 -14.30
N HIS K 262 24.15 41.77 -14.61
CA HIS K 262 25.07 40.80 -14.03
C HIS K 262 25.91 41.46 -12.93
N TYR K 263 26.61 40.62 -12.18
CA TYR K 263 27.43 41.12 -11.08
C TYR K 263 28.61 41.90 -11.63
N THR K 264 28.86 43.08 -11.05
CA THR K 264 29.96 43.93 -11.48
C THR K 264 30.69 44.54 -10.28
N GLY K 265 30.72 43.83 -9.15
CA GLY K 265 31.45 44.27 -7.98
C GLY K 265 30.54 44.55 -6.81
N ILE K 266 31.18 44.75 -5.66
CA ILE K 266 30.46 44.98 -4.41
C ILE K 266 29.87 46.39 -4.40
N VAL K 267 30.74 47.41 -4.53
CA VAL K 267 30.28 48.79 -4.53
C VAL K 267 29.13 48.99 -5.51
N ALA K 268 29.11 48.21 -6.60
CA ALA K 268 28.01 48.29 -7.54
C ALA K 268 26.68 48.02 -6.85
N GLU K 269 26.62 47.00 -5.99
CA GLU K 269 25.38 46.65 -5.32
C GLU K 269 24.95 47.74 -4.34
N LEU K 270 25.91 48.30 -3.59
CA LEU K 270 25.57 49.33 -2.62
C LEU K 270 24.97 50.54 -3.31
N LEU K 271 25.47 50.90 -4.49
CA LEU K 271 24.95 52.06 -5.20
C LEU K 271 23.58 51.80 -5.79
N LEU K 272 23.39 50.61 -6.38
CA LEU K 272 22.10 50.28 -6.98
C LEU K 272 21.00 50.24 -5.92
N LYS K 273 21.21 49.46 -4.85
CA LYS K 273 20.25 49.44 -3.76
C LYS K 273 19.93 50.85 -3.29
N ALA K 274 20.95 51.69 -3.13
CA ALA K 274 20.78 53.05 -2.65
C ALA K 274 20.16 53.09 -1.26
N GLU K 275 20.50 52.11 -0.42
CA GLU K 275 20.08 52.12 0.97
C GLU K 275 20.92 53.05 1.83
N LEU K 276 22.10 53.42 1.37
CA LEU K 276 22.99 54.34 2.07
C LEU K 276 23.16 55.61 1.24
N SER K 277 23.25 56.75 1.91
CA SER K 277 23.50 58.00 1.21
C SER K 277 24.78 57.91 0.40
N LEU K 278 24.89 58.76 -0.61
CA LEU K 278 26.08 58.75 -1.45
C LEU K 278 27.34 58.99 -0.63
N GLU K 279 27.29 59.93 0.30
CA GLU K 279 28.47 60.25 1.09
C GLU K 279 28.85 59.12 2.04
N ALA K 280 27.88 58.31 2.45
CA ALA K 280 28.18 57.16 3.31
C ALA K 280 28.69 55.97 2.52
N ILE K 281 28.38 55.90 1.23
CA ILE K 281 28.94 54.84 0.39
C ILE K 281 30.39 55.16 0.04
N LYS K 282 30.65 56.41 -0.35
CA LYS K 282 32.03 56.85 -0.55
C LYS K 282 32.87 56.54 0.68
N ALA K 283 32.38 56.95 1.86
CA ALA K 283 33.13 56.75 3.09
C ALA K 283 33.50 55.28 3.27
N ASN K 284 32.50 54.40 3.22
CA ASN K 284 32.79 52.98 3.39
C ASN K 284 33.56 52.42 2.21
N SER K 285 33.34 52.99 1.01
CA SER K 285 34.14 52.59 -0.14
C SER K 285 35.62 52.89 0.08
N MET K 286 35.92 54.05 0.67
CA MET K 286 37.31 54.38 1.00
C MET K 286 37.92 53.34 1.94
N GLU K 287 37.21 53.02 3.02
CA GLU K 287 37.78 52.12 4.02
C GLU K 287 37.99 50.72 3.47
N LEU K 288 37.18 50.29 2.51
CA LEU K 288 37.36 48.98 1.91
C LEU K 288 38.51 48.99 0.90
N THR K 289 38.68 50.09 0.17
CA THR K 289 39.82 50.21 -0.74
C THR K 289 41.12 50.31 0.04
N ALA K 290 41.14 51.13 1.10
CA ALA K 290 42.39 51.42 1.80
C ALA K 290 42.82 50.27 2.71
N GLY K 291 41.86 49.60 3.33
CA GLY K 291 42.18 48.55 4.28
C GLY K 291 42.23 47.15 3.72
N SER K 292 42.14 47.00 2.41
CA SER K 292 42.12 45.68 1.77
C SER K 292 43.47 45.28 1.20
N VAL K 293 44.55 45.94 1.62
CA VAL K 293 45.86 45.73 1.01
C VAL K 293 46.83 45.10 2.00
N ASP K 294 47.30 45.91 2.96
CA ASP K 294 48.33 45.45 3.87
C ASP K 294 47.83 44.31 4.75
N THR K 295 46.61 44.43 5.28
CA THR K 295 46.11 43.42 6.20
C THR K 295 46.00 42.05 5.55
N THR K 296 45.70 42.01 4.26
CA THR K 296 45.55 40.74 3.56
C THR K 296 46.87 40.21 3.03
N ALA K 297 47.70 41.09 2.45
CA ALA K 297 48.91 40.63 1.78
C ALA K 297 49.96 40.11 2.75
N PHE K 298 50.04 40.67 3.95
CA PHE K 298 51.09 40.29 4.89
C PHE K 298 50.90 38.86 5.38
N PRO K 299 49.68 38.45 5.76
CA PRO K 299 49.48 37.02 6.06
C PRO K 299 49.79 36.12 4.88
N LEU K 300 49.48 36.55 3.66
CA LEU K 300 49.87 35.76 2.50
C LEU K 300 51.37 35.49 2.49
N LEU K 301 52.18 36.51 2.82
CA LEU K 301 53.63 36.34 2.80
C LEU K 301 54.11 35.42 3.90
N MET K 302 53.58 35.58 5.11
CA MET K 302 54.00 34.72 6.21
C MET K 302 53.56 33.28 5.99
N THR K 303 52.47 33.06 5.25
CA THR K 303 52.08 31.71 4.91
C THR K 303 53.03 31.11 3.87
N LEU K 304 53.32 31.88 2.81
CA LEU K 304 54.35 31.45 1.86
C LEU K 304 55.69 31.24 2.53
N PHE K 305 55.99 31.99 3.59
CA PHE K 305 57.25 31.82 4.31
C PHE K 305 57.22 30.57 5.19
N GLU K 306 56.15 30.38 5.96
CA GLU K 306 56.07 29.23 6.84
C GLU K 306 55.99 27.92 6.05
N LEU K 307 55.33 27.94 4.89
CA LEU K 307 55.27 26.72 4.08
C LEU K 307 56.65 26.35 3.55
N ALA K 308 57.51 27.33 3.28
CA ALA K 308 58.85 27.04 2.80
C ALA K 308 59.76 26.54 3.90
N ARG K 309 59.44 26.82 5.17
CA ARG K 309 60.19 26.26 6.28
C ARG K 309 59.71 24.86 6.66
N ASN K 310 58.47 24.51 6.28
CA ASN K 310 57.88 23.23 6.61
C ASN K 310 57.42 22.57 5.32
N PRO K 311 58.34 22.04 4.52
CA PRO K 311 57.94 21.39 3.26
C PRO K 311 57.01 20.20 3.49
N ASP K 312 57.19 19.49 4.61
CA ASP K 312 56.23 18.46 5.00
C ASP K 312 54.81 19.01 4.99
N VAL K 313 54.61 20.18 5.62
CA VAL K 313 53.29 20.79 5.66
C VAL K 313 52.87 21.28 4.28
N GLN K 314 53.83 21.73 3.47
CA GLN K 314 53.50 22.25 2.15
C GLN K 314 52.92 21.15 1.25
N GLN K 315 53.61 20.00 1.18
CA GLN K 315 53.14 18.91 0.32
C GLN K 315 51.73 18.47 0.70
N ILE K 316 51.47 18.31 2.00
CA ILE K 316 50.14 17.92 2.45
C ILE K 316 49.08 18.88 1.93
N LEU K 317 49.38 20.19 1.96
CA LEU K 317 48.46 21.17 1.39
C LEU K 317 48.41 21.04 -0.13
N ARG K 318 49.53 20.66 -0.75
CA ARG K 318 49.55 20.48 -2.21
C ARG K 318 48.71 19.28 -2.63
N GLN K 319 48.85 18.16 -1.91
CA GLN K 319 48.03 16.99 -2.19
C GLN K 319 46.55 17.34 -2.15
N GLU K 320 46.15 18.16 -1.18
CA GLU K 320 44.76 18.59 -1.07
C GLU K 320 44.34 19.45 -2.26
N SER K 321 45.10 20.51 -2.52
CA SER K 321 44.70 21.45 -3.58
C SER K 321 44.74 20.78 -4.95
N LEU K 322 45.70 19.89 -5.18
CA LEU K 322 45.73 19.15 -6.44
C LEU K 322 44.50 18.27 -6.59
N ALA K 323 44.11 17.58 -5.52
CA ALA K 323 42.96 16.69 -5.58
C ALA K 323 41.70 17.46 -5.97
N ALA K 324 41.37 18.51 -5.23
CA ALA K 324 40.18 19.32 -5.50
C ALA K 324 40.38 20.31 -6.65
N ALA K 325 41.47 20.18 -7.40
CA ALA K 325 41.76 21.16 -8.45
C ALA K 325 40.69 21.16 -9.53
N ALA K 326 40.22 19.98 -9.93
CA ALA K 326 39.26 19.91 -11.03
C ALA K 326 37.89 20.41 -10.61
N SER K 327 37.46 20.09 -9.39
CA SER K 327 36.16 20.56 -8.92
C SER K 327 36.17 22.06 -8.68
N ILE K 328 37.31 22.62 -8.30
CA ILE K 328 37.40 24.07 -8.07
C ILE K 328 37.40 24.82 -9.40
N SER K 329 38.07 24.26 -10.42
CA SER K 329 38.05 24.90 -11.74
C SER K 329 36.64 24.97 -12.31
N GLU K 330 35.81 23.96 -12.02
CA GLU K 330 34.41 24.02 -12.42
C GLU K 330 33.69 25.16 -11.70
N HIS K 331 33.66 25.10 -10.37
CA HIS K 331 33.00 26.10 -9.54
C HIS K 331 33.98 26.56 -8.47
N PRO K 332 34.64 27.71 -8.66
CA PRO K 332 35.62 28.16 -7.66
C PRO K 332 35.05 28.30 -6.26
N GLN K 333 33.74 28.54 -6.13
CA GLN K 333 33.14 28.68 -4.80
C GLN K 333 33.49 27.51 -3.91
N LYS K 334 33.72 26.33 -4.49
CA LYS K 334 34.01 25.14 -3.70
C LYS K 334 35.33 25.24 -2.96
N ALA K 335 36.21 26.17 -3.35
CA ALA K 335 37.51 26.26 -2.70
C ALA K 335 37.38 26.53 -1.22
N THR K 336 36.32 27.22 -0.81
CA THR K 336 36.11 27.54 0.61
C THR K 336 35.78 26.30 1.44
N THR K 337 35.37 25.21 0.81
CA THR K 337 34.98 23.98 1.51
C THR K 337 35.84 22.78 1.15
N GLU K 338 36.35 22.70 -0.08
CA GLU K 338 37.17 21.56 -0.49
C GLU K 338 38.61 21.65 -0.01
N LEU K 339 39.02 22.80 0.54
CA LEU K 339 40.38 23.02 1.02
C LEU K 339 40.35 23.35 2.51
N PRO K 340 40.08 22.35 3.37
CA PRO K 340 40.07 22.59 4.82
C PRO K 340 41.45 22.73 5.43
N LEU K 341 42.43 21.97 4.93
CA LEU K 341 43.79 22.10 5.44
C LEU K 341 44.36 23.48 5.17
N LEU K 342 44.08 24.03 3.98
CA LEU K 342 44.61 25.35 3.63
C LEU K 342 43.94 26.44 4.46
N ARG K 343 42.62 26.35 4.67
CA ARG K 343 41.96 27.28 5.58
C ARG K 343 42.54 27.20 6.98
N ALA K 344 43.09 26.03 7.35
CA ALA K 344 43.71 25.89 8.66
C ALA K 344 45.11 26.50 8.69
N ALA K 345 45.88 26.33 7.61
CA ALA K 345 47.17 26.99 7.51
C ALA K 345 47.02 28.49 7.67
N LEU K 346 45.97 29.07 7.08
CA LEU K 346 45.72 30.49 7.26
C LEU K 346 45.43 30.82 8.72
N LYS K 347 44.57 30.03 9.36
CA LYS K 347 44.34 30.19 10.79
C LYS K 347 45.65 30.12 11.57
N GLU K 348 46.57 29.26 11.13
CA GLU K 348 47.84 29.11 11.83
C GLU K 348 48.74 30.30 11.60
N THR K 349 48.76 30.83 10.37
CA THR K 349 49.57 32.02 10.10
C THR K 349 49.09 33.21 10.93
N LEU K 350 47.77 33.45 10.96
CA LEU K 350 47.24 34.53 11.77
C LEU K 350 47.42 34.29 13.25
N ARG K 351 47.59 33.03 13.67
CA ARG K 351 47.84 32.76 15.08
C ARG K 351 49.22 33.25 15.49
N LEU K 352 50.23 33.01 14.65
CA LEU K 352 51.58 33.44 14.95
C LEU K 352 51.83 34.89 14.56
N TYR K 353 51.26 35.33 13.43
CA TYR K 353 51.53 36.64 12.86
C TYR K 353 50.21 37.39 12.67
N PRO K 354 49.60 37.84 13.75
CA PRO K 354 48.32 38.56 13.65
C PRO K 354 48.51 40.02 13.24
N VAL K 355 48.15 40.33 11.99
CA VAL K 355 48.30 41.71 11.50
C VAL K 355 47.52 42.68 12.37
N GLY K 356 46.36 42.28 12.85
CA GLY K 356 45.63 43.07 13.82
C GLY K 356 46.06 42.71 15.22
N LEU K 357 46.98 43.49 15.80
CA LEU K 357 47.63 43.06 17.03
C LEU K 357 46.63 42.80 18.14
N PHE K 358 45.65 43.68 18.32
CA PHE K 358 44.74 43.57 19.44
C PHE K 358 43.33 43.99 19.05
N LEU K 359 42.38 43.57 19.87
CA LEU K 359 40.98 43.92 19.75
C LEU K 359 40.62 44.89 20.88
N GLU K 360 39.90 45.95 20.55
CA GLU K 360 39.56 46.99 21.50
C GLU K 360 38.07 46.98 21.78
N ARG K 361 37.70 47.26 23.03
CA ARG K 361 36.30 47.40 23.41
C ARG K 361 36.23 48.36 24.60
N VAL K 362 35.45 49.43 24.46
CA VAL K 362 35.13 50.30 25.59
C VAL K 362 33.85 49.76 26.20
N VAL K 363 34.00 48.87 27.17
CA VAL K 363 32.85 48.18 27.75
C VAL K 363 31.81 49.21 28.19
N SER K 364 30.55 48.88 27.94
CA SER K 364 29.41 49.72 28.31
C SER K 364 28.76 49.27 29.61
N SER K 365 29.32 48.26 30.28
CA SER K 365 28.72 47.70 31.47
C SER K 365 29.78 46.95 32.25
N ASP K 366 29.61 46.92 33.58
CA ASP K 366 30.53 46.20 34.45
C ASP K 366 30.68 44.75 34.01
N LEU K 367 31.80 44.13 34.36
CA LEU K 367 32.05 42.73 34.03
C LEU K 367 33.21 42.24 34.89
N VAL K 368 33.46 40.94 34.83
CA VAL K 368 34.48 40.30 35.64
C VAL K 368 35.40 39.50 34.72
N LEU K 369 36.69 39.86 34.72
CA LEU K 369 37.73 39.14 33.99
C LEU K 369 38.79 38.68 34.98
N GLN K 370 39.19 37.41 34.86
CA GLN K 370 40.16 36.82 35.77
C GLN K 370 39.80 37.10 37.23
N ASN K 371 38.50 37.13 37.52
CA ASN K 371 37.99 37.37 38.87
C ASN K 371 38.33 38.78 39.36
N TYR K 372 38.36 39.74 38.45
CA TYR K 372 38.58 41.15 38.77
C TYR K 372 37.37 41.96 38.29
N HIS K 373 36.91 42.89 39.12
CA HIS K 373 35.80 43.75 38.73
C HIS K 373 36.30 44.80 37.73
N ILE K 374 35.58 44.93 36.62
CA ILE K 374 35.95 45.87 35.56
C ILE K 374 34.87 46.92 35.42
N PRO K 375 35.11 48.17 35.81
CA PRO K 375 34.06 49.19 35.71
C PRO K 375 33.72 49.49 34.25
N ALA K 376 32.51 50.03 34.06
CA ALA K 376 32.09 50.44 32.73
C ALA K 376 32.93 51.63 32.26
N GLY K 377 32.85 51.90 30.95
CA GLY K 377 33.70 52.88 30.33
C GLY K 377 35.15 52.50 30.21
N THR K 378 35.52 51.30 30.67
CA THR K 378 36.91 50.86 30.63
C THR K 378 37.29 50.37 29.24
N LEU K 379 38.54 50.63 28.86
CA LEU K 379 39.11 50.08 27.65
C LEU K 379 39.70 48.70 27.95
N VAL K 380 39.34 47.72 27.14
CA VAL K 380 39.84 46.36 27.28
C VAL K 380 40.50 45.97 25.97
N GLN K 381 41.77 45.60 26.04
CA GLN K 381 42.55 45.22 24.87
C GLN K 381 42.90 43.74 24.94
N VAL K 382 42.50 42.99 23.93
CA VAL K 382 42.90 41.59 23.79
C VAL K 382 44.15 41.56 22.93
N PHE K 383 45.26 41.10 23.49
CA PHE K 383 46.55 41.12 22.83
C PHE K 383 46.74 39.76 22.14
N LEU K 384 46.48 39.72 20.83
CA LEU K 384 46.41 38.45 20.11
C LEU K 384 47.77 37.80 19.92
N TYR K 385 48.86 38.55 20.00
CA TYR K 385 50.18 37.95 19.82
C TYR K 385 50.48 36.93 20.90
N SER K 386 50.11 37.25 22.14
CA SER K 386 50.35 36.32 23.24
C SER K 386 49.24 35.28 23.34
N LEU K 387 47.99 35.68 23.11
CA LEU K 387 46.89 34.73 23.09
C LEU K 387 47.25 33.52 22.23
N GLY K 388 47.89 33.75 21.09
CA GLY K 388 48.25 32.67 20.18
C GLY K 388 49.52 31.94 20.52
N ARG K 389 50.29 32.43 21.48
CA ARG K 389 51.51 31.77 21.93
C ARG K 389 51.38 31.19 23.33
N ASN K 390 50.16 31.13 23.86
CA ASN K 390 49.90 30.46 25.14
C ASN K 390 49.98 28.95 24.93
N ALA K 391 51.02 28.31 25.46
CA ALA K 391 51.19 26.89 25.26
C ALA K 391 50.07 26.09 25.90
N ALA K 392 49.48 26.60 26.99
CA ALA K 392 48.37 25.91 27.63
C ALA K 392 47.23 25.67 26.65
N LEU K 393 46.89 26.68 25.84
CA LEU K 393 45.79 26.59 24.90
C LEU K 393 46.21 26.09 23.52
N PHE K 394 47.51 26.15 23.20
CA PHE K 394 48.01 25.70 21.90
C PHE K 394 49.27 24.88 22.16
N PRO K 395 49.12 23.56 22.34
CA PRO K 395 50.31 22.71 22.57
C PRO K 395 51.37 22.92 21.51
N ARG K 396 52.62 23.13 21.97
CA ARG K 396 53.73 23.48 21.10
C ARG K 396 53.35 24.69 20.26
N PRO K 397 53.17 25.86 20.88
CA PRO K 397 52.81 27.05 20.11
C PRO K 397 53.91 27.48 19.16
N GLU K 398 55.15 27.08 19.42
CA GLU K 398 56.27 27.40 18.55
C GLU K 398 56.14 26.79 17.16
N ARG K 399 55.23 25.83 16.98
CA ARG K 399 55.20 25.00 15.78
C ARG K 399 54.07 25.45 14.85
N TYR K 400 54.40 25.53 13.55
CA TYR K 400 53.40 25.80 12.52
C TYR K 400 52.70 24.49 12.21
N ASN K 401 51.55 24.26 12.85
CA ASN K 401 50.84 22.99 12.79
C ASN K 401 49.40 23.23 12.36
N PRO K 402 49.13 23.21 11.05
CA PRO K 402 47.76 23.50 10.58
C PRO K 402 46.73 22.47 10.99
N GLN K 403 47.11 21.23 11.30
CA GLN K 403 46.12 20.22 11.65
C GLN K 403 45.59 20.39 13.07
N ARG K 404 46.16 21.30 13.86
CA ARG K 404 45.70 21.48 15.23
C ARG K 404 44.31 22.09 15.29
N TRP K 405 43.83 22.67 14.19
CA TRP K 405 42.51 23.28 14.17
C TRP K 405 41.41 22.26 13.98
N LEU K 406 41.74 21.04 13.56
CA LEU K 406 40.76 20.05 13.15
C LEU K 406 40.50 18.99 14.21
N ASP K 407 40.76 19.28 15.48
CA ASP K 407 40.48 18.36 16.57
C ASP K 407 38.98 18.07 16.65
N ARG K 413 37.59 25.27 22.25
CA ARG K 413 38.28 25.77 21.06
C ARG K 413 37.39 26.73 20.29
N ASN K 414 36.47 27.40 21.00
CA ASN K 414 35.50 28.27 20.34
C ASN K 414 36.07 29.67 20.10
N PHE K 415 36.80 30.23 21.07
CA PHE K 415 37.35 31.58 20.97
C PHE K 415 38.87 31.55 20.84
N HIS K 416 39.39 30.54 20.16
CA HIS K 416 40.82 30.45 19.90
C HIS K 416 41.23 31.23 18.66
N HIS K 417 40.31 31.43 17.73
CA HIS K 417 40.59 32.04 16.42
C HIS K 417 39.73 33.29 16.29
N VAL K 418 40.23 34.41 16.80
CA VAL K 418 39.53 35.69 16.73
C VAL K 418 40.42 36.76 16.10
N PRO K 419 41.25 36.44 15.10
CA PRO K 419 42.08 37.49 14.49
C PRO K 419 41.26 38.52 13.72
N PHE K 420 40.03 38.20 13.34
CA PHE K 420 39.15 39.14 12.66
C PHE K 420 38.18 39.84 13.61
N GLY K 421 38.33 39.64 14.92
CA GLY K 421 37.43 40.23 15.88
C GLY K 421 36.34 39.27 16.32
N PHE K 422 35.18 39.81 16.69
CA PHE K 422 34.09 39.00 17.19
C PHE K 422 32.82 39.83 17.22
N GLY K 423 31.68 39.14 17.18
CA GLY K 423 30.41 39.82 17.30
C GLY K 423 29.98 40.51 16.01
N MET K 424 29.07 41.48 16.18
CA MET K 424 28.61 42.27 15.05
C MET K 424 29.73 43.12 14.47
N ARG K 425 30.70 43.52 15.30
CA ARG K 425 31.83 44.31 14.86
C ARG K 425 32.88 43.50 14.10
N GLN K 426 32.73 42.18 14.03
CA GLN K 426 33.74 41.35 13.40
C GLN K 426 34.03 41.86 12.00
N CYS K 427 35.29 41.73 11.59
CA CYS K 427 35.82 42.22 10.33
C CYS K 427 34.82 42.19 9.17
N LEU K 428 34.65 43.34 8.51
CA LEU K 428 33.70 43.42 7.41
C LEU K 428 34.25 42.76 6.15
N GLY K 429 35.57 42.81 5.94
CA GLY K 429 36.17 42.17 4.79
C GLY K 429 36.75 40.82 5.13
N ARG K 430 36.22 40.20 6.19
CA ARG K 430 36.73 38.90 6.62
C ARG K 430 36.78 37.91 5.46
N ARG K 431 35.65 37.73 4.77
CA ARG K 431 35.56 36.68 3.77
C ARG K 431 36.21 37.05 2.46
N LEU K 432 36.27 38.35 2.13
CA LEU K 432 37.05 38.77 0.97
C LEU K 432 38.53 38.48 1.18
N ALA K 433 39.05 38.74 2.39
CA ALA K 433 40.44 38.42 2.68
C ALA K 433 40.69 36.92 2.63
N GLU K 434 39.79 36.13 3.23
CA GLU K 434 39.94 34.68 3.19
C GLU K 434 39.97 34.18 1.75
N ALA K 435 39.10 34.71 0.89
CA ALA K 435 39.05 34.26 -0.50
C ALA K 435 40.35 34.59 -1.23
N GLU K 436 40.82 35.83 -1.10
CA GLU K 436 42.06 36.22 -1.77
C GLU K 436 43.22 35.38 -1.30
N MET K 437 43.40 35.28 0.02
CA MET K 437 44.51 34.50 0.55
C MET K 437 44.41 33.04 0.12
N LEU K 438 43.22 32.47 0.20
CA LEU K 438 43.05 31.04 -0.07
C LEU K 438 43.27 30.71 -1.53
N LEU K 439 42.64 31.48 -2.44
CA LEU K 439 42.74 31.18 -3.86
C LEU K 439 44.17 31.30 -4.37
N LEU K 440 44.89 32.33 -3.93
CA LEU K 440 46.28 32.49 -4.36
C LEU K 440 47.11 31.28 -3.97
N LEU K 441 47.06 30.89 -2.70
CA LEU K 441 47.83 29.74 -2.24
C LEU K 441 47.40 28.47 -2.93
N HIS K 442 46.11 28.33 -3.26
CA HIS K 442 45.63 27.15 -3.95
C HIS K 442 46.32 26.99 -5.30
N HIS K 443 46.34 28.07 -6.10
CA HIS K 443 46.89 27.99 -7.45
C HIS K 443 48.41 28.02 -7.47
N VAL K 444 49.06 28.50 -6.41
CA VAL K 444 50.52 28.45 -6.36
C VAL K 444 50.99 27.07 -5.90
N LEU K 445 50.20 26.38 -5.07
CA LEU K 445 50.62 25.07 -4.59
C LEU K 445 50.60 24.04 -5.71
N LYS K 446 49.62 24.08 -6.60
CA LYS K 446 49.53 23.02 -7.60
C LYS K 446 50.40 23.26 -8.82
N HIS K 447 51.17 24.36 -8.86
CA HIS K 447 52.11 24.57 -9.95
C HIS K 447 53.55 24.78 -9.53
N PHE K 448 53.81 25.12 -8.27
CA PHE K 448 55.15 25.46 -7.82
C PHE K 448 55.49 24.75 -6.52
N LEU K 449 56.80 24.66 -6.27
CA LEU K 449 57.35 24.35 -4.96
C LEU K 449 57.94 25.62 -4.38
N VAL K 450 57.67 25.88 -3.12
CA VAL K 450 58.18 27.06 -2.42
C VAL K 450 59.29 26.60 -1.48
N GLU K 451 60.50 27.10 -1.71
CA GLU K 451 61.68 26.70 -0.98
C GLU K 451 62.46 27.94 -0.55
N THR K 452 63.27 27.77 0.49
CA THR K 452 64.09 28.88 0.98
C THR K 452 65.19 28.35 1.89
N LEU K 453 66.35 29.03 1.83
CA LEU K 453 67.39 28.77 2.82
C LEU K 453 67.16 29.57 4.10
N THR K 454 66.58 30.76 3.99
CA THR K 454 66.23 31.55 5.16
C THR K 454 65.27 30.76 6.05
N GLN K 455 65.79 30.21 7.14
CA GLN K 455 64.97 29.47 8.09
C GLN K 455 64.91 30.13 9.46
N GLU K 456 65.63 31.22 9.66
CA GLU K 456 65.55 31.96 10.91
C GLU K 456 64.23 32.73 11.00
N ASP K 457 63.67 32.80 12.20
CA ASP K 457 62.41 33.51 12.38
C ASP K 457 62.52 34.94 11.86
N ILE K 458 61.43 35.43 11.29
CA ILE K 458 61.34 36.80 10.82
C ILE K 458 60.89 37.68 11.97
N LYS K 459 61.63 38.75 12.22
CA LYS K 459 61.23 39.69 13.24
C LYS K 459 60.01 40.46 12.77
N MET K 460 59.08 40.71 13.68
CA MET K 460 57.88 41.45 13.39
C MET K 460 58.02 42.88 13.88
N VAL K 461 57.28 43.78 13.24
CA VAL K 461 57.35 45.21 13.52
C VAL K 461 55.93 45.74 13.65
N TYR K 462 55.69 46.57 14.68
CA TYR K 462 54.40 47.20 14.87
C TYR K 462 54.43 48.60 14.25
N SER K 463 53.67 48.78 13.18
CA SER K 463 53.34 50.10 12.65
C SER K 463 51.82 50.13 12.47
N PHE K 464 51.11 50.10 13.61
CA PHE K 464 49.66 50.03 13.67
C PHE K 464 49.17 48.62 13.39
N ILE K 465 49.78 47.95 12.41
CA ILE K 465 49.57 46.54 12.18
C ILE K 465 50.88 45.81 12.48
N LEU K 466 50.79 44.52 12.74
CA LEU K 466 51.97 43.69 12.96
C LEU K 466 52.40 43.12 11.61
N ARG K 467 53.57 43.52 11.14
CA ARG K 467 54.04 43.16 9.81
C ARG K 467 55.51 42.79 9.88
N PRO K 468 55.97 41.88 9.01
CA PRO K 468 57.36 41.44 9.10
C PRO K 468 58.33 42.56 8.73
N GLY K 469 59.43 42.63 9.48
CA GLY K 469 60.45 43.63 9.22
C GLY K 469 61.41 43.27 8.10
N THR K 470 61.32 42.06 7.57
CA THR K 470 62.20 41.64 6.49
C THR K 470 61.43 40.66 5.60
N SER K 471 61.69 40.73 4.29
CA SER K 471 61.05 39.82 3.34
C SER K 471 62.06 38.76 2.91
N PRO K 472 61.71 37.48 2.98
CA PRO K 472 62.68 36.44 2.64
C PRO K 472 62.76 36.17 1.14
N LEU K 473 63.84 35.53 0.75
CA LEU K 473 64.07 35.14 -0.63
C LEU K 473 63.39 33.79 -0.86
N LEU K 474 62.31 33.79 -1.63
CA LEU K 474 61.52 32.59 -1.89
C LEU K 474 61.77 32.12 -3.31
N THR K 475 61.98 30.82 -3.46
CA THR K 475 62.21 30.19 -4.76
C THR K 475 60.93 29.48 -5.21
N PHE K 476 60.57 29.67 -6.48
CA PHE K 476 59.36 29.08 -7.05
C PHE K 476 59.78 28.13 -8.17
N ARG K 477 59.93 26.86 -7.83
CA ARG K 477 60.30 25.83 -8.80
C ARG K 477 59.03 25.21 -9.39
N ALA K 478 58.96 25.15 -10.72
CA ALA K 478 57.75 24.72 -11.38
C ALA K 478 57.66 23.19 -11.44
N ILE K 479 56.42 22.70 -11.55
CA ILE K 479 56.17 21.26 -11.65
C ILE K 479 55.91 20.87 -13.09
N VAL L 12 -26.20 -1.04 -80.70
CA VAL L 12 -24.78 -0.84 -80.43
C VAL L 12 -24.59 0.19 -79.33
N LEU L 13 -23.95 -0.22 -78.23
CA LEU L 13 -23.73 0.61 -77.06
C LEU L 13 -22.25 0.66 -76.72
N PRO L 14 -21.81 1.68 -75.99
CA PRO L 14 -20.39 1.73 -75.58
C PRO L 14 -20.00 0.51 -74.77
N PHE L 15 -18.71 0.17 -74.84
CA PHE L 15 -18.18 -0.86 -73.97
C PHE L 15 -18.24 -0.43 -72.50
N GLU L 16 -17.97 0.85 -72.24
CA GLU L 16 -17.93 1.34 -70.87
C GLU L 16 -19.30 1.37 -70.20
N ALA L 17 -20.38 1.13 -70.95
CA ALA L 17 -21.71 1.05 -70.39
C ALA L 17 -22.12 -0.38 -70.05
N MET L 18 -21.14 -1.27 -69.87
CA MET L 18 -21.45 -2.65 -69.51
C MET L 18 -21.71 -2.76 -68.01
N PRO L 19 -22.55 -3.71 -67.60
CA PRO L 19 -22.64 -4.02 -66.17
C PRO L 19 -21.29 -4.51 -65.65
N GLN L 20 -20.95 -4.08 -64.44
CA GLN L 20 -19.61 -4.31 -63.88
C GLN L 20 -19.72 -5.23 -62.67
N HIS L 21 -18.86 -6.24 -62.63
CA HIS L 21 -18.78 -7.13 -61.47
C HIS L 21 -18.34 -6.32 -60.25
N PRO L 22 -19.10 -6.32 -59.16
CA PRO L 22 -18.73 -5.46 -58.03
C PRO L 22 -17.37 -5.79 -57.44
N GLY L 23 -16.92 -7.04 -57.59
CA GLY L 23 -15.69 -7.44 -56.93
C GLY L 23 -14.49 -6.62 -57.36
N ASN L 24 -13.55 -6.48 -56.43
CA ASN L 24 -12.27 -5.83 -56.69
C ASN L 24 -11.25 -6.90 -57.05
N ARG L 25 -10.52 -6.69 -58.15
CA ARG L 25 -9.56 -7.68 -58.61
C ARG L 25 -8.63 -8.13 -57.47
N TRP L 26 -8.03 -7.16 -56.77
CA TRP L 26 -6.93 -7.48 -55.86
C TRP L 26 -7.42 -8.23 -54.62
N LEU L 27 -8.59 -7.86 -54.10
CA LEU L 27 -9.12 -8.59 -52.94
C LEU L 27 -9.38 -10.05 -53.27
N ARG L 28 -9.71 -10.36 -54.53
CA ARG L 28 -9.89 -11.75 -54.93
C ARG L 28 -8.58 -12.45 -55.23
N LEU L 29 -7.48 -11.71 -55.38
CA LEU L 29 -6.16 -12.34 -55.44
C LEU L 29 -5.69 -12.72 -54.03
N LEU L 30 -5.95 -11.86 -53.04
CA LEU L 30 -5.63 -12.21 -51.66
C LEU L 30 -6.56 -13.30 -51.15
N GLN L 31 -7.84 -13.24 -51.53
CA GLN L 31 -8.77 -14.31 -51.17
C GLN L 31 -8.22 -15.66 -51.56
N ILE L 32 -7.53 -15.74 -52.70
CA ILE L 32 -6.95 -16.99 -53.16
C ILE L 32 -5.68 -17.32 -52.38
N TRP L 33 -4.90 -16.31 -52.00
CA TRP L 33 -3.70 -16.57 -51.21
C TRP L 33 -4.06 -17.13 -49.84
N ARG L 34 -5.21 -16.72 -49.29
CA ARG L 34 -5.66 -17.21 -48.00
C ARG L 34 -6.29 -18.60 -48.11
N GLU L 35 -7.21 -18.77 -49.06
CA GLU L 35 -7.95 -20.01 -49.20
C GLU L 35 -7.18 -21.08 -49.99
N GLN L 36 -6.06 -20.72 -50.61
CA GLN L 36 -5.28 -21.67 -51.41
C GLN L 36 -6.12 -22.24 -52.56
N GLY L 37 -7.06 -21.46 -53.06
CA GLY L 37 -7.90 -21.91 -54.15
C GLY L 37 -9.01 -20.91 -54.44
N TYR L 38 -9.98 -21.36 -55.22
CA TYR L 38 -11.12 -20.54 -55.62
C TYR L 38 -12.31 -21.47 -55.85
N GLU L 39 -12.54 -22.39 -54.91
CA GLU L 39 -13.44 -23.53 -55.15
C GLU L 39 -14.85 -23.11 -55.53
N HIS L 40 -15.29 -21.91 -55.15
CA HIS L 40 -16.66 -21.48 -55.33
C HIS L 40 -16.85 -20.59 -56.55
N LEU L 41 -15.88 -20.58 -57.47
CA LEU L 41 -15.92 -19.63 -58.58
C LEU L 41 -17.19 -19.80 -59.41
N HIS L 42 -17.54 -21.05 -59.73
CA HIS L 42 -18.72 -21.26 -60.57
C HIS L 42 -19.98 -20.68 -59.93
N LEU L 43 -20.06 -20.70 -58.60
CA LEU L 43 -21.24 -20.16 -57.92
C LEU L 43 -21.20 -18.63 -57.88
N GLU L 44 -20.04 -18.05 -57.58
CA GLU L 44 -19.93 -16.60 -57.57
C GLU L 44 -20.29 -16.01 -58.93
N MET L 45 -19.91 -16.69 -60.01
CA MET L 45 -20.25 -16.19 -61.34
C MET L 45 -21.70 -16.46 -61.69
N HIS L 46 -22.21 -17.64 -61.32
CA HIS L 46 -23.63 -17.93 -61.55
C HIS L 46 -24.52 -16.91 -60.85
N GLN L 47 -24.11 -16.45 -59.66
CA GLN L 47 -24.87 -15.43 -58.97
C GLN L 47 -24.76 -14.09 -59.69
N THR L 48 -23.55 -13.69 -60.06
CA THR L 48 -23.36 -12.41 -60.73
C THR L 48 -24.19 -12.33 -62.01
N PHE L 49 -24.25 -13.43 -62.77
CA PHE L 49 -25.07 -13.43 -63.97
C PHE L 49 -26.54 -13.20 -63.65
N GLN L 50 -27.01 -13.71 -62.51
CA GLN L 50 -28.40 -13.53 -62.11
C GLN L 50 -28.69 -12.10 -61.65
N GLU L 51 -27.68 -11.35 -61.22
CA GLU L 51 -27.88 -9.98 -60.80
C GLU L 51 -27.69 -8.98 -61.95
N LEU L 52 -26.71 -9.22 -62.83
CA LEU L 52 -26.31 -8.24 -63.82
C LEU L 52 -26.70 -8.61 -65.25
N GLY L 53 -27.14 -9.84 -65.50
CA GLY L 53 -27.59 -10.23 -66.82
C GLY L 53 -26.67 -11.22 -67.49
N PRO L 54 -26.87 -11.44 -68.80
CA PRO L 54 -26.07 -12.43 -69.53
C PRO L 54 -24.78 -11.87 -70.12
N ILE L 55 -24.29 -10.77 -69.55
CA ILE L 55 -23.00 -10.21 -69.96
C ILE L 55 -22.57 -9.21 -68.91
N PHE L 56 -21.27 -9.12 -68.66
CA PHE L 56 -20.77 -8.14 -67.70
C PHE L 56 -19.25 -8.07 -67.79
N ARG L 57 -18.72 -6.91 -67.42
CA ARG L 57 -17.28 -6.68 -67.37
C ARG L 57 -16.64 -7.35 -66.16
N TYR L 58 -15.34 -7.57 -66.26
CA TYR L 58 -14.51 -7.78 -65.09
C TYR L 58 -13.15 -7.17 -65.41
N ASN L 59 -12.69 -6.27 -64.56
CA ASN L 59 -11.73 -5.26 -64.99
C ASN L 59 -10.35 -5.43 -64.38
N LEU L 60 -9.37 -4.89 -65.10
CA LEU L 60 -7.99 -4.73 -64.64
C LEU L 60 -7.48 -3.38 -65.15
N PRO L 63 -6.47 -3.54 -69.49
CA PRO L 63 -6.97 -4.83 -69.99
C PRO L 63 -8.45 -5.02 -69.70
N ARG L 64 -9.11 -5.92 -70.43
CA ARG L 64 -10.56 -6.05 -70.35
C ARG L 64 -10.99 -7.51 -70.51
N MET L 65 -11.89 -7.94 -69.62
CA MET L 65 -12.48 -9.28 -69.66
C MET L 65 -14.00 -9.14 -69.70
N VAL L 66 -14.65 -9.98 -70.50
CA VAL L 66 -16.09 -10.01 -70.63
C VAL L 66 -16.57 -11.44 -70.44
N CYS L 67 -17.66 -11.61 -69.69
CA CYS L 67 -18.20 -12.93 -69.37
C CYS L 67 -19.60 -13.03 -69.94
N VAL L 68 -19.84 -14.06 -70.75
CA VAL L 68 -21.12 -14.27 -71.41
C VAL L 68 -21.65 -15.64 -71.03
N MET L 69 -22.89 -15.94 -71.44
CA MET L 69 -23.43 -17.26 -71.15
C MET L 69 -24.50 -17.73 -72.14
N LEU L 70 -24.57 -17.18 -73.35
CA LEU L 70 -25.62 -17.56 -74.29
C LEU L 70 -25.04 -18.14 -75.58
N PRO L 71 -25.63 -19.20 -76.12
CA PRO L 71 -25.19 -19.68 -77.44
C PRO L 71 -25.24 -18.60 -78.50
N GLU L 72 -26.10 -17.60 -78.31
CA GLU L 72 -26.09 -16.38 -79.11
C GLU L 72 -24.67 -15.89 -79.33
N ASP L 73 -23.87 -15.91 -78.27
CA ASP L 73 -22.52 -15.33 -78.29
C ASP L 73 -21.47 -16.31 -78.79
N VAL L 74 -21.57 -17.59 -78.41
CA VAL L 74 -20.60 -18.56 -78.90
C VAL L 74 -20.58 -18.57 -80.42
N GLU L 75 -21.75 -18.37 -81.03
CA GLU L 75 -21.81 -18.26 -82.48
C GLU L 75 -21.02 -17.04 -82.96
N LYS L 76 -21.28 -15.87 -82.37
CA LYS L 76 -20.55 -14.67 -82.75
C LYS L 76 -19.06 -14.77 -82.44
N LEU L 77 -18.67 -15.61 -81.48
CA LEU L 77 -17.26 -15.77 -81.15
C LEU L 77 -16.55 -16.67 -82.14
N GLN L 78 -17.25 -17.65 -82.71
CA GLN L 78 -16.68 -18.49 -83.74
C GLN L 78 -16.55 -17.72 -85.05
N GLN L 79 -17.53 -16.85 -85.35
CA GLN L 79 -17.44 -16.02 -86.55
C GLN L 79 -16.17 -15.19 -86.53
N VAL L 80 -15.77 -14.70 -85.35
CA VAL L 80 -14.57 -13.87 -85.25
C VAL L 80 -13.29 -14.69 -85.13
N ASP L 81 -13.38 -16.00 -84.90
CA ASP L 81 -12.19 -16.84 -84.90
C ASP L 81 -11.39 -16.64 -86.18
N SER L 82 -10.22 -16.02 -86.05
CA SER L 82 -9.35 -15.83 -87.21
C SER L 82 -8.89 -17.20 -87.70
N LEU L 83 -7.93 -17.20 -88.62
CA LEU L 83 -7.26 -18.44 -88.99
C LEU L 83 -6.45 -18.99 -87.82
N HIS L 84 -6.17 -18.17 -86.81
CA HIS L 84 -5.39 -18.56 -85.64
C HIS L 84 -6.15 -18.13 -84.38
N PRO L 85 -7.19 -18.89 -84.00
CA PRO L 85 -7.88 -18.59 -82.75
C PRO L 85 -6.90 -18.56 -81.59
N CYS L 86 -7.17 -17.69 -80.62
CA CYS L 86 -6.20 -17.36 -79.58
C CYS L 86 -6.87 -17.46 -78.22
N ARG L 87 -6.41 -18.42 -77.40
CA ARG L 87 -6.73 -18.44 -75.99
C ARG L 87 -5.63 -17.72 -75.21
N MET L 88 -5.93 -17.40 -73.96
CA MET L 88 -4.93 -16.75 -73.12
C MET L 88 -3.79 -17.71 -72.81
N ILE L 89 -2.57 -17.19 -72.86
CA ILE L 89 -1.44 -17.96 -72.37
C ILE L 89 -1.69 -18.33 -70.92
N LEU L 90 -1.29 -19.54 -70.54
CA LEU L 90 -1.44 -20.06 -69.19
C LEU L 90 -0.04 -20.12 -68.59
N GLU L 91 0.38 -19.00 -67.98
CA GLU L 91 1.79 -18.83 -67.63
C GLU L 91 2.34 -19.91 -66.71
N PRO L 92 1.62 -20.39 -65.69
CA PRO L 92 2.19 -21.46 -64.84
C PRO L 92 2.63 -22.68 -65.63
N TRP L 93 1.80 -23.16 -66.55
CA TRP L 93 2.16 -24.33 -67.36
C TRP L 93 3.29 -24.01 -68.33
N VAL L 94 3.18 -22.89 -69.04
CA VAL L 94 4.20 -22.52 -70.02
C VAL L 94 5.54 -22.27 -69.34
N ALA L 95 5.53 -21.75 -68.11
CA ALA L 95 6.77 -21.52 -67.39
C ALA L 95 7.55 -22.82 -67.24
N TYR L 96 6.86 -23.92 -66.97
CA TYR L 96 7.55 -25.19 -66.80
C TYR L 96 8.13 -25.68 -68.13
N ARG L 97 7.38 -25.51 -69.22
CA ARG L 97 7.87 -25.96 -70.53
C ARG L 97 9.23 -25.31 -70.84
N GLN L 98 9.33 -24.00 -70.64
CA GLN L 98 10.56 -23.29 -70.96
C GLN L 98 11.59 -23.32 -69.85
N HIS L 99 11.19 -23.65 -68.61
CA HIS L 99 12.17 -23.87 -67.56
C HIS L 99 12.98 -25.13 -67.82
N ARG L 100 12.39 -26.12 -68.48
CA ARG L 100 13.05 -27.38 -68.79
C ARG L 100 13.46 -27.49 -70.25
N GLY L 101 13.23 -26.46 -71.05
CA GLY L 101 13.57 -26.50 -72.46
C GLY L 101 12.74 -27.49 -73.24
N HIS L 102 11.42 -27.37 -73.12
CA HIS L 102 10.49 -28.22 -73.83
C HIS L 102 9.66 -27.38 -74.79
N LYS L 103 9.08 -28.05 -75.77
CA LYS L 103 8.14 -27.42 -76.68
C LYS L 103 6.73 -27.56 -76.14
N CYS L 104 5.92 -26.53 -76.37
CA CYS L 104 4.53 -26.56 -75.94
C CYS L 104 3.68 -27.34 -76.94
N GLY L 105 2.60 -27.93 -76.44
CA GLY L 105 1.66 -28.62 -77.28
C GLY L 105 0.54 -27.71 -77.75
N VAL L 106 -0.41 -28.31 -78.47
CA VAL L 106 -1.50 -27.54 -79.03
C VAL L 106 -2.27 -26.79 -77.95
N PHE L 107 -2.43 -27.41 -76.78
CA PHE L 107 -3.21 -26.78 -75.71
C PHE L 107 -2.61 -25.45 -75.30
N LEU L 108 -1.28 -25.31 -75.38
CA LEU L 108 -0.58 -24.13 -74.88
C LEU L 108 -0.03 -23.23 -75.98
N LEU L 109 -0.24 -23.57 -77.24
CA LEU L 109 0.31 -22.78 -78.33
C LEU L 109 -0.73 -21.78 -78.84
N ASN L 110 -0.25 -20.82 -79.62
CA ASN L 110 -1.10 -19.83 -80.26
C ASN L 110 -0.53 -19.52 -81.64
N GLY L 111 -1.31 -18.79 -82.43
CA GLY L 111 -0.84 -18.29 -83.70
C GLY L 111 -0.39 -19.40 -84.64
N PRO L 112 0.62 -19.10 -85.47
CA PRO L 112 0.99 -20.07 -86.53
C PRO L 112 1.44 -21.42 -85.99
N GLU L 113 2.36 -21.44 -85.03
CA GLU L 113 2.88 -22.72 -84.54
C GLU L 113 1.74 -23.65 -84.10
N TRP L 114 0.68 -23.08 -83.52
CA TRP L 114 -0.47 -23.88 -83.16
C TRP L 114 -1.07 -24.56 -84.39
N ARG L 115 -1.42 -23.75 -85.40
CA ARG L 115 -2.05 -24.30 -86.60
C ARG L 115 -1.19 -25.39 -87.22
N PHE L 116 0.13 -25.23 -87.18
CA PHE L 116 1.02 -26.26 -87.69
C PHE L 116 0.85 -27.56 -86.92
N ASN L 117 0.91 -27.49 -85.59
CA ASN L 117 0.74 -28.69 -84.78
C ASN L 117 -0.67 -29.26 -84.91
N ARG L 118 -1.69 -28.38 -84.93
CA ARG L 118 -3.07 -28.86 -84.91
C ARG L 118 -3.40 -29.64 -86.18
N LEU L 119 -2.89 -29.20 -87.33
CA LEU L 119 -3.28 -29.83 -88.59
C LEU L 119 -2.62 -31.19 -88.79
N ARG L 120 -1.54 -31.48 -88.08
CA ARG L 120 -0.90 -32.79 -88.14
C ARG L 120 -1.36 -33.73 -87.05
N LEU L 121 -2.26 -33.29 -86.16
CA LEU L 121 -2.80 -34.11 -85.10
C LEU L 121 -4.26 -34.51 -85.30
N ASN L 122 -5.04 -33.67 -85.98
CA ASN L 122 -6.43 -34.03 -86.29
C ASN L 122 -6.57 -35.38 -86.96
N PRO L 123 -5.80 -35.72 -88.00
CA PRO L 123 -6.03 -36.99 -88.71
C PRO L 123 -5.97 -38.22 -87.81
N ASP L 124 -4.95 -38.32 -86.97
CA ASP L 124 -4.68 -39.54 -86.22
C ASP L 124 -5.28 -39.53 -84.82
N VAL L 125 -5.90 -38.42 -84.40
CA VAL L 125 -6.44 -38.28 -83.05
C VAL L 125 -7.96 -38.14 -83.05
N LEU L 126 -8.50 -37.39 -84.02
CA LEU L 126 -9.87 -36.90 -83.96
C LEU L 126 -10.74 -37.31 -85.15
N SER L 127 -10.15 -37.62 -86.30
CA SER L 127 -10.94 -37.90 -87.49
C SER L 127 -11.74 -39.19 -87.32
N PRO L 128 -12.87 -39.33 -88.02
CA PRO L 128 -13.66 -40.57 -87.93
C PRO L 128 -12.89 -41.80 -88.37
N LYS L 129 -11.85 -41.63 -89.18
CA LYS L 129 -11.06 -42.78 -89.61
C LYS L 129 -10.16 -43.27 -88.49
N ALA L 130 -9.64 -42.36 -87.67
CA ALA L 130 -8.84 -42.77 -86.52
C ALA L 130 -9.72 -43.39 -85.45
N VAL L 131 -10.91 -42.82 -85.21
CA VAL L 131 -11.79 -43.37 -84.19
C VAL L 131 -12.08 -44.83 -84.47
N GLN L 132 -12.32 -45.19 -85.72
CA GLN L 132 -12.63 -46.57 -86.07
C GLN L 132 -11.49 -47.53 -85.70
N ARG L 133 -10.26 -47.02 -85.54
CA ARG L 133 -9.12 -47.88 -85.26
C ARG L 133 -8.90 -48.08 -83.77
N PHE L 134 -8.96 -47.01 -82.97
CA PHE L 134 -8.73 -47.14 -81.53
C PHE L 134 -10.01 -47.41 -80.75
N LEU L 135 -11.18 -47.22 -81.36
CA LEU L 135 -12.42 -47.52 -80.65
C LEU L 135 -12.54 -48.99 -80.28
N PRO L 136 -12.20 -49.95 -81.15
CA PRO L 136 -12.20 -51.35 -80.70
C PRO L 136 -11.28 -51.59 -79.53
N MET L 137 -10.16 -50.87 -79.47
CA MET L 137 -9.23 -51.04 -78.35
C MET L 137 -9.85 -50.55 -77.05
N VAL L 138 -10.55 -49.40 -77.09
CA VAL L 138 -11.25 -48.91 -75.91
C VAL L 138 -12.32 -49.89 -75.48
N ASP L 139 -12.93 -50.60 -76.43
CA ASP L 139 -14.00 -51.54 -76.08
C ASP L 139 -13.49 -52.69 -75.23
N ALA L 140 -12.26 -53.14 -75.45
CA ALA L 140 -11.73 -54.25 -74.67
C ALA L 140 -11.56 -53.85 -73.20
N VAL L 141 -11.05 -52.64 -72.95
CA VAL L 141 -10.89 -52.18 -71.58
C VAL L 141 -12.25 -52.09 -70.89
N ALA L 142 -13.21 -51.46 -71.55
CA ALA L 142 -14.54 -51.31 -70.96
C ALA L 142 -15.16 -52.67 -70.65
N ARG L 143 -14.98 -53.65 -71.54
CA ARG L 143 -15.48 -54.99 -71.24
C ARG L 143 -14.74 -55.59 -70.06
N ASP L 144 -13.41 -55.46 -70.04
CA ASP L 144 -12.64 -55.93 -68.89
C ASP L 144 -13.06 -55.22 -67.62
N PHE L 145 -13.52 -53.97 -67.72
CA PHE L 145 -14.02 -53.27 -66.54
C PHE L 145 -15.26 -53.96 -65.99
N SER L 146 -16.26 -54.19 -66.84
CA SER L 146 -17.47 -54.86 -66.39
C SER L 146 -17.20 -56.31 -66.01
N GLN L 147 -16.36 -57.00 -66.78
CA GLN L 147 -16.04 -58.39 -66.46
C GLN L 147 -15.42 -58.50 -65.08
N ALA L 148 -14.54 -57.56 -64.72
CA ALA L 148 -13.90 -57.61 -63.41
C ALA L 148 -14.88 -57.24 -62.30
N LEU L 149 -15.78 -56.29 -62.58
CA LEU L 149 -16.79 -55.91 -61.60
C LEU L 149 -17.76 -57.07 -61.34
N LYS L 150 -18.29 -57.65 -62.41
CA LYS L 150 -19.24 -58.75 -62.25
C LYS L 150 -18.62 -59.92 -61.48
N LYS L 151 -17.32 -60.15 -61.62
CA LYS L 151 -16.68 -61.22 -60.86
C LYS L 151 -16.71 -60.91 -59.37
N LYS L 152 -16.55 -59.64 -59.00
CA LYS L 152 -16.58 -59.25 -57.60
C LYS L 152 -18.00 -59.11 -57.08
N VAL L 153 -18.95 -58.77 -57.95
CA VAL L 153 -20.33 -58.59 -57.52
C VAL L 153 -20.94 -59.94 -57.14
N LEU L 154 -20.72 -60.96 -57.97
CA LEU L 154 -21.35 -62.26 -57.76
C LEU L 154 -20.69 -63.08 -56.65
N GLN L 155 -19.66 -62.56 -55.99
CA GLN L 155 -19.10 -63.21 -54.82
C GLN L 155 -19.81 -62.84 -53.53
N ASN L 156 -20.77 -61.91 -53.59
CA ASN L 156 -21.53 -61.49 -52.43
C ASN L 156 -22.91 -62.12 -52.44
N ALA L 157 -23.47 -62.29 -51.24
CA ALA L 157 -24.74 -62.98 -51.10
C ALA L 157 -25.84 -62.31 -51.92
N ARG L 158 -25.90 -60.98 -51.89
CA ARG L 158 -26.93 -60.23 -52.59
C ARG L 158 -26.56 -59.92 -54.03
N GLY L 159 -25.54 -60.57 -54.56
CA GLY L 159 -25.15 -60.32 -55.94
C GLY L 159 -25.04 -58.86 -56.28
N SER L 160 -24.45 -58.08 -55.38
CA SER L 160 -24.32 -56.64 -55.57
C SER L 160 -23.12 -56.15 -54.79
N LEU L 161 -22.41 -55.16 -55.34
CA LEU L 161 -21.25 -54.56 -54.71
C LEU L 161 -21.50 -53.06 -54.54
N THR L 162 -21.39 -52.59 -53.30
CA THR L 162 -21.52 -51.17 -52.99
C THR L 162 -20.14 -50.59 -52.74
N LEU L 163 -19.83 -49.47 -53.37
CA LEU L 163 -18.48 -48.93 -53.27
C LEU L 163 -18.42 -47.49 -53.77
N ASP L 164 -17.28 -46.87 -53.53
CA ASP L 164 -16.89 -45.60 -54.11
C ASP L 164 -16.15 -45.91 -55.41
N VAL L 165 -16.78 -45.61 -56.57
CA VAL L 165 -16.21 -46.01 -57.85
C VAL L 165 -15.20 -45.02 -58.41
N GLN L 166 -15.00 -43.88 -57.77
CA GLN L 166 -14.07 -42.89 -58.32
C GLN L 166 -12.68 -43.47 -58.55
N PRO L 167 -12.14 -44.36 -57.70
CA PRO L 167 -10.81 -44.93 -58.00
C PRO L 167 -10.80 -45.83 -59.23
N SER L 168 -11.71 -46.80 -59.29
CA SER L 168 -11.70 -47.73 -60.42
C SER L 168 -12.05 -47.04 -61.73
N ILE L 169 -12.78 -45.92 -61.66
CA ILE L 169 -13.08 -45.16 -62.87
C ILE L 169 -11.86 -44.36 -63.32
N PHE L 170 -11.12 -43.77 -62.37
CA PHE L 170 -9.93 -43.04 -62.74
C PHE L 170 -8.87 -43.96 -63.33
N HIS L 171 -8.86 -45.23 -62.91
CA HIS L 171 -7.91 -46.18 -63.47
C HIS L 171 -8.40 -46.76 -64.79
N TYR L 172 -9.72 -46.86 -64.96
CA TYR L 172 -10.25 -47.25 -66.26
C TYR L 172 -9.80 -46.27 -67.33
N THR L 173 -9.80 -44.97 -67.02
CA THR L 173 -9.43 -43.97 -68.02
C THR L 173 -7.94 -43.97 -68.29
N ILE L 174 -7.10 -44.31 -67.30
CA ILE L 174 -5.68 -44.41 -67.56
C ILE L 174 -5.38 -45.62 -68.43
N GLU L 175 -6.16 -46.69 -68.27
CA GLU L 175 -6.01 -47.86 -69.13
C GLU L 175 -6.38 -47.55 -70.57
N ALA L 176 -7.62 -47.10 -70.78
CA ALA L 176 -8.12 -46.87 -72.13
C ALA L 176 -7.31 -45.80 -72.85
N SER L 177 -6.88 -44.76 -72.13
CA SER L 177 -6.11 -43.71 -72.77
C SER L 177 -4.71 -44.19 -73.16
N ASN L 178 -4.05 -44.94 -72.27
CA ASN L 178 -2.73 -45.45 -72.59
C ASN L 178 -2.81 -46.47 -73.73
N LEU L 179 -3.88 -47.26 -73.77
CA LEU L 179 -4.04 -48.24 -74.84
C LEU L 179 -4.30 -47.54 -76.17
N ALA L 180 -5.20 -46.56 -76.18
CA ALA L 180 -5.54 -45.89 -77.44
C ALA L 180 -4.40 -44.98 -77.91
N LEU L 181 -3.58 -44.47 -76.99
CA LEU L 181 -2.50 -43.57 -77.36
C LEU L 181 -1.22 -44.33 -77.73
N PHE L 182 -0.82 -45.30 -76.90
CA PHE L 182 0.47 -45.96 -77.05
C PHE L 182 0.36 -47.44 -77.40
N GLY L 183 -0.83 -48.02 -77.38
CA GLY L 183 -0.96 -49.44 -77.66
C GLY L 183 -0.45 -50.34 -76.56
N GLU L 184 -0.11 -49.79 -75.39
CA GLU L 184 0.33 -50.59 -74.25
C GLU L 184 -0.86 -50.81 -73.32
N ARG L 185 -0.87 -51.98 -72.69
CA ARG L 185 -1.94 -52.39 -71.78
C ARG L 185 -1.34 -52.57 -70.40
N LEU L 186 -1.65 -51.65 -69.49
CA LEU L 186 -1.20 -51.72 -68.10
C LEU L 186 -2.24 -52.46 -67.28
N GLY L 187 -1.76 -53.21 -66.28
CA GLY L 187 -2.67 -54.06 -65.52
C GLY L 187 -3.46 -53.32 -64.46
N LEU L 188 -4.21 -52.29 -64.86
CA LEU L 188 -4.92 -51.46 -63.90
C LEU L 188 -6.39 -51.80 -63.74
N VAL L 189 -7.07 -52.23 -64.81
CA VAL L 189 -8.48 -52.59 -64.73
C VAL L 189 -8.59 -54.05 -64.29
N GLY L 190 -9.31 -54.28 -63.20
CA GLY L 190 -9.43 -55.60 -62.62
C GLY L 190 -8.36 -55.94 -61.61
N HIS L 191 -7.33 -55.10 -61.46
CA HIS L 191 -6.25 -55.31 -60.50
C HIS L 191 -6.02 -54.03 -59.71
N SER L 192 -5.33 -54.19 -58.58
CA SER L 192 -5.11 -53.06 -57.69
C SER L 192 -4.22 -52.01 -58.37
N PRO L 193 -4.38 -50.74 -57.99
CA PRO L 193 -3.55 -49.68 -58.59
C PRO L 193 -2.07 -49.88 -58.30
N SER L 194 -1.25 -49.44 -59.25
CA SER L 194 0.19 -49.42 -59.06
C SER L 194 0.60 -48.08 -58.46
N SER L 195 1.76 -48.10 -57.79
CA SER L 195 2.29 -46.85 -57.24
C SER L 195 2.47 -45.82 -58.34
N ALA L 196 2.86 -46.25 -59.53
CA ALA L 196 3.09 -45.31 -60.62
C ALA L 196 1.81 -44.59 -61.02
N SER L 197 0.67 -45.27 -60.92
CA SER L 197 -0.60 -44.64 -61.30
C SER L 197 -1.11 -43.72 -60.20
N LEU L 198 -0.96 -44.13 -58.93
CA LEU L 198 -1.40 -43.28 -57.83
C LEU L 198 -0.58 -42.00 -57.76
N ASN L 199 0.74 -42.10 -57.93
CA ASN L 199 1.56 -40.90 -57.95
C ASN L 199 1.21 -40.01 -59.14
N PHE L 200 0.90 -40.62 -60.30
CA PHE L 200 0.50 -39.84 -61.46
C PHE L 200 -0.80 -39.09 -61.18
N LEU L 201 -1.77 -39.74 -60.55
CA LEU L 201 -3.04 -39.09 -60.24
C LEU L 201 -2.85 -38.01 -59.18
N HIS L 202 -2.05 -38.29 -58.16
CA HIS L 202 -1.80 -37.28 -57.13
C HIS L 202 -1.12 -36.05 -57.74
N ALA L 203 -0.19 -36.26 -58.67
CA ALA L 203 0.51 -35.14 -59.29
C ALA L 203 -0.47 -34.27 -60.08
N LEU L 204 -1.38 -34.88 -60.84
CA LEU L 204 -2.41 -34.11 -61.52
C LEU L 204 -3.26 -33.34 -60.51
N GLU L 205 -3.59 -33.97 -59.38
CA GLU L 205 -4.40 -33.30 -58.37
C GLU L 205 -3.70 -32.04 -57.87
N VAL L 206 -2.38 -32.13 -57.63
CA VAL L 206 -1.64 -30.97 -57.16
C VAL L 206 -1.45 -29.97 -58.29
N MET L 207 -1.14 -30.45 -59.49
CA MET L 207 -0.97 -29.55 -60.62
C MET L 207 -2.20 -28.68 -60.83
N PHE L 208 -3.38 -29.27 -60.73
CA PHE L 208 -4.61 -28.50 -60.87
C PHE L 208 -4.73 -27.48 -59.73
N LYS L 209 -4.59 -27.94 -58.48
CA LYS L 209 -4.69 -27.05 -57.34
C LYS L 209 -3.73 -25.86 -57.47
N SER L 210 -2.44 -26.15 -57.61
CA SER L 210 -1.44 -25.08 -57.68
C SER L 210 -1.68 -24.16 -58.87
N THR L 211 -2.33 -24.66 -59.93
CA THR L 211 -2.61 -23.81 -61.08
C THR L 211 -3.57 -22.69 -60.72
N VAL L 212 -4.60 -22.99 -59.94
CA VAL L 212 -5.54 -21.95 -59.51
C VAL L 212 -4.82 -20.94 -58.64
N GLN L 213 -3.86 -21.39 -57.83
CA GLN L 213 -3.17 -20.50 -56.92
C GLN L 213 -2.23 -19.53 -57.65
N LEU L 214 -1.85 -19.83 -58.89
CA LEU L 214 -0.89 -19.03 -59.62
C LEU L 214 -1.44 -18.35 -60.86
N MET L 215 -2.57 -18.81 -61.41
CA MET L 215 -3.04 -18.31 -62.69
C MET L 215 -3.73 -16.95 -62.61
N PHE L 216 -4.09 -16.49 -61.40
CA PHE L 216 -4.87 -15.26 -61.25
C PHE L 216 -4.01 -14.07 -60.84
N MET L 217 -2.68 -14.19 -60.89
CA MET L 217 -1.81 -13.07 -60.57
C MET L 217 -0.56 -13.17 -61.42
N PRO L 218 -0.02 -12.05 -61.89
CA PRO L 218 1.17 -12.11 -62.75
C PRO L 218 2.37 -12.67 -62.01
N ARG L 219 3.29 -13.24 -62.77
CA ARG L 219 4.43 -13.91 -62.15
C ARG L 219 5.27 -12.94 -61.32
N SER L 220 5.27 -11.65 -61.68
CA SER L 220 6.04 -10.67 -60.92
C SER L 220 5.61 -10.62 -59.46
N LEU L 221 4.41 -11.09 -59.13
CA LEU L 221 3.93 -11.16 -57.75
C LEU L 221 4.05 -12.57 -57.18
N SER L 222 3.38 -13.54 -57.81
CA SER L 222 3.44 -14.91 -57.31
C SER L 222 4.86 -15.37 -57.07
N ARG L 223 5.83 -14.77 -57.76
CA ARG L 223 7.24 -15.13 -57.56
C ARG L 223 7.60 -15.13 -56.07
N TRP L 224 7.24 -14.07 -55.36
CA TRP L 224 7.69 -13.87 -53.99
C TRP L 224 6.59 -13.98 -52.95
N ILE L 225 5.32 -13.79 -53.32
CA ILE L 225 4.25 -13.99 -52.35
C ILE L 225 3.85 -15.45 -52.23
N SER L 226 4.10 -16.27 -53.26
CA SER L 226 3.79 -17.70 -53.21
C SER L 226 4.86 -18.49 -53.98
N PRO L 227 6.13 -18.33 -53.60
CA PRO L 227 7.18 -19.15 -54.23
C PRO L 227 7.06 -20.61 -53.88
N LYS L 228 6.62 -20.92 -52.66
CA LYS L 228 6.43 -22.30 -52.27
C LYS L 228 5.47 -23.00 -53.22
N VAL L 229 4.53 -22.25 -53.79
CA VAL L 229 3.57 -22.84 -54.71
C VAL L 229 4.20 -23.07 -56.09
N TRP L 230 5.12 -22.20 -56.50
CA TRP L 230 5.84 -22.45 -57.74
C TRP L 230 6.66 -23.73 -57.64
N LYS L 231 7.42 -23.89 -56.55
CA LYS L 231 8.13 -25.14 -56.33
C LYS L 231 7.15 -26.32 -56.33
N GLU L 232 6.06 -26.19 -55.57
CA GLU L 232 5.03 -27.23 -55.54
C GLU L 232 4.53 -27.54 -56.94
N HIS L 233 4.34 -26.51 -57.77
CA HIS L 233 3.74 -26.69 -59.09
C HIS L 233 4.71 -27.38 -60.04
N PHE L 234 6.00 -27.05 -59.98
CA PHE L 234 6.97 -27.66 -60.86
C PHE L 234 7.29 -29.09 -60.44
N GLU L 235 7.21 -29.40 -59.15
CA GLU L 235 7.43 -30.78 -58.72
C GLU L 235 6.32 -31.70 -59.21
N ALA L 236 5.10 -31.19 -59.27
CA ALA L 236 4.02 -31.98 -59.86
C ALA L 236 4.30 -32.26 -61.32
N TRP L 237 4.63 -31.23 -62.10
CA TRP L 237 4.92 -31.42 -63.51
C TRP L 237 6.11 -32.37 -63.70
N ASP L 238 7.13 -32.25 -62.86
CA ASP L 238 8.27 -33.17 -62.97
C ASP L 238 7.82 -34.62 -62.85
N CYS L 239 6.87 -34.89 -61.94
CA CYS L 239 6.36 -36.25 -61.82
C CYS L 239 5.42 -36.61 -62.97
N ILE L 240 4.74 -35.62 -63.54
CA ILE L 240 3.87 -35.88 -64.68
C ILE L 240 4.69 -36.18 -65.92
N PHE L 241 5.64 -35.28 -66.26
CA PHE L 241 6.50 -35.50 -67.41
C PHE L 241 7.28 -36.80 -67.30
N GLN L 242 7.53 -37.25 -66.07
CA GLN L 242 8.20 -38.53 -65.87
C GLN L 242 7.32 -39.69 -66.34
N TYR L 243 6.06 -39.72 -65.89
CA TYR L 243 5.15 -40.78 -66.32
C TYR L 243 4.98 -40.80 -67.83
N GLY L 244 4.73 -39.64 -68.42
CA GLY L 244 4.43 -39.58 -69.84
C GLY L 244 5.66 -39.81 -70.72
N ASP L 245 6.84 -39.45 -70.22
CA ASP L 245 8.05 -39.64 -71.00
C ASP L 245 8.48 -41.10 -71.00
N ASN L 246 8.12 -41.86 -69.96
CA ASN L 246 8.36 -43.30 -70.01
C ASN L 246 7.51 -43.95 -71.09
N CYS L 247 6.25 -43.50 -71.24
CA CYS L 247 5.43 -43.98 -72.34
C CYS L 247 6.10 -43.72 -73.69
N ILE L 248 6.63 -42.51 -73.86
CA ILE L 248 7.25 -42.14 -75.13
C ILE L 248 8.49 -42.97 -75.37
N GLN L 249 9.38 -43.04 -74.38
CA GLN L 249 10.64 -43.76 -74.59
C GLN L 249 10.43 -45.24 -74.83
N LYS L 250 9.27 -45.78 -74.46
CA LYS L 250 8.98 -47.18 -74.75
C LYS L 250 8.55 -47.37 -76.20
N ILE L 251 7.61 -46.55 -76.66
CA ILE L 251 7.10 -46.71 -78.02
C ILE L 251 8.13 -46.26 -79.05
N TYR L 252 8.98 -45.29 -78.71
CA TYR L 252 9.96 -44.80 -79.68
C TYR L 252 11.02 -45.85 -79.95
N GLN L 253 11.44 -46.58 -78.92
CA GLN L 253 12.42 -47.64 -79.11
C GLN L 253 11.79 -48.87 -79.77
N GLU L 254 10.52 -49.13 -79.49
CA GLU L 254 9.86 -50.28 -80.10
C GLU L 254 9.60 -50.04 -81.58
N LEU L 255 9.43 -48.79 -82.00
CA LEU L 255 9.18 -48.47 -83.40
C LEU L 255 10.46 -48.33 -84.19
N ALA L 256 11.53 -47.85 -83.57
CA ALA L 256 12.81 -47.75 -84.28
C ALA L 256 13.30 -49.11 -84.76
N PHE L 257 12.86 -50.19 -84.10
CA PHE L 257 13.29 -51.53 -84.48
C PHE L 257 12.28 -52.29 -85.33
N ASN L 258 11.02 -51.86 -85.34
CA ASN L 258 10.00 -52.57 -86.13
C ASN L 258 8.82 -51.64 -86.34
N ARG L 259 8.54 -51.31 -87.61
CA ARG L 259 7.38 -50.51 -87.97
C ARG L 259 6.19 -51.43 -88.20
N PRO L 260 5.25 -51.54 -87.25
CA PRO L 260 4.19 -52.53 -87.39
C PRO L 260 3.29 -52.23 -88.59
N GLN L 261 2.59 -53.27 -89.03
CA GLN L 261 1.66 -53.14 -90.14
C GLN L 261 0.22 -52.92 -89.70
N HIS L 262 -0.11 -53.21 -88.46
CA HIS L 262 -1.45 -53.01 -87.92
C HIS L 262 -1.45 -51.81 -86.96
N TYR L 263 -2.65 -51.45 -86.52
CA TYR L 263 -2.80 -50.28 -85.66
C TYR L 263 -2.31 -50.59 -84.26
N THR L 264 -1.42 -49.73 -83.75
CA THR L 264 -0.82 -49.91 -82.43
C THR L 264 -0.86 -48.62 -81.62
N GLY L 265 -1.93 -47.84 -81.79
CA GLY L 265 -2.12 -46.64 -81.00
C GLY L 265 -2.00 -45.37 -81.83
N ILE L 266 -2.38 -44.27 -81.19
CA ILE L 266 -2.39 -42.97 -81.86
C ILE L 266 -0.97 -42.43 -82.02
N VAL L 267 -0.20 -42.42 -80.94
CA VAL L 267 1.16 -41.89 -81.01
C VAL L 267 1.99 -42.70 -82.00
N ALA L 268 1.65 -43.96 -82.19
CA ALA L 268 2.35 -44.77 -83.19
C ALA L 268 2.29 -44.11 -84.56
N GLU L 269 1.07 -43.83 -85.04
CA GLU L 269 0.91 -43.21 -86.35
C GLU L 269 1.70 -41.90 -86.45
N LEU L 270 1.63 -41.07 -85.41
CA LEU L 270 2.31 -39.78 -85.45
C LEU L 270 3.82 -39.95 -85.62
N LEU L 271 4.39 -40.97 -84.96
CA LEU L 271 5.83 -41.19 -85.08
C LEU L 271 6.19 -41.77 -86.44
N LEU L 272 5.37 -42.70 -86.94
CA LEU L 272 5.61 -43.25 -88.27
C LEU L 272 5.54 -42.16 -89.33
N LYS L 273 4.44 -41.39 -89.34
CA LYS L 273 4.29 -40.33 -90.33
C LYS L 273 5.45 -39.34 -90.27
N ALA L 274 5.84 -38.94 -89.07
CA ALA L 274 6.97 -38.04 -88.87
C ALA L 274 6.74 -36.67 -89.50
N GLU L 275 5.47 -36.28 -89.63
CA GLU L 275 5.17 -34.93 -90.11
C GLU L 275 5.55 -33.87 -89.09
N LEU L 276 5.64 -34.23 -87.81
CA LEU L 276 6.07 -33.34 -86.74
C LEU L 276 7.45 -33.75 -86.25
N SER L 277 8.21 -32.77 -85.78
CA SER L 277 9.50 -33.07 -85.17
C SER L 277 9.31 -33.94 -83.94
N LEU L 278 10.39 -34.62 -83.53
CA LEU L 278 10.31 -35.46 -82.35
C LEU L 278 9.87 -34.66 -81.13
N GLU L 279 10.46 -33.48 -80.93
CA GLU L 279 10.15 -32.69 -79.75
C GLU L 279 8.71 -32.21 -79.76
N ALA L 280 8.16 -31.92 -80.95
CA ALA L 280 6.76 -31.51 -81.03
C ALA L 280 5.81 -32.69 -80.83
N ILE L 281 6.24 -33.90 -81.16
CA ILE L 281 5.42 -35.07 -80.87
C ILE L 281 5.45 -35.37 -79.38
N LYS L 282 6.63 -35.30 -78.75
CA LYS L 282 6.72 -35.47 -77.31
C LYS L 282 5.86 -34.45 -76.58
N ALA L 283 5.88 -33.19 -77.05
CA ALA L 283 5.11 -32.14 -76.40
C ALA L 283 3.62 -32.47 -76.42
N ASN L 284 3.08 -32.77 -77.60
CA ASN L 284 1.65 -33.09 -77.68
C ASN L 284 1.34 -34.44 -77.04
N SER L 285 2.24 -35.40 -77.18
CA SER L 285 2.05 -36.67 -76.50
C SER L 285 1.85 -36.47 -75.01
N MET L 286 2.56 -35.50 -74.42
CA MET L 286 2.37 -35.17 -73.01
C MET L 286 0.96 -34.68 -72.75
N GLU L 287 0.54 -33.64 -73.48
CA GLU L 287 -0.77 -33.05 -73.24
C GLU L 287 -1.87 -34.08 -73.38
N LEU L 288 -1.70 -35.06 -74.28
CA LEU L 288 -2.73 -36.08 -74.45
C LEU L 288 -2.74 -37.04 -73.27
N THR L 289 -1.56 -37.49 -72.84
CA THR L 289 -1.49 -38.39 -71.70
C THR L 289 -1.95 -37.72 -70.41
N ALA L 290 -1.70 -36.41 -70.28
CA ALA L 290 -2.03 -35.67 -69.07
C ALA L 290 -3.47 -35.17 -69.06
N GLY L 291 -4.03 -34.83 -70.22
CA GLY L 291 -5.36 -34.29 -70.26
C GLY L 291 -6.43 -35.33 -70.57
N SER L 292 -6.10 -36.61 -70.43
CA SER L 292 -7.03 -37.68 -70.76
C SER L 292 -7.44 -38.50 -69.54
N VAL L 293 -7.34 -37.92 -68.35
CA VAL L 293 -7.70 -38.63 -67.12
C VAL L 293 -8.82 -37.87 -66.41
N ASP L 294 -8.48 -36.76 -65.76
CA ASP L 294 -9.45 -36.08 -64.92
C ASP L 294 -10.61 -35.52 -65.73
N THR L 295 -10.32 -34.96 -66.91
CA THR L 295 -11.38 -34.36 -67.72
C THR L 295 -12.38 -35.40 -68.21
N THR L 296 -11.97 -36.66 -68.32
CA THR L 296 -12.84 -37.71 -68.83
C THR L 296 -13.56 -38.49 -67.74
N ALA L 297 -12.96 -38.58 -66.55
CA ALA L 297 -13.47 -39.50 -65.53
C ALA L 297 -14.55 -38.89 -64.65
N PHE L 298 -14.64 -37.57 -64.59
CA PHE L 298 -15.62 -36.95 -63.71
C PHE L 298 -17.01 -37.00 -64.36
N PRO L 299 -17.13 -36.69 -65.66
CA PRO L 299 -18.43 -36.91 -66.32
C PRO L 299 -18.91 -38.34 -66.20
N LEU L 300 -18.01 -39.32 -66.33
CA LEU L 300 -18.39 -40.71 -66.13
C LEU L 300 -19.00 -40.92 -64.75
N LEU L 301 -18.38 -40.35 -63.72
CA LEU L 301 -18.93 -40.48 -62.37
C LEU L 301 -20.28 -39.77 -62.26
N MET L 302 -20.34 -38.52 -62.71
CA MET L 302 -21.59 -37.77 -62.61
C MET L 302 -22.70 -38.42 -63.41
N THR L 303 -22.37 -39.03 -64.56
CA THR L 303 -23.38 -39.77 -65.30
C THR L 303 -23.88 -40.96 -64.49
N LEU L 304 -22.96 -41.79 -63.98
CA LEU L 304 -23.35 -42.89 -63.10
C LEU L 304 -24.20 -42.39 -61.95
N PHE L 305 -23.83 -41.26 -61.35
CA PHE L 305 -24.61 -40.71 -60.24
C PHE L 305 -26.01 -40.32 -60.68
N GLU L 306 -26.13 -39.59 -61.80
CA GLU L 306 -27.44 -39.17 -62.26
C GLU L 306 -28.29 -40.36 -62.70
N LEU L 307 -27.67 -41.42 -63.20
CA LEU L 307 -28.44 -42.61 -63.55
C LEU L 307 -28.95 -43.34 -62.32
N ALA L 308 -28.32 -43.15 -61.16
CA ALA L 308 -28.81 -43.75 -59.93
C ALA L 308 -29.90 -42.91 -59.26
N ARG L 309 -29.93 -41.60 -59.53
CA ARG L 309 -30.98 -40.75 -59.00
C ARG L 309 -32.25 -40.82 -59.82
N ASN L 310 -32.15 -41.25 -61.07
CA ASN L 310 -33.28 -41.27 -62.01
C ASN L 310 -33.36 -42.66 -62.63
N PRO L 311 -33.76 -43.67 -61.85
CA PRO L 311 -33.84 -45.03 -62.42
C PRO L 311 -34.75 -45.12 -63.64
N ASP L 312 -35.77 -44.27 -63.73
CA ASP L 312 -36.59 -44.23 -64.93
C ASP L 312 -35.74 -44.02 -66.16
N VAL L 313 -34.92 -42.96 -66.16
CA VAL L 313 -34.02 -42.70 -67.28
C VAL L 313 -33.07 -43.87 -67.50
N GLN L 314 -32.69 -44.56 -66.42
CA GLN L 314 -31.69 -45.63 -66.55
C GLN L 314 -32.26 -46.80 -67.35
N GLN L 315 -33.48 -47.24 -67.02
CA GLN L 315 -34.04 -48.41 -67.70
C GLN L 315 -34.28 -48.10 -69.18
N ILE L 316 -34.54 -46.85 -69.53
CA ILE L 316 -34.66 -46.49 -70.93
C ILE L 316 -33.34 -46.68 -71.65
N LEU L 317 -32.23 -46.28 -71.00
CA LEU L 317 -30.91 -46.46 -71.59
C LEU L 317 -30.50 -47.93 -71.59
N ARG L 318 -30.90 -48.70 -70.57
CA ARG L 318 -30.55 -50.11 -70.54
C ARG L 318 -31.26 -50.87 -71.65
N GLN L 319 -32.50 -50.48 -71.97
CA GLN L 319 -33.21 -51.11 -73.09
C GLN L 319 -32.47 -50.86 -74.39
N GLU L 320 -32.08 -49.61 -74.65
CA GLU L 320 -31.38 -49.27 -75.88
C GLU L 320 -30.10 -50.09 -76.03
N SER L 321 -29.30 -50.17 -74.97
CA SER L 321 -28.02 -50.84 -75.07
C SER L 321 -28.17 -52.36 -75.11
N LEU L 322 -29.20 -52.90 -74.45
CA LEU L 322 -29.44 -54.33 -74.55
C LEU L 322 -29.93 -54.73 -75.94
N ALA L 323 -30.63 -53.82 -76.64
CA ALA L 323 -31.04 -54.08 -78.01
C ALA L 323 -29.84 -54.14 -78.94
N ALA L 324 -29.04 -53.07 -78.96
CA ALA L 324 -27.88 -52.98 -79.83
C ALA L 324 -26.66 -53.73 -79.27
N ALA L 325 -26.86 -54.59 -78.27
CA ALA L 325 -25.73 -55.30 -77.66
C ALA L 325 -25.07 -56.24 -78.67
N ALA L 326 -25.86 -56.88 -79.52
CA ALA L 326 -25.31 -57.88 -80.43
C ALA L 326 -24.60 -57.23 -81.61
N SER L 327 -25.15 -56.11 -82.13
CA SER L 327 -24.51 -55.44 -83.25
C SER L 327 -23.24 -54.69 -82.83
N ILE L 328 -23.08 -54.42 -81.55
CA ILE L 328 -21.87 -53.76 -81.07
C ILE L 328 -20.76 -54.78 -80.77
N SER L 329 -21.12 -55.98 -80.33
CA SER L 329 -20.12 -57.01 -80.10
C SER L 329 -19.54 -57.52 -81.42
N GLU L 330 -20.33 -57.50 -82.49
CA GLU L 330 -19.78 -57.75 -83.81
C GLU L 330 -18.80 -56.64 -84.19
N HIS L 331 -19.26 -55.39 -84.15
CA HIS L 331 -18.46 -54.24 -84.55
C HIS L 331 -18.68 -53.14 -83.52
N PRO L 332 -17.73 -52.95 -82.59
CA PRO L 332 -17.91 -51.89 -81.59
C PRO L 332 -18.13 -50.51 -82.18
N GLN L 333 -17.61 -50.25 -83.38
CA GLN L 333 -17.75 -48.92 -83.97
C GLN L 333 -19.21 -48.46 -84.01
N LYS L 334 -20.14 -49.40 -84.15
CA LYS L 334 -21.56 -49.04 -84.20
C LYS L 334 -22.04 -48.37 -82.93
N ALA L 335 -21.27 -48.41 -81.85
CA ALA L 335 -21.73 -47.82 -80.59
C ALA L 335 -21.99 -46.33 -80.75
N THR L 336 -21.27 -45.65 -81.65
CA THR L 336 -21.44 -44.22 -81.81
C THR L 336 -22.75 -43.85 -82.50
N THR L 337 -23.38 -44.80 -83.19
CA THR L 337 -24.59 -44.55 -83.95
C THR L 337 -25.80 -45.33 -83.48
N GLU L 338 -25.60 -46.50 -82.87
CA GLU L 338 -26.72 -47.30 -82.38
C GLU L 338 -27.20 -46.86 -81.02
N LEU L 339 -26.42 -46.07 -80.28
CA LEU L 339 -26.77 -45.64 -78.93
C LEU L 339 -27.02 -44.14 -78.89
N PRO L 340 -28.06 -43.64 -79.57
CA PRO L 340 -28.31 -42.19 -79.55
C PRO L 340 -28.76 -41.67 -78.20
N LEU L 341 -29.49 -42.45 -77.41
CA LEU L 341 -29.93 -41.98 -76.10
C LEU L 341 -28.74 -41.82 -75.16
N LEU L 342 -27.85 -42.80 -75.12
CA LEU L 342 -26.69 -42.72 -74.24
C LEU L 342 -25.79 -41.54 -74.62
N ARG L 343 -25.70 -41.22 -75.91
CA ARG L 343 -24.98 -40.01 -76.32
C ARG L 343 -25.69 -38.76 -75.81
N ALA L 344 -27.01 -38.80 -75.69
CA ALA L 344 -27.75 -37.65 -75.17
C ALA L 344 -27.55 -37.50 -73.67
N ALA L 345 -27.47 -38.63 -72.96
CA ALA L 345 -27.19 -38.57 -71.53
C ALA L 345 -25.88 -37.84 -71.27
N LEU L 346 -24.82 -38.17 -72.02
CA LEU L 346 -23.56 -37.47 -71.86
C LEU L 346 -23.73 -35.98 -72.12
N LYS L 347 -24.44 -35.62 -73.19
CA LYS L 347 -24.74 -34.22 -73.45
C LYS L 347 -25.42 -33.57 -72.25
N GLU L 348 -26.23 -34.33 -71.52
CA GLU L 348 -26.91 -33.80 -70.35
C GLU L 348 -25.98 -33.72 -69.14
N THR L 349 -25.03 -34.65 -69.04
CA THR L 349 -24.06 -34.60 -67.95
C THR L 349 -23.15 -33.40 -68.09
N LEU L 350 -22.59 -33.19 -69.29
CA LEU L 350 -21.73 -32.03 -69.53
C LEU L 350 -22.50 -30.72 -69.47
N ARG L 351 -23.82 -30.76 -69.64
CA ARG L 351 -24.62 -29.54 -69.54
C ARG L 351 -24.69 -29.07 -68.09
N LEU L 352 -24.95 -29.99 -67.17
CA LEU L 352 -25.07 -29.64 -65.76
C LEU L 352 -23.71 -29.59 -65.08
N TYR L 353 -22.80 -30.49 -65.46
CA TYR L 353 -21.51 -30.65 -64.79
C TYR L 353 -20.39 -30.49 -65.81
N PRO L 354 -20.17 -29.27 -66.30
CA PRO L 354 -19.11 -29.07 -67.31
C PRO L 354 -17.71 -29.05 -66.73
N VAL L 355 -16.94 -30.13 -66.91
CA VAL L 355 -15.58 -30.18 -66.38
C VAL L 355 -14.76 -28.99 -66.91
N GLY L 356 -15.01 -28.59 -68.16
CA GLY L 356 -14.42 -27.37 -68.68
C GLY L 356 -15.32 -26.20 -68.36
N LEU L 357 -15.03 -25.48 -67.28
CA LEU L 357 -15.97 -24.48 -66.78
C LEU L 357 -16.27 -23.41 -67.83
N PHE L 358 -15.24 -22.97 -68.54
CA PHE L 358 -15.44 -21.88 -69.49
C PHE L 358 -14.57 -22.06 -70.71
N LEU L 359 -14.95 -21.37 -71.78
CA LEU L 359 -14.20 -21.30 -73.03
C LEU L 359 -13.60 -19.90 -73.14
N GLU L 360 -12.32 -19.83 -73.49
CA GLU L 360 -11.61 -18.55 -73.58
C GLU L 360 -11.35 -18.20 -75.04
N ARG L 361 -11.40 -16.90 -75.34
CA ARG L 361 -11.00 -16.39 -76.64
C ARG L 361 -10.54 -14.94 -76.49
N VAL L 362 -9.33 -14.67 -76.96
CA VAL L 362 -8.84 -13.30 -77.09
C VAL L 362 -9.19 -12.85 -78.50
N VAL L 363 -10.29 -12.09 -78.62
CA VAL L 363 -10.80 -11.73 -79.93
C VAL L 363 -9.76 -10.94 -80.70
N SER L 364 -9.58 -11.28 -81.97
CA SER L 364 -8.64 -10.62 -82.85
C SER L 364 -9.28 -9.50 -83.67
N SER L 365 -10.52 -9.14 -83.36
CA SER L 365 -11.22 -8.10 -84.11
C SER L 365 -12.41 -7.62 -83.29
N ASP L 366 -12.91 -6.44 -83.65
CA ASP L 366 -14.09 -5.90 -83.00
C ASP L 366 -15.30 -6.78 -83.29
N LEU L 367 -16.27 -6.73 -82.39
CA LEU L 367 -17.50 -7.50 -82.53
C LEU L 367 -18.55 -6.86 -81.64
N VAL L 368 -19.75 -7.44 -81.64
CA VAL L 368 -20.86 -6.92 -80.85
C VAL L 368 -21.55 -8.09 -80.15
N LEU L 369 -21.53 -8.08 -78.83
CA LEU L 369 -22.22 -9.06 -78.00
C LEU L 369 -23.26 -8.37 -77.15
N GLN L 370 -24.49 -8.90 -77.14
CA GLN L 370 -25.58 -8.28 -76.40
C GLN L 370 -25.69 -6.79 -76.75
N ASN L 371 -25.46 -6.47 -78.01
CA ASN L 371 -25.51 -5.12 -78.56
C ASN L 371 -24.44 -4.21 -77.99
N TYR L 372 -23.43 -4.75 -77.31
CA TYR L 372 -22.33 -3.96 -76.78
C TYR L 372 -21.12 -4.07 -77.71
N HIS L 373 -20.37 -2.96 -77.82
CA HIS L 373 -19.15 -2.95 -78.61
C HIS L 373 -18.01 -3.58 -77.83
N ILE L 374 -17.35 -4.57 -78.42
CA ILE L 374 -16.24 -5.30 -77.81
C ILE L 374 -14.98 -4.98 -78.59
N PRO L 375 -14.02 -4.25 -78.01
CA PRO L 375 -12.79 -3.93 -78.76
C PRO L 375 -11.97 -5.19 -79.04
N ALA L 376 -11.06 -5.06 -79.99
CA ALA L 376 -10.14 -6.14 -80.27
C ALA L 376 -9.15 -6.28 -79.11
N GLY L 377 -8.64 -7.49 -78.92
CA GLY L 377 -7.76 -7.79 -77.80
C GLY L 377 -8.46 -8.05 -76.50
N THR L 378 -9.80 -8.15 -76.50
CA THR L 378 -10.57 -8.36 -75.29
C THR L 378 -10.74 -9.84 -75.00
N LEU L 379 -10.62 -10.21 -73.72
CA LEU L 379 -10.85 -11.58 -73.30
C LEU L 379 -12.34 -11.81 -73.13
N VAL L 380 -12.85 -12.91 -73.70
CA VAL L 380 -14.26 -13.24 -73.69
C VAL L 380 -14.41 -14.65 -73.14
N GLN L 381 -15.02 -14.78 -71.96
CA GLN L 381 -15.16 -16.05 -71.27
C GLN L 381 -16.61 -16.51 -71.33
N VAL L 382 -16.84 -17.63 -72.00
CA VAL L 382 -18.15 -18.28 -72.02
C VAL L 382 -18.24 -19.15 -70.78
N PHE L 383 -19.13 -18.79 -69.86
CA PHE L 383 -19.26 -19.50 -68.58
C PHE L 383 -20.34 -20.57 -68.74
N LEU L 384 -19.90 -21.81 -68.95
CA LEU L 384 -20.81 -22.88 -69.34
C LEU L 384 -21.72 -23.35 -68.23
N TYR L 385 -21.33 -23.17 -66.96
CA TYR L 385 -22.17 -23.63 -65.85
C TYR L 385 -23.52 -22.93 -65.86
N SER L 386 -23.57 -21.67 -66.30
CA SER L 386 -24.82 -20.92 -66.37
C SER L 386 -25.50 -21.03 -67.73
N LEU L 387 -24.73 -21.22 -68.80
CA LEU L 387 -25.33 -21.42 -70.12
C LEU L 387 -26.26 -22.63 -70.10
N GLY L 388 -25.81 -23.74 -69.50
CA GLY L 388 -26.63 -24.93 -69.43
C GLY L 388 -27.75 -24.90 -68.42
N ARG L 389 -27.77 -23.89 -67.55
CA ARG L 389 -28.81 -23.74 -66.53
C ARG L 389 -29.76 -22.59 -66.84
N ASN L 390 -29.66 -21.99 -68.02
CA ASN L 390 -30.55 -20.92 -68.44
C ASN L 390 -31.88 -21.53 -68.88
N ALA L 391 -32.92 -21.31 -68.08
CA ALA L 391 -34.21 -21.95 -68.36
C ALA L 391 -34.79 -21.53 -69.70
N ALA L 392 -34.45 -20.32 -70.16
CA ALA L 392 -34.97 -19.85 -71.43
C ALA L 392 -34.56 -20.77 -72.58
N LEU L 393 -33.38 -21.39 -72.49
CA LEU L 393 -32.86 -22.24 -73.55
C LEU L 393 -32.98 -23.73 -73.26
N PHE L 394 -33.16 -24.12 -71.99
CA PHE L 394 -33.28 -25.51 -71.58
C PHE L 394 -34.45 -25.62 -70.61
N PRO L 395 -35.66 -25.85 -71.11
CA PRO L 395 -36.83 -25.95 -70.21
C PRO L 395 -36.59 -26.92 -69.06
N ARG L 396 -36.91 -26.48 -67.85
CA ARG L 396 -36.66 -27.24 -66.63
C ARG L 396 -35.19 -27.66 -66.55
N PRO L 397 -34.27 -26.71 -66.47
CA PRO L 397 -32.84 -27.06 -66.45
C PRO L 397 -32.42 -27.84 -65.20
N GLU L 398 -33.25 -27.84 -64.16
CA GLU L 398 -32.95 -28.61 -62.96
C GLU L 398 -33.00 -30.12 -63.20
N ARG L 399 -33.60 -30.56 -64.30
CA ARG L 399 -33.94 -31.96 -64.52
C ARG L 399 -32.93 -32.63 -65.43
N TYR L 400 -32.56 -33.86 -65.09
CA TYR L 400 -31.71 -34.69 -65.93
C TYR L 400 -32.60 -35.37 -66.97
N ASN L 401 -32.67 -34.77 -68.16
CA ASN L 401 -33.59 -35.20 -69.20
C ASN L 401 -32.81 -35.41 -70.50
N PRO L 402 -32.19 -36.58 -70.67
CA PRO L 402 -31.42 -36.81 -71.90
C PRO L 402 -32.24 -36.62 -73.16
N GLN L 403 -33.57 -36.78 -73.08
CA GLN L 403 -34.41 -36.70 -74.26
C GLN L 403 -34.35 -35.33 -74.91
N ARG L 404 -34.12 -34.28 -74.12
CA ARG L 404 -34.31 -32.91 -74.61
C ARG L 404 -33.41 -32.57 -75.80
N TRP L 405 -32.48 -33.44 -76.17
CA TRP L 405 -31.66 -33.23 -77.36
C TRP L 405 -32.24 -33.91 -78.60
N LEU L 406 -33.49 -34.35 -78.54
CA LEU L 406 -34.17 -34.97 -79.67
C LEU L 406 -35.45 -34.22 -80.03
N ASN L 414 -28.83 -26.56 -81.20
CA ASN L 414 -28.11 -25.87 -82.28
C ASN L 414 -26.68 -25.54 -81.83
N PHE L 415 -26.56 -24.56 -80.92
CA PHE L 415 -25.29 -24.20 -80.30
C PHE L 415 -25.37 -24.36 -78.79
N HIS L 416 -26.22 -25.28 -78.33
CA HIS L 416 -26.46 -25.52 -76.92
C HIS L 416 -25.52 -26.56 -76.32
N HIS L 417 -24.63 -27.14 -77.12
CA HIS L 417 -23.72 -28.20 -76.67
C HIS L 417 -22.31 -27.83 -77.13
N VAL L 418 -21.64 -26.99 -76.35
CA VAL L 418 -20.27 -26.58 -76.63
C VAL L 418 -19.36 -26.87 -75.44
N PRO L 419 -19.51 -28.01 -74.76
CA PRO L 419 -18.58 -28.31 -73.66
C PRO L 419 -17.18 -28.61 -74.14
N PHE L 420 -17.03 -28.99 -75.41
CA PHE L 420 -15.74 -29.25 -76.01
C PHE L 420 -15.18 -28.04 -76.75
N GLY L 421 -15.80 -26.88 -76.60
CA GLY L 421 -15.37 -25.71 -77.33
C GLY L 421 -16.03 -25.63 -78.69
N PHE L 422 -15.32 -25.02 -79.65
CA PHE L 422 -15.88 -24.76 -80.96
C PHE L 422 -14.75 -24.37 -81.90
N GLY L 423 -15.05 -24.41 -83.19
CA GLY L 423 -14.09 -23.98 -84.19
C GLY L 423 -12.94 -24.95 -84.37
N MET L 424 -11.89 -24.45 -85.04
CA MET L 424 -10.70 -25.26 -85.26
C MET L 424 -10.06 -25.64 -83.94
N ARG L 425 -10.25 -24.82 -82.89
CA ARG L 425 -9.68 -25.08 -81.58
C ARG L 425 -10.47 -26.11 -80.78
N GLN L 426 -11.60 -26.61 -81.30
CA GLN L 426 -12.40 -27.54 -80.53
C GLN L 426 -11.53 -28.68 -79.99
N CYS L 427 -11.95 -29.22 -78.85
CA CYS L 427 -11.22 -30.28 -78.17
C CYS L 427 -10.57 -31.28 -79.12
N LEU L 428 -9.26 -31.49 -78.96
CA LEU L 428 -8.55 -32.46 -79.79
C LEU L 428 -8.85 -33.90 -79.36
N GLY L 429 -9.21 -34.10 -78.10
CA GLY L 429 -9.52 -35.43 -77.61
C GLY L 429 -11.01 -35.65 -77.46
N ARG L 430 -11.81 -34.87 -78.20
CA ARG L 430 -13.26 -34.97 -78.08
C ARG L 430 -13.73 -36.40 -78.29
N ARG L 431 -13.34 -37.02 -79.40
CA ARG L 431 -13.90 -38.31 -79.75
C ARG L 431 -13.23 -39.47 -79.02
N LEU L 432 -12.02 -39.30 -78.50
CA LEU L 432 -11.48 -40.31 -77.60
C LEU L 432 -12.21 -40.32 -76.28
N ALA L 433 -12.52 -39.13 -75.75
CA ALA L 433 -13.32 -39.03 -74.54
C ALA L 433 -14.69 -39.64 -74.75
N GLU L 434 -15.38 -39.23 -75.81
CA GLU L 434 -16.74 -39.73 -76.06
C GLU L 434 -16.75 -41.25 -76.18
N ALA L 435 -15.68 -41.85 -76.71
CA ALA L 435 -15.66 -43.30 -76.85
C ALA L 435 -15.47 -43.99 -75.51
N GLU L 436 -14.57 -43.47 -74.67
CA GLU L 436 -14.32 -44.09 -73.37
C GLU L 436 -15.55 -43.99 -72.48
N MET L 437 -16.22 -42.84 -72.48
CA MET L 437 -17.42 -42.67 -71.67
C MET L 437 -18.56 -43.55 -72.16
N LEU L 438 -18.76 -43.59 -73.48
CA LEU L 438 -19.89 -44.32 -74.05
C LEU L 438 -19.74 -45.82 -73.83
N LEU L 439 -18.57 -46.37 -74.16
CA LEU L 439 -18.41 -47.82 -74.09
C LEU L 439 -18.45 -48.33 -72.65
N LEU L 440 -17.94 -47.56 -71.69
CA LEU L 440 -18.02 -47.98 -70.30
C LEU L 440 -19.46 -48.04 -69.84
N LEU L 441 -20.22 -46.97 -70.10
CA LEU L 441 -21.63 -46.96 -69.70
C LEU L 441 -22.44 -47.99 -70.46
N HIS L 442 -22.01 -48.35 -71.68
CA HIS L 442 -22.76 -49.33 -72.45
C HIS L 442 -22.69 -50.70 -71.80
N HIS L 443 -21.47 -51.18 -71.52
CA HIS L 443 -21.32 -52.52 -70.97
C HIS L 443 -21.76 -52.63 -69.53
N VAL L 444 -21.79 -51.52 -68.79
CA VAL L 444 -22.26 -51.57 -67.41
C VAL L 444 -23.78 -51.67 -67.37
N LEU L 445 -24.47 -50.97 -68.27
CA LEU L 445 -25.92 -50.98 -68.27
C LEU L 445 -26.47 -52.36 -68.59
N LYS L 446 -25.81 -53.08 -69.48
CA LYS L 446 -26.29 -54.40 -69.90
C LYS L 446 -25.88 -55.52 -68.96
N HIS L 447 -25.42 -55.20 -67.74
CA HIS L 447 -25.07 -56.23 -66.76
C HIS L 447 -25.46 -55.89 -65.33
N PHE L 448 -25.63 -54.62 -64.97
CA PHE L 448 -25.81 -54.21 -63.59
C PHE L 448 -26.98 -53.23 -63.48
N LEU L 449 -27.36 -52.96 -62.23
CA LEU L 449 -28.27 -51.88 -61.86
C LEU L 449 -27.51 -50.96 -60.92
N VAL L 450 -27.54 -49.66 -61.20
CA VAL L 450 -26.83 -48.66 -60.41
C VAL L 450 -27.83 -47.96 -59.51
N GLU L 451 -27.64 -48.09 -58.20
CA GLU L 451 -28.57 -47.61 -57.20
C GLU L 451 -27.84 -46.88 -56.09
N THR L 452 -28.49 -45.85 -55.54
CA THR L 452 -27.89 -45.05 -54.49
C THR L 452 -28.98 -44.42 -53.63
N LEU L 453 -28.74 -44.35 -52.32
CA LEU L 453 -29.64 -43.59 -51.46
C LEU L 453 -29.33 -42.10 -51.50
N THR L 454 -28.07 -41.74 -51.72
CA THR L 454 -27.67 -40.34 -51.84
C THR L 454 -28.38 -39.67 -53.00
N GLN L 455 -29.45 -38.92 -52.72
CA GLN L 455 -30.20 -38.21 -53.75
C GLN L 455 -30.06 -36.70 -53.65
N GLU L 456 -29.32 -36.20 -52.66
CA GLU L 456 -29.04 -34.77 -52.59
C GLU L 456 -27.97 -34.41 -53.61
N ASP L 457 -28.12 -33.23 -54.22
CA ASP L 457 -27.18 -32.77 -55.22
C ASP L 457 -25.75 -32.90 -54.69
N ILE L 458 -24.82 -33.15 -55.62
CA ILE L 458 -23.40 -33.17 -55.30
C ILE L 458 -22.83 -31.78 -55.52
N LYS L 459 -22.23 -31.22 -54.46
CA LYS L 459 -21.61 -29.91 -54.59
C LYS L 459 -20.38 -30.00 -55.47
N MET L 460 -20.25 -29.06 -56.40
CA MET L 460 -19.13 -29.03 -57.32
C MET L 460 -18.09 -28.04 -56.83
N VAL L 461 -16.83 -28.31 -57.20
CA VAL L 461 -15.68 -27.52 -56.78
C VAL L 461 -14.91 -27.11 -58.03
N TYR L 462 -14.23 -25.97 -57.94
CA TYR L 462 -13.39 -25.47 -59.02
C TYR L 462 -11.93 -25.60 -58.63
N SER L 463 -11.25 -26.58 -59.22
CA SER L 463 -9.79 -26.66 -59.19
C SER L 463 -9.31 -26.73 -60.63
N PHE L 464 -9.45 -25.61 -61.35
CA PHE L 464 -9.13 -25.49 -62.76
C PHE L 464 -10.16 -26.20 -63.65
N ILE L 465 -10.59 -27.38 -63.23
CA ILE L 465 -11.74 -28.06 -63.81
C ILE L 465 -12.83 -28.14 -62.76
N LEU L 466 -14.08 -28.15 -63.22
CA LEU L 466 -15.20 -28.38 -62.34
C LEU L 466 -15.29 -29.88 -62.03
N ARG L 467 -15.31 -30.22 -60.75
CA ARG L 467 -15.33 -31.63 -60.36
C ARG L 467 -16.13 -31.78 -59.09
N PRO L 468 -16.75 -32.93 -58.86
CA PRO L 468 -17.55 -33.12 -57.65
C PRO L 468 -16.65 -33.19 -56.41
N GLY L 469 -17.04 -32.46 -55.36
CA GLY L 469 -16.27 -32.41 -54.14
C GLY L 469 -16.40 -33.62 -53.26
N THR L 470 -17.38 -34.48 -53.52
CA THR L 470 -17.56 -35.72 -52.79
C THR L 470 -17.86 -36.83 -53.78
N SER L 471 -17.67 -38.06 -53.33
CA SER L 471 -17.95 -39.23 -54.16
C SER L 471 -19.08 -40.04 -53.54
N PRO L 472 -20.19 -40.25 -54.24
CA PRO L 472 -21.31 -40.99 -53.63
C PRO L 472 -21.07 -42.49 -53.64
N LEU L 473 -21.73 -43.15 -52.70
CA LEU L 473 -21.68 -44.60 -52.59
C LEU L 473 -22.65 -45.18 -53.62
N LEU L 474 -22.12 -45.90 -54.60
CA LEU L 474 -22.93 -46.51 -55.65
C LEU L 474 -22.98 -48.02 -55.45
N THR L 475 -24.17 -48.58 -55.65
CA THR L 475 -24.41 -50.01 -55.62
C THR L 475 -24.50 -50.53 -57.06
N PHE L 476 -23.94 -51.71 -57.28
CA PHE L 476 -23.97 -52.37 -58.59
C PHE L 476 -24.59 -53.75 -58.40
N ARG L 477 -25.89 -53.86 -58.69
CA ARG L 477 -26.62 -55.12 -58.60
C ARG L 477 -26.66 -55.76 -59.98
N ALA L 478 -26.23 -57.01 -60.06
CA ALA L 478 -26.11 -57.68 -61.36
C ALA L 478 -27.47 -58.18 -61.83
N ILE L 479 -27.55 -58.42 -63.14
CA ILE L 479 -28.74 -58.99 -63.75
C ILE L 479 -28.47 -60.46 -64.12
C10 YSY M . -44.28 17.41 -19.62
C13 YSY M . -43.51 17.20 -21.89
C02 YSY M . -42.17 15.06 -14.77
C03 YSY M . -42.66 15.60 -15.97
C04 YSY M . -42.35 15.10 -17.26
C05 YSY M . -42.87 15.70 -18.41
C06 YSY M . -43.74 16.81 -18.35
C07 YSY M . -44.04 17.26 -17.09
C09 YSY M . -43.52 16.69 -15.91
C11 YSY M . -43.51 18.69 -20.00
C12 YSY M . -42.99 18.51 -21.45
C14 YSY M . -43.57 16.30 -22.93
C16 YSY M . -44.68 15.38 -21.28
F08 YSY M . -44.87 18.33 -17.01
N01 YSY M . -41.77 14.61 -13.75
N15 YSY M . -44.30 15.17 -22.54
N17 YSY M . -44.23 16.61 -20.83
H101 YSY M . -45.20 17.72 -19.54
H041 YSY M . -41.78 14.37 -17.29
H051 YSY M . -42.66 15.38 -19.25
H091 YSY M . -43.70 16.98 -15.04
H111 YSY M . -44.09 19.46 -19.90
H112 YSY M . -42.78 18.82 -19.36
H121 YSY M . -43.30 19.25 -22.00
H122 YSY M . -42.02 18.56 -21.47
H141 YSY M . -43.26 16.25 -23.80
H161 YSY M . -45.19 14.72 -20.87
CHA HEM N . -41.37 12.93 -24.43
CHB HEM N . -44.56 15.90 -26.52
CHC HEM N . -48.06 14.01 -23.77
CHD HEM N . -44.74 11.60 -21.22
C1A HEM N . -41.93 13.88 -25.24
C2A HEM N . -41.23 14.67 -26.23
C3A HEM N . -42.10 15.48 -26.79
C4A HEM N . -43.39 15.25 -26.19
CMA HEM N . -41.81 16.51 -27.91
CAA HEM N . -39.72 14.57 -26.56
CBA HEM N . -39.46 13.29 -27.33
CGA HEM N . -38.11 13.35 -27.99
O1A HEM N . -37.35 14.33 -27.74
O2A HEM N . -37.77 12.41 -28.76
C1B HEM N . -45.80 15.57 -26.02
C2B HEM N . -47.07 16.00 -26.57
C3B HEM N . -48.04 15.48 -25.81
C4B HEM N . -47.41 14.71 -24.76
CMB HEM N . -47.21 16.91 -27.80
CAB HEM N . -49.58 15.63 -25.94
CBB HEM N . -50.15 16.21 -26.99
C1C HEM N . -47.46 13.18 -22.86
C2C HEM N . -48.15 12.38 -21.87
C3C HEM N . -47.23 11.72 -21.17
C4C HEM N . -45.93 12.08 -21.69
CMC HEM N . -49.69 12.37 -21.73
CAC HEM N . -47.41 10.72 -19.99
CBC HEM N . -48.61 10.19 -19.68
C1D HEM N . -43.54 11.75 -21.87
C2D HEM N . -42.28 11.18 -21.45
C3D HEM N . -41.35 11.54 -22.34
C4D HEM N . -42.00 12.36 -23.34
CMD HEM N . -42.07 10.30 -20.20
CAD HEM N . -39.85 11.17 -22.32
CBD HEM N . -39.56 10.04 -23.31
CGD HEM N . -38.07 9.80 -23.44
O1D HEM N . -37.67 8.69 -23.87
O2D HEM N . -37.28 10.71 -23.11
NA HEM N . -43.26 14.26 -25.23
NB HEM N . -46.04 14.77 -24.92
NC HEM N . -46.10 12.97 -22.72
ND HEM N . -43.34 12.47 -23.03
FE HEM N . -44.77 13.43 -24.11
HHB HEM N . -44.52 16.64 -27.15
HHC HEM N . -49.03 14.11 -23.72
HHD HEM N . -44.73 11.13 -20.37
HMA HEM N . -41.15 17.16 -27.60
HMAA HEM N . -42.64 16.98 -28.15
HMAB HEM N . -41.46 16.04 -28.70
HAA HEM N . -39.20 14.58 -25.75
HAAA HEM N . -39.46 15.33 -27.11
HBA HEM N . -40.14 13.17 -28.01
HBAA HEM N . -39.48 12.53 -26.72
HMB HEM N . -46.39 17.41 -27.93
HMBA HEM N . -47.96 17.52 -27.68
HMBB HEM N . -47.37 16.36 -28.59
HAB HEM N . -50.14 15.28 -25.24
HBB HEM N . -51.12 16.28 -27.05
HBBA HEM N . -49.61 16.57 -27.71
HMC HEM N . -50.04 13.24 -21.95
HMCA HEM N . -49.92 12.13 -20.82
HMCB HEM N . -50.06 11.71 -22.34
HAC HEM N . -46.64 10.46 -19.48
HBC HEM N . -48.68 9.57 -18.94
HBCA HEM N . -49.39 10.45 -20.18
HMD HEM N . -41.14 10.00 -20.16
HMDA HEM N . -42.66 9.52 -20.25
HMDB HEM N . -42.29 10.82 -19.40
HAD HEM N . -39.60 10.88 -21.43
HADA HEM N . -39.33 11.96 -22.57
HBD HEM N . -39.92 10.28 -24.17
HBDA HEM N . -39.98 9.23 -22.99
HHA HEM N . -40.47 12.62 -24.64
C10 YSY O . 5.64 9.72 -30.75
C13 YSY O . 5.07 11.51 -32.26
C02 YSY O . 2.07 6.71 -27.28
C03 YSY O . 2.91 7.46 -28.12
C04 YSY O . 2.55 8.69 -28.69
C05 YSY O . 3.44 9.37 -29.52
C06 YSY O . 4.74 8.90 -29.83
C07 YSY O . 5.04 7.68 -29.23
C09 YSY O . 4.18 6.96 -28.40
C11 YSY O . 5.61 9.16 -32.21
C12 YSY O . 5.21 10.33 -33.15
C14 YSY O . 4.80 12.85 -32.21
C16 YSY O . 5.17 12.26 -30.14
F08 YSY O . 6.28 7.16 -29.49
N01 YSY O . 1.35 6.08 -26.57
N15 YSY O . 4.85 13.30 -30.90
N17 YSY O . 5.32 11.12 -30.92
H101 YSY O . 6.57 9.66 -30.51
H041 YSY O . 1.70 9.00 -28.50
H051 YSY O . 3.20 10.19 -29.90
H091 YSY O . 4.37 6.15 -27.99
H111 YSY O . 6.47 8.79 -32.42
H112 YSY O . 4.98 8.43 -32.25
H121 YSY O . 5.89 10.45 -33.83
H122 YSY O . 4.40 10.11 -33.62
H141 YSY O . 4.58 13.52 -32.83
H161 YSY O . 5.25 12.38 -29.23
CHA HEM P . 1.54 15.69 -31.60
CHB HEM P . 5.93 16.24 -33.57
CHC HEM P . 7.96 15.68 -29.22
CHD HEM P . 3.67 14.30 -27.48
C1A HEM P . 2.54 15.90 -32.52
C2A HEM P . 2.36 16.11 -33.94
C3A HEM P . 3.58 16.27 -34.48
C4A HEM P . 4.56 16.15 -33.42
CMA HEM P . 3.89 16.53 -35.96
CAA HEM P . 1.02 16.17 -34.71
CBA HEM P . 0.38 17.55 -34.56
CGA HEM P . -0.77 17.72 -35.52
O1A HEM P . -1.26 16.69 -36.08
O2A HEM P . -1.22 18.89 -35.73
C1B HEM P . 6.84 16.22 -32.54
C2B HEM P . 8.25 16.59 -32.65
C3B HEM P . 8.81 16.42 -31.45
C4B HEM P . 7.78 15.96 -30.54
CMB HEM P . 8.92 17.07 -33.95
CAB HEM P . 10.27 16.68 -31.00
CBB HEM P . 11.15 17.37 -31.74
C1C HEM P . 6.97 15.27 -28.36
C2C HEM P . 7.12 15.04 -26.94
C3C HEM P . 5.94 14.65 -26.46
C4C HEM P . 5.00 14.64 -27.57
CMC HEM P . 8.44 15.22 -26.17
CAC HEM P . 5.53 14.28 -25.01
CBC HEM P . 6.34 14.47 -23.97
C1D HEM P . 2.73 14.57 -28.44
C2D HEM P . 1.30 14.39 -28.28
C3D HEM P . 0.71 14.78 -29.42
C4D HEM P . 1.74 15.22 -30.33
CMD HEM P . 0.60 13.84 -27.02
CAD HEM P . -0.81 14.75 -29.73
CBD HEM P . -1.35 16.18 -29.75
CGD HEM P . -2.81 16.16 -30.14
O1D HEM P . -3.55 17.08 -29.69
O2D HEM P . -3.26 15.22 -30.86
NA HEM P . 3.90 15.92 -32.23
NB HEM P . 6.59 15.84 -31.24
NC HEM P . 5.66 15.02 -28.72
ND HEM P . 2.96 15.09 -29.70
FE HEM P . 4.78 15.66 -30.44
HHB HEM P . 6.27 16.34 -34.48
HHC HEM P . 8.86 15.78 -28.85
HHD HEM P . 3.38 13.81 -26.68
HMA HEM P . 3.53 15.79 -36.50
HMAA HEM P . 4.86 16.59 -36.09
HMAB HEM P . 3.46 17.37 -36.24
HAA HEM P . 0.42 15.50 -34.36
HAAA HEM P . 1.18 15.99 -35.65
HBA HEM P . 1.04 18.23 -34.75
HBAA HEM P . 0.05 17.65 -33.66
HMB HEM P . 8.45 16.69 -34.72
HMBA HEM P . 9.84 16.78 -33.97
HMBB HEM P . 8.88 18.04 -33.99
HAB HEM P . 10.55 16.32 -30.15
HBB HEM P . 12.05 17.50 -31.41
HBBA HEM P . 10.88 17.73 -32.60
HMC HEM P . 9.19 15.03 -26.77
HMCA HEM P . 8.47 14.60 -25.42
HMCB HEM P . 8.51 16.13 -25.85
HAC HEM P . 4.66 13.91 -24.86
HBC HEM P . 6.05 14.22 -23.07
HBCA HEM P . 7.23 14.85 -24.09
HMD HEM P . -0.37 13.86 -27.14
HMDA HEM P . 0.84 14.39 -26.24
HMDB HEM P . 0.89 12.92 -26.86
HAD HEM P . -1.27 14.25 -29.03
HADA HEM P . -0.95 14.33 -30.58
HBD HEM P . -0.85 16.70 -30.41
HBDA HEM P . -1.25 16.59 -28.88
HHA HEM P . 0.63 15.89 -31.87
C10 YSY Q . 15.95 -23.02 6.11
C13 YSY Q . 14.59 -23.21 8.06
C02 YSY Q . 20.63 -25.92 4.31
C03 YSY Q . 19.50 -25.23 4.78
C04 YSY Q . 18.96 -25.41 6.06
C05 YSY Q . 17.83 -24.68 6.47
C06 YSY Q . 17.18 -23.76 5.63
C07 YSY Q . 17.74 -23.61 4.38
C09 YSY Q . 18.87 -24.31 3.93
C11 YSY Q . 14.67 -23.79 5.74
C12 YSY Q . 13.76 -23.80 7.00
C14 YSY Q . 14.65 -22.91 9.41
C16 YSY Q . 16.56 -22.26 8.56
F08 YSY Q . 17.13 -22.72 3.55
N01 YSY Q . 21.60 -26.51 3.91
N15 YSY Q . 15.87 -22.33 9.71
N17 YSY Q . 15.83 -22.80 7.53
H101 YSY Q . 15.84 -22.17 5.68
H041 YSY Q . 19.39 -26.02 6.62
H051 YSY Q . 17.47 -24.81 7.32
H091 YSY Q . 19.27 -24.23 3.10
H111 YSY Q . 14.24 -23.35 4.98
H112 YSY Q . 14.90 -24.68 5.45
H121 YSY Q . 12.95 -23.30 6.82
H122 YSY Q . 13.48 -24.71 7.19
H141 YSY Q . 14.09 -22.99 10.15
H161 YSY Q . 17.41 -21.89 8.59
CHA HEM R . 16.12 -24.82 12.98
CHB HEM R . 12.88 -21.28 12.27
CHC HEM R . 16.48 -18.33 10.95
CHD HEM R . 19.51 -22.09 10.88
C1A HEM R . 14.93 -24.11 12.93
C2A HEM R . 13.63 -24.63 13.31
C3A HEM R . 12.74 -23.64 13.11
C4A HEM R . 13.45 -22.49 12.60
CMA HEM R . 11.22 -23.73 13.39
CAA HEM R . 13.31 -26.03 13.86
CBA HEM R . 13.56 -26.01 15.37
CGA HEM R . 12.89 -27.19 16.02
O1A HEM R . 12.38 -28.09 15.30
O2A HEM R . 12.86 -27.23 17.29
C1B HEM R . 13.58 -20.14 11.92
C2B HEM R . 13.04 -18.81 11.78
C3B HEM R . 14.03 -17.99 11.40
C4B HEM R . 15.23 -18.79 11.31
CMB HEM R . 11.56 -18.46 12.02
CAB HEM R . 14.02 -16.47 11.12
CBB HEM R . 13.00 -15.68 11.49
C1C HEM R . 17.61 -19.10 10.81
C2C HEM R . 18.91 -18.60 10.43
C3C HEM R . 19.75 -19.64 10.39
C4C HEM R . 19.01 -20.82 10.78
CMC HEM R . 19.20 -17.12 10.11
CAC HEM R . 21.26 -19.64 10.07
CBC HEM R . 22.02 -18.56 10.23
C1D HEM R . 18.88 -23.14 11.50
C2D HEM R . 19.47 -24.42 11.85
C3D HEM R . 18.53 -25.17 12.42
C4D HEM R . 17.31 -24.40 12.47
CMD HEM R . 20.95 -24.81 11.57
CAD HEM R . 18.68 -26.61 12.97
CBD HEM R . 18.77 -26.57 14.50
CGD HEM R . 18.73 -27.97 15.04
O1D HEM R . 19.13 -28.19 16.23
O2D HEM R . 18.31 -28.89 14.30
NA HEM R . 14.79 -22.81 12.49
NB HEM R . 14.93 -20.10 11.62
NC HEM R . 17.70 -20.45 11.01
ND HEM R . 17.55 -23.15 11.89
FE HEM R . 16.27 -21.54 11.95
HHB HEM R . 11.90 -21.21 12.30
HHC HEM R . 16.57 -17.37 10.77
HHD HEM R . 20.39 -22.27 10.48
HMA HEM R . 10.80 -22.87 13.16
HMAA HEM R . 11.08 -23.93 14.33
HMAB HEM R . 10.83 -24.44 12.83
HAA HEM R . 13.89 -26.68 13.43
HAAA HEM R . 12.38 -26.25 13.68
HBA HEM R . 13.20 -25.19 15.75
HBAA HEM R . 14.51 -26.05 15.53
HMB HEM R . 11.00 -19.23 11.84
HMBA HEM R . 11.30 -17.73 11.44
HMBB HEM R . 11.45 -18.17 12.94
HAB HEM R . 14.77 -16.08 10.66
HBB HEM R . 13.04 -14.73 11.30
HBBA HEM R . 12.24 -16.07 11.96
HMC HEM R . 18.46 -16.74 9.61
HMCA HEM R . 20.01 -17.05 9.60
HMCB HEM R . 19.30 -16.62 10.94
HAC HEM R . 21.66 -20.45 9.74
HBC HEM R . 22.98 -18.59 10.02
HBCA HEM R . 21.64 -17.74 10.57
HMD HEM R . 21.11 -25.72 11.94
HMDA HEM R . 21.55 -24.17 12.02
HMDB HEM R . 21.11 -24.81 10.61
HAD HEM R . 19.48 -27.01 12.61
HADA HEM R . 17.91 -27.13 12.71
HBD HEM R . 18.03 -26.05 14.85
HBDA HEM R . 19.61 -26.14 14.76
HHA HEM R . 16.10 -25.70 13.42
C10 YSY S . -63.83 13.74 27.05
C13 YSY S . -63.42 11.85 28.49
C02 YSY S . -66.70 18.71 28.04
C03 YSY S . -66.02 17.50 27.83
C04 YSY S . -66.14 16.38 28.66
C05 YSY S . -65.43 15.19 28.39
C06 YSY S . -64.57 15.04 27.30
C07 YSY S . -64.48 16.18 26.49
C09 YSY S . -65.17 17.38 26.72
C11 YSY S . -62.38 13.81 27.58
C12 YSY S . -62.13 12.57 28.47
C14 YSY S . -64.08 10.75 29.00
C16 YSY S . -65.55 11.82 27.75
F08 YSY S . -63.66 16.09 25.41
N01 YSY S . -67.26 19.75 28.20
N15 YSY S . -65.40 10.75 28.53
N17 YSY S . -64.36 12.54 27.68
H101 YSY S . -63.72 13.53 26.11
H041 YSY S . -66.71 16.46 29.39
H051 YSY S . -65.52 14.45 28.96
H091 YSY S . -65.12 18.14 26.20
H111 YSY S . -61.78 13.85 26.82
H112 YSY S . -62.27 14.64 28.07
H121 YSY S . -61.42 12.04 28.10
H122 YSY S . -61.85 12.86 29.35
H141 YSY S . -63.89 10.04 29.56
H161 YSY S . -66.37 11.97 27.35
CHA HEM T . -66.52 9.61 32.47
CHB HEM T . -63.81 6.94 29.46
CHC HEM T . -66.84 7.95 25.83
CHD HEM T . -69.00 11.24 28.65
C1A HEM T . -65.52 8.80 31.99
C2A HEM T . -64.39 8.27 32.75
C3A HEM T . -63.65 7.54 31.90
C4A HEM T . -64.27 7.58 30.59
CMA HEM T . -62.35 6.78 32.27
CAA HEM T . -64.09 8.49 34.24
CBA HEM T . -64.95 7.57 35.10
CGA HEM T . -64.47 7.58 36.54
O1A HEM T . -63.76 8.53 36.93
O2A HEM T . -64.82 6.63 37.28
C1B HEM T . -64.45 6.92 28.24
C2B HEM T . -64.12 6.05 27.13
C3B HEM T . -64.96 6.32 26.12
C4B HEM T . -65.84 7.38 26.57
CMB HEM T . -62.99 4.99 27.18
CAB HEM T . -65.06 5.69 24.72
CBB HEM T . -64.36 4.60 24.36
C1C HEM T . -67.72 8.90 26.29
C2C HEM T . -68.88 9.40 25.58
C3C HEM T . -69.48 10.31 26.37
C4C HEM T . -68.72 10.41 27.59
CMC HEM T . -69.31 8.92 24.19
CAC HEM T . -70.77 11.14 26.11
CBC HEM T . -71.58 10.91 25.08
C1D HEM T . -68.54 11.07 29.93
C2D HEM T . -68.99 11.81 31.10
C3D HEM T . -68.31 11.36 32.15
C4D HEM T . -67.40 10.32 31.69
CMD HEM T . -70.07 12.92 31.09
CAD HEM T . -68.44 11.84 33.61
CBD HEM T . -69.23 10.82 34.43
CGD HEM T . -69.22 11.20 35.88
O1D HEM T . -70.18 10.83 36.60
O2D HEM T . -68.26 11.91 36.30
NA HEM T . -65.41 8.35 30.67
NB HEM T . -65.50 7.72 27.87
NC HEM T . -67.64 9.53 27.52
ND HEM T . -67.57 10.17 30.32
FE HEM T . -66.64 8.77 29.10
HHB HEM T . -62.95 6.47 29.53
HHC HEM T . -66.94 7.66 24.89
HHD HEM T . -69.59 12.01 28.47
HMA HEM T . -61.69 7.41 32.61
HMAA HEM T . -62.00 6.33 31.48
HMAB HEM T . -62.55 6.10 32.96
HAA HEM T . -64.30 9.41 34.47
HAAA HEM T . -63.16 8.32 34.40
HBA HEM T . -64.87 6.66 34.75
HBAA HEM T . -65.87 7.86 35.06
HMB HEM T . -62.33 5.25 27.83
HMBA HEM T . -62.58 4.92 26.31
HMBB HEM T . -63.36 4.13 27.43
HAB HEM T . -65.65 6.09 24.07
HBB HEM T . -64.46 4.23 23.47
HBBA HEM T . -63.76 4.18 25.00
HMC HEM T . -68.53 8.65 23.69
HMCA HEM T . -69.76 9.64 23.72
HMCB HEM T . -69.92 8.17 24.27
HAC HEM T . -70.98 11.85 26.71
HBC HEM T . -72.38 11.46 24.96
HBCA HEM T . -71.39 10.20 24.45
HMD HEM T . -70.24 13.21 32.02
HMDA HEM T . -70.90 12.56 30.72
HMDB HEM T . -69.76 13.67 30.56
HAD HEM T . -68.90 12.69 33.63
HADA HEM T . -67.56 11.94 34.00
HBD HEM T . -68.81 9.94 34.32
HBDA HEM T . -70.14 10.79 34.11
HHA HEM T . -66.61 9.68 33.44
C10 YSY U . 50.58 -13.43 -29.42
C13 YSY U . 52.85 -14.21 -29.29
C02 YSY U . 47.97 -10.93 -33.94
C03 YSY U . 48.62 -11.53 -32.85
C04 YSY U . 50.02 -11.63 -32.75
C05 YSY U . 50.61 -12.24 -31.63
C06 YSY U . 49.86 -12.79 -30.57
C07 YSY U . 48.49 -12.67 -30.71
C09 YSY U . 47.85 -12.06 -31.81
C11 YSY U . 50.58 -14.97 -29.55
C12 YSY U . 52.07 -15.44 -29.51
C14 YSY U . 54.13 -13.70 -29.11
C16 YSY U . 52.77 -11.98 -29.03
F08 YSY U . 47.71 -13.18 -29.71
N01 YSY U . 47.40 -10.42 -34.86
N15 YSY U . 54.06 -12.33 -28.95
N17 YSY U . 51.99 -13.10 -29.24
H101 YSY U . 50.14 -13.28 -28.56
H041 YSY U . 50.52 -11.27 -33.44
H051 YSY U . 51.54 -12.30 -31.57
H091 YSY U . 46.94 -11.97 -31.94
H111 YSY U . 50.06 -15.35 -28.83
H112 YSY U . 50.14 -15.21 -30.38
H121 YSY U . 52.18 -16.10 -28.81
H122 YSY U . 52.28 -15.88 -30.35
H141 YSY U . 54.99 -14.04 -29.07
H161 YSY U . 52.56 -11.08 -28.95
CHA HEM V . 57.28 -12.04 -31.43
CHB HEM V . 57.33 -13.84 -26.92
CHC HEM V . 54.61 -10.14 -25.43
CHD HEM V . 54.14 -8.64 -30.02
C1A HEM V . 57.53 -12.84 -30.34
C2A HEM V . 58.32 -14.04 -30.34
C3A HEM V . 58.33 -14.54 -29.09
C4A HEM V . 57.54 -13.66 -28.26
CMA HEM V . 59.04 -15.81 -28.62
CAA HEM V . 59.04 -14.66 -31.56
CBA HEM V . 60.33 -13.89 -31.80
CGA HEM V . 61.26 -14.73 -32.63
O1A HEM V . 60.83 -15.77 -33.21
O2A HEM V . 62.46 -14.35 -32.72
C1B HEM V . 56.65 -12.96 -26.11
C2B HEM V . 56.55 -13.03 -24.67
C3B HEM V . 55.79 -12.01 -24.26
C4B HEM V . 55.39 -11.26 -25.43
CMB HEM V . 57.22 -14.13 -23.81
CAB HEM V . 55.37 -11.61 -22.81
CBB HEM V . 55.91 -12.18 -21.73
C1C HEM V . 54.28 -9.41 -26.55
C2C HEM V . 53.54 -8.16 -26.53
C3C HEM V . 53.40 -7.76 -27.80
C4C HEM V . 54.06 -8.72 -28.65
CMC HEM V . 53.03 -7.50 -25.24
CAC HEM V . 52.71 -6.48 -28.34
CBC HEM V . 52.37 -5.48 -27.53
C1D HEM V . 54.97 -9.40 -30.80
C2D HEM V . 55.21 -9.23 -32.22
C3D HEM V . 56.08 -10.16 -32.61
C4D HEM V . 56.41 -10.97 -31.45
CMD HEM V . 54.57 -8.13 -33.09
CAD HEM V . 56.64 -10.36 -34.04
CBD HEM V . 58.03 -9.74 -34.13
CGD HEM V . 58.68 -10.11 -35.44
O1D HEM V . 59.68 -9.45 -35.83
O2D HEM V . 58.20 -11.06 -36.10
NA HEM V . 57.06 -12.62 -29.05
NB HEM V . 55.92 -11.87 -26.55
NC HEM V . 54.58 -9.72 -27.86
ND HEM V . 55.72 -10.47 -30.36
FE HEM V . 55.97 -11.03 -28.41
HHB HEM V . 57.69 -14.65 -26.51
HHC HEM V . 54.25 -9.84 -24.57
HHD HEM V . 53.56 -8.00 -30.47
HMA HEM V . 58.73 -16.58 -29.15
HMAA HEM V . 58.85 -15.97 -27.67
HMAB HEM V . 60.01 -15.72 -28.74
HAA HEM V . 58.46 -14.59 -32.34
HAAA HEM V . 59.24 -15.59 -31.38
HBA HEM V . 60.74 -13.69 -30.95
HBAA HEM V . 60.13 -13.07 -32.28
HMB HEM V . 57.36 -14.92 -24.35
HMBA HEM V . 56.65 -14.34 -23.06
HMBB HEM V . 58.08 -13.80 -23.49
HAB HEM V . 54.71 -10.93 -22.69
HBB HEM V . 55.63 -11.90 -20.85
HBBA HEM V . 56.58 -12.88 -21.83
HMC HEM V . 52.75 -8.18 -24.61
HMCA HEM V . 52.27 -6.93 -25.44
HMCB HEM V . 53.73 -6.97 -24.84
HAC HEM V . 52.52 -6.41 -29.28
HBC HEM V . 51.93 -4.68 -27.89
HBCA HEM V . 52.56 -5.53 -26.58
HMD HEM V . 54.93 -8.18 -34.00
HMDA HEM V . 54.76 -7.25 -32.71
HMDB HEM V . 53.60 -8.26 -33.12
HAD HEM V . 56.04 -9.94 -34.67
HADA HEM V . 56.70 -11.31 -34.22
HBD HEM V . 58.58 -10.07 -33.40
HBDA HEM V . 57.95 -8.77 -34.07
HHA HEM V . 57.75 -12.25 -32.26
C10 YSY W . 10.30 2.99 64.42
C13 YSY W . 8.28 4.24 64.83
C02 YSY W . 14.19 3.54 60.13
C03 YSY W . 13.23 3.42 61.15
C04 YSY W . 11.97 4.05 61.11
C05 YSY W . 11.06 3.89 62.18
C06 YSY W . 11.34 3.11 63.31
C07 YSY W . 12.58 2.52 63.31
C09 YSY W . 13.52 2.65 62.28
C11 YSY W . 10.58 4.00 65.55
C12 YSY W . 9.25 4.79 65.81
C14 YSY W . 6.98 4.34 64.35
C16 YSY W . 7.96 2.77 63.16
F08 YSY W . 12.88 1.75 64.41
N01 YSY W . 15.00 3.63 59.27
N15 YSY W . 6.81 3.41 63.32
N17 YSY W . 8.91 3.23 64.06
H101 YSY W . 10.34 2.14 64.87
H041 YSY W . 11.78 4.56 60.37
H051 YSY W . 10.23 4.31 62.14
H091 YSY W . 14.36 2.25 62.26
H111 YSY W . 10.88 3.53 66.33
H112 YSY W . 11.30 4.59 65.28
H121 YSY W . 8.98 4.66 66.73
H122 YSY W . 9.42 5.74 65.70
H141 YSY W . 6.23 4.83 64.54
H161 YSY W . 8.00 2.12 62.50
CHA HEM X . 4.80 6.44 61.30
CHB HEM X . 3.30 4.33 65.40
CHC HEM X . 4.38 0.01 63.52
CHD HEM X . 6.55 2.19 59.79
C1A HEM X . 4.29 6.26 62.57
C2A HEM X . 3.81 7.29 63.46
C3A HEM X . 3.41 6.70 64.59
C4A HEM X . 3.61 5.28 64.46
CMA HEM X . 2.81 7.41 65.82
CAA HEM X . 3.76 8.80 63.17
CBA HEM X . 2.60 9.09 62.22
CGA HEM X . 2.33 10.57 62.19
O1A HEM X . 3.14 11.33 62.77
O2A HEM X . 1.31 10.99 61.58
C1B HEM X . 3.40 2.98 65.21
C2B HEM X . 2.84 1.96 66.10
C3B HEM X . 3.14 0.76 65.57
C4B HEM X . 3.89 0.99 64.35
CMB HEM X . 2.06 2.28 67.39
CAB HEM X . 2.78 -0.64 66.10
CBB HEM X . 1.94 -0.85 67.12
C1C HEM X . 5.04 0.23 62.34
C2C HEM X . 5.52 -0.79 61.44
C3C HEM X . 6.13 -0.20 60.41
C4C HEM X . 6.05 1.23 60.64
CMC HEM X . 5.33 -2.31 61.69
CAC HEM X . 6.80 -0.82 59.16
CBC HEM X . 6.56 -2.09 58.80
C1D HEM X . 6.22 3.52 59.84
C2D HEM X . 6.54 4.52 58.84
C3D HEM X . 6.06 5.69 59.26
C4D HEM X . 5.42 5.48 60.54
CMD HEM X . 7.31 4.24 57.53
CAD HEM X . 6.17 7.05 58.54
CBD HEM X . 4.86 7.37 57.81
CGD HEM X . 4.91 8.77 57.24
O1D HEM X . 4.17 9.04 56.26
O2D HEM X . 5.70 9.61 57.76
NA HEM X . 4.16 5.03 63.21
NB HEM X . 4.03 2.35 64.16
NC HEM X . 5.38 1.46 61.82
ND HEM X . 5.54 4.15 60.86
FE HEM X . 4.59 3.19 62.40
HHB HEM X . 3.01 4.65 66.28
HHC HEM X . 4.23 -0.91 63.79
HHD HEM X . 7.18 1.91 59.10
HMA HEM X . 3.46 8.06 66.18
HMAA HEM X . 2.61 6.75 66.52
HMAB HEM X . 1.98 7.87 65.57
HAA HEM X . 4.60 9.08 62.76
HAAA HEM X . 3.64 9.30 64.00
HBA HEM X . 1.81 8.62 62.54
HBAA HEM X . 2.84 8.78 61.33
HMB HEM X . 2.31 3.15 67.71
HMBA HEM X . 2.26 1.60 68.06
HMBB HEM X . 1.11 2.27 67.19
HAB HEM X . 3.18 -1.41 65.67
HBB HEM X . 1.74 -1.75 67.41
HBBA HEM X . 1.52 -0.09 67.56
HMC HEM X . 5.36 -2.49 62.65
HMCA HEM X . 6.03 -2.81 61.24
HMCB HEM X . 4.46 -2.59 61.35
HAC HEM X . 7.39 -0.28 58.63
HBC HEM X . 7.00 -2.45 58.01
HBCA HEM X . 5.97 -2.64 59.33
HMD HEM X . 7.35 5.06 57.00
HMDA HEM X . 6.85 3.54 57.02
HMDB HEM X . 8.22 3.95 57.74
HAD HEM X . 6.89 7.01 57.89
HADA HEM X . 6.35 7.75 59.18
HBD HEM X . 4.13 7.30 58.44
HBDA HEM X . 4.73 6.74 57.09
HHA HEM X . 4.72 7.34 60.91
C10 YSY Y . 29.49 -62.15 -52.33
C13 YSY Y . 31.43 -62.71 -53.60
C02 YSY Y . 27.95 -63.69 -46.94
C03 YSY Y . 28.34 -63.34 -48.24
C04 YSY Y . 29.38 -63.98 -48.95
C05 YSY Y . 29.72 -63.58 -50.25
C06 YSY Y . 29.07 -62.54 -50.92
C07 YSY Y . 28.05 -61.93 -50.20
C09 YSY Y . 27.68 -62.30 -48.90
C11 YSY Y . 30.44 -60.93 -52.33
C12 YSY Y . 31.67 -61.30 -53.19
C14 YSY Y . 31.97 -63.79 -54.30
C16 YSY Y . 30.04 -64.47 -53.50
F08 YSY Y . 27.40 -60.91 -50.83
N01 YSY Y . 27.63 -64.00 -45.85
N15 YSY Y . 31.09 -64.87 -54.22
N17 YSY Y . 30.20 -63.15 -53.10
H101 YSY Y . 28.75 -61.84 -52.87
H041 YSY Y . 29.81 -64.67 -48.51
H051 YSY Y . 30.41 -64.01 -50.71
H091 YSY Y . 27.00 -61.91 -48.40
H111 YSY Y . 29.97 -60.16 -52.66
H112 YSY Y . 30.69 -60.73 -51.40
H121 YSY Y . 31.73 -60.70 -53.94
H122 YSY Y . 32.49 -61.19 -52.68
H141 YSY Y . 32.74 -63.97 -54.77
H161 YSY Y . 29.35 -65.08 -53.35
CHA HEM Z . 34.38 -67.26 -53.60
CHB HEM Z . 33.32 -65.05 -57.77
CHC HEM Z . 28.73 -66.52 -57.43
CHD HEM Z . 29.65 -68.08 -52.94
C1A HEM Z . 34.51 -66.54 -54.75
C2A HEM Z . 35.71 -65.90 -55.25
C3A HEM Z . 35.41 -65.30 -56.40
C4A HEM Z . 34.00 -65.52 -56.68
CMA HEM Z . 36.39 -64.50 -57.30
CAA HEM Z . 37.10 -65.93 -54.59
CBA HEM Z . 37.79 -67.25 -54.89
CGA HEM Z . 39.25 -67.20 -54.50
O1A HEM Z . 39.68 -66.20 -53.88
O2A HEM Z . 40.00 -68.16 -54.82
C1B HEM Z . 31.99 -65.28 -58.05
C2B HEM Z . 31.31 -64.85 -59.26
C3B HEM Z . 30.03 -65.25 -59.16
C4B HEM Z . 29.89 -65.95 -57.91
CMB HEM Z . 31.99 -64.06 -60.40
CAB HEM Z . 28.87 -65.07 -60.17
CBB HEM Z . 29.04 -64.59 -61.41
C1C HEM Z . 28.58 -67.11 -56.19
C2C HEM Z . 27.38 -67.75 -55.69
C3C HEM Z . 27.63 -68.18 -54.45
C4C HEM Z . 29.00 -67.82 -54.13
CMC HEM Z . 26.07 -67.87 -56.50
CAC HEM Z . 26.70 -68.93 -53.47
CBC HEM Z . 25.57 -69.54 -53.88
C1D HEM Z . 31.01 -68.05 -52.75
C2D HEM Z . 31.71 -68.56 -51.59
C3D HEM Z . 33.02 -68.34 -51.77
C4D HEM Z . 33.19 -67.67 -53.04
CMD HEM Z . 31.04 -69.25 -50.37
CAD HEM Z . 34.17 -68.70 -50.80
CBD HEM Z . 34.92 -69.93 -51.28
CGD HEM Z . 36.14 -70.18 -50.42
O1D HEM Z . 36.59 -71.36 -50.30
O2D HEM Z . 36.68 -69.22 -49.82
NA HEM Z . 33.48 -66.28 -55.65
NB HEM Z . 31.10 -65.95 -57.25
NC HEM Z . 29.54 -67.17 -55.21
ND HEM Z . 31.93 -67.51 -53.62
FE HEM Z . 31.52 -66.90 -55.48
HHB HEM Z . 33.82 -64.49 -58.42
HHC HEM Z . 27.94 -66.52 -58.03
HHD HEM Z . 29.09 -68.33 -52.17
HMA HEM Z . 36.75 -63.75 -56.78
HMAA HEM Z . 35.91 -64.16 -58.08
HMAB HEM Z . 37.11 -65.08 -57.59
HAA HEM Z . 37.00 -65.83 -53.63
HAAA HEM Z . 37.64 -65.20 -54.93
HBA HEM Z . 37.72 -67.44 -55.85
HBAA HEM Z . 37.36 -67.96 -54.39
HMB HEM Z . 32.75 -63.57 -60.05
HMBA HEM Z . 31.36 -63.44 -60.78
HMBB HEM Z . 32.29 -64.68 -61.08
HAB HEM Z . 27.98 -65.29 -59.89
HBB HEM Z . 28.28 -64.50 -62.01
HBBA HEM Z . 29.93 -64.35 -61.72
HMC HEM Z . 25.98 -67.12 -57.10
HMCA HEM Z . 25.31 -67.89 -55.88
HMCB HEM Z . 26.08 -68.70 -57.00
HAC HEM Z . 26.93 -68.98 -52.54
HBC HEM Z . 25.01 -70.00 -53.24
HBCA HEM Z . 25.32 -69.50 -54.82
HMD HEM Z . 31.72 -69.53 -49.74
HMDA HEM Z . 30.52 -70.02 -50.69
HMDB HEM Z . 30.43 -68.62 -49.93
HAD HEM Z . 33.79 -68.88 -49.92
HADA HEM Z . 34.78 -67.95 -50.75
HBD HEM Z . 35.20 -69.80 -52.20
HBDA HEM Z . 34.33 -70.71 -51.22
HHA HEM Z . 35.20 -67.51 -53.13
C10 YSY AA . -10.64 62.28 -5.52
C13 YSY AA . -8.79 61.60 -6.90
C02 YSY AA . -15.22 65.63 -6.77
C03 YSY AA . -14.10 64.84 -6.50
C04 YSY AA . -12.94 64.82 -7.28
C05 YSY AA . -11.85 64.00 -6.94
C06 YSY AA . -11.85 63.15 -5.82
C07 YSY AA . -13.03 63.19 -5.07
C09 YSY AA . -14.12 64.00 -5.37
C11 YSY AA . -10.87 60.81 -5.98
C12 YSY AA . -9.66 60.41 -6.87
C14 YSY AA . -7.61 62.11 -7.41
C16 YSY AA . -8.52 63.73 -6.23
F08 YSY AA . -13.09 62.38 -3.97
N01 YSY AA . -16.17 66.31 -7.00
N15 YSY AA . -7.46 63.43 -6.98
N17 YSY AA . -9.38 62.64 -6.14
H101 YSY AA . -10.47 62.19 -4.57
H041 YSY AA . -12.92 65.39 -8.02
H051 YSY AA . -11.08 64.00 -7.47
H091 YSY AA . -14.92 64.04 -4.90
H111 YSY AA . -10.96 60.25 -5.19
H112 YSY AA . -11.71 60.77 -6.46
H121 YSY AA . -9.23 59.62 -6.48
H122 YSY AA . -9.99 60.13 -7.74
H141 YSY AA . -6.92 61.81 -7.95
H161 YSY AA . -8.57 64.58 -5.86
CHA HEM BA . -6.33 64.61 -10.78
CHB HEM BA . -3.84 61.83 -7.67
CHC HEM BA . -4.73 65.01 -4.12
CHD HEM BA . -7.82 67.32 -7.06
C1A HEM BA . -5.57 63.58 -10.25
C2A HEM BA . -5.06 62.44 -10.98
C3A HEM BA . -4.37 61.69 -10.12
C4A HEM BA . -4.43 62.32 -8.82
CMA HEM BA . -3.66 60.36 -10.45
CAA HEM BA . -5.27 62.14 -12.47
CBA HEM BA . -4.30 63.00 -13.28
CGA HEM BA . -4.20 62.48 -14.70
O1A HEM BA . -5.09 61.72 -15.14
O2A HEM BA . -3.21 62.86 -15.38
C1B HEM BA . -3.82 62.48 -6.46
C2B HEM BA . -3.08 62.05 -5.28
C3B HEM BA . -3.33 62.92 -4.29
C4B HEM BA . -4.23 63.93 -4.82
CMB HEM BA . -2.18 60.80 -5.24
CAB HEM BA . -2.79 62.94 -2.85
CBB HEM BA . -1.79 62.16 -2.42
C1C HEM BA . -5.64 65.92 -4.61
C2C HEM BA . -6.14 67.07 -3.90
C3C HEM BA . -7.00 67.71 -4.71
C4C HEM BA . -7.06 66.98 -5.96
CMC HEM BA . -5.73 67.43 -2.45
CAC HEM BA . -7.81 69.01 -4.44
CBC HEM BA . -7.54 69.81 -3.42
C1D HEM BA . -7.65 66.83 -8.33
C2D HEM BA . -8.28 67.34 -9.52
C3D HEM BA . -7.86 66.59 -10.55
C4D HEM BA . -6.97 65.58 -10.05
CMD HEM BA . -9.25 68.54 -9.59
CAD HEM BA . -8.27 66.75 -12.05
CBD HEM BA . -7.14 67.42 -12.84
CGD HEM BA . -7.43 67.41 -14.32
O1D HEM BA . -6.79 68.19 -15.05
O2D HEM BA . -8.31 66.63 -14.77
NA HEM BA . -5.16 63.48 -8.93
NB HEM BA . -4.52 63.63 -6.14
NC HEM BA . -6.22 65.89 -5.87
ND HEM BA . -6.86 65.75 -8.67
FE HEM BA . -5.55 64.84 -7.43
HHB HEM BA . -3.37 60.97 -7.72
HHC HEM BA . -4.42 65.13 -3.21
HHD HEM BA . -8.54 67.97 -6.92
HMA HEM BA . -4.30 59.71 -10.79
HMAA HEM BA . -3.23 60.01 -9.65
HMAB HEM BA . -2.98 60.52 -11.15
HAA HEM BA . -6.17 62.34 -12.72
HAAA HEM BA . -5.08 61.20 -12.65
HBA HEM BA . -3.43 62.97 -12.87
HBAA HEM BA . -4.62 63.91 -13.30
HMB HEM BA . -2.50 60.15 -5.88
HMBA HEM BA . -2.21 60.41 -4.35
HMBB HEM BA . -1.26 61.05 -5.46
HAB HEM BA . -3.20 63.54 -2.21
HBB HEM BA . -1.48 62.22 -1.51
HBBA HEM BA . -1.36 61.55 -3.04
HMC HEM BA . -5.51 66.63 -1.97
HMCA HEM BA . -6.46 67.90 -2.02
HMCB HEM BA . -4.95 68.02 -2.48
HAC HEM BA . -8.53 69.23 -5.03
HBC HEM BA . -8.07 70.62 -3.28
HBCA HEM BA . -6.82 69.60 -2.80
HMD HEM BA . -9.48 68.72 -10.52
HMDA HEM BA . -8.81 69.34 -9.21
HMDB HEM BA . -10.06 68.34 -9.09
HAD HEM BA . -9.06 67.31 -12.10
HADA HEM BA . -8.46 65.88 -12.42
HBD HEM BA . -6.32 66.93 -12.67
HBDA HEM BA . -7.04 68.33 -12.54
HHA HEM BA . -6.42 64.64 -11.75
C10 YSY CA . -17.43 44.00 41.60
C13 YSY CA . -17.40 43.22 43.88
C02 YSY CA . -14.85 41.62 37.00
C03 YSY CA . -15.46 42.17 38.12
C04 YSY CA . -15.14 41.81 39.43
C05 YSY CA . -15.78 42.41 40.52
C06 YSY CA . -16.76 43.39 40.38
C07 YSY CA . -17.05 43.72 39.06
C09 YSY CA . -16.43 43.15 37.96
C11 YSY CA . -18.78 43.30 41.91
C12 YSY CA . -18.72 42.77 43.36
C14 YSY CA . -16.56 43.23 44.98
C16 YSY CA . -15.49 44.29 43.39
F08 YSY CA . -18.01 44.67 38.85
N01 YSY CA . -14.35 41.14 36.03
N15 YSY CA . -15.38 43.90 44.66
N17 YSY CA . -16.70 43.91 42.86
H101 YSY CA . -17.67 44.93 41.48
H041 YSY CA . -14.48 41.16 39.54
H051 YSY CA . -15.56 42.17 41.39
H091 YSY CA . -16.61 43.35 37.06
H111 YSY CA . -19.50 43.94 41.78
H112 YSY CA . -18.92 42.59 41.27
H121 YSY CA . -19.46 43.12 43.88
H122 YSY CA . -18.82 41.81 43.36
H141 YSY CA . -16.59 42.92 45.86
H161 YSY CA . -14.77 44.76 43.02
CHA HEM DA . -13.40 40.94 46.69
CHB HEM DA . -16.16 44.40 48.63
CHC HEM DA . -13.87 47.68 45.91
CHD HEM DA . -11.71 44.12 43.45
C1A HEM DA . -14.32 41.59 47.47
C2A HEM DA . -15.17 40.98 48.48
C3A HEM DA . -15.93 41.93 49.01
C4A HEM DA . -15.60 43.18 48.36
CMA HEM DA . -16.98 41.74 50.13
CAA HEM DA . -15.18 39.49 48.88
CBA HEM DA . -14.00 39.24 49.81
CGA HEM DA . -14.19 37.95 50.58
O1A HEM DA . -15.04 37.11 50.17
O2A HEM DA . -13.51 37.76 51.61
C1B HEM DA . -15.72 45.60 48.11
C2B HEM DA . -16.12 46.92 48.57
C3B HEM DA . -15.49 47.82 47.81
C4B HEM DA . -14.68 47.10 46.86
CMB HEM DA . -17.11 47.17 49.73
CAB HEM DA . -15.54 49.36 47.87
CBB HEM DA . -16.11 50.03 48.88
C1C HEM DA . -13.08 47.00 45.01
C2C HEM DA . -12.20 47.60 44.04
C3C HEM DA . -11.61 46.62 43.35
C4C HEM DA . -12.09 45.36 43.88
CMC HEM DA . -12.03 49.13 43.85
CAC HEM DA . -10.58 46.72 42.20
CBC HEM DA . -9.93 47.86 41.91
C1D HEM DA . -11.93 42.96 44.14
C2D HEM DA . -11.34 41.67 43.85
C3D HEM DA . -11.80 40.80 44.75
C4D HEM DA . -12.71 41.50 45.63
CMD HEM DA . -10.34 41.39 42.70
CAD HEM DA . -11.46 39.30 44.83
CBD HEM DA . -10.40 39.10 45.93
CGD HEM DA . -10.23 37.64 46.26
O1D HEM DA . -9.34 37.32 47.08
O2D HEM DA . -10.98 36.80 45.71
NA HEM DA . -14.61 42.94 47.42
NB HEM DA . -14.84 45.75 47.06
NC HEM DA . -12.98 45.63 44.90
ND HEM DA . -12.77 42.82 45.23
FE HEM DA . -13.67 44.32 46.26
HHB HEM DA . -16.94 44.42 49.24
HHC HEM DA . -13.87 48.65 45.85
HHD HEM DA . -11.25 44.06 42.58
HMA HEM DA . -17.67 41.10 49.83
HMAA HEM DA . -17.40 42.60 50.33
HMAB HEM DA . -16.54 41.39 50.93
HAA HEM DA . -15.09 38.94 48.08
HAAA HEM DA . -16.00 39.28 49.33
HBA HEM DA . -13.92 39.97 50.43
HBAA HEM DA . -13.19 39.16 49.28
HMB HEM DA . -17.70 46.40 49.81
HMBA HEM DA . -17.63 47.96 49.55
HMBB HEM DA . -16.61 47.29 50.55
HAB HEM DA . -15.15 49.86 47.15
HBB HEM DA . -16.13 51.00 48.88
HBBA HEM DA . -16.52 49.54 49.61
HMC HEM DA . -12.86 49.58 44.05
HMCA HEM DA . -11.78 49.32 42.93
HMCB HEM DA . -11.34 49.45 44.45
HAC HEM DA . -10.39 45.94 41.68
HBC HEM DA . -9.29 47.87 41.18
HBCA HEM DA . -10.10 48.66 42.42
HMD HEM DA . -10.05 40.46 42.75
HMDA HEM DA . -9.56 41.98 42.79
HMDB HEM DA . -10.78 41.55 41.84
HAD HEM DA . -11.09 39.00 43.98
HADA HEM DA . -12.25 38.79 45.05
HBD HEM DA . -10.69 39.58 46.73
HBDA HEM DA . -9.56 39.46 45.63
HHA HEM DA . -13.20 40.00 46.90
C10 YSY EA . -11.79 -69.91 58.98
C13 YSY EA . -12.89 -67.83 58.48
C02 YSY EA . -12.43 -73.71 63.33
C03 YSY EA . -12.30 -72.78 62.30
C04 YSY EA . -12.85 -71.48 62.34
C05 YSY EA . -12.68 -70.58 61.27
C06 YSY EA . -11.95 -70.92 60.11
C07 YSY EA . -11.42 -72.20 60.11
C09 YSY EA . -11.57 -73.12 61.15
C11 YSY EA . -12.83 -70.15 57.87
C12 YSY EA . -13.50 -68.78 57.54
C14 YSY EA . -12.88 -66.51 58.90
C16 YSY EA . -11.39 -67.56 60.16
F08 YSY EA . -10.70 -72.57 59.01
N01 YSY EA . -12.54 -74.53 64.19
N15 YSY EA . -11.96 -66.37 59.93
N17 YSY EA . -11.93 -68.50 59.28
H101 YSY EA . -10.93 -70.02 58.51
H041 YSY EA . -13.34 -71.26 63.11
H051 YSY EA . -13.04 -69.73 61.31
H091 YSY EA . -11.23 -73.99 61.18
H111 YSY EA . -12.40 -70.54 57.09
H112 YSY EA . -13.49 -70.80 58.18
H121 YSY EA . -13.33 -68.56 56.61
H122 YSY EA . -14.46 -68.85 57.63
H141 YSY EA . -13.32 -65.74 58.67
H161 YSY EA . -10.74 -67.62 60.82
CHA HEM FA . -15.04 -64.32 61.87
CHB HEM FA . -12.63 -62.86 57.93
CHC HEM FA . -8.47 -64.32 59.94
CHD HEM FA . -10.94 -66.20 63.65
C1A HEM FA . -14.75 -63.80 60.64
C2A HEM FA . -15.71 -63.24 59.71
C3A HEM FA . -15.04 -62.84 58.62
C4A HEM FA . -13.64 -63.12 58.82
CMA HEM FA . -15.67 -62.19 57.36
CAA HEM FA . -17.22 -63.13 59.93
CBA HEM FA . -17.49 -61.90 60.79
CGA HEM FA . -18.88 -61.35 60.52
O1A HEM FA . -19.64 -61.99 59.75
O2A HEM FA . -19.21 -60.29 61.08
C1B HEM FA . -11.29 -63.10 58.17
C2B HEM FA . -10.21 -62.66 57.31
C3B HEM FA . -9.06 -63.07 57.85
C4B HEM FA . -9.38 -63.76 59.08
CMB HEM FA . -10.43 -61.89 55.99
CAB HEM FA . -7.60 -62.87 57.36
CBB HEM FA . -7.29 -62.04 56.38
C1C HEM FA . -8.77 -64.92 61.14
C2C HEM FA . -7.80 -65.42 62.10
C3C HEM FA . -8.48 -65.95 63.12
C4C HEM FA . -9.89 -65.80 62.84
CMC HEM FA . -6.27 -65.32 61.89
CAC HEM FA . -7.93 -66.61 64.42
CBC HEM FA . -6.66 -66.52 64.80
C1D HEM FA . -12.25 -65.82 63.51
C2D HEM FA . -13.31 -66.08 64.48
C3D HEM FA . -14.44 -65.56 63.97
C4D HEM FA . -14.13 -64.96 62.70
CMD HEM FA . -13.17 -66.82 65.82
CAD HEM FA . -15.82 -65.57 64.63
CBD HEM FA . -16.04 -64.22 65.32
CGD HEM FA . -17.45 -64.12 65.85
O1D HEM FA . -17.76 -63.12 66.54
O2D HEM FA . -18.27 -65.05 65.58
NA HEM FA . -13.49 -63.71 60.06
NB HEM FA . -10.75 -63.76 59.25
NC HEM FA . -10.03 -65.16 61.62
ND HEM FA . -12.79 -65.14 62.45
FE HEM FA . -11.73 -64.22 60.99
HHB HEM FA . -12.88 -62.48 57.06
HHC HEM FA . -7.53 -64.27 59.68
HHD HEM FA . -10.72 -66.82 64.38
HMA HEM FA . -16.33 -62.80 56.98
HMAA HEM FA . -14.97 -62.01 56.71
HMAB HEM FA . -16.11 -61.35 57.62
HAA HEM FA . -17.55 -63.92 60.37
HAAA HEM FA . -17.67 -63.03 59.07
HBA HEM FA . -16.84 -61.21 60.58
HBAA HEM FA . -17.41 -62.14 61.73
HMB HEM FA . -11.29 -62.11 55.62
HMBA HEM FA . -9.73 -62.12 55.36
HMBB HEM FA . -10.39 -60.94 56.17
HAB HEM FA . -6.90 -63.37 57.79
HBB HEM FA . -6.36 -61.94 56.09
HBBA HEM FA . -7.98 -61.52 55.94
HMC HEM FA . -6.06 -65.47 60.95
HMCA HEM FA . -5.83 -66.00 62.43
HMCB HEM FA . -5.96 -64.44 62.16
HAC HEM FA . -8.54 -67.10 64.97
HBC HEM FA . -6.36 -66.94 65.62
HBCA HEM FA . -6.02 -66.02 64.26
HMD HEM FA . -14.03 -66.80 66.29
HMDA HEM FA . -12.48 -66.37 66.36
HMDB HEM FA . -12.90 -67.74 65.66
HAD HEM FA . -15.88 -66.28 65.29
HADA HEM FA . -16.51 -65.71 63.95
HBD HEM FA . -15.90 -63.51 64.67
HBDA HEM FA . -15.43 -64.13 66.06
HHA HEM FA . -15.96 -64.23 62.20
C10 YSY GA . 43.34 48.34 8.19
C13 YSY GA . 42.73 46.79 9.92
C02 YSY GA . 40.61 53.07 6.21
C03 YSY GA . 41.25 51.92 6.70
C04 YSY GA . 40.62 50.96 7.51
C05 YSY GA . 41.32 49.83 7.97
C06 YSY GA . 42.66 49.58 7.66
C07 YSY GA . 43.25 50.55 6.86
C09 YSY GA . 42.60 51.69 6.38
C11 YSY GA . 44.17 48.66 9.46
C12 YSY GA . 43.80 47.60 10.54
C14 YSY GA . 41.84 45.75 10.13
C16 YSY GA . 41.47 46.45 8.07
F08 YSY GA . 44.56 50.33 6.54
N01 YSY GA . 40.07 54.04 5.80
N15 YSY GA . 41.07 45.56 8.97
N17 YSY GA . 42.49 47.24 8.58
H101 YSY GA . 44.01 47.99 7.57
H041 YSY GA . 39.73 51.12 7.72
H051 YSY GA . 40.88 49.20 8.51
H091 YSY GA . 42.97 52.35 5.84
H111 YSY GA . 45.11 48.65 9.23
H112 YSY GA . 43.97 49.57 9.75
H121 YSY GA . 44.59 47.07 10.77
H122 YSY GA . 43.53 48.04 11.36
H141 YSY GA . 41.62 45.17 10.82
H161 YSY GA . 41.05 46.46 7.23
CHA HEM HA . 37.68 45.39 11.43
CHB HEM HA . 41.27 42.12 11.19
CHC HEM HA . 41.25 42.45 6.35
CHD HEM HA . 37.95 45.97 6.63
C1A HEM HA . 38.65 44.48 11.79
C2A HEM HA . 39.02 44.11 13.14
C3A HEM HA . 40.00 43.21 13.08
C4A HEM HA . 40.31 42.98 11.68
CMA HEM HA . 40.68 42.54 14.28
CAA HEM HA . 38.37 44.64 14.43
CBA HEM HA . 37.07 43.89 14.70
CGA HEM HA . 36.70 44.00 16.16
O1A HEM HA . 37.26 44.87 16.87
O2A HEM HA . 35.84 43.19 16.60
C1B HEM HA . 41.54 41.90 9.86
C2B HEM HA . 42.43 40.89 9.34
C3B HEM HA . 42.43 40.98 8.01
C4B HEM HA . 41.53 42.05 7.64
CMB HEM HA . 43.23 39.90 10.22
CAB HEM HA . 43.20 40.13 6.96
CBB HEM HA . 43.77 38.96 7.28
C1C HEM HA . 40.32 43.40 6.01
C2C HEM HA . 39.89 43.70 4.66
C3C HEM HA . 38.98 44.68 4.74
C4C HEM HA . 38.80 45.01 6.14
CMC HEM HA . 40.43 43.00 3.40
CAC HEM HA . 38.17 45.39 3.61
CBC HEM HA . 38.14 44.95 2.35
C1D HEM HA . 37.57 46.10 7.94
C2D HEM HA . 36.55 47.00 8.45
C3D HEM HA . 36.48 46.84 9.77
C4D HEM HA . 37.44 45.83 10.16
CMD HEM HA . 35.70 47.97 7.59
CAD HEM HA . 35.54 47.57 10.74
CBD HEM HA . 34.35 46.65 11.03
CGD HEM HA . 33.44 47.27 12.07
O1D HEM HA . 32.35 46.69 12.31
O2D HEM HA . 33.80 48.33 12.62
NA HEM HA . 39.47 43.77 10.91
NB HEM HA . 40.99 42.59 8.79
NC HEM HA . 39.63 44.21 6.89
ND HEM HA . 38.11 45.40 9.02
FE HEM HA . 39.40 43.84 8.86
HHB HEM HA . 41.81 41.63 11.85
HHC HEM HA . 41.75 42.02 5.63
HHD HEM HA . 37.58 46.61 5.99
HMA HEM HA . 41.05 43.23 14.88
HMAA HEM HA . 41.42 41.97 13.97
HMAB HEM HA . 40.03 42.01 14.78
HAA HEM HA . 38.18 45.59 14.32
HAAA HEM HA . 38.98 44.52 15.17
HBA HEM HA . 37.18 42.97 14.45
HBAA HEM HA . 36.36 44.29 14.17
HMB HEM HA . 43.39 40.30 11.09
HMBA HEM HA . 44.08 39.70 9.80
HMBB HEM HA . 42.72 39.09 10.34
HAB HEM HA . 43.26 40.45 6.06
HBB HEM HA . 44.25 38.46 6.59
HBBA HEM HA . 43.72 38.61 8.18
HMC HEM HA . 41.39 42.84 3.51
HMCA HEM HA . 40.28 43.56 2.63
HMCB HEM HA . 39.98 42.15 3.28
HAC HEM HA . 37.69 46.20 3.83
HBC HEM HA . 37.62 45.43 1.68
HBCA HEM HA . 38.62 44.15 2.11
HMD HEM HA . 35.05 48.42 8.16
HMDA HEM HA . 35.23 47.46 6.89
HMDB HEM HA . 36.29 48.62 7.17
HAD HEM HA . 35.23 48.39 10.34
HADA HEM HA . 36.00 47.78 11.56
HBD HEM HA . 34.68 45.80 11.36
HBDA HEM HA . 33.85 46.51 10.21
HHA HEM HA . 37.11 45.74 12.15
C10 YSY IA . -7.00 -30.92 -69.20
C13 YSY IA . -8.74 -29.64 -70.28
C02 YSY IA . -1.33 -30.92 -70.37
C03 YSY IA . -2.71 -30.91 -70.12
C04 YSY IA . -3.67 -30.41 -71.03
C05 YSY IA . -5.03 -30.44 -70.71
C06 YSY IA . -5.52 -30.93 -69.50
C07 YSY IA . -4.55 -31.40 -68.63
C09 YSY IA . -3.18 -31.41 -68.91
C11 YSY IA . -7.37 -29.71 -68.31
C12 YSY IA . -8.46 -28.88 -69.05
C14 YSY IA . -9.53 -29.70 -71.42
C16 YSY IA . -8.23 -31.46 -71.50
F08 YSY IA . -4.98 -31.90 -67.44
N01 YSY IA . -0.16 -30.94 -70.56
N15 YSY IA . -9.19 -30.82 -72.17
N17 YSY IA . -7.91 -30.79 -70.33
H101 YSY IA . -7.29 -31.69 -68.69
H041 YSY IA . -3.35 -30.08 -71.83
H051 YSY IA . -5.66 -30.10 -71.31
H091 YSY IA . -2.51 -31.72 -68.35
H111 YSY IA . -7.68 -30.05 -67.45
H112 YSY IA . -6.57 -29.20 -68.12
H121 YSY IA . -9.23 -28.76 -68.47
H122 YSY IA . -8.11 -27.99 -69.23
H141 YSY IA . -10.20 -29.19 -71.80
H161 YSY IA . -7.88 -32.24 -71.87
CHA HEM JA . -9.28 -28.38 -75.50
CHB HEM JA . -13.05 -29.85 -72.86
CHC HEM JA . -11.24 -34.35 -72.85
CHD HEM JA . -7.21 -32.74 -74.98
C1A HEM JA . -10.45 -28.38 -74.80
C2A HEM JA . -11.32 -27.24 -74.56
C3A HEM JA . -12.36 -27.64 -73.83
C4A HEM JA . -12.20 -29.06 -73.58
CMA HEM JA . -13.52 -26.76 -73.34
CAA HEM JA . -11.07 -25.81 -75.07
CBA HEM JA . -11.49 -25.73 -76.53
CGA HEM JA . -11.63 -24.29 -76.94
O1A HEM JA . -11.21 -23.41 -76.15
O2A HEM JA . -12.16 -24.04 -78.05
C1B HEM JA . -12.92 -31.21 -72.69
C2B HEM JA . -13.92 -32.09 -72.14
C3B HEM JA . -13.43 -33.33 -72.14
C4B HEM JA . -12.08 -33.27 -72.69
CMB HEM JA . -15.31 -31.60 -71.67
CAB HEM JA . -14.07 -34.66 -71.67
CBB HEM JA . -15.37 -34.79 -71.40
C1C HEM JA . -10.00 -34.30 -73.44
C2C HEM JA . -9.13 -35.44 -73.68
C3C HEM JA . -8.02 -35.00 -74.26
C4C HEM JA . -8.15 -33.56 -74.42
CMC HEM JA . -9.50 -36.89 -73.30
CAC HEM JA . -6.78 -35.79 -74.75
CBC HEM JA . -6.80 -37.12 -74.90
C1D HEM JA . -7.42 -31.42 -75.33
C2D HEM JA . -6.49 -30.58 -76.05
C3D HEM JA . -7.06 -29.38 -76.19
C4D HEM JA . -8.37 -29.42 -75.57
CMD HEM JA . -5.09 -31.00 -76.55
CAD HEM JA . -6.44 -28.15 -76.90
CBD HEM JA . -7.00 -28.06 -78.32
CGD HEM JA . -6.60 -26.76 -78.97
O1D HEM JA . -6.92 -26.57 -80.17
O2D HEM JA . -5.94 -25.92 -78.31
NA HEM JA . -11.02 -29.48 -74.18
NB HEM JA . -11.81 -31.95 -73.01
NC HEM JA . -9.37 -33.17 -73.90
ND HEM JA . -8.56 -30.69 -75.05
FE HEM JA . -10.30 -31.39 -74.19
HHB HEM JA . -13.82 -29.42 -72.44
HHC HEM JA . -11.55 -35.21 -72.51
HHD HEM JA . -6.31 -33.11 -75.14
HMA HEM JA . -13.17 -26.03 -72.81
HMAA HEM JA . -14.14 -27.29 -72.81
HMAB HEM JA . -14.00 -26.40 -74.12
HAA HEM JA . -10.14 -25.58 -74.99
HAAA HEM JA . -11.61 -25.18 -74.54
HBA HEM JA . -12.35 -26.19 -76.64
HBAA HEM JA . -10.82 -26.17 -77.08
HMB HEM JA . -15.24 -30.68 -71.36
HMBA HEM JA . -15.63 -32.17 -70.95
HMBB HEM JA . -15.94 -31.64 -72.41
HAB HEM JA . -13.51 -35.44 -71.57
HBB HEM JA . -15.72 -35.64 -71.12
HBBA HEM JA . -15.96 -34.03 -71.50
HMC HEM JA . -10.01 -36.90 -72.49
HMCA HEM JA . -8.68 -37.41 -73.17
HMCB HEM JA . -10.01 -37.30 -74.02
HAC HEM JA . -5.98 -35.31 -74.93
HBC HEM JA . -6.00 -37.58 -75.21
HBCA HEM JA . -7.61 -37.61 -74.72
HMD HEM JA . -4.69 -30.27 -77.06
HMDA HEM JA . -5.18 -31.80 -77.13
HMDB HEM JA . -4.52 -31.22 -75.79
HAD HEM JA . -5.48 -28.25 -76.95
HADA HEM JA . -6.67 -27.35 -76.42
HBD HEM JA . -7.98 -28.10 -78.28
HBDA HEM JA . -6.67 -28.79 -78.85
HHA HEM JA . -9.05 -27.57 -76.01
#